data_7XSE
#
_entry.id   7XSE
#
_cell.length_a   1.00
_cell.length_b   1.00
_cell.length_c   1.00
_cell.angle_alpha   90.00
_cell.angle_beta   90.00
_cell.angle_gamma   90.00
#
_symmetry.space_group_name_H-M   'P 1'
#
loop_
_entity.id
_entity.type
_entity.pdbx_description
1 polymer 'DNA-directed RNA polymerase subunit'
2 polymer 'DNA-directed RNA polymerase subunit beta'
3 polymer 'RNA polymerase II third largest subunit B44, part of central core'
4 polymer 'RNA polymerase II subunit B32'
5 polymer 'DNA-directed RNA polymerases I, II, and III subunit RPABC1'
6 polymer 'RNA polymerase subunit ABC23, common to RNA polymerases I, II, and III'
7 polymer 'RNA polymerase II subunit'
8 polymer 'DNA-directed RNA polymerases I, II, and III subunit RPABC3'
9 polymer 'DNA-directed RNA polymerase subunit'
10 polymer 'RNA polymerase subunit ABC10-beta, common to RNA polymerases I, II, and III'
11 polymer 'RNA polymerase II subunit B12.5'
12 polymer 'RNA polymerase subunit ABC10-alpha'
13 polymer 'Transcription elongation factor 1 homolog'
14 polymer 'DNA (198-MER)'
15 polymer "RNA (5'-R(P*UP*GP*CP*CP*UP*GP*GP*UP*GP*UP*CP*UP*UP*GP*GP*GP*UP*GP*U)-3')"
16 polymer 'DNA (198-MER)'
17 polymer 'Transcription elongation factor SPT4'
18 polymer 'Transcription elongation factor SPT5'
19 polymer 'Histone H3.3'
20 polymer 'Histone H4'
21 polymer 'Histone H2A type 1-B/E'
22 polymer 'Histone H2B type 1-J'
23 polymer 'Transcription elongation factor Spt6'
24 polymer 'Protein that interacts with Spt6p and copurifies with Spt5p and RNA polymerase II'
25 polymer 'Component of the Paf1p complex'
26 polymer 'RNAPII-associated chromatin remodeling Paf1 complex subunit'
27 polymer Leo1
28 polymer 'RNAP II-associated protein'
29 polymer 'Constituent of Paf1 complex with RNA polymerase II, Paf1p, Hpr1p, Ctr9, Leo1, Rtf1 and Ccr4p'
30 non-polymer 'ZINC ION'
31 non-polymer 'MAGNESIUM ION'
#
loop_
_entity_poly.entity_id
_entity_poly.type
_entity_poly.pdbx_seq_one_letter_code
_entity_poly.pdbx_strand_id
1 'polypeptide(L)'
;MSQFPYSSAPLRSVKEVQFGLLSPEEIRAISVVKIEYPEIMDESRQRPREGGLNDPKLGSIDRNFKCQTCGEGMAECPGH
FGHMELAKPVFHIGFIPKIKKVCECICMNCGKLLLDETNPTMAQAIRIRDPKKRFNAVWQLCKTKMVCEADAPVDEYSEQ
KVVSRGGCGNTQPVVRKDGMKLWGTWKKSGFSDRDAQPERKLLTPGEILNVFKHISPEDCFRLGFNEDYARPEWMIITVL
PVPPPQVRPSIAMDETTQGQDDLTHKLSDILKANINVQKLEMDGSPQHIINEVEQLLQFHVATYMDNDIAGQPQALQKSG
RPVKAIRARLKGKEGRLRGNLMGKRVDFSARTVISGDPNLELDQVGVPISIAKTLSYPETVTQYNIHRLTEYVRNGPNEH
PGAKYVIRDNGDRIDLRYHKRAGDIVLQYGWKVERHLMDDDPVLFNRQPSLHKMSMMAHRVKVMPYSTFRLNLSVTSPYN
ADFDGDEMNLHVPQSEETRAELSQLCAVPLQIVSPQSNKPVMGIVQDTLCGVRKMTLRDTFIEYEQVMNMLFWVPSWDGV
VPQPAILKPKPLWTGKQLLSIAIPSGIHLQRTDGGNSLLSPKDNGMLIVDGKVMFGVVDKKTVGSGGGGLIHTVMREKGP
KICAELFGNIQKVVNYWLLHNGFSIGIGDAIADASTMKEITHAISSAKEQVQEIIYKAQHNELELKPGMTLRESFEGEVS
RTLNDARDSAGRSAEMNLKDLNNVKQMVSAGSKGSFINIAQMSACVGQQMVEGKRIAFGFADRSLPHFTKDDFSPESKGF
VENSYLRGLTPQEFFFHAMAGREGLIDTAVKTAETGYIQRRLVKALEDIMVHYDGTTRNSLGDIIQFLYGEDGLDGTQVE
RQTIDTIPGSDKAFHKRYYVDLMDEKNSIKPDVIEYAADILGDVELQKELNSEYEQLVSDRKFLREIVFVNGDHNWPLPV
NLRRIIQNAQQIFHLDRAKASDLTIPEIIHGVRDLCKKLFVLRGENELIKEAQQNATSLFQCLVRARLATRRILEEFRLN
RDAFEWVLGTIEAQFQRSLVHPGEMVGVIAAQSIGEPATQMTLNTFHYAGVSSKNVTLGVPRLKEILNVAKNIKTPALTV
YLDREIALDIEKAKVIQSSIEYTTLKNVTSATEIYYDPDPTSTVIEEDFDTVEAYFSIPDEKVEETIDKQSPWLLRLELD
RARMLDKQLTMNQVADKISEVFSDDLFVMWSEDNADKLIIRCRVIRDPKAMDEELEAEEDQMLKRIEAHMLDLIALRGIP
GISKVYMVKHKVSVPDESGEYKNEELWALETDGINLAEVMAVPGVDSSRTYSNSFVEILSVLGIEATRSSLYKEILNVIA
FDGSYVNYRHMALLVDVMTSRGYLMAITRHGINRADTGALMRCSFEETVEILFEAGAAAELDDCRGVSENVMLGQLAPMG
TGAFDVMIDEKLLTSLPADYAPTMPLFKGKATQGSATPYDNNAQYDDEFNHDDVADVMFSPMAETGSGDDRSGGLTEYAG
IQSPYQPTSPGLSATSPGFAPTSPGFAPTSPRYSPTSPGYSPTSPSYSPTSPSYSPTSPSYSPTSPSYSPTSPSYSPTSP
SYSPTSPSYSPTSPSYSPTSPSYSPTSPQYSPTSPQYSPTSPQYSPTSPQYSPTSPQYSPTSPQYSPTSPQYSPTSPQYS
PTSPQYSPTSPQYSPTSPQYSPTSPQYSPTSPQYSPTSPQYSPASPQYSPSRHSPNGESKEGE
;
A
2 'polypeptide(L)'
;MSYDPYSIDDTITTEDCWTVISAFFEEKGLVSQQLDSFDEFMETSIQDLVWEEPRLILDQPAQHTNEKDNINKRYEIRFG
KIYLSRPTMTEADGTTHAMFPQEARLRNLTYSSPVYLDMEKSMFTSIDDEGNPNATLDWQQVHEPIKDGVEEGNKVHIGK
VPIMLRSKFCSLRTLDEVDLYKMKECPYDMGGYFVINGSEKVLIAQERSAANIVQVFKKAAPSPISHVAEIRSALEKGSR
LISTMQIKLYGREDKGTGRTIKATLPYVKQDIPIVIVFRALGVVPDGEILQHICYDENDWQMLEMLKPCIEEGFVIQDKE
VALDFIGRRGSAALGIRREKRIQYAKDILQKELLPHITQEEGFETRKTFFLGYMVNRLLLCALERKDQDDRDHFGKKRLD
LAGPLLANLFRILFRKLTREIYRYMQRCIETDRDFNLNLAVKSTTITSGLKYSLATGNWGEQKKAMSSRAGVSQVLNRYT
YSSTLSHLRRTNTPIGRDGKLAKPRQLHNTHWGLVCPAETPEGQACGLVKNLSLLSGISIGSPSEPIINFLEEWGMEPLE
DYDPAQHTKSTRIFVNGVWTGIHRDPSMLVSTMRDLRRSGAISPEVSIIRDIREREFKIFTDVGRVYRPLFIVEDDESKD
NKGELRITKEHIRKIQQGYDDDAMNDDSEEQEQDVYGWSSLVTSGVIEYVDGEEEETIMIAMTPEDLQTRSLEQKEIDLN
DTAKRIKPEMSTSSHHTFTHCEIHPSMILGVAASIIPFPDHNQSPRNTYQSAMGKQAMGVFLTNYNVRMDTMANILYYPQ
KPLAKTQAMEYLKFRELPAGQNAIVAIACYSGYNQEDSMIMNQSSIDRGLFRSLFFRSYMDQEKRFGISIVEEFEKPTRA
TTLRLKHGTYEKLDEDGLIAPGVRVSGDDIIIGKTTPIPPDTEELGQRTKYHTKRDASTPLRSTENGIVDQVLLTTNQEG
LKFVKVRMRTTKVPQIGDKFASRHGQKGTIGVTYRHEDMPFSAEGIVPDLIINPHAIPSRMTVAHLIECLLSKVGSIRGY
EGDATPFTDLTVDAVSNLLRDNGYQSRGFEVMYNGHTGKKLMAQVFFGPTYYQRLRHMVDDKIHARARGPVQVLTRQPVE
GRSRDGGLRFGEMERDCMIAHGAAGFLKERLMEASDAFRVHVCGICGLMSVIANLKKNQFECRSCKNKTNIYQLHIPYAA
KLLFQELMAMNIAPRLYTERSGVSMRS
;
B
3 'polypeptide(L)'
;MSKEPKVNIINAQDDEVELMLSDVNLSLANSLRRTMLAEVPTLAIDLVEIKMNTSVLADEFISHRLGLIPLVSEDVEEMK
YSRDCTCEDYCDECSVVLELSARHEGEEGTTDVYSSSLIKVSGPGNLNVGEPVRRDDYDQGILLCKLRNHQELNIRCIAK
KGIAKEHAKWSPCSAIAFEYDPHNKLKHTDFWFEVDAKKEWPDSKYATWEEPPKPGEVFDYKAKPNRFYMTVETTGSLKA
NQVFSRGIKTLQEKLANVLFELENSRPANTTAYGGATAYGGQTVYGRETSYGGNTNYGDYNAPY
;
C
4 'polypeptide(L)'
;MNVSTSTVGARRRRAKQQVDDEENATLLRLGPEFALKQYDHDGNEHDLIALSLSESRLLIREALKARSRARNGGVDIESS
NGEIDDDELAKVTSGAVANGVVKKTLDYLNTFARFKDEETCTAVDQLLHNSSDCSVLHPFEIAQLSSLGCEDVDEAITLI
PSLAAKKEVNLQRILDELNRLEDPYK
;
D
5 'polypeptide(L)'
;MEDNNRIISRLWRSFRTVKEMAADRGYFISQEEMDQSLEEFRSKICDSMGNPQRKLMSFLANPTPEALEKYSDLGTLWVE
FCDEPSVGIKTMRNFCLRIQEKNFSTGIFIYQNNITPSANKMIPTVSPAIIETFQESDLVVNITHHELVPKHIRLSDGEK
SQLLQRYKLKESQLPRIQREDPVARYLGLKRGQVVKIIRRSETSGRYASYRICL
;
E
6 'polypeptide(L)'
;MSEDEAFNEQTENFENFEDEHFSDDNFEDRSTQPEDYAVGVTADGRQIINGDGIQEVNGTIKAHRKRSNKELAILKEERT
TTPYLTKYERARILGTRALQISMNAPVLVDIEGETDPLQIAMKELSQRKIPLVIRRYLPDGSYEDWGCDELIVDN
;
F
7 'polypeptide(L)'
;MFFLKDLSLILTLHPSYFGPQMNQYLREKLLTDVEGTCTGQFGYIVTVLDGMNIDVGKGRIIPGSGSAEFEVKYRAVVWK
PFKGEVVDAIVSNVSPIGFFADVGPLNVFVSTRLIPDNLVYNPSNSPPAYMSNDELITKGSKVRLKVVGTRTDVNEIYAI
GSIKEDFLGAI
;
G
8 'polypeptide(L)'
;MSSALFDDIFTVQTVDNGRYNKVSRIIGISTTNSAIKLTLDINNEMFPVSQDDSLTVTLANSLSLDGEDESANFSKSWRP
PKPTDKSLADDYDYVMFGTVYKFEEGDEDKIKVYVSFGGLLMCLEGGYKSLASLKQDNLYILIRR
;
H
9 'polypeptide(L)'
;MASFRFCLECNNMLYPKEDKENQRLLYSCRNCDYTELAEDPKVYRHELITNIGETAGIVDDIGQDPTLPRSDKECPECHS
RDCVFFQSQQRRKDTNMTLFYVCLNCKKTFRDESE
;
I
10 'polypeptide(L)' MIIPVRCFSCGKVVGDKWDAYLRLLEEGKQEGDALDELKLKRYCCRRMVLTHVDLIEKFLRYNPLEKKDFDS J
11 'polypeptide(L)'
;MNAPDRFELFILPDDVPKLKITPDSRVPNCIIIKFEREDHTLANLLREELALYPDVTFVAYKVEHPLFANFVMRLQTEEG
TRPKQALERACASIINKLKTLDHKFNEEWNIKNFSLND
;
K
12 'polypeptide(L)' MSREGFVAPSGTDLAAAASGVAPNKHYGVKYTCGACAHNFSLNKSDPVRCKECGHRVIYKARTKRMIQFDAR L
13 'polypeptide(L)'
;GPGMGKRKSSARKPAPKIKQKLETQFTCLFCNHDNSVVCTLDKKNSIGLLECKKCNLSFQAPINSLSQPIDIYSDWIDAC
EAVAEENADVNGDNFIENDGADREQDDDYDDEF
;
M
14 'polydeoxyribonucleotide'
;(DG)(DC)(DT)(DT)(DA)(DC)(DG)(DT)(DC)(DA)(DG)(DT)(DC)(DT)(DG)(DG)(DC)(DC)(DA)(DT)
(DC)(DT)(DT)(DT)(DG)(DT)(DG)(DT)(DT)(DT)(DG)(DG)(DT)(DG)(DT)(DG)(DT)(DT)(DT)(DG)
(DG)(DG)(DT)(DG)(DG)(DT)(DG)(DG)(DC)(DC)(DG)(DT)(DT)(DT)(DT)(DC)(DG)(DT)(DT)(DG)
(DT)(DT)(DT)(DT)(DT)(DT)(DT)(DC)(DT)(DG)(DT)(DC)(DT)(DC)(DG)(DT)(DG)(DC)(DC)(DT)
(DG)(DG)(DT)(DG)(DT)(DC)(DT)(DT)(DG)(DG)(DG)(DT)(DG)(DT)(DA)(DA)(DT)(DC)(DC)(DC)
(DC)(DT)(DT)(DG)(DG)(DC)(DG)(DG)(DT)(DT)(DA)(DA)(DA)(DA)(DC)(DG)(DC)(DG)(DG)(DG)
(DG)(DG)(DA)(DC)(DA)(DG)(DC)(DG)(DC)(DG)(DT)(DA)(DC)(DG)(DT)(DG)(DC)(DG)(DT)(DT)
(DT)(DA)(DA)(DG)(DC)(DG)(DG)(DT)(DG)(DC)(DT)(DA)(DG)(DA)(DG)(DC)(DT)(DG)(DT)(DC)
(DT)(DA)(DC)(DG)(DA)(DC)(DC)(DA)(DA)(DT)(DT)(DG)(DA)(DG)(DC)(DG)(DG)(DC)(DC)(DT)
(DC)(DG)(DG)(DC)(DA)(DC)(DC)(DG)(DG)(DG)(DA)(DT)(DT)(DC)(DT)(DG)(DA)(DT)
;
N
15 'polyribonucleotide' UGCCUGGUGUCUUGGGUGU P
16 'polydeoxyribonucleotide'
;(DA)(DT)(DC)(DA)(DG)(DA)(DA)(DT)(DC)(DC)(DC)(DG)(DG)(DT)(DG)(DC)(DC)(DG)(DA)(DG)
(DG)(DC)(DC)(DG)(DC)(DT)(DC)(DA)(DA)(DT)(DT)(DG)(DG)(DT)(DC)(DG)(DT)(DA)(DG)(DA)
(DC)(DA)(DG)(DC)(DT)(DC)(DT)(DA)(DG)(DC)(DA)(DC)(DC)(DG)(DC)(DT)(DT)(DA)(DA)(DA)
(DC)(DG)(DC)(DA)(DC)(DG)(DT)(DA)(DC)(DG)(DC)(DG)(DC)(DT)(DG)(DT)(DC)(DC)(DC)(DC)
(DC)(DG)(DC)(DG)(DT)(DT)(DT)(DT)(DA)(DA)(DC)(DC)(DG)(DC)(DC)(DA)(DA)(DG)(DG)(DG)
(DG)(DA)(DT)(DT)(DA)(DC)(DA)(DC)(DC)(DC)(DA)(DA)(DG)(DA)(DC)(DA)(DC)(DC)(DA)(DG)
(DG)(DC)(DA)(DC)(DG)(DA)(DG)(DA)(DC)(DA)(DG)(DA)(DA)(DA)(DA)(DA)(DA)(DA)(DC)(DA)
(DA)(DC)(DG)(DA)(DA)(DA)(DA)(DC)(DG)(DG)(DC)(DC)(DA)(DC)(DC)(DA)(DC)(DC)(DC)(DA)
(DA)(DA)(DC)(DA)(DC)(DA)(DC)(DC)(DA)(DA)(DA)(DC)(DA)(DC)(DA)(DA)(DG)(DA)(DG)(DC)
(DT)(DA)(DA)(DT)(DT)(DG)(DA)(DC)(DT)(DG)(DA)(DC)(DG)(DT)(DA)(DA)(DG)(DC)
;
T
17 'polypeptide(L)'
;MRERACMLCGIVLPGRVFMQNGCPNCDSVLNLRDSDQATVNECTSSSFEGLVAVGDNEHSWVAKWLRVDRFQPGLYAVRV
DGRLPSDIVAALEQYGVYYRPRDGSVID
;
V
18 'polypeptide(L)'
;GPGMSETHKNQLDKVSTVSPDGPSEAVKEHSLQSKDLSKNDGQFIVPLDRNVIEQEEHKQVKSSAQAHNTTGDAADNEIE
DGVPSEDVEFDKFKEDDYDEDDEVEEEGDIRSRKRRRHNQFLDVEAEVDDEEDDDDDDDDVELKHDFIQDDHIQHETQNE
GFIAGHVDDDRLHRKLDQSREKIADQDAQELADEFKQRYGRSASSKYMGSASTTAPQRLLIPTVDDPGIWGVKVRLGKEK
DVVRQILKKKLAREGTKNPLEIYSAFQRDSFKGHVYIEARKAEAINDALKGNVNVFSNNSKFLVGIVEYKDLLRPVKSSD
VKLTRGSYVRVKNGKFKGDLAQVDEVLENGLEARLKLVPRLDYGKDLSHLSTSSSVDSTKNRRKFYTSKFRPAQRLFSEA
EARVHEPTIRRDRDGFVTYGGEEYYEGFLYKTFRLQNLIVNSINPTLNELSLFQSNEESTTIDLSTIADSLKETAKNLVS
FQPGDNVEIINGELNHLTGTVSSVNQSTIVSVRLHSDDDTINSETVEIPTSDLRKIFNVGDHVRVIHGKHTDDTGLIVEV
NGDKVEFISNQTKRTVIVFSNYLIKSTDSTVSINESGRFELHDLVQVNSDLVGIVIRAQKDSFDVLCSDGKLLSLPPVSI
YSKLNLNPNQQIAIDSNGVEVKVGDTVREFTGERRQGTILHVYRNFLFLRSREIVENQGVFVTSSNRVKTITSKSNGTGG
QISGPDLSRMNPSRVIPPPSIPVANQRMTGRDPTLNKTVKIRQGGYKGKIGIVKEANGDRFRVELHNPNKTIPIPCSFLL
IESTHGWVPYEDFVASDRRGGNIPRHEISGHVQQPQHGRAPAWGSGGKTPAWGSGGKTPAWGSGGSGGKTPAWGSGGKTP
TWGSGAKTPAWGSGSKTPAWSGLDEEDRRDF
;
W
19 'polypeptide(L)'
;GSHMARTKQTARKSTGGKAPRKQLATKAARKSAPSTGGVKKPHRYRPGTVALREIRRYQKSTELLIRKLPFQRLVREIAQ
DFKTDLRFQSAAIGALQEASEAYLVGLFEDTNLCAIHAKRVTIMPKDIQLARRIRGERA
;
a,e
20 'polypeptide(L)'
;GSHMSGRGKGGKGLGKGGAKRHRKVLRDNIQGITKPAIRRLARRGGVKRISGLIYEETRGVLKVFLENVIRDAVTYTEHA
KRKTVTAMDVVYALKRQGRTLYGFGG
;
b,f
21 'polypeptide(L)'
;GSHMSGRGKQGGKARAKAKTRSSRAGLQFPVGRVHRLLRKGNYSERVGAGAPVYLAAVLEYLTAEILELAGNAARDNKKT
RIIPRHLQLAIRNDEELNKLLGRVTIAQGGVLPNIQAVLLPKKTESHHKAKGK
;
c,g
22 'polypeptide(L)'
;GSHMPEPAKSAPAPKKGSKKAVTKAQKKDGKKRKRSRKESYSIYVYKVLKQVHPDTGISSKAMGIMNSFVNDIFERIAGE
ASRLAHYNKRSTITSREIQTAVRLLLPGELAKHAVSEGTKAVTKYTSAK
;
d,h
23 'polypeptide(L)'
;GPGMSAPSPSVSEEDINETRNSIDADASTVQDLLDQDAQEGSGSDNEGSNIVDSSEEDDDEDDEEEMQKVREGFIVDDDD
ENDEDGIPSSTKRKHRKKHKKRSAEVVEEVDEDDLQLLMENSGAVPGQQQNVKFKRLKRAEQDEKAQDSDSRGLNDMFSD
EEGPGGVVEEGSEEEGLEDNLTTKTQRSGNLPHDEFDDFIEEDEFSDEDDEARDERLARMRSAKAAPQLAGLQGEQYQEI
IEIFGDGTDYQWTLDAEEEMEQPQQDQEYDEAGEEIKGTTTSLADVFEPSELKEKMLTDEDNVIRVTDLPERFQAYRKSI
KNYKLSDVDYSNERDWIVEQLKLEKRDFLQHLTQAHSSVAHLEEKFEASVKKIVDFIAIESFEVPFIWNHRRDYALHTYN
DDSNNTIIVKLLNEDDLWRIVQLDLDYHSIHDKKAALSSIYKQLDLDVVDPTYEEFFGSARTLSELQDIDDYLTFNYSSQ
VKNLTAVAELSIEGNGSGEDEEQTTKSSFAEVKMKRKYSKYAIYDRIRQDAIYPVVQSIANISQMRENLAQSKRLHQVED
PIESPMDMIADIMSTEKDKTTFISSEKAYQAVKQFFSEQLSYEPFIRKTIRTAFQSFGVINIELTERGKLQIEPESPYFD
FKYAKNRPISALTATPDLYLRMIQAENDGLVNIKVELPMLSTVVDHFYNILKSDGTSEISEKWNALRNDAWKQSLDKLIP
LVQLNVKESIRRDCERVLYFQVKNSFTKKIDQAPYQPPTYAKGTIPRVLTLSFGEGNRGDAVLGVFMDDSGDVKSQIKFD
EDFQSRDFSDSLTRYIKSNNINPDIIGISGFNIHTKKLFDKVNELVNEERLTIEYDNEYGYDREEDGRSDKHLIRVIYVN
DETARLYQHSSKSSAEYPNRPQLAKYCIGLAKYIQSPLLEYLALDESMYSLHIHKHQNLLPREKLIDAVQTSIVDIVNLV
GVDINEAVRAPYHALALPYVCGLGPRKAAGLIQSIQRIGSNLVNRAHLITEQLTSKTVFLNMASFVYIVFDPDVERNPQG
EMDLLDSTRIHPEDYSLARKMAADALDIEDIDDDDESAMRNAIYEMVFPRSPPKDEDDLTFKLDELILDDYATELERKHQ
LKKRSTLQIIKEELQSRYREIRRDFHILNEAEIFQLLTRETVDSFRKGMVIPVYVRKVESSYMSVSTQSLIAGNIQRQDI
LEPNDRRDPREVYSVGQTVRACILDVDYYNFKCQLSLLRQFTENQVAGLNVNRNPKFWDIESENRDRQEEIDKQREESRE
SRVIKHPFFHNMKSKEAEDYLAARPVGDVVIRPSSKGSNHITISWKVAPQLYQHIDVLEENKDDANAIGRVLLVGKYRYH
DLDELLVEYVNNVANKVELMVSHDKFMSDSLDYVKEWLERYSKANGNRSHYIFTFNRKAPGWFFLLFKLNPTSEIKIWNV
KALPDGYLLANNVYPDTNSLCNGFKTLMSSRRQIKQRSNRAGGEYNNSHAGAYDNGYSNAPRY
;
m
24 'polypeptide(L)'
;GPGMSDEESENKKLLDQVLPEKTDQETQPEADAALAEQEAPENEPNEPASDDDSDSDLSDISDVDEEKVAEGLRYLDEQT
AASLSKHKAAQPSSTHKKKEPTRRRPKQQTARETQYEPDVVEDEAARRTRLFEEKLDAAIKRKPNKRKKNDDVDLEQMQD
ELIQQLKLQMEESAIRDANNIEQGKPAIFKLKLLPKVKDILLRANLADSILDNNLLASVRLWLEPLPDASLPAYQIQKVL
FDAIKSLPIKTSHLRESGLGKVMVFYQKSKRVEPNLKRTAEKLISDWTRPIMGASDNYKDMRVRTQQFDPAQFAESLPGR
VSVRPQEAKTLYEEAAERRKRAAIPQARTAAYTIAPQVNTELLMSSARRTLPSGVGSSLSGEDQYKRLNSRLNTMGTKRK
SSAKKGGISIEGRGLPQ
;
n
25 'polypeptide(L)'
;MKDHLIHNHHKHEHAHAEHDYKDDDDKEHLYFQGSSGSSGMSLLDQDYYLSALPEDKRAELVTLQLTIPLKSGDEVVTID
FNEDVDVSQLCVLLESENARPDLWLSAAKVFVSKGNIAGSQEIIRKALQSNVILDSSASVTSLFHNFSFWLSLMEYVSTN
SREDQFLEYASNSLQASNSLDSGLILNGIGNGVLYAKSRRYDEALKEFDNLLKKKSTNILAILGKAQILYKRQKYSQALE
LYQKALTINPLIVPDPRLGIGLCFWHLNNKQLAEQAWHNSLKVHPQNNLNTKILICLAKFDYCFNESKDDDEFTALYRES
LEFLHSCLKEDAKHPLLLMVLASYYFSKEDYEKVEKLCNLVLKENSRNAAFVSASHFWLARVAYHKEDYVQAQKQFKQAE
DSQNSNTLAKLGYAQCLIARNEVGDATIYLEKFFKENQDSKSSEMMLLLGIIYSQSGKSYYKAIIFLEKYVAVCQEENYP
ILPEAYLVLSRVYENKDLNVALDYLMKANDILGDKANVYVLNNLGIYHFFRNNVSQSSDFFAQSLEALNNVSPQNKEALS
ITLHYNKARVEEVSNQSEAEKLYSKLMEKCPGYTSNKIRYIYLLALKSNGNNYADVQQLLDDFPSDLEVRSFYGWFLKRY
GRKNGLKQDLESQHHKDTLINYDKHDCYALLSLGNIYATIAREMKVTDQKQNEIKRQQYLRAAQFYHKVLSIDPKNIYAA
QGIAIIFSDKERTGLALEIFKKVRDTVQDLGTFINLGHCFMEAKQFGKAIESYTIALEKFSNGMDSKLLVLIGRAWYHRG
FYEKSMDAYKKALEVSEQAYQLSKLPALRFNIVFIQFQIADFVKSLPNTQRDLTTLENALSGLNDAIKSLLKLAELEQPP
YPSEDLKARATMGSNTLRNQLERAIQDQQDYEMSIQEKLRTARRKQQLDEEKRLEQEQRRLEEARKRQEAELIKRQELIK
QAEEWNKMDIDAAKDNNDVLSEDGGEGEKKTTKKRKRKQKVSEDIAPDLDRINEENGNTEDYDPILDNEEEENYDEKDSE
NKENGQNGQNEEVYPESEGDDEDDVTNTKRQKRSKGIVDEEDSE
;
q
26 'polypeptide(L)'
;MKDHLIHNHHKHEHAHAEHLYFQGSSGSSGMSDKEQDLDEDLLALAGAGSDSESNSAYSPEQEVSRKSKKIVNDSEDENN
DSDGEQLLNPYPLEDKFKDEADRARLLGLSEMEREAILYERSQEVIKLKEKHLLSLRAKQSQLEKTAREGPKSSKTNKLS
ELKKQREQKSKRQRSDEYSDEEDDYRYEEVGDNDDVEMSDNYIDEDDAVFVEPKKSSRSQELSKPATLSDINKIIFGRTA
MSKYWYYPEFDDVVKGMYLRLNTGSGGNGFSPYKVVEVLGSQRIKGSAYGLNSKENNCDMYLKVAFPNQKEMVRPLFVFS
DSSITHPEFDLFLRELDAEGLSVMDLRDVDYKYHQLKEMSSRSLSNDEVNSIVKMKQSLSSNTGFNTVLKKAQLQEELEE
ARDAHDHERVARIEAELKSIGAESVVASKASSSMLKIDQRNKKLNNRFIRKAEMAAVEKRKLRGTSESDPFYRLATTARM
FYKSANLGADDSNQPKTKAELEEEAKQEKKLEMQKLESMVKSNYRNGGLDRIISKIDFDFDLEL
;
r
27 'polypeptide(L)'
;MKDHLIHNHHKHEHAHAEHLYFQGSSGSSGMSQELEQNRHSGEESPDPVLDANTSDVDDDGLDLFGDDDDEQPEAKPGQL
DDSSNDAEEDEQEKAGKPEAKVTSHTKSVYDNGETLDISLPIHPKSHIPQGKQDRWVVKLPDFLDINAEPFDPRPFEMNV
KTHEDKNQELLDKLIAVNTVRWRYAKSETGGIFKETNSQIIQWEDGTYSLRVGSEIFDMFTTNTDDNYLVSEHNEEGILM
TESTLSKSVKLVPASFQSTTHQKLAKALSAKQKKESYARSVVTKEDPEERQRRLESQENERYRLERRRKQAEEEEDYDSY
AVSTSRSRPSRASQMYNAADEDDDDDDVAIGRTLASRRNNGYEDDGFIIDDEEEEEAVENDSADEESENEGDDDEEDDEE
AAERLNRLKRAGASKYTNEGEQAQSEPVKSEEADNASQRDDAPRKKRRVILDDDEEEEE
;
u
28 'polypeptide(L)'
;GSAMTSSKSRQDYIAKVRYQNDLPAPPCPPKLLKYEIEKEAPQKEFLKDSRLLSALFSKDNFRYLMNETSDGLDVNYLRI
PGIIENEKSLGKLFSSYKNLAIENLHPDDRLLLVDPNKSATLNEESPVFFLRRPQYVSDGEKINLQNFTNKRKHQDMEDT
NPRSQLHSVERTFDEVIDPRNKNRLQSLIHPRKKIKAVKAWHFFPDTSTFDQVFHSLKFVGSASLSKDRPLNEQLGQVSE
TDSTSVNASILTSLFKPIEINPHNKWISLYAVTDKLSAESFRKSFNSIKDDNIVNRHVIYDHIKDFDQMFRGHKKLFEDF
AISFDDISDRAFFVPIVGRLELKKKRIVPGLVDMVNRTNYAHIRMDLRNPSTQETAIRDSRREQYDPVNYSSIQEE
;
v
29 'polypeptide(L)'
;MKDHLIHNHHKHEHAHAEHLYFQGSSGSSGMSEPLIALRQAIKDKKPVGVNEGETIGNAKVLNIGEKQYSLDAPTSFVIN
GKEFNLKVIYQCWVFRDSSSADYITECEKENIDGISFVERSELISWLKGEITSSAFIKGEKVGITEENGKNEGETKSNNK
RKLSDDPLLKEIASNERVLIDHNKVLRGLKPKDFSSVAKDCELRILKEKPANAKSSDSNGRSSTSVSSSSKDARNKEPII
VLSPAASSLVRMSNVKEFLQEGKFLDPSKEPASSSNLLAIQRKSSRFKTPIKLLVVDNVEKLFTKSEYWDRVVAIVTTGK
DWQFKNYKYKDPQILFQKFNGFYFKYKGDAVPASVKSWNVKVLDIDRVERFSDRQVVEQFWDTVENTLVAKRYKS
;
x
#
loop_
_chem_comp.id
_chem_comp.type
_chem_comp.name
_chem_comp.formula
C RNA linking CYTIDINE-5'-MONOPHOSPHATE 'C9 H14 N3 O8 P'
DA DNA linking 2'-DEOXYADENOSINE-5'-MONOPHOSPHATE 'C10 H14 N5 O6 P'
DC DNA linking 2'-DEOXYCYTIDINE-5'-MONOPHOSPHATE 'C9 H14 N3 O7 P'
DG DNA linking 2'-DEOXYGUANOSINE-5'-MONOPHOSPHATE 'C10 H14 N5 O7 P'
DT DNA linking THYMIDINE-5'-MONOPHOSPHATE 'C10 H15 N2 O8 P'
G RNA linking GUANOSINE-5'-MONOPHOSPHATE 'C10 H14 N5 O8 P'
MG non-polymer 'MAGNESIUM ION' 'Mg 2'
U RNA linking URIDINE-5'-MONOPHOSPHATE 'C9 H13 N2 O9 P'
ZN non-polymer 'ZINC ION' 'Zn 2'
#
# COMPACT_ATOMS: atom_id res chain seq x y z
N SER A 2 5.21 -22.38 -18.68
CA SER A 2 5.50 -23.81 -18.65
C SER A 2 5.18 -24.40 -17.29
N GLN A 3 4.76 -23.55 -16.36
CA GLN A 3 4.37 -24.01 -15.03
C GLN A 3 2.92 -24.47 -14.97
N PHE A 4 2.17 -24.31 -16.04
CA PHE A 4 0.78 -24.70 -16.13
C PHE A 4 0.63 -25.98 -16.94
N PRO A 5 -0.24 -26.89 -16.50
CA PRO A 5 -0.48 -28.13 -17.26
C PRO A 5 -1.02 -27.82 -18.64
N TYR A 6 -0.68 -28.68 -19.60
CA TYR A 6 -1.01 -28.43 -20.99
C TYR A 6 -2.52 -28.35 -21.20
N SER A 7 -2.94 -27.35 -21.97
CA SER A 7 -4.33 -27.20 -22.39
C SER A 7 -4.34 -26.91 -23.88
N SER A 8 -5.21 -27.60 -24.60
CA SER A 8 -5.21 -27.51 -26.06
C SER A 8 -5.79 -26.19 -26.58
N ALA A 9 -6.43 -25.41 -25.72
CA ALA A 9 -6.98 -24.14 -26.17
C ALA A 9 -5.85 -23.19 -26.54
N PRO A 10 -6.01 -22.40 -27.60
CA PRO A 10 -4.95 -21.45 -27.98
C PRO A 10 -4.77 -20.36 -26.94
N LEU A 11 -3.53 -19.88 -26.83
CA LEU A 11 -3.17 -18.88 -25.84
C LEU A 11 -3.12 -17.52 -26.51
N ARG A 12 -3.96 -16.59 -26.03
CA ARG A 12 -4.05 -15.25 -26.59
C ARG A 12 -4.05 -14.25 -25.44
N SER A 13 -3.98 -12.97 -25.78
CA SER A 13 -3.92 -11.91 -24.79
C SER A 13 -5.11 -10.98 -24.94
N VAL A 14 -5.52 -10.38 -23.83
CA VAL A 14 -6.71 -9.53 -23.82
C VAL A 14 -6.46 -8.28 -24.64
N LYS A 15 -7.39 -7.97 -25.54
CA LYS A 15 -7.31 -6.75 -26.34
C LYS A 15 -8.42 -5.76 -26.05
N GLU A 16 -9.51 -6.19 -25.43
CA GLU A 16 -10.63 -5.31 -25.12
C GLU A 16 -11.33 -5.83 -23.88
N VAL A 17 -11.78 -4.92 -23.03
CA VAL A 17 -12.60 -5.26 -21.88
C VAL A 17 -13.94 -4.55 -22.07
N GLN A 18 -15.00 -5.31 -22.28
CA GLN A 18 -16.33 -4.76 -22.50
C GLN A 18 -17.10 -4.87 -21.19
N PHE A 19 -17.58 -3.74 -20.69
CA PHE A 19 -18.34 -3.74 -19.45
C PHE A 19 -19.82 -3.84 -19.74
N GLY A 20 -20.62 -3.87 -18.69
CA GLY A 20 -22.05 -3.98 -18.82
C GLY A 20 -22.64 -4.63 -17.58
N LEU A 21 -23.95 -4.82 -17.61
CA LEU A 21 -24.66 -5.47 -16.53
C LEU A 21 -24.95 -6.92 -16.91
N LEU A 22 -25.31 -7.71 -15.90
CA LEU A 22 -25.61 -9.12 -16.08
C LEU A 22 -27.13 -9.31 -16.09
N SER A 23 -27.64 -9.81 -17.20
CA SER A 23 -29.07 -10.10 -17.28
C SER A 23 -29.39 -11.31 -16.40
N PRO A 24 -30.61 -11.38 -15.87
CA PRO A 24 -31.00 -12.57 -15.09
C PRO A 24 -30.90 -13.85 -15.90
N GLU A 25 -31.17 -13.77 -17.20
CA GLU A 25 -31.00 -14.95 -18.06
C GLU A 25 -29.56 -15.41 -18.07
N GLU A 26 -28.61 -14.47 -18.17
CA GLU A 26 -27.20 -14.85 -18.18
C GLU A 26 -26.76 -15.38 -16.83
N ILE A 27 -27.27 -14.79 -15.74
CA ILE A 27 -26.93 -15.29 -14.41
C ILE A 27 -27.41 -16.72 -14.24
N ARG A 28 -28.63 -17.01 -14.69
CA ARG A 28 -29.13 -18.39 -14.63
C ARG A 28 -28.34 -19.31 -15.55
N ALA A 29 -27.89 -18.80 -16.70
CA ALA A 29 -27.20 -19.66 -17.66
C ALA A 29 -25.81 -20.04 -17.17
N ILE A 30 -25.04 -19.07 -16.68
CA ILE A 30 -23.67 -19.36 -16.26
C ILE A 30 -23.60 -20.05 -14.91
N SER A 31 -24.70 -20.12 -14.18
CA SER A 31 -24.69 -20.79 -12.89
C SER A 31 -24.61 -22.31 -13.06
N VAL A 32 -24.13 -22.97 -12.03
CA VAL A 32 -24.02 -24.44 -12.02
C VAL A 32 -24.87 -25.10 -10.96
N VAL A 33 -25.41 -24.34 -10.01
CA VAL A 33 -26.24 -24.89 -8.95
C VAL A 33 -27.10 -23.77 -8.40
N LYS A 34 -28.23 -24.13 -7.80
CA LYS A 34 -29.15 -23.17 -7.21
C LYS A 34 -29.03 -23.24 -5.69
N ILE A 35 -28.80 -22.10 -5.07
CA ILE A 35 -28.57 -22.03 -3.62
C ILE A 35 -29.89 -21.72 -2.93
N GLU A 36 -30.32 -22.62 -2.05
CA GLU A 36 -31.61 -22.46 -1.37
C GLU A 36 -31.61 -22.80 0.11
N TYR A 37 -30.67 -23.59 0.62
CA TYR A 37 -30.70 -24.01 2.01
C TYR A 37 -29.75 -23.15 2.84
N PRO A 38 -30.25 -22.44 3.85
CA PRO A 38 -29.36 -21.56 4.64
C PRO A 38 -28.30 -22.30 5.43
N GLU A 39 -28.50 -23.57 5.74
CA GLU A 39 -27.52 -24.31 6.54
C GLU A 39 -26.24 -24.52 5.75
N ILE A 40 -25.13 -24.06 6.31
CA ILE A 40 -23.84 -24.22 5.65
C ILE A 40 -23.43 -25.68 5.61
N MET A 41 -23.56 -26.36 6.75
CA MET A 41 -23.10 -27.74 6.90
C MET A 41 -24.29 -28.70 6.88
N ASP A 42 -24.07 -29.87 6.28
CA ASP A 42 -25.14 -30.86 6.17
C ASP A 42 -25.60 -31.32 7.54
N GLU A 43 -24.73 -32.06 8.25
CA GLU A 43 -25.02 -32.50 9.60
C GLU A 43 -23.80 -32.36 10.50
N SER A 44 -22.91 -31.44 10.18
CA SER A 44 -21.64 -31.26 10.88
C SER A 44 -20.83 -32.56 10.89
N ARG A 45 -20.90 -33.30 9.78
CA ARG A 45 -20.23 -34.57 9.60
C ARG A 45 -19.52 -34.60 8.25
N GLN A 46 -18.79 -33.53 7.95
CA GLN A 46 -18.13 -33.33 6.67
C GLN A 46 -19.16 -33.33 5.55
N ARG A 47 -18.70 -33.26 4.29
CA ARG A 47 -19.58 -33.33 3.14
C ARG A 47 -20.64 -32.24 3.20
N PRO A 48 -20.28 -30.98 2.95
CA PRO A 48 -21.24 -29.89 3.11
C PRO A 48 -22.47 -30.08 2.24
N ARG A 49 -23.61 -29.62 2.76
CA ARG A 49 -24.91 -29.90 2.14
C ARG A 49 -24.94 -29.42 0.70
N GLU A 50 -25.38 -30.29 -0.20
CA GLU A 50 -25.58 -29.90 -1.58
C GLU A 50 -26.77 -28.95 -1.68
N GLY A 51 -26.65 -27.95 -2.54
CA GLY A 51 -27.64 -26.90 -2.61
C GLY A 51 -27.48 -25.82 -1.57
N GLY A 52 -26.48 -25.92 -0.69
CA GLY A 52 -26.19 -24.90 0.29
C GLY A 52 -25.08 -23.98 -0.17
N LEU A 53 -24.69 -23.09 0.74
CA LEU A 53 -23.68 -22.08 0.41
C LEU A 53 -22.29 -22.66 0.21
N ASN A 54 -22.06 -23.91 0.61
CA ASN A 54 -20.78 -24.57 0.42
C ASN A 54 -20.93 -25.82 -0.41
N ASP A 55 -21.72 -25.73 -1.48
CA ASP A 55 -21.93 -26.86 -2.36
C ASP A 55 -20.60 -27.26 -3.00
N PRO A 56 -20.29 -28.56 -3.09
CA PRO A 56 -19.04 -28.97 -3.73
C PRO A 56 -18.98 -28.61 -5.20
N LYS A 57 -20.10 -28.33 -5.86
CA LYS A 57 -20.06 -27.98 -7.26
C LYS A 57 -19.53 -26.57 -7.49
N LEU A 58 -19.60 -25.72 -6.47
CA LEU A 58 -19.12 -24.35 -6.61
C LEU A 58 -17.61 -24.30 -6.77
N GLY A 59 -16.89 -25.34 -6.36
CA GLY A 59 -15.44 -25.32 -6.42
C GLY A 59 -14.84 -25.95 -5.19
N SER A 60 -13.53 -26.21 -5.23
CA SER A 60 -12.83 -26.87 -4.13
C SER A 60 -11.72 -25.98 -3.62
N ILE A 61 -11.60 -25.90 -2.30
CA ILE A 61 -10.51 -25.19 -1.65
C ILE A 61 -9.70 -26.10 -0.73
N ASP A 62 -9.90 -27.42 -0.86
CA ASP A 62 -9.17 -28.40 -0.06
C ASP A 62 -8.25 -29.20 -0.97
N ARG A 63 -7.06 -29.55 -0.45
CA ARG A 63 -6.06 -30.20 -1.28
C ARG A 63 -6.52 -31.56 -1.76
N ASN A 64 -7.15 -32.35 -0.89
CA ASN A 64 -7.53 -33.72 -1.20
C ASN A 64 -8.89 -33.82 -1.88
N PHE A 65 -9.59 -32.71 -2.09
CA PHE A 65 -10.91 -32.72 -2.69
C PHE A 65 -10.84 -32.04 -4.06
N LYS A 66 -11.33 -32.74 -5.07
CA LYS A 66 -11.40 -32.19 -6.42
C LYS A 66 -12.78 -31.59 -6.67
N CYS A 67 -12.82 -30.57 -7.53
CA CYS A 67 -14.08 -29.93 -7.87
C CYS A 67 -14.99 -30.91 -8.59
N GLN A 68 -16.26 -30.93 -8.20
CA GLN A 68 -17.21 -31.83 -8.82
C GLN A 68 -17.72 -31.33 -10.17
N THR A 69 -17.38 -30.11 -10.56
CA THR A 69 -17.84 -29.55 -11.83
C THR A 69 -16.78 -29.67 -12.93
N CYS A 70 -15.56 -29.22 -12.67
CA CYS A 70 -14.50 -29.31 -13.65
C CYS A 70 -13.56 -30.48 -13.43
N GLY A 71 -13.50 -31.02 -12.22
CA GLY A 71 -12.62 -32.14 -11.94
C GLY A 71 -11.18 -31.76 -11.71
N GLU A 72 -10.84 -30.48 -11.73
CA GLU A 72 -9.47 -30.05 -11.53
C GLU A 72 -9.18 -29.92 -10.03
N GLY A 73 -7.89 -29.80 -9.72
CA GLY A 73 -7.46 -29.65 -8.35
C GLY A 73 -7.65 -28.24 -7.84
N MET A 74 -7.23 -28.04 -6.59
CA MET A 74 -7.35 -26.72 -5.97
C MET A 74 -6.52 -25.68 -6.72
N ALA A 75 -5.34 -26.07 -7.19
CA ALA A 75 -4.45 -25.13 -7.85
C ALA A 75 -4.96 -24.71 -9.23
N GLU A 76 -5.93 -25.42 -9.79
CA GLU A 76 -6.39 -25.14 -11.14
C GLU A 76 -7.84 -24.73 -11.24
N CYS A 77 -8.66 -25.07 -10.25
CA CYS A 77 -10.07 -24.73 -10.31
C CYS A 77 -10.25 -23.24 -10.11
N PRO A 78 -10.89 -22.52 -11.03
CA PRO A 78 -11.10 -21.08 -10.86
C PRO A 78 -12.29 -20.74 -9.99
N GLY A 79 -13.13 -21.71 -9.66
CA GLY A 79 -14.38 -21.42 -8.99
C GLY A 79 -15.51 -21.21 -9.97
N HIS A 80 -16.68 -21.71 -9.59
CA HIS A 80 -17.86 -21.65 -10.45
C HIS A 80 -19.01 -21.01 -9.68
N PHE A 81 -19.81 -20.23 -10.40
CA PHE A 81 -20.84 -19.43 -9.78
C PHE A 81 -22.12 -20.22 -9.57
N GLY A 82 -22.86 -19.87 -8.52
CA GLY A 82 -24.21 -20.32 -8.33
C GLY A 82 -25.14 -19.12 -8.25
N HIS A 83 -26.43 -19.38 -8.38
CA HIS A 83 -27.40 -18.29 -8.39
C HIS A 83 -28.48 -18.54 -7.36
N MET A 84 -29.02 -17.45 -6.83
CA MET A 84 -30.05 -17.47 -5.81
C MET A 84 -31.25 -16.67 -6.29
N GLU A 85 -32.40 -17.31 -6.35
CA GLU A 85 -33.61 -16.64 -6.80
C GLU A 85 -34.21 -15.81 -5.68
N LEU A 86 -34.50 -14.55 -5.97
CA LEU A 86 -35.09 -13.64 -5.00
C LEU A 86 -36.61 -13.70 -5.07
N ALA A 87 -37.25 -13.75 -3.90
CA ALA A 87 -38.71 -13.81 -3.86
C ALA A 87 -39.33 -12.54 -4.43
N LYS A 88 -38.79 -11.38 -4.09
CA LYS A 88 -39.25 -10.11 -4.62
C LYS A 88 -38.05 -9.31 -5.12
N PRO A 89 -38.17 -8.66 -6.28
CA PRO A 89 -37.04 -7.87 -6.79
C PRO A 89 -36.68 -6.74 -5.85
N VAL A 90 -35.38 -6.45 -5.78
CA VAL A 90 -34.87 -5.41 -4.91
C VAL A 90 -33.95 -4.50 -5.71
N PHE A 91 -33.75 -3.29 -5.18
CA PHE A 91 -32.89 -2.32 -5.84
C PHE A 91 -31.42 -2.72 -5.71
N HIS A 92 -30.65 -2.41 -6.75
CA HIS A 92 -29.21 -2.49 -6.67
C HIS A 92 -28.70 -1.20 -6.04
N ILE A 93 -27.96 -1.33 -4.93
CA ILE A 93 -27.62 -0.15 -4.13
C ILE A 93 -26.76 0.83 -4.92
N GLY A 94 -26.03 0.35 -5.92
CA GLY A 94 -25.17 1.23 -6.68
C GLY A 94 -25.83 2.00 -7.79
N PHE A 95 -27.10 1.73 -8.08
CA PHE A 95 -27.79 2.32 -9.23
C PHE A 95 -29.04 3.10 -8.84
N ILE A 96 -29.29 3.32 -7.55
CA ILE A 96 -30.52 4.00 -7.15
C ILE A 96 -30.60 5.42 -7.71
N PRO A 97 -29.56 6.26 -7.64
CA PRO A 97 -29.68 7.58 -8.28
C PRO A 97 -29.95 7.49 -9.78
N LYS A 98 -29.31 6.54 -10.47
CA LYS A 98 -29.56 6.41 -11.89
C LYS A 98 -30.97 5.91 -12.16
N ILE A 99 -31.49 5.04 -11.30
CA ILE A 99 -32.87 4.59 -11.43
C ILE A 99 -33.82 5.77 -11.27
N LYS A 100 -33.55 6.63 -10.29
CA LYS A 100 -34.39 7.81 -10.08
C LYS A 100 -34.35 8.72 -11.29
N LYS A 101 -33.16 8.92 -11.87
CA LYS A 101 -33.05 9.76 -13.06
C LYS A 101 -33.83 9.17 -14.23
N VAL A 102 -33.73 7.86 -14.43
CA VAL A 102 -34.45 7.23 -15.53
C VAL A 102 -35.95 7.34 -15.30
N CYS A 103 -36.40 7.20 -14.05
CA CYS A 103 -37.81 7.39 -13.75
C CYS A 103 -38.26 8.81 -14.06
N GLU A 104 -37.40 9.79 -13.80
CA GLU A 104 -37.71 11.17 -14.16
C GLU A 104 -37.73 11.40 -15.66
N CYS A 105 -36.99 10.61 -16.43
CA CYS A 105 -36.87 10.85 -17.86
C CYS A 105 -38.02 10.27 -18.67
N ILE A 106 -38.71 9.27 -18.16
CA ILE A 106 -39.73 8.55 -18.92
C ILE A 106 -41.07 8.64 -18.18
N CYS A 107 -42.12 8.24 -18.87
CA CYS A 107 -43.43 8.18 -18.26
C CYS A 107 -43.64 6.84 -17.55
N MET A 108 -44.28 6.89 -16.40
CA MET A 108 -44.43 5.71 -15.55
C MET A 108 -45.56 4.78 -16.00
N ASN A 109 -46.33 5.17 -17.01
CA ASN A 109 -47.46 4.36 -17.47
C ASN A 109 -47.24 3.81 -18.87
N CYS A 110 -47.01 4.67 -19.86
CA CYS A 110 -46.81 4.21 -21.22
C CYS A 110 -45.38 3.77 -21.49
N GLY A 111 -44.45 4.08 -20.60
CA GLY A 111 -43.06 3.68 -20.77
C GLY A 111 -42.39 4.29 -21.99
N LYS A 112 -42.57 5.59 -22.18
CA LYS A 112 -42.00 6.30 -23.32
C LYS A 112 -41.39 7.61 -22.85
N LEU A 113 -40.46 8.12 -23.64
CA LEU A 113 -39.80 9.38 -23.30
C LEU A 113 -40.80 10.53 -23.32
N LEU A 114 -40.56 11.51 -22.46
CA LEU A 114 -41.45 12.67 -22.35
C LEU A 114 -41.19 13.71 -23.44
N LEU A 115 -40.12 13.57 -24.21
CA LEU A 115 -39.82 14.50 -25.29
C LEU A 115 -39.49 13.70 -26.55
N ASP A 116 -39.64 14.37 -27.69
CA ASP A 116 -39.43 13.73 -28.98
C ASP A 116 -38.48 14.57 -29.83
N GLU A 117 -38.09 14.01 -30.97
CA GLU A 117 -37.16 14.65 -31.88
C GLU A 117 -37.73 15.91 -32.53
N THR A 118 -39.04 16.16 -32.39
CA THR A 118 -39.62 17.38 -32.93
C THR A 118 -38.97 18.61 -32.31
N ASN A 119 -38.68 18.56 -31.02
CA ASN A 119 -37.98 19.66 -30.36
C ASN A 119 -36.57 19.78 -30.91
N PRO A 120 -36.16 20.94 -31.41
CA PRO A 120 -34.79 21.07 -31.93
C PRO A 120 -33.72 20.79 -30.89
N THR A 121 -33.95 21.21 -29.64
CA THR A 121 -32.98 20.93 -28.59
C THR A 121 -32.87 19.43 -28.32
N MET A 122 -34.00 18.72 -28.35
CA MET A 122 -33.97 17.28 -28.13
C MET A 122 -33.20 16.57 -29.24
N ALA A 123 -33.43 16.96 -30.49
CA ALA A 123 -32.68 16.38 -31.60
C ALA A 123 -31.19 16.69 -31.48
N GLN A 124 -30.87 17.92 -31.08
CA GLN A 124 -29.47 18.27 -30.87
C GLN A 124 -28.83 17.41 -29.79
N ALA A 125 -29.56 17.17 -28.70
CA ALA A 125 -29.04 16.32 -27.63
C ALA A 125 -28.84 14.89 -28.11
N ILE A 126 -29.80 14.36 -28.88
CA ILE A 126 -29.67 13.00 -29.40
C ILE A 126 -28.50 12.90 -30.37
N ARG A 127 -28.17 14.00 -31.05
CA ARG A 127 -27.08 13.96 -32.03
C ARG A 127 -25.74 13.61 -31.39
N ILE A 128 -25.55 13.92 -30.10
CA ILE A 128 -24.26 13.66 -29.46
C ILE A 128 -24.01 12.15 -29.38
N ARG A 129 -22.74 11.79 -29.21
CA ARG A 129 -22.30 10.40 -29.29
C ARG A 129 -22.09 9.75 -27.93
N ASP A 130 -21.46 10.45 -26.99
CA ASP A 130 -21.10 9.84 -25.71
C ASP A 130 -22.35 9.48 -24.93
N PRO A 131 -22.52 8.21 -24.53
CA PRO A 131 -23.76 7.84 -23.81
C PRO A 131 -24.00 8.62 -22.53
N LYS A 132 -22.96 8.91 -21.77
CA LYS A 132 -23.15 9.60 -20.50
C LYS A 132 -23.61 11.04 -20.72
N LYS A 133 -22.93 11.76 -21.63
CA LYS A 133 -23.34 13.13 -21.93
C LYS A 133 -24.70 13.15 -22.61
N ARG A 134 -24.98 12.16 -23.45
CA ARG A 134 -26.30 12.06 -24.07
C ARG A 134 -27.39 11.92 -23.02
N PHE A 135 -27.18 11.03 -22.06
CA PHE A 135 -28.16 10.86 -20.99
C PHE A 135 -28.28 12.12 -20.15
N ASN A 136 -27.17 12.80 -19.88
CA ASN A 136 -27.22 14.03 -19.10
C ASN A 136 -28.06 15.08 -19.80
N ALA A 137 -27.83 15.27 -21.11
CA ALA A 137 -28.61 16.25 -21.85
C ALA A 137 -30.08 15.88 -21.91
N VAL A 138 -30.38 14.61 -22.18
CA VAL A 138 -31.77 14.18 -22.26
C VAL A 138 -32.47 14.36 -20.93
N TRP A 139 -31.76 14.10 -19.83
CA TRP A 139 -32.34 14.31 -18.51
C TRP A 139 -32.56 15.79 -18.23
N GLN A 140 -31.59 16.62 -18.61
CA GLN A 140 -31.74 18.06 -18.40
C GLN A 140 -32.95 18.60 -19.14
N LEU A 141 -33.21 18.08 -20.34
CA LEU A 141 -34.39 18.51 -21.08
C LEU A 141 -35.67 17.94 -20.49
N CYS A 142 -35.77 16.61 -20.40
CA CYS A 142 -37.01 15.94 -20.00
C CYS A 142 -37.34 16.12 -18.53
N LYS A 143 -36.43 16.65 -17.72
CA LYS A 143 -36.74 16.88 -16.32
C LYS A 143 -37.85 17.91 -16.15
N THR A 144 -37.78 18.96 -16.98
CA THR A 144 -38.71 20.10 -16.99
C THR A 144 -40.14 19.67 -17.38
N LYS A 145 -40.26 18.71 -18.30
CA LYS A 145 -41.52 18.17 -18.80
C LYS A 145 -42.12 17.29 -17.71
N MET A 146 -43.21 17.77 -17.09
CA MET A 146 -43.77 17.13 -15.92
C MET A 146 -45.08 16.40 -16.21
N VAL A 147 -45.51 16.32 -17.46
CA VAL A 147 -46.75 15.65 -17.82
C VAL A 147 -46.55 14.88 -19.11
N CYS A 148 -47.01 13.63 -19.13
CA CYS A 148 -47.04 12.86 -20.37
C CYS A 148 -48.11 13.41 -21.30
N GLU A 149 -47.83 13.38 -22.59
CA GLU A 149 -48.76 13.87 -23.60
C GLU A 149 -49.30 12.69 -24.40
N ALA A 150 -50.61 12.48 -24.33
CA ALA A 150 -51.26 11.50 -25.19
C ALA A 150 -51.43 12.00 -26.61
N ASP A 151 -51.18 13.29 -26.85
CA ASP A 151 -51.25 13.89 -28.17
C ASP A 151 -49.96 14.65 -28.45
N ALA A 152 -49.69 14.87 -29.73
CA ALA A 152 -48.47 15.55 -30.11
C ALA A 152 -48.48 16.99 -29.59
N PRO A 153 -47.36 17.50 -29.08
CA PRO A 153 -47.26 18.87 -28.58
C PRO A 153 -47.12 19.88 -29.71
N VAL A 163 -52.75 14.19 -33.72
CA VAL A 163 -51.56 13.35 -33.77
C VAL A 163 -51.22 12.85 -32.36
N SER A 164 -51.01 11.53 -32.25
CA SER A 164 -50.66 10.89 -30.99
C SER A 164 -49.20 10.50 -31.01
N ARG A 165 -48.47 10.89 -29.97
CA ARG A 165 -47.04 10.58 -29.86
C ARG A 165 -46.79 9.26 -29.16
N GLY A 166 -47.84 8.50 -28.84
CA GLY A 166 -47.71 7.26 -28.12
C GLY A 166 -47.82 7.39 -26.61
N GLY A 167 -47.89 8.60 -26.09
CA GLY A 167 -48.06 8.79 -24.66
C GLY A 167 -49.47 8.52 -24.21
N CYS A 168 -49.64 8.48 -22.89
CA CYS A 168 -50.93 8.18 -22.27
C CYS A 168 -51.60 9.39 -21.66
N GLY A 169 -50.94 10.54 -21.62
CA GLY A 169 -51.54 11.75 -21.11
C GLY A 169 -51.53 11.89 -19.60
N ASN A 170 -50.97 10.92 -18.88
CA ASN A 170 -50.96 10.98 -17.42
C ASN A 170 -49.93 11.99 -16.94
N THR A 171 -50.22 12.61 -15.79
CA THR A 171 -49.27 13.52 -15.19
C THR A 171 -48.10 12.74 -14.58
N GLN A 172 -46.90 13.25 -14.78
CA GLN A 172 -45.70 12.58 -14.30
C GLN A 172 -45.45 12.90 -12.84
N PRO A 173 -45.28 11.89 -11.99
CA PRO A 173 -45.00 12.16 -10.57
C PRO A 173 -43.59 12.69 -10.37
N VAL A 174 -43.39 13.30 -9.21
CA VAL A 174 -42.08 13.78 -8.78
C VAL A 174 -41.51 12.78 -7.79
N VAL A 175 -40.30 12.29 -8.06
CA VAL A 175 -39.70 11.21 -7.28
C VAL A 175 -38.66 11.80 -6.34
N ARG A 176 -38.69 11.34 -5.09
CA ARG A 176 -37.74 11.74 -4.07
C ARG A 176 -37.10 10.50 -3.47
N LYS A 177 -35.82 10.60 -3.15
CA LYS A 177 -35.06 9.49 -2.60
C LYS A 177 -35.05 9.55 -1.08
N ASP A 178 -35.23 8.39 -0.46
CA ASP A 178 -35.22 8.29 1.00
C ASP A 178 -34.63 6.92 1.35
N GLY A 179 -33.33 6.89 1.62
CA GLY A 179 -32.67 5.62 1.87
C GLY A 179 -32.73 4.75 0.64
N MET A 180 -33.24 3.54 0.80
CA MET A 180 -33.43 2.62 -0.31
C MET A 180 -34.83 2.69 -0.91
N LYS A 181 -35.65 3.64 -0.46
CA LYS A 181 -37.02 3.77 -0.94
C LYS A 181 -37.18 5.04 -1.76
N LEU A 182 -37.97 4.94 -2.83
CA LEU A 182 -38.26 6.07 -3.70
C LEU A 182 -39.74 6.41 -3.58
N TRP A 183 -40.03 7.68 -3.30
CA TRP A 183 -41.40 8.16 -3.15
C TRP A 183 -41.80 8.93 -4.40
N GLY A 184 -42.92 8.54 -5.01
CA GLY A 184 -43.45 9.22 -6.17
C GLY A 184 -44.72 9.98 -5.81
N THR A 185 -44.71 11.29 -6.05
CA THR A 185 -45.79 12.17 -5.67
C THR A 185 -46.54 12.61 -6.91
N TRP A 186 -47.81 12.23 -7.01
CA TRP A 186 -48.68 12.61 -8.13
C TRP A 186 -49.51 13.83 -7.74
N LYS A 187 -49.58 14.79 -8.66
CA LYS A 187 -50.47 15.94 -8.49
C LYS A 187 -51.85 15.60 -9.05
N LYS A 188 -52.51 14.67 -8.36
CA LYS A 188 -53.82 14.20 -8.79
C LYS A 188 -54.84 15.33 -8.76
N SER A 189 -55.70 15.37 -9.77
CA SER A 189 -56.73 16.40 -9.87
C SER A 189 -58.12 15.79 -9.74
N ARG A 194 -57.48 25.93 -6.96
CA ARG A 194 -56.42 25.32 -7.75
C ARG A 194 -55.82 24.11 -7.04
N ASP A 195 -55.32 24.33 -5.83
CA ASP A 195 -54.67 23.26 -5.09
C ASP A 195 -55.67 22.18 -4.72
N ALA A 196 -55.18 20.94 -4.68
CA ALA A 196 -56.02 19.78 -4.39
C ALA A 196 -55.21 18.86 -3.47
N GLN A 197 -55.67 17.62 -3.31
CA GLN A 197 -55.00 16.66 -2.45
C GLN A 197 -54.09 15.79 -3.31
N PRO A 198 -52.77 15.93 -3.21
CA PRO A 198 -51.86 15.03 -3.94
C PRO A 198 -51.47 13.83 -3.08
N GLU A 199 -51.28 12.70 -3.75
CA GLU A 199 -50.90 11.46 -3.09
C GLU A 199 -49.48 11.08 -3.47
N ARG A 200 -48.66 10.81 -2.46
CA ARG A 200 -47.32 10.26 -2.66
C ARG A 200 -47.33 8.80 -2.21
N LYS A 201 -46.99 7.90 -3.13
CA LYS A 201 -47.00 6.48 -2.82
C LYS A 201 -45.66 5.87 -3.18
N LEU A 202 -45.35 4.76 -2.52
CA LEU A 202 -44.05 4.12 -2.67
C LEU A 202 -43.93 3.53 -4.08
N LEU A 203 -42.74 3.70 -4.67
CA LEU A 203 -42.42 3.10 -5.97
C LEU A 203 -41.68 1.79 -5.70
N THR A 204 -42.42 0.68 -5.68
CA THR A 204 -41.82 -0.60 -5.40
C THR A 204 -40.88 -1.01 -6.54
N PRO A 205 -39.84 -1.78 -6.25
CA PRO A 205 -38.94 -2.24 -7.31
C PRO A 205 -39.64 -3.04 -8.40
N GLY A 206 -40.66 -3.82 -8.06
CA GLY A 206 -41.36 -4.59 -9.08
C GLY A 206 -42.09 -3.71 -10.08
N GLU A 207 -42.74 -2.65 -9.59
CA GLU A 207 -43.42 -1.72 -10.48
C GLU A 207 -42.44 -1.06 -11.44
N ILE A 208 -41.31 -0.59 -10.92
CA ILE A 208 -40.31 0.05 -11.77
C ILE A 208 -39.76 -0.97 -12.76
N LEU A 209 -39.59 -2.22 -12.34
CA LEU A 209 -39.06 -3.24 -13.24
C LEU A 209 -40.01 -3.51 -14.40
N ASN A 210 -41.29 -3.69 -14.10
CA ASN A 210 -42.23 -3.99 -15.17
C ASN A 210 -42.50 -2.77 -16.04
N VAL A 211 -42.27 -1.57 -15.51
CA VAL A 211 -42.31 -0.38 -16.36
C VAL A 211 -41.11 -0.36 -17.29
N PHE A 212 -39.91 -0.65 -16.77
CA PHE A 212 -38.70 -0.59 -17.57
C PHE A 212 -38.70 -1.64 -18.66
N LYS A 213 -39.29 -2.81 -18.41
CA LYS A 213 -39.31 -3.83 -19.44
C LYS A 213 -40.07 -3.40 -20.68
N HIS A 214 -40.91 -2.39 -20.58
CA HIS A 214 -41.69 -1.90 -21.71
C HIS A 214 -41.01 -0.74 -22.43
N ILE A 215 -39.76 -0.41 -22.08
CA ILE A 215 -39.05 0.64 -22.78
C ILE A 215 -38.61 0.12 -24.15
N SER A 216 -38.90 0.89 -25.19
CA SER A 216 -38.52 0.50 -26.54
C SER A 216 -37.00 0.57 -26.70
N PRO A 217 -36.43 -0.28 -27.56
CA PRO A 217 -34.97 -0.23 -27.78
C PRO A 217 -34.47 1.11 -28.25
N GLU A 218 -35.23 1.81 -29.09
CA GLU A 218 -34.81 3.12 -29.56
C GLU A 218 -34.75 4.13 -28.42
N ASP A 219 -35.75 4.12 -27.55
CA ASP A 219 -35.72 4.99 -26.38
C ASP A 219 -34.58 4.61 -25.45
N CYS A 220 -34.33 3.30 -25.30
CA CYS A 220 -33.21 2.85 -24.48
C CYS A 220 -31.89 3.38 -25.01
N PHE A 221 -31.70 3.34 -26.33
CA PHE A 221 -30.49 3.91 -26.91
C PHE A 221 -30.43 5.41 -26.71
N ARG A 222 -31.57 6.09 -26.84
CA ARG A 222 -31.60 7.54 -26.65
C ARG A 222 -31.23 7.92 -25.22
N LEU A 223 -31.49 7.05 -24.26
CA LEU A 223 -31.23 7.33 -22.86
C LEU A 223 -29.79 7.04 -22.46
N GLY A 224 -28.96 6.55 -23.38
CA GLY A 224 -27.59 6.24 -23.07
C GLY A 224 -27.33 4.78 -22.73
N PHE A 225 -28.37 3.99 -22.52
CA PHE A 225 -28.18 2.57 -22.25
C PHE A 225 -27.97 1.80 -23.55
N ASN A 226 -27.38 0.62 -23.42
CA ASN A 226 -27.08 -0.24 -24.56
C ASN A 226 -28.02 -1.42 -24.55
N GLU A 227 -28.66 -1.67 -25.70
CA GLU A 227 -29.63 -2.76 -25.78
C GLU A 227 -28.98 -4.11 -25.52
N ASP A 228 -27.78 -4.33 -26.07
CA ASP A 228 -27.14 -5.63 -25.95
C ASP A 228 -26.53 -5.86 -24.58
N TYR A 229 -25.96 -4.84 -23.96
CA TYR A 229 -25.08 -5.05 -22.81
C TYR A 229 -25.58 -4.44 -21.52
N ALA A 230 -26.20 -3.27 -21.56
CA ALA A 230 -26.66 -2.58 -20.35
C ALA A 230 -28.11 -2.16 -20.55
N ARG A 231 -29.01 -3.05 -20.25
CA ARG A 231 -30.44 -2.79 -20.37
C ARG A 231 -30.96 -2.19 -19.05
N PRO A 232 -31.79 -1.15 -19.10
CA PRO A 232 -32.13 -0.44 -17.85
C PRO A 232 -32.79 -1.30 -16.79
N GLU A 233 -33.62 -2.28 -17.16
CA GLU A 233 -34.28 -3.07 -16.13
C GLU A 233 -33.35 -4.04 -15.44
N TRP A 234 -32.14 -4.22 -15.94
CA TRP A 234 -31.17 -5.08 -15.26
C TRP A 234 -30.59 -4.42 -14.02
N MET A 235 -30.87 -3.13 -13.80
CA MET A 235 -30.43 -2.45 -12.58
C MET A 235 -31.22 -2.88 -11.35
N ILE A 236 -32.30 -3.64 -11.52
CA ILE A 236 -33.05 -4.20 -10.40
C ILE A 236 -32.71 -5.67 -10.28
N ILE A 237 -32.34 -6.10 -9.08
CA ILE A 237 -31.86 -7.46 -8.86
C ILE A 237 -33.05 -8.38 -8.64
N THR A 238 -33.19 -9.38 -9.52
CA THR A 238 -34.20 -10.41 -9.37
C THR A 238 -33.61 -11.78 -9.08
N VAL A 239 -32.39 -12.04 -9.56
CA VAL A 239 -31.64 -13.22 -9.21
C VAL A 239 -30.23 -12.79 -8.80
N LEU A 240 -29.72 -13.36 -7.73
CA LEU A 240 -28.44 -12.97 -7.18
C LEU A 240 -27.38 -14.01 -7.51
N PRO A 241 -26.22 -13.63 -8.03
CA PRO A 241 -25.14 -14.60 -8.24
C PRO A 241 -24.41 -14.86 -6.94
N VAL A 242 -24.14 -16.12 -6.66
CA VAL A 242 -23.45 -16.54 -5.45
C VAL A 242 -22.00 -16.85 -5.81
N PRO A 243 -21.03 -16.09 -5.30
CA PRO A 243 -19.64 -16.31 -5.70
C PRO A 243 -19.11 -17.62 -5.14
N PRO A 244 -18.11 -18.20 -5.79
CA PRO A 244 -17.57 -19.47 -5.32
C PRO A 244 -16.79 -19.29 -4.04
N PRO A 245 -16.45 -20.37 -3.33
CA PRO A 245 -15.72 -20.22 -2.07
C PRO A 245 -14.33 -19.60 -2.24
N GLN A 246 -13.78 -19.62 -3.45
CA GLN A 246 -12.49 -18.96 -3.69
C GLN A 246 -12.57 -17.48 -3.37
N VAL A 247 -13.74 -16.87 -3.57
CA VAL A 247 -13.90 -15.45 -3.30
C VAL A 247 -14.06 -15.19 -1.81
N ARG A 248 -14.62 -16.14 -1.08
CA ARG A 248 -14.91 -15.99 0.35
C ARG A 248 -14.35 -17.18 1.10
N PRO A 249 -13.03 -17.30 1.17
CA PRO A 249 -12.43 -18.48 1.81
C PRO A 249 -12.62 -18.45 3.31
N SER A 250 -12.69 -19.63 3.89
CA SER A 250 -12.79 -19.78 5.34
C SER A 250 -11.41 -19.88 5.95
N ILE A 251 -11.31 -19.45 7.22
CA ILE A 251 -10.05 -19.40 7.94
C ILE A 251 -10.16 -20.24 9.19
N ALA A 252 -9.12 -21.02 9.48
CA ALA A 252 -9.07 -21.84 10.69
C ALA A 252 -8.52 -20.98 11.82
N MET A 253 -9.41 -20.50 12.69
CA MET A 253 -9.00 -19.64 13.79
C MET A 253 -8.06 -20.38 14.74
N ASP A 254 -8.38 -21.63 15.06
CA ASP A 254 -7.53 -22.45 15.90
C ASP A 254 -7.44 -23.83 15.28
N GLU A 255 -6.90 -24.79 16.05
CA GLU A 255 -6.67 -26.12 15.53
C GLU A 255 -7.96 -26.89 15.28
N THR A 256 -9.08 -26.45 15.85
CA THR A 256 -10.34 -27.18 15.74
C THR A 256 -11.44 -26.39 15.06
N THR A 257 -11.64 -25.12 15.40
CA THR A 257 -12.77 -24.34 14.92
C THR A 257 -12.31 -23.43 13.80
N GLN A 258 -12.96 -23.53 12.65
CA GLN A 258 -12.71 -22.65 11.52
C GLN A 258 -13.75 -21.54 11.48
N GLY A 259 -13.39 -20.43 10.87
CA GLY A 259 -14.27 -19.28 10.82
C GLY A 259 -14.86 -19.00 9.46
N GLN A 260 -16.19 -18.88 9.40
CA GLN A 260 -16.86 -18.50 8.16
C GLN A 260 -16.51 -17.06 7.80
N ASP A 261 -16.41 -16.80 6.51
CA ASP A 261 -16.09 -15.46 6.05
C ASP A 261 -17.29 -14.53 6.22
N ASP A 262 -17.02 -13.22 6.14
CA ASP A 262 -18.09 -12.24 6.26
C ASP A 262 -19.10 -12.38 5.13
N LEU A 263 -18.63 -12.59 3.91
CA LEU A 263 -19.54 -12.75 2.78
C LEU A 263 -20.42 -13.98 2.95
N THR A 264 -19.86 -15.06 3.51
CA THR A 264 -20.67 -16.25 3.74
C THR A 264 -21.80 -15.97 4.72
N HIS A 265 -21.50 -15.26 5.82
CA HIS A 265 -22.55 -14.94 6.77
C HIS A 265 -23.60 -14.01 6.16
N LYS A 266 -23.15 -13.04 5.36
CA LYS A 266 -24.11 -12.13 4.74
C LYS A 266 -25.00 -12.86 3.74
N LEU A 267 -24.43 -13.80 2.98
CA LEU A 267 -25.24 -14.59 2.07
C LEU A 267 -26.22 -15.48 2.83
N SER A 268 -25.80 -16.03 3.98
CA SER A 268 -26.72 -16.80 4.80
C SER A 268 -27.88 -15.94 5.28
N ASP A 269 -27.59 -14.70 5.70
CA ASP A 269 -28.65 -13.80 6.13
C ASP A 269 -29.60 -13.47 4.98
N ILE A 270 -29.06 -13.20 3.80
CA ILE A 270 -29.88 -12.92 2.63
C ILE A 270 -30.77 -14.11 2.31
N LEU A 271 -30.23 -15.32 2.35
CA LEU A 271 -31.01 -16.49 2.02
C LEU A 271 -32.10 -16.75 3.06
N LYS A 272 -31.78 -16.52 4.34
CA LYS A 272 -32.80 -16.64 5.38
C LYS A 272 -33.93 -15.66 5.16
N ALA A 273 -33.60 -14.42 4.80
CA ALA A 273 -34.64 -13.43 4.51
C ALA A 273 -35.48 -13.86 3.32
N ASN A 274 -34.84 -14.41 2.29
CA ASN A 274 -35.59 -14.90 1.13
C ASN A 274 -36.55 -16.00 1.53
N ILE A 275 -36.08 -16.96 2.34
CA ILE A 275 -36.94 -18.04 2.81
C ILE A 275 -38.10 -17.48 3.63
N ASN A 276 -37.82 -16.48 4.46
CA ASN A 276 -38.86 -15.88 5.28
C ASN A 276 -39.92 -15.22 4.42
N VAL A 277 -39.50 -14.49 3.38
CA VAL A 277 -40.47 -13.84 2.50
C VAL A 277 -41.33 -14.88 1.79
N GLN A 278 -40.69 -15.94 1.28
CA GLN A 278 -41.45 -16.97 0.58
C GLN A 278 -42.45 -17.65 1.50
N LYS A 279 -42.04 -17.95 2.73
CA LYS A 279 -42.94 -18.59 3.68
C LYS A 279 -44.11 -17.67 4.05
N LEU A 280 -43.82 -16.40 4.28
CA LEU A 280 -44.87 -15.46 4.68
C LEU A 280 -45.86 -15.25 3.55
N GLU A 281 -45.38 -15.20 2.31
CA GLU A 281 -46.26 -14.87 1.19
C GLU A 281 -47.35 -15.93 0.99
N MET A 282 -46.98 -17.21 1.07
CA MET A 282 -47.93 -18.26 0.77
C MET A 282 -48.92 -18.51 1.91
N ASP A 283 -48.56 -18.17 3.15
CA ASP A 283 -49.38 -18.53 4.29
C ASP A 283 -50.46 -17.50 4.56
N GLY A 284 -50.06 -16.26 4.85
CA GLY A 284 -50.98 -15.21 5.22
C GLY A 284 -50.31 -13.85 5.11
N SER A 285 -51.03 -12.85 4.65
CA SER A 285 -50.41 -11.63 4.14
C SER A 285 -50.97 -10.38 4.82
N PRO A 286 -50.56 -10.11 6.05
CA PRO A 286 -50.71 -8.75 6.58
C PRO A 286 -49.68 -7.84 5.92
N GLN A 287 -50.17 -6.75 5.32
CA GLN A 287 -49.30 -5.89 4.53
C GLN A 287 -48.17 -5.31 5.37
N HIS A 288 -48.45 -5.00 6.63
CA HIS A 288 -47.40 -4.46 7.50
C HIS A 288 -46.26 -5.46 7.66
N ILE A 289 -46.57 -6.72 7.89
CA ILE A 289 -45.54 -7.75 8.02
C ILE A 289 -44.79 -7.92 6.72
N ILE A 290 -45.51 -7.92 5.60
CA ILE A 290 -44.86 -8.07 4.29
C ILE A 290 -43.89 -6.91 4.06
N ASN A 291 -44.33 -5.69 4.35
CA ASN A 291 -43.45 -4.54 4.17
C ASN A 291 -42.21 -4.66 5.04
N GLU A 292 -42.39 -5.06 6.30
CA GLU A 292 -41.25 -5.18 7.21
C GLU A 292 -40.25 -6.21 6.68
N VAL A 293 -40.73 -7.39 6.29
CA VAL A 293 -39.82 -8.46 5.90
C VAL A 293 -39.15 -8.13 4.56
N GLU A 294 -39.89 -7.58 3.61
CA GLU A 294 -39.28 -7.21 2.33
C GLU A 294 -38.27 -6.08 2.50
N GLN A 295 -38.53 -5.15 3.43
CA GLN A 295 -37.55 -4.10 3.69
C GLN A 295 -36.30 -4.68 4.34
N LEU A 296 -36.48 -5.69 5.19
CA LEU A 296 -35.31 -6.37 5.75
C LEU A 296 -34.49 -7.05 4.67
N LEU A 297 -35.15 -7.71 3.72
CA LEU A 297 -34.44 -8.35 2.63
C LEU A 297 -33.69 -7.33 1.78
N GLN A 298 -34.34 -6.21 1.47
CA GLN A 298 -33.68 -5.14 0.73
C GLN A 298 -32.45 -4.64 1.47
N PHE A 299 -32.58 -4.44 2.78
CA PHE A 299 -31.44 -3.98 3.57
C PHE A 299 -30.28 -4.97 3.52
N HIS A 300 -30.58 -6.27 3.68
CA HIS A 300 -29.51 -7.26 3.66
C HIS A 300 -28.81 -7.30 2.31
N VAL A 301 -29.59 -7.29 1.22
CA VAL A 301 -28.97 -7.33 -0.09
C VAL A 301 -28.13 -6.08 -0.33
N ALA A 302 -28.63 -4.92 0.07
CA ALA A 302 -27.88 -3.69 -0.13
C ALA A 302 -26.58 -3.68 0.66
N THR A 303 -26.63 -4.09 1.93
CA THR A 303 -25.43 -4.07 2.75
C THR A 303 -24.44 -5.17 2.37
N TYR A 304 -24.90 -6.21 1.67
CA TYR A 304 -23.98 -7.23 1.19
C TYR A 304 -23.00 -6.68 0.17
N MET A 305 -23.38 -5.61 -0.53
CA MET A 305 -22.53 -5.03 -1.56
C MET A 305 -21.99 -3.65 -1.20
N ASP A 306 -22.55 -2.99 -0.20
CA ASP A 306 -22.09 -1.66 0.18
C ASP A 306 -22.54 -1.41 1.61
N ASN A 307 -21.58 -1.33 2.54
CA ASN A 307 -21.88 -1.16 3.95
C ASN A 307 -21.53 0.22 4.47
N ASP A 308 -21.36 1.20 3.58
CA ASP A 308 -21.08 2.57 3.96
C ASP A 308 -22.13 3.51 3.38
N ILE A 309 -23.39 3.10 3.43
CA ILE A 309 -24.48 3.91 2.90
C ILE A 309 -24.79 5.01 3.89
N ALA A 310 -24.50 6.25 3.50
CA ALA A 310 -24.74 7.38 4.40
C ALA A 310 -26.24 7.57 4.64
N GLY A 311 -26.58 7.86 5.89
CA GLY A 311 -27.96 8.11 6.27
C GLY A 311 -28.67 6.96 6.94
N GLN A 312 -27.97 5.85 7.22
CA GLN A 312 -28.58 4.73 7.91
C GLN A 312 -27.50 3.94 8.62
N PRO A 313 -27.83 3.23 9.70
CA PRO A 313 -26.81 2.48 10.43
C PRO A 313 -26.26 1.32 9.61
N GLN A 314 -25.00 0.99 9.88
CA GLN A 314 -24.31 -0.08 9.17
C GLN A 314 -24.71 -1.44 9.73
N ALA A 315 -24.49 -2.47 8.91
CA ALA A 315 -24.67 -3.83 9.38
C ALA A 315 -23.46 -4.23 10.22
N LEU A 316 -23.72 -4.80 11.39
CA LEU A 316 -22.67 -5.12 12.35
C LEU A 316 -22.59 -6.63 12.53
N GLN A 317 -21.37 -7.10 12.82
CA GLN A 317 -21.17 -8.49 13.17
C GLN A 317 -21.53 -8.72 14.64
N LYS A 318 -21.50 -9.99 15.06
CA LYS A 318 -21.78 -10.31 16.45
C LYS A 318 -20.68 -9.76 17.36
N SER A 319 -19.49 -9.55 16.83
CA SER A 319 -18.40 -8.93 17.60
C SER A 319 -18.52 -7.42 17.67
N GLY A 320 -19.47 -6.82 16.95
CA GLY A 320 -19.64 -5.39 16.95
C GLY A 320 -18.95 -4.66 15.82
N ARG A 321 -18.04 -5.31 15.12
CA ARG A 321 -17.38 -4.68 13.98
C ARG A 321 -18.32 -4.62 12.79
N PRO A 322 -18.20 -3.59 11.96
CA PRO A 322 -19.03 -3.53 10.75
C PRO A 322 -18.66 -4.63 9.77
N VAL A 323 -19.64 -5.02 8.97
CA VAL A 323 -19.42 -6.06 7.96
C VAL A 323 -18.58 -5.51 6.82
N LYS A 324 -17.62 -6.31 6.38
CA LYS A 324 -16.74 -5.92 5.26
C LYS A 324 -17.46 -6.25 3.96
N ALA A 325 -18.18 -5.27 3.42
CA ALA A 325 -18.91 -5.46 2.18
C ALA A 325 -17.96 -5.60 1.01
N ILE A 326 -18.51 -5.99 -0.14
CA ILE A 326 -17.69 -6.18 -1.33
C ILE A 326 -17.08 -4.86 -1.79
N ARG A 327 -17.83 -3.76 -1.64
CA ARG A 327 -17.31 -2.47 -2.03
C ARG A 327 -16.08 -2.09 -1.22
N ALA A 328 -16.08 -2.40 0.07
CA ALA A 328 -14.91 -2.10 0.90
C ALA A 328 -13.70 -2.91 0.51
N ARG A 329 -13.89 -4.06 -0.15
CA ARG A 329 -12.78 -4.87 -0.60
C ARG A 329 -11.97 -4.18 -1.69
N LEU A 330 -12.59 -3.27 -2.45
CA LEU A 330 -11.97 -2.74 -3.66
C LEU A 330 -11.35 -1.36 -3.48
N LYS A 331 -11.61 -0.67 -2.37
CA LYS A 331 -11.21 0.72 -2.24
C LYS A 331 -10.13 0.87 -1.17
N GLY A 332 -9.33 1.92 -1.31
CA GLY A 332 -8.29 2.25 -0.35
C GLY A 332 -6.91 1.78 -0.79
N LYS A 333 -5.93 2.06 0.06
CA LYS A 333 -4.57 1.58 -0.20
C LYS A 333 -4.51 0.05 -0.15
N GLU A 334 -5.24 -0.55 0.77
CA GLU A 334 -5.24 -1.99 0.96
C GLU A 334 -6.30 -2.70 0.14
N GLY A 335 -7.02 -1.98 -0.71
CA GLY A 335 -8.03 -2.59 -1.54
C GLY A 335 -7.43 -3.44 -2.63
N ARG A 336 -8.31 -3.98 -3.47
CA ARG A 336 -7.85 -4.84 -4.56
C ARG A 336 -6.97 -4.08 -5.53
N LEU A 337 -7.44 -2.94 -6.03
CA LEU A 337 -6.75 -2.26 -7.11
C LEU A 337 -5.39 -1.72 -6.66
N ARG A 338 -5.37 -1.00 -5.53
CA ARG A 338 -4.12 -0.42 -5.07
C ARG A 338 -3.22 -1.44 -4.39
N GLY A 339 -3.80 -2.39 -3.67
CA GLY A 339 -3.00 -3.27 -2.83
C GLY A 339 -2.67 -4.63 -3.39
N ASN A 340 -3.29 -5.02 -4.51
CA ASN A 340 -3.01 -6.33 -5.08
C ASN A 340 -2.82 -6.34 -6.58
N LEU A 341 -3.14 -5.26 -7.28
CA LEU A 341 -3.03 -5.24 -8.74
C LEU A 341 -2.04 -4.20 -9.23
N MET A 342 -2.10 -2.97 -8.71
CA MET A 342 -1.13 -1.97 -9.10
C MET A 342 0.23 -2.24 -8.47
N GLY A 343 0.25 -2.75 -7.24
CA GLY A 343 1.48 -3.12 -6.59
C GLY A 343 1.27 -4.30 -5.65
N LYS A 344 2.12 -5.32 -5.76
CA LYS A 344 1.92 -6.56 -5.04
C LYS A 344 3.26 -7.06 -4.52
N ARG A 345 3.20 -7.92 -3.52
CA ARG A 345 4.40 -8.57 -3.01
C ARG A 345 4.94 -9.55 -4.04
N VAL A 346 6.26 -9.69 -4.09
CA VAL A 346 6.92 -10.45 -5.14
C VAL A 346 7.92 -11.42 -4.53
N ASP A 347 8.24 -12.45 -5.31
CA ASP A 347 9.26 -13.43 -4.94
C ASP A 347 10.62 -12.97 -5.44
N PHE A 348 11.65 -13.75 -5.12
CA PHE A 348 13.01 -13.52 -5.60
C PHE A 348 13.47 -12.09 -5.27
N SER A 349 13.52 -11.81 -3.98
CA SER A 349 13.88 -10.49 -3.49
C SER A 349 14.55 -10.63 -2.13
N ALA A 350 15.31 -9.61 -1.76
CA ALA A 350 16.03 -9.62 -0.50
C ALA A 350 16.06 -8.22 0.07
N ARG A 351 16.33 -8.12 1.37
CA ARG A 351 16.37 -6.84 2.06
C ARG A 351 17.30 -6.95 3.25
N THR A 352 18.21 -5.99 3.38
CA THR A 352 19.10 -5.94 4.54
C THR A 352 19.74 -4.57 4.61
N VAL A 353 20.47 -4.33 5.70
CA VAL A 353 21.12 -3.06 5.94
C VAL A 353 22.23 -2.84 4.93
N ILE A 354 22.48 -1.58 4.58
CA ILE A 354 23.51 -1.24 3.60
C ILE A 354 24.73 -0.69 4.33
N SER A 355 25.89 -0.86 3.69
CA SER A 355 27.15 -0.36 4.20
C SER A 355 27.99 0.15 3.04
N GLY A 356 29.04 0.88 3.37
CA GLY A 356 29.88 1.48 2.35
C GLY A 356 31.17 0.71 2.13
N ASP A 357 31.61 0.70 0.88
CA ASP A 357 32.84 0.00 0.49
C ASP A 357 33.59 0.88 -0.50
N PRO A 358 34.69 1.50 -0.07
CA PRO A 358 35.50 2.28 -1.03
C PRO A 358 36.11 1.44 -2.13
N ASN A 359 36.22 0.12 -1.94
CA ASN A 359 36.89 -0.78 -2.87
C ASN A 359 35.92 -1.52 -3.77
N LEU A 360 34.82 -0.88 -4.14
CA LEU A 360 33.87 -1.45 -5.09
C LEU A 360 33.74 -0.51 -6.27
N GLU A 361 33.59 -1.08 -7.45
CA GLU A 361 33.34 -0.26 -8.63
C GLU A 361 32.00 0.44 -8.49
N LEU A 362 31.73 1.39 -9.38
CA LEU A 362 30.52 2.19 -9.27
C LEU A 362 29.27 1.33 -9.40
N ASP A 363 29.27 0.40 -10.34
CA ASP A 363 28.09 -0.41 -10.63
C ASP A 363 28.17 -1.79 -10.00
N GLN A 364 28.75 -1.92 -8.82
CA GLN A 364 28.86 -3.18 -8.12
C GLN A 364 28.16 -3.08 -6.77
N VAL A 365 27.52 -4.16 -6.36
CA VAL A 365 26.89 -4.25 -5.05
C VAL A 365 27.42 -5.50 -4.36
N GLY A 366 27.72 -5.36 -3.07
CA GLY A 366 28.21 -6.49 -2.30
C GLY A 366 27.07 -7.27 -1.67
N VAL A 367 26.98 -8.56 -1.95
CA VAL A 367 25.85 -9.39 -1.54
C VAL A 367 26.36 -10.41 -0.54
N PRO A 368 25.70 -10.58 0.61
CA PRO A 368 26.12 -11.61 1.56
C PRO A 368 26.00 -13.00 0.96
N ILE A 369 26.73 -13.94 1.55
CA ILE A 369 26.74 -15.30 1.03
C ILE A 369 25.39 -15.98 1.25
N SER A 370 24.76 -15.73 2.40
CA SER A 370 23.49 -16.37 2.68
C SER A 370 22.40 -15.92 1.71
N ILE A 371 22.37 -14.63 1.40
CA ILE A 371 21.40 -14.13 0.42
C ILE A 371 21.68 -14.70 -0.96
N ALA A 372 22.96 -14.82 -1.32
CA ALA A 372 23.32 -15.41 -2.60
C ALA A 372 22.87 -16.86 -2.68
N LYS A 373 22.95 -17.59 -1.56
CA LYS A 373 22.50 -18.97 -1.56
C LYS A 373 20.98 -19.05 -1.63
N THR A 374 20.28 -18.15 -0.95
CA THR A 374 18.82 -18.21 -0.93
C THR A 374 18.23 -17.87 -2.29
N LEU A 375 18.67 -16.78 -2.90
CA LEU A 375 18.16 -16.41 -4.20
C LEU A 375 18.79 -17.25 -5.30
N SER A 376 18.15 -17.27 -6.46
CA SER A 376 18.57 -18.17 -7.52
C SER A 376 18.19 -17.59 -8.88
N TYR A 377 18.80 -18.14 -9.91
CA TYR A 377 18.52 -17.74 -11.28
C TYR A 377 18.46 -18.99 -12.16
N PRO A 378 17.33 -19.25 -12.83
CA PRO A 378 17.21 -20.47 -13.65
C PRO A 378 17.96 -20.34 -14.97
N GLU A 379 19.02 -21.12 -15.11
CA GLU A 379 19.88 -21.08 -16.28
C GLU A 379 19.58 -22.28 -17.17
N THR A 380 19.34 -22.03 -18.45
CA THR A 380 19.03 -23.10 -19.40
C THR A 380 20.28 -23.87 -19.75
N VAL A 381 20.19 -25.20 -19.73
CA VAL A 381 21.34 -26.04 -20.02
C VAL A 381 21.57 -26.05 -21.53
N THR A 382 22.75 -25.64 -21.95
CA THR A 382 23.16 -25.70 -23.35
C THR A 382 24.51 -26.38 -23.43
N GLN A 383 25.05 -26.46 -24.65
CA GLN A 383 26.33 -27.11 -24.84
C GLN A 383 27.51 -26.18 -24.60
N TYR A 384 27.25 -24.95 -24.17
CA TYR A 384 28.30 -24.05 -23.70
C TYR A 384 28.51 -24.11 -22.21
N ASN A 385 27.54 -24.64 -21.44
CA ASN A 385 27.65 -24.57 -19.98
C ASN A 385 27.24 -25.86 -19.29
N ILE A 386 27.14 -26.97 -20.01
CA ILE A 386 26.65 -28.20 -19.38
C ILE A 386 27.66 -28.72 -18.36
N HIS A 387 28.95 -28.56 -18.64
CA HIS A 387 29.98 -29.00 -17.70
C HIS A 387 29.91 -28.20 -16.40
N ARG A 388 29.86 -26.87 -16.53
CA ARG A 388 29.79 -26.01 -15.36
C ARG A 388 28.52 -26.25 -14.57
N LEU A 389 27.40 -26.45 -15.26
CA LEU A 389 26.14 -26.68 -14.57
C LEU A 389 26.13 -28.04 -13.87
N THR A 390 26.76 -29.06 -14.46
CA THR A 390 26.89 -30.32 -13.75
C THR A 390 27.73 -30.16 -12.50
N GLU A 391 28.81 -29.39 -12.58
CA GLU A 391 29.59 -29.11 -11.38
C GLU A 391 28.73 -28.44 -10.30
N TYR A 392 27.93 -27.46 -10.71
CA TYR A 392 27.05 -26.78 -9.75
C TYR A 392 26.06 -27.75 -9.13
N VAL A 393 25.51 -28.65 -9.94
CA VAL A 393 24.55 -29.62 -9.41
C VAL A 393 25.23 -30.55 -8.41
N ARG A 394 26.46 -30.97 -8.71
CA ARG A 394 27.19 -31.82 -7.77
C ARG A 394 27.44 -31.08 -6.46
N ASN A 395 27.79 -29.80 -6.53
CA ASN A 395 28.12 -29.06 -5.31
C ASN A 395 26.94 -28.99 -4.34
N GLY A 396 25.72 -29.02 -4.85
CA GLY A 396 24.55 -29.06 -4.00
C GLY A 396 24.13 -27.71 -3.49
N PRO A 397 23.02 -27.66 -2.75
CA PRO A 397 22.46 -26.37 -2.31
C PRO A 397 23.11 -25.76 -1.09
N ASN A 398 24.19 -26.33 -0.58
CA ASN A 398 24.85 -25.78 0.60
C ASN A 398 26.27 -25.31 0.34
N GLU A 399 26.81 -25.56 -0.84
CA GLU A 399 28.19 -25.21 -1.17
C GLU A 399 28.19 -24.22 -2.32
N HIS A 400 28.92 -23.14 -2.15
CA HIS A 400 28.97 -22.10 -3.17
C HIS A 400 30.20 -22.28 -4.04
N PRO A 401 30.06 -22.29 -5.38
CA PRO A 401 28.82 -22.16 -6.13
C PRO A 401 28.00 -23.44 -6.16
N GLY A 402 26.68 -23.31 -6.11
CA GLY A 402 25.81 -24.48 -6.07
C GLY A 402 24.53 -24.29 -6.83
N ALA A 403 23.57 -25.19 -6.61
CA ALA A 403 22.27 -25.10 -7.25
C ALA A 403 21.21 -25.57 -6.26
N LYS A 404 19.99 -25.10 -6.46
CA LYS A 404 18.87 -25.45 -5.59
C LYS A 404 17.90 -26.43 -6.23
N TYR A 405 17.59 -26.27 -7.52
CA TYR A 405 16.62 -27.11 -8.20
C TYR A 405 17.13 -27.43 -9.59
N VAL A 406 16.63 -28.54 -10.14
CA VAL A 406 16.78 -28.86 -11.55
C VAL A 406 15.38 -29.05 -12.11
N ILE A 407 15.07 -28.32 -13.18
CA ILE A 407 13.74 -28.29 -13.76
C ILE A 407 13.79 -28.99 -15.10
N ARG A 408 12.95 -30.00 -15.28
CA ARG A 408 12.92 -30.72 -16.54
C ARG A 408 12.11 -29.96 -17.58
N ASP A 409 12.09 -30.51 -18.80
CA ASP A 409 11.33 -29.88 -19.87
C ASP A 409 9.85 -29.85 -19.57
N ASN A 410 9.32 -30.93 -19.01
CA ASN A 410 7.89 -31.01 -18.72
C ASN A 410 7.47 -30.09 -17.59
N GLY A 411 8.41 -29.50 -16.85
CA GLY A 411 8.10 -28.58 -15.78
C GLY A 411 8.28 -29.12 -14.39
N ASP A 412 8.58 -30.41 -14.25
CA ASP A 412 8.79 -30.99 -12.92
C ASP A 412 10.08 -30.44 -12.30
N ARG A 413 10.02 -30.19 -10.99
CA ARG A 413 11.15 -29.66 -10.24
C ARG A 413 11.79 -30.76 -9.42
N ILE A 414 13.11 -30.86 -9.52
CA ILE A 414 13.89 -31.80 -8.73
C ILE A 414 14.60 -31.02 -7.64
N ASP A 415 14.21 -31.26 -6.39
CA ASP A 415 14.82 -30.58 -5.26
C ASP A 415 16.11 -31.29 -4.89
N LEU A 416 17.19 -30.52 -4.78
CA LEU A 416 18.50 -31.10 -4.50
C LEU A 416 18.78 -31.26 -3.02
N ARG A 417 17.93 -30.74 -2.15
CA ARG A 417 18.08 -31.00 -0.72
C ARG A 417 17.68 -32.43 -0.39
N TYR A 418 16.56 -32.89 -0.95
CA TYR A 418 15.96 -34.15 -0.60
C TYR A 418 16.27 -35.25 -1.60
N HIS A 419 17.27 -35.06 -2.45
CA HIS A 419 17.66 -36.06 -3.42
C HIS A 419 18.87 -36.82 -2.91
N LYS A 420 18.75 -38.14 -2.82
CA LYS A 420 19.84 -38.98 -2.34
C LYS A 420 20.82 -39.35 -3.44
N ARG A 421 20.49 -39.11 -4.70
CA ARG A 421 21.30 -39.49 -5.85
C ARG A 421 21.60 -38.29 -6.73
N ALA A 422 22.03 -37.19 -6.10
CA ALA A 422 22.33 -35.98 -6.84
C ALA A 422 23.44 -36.21 -7.85
N GLY A 423 24.45 -37.00 -7.47
CA GLY A 423 25.50 -37.36 -8.41
C GLY A 423 25.04 -38.23 -9.55
N ASP A 424 23.87 -38.86 -9.41
CA ASP A 424 23.30 -39.71 -10.45
C ASP A 424 22.30 -38.95 -11.32
N ILE A 425 22.48 -37.64 -11.49
CA ILE A 425 21.64 -36.82 -12.33
C ILE A 425 22.44 -36.36 -13.54
N VAL A 426 21.93 -36.65 -14.74
CA VAL A 426 22.52 -36.19 -15.98
C VAL A 426 21.62 -35.11 -16.55
N LEU A 427 22.22 -34.01 -16.99
CA LEU A 427 21.48 -32.87 -17.47
C LEU A 427 21.32 -32.94 -18.98
N GLN A 428 20.09 -32.80 -19.45
CA GLN A 428 19.80 -32.78 -20.88
C GLN A 428 19.62 -31.34 -21.34
N TYR A 429 19.94 -31.10 -22.61
CA TYR A 429 19.78 -29.77 -23.17
C TYR A 429 18.33 -29.32 -23.07
N GLY A 430 18.14 -28.07 -22.70
CA GLY A 430 16.81 -27.51 -22.53
C GLY A 430 16.30 -27.54 -21.10
N TRP A 431 16.93 -28.30 -20.22
CA TRP A 431 16.58 -28.25 -18.82
C TRP A 431 17.04 -26.93 -18.22
N LYS A 432 16.53 -26.63 -17.03
CA LYS A 432 16.92 -25.43 -16.29
C LYS A 432 17.51 -25.84 -14.95
N VAL A 433 18.58 -25.15 -14.56
CA VAL A 433 19.20 -25.34 -13.26
C VAL A 433 19.08 -24.03 -12.50
N GLU A 434 18.42 -24.06 -11.36
CA GLU A 434 18.24 -22.87 -10.54
C GLU A 434 19.50 -22.69 -9.69
N ARG A 435 20.55 -22.23 -10.34
CA ARG A 435 21.84 -22.10 -9.68
C ARG A 435 21.82 -20.92 -8.71
N HIS A 436 22.85 -20.87 -7.87
CA HIS A 436 22.99 -19.79 -6.91
C HIS A 436 23.33 -18.48 -7.61
N LEU A 437 23.11 -17.38 -6.90
CA LEU A 437 23.52 -16.07 -7.40
C LEU A 437 25.04 -16.00 -7.44
N MET A 438 25.58 -15.53 -8.56
CA MET A 438 27.02 -15.52 -8.77
C MET A 438 27.49 -14.11 -9.10
N ASP A 439 28.81 -13.97 -9.28
CA ASP A 439 29.39 -12.68 -9.57
C ASP A 439 28.99 -12.20 -10.95
N ASP A 440 28.85 -10.88 -11.08
CA ASP A 440 28.49 -10.17 -12.31
C ASP A 440 27.09 -10.49 -12.79
N ASP A 441 26.21 -10.98 -11.93
CA ASP A 441 24.81 -11.12 -12.26
C ASP A 441 24.12 -9.77 -12.09
N PRO A 442 23.44 -9.25 -13.10
CA PRO A 442 22.71 -7.99 -12.91
C PRO A 442 21.51 -8.18 -12.00
N VAL A 443 21.37 -7.28 -11.04
CA VAL A 443 20.26 -7.30 -10.11
C VAL A 443 19.74 -5.88 -9.95
N LEU A 444 18.43 -5.75 -9.81
CA LEU A 444 17.84 -4.45 -9.57
C LEU A 444 17.92 -4.10 -8.10
N PHE A 445 18.25 -2.85 -7.82
CA PHE A 445 18.53 -2.41 -6.46
C PHE A 445 17.72 -1.14 -6.21
N ASN A 446 17.10 -1.04 -5.05
CA ASN A 446 16.05 -0.05 -4.86
C ASN A 446 16.02 0.42 -3.41
N ARG A 447 15.66 1.69 -3.22
CA ARG A 447 15.46 2.26 -1.90
C ARG A 447 14.15 3.04 -1.87
N GLN A 448 13.41 2.91 -0.78
CA GLN A 448 12.16 3.63 -0.62
C GLN A 448 12.35 4.86 0.25
N PRO A 449 11.60 5.94 -0.01
CA PRO A 449 10.63 6.08 -1.11
C PRO A 449 11.29 6.32 -2.45
N SER A 450 10.74 5.74 -3.51
CA SER A 450 11.30 5.85 -4.85
C SER A 450 10.77 7.12 -5.51
N LEU A 451 11.47 8.23 -5.27
CA LEU A 451 10.99 9.53 -5.73
C LEU A 451 11.22 9.73 -7.23
N HIS A 452 12.33 9.22 -7.76
CA HIS A 452 12.64 9.38 -9.17
C HIS A 452 13.26 8.09 -9.69
N LYS A 453 13.49 8.06 -11.00
CA LYS A 453 13.89 6.83 -11.66
C LYS A 453 15.32 6.41 -11.36
N MET A 454 16.12 7.28 -10.75
CA MET A 454 17.45 6.90 -10.31
C MET A 454 17.44 6.19 -8.97
N SER A 455 16.27 6.01 -8.36
CA SER A 455 16.15 5.24 -7.14
C SER A 455 16.10 3.74 -7.40
N MET A 456 15.95 3.32 -8.65
CA MET A 456 16.06 1.92 -9.04
C MET A 456 17.12 1.82 -10.12
N MET A 457 18.24 1.17 -9.80
CA MET A 457 19.32 1.00 -10.76
C MET A 457 19.84 -0.42 -10.64
N ALA A 458 20.41 -0.93 -11.73
CA ALA A 458 20.88 -2.30 -11.79
C ALA A 458 22.38 -2.34 -11.56
N HIS A 459 22.80 -3.11 -10.56
CA HIS A 459 24.20 -3.29 -10.23
C HIS A 459 24.66 -4.69 -10.62
N ARG A 460 25.95 -4.92 -10.51
CA ARG A 460 26.55 -6.23 -10.74
C ARG A 460 26.89 -6.87 -9.40
N VAL A 461 26.53 -8.13 -9.24
CA VAL A 461 26.67 -8.81 -7.96
C VAL A 461 28.15 -9.12 -7.70
N LYS A 462 28.56 -8.94 -6.45
CA LYS A 462 29.82 -9.46 -5.95
C LYS A 462 29.56 -10.06 -4.59
N VAL A 463 29.81 -11.36 -4.46
CA VAL A 463 29.49 -12.07 -3.22
C VAL A 463 30.57 -11.81 -2.19
N MET A 464 30.16 -11.42 -0.99
CA MET A 464 31.07 -10.99 0.06
C MET A 464 30.61 -11.57 1.39
N PRO A 465 31.50 -11.69 2.36
CA PRO A 465 31.09 -12.13 3.70
C PRO A 465 30.31 -11.07 4.45
N TYR A 466 29.81 -11.43 5.64
CA TYR A 466 29.02 -10.56 6.52
C TYR A 466 27.70 -10.20 5.87
N SER A 467 26.81 -9.53 6.62
CA SER A 467 25.39 -9.58 6.34
C SER A 467 24.81 -8.26 5.84
N THR A 468 25.61 -7.40 5.24
CA THR A 468 25.12 -6.11 4.77
C THR A 468 25.36 -5.95 3.28
N PHE A 469 24.45 -5.27 2.62
CA PHE A 469 24.68 -4.82 1.25
C PHE A 469 25.75 -3.73 1.25
N ARG A 470 26.59 -3.73 0.22
CA ARG A 470 27.70 -2.79 0.15
C ARG A 470 27.66 -2.02 -1.15
N LEU A 471 27.82 -0.71 -1.04
CA LEU A 471 27.68 0.21 -2.16
C LEU A 471 28.93 1.07 -2.27
N ASN A 472 29.32 1.39 -3.49
CA ASN A 472 30.27 2.47 -3.68
C ASN A 472 29.60 3.77 -3.23
N LEU A 473 30.37 4.65 -2.60
CA LEU A 473 29.74 5.78 -1.93
C LEU A 473 29.25 6.85 -2.89
N SER A 474 29.63 6.77 -4.16
CA SER A 474 29.14 7.76 -5.11
C SER A 474 27.66 7.57 -5.43
N VAL A 475 27.12 6.38 -5.23
CA VAL A 475 25.75 6.10 -5.59
C VAL A 475 24.83 6.37 -4.41
N THR A 476 25.37 6.85 -3.30
CA THR A 476 24.52 7.16 -2.16
C THR A 476 23.74 8.45 -2.37
N SER A 477 24.10 9.24 -3.37
CA SER A 477 23.39 10.48 -3.66
C SER A 477 22.07 10.22 -4.40
N PRO A 478 22.07 9.50 -5.53
CA PRO A 478 20.79 9.23 -6.19
C PRO A 478 19.82 8.44 -5.33
N TYR A 479 20.31 7.53 -4.50
CA TYR A 479 19.45 6.76 -3.61
C TYR A 479 19.03 7.55 -2.38
N ASN A 480 19.65 8.68 -2.11
CA ASN A 480 19.41 9.45 -0.89
C ASN A 480 19.62 8.59 0.34
N ALA A 481 20.69 7.81 0.33
CA ALA A 481 20.97 6.82 1.36
C ALA A 481 22.25 7.16 2.10
N ASP A 482 22.27 6.83 3.39
CA ASP A 482 23.48 6.83 4.18
C ASP A 482 23.46 5.58 5.04
N PHE A 483 24.57 5.35 5.75
CA PHE A 483 24.81 4.09 6.42
C PHE A 483 24.55 4.15 7.93
N ASP A 484 23.53 4.89 8.34
CA ASP A 484 23.15 4.97 9.74
C ASP A 484 22.02 4.02 10.09
N GLY A 485 21.72 3.05 9.23
CA GLY A 485 20.63 2.11 9.47
C GLY A 485 19.70 1.93 8.30
N ASP A 486 19.95 2.54 7.15
CA ASP A 486 19.05 2.40 6.02
C ASP A 486 19.07 0.99 5.49
N GLU A 487 17.97 0.59 4.86
CA GLU A 487 17.85 -0.71 4.23
C GLU A 487 17.42 -0.51 2.78
N MET A 488 17.85 -1.43 1.92
CA MET A 488 17.54 -1.35 0.51
C MET A 488 17.12 -2.71 -0.01
N ASN A 489 16.37 -2.68 -1.11
CA ASN A 489 15.72 -3.87 -1.65
C ASN A 489 16.50 -4.34 -2.87
N LEU A 490 16.61 -5.66 -3.03
CA LEU A 490 17.25 -6.25 -4.19
C LEU A 490 16.30 -7.20 -4.88
N HIS A 491 16.16 -7.07 -6.20
CA HIS A 491 15.29 -7.91 -7.00
C HIS A 491 16.09 -8.61 -8.09
N VAL A 492 15.89 -9.90 -8.22
CA VAL A 492 16.67 -10.75 -9.12
C VAL A 492 15.86 -10.99 -10.38
N PRO A 493 16.37 -10.65 -11.56
CA PRO A 493 15.70 -11.05 -12.80
C PRO A 493 15.75 -12.56 -12.99
N GLN A 494 14.73 -13.10 -13.64
CA GLN A 494 14.58 -14.54 -13.77
C GLN A 494 14.55 -15.00 -15.23
N SER A 495 15.07 -14.22 -16.15
CA SER A 495 15.02 -14.59 -17.56
C SER A 495 16.15 -13.91 -18.31
N GLU A 496 16.45 -14.44 -19.50
CA GLU A 496 17.46 -13.83 -20.35
C GLU A 496 17.01 -12.47 -20.85
N GLU A 497 15.74 -12.36 -21.24
CA GLU A 497 15.21 -11.09 -21.71
C GLU A 497 15.27 -10.03 -20.63
N THR A 498 14.87 -10.39 -19.42
CA THR A 498 14.86 -9.43 -18.32
C THR A 498 16.28 -9.05 -17.91
N ARG A 499 17.20 -10.01 -17.92
CA ARG A 499 18.60 -9.71 -17.64
C ARG A 499 19.16 -8.73 -18.66
N ALA A 500 18.85 -8.94 -19.93
CA ALA A 500 19.32 -8.02 -20.96
C ALA A 500 18.73 -6.63 -20.76
N GLU A 501 17.44 -6.56 -20.41
CA GLU A 501 16.83 -5.26 -20.18
C GLU A 501 17.51 -4.53 -19.02
N LEU A 502 17.78 -5.24 -17.93
CA LEU A 502 18.45 -4.61 -16.80
C LEU A 502 19.85 -4.15 -17.15
N SER A 503 20.61 -4.97 -17.86
CA SER A 503 21.98 -4.59 -18.15
C SER A 503 22.08 -3.52 -19.23
N GLN A 504 21.06 -3.36 -20.07
CA GLN A 504 21.13 -2.39 -21.16
C GLN A 504 20.33 -1.13 -20.92
N LEU A 505 19.46 -1.08 -19.92
CA LEU A 505 18.64 0.10 -19.70
C LEU A 505 18.83 0.74 -18.34
N CYS A 506 18.81 -0.04 -17.28
CA CYS A 506 18.82 0.50 -15.92
C CYS A 506 20.21 0.49 -15.29
N ALA A 507 21.25 0.13 -16.04
CA ALA A 507 22.57 -0.01 -15.46
C ALA A 507 23.05 1.31 -14.89
N VAL A 508 23.82 1.23 -13.80
CA VAL A 508 24.25 2.44 -13.10
C VAL A 508 25.04 3.39 -14.00
N PRO A 509 26.00 2.94 -14.80
CA PRO A 509 26.73 3.90 -15.65
C PRO A 509 25.85 4.69 -16.59
N LEU A 510 24.73 4.13 -17.04
CA LEU A 510 23.85 4.84 -17.94
C LEU A 510 23.03 5.91 -17.25
N GLN A 511 23.00 5.94 -15.92
CA GLN A 511 22.15 6.84 -15.16
C GLN A 511 22.92 7.99 -14.55
N ILE A 512 24.15 8.23 -14.98
CA ILE A 512 24.98 9.25 -14.33
C ILE A 512 24.41 10.63 -14.59
N VAL A 513 23.94 10.90 -15.80
CA VAL A 513 23.35 12.18 -16.14
C VAL A 513 21.83 12.05 -16.13
N SER A 514 21.17 12.96 -15.44
CA SER A 514 19.73 12.92 -15.24
C SER A 514 19.02 13.83 -16.23
N PRO A 515 17.81 13.45 -16.67
CA PRO A 515 17.05 14.34 -17.55
C PRO A 515 16.36 15.48 -16.84
N GLN A 516 16.34 15.49 -15.51
CA GLN A 516 15.63 16.54 -14.79
C GLN A 516 16.32 17.88 -14.95
N SER A 517 17.64 17.92 -14.82
CA SER A 517 18.37 19.18 -14.92
C SER A 517 19.60 19.07 -15.80
N ASN A 518 19.67 18.06 -16.68
CA ASN A 518 20.80 17.77 -17.56
C ASN A 518 22.13 18.01 -16.88
N LYS A 519 22.30 17.48 -15.68
CA LYS A 519 23.55 17.52 -14.94
C LYS A 519 23.73 16.18 -14.23
N PRO A 520 24.96 15.81 -13.91
CA PRO A 520 25.19 14.52 -13.24
C PRO A 520 24.52 14.46 -11.89
N VAL A 521 24.10 13.25 -11.51
CA VAL A 521 23.52 13.01 -10.19
C VAL A 521 24.51 12.36 -9.23
N MET A 522 25.65 11.90 -9.72
CA MET A 522 26.68 11.30 -8.88
C MET A 522 27.96 12.09 -9.02
N GLY A 523 28.62 12.35 -7.90
CA GLY A 523 29.90 13.03 -7.90
C GLY A 523 30.73 12.53 -6.75
N ILE A 524 31.97 13.04 -6.68
CA ILE A 524 32.83 12.73 -5.56
C ILE A 524 32.27 13.38 -4.30
N VAL A 525 32.17 12.61 -3.21
CA VAL A 525 31.49 13.05 -2.01
C VAL A 525 32.32 12.73 -0.78
N GLN A 526 32.09 13.51 0.27
CA GLN A 526 32.57 13.23 1.63
C GLN A 526 34.09 13.28 1.65
N ASP A 527 34.75 12.33 2.31
CA ASP A 527 36.18 12.48 2.57
C ASP A 527 36.99 12.32 1.30
N THR A 528 36.45 11.69 0.26
CA THR A 528 37.13 11.70 -1.02
C THR A 528 37.19 13.11 -1.59
N LEU A 529 36.10 13.87 -1.45
CA LEU A 529 36.12 15.27 -1.88
C LEU A 529 37.09 16.08 -1.03
N CYS A 530 37.05 15.90 0.29
CA CYS A 530 37.98 16.63 1.15
C CYS A 530 39.43 16.29 0.82
N GLY A 531 39.71 15.02 0.57
CA GLY A 531 41.06 14.60 0.29
C GLY A 531 41.54 14.96 -1.10
N VAL A 532 40.62 15.13 -2.05
CA VAL A 532 41.07 15.59 -3.36
C VAL A 532 41.29 17.09 -3.33
N ARG A 533 40.63 17.80 -2.42
CA ARG A 533 40.99 19.21 -2.24
C ARG A 533 42.33 19.34 -1.53
N LYS A 534 42.56 18.55 -0.48
CA LYS A 534 43.82 18.65 0.24
C LYS A 534 44.99 18.15 -0.60
N MET A 535 44.75 17.11 -1.41
CA MET A 535 45.82 16.48 -2.15
C MET A 535 46.28 17.33 -3.33
N THR A 536 45.39 18.16 -3.86
CA THR A 536 45.70 18.98 -5.02
C THR A 536 46.06 20.42 -4.66
N LEU A 537 46.37 20.69 -3.40
CA LEU A 537 46.88 22.00 -3.05
C LEU A 537 48.23 22.22 -3.72
N ARG A 538 48.63 23.49 -3.80
CA ARG A 538 49.85 23.80 -4.53
C ARG A 538 51.10 23.29 -3.81
N ASP A 539 51.04 23.14 -2.49
CA ASP A 539 52.19 22.76 -1.69
C ASP A 539 52.09 21.34 -1.16
N THR A 540 51.60 20.42 -1.99
CA THR A 540 51.56 19.00 -1.64
C THR A 540 52.52 18.26 -2.56
N PHE A 541 53.59 17.72 -1.98
CA PHE A 541 54.62 17.01 -2.73
C PHE A 541 54.72 15.58 -2.21
N ILE A 542 54.96 14.64 -3.12
CA ILE A 542 54.91 13.23 -2.81
C ILE A 542 56.23 12.59 -3.22
N GLU A 543 56.77 11.75 -2.34
CA GLU A 543 58.04 11.08 -2.58
C GLU A 543 57.87 9.94 -3.57
N TYR A 544 59.00 9.40 -4.03
CA TYR A 544 58.97 8.37 -5.06
C TYR A 544 58.29 7.10 -4.56
N GLU A 545 58.60 6.67 -3.35
CA GLU A 545 58.08 5.39 -2.87
C GLU A 545 56.58 5.45 -2.66
N GLN A 546 56.05 6.60 -2.25
CA GLN A 546 54.61 6.73 -2.14
C GLN A 546 53.96 6.89 -3.50
N VAL A 547 54.64 7.54 -4.44
CA VAL A 547 54.10 7.68 -5.79
C VAL A 547 53.95 6.31 -6.44
N MET A 548 54.91 5.41 -6.23
CA MET A 548 54.80 4.08 -6.83
C MET A 548 53.56 3.35 -6.32
N ASN A 549 53.33 3.40 -5.01
CA ASN A 549 52.14 2.77 -4.45
C ASN A 549 50.87 3.42 -4.97
N MET A 550 50.86 4.75 -5.08
CA MET A 550 49.66 5.44 -5.54
C MET A 550 49.38 5.13 -7.01
N LEU A 551 50.43 4.95 -7.81
CA LEU A 551 50.23 4.63 -9.21
C LEU A 551 49.76 3.20 -9.39
N PHE A 552 50.28 2.27 -8.60
CA PHE A 552 49.82 0.89 -8.71
C PHE A 552 48.35 0.74 -8.34
N TRP A 553 47.81 1.65 -7.53
CA TRP A 553 46.42 1.54 -7.10
C TRP A 553 45.44 1.87 -8.22
N VAL A 554 45.87 2.61 -9.23
CA VAL A 554 44.98 2.98 -10.33
C VAL A 554 44.78 1.77 -11.23
N PRO A 555 43.55 1.26 -11.36
CA PRO A 555 43.35 0.08 -12.22
C PRO A 555 43.67 0.32 -13.67
N SER A 556 43.47 1.55 -14.16
CA SER A 556 43.62 1.87 -15.57
C SER A 556 45.00 2.40 -15.92
N TRP A 557 45.92 2.43 -14.96
CA TRP A 557 47.25 2.95 -15.21
C TRP A 557 47.97 2.10 -16.25
N ASP A 558 48.74 2.74 -17.12
CA ASP A 558 49.35 2.07 -18.25
C ASP A 558 50.77 1.60 -17.99
N GLY A 559 51.28 1.73 -16.77
CA GLY A 559 52.59 1.22 -16.46
C GLY A 559 53.74 2.16 -16.74
N VAL A 560 53.46 3.43 -17.00
CA VAL A 560 54.50 4.43 -17.24
C VAL A 560 54.40 5.49 -16.15
N VAL A 561 55.49 5.68 -15.42
CA VAL A 561 55.49 6.67 -14.34
C VAL A 561 55.79 8.05 -14.92
N PRO A 562 55.01 9.07 -14.59
CA PRO A 562 55.29 10.41 -15.10
C PRO A 562 56.57 10.96 -14.52
N GLN A 563 57.20 11.85 -15.26
CA GLN A 563 58.38 12.53 -14.75
C GLN A 563 57.99 13.44 -13.59
N PRO A 564 58.80 13.50 -12.54
CA PRO A 564 58.45 14.35 -11.40
C PRO A 564 58.48 15.82 -11.77
N ALA A 565 57.68 16.60 -11.05
CA ALA A 565 57.71 18.05 -11.24
C ALA A 565 59.06 18.62 -10.88
N ILE A 566 59.68 18.10 -9.82
CA ILE A 566 60.99 18.55 -9.36
C ILE A 566 61.96 17.39 -9.51
N LEU A 567 62.96 17.56 -10.36
CA LEU A 567 63.94 16.51 -10.63
C LEU A 567 65.15 16.58 -9.72
N LYS A 568 65.57 17.78 -9.33
CA LYS A 568 66.72 18.00 -8.49
C LYS A 568 66.37 19.04 -7.44
N PRO A 569 66.93 18.94 -6.23
CA PRO A 569 67.86 17.95 -5.69
C PRO A 569 67.22 16.61 -5.36
N LYS A 570 65.91 16.59 -5.17
CA LYS A 570 65.18 15.40 -4.78
C LYS A 570 63.98 15.23 -5.70
N PRO A 571 63.76 14.05 -6.25
CA PRO A 571 62.58 13.84 -7.10
C PRO A 571 61.30 13.94 -6.30
N LEU A 572 60.42 14.86 -6.70
CA LEU A 572 59.15 15.06 -6.03
C LEU A 572 58.05 15.22 -7.06
N TRP A 573 56.91 14.60 -6.78
CA TRP A 573 55.70 14.74 -7.58
C TRP A 573 54.70 15.58 -6.81
N THR A 574 53.86 16.30 -7.53
CA THR A 574 52.78 17.06 -6.92
C THR A 574 51.49 16.27 -6.98
N GLY A 575 50.54 16.62 -6.12
CA GLY A 575 49.27 15.89 -6.09
C GLY A 575 48.50 16.03 -7.38
N LYS A 576 48.67 17.14 -8.08
CA LYS A 576 47.98 17.33 -9.35
C LYS A 576 48.42 16.29 -10.37
N GLN A 577 49.70 15.90 -10.36
CA GLN A 577 50.16 14.87 -11.27
C GLN A 577 49.48 13.53 -10.99
N LEU A 578 49.41 13.16 -9.72
CA LEU A 578 48.79 11.87 -9.38
C LEU A 578 47.30 11.88 -9.67
N LEU A 579 46.66 13.05 -9.53
CA LEU A 579 45.26 13.12 -9.93
C LEU A 579 45.11 13.05 -11.44
N SER A 580 45.99 13.72 -12.19
CA SER A 580 45.91 13.67 -13.65
C SER A 580 46.16 12.27 -14.17
N ILE A 581 46.85 11.44 -13.38
CA ILE A 581 47.02 10.04 -13.76
C ILE A 581 45.67 9.35 -13.87
N ALA A 582 44.72 9.71 -12.99
CA ALA A 582 43.43 9.06 -12.97
C ALA A 582 42.46 9.57 -14.03
N ILE A 583 42.74 10.72 -14.63
CA ILE A 583 41.84 11.32 -15.63
C ILE A 583 42.16 10.77 -17.02
N PRO A 584 41.17 10.31 -17.77
CA PRO A 584 41.45 9.80 -19.12
C PRO A 584 41.99 10.89 -20.03
N SER A 585 42.84 10.49 -20.97
CA SER A 585 43.46 11.44 -21.87
C SER A 585 42.44 11.95 -22.89
N GLY A 586 42.66 13.17 -23.36
CA GLY A 586 41.75 13.80 -24.29
C GLY A 586 40.62 14.57 -23.64
N ILE A 587 40.75 14.93 -22.38
CA ILE A 587 39.73 15.71 -21.67
C ILE A 587 40.24 17.14 -21.54
N HIS A 588 39.44 18.09 -21.99
CA HIS A 588 39.75 19.51 -21.87
C HIS A 588 38.69 20.18 -21.02
N LEU A 589 39.13 20.95 -20.02
CA LEU A 589 38.21 21.63 -19.14
C LEU A 589 38.83 22.95 -18.71
N GLN A 590 38.06 24.02 -18.84
CA GLN A 590 38.51 25.36 -18.50
C GLN A 590 37.42 26.04 -17.69
N ARG A 591 37.81 26.67 -16.59
CA ARG A 591 36.85 27.39 -15.77
C ARG A 591 37.53 28.60 -15.15
N THR A 592 36.81 29.71 -15.10
CA THR A 592 37.29 30.95 -14.53
C THR A 592 36.52 31.23 -13.24
N ASP A 593 37.26 31.37 -12.14
CA ASP A 593 36.66 31.61 -10.84
C ASP A 593 37.05 33.00 -10.37
N GLY A 594 36.07 33.90 -10.29
CA GLY A 594 36.34 35.26 -9.84
C GLY A 594 37.26 36.03 -10.75
N GLY A 595 37.19 35.79 -12.05
CA GLY A 595 38.01 36.54 -13.00
C GLY A 595 39.50 36.39 -12.79
N ASN A 596 39.94 35.20 -12.41
CA ASN A 596 41.36 34.97 -12.19
C ASN A 596 42.12 35.01 -13.52
N SER A 597 43.40 35.37 -13.44
CA SER A 597 44.25 35.37 -14.62
C SER A 597 44.76 33.95 -14.88
N LEU A 598 45.46 33.80 -16.01
CA LEU A 598 46.07 32.52 -16.33
C LEU A 598 47.21 32.16 -15.40
N LEU A 599 47.68 33.09 -14.59
CA LEU A 599 48.76 32.80 -13.65
C LEU A 599 48.23 32.34 -12.30
N SER A 600 46.93 32.47 -12.06
CA SER A 600 46.23 31.92 -10.90
C SER A 600 46.98 32.12 -9.60
N PRO A 601 47.10 33.35 -9.11
CA PRO A 601 47.80 33.55 -7.83
C PRO A 601 47.16 32.83 -6.66
N LYS A 602 45.84 32.73 -6.63
CA LYS A 602 45.14 32.08 -5.52
C LYS A 602 44.88 30.60 -5.77
N ASP A 603 45.37 30.05 -6.88
CA ASP A 603 45.15 28.66 -7.25
C ASP A 603 43.66 28.33 -7.34
N ASN A 604 42.89 29.26 -7.89
CA ASN A 604 41.49 29.02 -8.18
C ASN A 604 41.29 28.88 -9.69
N GLY A 605 40.05 28.71 -10.11
CA GLY A 605 39.84 28.42 -11.50
C GLY A 605 40.22 26.98 -11.80
N MET A 606 40.29 26.67 -13.09
CA MET A 606 40.62 25.31 -13.50
C MET A 606 41.11 25.34 -14.93
N LEU A 607 42.05 24.45 -15.23
CA LEU A 607 42.52 24.25 -16.60
C LEU A 607 43.07 22.84 -16.72
N ILE A 608 42.37 21.99 -17.45
CA ILE A 608 42.79 20.62 -17.70
C ILE A 608 43.03 20.50 -19.19
N VAL A 609 44.27 20.18 -19.57
CA VAL A 609 44.67 20.09 -20.97
C VAL A 609 45.10 18.65 -21.23
N ASP A 610 44.37 17.98 -22.13
CA ASP A 610 44.66 16.60 -22.50
C ASP A 610 44.70 15.70 -21.28
N GLY A 611 43.78 15.91 -20.36
CA GLY A 611 43.71 15.07 -19.18
C GLY A 611 44.75 15.34 -18.13
N LYS A 612 45.47 16.45 -18.24
CA LYS A 612 46.50 16.83 -17.27
C LYS A 612 46.14 18.17 -16.65
N VAL A 613 46.13 18.22 -15.32
CA VAL A 613 45.75 19.42 -14.61
C VAL A 613 46.90 20.40 -14.63
N MET A 614 46.64 21.62 -15.12
CA MET A 614 47.67 22.65 -15.17
C MET A 614 47.66 23.52 -13.93
N PHE A 615 46.48 23.97 -13.49
CA PHE A 615 46.38 24.72 -12.25
C PHE A 615 44.95 24.61 -11.75
N GLY A 616 44.76 24.99 -10.49
CA GLY A 616 43.42 24.97 -9.91
C GLY A 616 43.25 23.84 -8.92
N VAL A 617 42.72 24.18 -7.76
CA VAL A 617 42.42 23.17 -6.74
C VAL A 617 41.15 22.44 -7.13
N VAL A 618 41.19 21.11 -7.08
CA VAL A 618 40.04 20.30 -7.43
C VAL A 618 39.12 20.17 -6.22
N ASP A 619 37.86 20.59 -6.38
CA ASP A 619 36.92 20.59 -5.27
C ASP A 619 35.53 20.35 -5.83
N LYS A 620 34.52 20.72 -5.06
CA LYS A 620 33.13 20.49 -5.46
C LYS A 620 32.80 21.10 -6.82
N LYS A 621 33.40 22.24 -7.14
CA LYS A 621 33.09 22.89 -8.41
C LYS A 621 33.62 22.14 -9.61
N THR A 622 34.49 21.14 -9.42
CA THR A 622 35.08 20.39 -10.50
C THR A 622 34.61 18.94 -10.54
N VAL A 623 34.72 18.22 -9.43
CA VAL A 623 34.34 16.80 -9.38
C VAL A 623 33.02 16.59 -8.64
N GLY A 624 32.26 17.66 -8.41
CA GLY A 624 30.95 17.54 -7.81
C GLY A 624 29.91 17.10 -8.82
N SER A 625 28.66 17.15 -8.40
CA SER A 625 27.55 16.75 -9.24
C SER A 625 27.01 17.88 -10.10
N GLY A 626 27.61 19.06 -10.04
CA GLY A 626 27.13 20.16 -10.85
C GLY A 626 27.41 19.96 -12.33
N GLY A 627 26.70 20.74 -13.14
CA GLY A 627 26.85 20.62 -14.57
C GLY A 627 28.10 21.29 -15.08
N GLY A 628 28.62 20.78 -16.19
CA GLY A 628 29.81 21.34 -16.79
C GLY A 628 31.10 21.00 -16.09
N GLY A 629 31.08 20.05 -15.16
CA GLY A 629 32.28 19.66 -14.43
C GLY A 629 33.06 18.59 -15.16
N LEU A 630 33.97 17.96 -14.42
CA LEU A 630 34.78 16.90 -15.01
C LEU A 630 33.95 15.69 -15.35
N ILE A 631 33.02 15.31 -14.46
CA ILE A 631 32.23 14.11 -14.68
C ILE A 631 31.33 14.27 -15.90
N HIS A 632 30.68 15.42 -16.02
CA HIS A 632 29.82 15.68 -17.17
C HIS A 632 30.63 15.67 -18.46
N THR A 633 31.80 16.30 -18.45
CA THR A 633 32.66 16.31 -19.63
C THR A 633 33.07 14.90 -20.03
N VAL A 634 33.47 14.08 -19.06
CA VAL A 634 33.91 12.73 -19.36
C VAL A 634 32.75 11.90 -19.90
N MET A 635 31.56 12.05 -19.31
CA MET A 635 30.40 11.30 -19.79
C MET A 635 30.04 11.69 -21.22
N ARG A 636 30.04 12.98 -21.52
CA ARG A 636 29.75 13.40 -22.89
C ARG A 636 30.82 12.96 -23.86
N GLU A 637 32.08 12.95 -23.44
CA GLU A 637 33.19 12.70 -24.35
C GLU A 637 33.48 11.21 -24.52
N LYS A 638 33.64 10.47 -23.42
CA LYS A 638 34.15 9.12 -23.49
C LYS A 638 33.07 8.06 -23.35
N GLY A 639 31.93 8.36 -22.72
CA GLY A 639 30.88 7.40 -22.58
C GLY A 639 30.69 6.94 -21.16
N PRO A 640 29.58 6.22 -20.90
CA PRO A 640 29.27 5.81 -19.53
C PRO A 640 30.30 4.88 -18.89
N LYS A 641 30.94 4.01 -19.67
CA LYS A 641 31.89 3.07 -19.09
C LYS A 641 33.12 3.79 -18.54
N ILE A 642 33.71 4.66 -19.34
CA ILE A 642 34.89 5.39 -18.88
C ILE A 642 34.53 6.33 -17.73
N CYS A 643 33.35 6.93 -17.79
CA CYS A 643 32.91 7.79 -16.69
C CYS A 643 32.75 7.00 -15.40
N ALA A 644 32.23 5.78 -15.50
CA ALA A 644 32.12 4.95 -14.31
C ALA A 644 33.49 4.55 -13.76
N GLU A 645 34.44 4.27 -14.66
CA GLU A 645 35.79 3.95 -14.20
C GLU A 645 36.48 5.14 -13.56
N LEU A 646 36.11 6.36 -13.96
CA LEU A 646 36.71 7.56 -13.41
C LEU A 646 36.45 7.66 -11.91
N PHE A 647 35.24 7.34 -11.48
CA PHE A 647 34.92 7.37 -10.05
C PHE A 647 35.86 6.46 -9.28
N GLY A 648 36.02 5.23 -9.75
CA GLY A 648 36.89 4.29 -9.05
C GLY A 648 38.33 4.75 -9.00
N ASN A 649 38.86 5.23 -10.13
CA ASN A 649 40.24 5.69 -10.13
C ASN A 649 40.46 6.82 -9.14
N ILE A 650 39.63 7.85 -9.21
CA ILE A 650 39.80 9.00 -8.32
C ILE A 650 39.66 8.57 -6.87
N GLN A 651 38.64 7.77 -6.57
CA GLN A 651 38.41 7.37 -5.20
C GLN A 651 39.58 6.56 -4.65
N LYS A 652 40.12 5.64 -5.45
CA LYS A 652 41.21 4.81 -4.95
C LYS A 652 42.45 5.64 -4.67
N VAL A 653 42.84 6.51 -5.60
CA VAL A 653 44.04 7.32 -5.39
C VAL A 653 43.87 8.22 -4.17
N VAL A 654 42.75 8.95 -4.11
CA VAL A 654 42.57 9.92 -3.05
C VAL A 654 42.44 9.22 -1.70
N ASN A 655 41.79 8.05 -1.68
CA ASN A 655 41.63 7.35 -0.42
C ASN A 655 42.95 6.82 0.10
N TYR A 656 43.82 6.32 -0.79
CA TYR A 656 45.14 5.90 -0.32
C TYR A 656 45.93 7.10 0.23
N TRP A 657 45.94 8.21 -0.50
CA TRP A 657 46.68 9.37 -0.03
C TRP A 657 46.15 9.85 1.32
N LEU A 658 44.83 9.92 1.47
CA LEU A 658 44.25 10.42 2.71
C LEU A 658 44.44 9.44 3.85
N LEU A 659 44.45 8.14 3.57
CA LEU A 659 44.77 7.17 4.60
C LEU A 659 46.17 7.39 5.13
N HIS A 660 47.12 7.63 4.24
CA HIS A 660 48.49 7.79 4.70
C HIS A 660 48.85 9.22 5.09
N ASN A 661 47.91 10.16 4.96
CA ASN A 661 48.10 11.52 5.43
C ASN A 661 47.32 11.84 6.69
N GLY A 662 46.04 11.51 6.71
CA GLY A 662 45.22 11.74 7.90
C GLY A 662 44.40 13.01 7.82
N PHE A 663 43.31 13.03 8.59
CA PHE A 663 42.44 14.19 8.68
C PHE A 663 41.53 14.01 9.88
N SER A 664 41.36 15.08 10.66
CA SER A 664 40.57 14.99 11.88
C SER A 664 39.89 16.33 12.14
N ILE A 665 39.14 16.39 13.25
CA ILE A 665 38.48 17.60 13.70
C ILE A 665 38.35 17.54 15.21
N GLY A 666 38.51 18.68 15.87
CA GLY A 666 38.52 18.73 17.31
C GLY A 666 37.78 19.94 17.84
N ILE A 667 37.74 20.03 19.17
CA ILE A 667 37.08 21.16 19.80
C ILE A 667 37.85 22.45 19.54
N GLY A 668 39.15 22.35 19.31
CA GLY A 668 39.95 23.52 19.04
C GLY A 668 39.64 24.19 17.72
N ASP A 669 38.91 23.51 16.83
CA ASP A 669 38.57 24.07 15.54
C ASP A 669 37.33 24.95 15.57
N ALA A 670 36.58 24.94 16.67
CA ALA A 670 35.40 25.79 16.81
C ALA A 670 35.67 27.01 17.67
N ILE A 671 36.93 27.32 17.93
CA ILE A 671 37.31 28.39 18.86
C ILE A 671 37.99 29.49 18.07
N ALA A 672 37.59 30.73 18.34
CA ALA A 672 38.21 31.90 17.76
C ALA A 672 38.95 32.67 18.83
N ASP A 673 40.05 33.32 18.43
CA ASP A 673 40.90 34.01 19.38
C ASP A 673 40.17 35.22 19.98
N ALA A 674 40.79 35.80 21.01
CA ALA A 674 40.17 36.92 21.72
C ALA A 674 40.00 38.13 20.82
N SER A 675 40.93 38.33 19.88
CA SER A 675 40.83 39.47 18.98
C SER A 675 39.57 39.41 18.14
N THR A 676 39.16 38.21 17.74
CA THR A 676 37.92 38.06 16.99
C THR A 676 36.69 38.05 17.89
N MET A 677 36.83 37.52 19.11
CA MET A 677 35.69 37.48 20.01
C MET A 677 35.28 38.87 20.45
N LYS A 678 36.25 39.77 20.65
CA LYS A 678 35.88 41.14 20.98
C LYS A 678 35.18 41.82 19.80
N GLU A 679 35.62 41.54 18.57
CA GLU A 679 34.93 42.08 17.41
C GLU A 679 33.49 41.57 17.33
N ILE A 680 33.29 40.28 17.55
CA ILE A 680 31.95 39.72 17.50
C ILE A 680 31.07 40.32 18.58
N THR A 681 31.60 40.44 19.79
CA THR A 681 30.84 41.04 20.88
C THR A 681 30.48 42.48 20.57
N HIS A 682 31.41 43.24 20.00
CA HIS A 682 31.12 44.62 19.66
C HIS A 682 30.04 44.71 18.59
N ALA A 683 30.10 43.85 17.58
CA ALA A 683 29.08 43.86 16.54
C ALA A 683 27.71 43.55 17.12
N ILE A 684 27.63 42.54 17.98
CA ILE A 684 26.35 42.16 18.56
C ILE A 684 25.81 43.28 19.45
N SER A 685 26.68 43.91 20.23
CA SER A 685 26.25 45.02 21.08
C SER A 685 25.75 46.19 20.24
N SER A 686 26.44 46.49 19.14
CA SER A 686 25.99 47.56 18.27
C SER A 686 24.62 47.26 17.68
N ALA A 687 24.40 46.01 17.28
CA ALA A 687 23.09 45.65 16.74
C ALA A 687 22.00 45.76 17.79
N LYS A 688 22.30 45.35 19.02
CA LYS A 688 21.30 45.48 20.09
C LYS A 688 20.99 46.94 20.37
N GLU A 689 22.01 47.80 20.33
CA GLU A 689 21.77 49.24 20.51
C GLU A 689 20.90 49.79 19.38
N GLN A 690 21.15 49.35 18.15
CA GLN A 690 20.31 49.80 17.03
C GLN A 690 18.86 49.35 17.22
N VAL A 691 18.66 48.12 17.66
CA VAL A 691 17.30 47.63 17.90
C VAL A 691 16.64 48.45 19.01
N GLN A 692 17.40 48.80 20.04
CA GLN A 692 16.86 49.63 21.11
C GLN A 692 16.43 50.99 20.59
N GLU A 693 17.26 51.60 19.73
CA GLU A 693 16.89 52.87 19.13
C GLU A 693 15.63 52.75 18.28
N ILE A 694 15.52 51.66 17.53
CA ILE A 694 14.32 51.44 16.73
C ILE A 694 13.10 51.32 17.63
N ILE A 695 13.26 50.64 18.77
CA ILE A 695 12.16 50.48 19.71
C ILE A 695 11.72 51.85 20.24
N TYR A 696 12.69 52.69 20.60
CA TYR A 696 12.35 54.03 21.08
C TYR A 696 11.64 54.83 20.00
N LYS A 697 12.13 54.78 18.76
CA LYS A 697 11.52 55.53 17.68
C LYS A 697 10.09 55.06 17.43
N ALA A 698 9.86 53.75 17.48
CA ALA A 698 8.51 53.23 17.29
C ALA A 698 7.59 53.62 18.44
N GLN A 699 8.13 53.64 19.67
CA GLN A 699 7.32 54.01 20.82
C GLN A 699 7.00 55.49 20.86
N HIS A 700 7.79 56.33 20.19
CA HIS A 700 7.53 57.75 20.12
C HIS A 700 7.00 58.20 18.76
N ASN A 701 6.45 57.26 17.98
CA ASN A 701 5.78 57.57 16.71
C ASN A 701 6.71 58.21 15.69
N GLU A 702 8.01 58.01 15.85
CA GLU A 702 9.01 58.57 14.94
C GLU A 702 9.42 57.60 13.86
N LEU A 703 8.79 56.44 13.78
CA LEU A 703 9.22 55.36 12.89
C LEU A 703 8.52 55.48 11.55
N GLU A 704 9.31 55.40 10.47
CA GLU A 704 8.75 55.38 9.14
C GLU A 704 8.01 54.07 8.89
N LEU A 705 6.93 54.13 8.14
CA LEU A 705 6.08 52.97 7.87
C LEU A 705 6.36 52.47 6.46
N LYS A 706 6.69 51.19 6.35
CA LYS A 706 6.83 50.58 5.04
C LYS A 706 5.46 50.49 4.36
N PRO A 707 5.33 50.88 3.10
CA PRO A 707 4.01 50.85 2.46
C PRO A 707 3.46 49.43 2.37
N GLY A 708 2.16 49.32 2.59
CA GLY A 708 1.50 48.03 2.60
C GLY A 708 1.62 47.25 3.88
N MET A 709 2.27 47.81 4.90
CA MET A 709 2.46 47.16 6.17
C MET A 709 2.11 48.12 7.30
N THR A 710 1.60 47.57 8.40
CA THR A 710 1.24 48.39 9.54
C THR A 710 2.50 48.83 10.28
N LEU A 711 2.30 49.63 11.33
CA LEU A 711 3.42 50.07 12.15
C LEU A 711 4.10 48.89 12.83
N ARG A 712 3.30 47.98 13.39
CA ARG A 712 3.87 46.80 14.05
C ARG A 712 4.61 45.92 13.06
N GLU A 713 4.04 45.70 11.88
CA GLU A 713 4.68 44.85 10.88
C GLU A 713 6.00 45.46 10.41
N SER A 714 6.01 46.77 10.15
CA SER A 714 7.24 47.42 9.74
C SER A 714 8.29 47.36 10.83
N PHE A 715 7.89 47.58 12.07
CA PHE A 715 8.82 47.50 13.19
C PHE A 715 9.43 46.11 13.31
N GLU A 716 8.58 45.08 13.22
CA GLU A 716 9.07 43.71 13.33
C GLU A 716 10.00 43.37 12.18
N GLY A 717 9.66 43.78 10.96
CA GLY A 717 10.53 43.51 9.83
C GLY A 717 11.88 44.18 9.95
N GLU A 718 11.90 45.43 10.40
CA GLU A 718 13.16 46.13 10.58
C GLU A 718 14.02 45.46 11.65
N VAL A 719 13.40 45.07 12.77
CA VAL A 719 14.16 44.41 13.83
C VAL A 719 14.74 43.09 13.35
N SER A 720 13.93 42.31 12.63
CA SER A 720 14.41 41.02 12.12
C SER A 720 15.57 41.22 11.15
N ARG A 721 15.46 42.21 10.26
CA ARG A 721 16.56 42.46 9.32
C ARG A 721 17.83 42.87 10.06
N THR A 722 17.70 43.73 11.06
CA THR A 722 18.88 44.16 11.83
C THR A 722 19.54 42.97 12.50
N LEU A 723 18.75 42.08 13.12
CA LEU A 723 19.33 40.96 13.83
C LEU A 723 19.97 39.96 12.89
N ASN A 724 19.35 39.71 11.73
CA ASN A 724 19.97 38.82 10.75
C ASN A 724 21.29 39.39 10.24
N ASP A 725 21.33 40.70 9.99
CA ASP A 725 22.59 41.32 9.58
C ASP A 725 23.63 41.21 10.67
N ALA A 726 23.21 41.31 11.94
CA ALA A 726 24.15 41.15 13.05
C ALA A 726 24.78 39.77 13.04
N ARG A 727 23.95 38.74 12.91
CA ARG A 727 24.49 37.38 12.91
C ARG A 727 25.41 37.17 11.70
N ASP A 728 25.03 37.69 10.54
CA ASP A 728 25.87 37.52 9.36
C ASP A 728 27.22 38.22 9.54
N SER A 729 27.22 39.42 10.11
CA SER A 729 28.48 40.13 10.32
C SER A 729 29.38 39.40 11.30
N ALA A 730 28.82 38.92 12.42
CA ALA A 730 29.62 38.19 13.38
C ALA A 730 30.18 36.91 12.78
N GLY A 731 29.36 36.20 12.01
CA GLY A 731 29.85 35.00 11.36
C GLY A 731 30.92 35.27 10.34
N ARG A 732 30.81 36.39 9.61
CA ARG A 732 31.83 36.75 8.65
C ARG A 732 33.15 37.05 9.34
N SER A 733 33.09 37.76 10.47
CA SER A 733 34.30 38.00 11.24
C SER A 733 34.94 36.70 11.70
N ALA A 734 34.13 35.79 12.25
CA ALA A 734 34.67 34.51 12.70
C ALA A 734 35.28 33.73 11.55
N GLU A 735 34.61 33.71 10.40
CA GLU A 735 35.12 32.96 9.25
C GLU A 735 36.43 33.56 8.73
N MET A 736 36.53 34.89 8.71
CA MET A 736 37.79 35.51 8.26
C MET A 736 38.91 35.27 9.26
N ASN A 737 38.58 35.05 10.53
CA ASN A 737 39.63 34.73 11.50
C ASN A 737 40.32 33.40 11.18
N LEU A 738 39.55 32.40 10.75
CA LEU A 738 40.04 31.03 10.70
C LEU A 738 41.27 30.90 9.82
N LYS A 739 42.24 30.11 10.28
CA LYS A 739 43.44 29.83 9.51
C LYS A 739 43.16 28.82 8.42
N ASP A 740 44.18 28.56 7.59
CA ASP A 740 44.05 27.56 6.54
C ASP A 740 44.10 26.15 7.11
N LEU A 741 44.76 25.95 8.26
CA LEU A 741 44.85 24.64 8.86
C LEU A 741 43.62 24.28 9.68
N ASN A 742 42.67 25.20 9.83
CA ASN A 742 41.43 24.87 10.52
C ASN A 742 40.68 23.79 9.75
N ASN A 743 40.25 22.75 10.47
CA ASN A 743 39.65 21.61 9.80
C ASN A 743 38.24 21.91 9.32
N VAL A 744 37.47 22.68 10.11
CA VAL A 744 36.13 23.06 9.69
C VAL A 744 36.20 23.91 8.43
N LYS A 745 37.16 24.84 8.38
CA LYS A 745 37.34 25.65 7.18
C LYS A 745 37.70 24.78 5.98
N GLN A 746 38.53 23.76 6.20
CA GLN A 746 38.90 22.87 5.11
C GLN A 746 37.68 22.11 4.58
N MET A 747 36.84 21.60 5.49
CA MET A 747 35.65 20.88 5.05
C MET A 747 34.68 21.80 4.33
N VAL A 748 34.52 23.03 4.79
CA VAL A 748 33.63 23.97 4.11
C VAL A 748 34.19 24.36 2.76
N SER A 749 35.49 24.61 2.68
CA SER A 749 36.11 25.01 1.43
C SER A 749 36.03 23.90 0.39
N ALA A 750 36.24 22.66 0.80
CA ALA A 750 36.11 21.55 -0.13
C ALA A 750 34.68 21.33 -0.57
N GLY A 751 33.71 21.84 0.19
CA GLY A 751 32.31 21.59 -0.11
C GLY A 751 31.82 20.24 0.34
N SER A 752 32.65 19.46 1.02
CA SER A 752 32.26 18.11 1.40
C SER A 752 31.12 18.11 2.42
N LYS A 753 31.18 19.01 3.40
CA LYS A 753 30.15 19.06 4.42
C LYS A 753 30.23 20.40 5.14
N GLY A 754 29.07 20.96 5.44
CA GLY A 754 28.99 22.22 6.16
C GLY A 754 28.95 23.42 5.25
N SER A 755 28.68 24.58 5.86
CA SER A 755 28.59 25.83 5.14
C SER A 755 28.95 26.97 6.09
N PHE A 756 28.79 28.20 5.61
CA PHE A 756 29.19 29.36 6.40
C PHE A 756 28.33 29.53 7.64
N ILE A 757 27.04 29.23 7.54
CA ILE A 757 26.14 29.40 8.67
C ILE A 757 26.53 28.48 9.82
N ASN A 758 27.02 27.29 9.51
CA ASN A 758 27.46 26.37 10.56
C ASN A 758 28.66 26.93 11.31
N ILE A 759 29.62 27.50 10.59
CA ILE A 759 30.76 28.15 11.25
C ILE A 759 30.26 29.30 12.11
N ALA A 760 29.36 30.11 11.57
CA ALA A 760 28.86 31.27 12.32
C ALA A 760 28.19 30.84 13.62
N GLN A 761 27.37 29.80 13.57
CA GLN A 761 26.64 29.37 14.76
C GLN A 761 27.52 28.63 15.75
N MET A 762 28.49 27.85 15.28
CA MET A 762 29.36 27.13 16.18
C MET A 762 30.38 28.05 16.84
N SER A 763 30.75 29.14 16.19
CA SER A 763 31.83 29.99 16.68
C SER A 763 31.39 31.37 17.14
N ALA A 764 30.40 31.98 16.51
CA ALA A 764 30.11 33.38 16.73
C ALA A 764 28.77 33.64 17.40
N CYS A 765 27.67 33.21 16.79
CA CYS A 765 26.34 33.56 17.29
C CYS A 765 25.26 32.70 16.65
N VAL A 766 24.41 32.09 17.48
CA VAL A 766 23.35 31.25 16.94
C VAL A 766 22.33 32.10 16.18
N GLY A 767 21.95 33.25 16.72
CA GLY A 767 21.11 34.18 16.02
C GLY A 767 19.66 34.12 16.46
N GLN A 768 18.80 34.68 15.61
CA GLN A 768 17.40 34.87 15.93
C GLN A 768 16.61 33.61 15.61
N GLN A 769 15.80 33.17 16.58
CA GLN A 769 14.96 32.00 16.40
C GLN A 769 13.56 32.42 15.94
N MET A 770 13.12 31.86 14.82
CA MET A 770 11.87 32.24 14.19
C MET A 770 10.89 31.07 14.26
N VAL A 771 9.69 31.34 14.74
CA VAL A 771 8.60 30.36 14.77
C VAL A 771 7.51 30.86 13.84
N GLU A 772 7.21 30.08 12.81
CA GLU A 772 6.19 30.42 11.81
C GLU A 772 6.53 31.76 11.13
N GLY A 773 7.81 31.99 10.90
CA GLY A 773 8.25 33.18 10.20
C GLY A 773 8.28 34.45 11.01
N LYS A 774 8.00 34.38 12.31
CA LYS A 774 8.03 35.55 13.18
C LYS A 774 8.87 35.24 14.41
N ARG A 775 9.24 36.29 15.13
CA ARG A 775 9.95 36.12 16.38
C ARG A 775 9.07 35.39 17.39
N ILE A 776 9.67 35.02 18.53
CA ILE A 776 8.95 34.26 19.53
C ILE A 776 7.77 35.09 20.04
N ALA A 777 6.57 34.52 19.97
CA ALA A 777 5.36 35.24 20.30
C ALA A 777 5.26 35.44 21.81
N PHE A 778 4.16 36.06 22.24
CA PHE A 778 3.90 36.29 23.66
C PHE A 778 2.93 35.21 24.14
N GLY A 779 3.49 34.03 24.44
CA GLY A 779 2.65 32.93 24.87
C GLY A 779 2.00 33.18 26.22
N PHE A 780 2.72 33.82 27.14
CA PHE A 780 2.15 34.20 28.42
C PHE A 780 1.34 35.48 28.24
N ALA A 781 0.96 36.11 29.34
CA ALA A 781 0.21 37.37 29.28
C ALA A 781 1.20 38.48 28.97
N ASP A 782 1.29 38.85 27.70
CA ASP A 782 2.11 39.98 27.24
C ASP A 782 3.59 39.79 27.52
N ARG A 783 4.05 38.53 27.57
CA ARG A 783 5.48 38.24 27.64
C ARG A 783 5.71 36.82 27.15
N SER A 784 6.95 36.52 26.83
CA SER A 784 7.29 35.22 26.26
C SER A 784 7.60 34.18 27.34
N LEU A 785 8.20 34.58 28.45
CA LEU A 785 8.49 33.69 29.55
C LEU A 785 8.22 34.43 30.85
N PRO A 786 7.92 33.71 31.93
CA PRO A 786 7.67 34.39 33.22
C PRO A 786 8.91 35.01 33.83
N HIS A 787 10.06 34.97 33.17
CA HIS A 787 11.28 35.58 33.68
C HIS A 787 11.52 36.97 33.10
N PHE A 788 10.61 37.48 32.28
CA PHE A 788 10.72 38.80 31.69
C PHE A 788 9.58 39.67 32.17
N THR A 789 9.81 40.98 32.20
CA THR A 789 8.75 41.90 32.53
C THR A 789 7.79 42.05 31.36
N LYS A 790 6.58 42.52 31.65
CA LYS A 790 5.57 42.67 30.61
C LYS A 790 5.97 43.75 29.62
N ASP A 791 5.57 43.54 28.36
CA ASP A 791 5.81 44.48 27.28
C ASP A 791 7.31 44.76 27.12
N ASP A 792 8.04 43.71 26.80
CA ASP A 792 9.49 43.77 26.61
C ASP A 792 9.80 43.30 25.20
N PHE A 793 10.28 44.23 24.36
CA PHE A 793 10.58 43.92 22.96
C PHE A 793 12.08 43.86 22.69
N SER A 794 12.89 43.70 23.73
CA SER A 794 14.32 43.62 23.55
C SER A 794 14.66 42.35 22.77
N PRO A 795 15.81 42.33 22.08
CA PRO A 795 16.14 41.15 21.27
C PRO A 795 16.20 39.85 22.07
N GLU A 796 16.74 39.91 23.29
CA GLU A 796 16.87 38.69 24.09
C GLU A 796 15.54 38.23 24.66
N SER A 797 14.53 39.08 24.67
CA SER A 797 13.22 38.74 25.21
C SER A 797 12.30 38.10 24.20
N LYS A 798 12.70 38.01 22.93
CA LYS A 798 11.82 37.45 21.91
C LYS A 798 12.55 36.42 21.05
N GLY A 799 13.64 35.87 21.54
CA GLY A 799 14.23 34.71 20.90
C GLY A 799 15.49 34.94 20.08
N PHE A 800 16.35 35.84 20.54
CA PHE A 800 17.65 36.07 19.89
C PHE A 800 18.71 35.43 20.76
N VAL A 801 19.29 34.34 20.26
CA VAL A 801 20.33 33.62 20.98
C VAL A 801 21.64 34.33 20.70
N GLU A 802 22.15 35.04 21.70
CA GLU A 802 23.36 35.82 21.53
C GLU A 802 24.61 34.96 21.53
N ASN A 803 24.58 33.83 22.24
CA ASN A 803 25.76 32.99 22.39
C ASN A 803 25.97 32.10 21.17
N SER A 804 27.00 31.29 21.23
CA SER A 804 27.31 30.28 20.23
C SER A 804 27.21 28.90 20.88
N TYR A 805 27.26 27.87 20.04
CA TYR A 805 27.17 26.52 20.55
C TYR A 805 28.39 26.18 21.41
N LEU A 806 29.56 26.69 21.04
CA LEU A 806 30.74 26.48 21.86
C LEU A 806 30.60 27.18 23.21
N ARG A 807 30.01 28.38 23.20
CA ARG A 807 29.89 29.14 24.44
C ARG A 807 28.77 28.61 25.33
N GLY A 808 27.73 28.06 24.74
CA GLY A 808 26.64 27.50 25.51
C GLY A 808 25.46 28.46 25.58
N LEU A 809 24.26 27.88 25.67
CA LEU A 809 23.03 28.64 25.65
C LEU A 809 22.45 28.77 27.05
N THR A 810 21.93 29.96 27.36
CA THR A 810 21.25 30.17 28.62
C THR A 810 19.88 29.49 28.57
N PRO A 811 19.25 29.26 29.74
CA PRO A 811 17.98 28.50 29.72
C PRO A 811 16.91 29.09 28.83
N GLN A 812 16.77 30.42 28.81
CA GLN A 812 15.75 31.03 27.96
C GLN A 812 16.06 30.81 26.48
N GLU A 813 17.31 31.04 26.09
CA GLU A 813 17.71 30.77 24.71
C GLU A 813 17.54 29.30 24.37
N PHE A 814 17.83 28.42 25.35
CA PHE A 814 17.63 26.99 25.12
C PHE A 814 16.18 26.68 24.82
N PHE A 815 15.25 27.27 25.58
CA PHE A 815 13.83 26.99 25.34
C PHE A 815 13.37 27.56 24.01
N PHE A 816 13.79 28.78 23.66
CA PHE A 816 13.37 29.35 22.39
C PHE A 816 13.92 28.53 21.23
N HIS A 817 15.18 28.11 21.31
CA HIS A 817 15.78 27.30 20.26
C HIS A 817 15.09 25.94 20.15
N ALA A 818 14.67 25.38 21.28
CA ALA A 818 13.88 24.15 21.25
C ALA A 818 12.55 24.36 20.55
N MET A 819 11.89 25.49 20.80
CA MET A 819 10.65 25.79 20.09
C MET A 819 10.87 25.83 18.59
N ALA A 820 11.92 26.52 18.14
CA ALA A 820 12.21 26.59 16.71
C ALA A 820 12.49 25.22 16.12
N GLY A 821 13.27 24.39 16.82
CA GLY A 821 13.57 23.05 16.33
C GLY A 821 12.34 22.19 16.24
N ARG A 822 11.45 22.31 17.22
CA ARG A 822 10.19 21.57 17.17
C ARG A 822 9.36 22.00 15.96
N GLU A 823 9.35 23.30 15.66
CA GLU A 823 8.64 23.75 14.47
C GLU A 823 9.23 23.13 13.22
N GLY A 824 10.56 23.04 13.13
CA GLY A 824 11.17 22.43 11.97
C GLY A 824 10.77 20.97 11.81
N LEU A 825 10.81 20.21 12.91
CA LEU A 825 10.44 18.80 12.85
C LEU A 825 8.98 18.64 12.41
N ILE A 826 8.08 19.44 12.98
CA ILE A 826 6.67 19.35 12.61
C ILE A 826 6.48 19.67 11.14
N ASP A 827 7.14 20.73 10.66
CA ASP A 827 6.98 21.13 9.27
C ASP A 827 7.42 20.01 8.33
N THR A 828 8.55 19.38 8.61
CA THR A 828 8.99 18.27 7.78
C THR A 828 7.96 17.14 7.79
N ALA A 829 7.58 16.68 8.98
CA ALA A 829 6.69 15.53 9.12
C ALA A 829 5.31 15.80 8.54
N VAL A 830 4.92 17.06 8.38
CA VAL A 830 3.63 17.37 7.79
C VAL A 830 3.73 17.55 6.29
N LYS A 831 4.74 18.28 5.81
CA LYS A 831 4.84 18.53 4.38
C LYS A 831 5.13 17.26 3.59
N THR A 832 5.73 16.24 4.22
CA THR A 832 6.07 15.04 3.46
C THR A 832 4.82 14.38 2.87
N ALA A 833 3.73 14.31 3.64
CA ALA A 833 2.52 13.66 3.14
C ALA A 833 1.87 14.46 2.02
N GLU A 834 1.83 15.77 2.16
CA GLU A 834 1.27 16.62 1.11
C GLU A 834 2.06 16.48 -0.18
N THR A 835 3.38 16.47 -0.08
CA THR A 835 4.22 16.31 -1.27
C THR A 835 4.02 14.94 -1.90
N GLY A 836 3.88 13.90 -1.08
CA GLY A 836 3.62 12.57 -1.62
C GLY A 836 2.31 12.51 -2.38
N TYR A 837 1.26 13.11 -1.82
CA TYR A 837 -0.02 13.14 -2.53
C TYR A 837 0.08 13.89 -3.84
N ILE A 838 0.78 15.04 -3.83
CA ILE A 838 0.93 15.81 -5.06
C ILE A 838 1.64 15.00 -6.12
N GLN A 839 2.72 14.32 -5.75
CA GLN A 839 3.46 13.55 -6.75
C GLN A 839 2.64 12.38 -7.27
N ARG A 840 1.86 11.73 -6.41
CA ARG A 840 1.02 10.65 -6.88
C ARG A 840 -0.01 11.15 -7.89
N ARG A 841 -0.63 12.29 -7.61
CA ARG A 841 -1.60 12.85 -8.54
C ARG A 841 -0.94 13.20 -9.87
N LEU A 842 0.26 13.79 -9.81
CA LEU A 842 0.96 14.13 -11.04
C LEU A 842 1.27 12.90 -11.87
N VAL A 843 1.76 11.83 -11.22
CA VAL A 843 2.11 10.62 -11.95
C VAL A 843 0.87 10.01 -12.57
N LYS A 844 -0.24 9.96 -11.83
CA LYS A 844 -1.47 9.39 -12.38
C LYS A 844 -1.97 10.21 -13.57
N ALA A 845 -1.82 11.53 -13.52
CA ALA A 845 -2.27 12.37 -14.62
C ALA A 845 -1.40 12.20 -15.85
N LEU A 846 -0.08 12.03 -15.67
CA LEU A 846 0.86 12.05 -16.77
C LEU A 846 1.41 10.69 -17.14
N GLU A 847 0.82 9.60 -16.65
CA GLU A 847 1.48 8.30 -16.79
C GLU A 847 1.46 7.79 -18.24
N ASP A 848 0.34 7.98 -18.94
CA ASP A 848 0.12 7.32 -20.22
C ASP A 848 0.60 8.13 -21.42
N ILE A 849 1.58 9.00 -21.23
CA ILE A 849 2.07 9.88 -22.29
C ILE A 849 3.42 9.39 -22.76
N MET A 850 3.59 9.28 -24.08
CA MET A 850 4.75 8.61 -24.63
C MET A 850 5.09 9.21 -25.98
N VAL A 851 6.37 9.30 -26.29
CA VAL A 851 6.84 9.81 -27.57
C VAL A 851 6.69 8.70 -28.61
N HIS A 852 5.99 9.00 -29.69
CA HIS A 852 5.72 7.99 -30.72
C HIS A 852 6.75 8.10 -31.84
N TYR A 853 6.63 7.20 -32.81
CA TYR A 853 7.65 7.08 -33.84
C TYR A 853 7.61 8.20 -34.86
N ASP A 854 6.55 8.99 -34.91
CA ASP A 854 6.49 10.14 -35.79
C ASP A 854 6.91 11.43 -35.10
N GLY A 855 7.39 11.35 -33.85
CA GLY A 855 7.86 12.50 -33.13
C GLY A 855 6.85 13.14 -32.22
N THR A 856 5.55 12.88 -32.42
CA THR A 856 4.53 13.51 -31.62
C THR A 856 4.48 12.91 -30.23
N THR A 857 3.87 13.64 -29.30
CA THR A 857 3.69 13.20 -27.93
C THR A 857 2.20 13.02 -27.71
N ARG A 858 1.77 11.78 -27.50
CA ARG A 858 0.36 11.45 -27.45
C ARG A 858 0.05 10.65 -26.18
N ASN A 859 -1.21 10.70 -25.77
CA ASN A 859 -1.68 9.90 -24.64
C ASN A 859 -2.22 8.57 -25.16
N SER A 860 -2.92 7.84 -24.30
CA SER A 860 -3.40 6.51 -24.67
C SER A 860 -4.55 6.59 -25.68
N LEU A 861 -5.32 7.67 -25.68
CA LEU A 861 -6.38 7.85 -26.65
C LEU A 861 -5.86 8.18 -28.04
N GLY A 862 -4.57 8.47 -28.18
CA GLY A 862 -4.02 8.96 -29.42
C GLY A 862 -4.09 10.46 -29.58
N ASP A 863 -4.69 11.17 -28.63
CA ASP A 863 -4.78 12.62 -28.73
C ASP A 863 -3.40 13.24 -28.64
N ILE A 864 -3.16 14.26 -29.45
CA ILE A 864 -1.86 14.92 -29.50
C ILE A 864 -1.74 15.87 -28.33
N ILE A 865 -0.68 15.71 -27.54
CA ILE A 865 -0.33 16.68 -26.51
C ILE A 865 0.65 17.71 -27.04
N GLN A 866 1.68 17.24 -27.75
CA GLN A 866 2.65 18.09 -28.39
C GLN A 866 2.93 17.54 -29.78
N PHE A 867 3.21 18.44 -30.72
CA PHE A 867 3.56 18.01 -32.06
C PHE A 867 5.03 17.67 -32.19
N LEU A 868 5.81 17.93 -31.15
CA LEU A 868 7.24 17.60 -31.12
C LEU A 868 7.67 17.71 -29.66
N TYR A 869 8.28 16.65 -29.14
CA TYR A 869 8.61 16.62 -27.72
C TYR A 869 9.54 17.77 -27.36
N GLY A 870 9.17 18.51 -26.33
CA GLY A 870 9.99 19.62 -25.85
C GLY A 870 10.12 20.73 -26.87
N GLU A 871 9.30 20.66 -27.92
CA GLU A 871 9.28 21.60 -29.03
C GLU A 871 10.56 21.60 -29.85
N ASP A 872 11.50 20.70 -29.53
CA ASP A 872 12.69 20.50 -30.35
C ASP A 872 13.03 19.04 -30.60
N GLY A 873 12.37 18.10 -29.91
CA GLY A 873 12.59 16.70 -30.17
C GLY A 873 13.85 16.11 -29.58
N LEU A 874 14.46 16.79 -28.61
CA LEU A 874 15.71 16.35 -28.02
C LEU A 874 15.46 15.66 -26.69
N ASP A 875 16.47 14.93 -26.24
CA ASP A 875 16.42 14.26 -24.94
C ASP A 875 16.96 15.19 -23.86
N GLY A 876 16.39 15.07 -22.67
CA GLY A 876 16.75 15.97 -21.60
C GLY A 876 18.17 15.84 -21.11
N THR A 877 18.80 14.70 -21.36
CA THR A 877 20.16 14.46 -20.90
C THR A 877 21.22 14.91 -21.89
N GLN A 878 20.84 15.29 -23.11
CA GLN A 878 21.78 15.56 -24.18
C GLN A 878 21.86 17.05 -24.51
N VAL A 879 21.64 17.92 -23.53
CA VAL A 879 21.69 19.36 -23.73
C VAL A 879 22.64 19.96 -22.72
N GLU A 880 23.23 21.10 -23.08
CA GLU A 880 24.19 21.80 -22.24
C GLU A 880 24.04 23.30 -22.41
N ARG A 881 24.40 24.04 -21.37
CA ARG A 881 24.40 25.49 -21.44
C ARG A 881 25.46 25.96 -22.44
N GLN A 882 25.03 26.70 -23.46
CA GLN A 882 25.94 27.29 -24.43
C GLN A 882 25.54 28.73 -24.66
N THR A 883 26.51 29.52 -25.13
CA THR A 883 26.27 30.93 -25.43
C THR A 883 26.10 31.11 -26.93
N ILE A 884 25.06 31.82 -27.32
CA ILE A 884 24.84 32.18 -28.72
C ILE A 884 25.53 33.52 -28.95
N ASP A 885 26.48 33.54 -29.87
CA ASP A 885 27.41 34.65 -29.96
C ASP A 885 26.86 35.86 -30.71
N THR A 886 25.77 35.70 -31.44
CA THR A 886 25.22 36.82 -32.20
C THR A 886 24.34 37.73 -31.36
N ILE A 887 23.92 37.29 -30.18
CA ILE A 887 23.02 38.08 -29.35
C ILE A 887 23.74 39.25 -28.68
N PRO A 888 24.78 39.02 -27.88
CA PRO A 888 25.31 40.11 -27.06
C PRO A 888 26.24 41.01 -27.85
N GLY A 889 26.60 42.13 -27.22
CA GLY A 889 27.57 43.05 -27.78
C GLY A 889 26.94 44.14 -28.63
N SER A 890 27.67 45.24 -28.76
CA SER A 890 27.23 46.36 -29.54
C SER A 890 27.32 46.04 -31.02
N ASP A 891 26.73 46.91 -31.84
CA ASP A 891 26.74 46.70 -33.29
C ASP A 891 28.16 46.77 -33.84
N LYS A 892 28.99 47.65 -33.28
CA LYS A 892 30.37 47.75 -33.74
C LYS A 892 31.14 46.46 -33.47
N ALA A 893 30.98 45.88 -32.28
CA ALA A 893 31.67 44.64 -31.96
C ALA A 893 31.19 43.50 -32.86
N PHE A 894 29.89 43.43 -33.12
CA PHE A 894 29.35 42.41 -34.01
C PHE A 894 29.92 42.56 -35.40
N HIS A 895 29.95 43.78 -35.92
CA HIS A 895 30.50 44.02 -37.25
C HIS A 895 31.98 43.67 -37.31
N LYS A 896 32.74 44.05 -36.29
CA LYS A 896 34.16 43.75 -36.26
C LYS A 896 34.40 42.24 -36.24
N ARG A 897 33.57 41.52 -35.49
CA ARG A 897 33.79 40.08 -35.33
C ARG A 897 33.39 39.31 -36.59
N TYR A 898 32.31 39.73 -37.26
CA TYR A 898 31.75 38.87 -38.30
C TYR A 898 31.92 39.39 -39.73
N TYR A 899 32.13 40.68 -39.93
CA TYR A 899 32.18 41.20 -41.29
C TYR A 899 33.55 40.98 -41.92
N VAL A 900 33.56 40.60 -43.19
CA VAL A 900 34.78 40.40 -43.96
C VAL A 900 34.66 41.19 -45.25
N ASP A 901 35.64 42.05 -45.52
CA ASP A 901 35.64 42.91 -46.69
C ASP A 901 36.82 42.54 -47.58
N LEU A 902 36.54 42.14 -48.81
CA LEU A 902 37.58 41.71 -49.74
C LEU A 902 38.08 42.83 -50.65
N MET A 903 37.51 44.03 -50.54
CA MET A 903 37.97 45.17 -51.32
C MET A 903 38.96 46.04 -50.54
N ASP A 904 38.62 46.41 -49.32
CA ASP A 904 39.55 47.14 -48.46
C ASP A 904 40.56 46.17 -47.89
N GLU A 905 41.85 46.54 -47.97
CA GLU A 905 42.90 45.63 -47.58
C GLU A 905 42.97 45.46 -46.06
N LYS A 906 42.88 46.56 -45.32
CA LYS A 906 43.03 46.50 -43.87
C LYS A 906 41.78 45.96 -43.16
N ASN A 907 40.67 45.79 -43.89
CA ASN A 907 39.47 45.19 -43.34
C ASN A 907 39.21 43.79 -43.90
N SER A 908 40.27 43.10 -44.30
CA SER A 908 40.18 41.77 -44.89
C SER A 908 40.78 40.73 -43.97
N ILE A 909 40.79 39.49 -44.45
CA ILE A 909 41.44 38.41 -43.72
C ILE A 909 42.94 38.65 -43.70
N LYS A 910 43.57 38.38 -42.56
CA LYS A 910 45.00 38.58 -42.46
C LYS A 910 45.73 37.67 -43.44
N PRO A 911 46.83 38.13 -44.03
CA PRO A 911 47.49 37.33 -45.08
C PRO A 911 48.32 36.18 -44.54
N ASP A 912 48.75 36.23 -43.29
CA ASP A 912 49.58 35.17 -42.73
C ASP A 912 48.80 33.95 -42.30
N VAL A 913 47.47 34.02 -42.27
CA VAL A 913 46.67 32.88 -41.84
C VAL A 913 46.18 32.03 -43.01
N ILE A 914 46.22 32.55 -44.23
CA ILE A 914 45.72 31.83 -45.41
C ILE A 914 46.82 31.80 -46.46
N GLU A 915 46.94 30.66 -47.14
CA GLU A 915 47.94 30.53 -48.20
C GLU A 915 47.58 31.35 -49.42
N TYR A 916 46.29 31.49 -49.74
CA TYR A 916 45.83 32.08 -50.98
C TYR A 916 45.47 33.56 -50.83
N ALA A 917 46.12 34.28 -49.92
CA ALA A 917 45.75 35.67 -49.68
C ALA A 917 46.03 36.56 -50.88
N ALA A 918 46.85 36.11 -51.83
CA ALA A 918 47.20 36.95 -52.97
C ALA A 918 46.02 37.12 -53.91
N ASP A 919 45.34 36.03 -54.27
CA ASP A 919 44.28 36.06 -55.26
C ASP A 919 42.89 36.12 -54.62
N ILE A 920 42.76 36.80 -53.49
CA ILE A 920 41.48 37.00 -52.84
C ILE A 920 40.97 38.43 -53.03
N LEU A 921 41.81 39.42 -52.81
CA LEU A 921 41.38 40.81 -52.92
C LEU A 921 40.91 41.12 -54.34
N GLY A 922 39.82 41.86 -54.43
CA GLY A 922 39.27 42.27 -55.70
C GLY A 922 38.27 41.31 -56.32
N ASP A 923 38.07 40.13 -55.73
CA ASP A 923 37.10 39.17 -56.25
C ASP A 923 35.70 39.64 -55.87
N VAL A 924 34.77 39.54 -56.82
CA VAL A 924 33.42 40.05 -56.57
C VAL A 924 32.43 38.93 -56.26
N GLU A 925 32.57 37.76 -56.88
CA GLU A 925 31.67 36.65 -56.57
C GLU A 925 31.87 36.16 -55.13
N LEU A 926 33.12 36.05 -54.71
CA LEU A 926 33.39 35.66 -53.34
C LEU A 926 32.88 36.71 -52.36
N GLN A 927 32.96 37.98 -52.74
CA GLN A 927 32.35 39.03 -51.92
C GLN A 927 30.84 38.88 -51.85
N LYS A 928 30.20 38.45 -52.95
CA LYS A 928 28.76 38.19 -52.91
C LYS A 928 28.44 37.09 -51.92
N GLU A 929 29.23 36.02 -51.93
CA GLU A 929 29.03 34.93 -50.97
C GLU A 929 29.19 35.43 -49.54
N LEU A 930 30.24 36.21 -49.28
CA LEU A 930 30.45 36.72 -47.93
C LEU A 930 29.32 37.64 -47.50
N ASN A 931 28.80 38.45 -48.44
CA ASN A 931 27.69 39.33 -48.11
C ASN A 931 26.44 38.53 -47.76
N SER A 932 26.20 37.44 -48.50
CA SER A 932 25.06 36.59 -48.16
C SER A 932 25.21 36.00 -46.76
N GLU A 933 26.42 35.54 -46.43
CA GLU A 933 26.66 35.02 -45.09
C GLU A 933 26.40 36.08 -44.02
N TYR A 934 26.89 37.30 -44.25
CA TYR A 934 26.71 38.34 -43.25
C TYR A 934 25.25 38.74 -43.11
N GLU A 935 24.51 38.76 -44.22
CA GLU A 935 23.09 39.06 -44.14
C GLU A 935 22.35 37.99 -43.36
N GLN A 936 22.71 36.72 -43.57
CA GLN A 936 22.12 35.65 -42.78
C GLN A 936 22.41 35.84 -41.29
N LEU A 937 23.66 36.22 -40.97
CA LEU A 937 24.00 36.46 -39.57
C LEU A 937 23.21 37.61 -38.97
N VAL A 938 23.03 38.68 -39.74
CA VAL A 938 22.26 39.83 -39.24
C VAL A 938 20.81 39.46 -39.03
N SER A 939 20.25 38.65 -39.94
CA SER A 939 18.88 38.19 -39.76
C SER A 939 18.76 37.32 -38.52
N ASP A 940 19.73 36.45 -38.27
CA ASP A 940 19.71 35.65 -37.05
C ASP A 940 19.78 36.54 -35.81
N ARG A 941 20.63 37.56 -35.84
CA ARG A 941 20.72 38.46 -34.70
C ARG A 941 19.39 39.16 -34.44
N LYS A 942 18.75 39.65 -35.49
CA LYS A 942 17.47 40.32 -35.34
C LYS A 942 16.40 39.37 -34.80
N PHE A 943 16.35 38.16 -35.34
CA PHE A 943 15.36 37.18 -34.92
C PHE A 943 15.54 36.81 -33.46
N LEU A 944 16.78 36.60 -33.03
CA LEU A 944 17.03 36.22 -31.64
C LEU A 944 16.79 37.38 -30.70
N ARG A 945 17.11 38.61 -31.14
CA ARG A 945 17.10 39.74 -30.22
C ARG A 945 15.73 40.37 -30.11
N GLU A 946 14.87 40.23 -31.12
CA GLU A 946 13.58 40.89 -31.11
C GLU A 946 12.39 39.97 -30.88
N ILE A 947 12.56 38.67 -31.04
CA ILE A 947 11.46 37.72 -30.95
C ILE A 947 11.67 36.72 -29.82
N VAL A 948 12.77 35.97 -29.87
CA VAL A 948 12.94 34.84 -28.97
C VAL A 948 13.36 35.32 -27.57
N PHE A 949 14.51 35.96 -27.49
CA PHE A 949 15.08 36.42 -26.22
C PHE A 949 15.09 37.94 -26.22
N VAL A 950 13.99 38.54 -25.74
CA VAL A 950 13.90 40.00 -25.74
C VAL A 950 14.82 40.61 -24.68
N ASN A 951 15.02 39.92 -23.56
CA ASN A 951 15.83 40.48 -22.49
C ASN A 951 17.32 40.28 -22.71
N GLY A 952 17.72 39.63 -23.80
CA GLY A 952 19.13 39.55 -24.15
C GLY A 952 19.91 38.43 -23.50
N ASP A 953 19.24 37.51 -22.81
CA ASP A 953 19.94 36.37 -22.22
C ASP A 953 20.44 35.44 -23.31
N HIS A 954 21.72 35.10 -23.27
CA HIS A 954 22.35 34.35 -24.35
C HIS A 954 22.93 33.01 -23.89
N ASN A 955 22.69 32.59 -22.65
CA ASN A 955 23.19 31.33 -22.13
C ASN A 955 22.01 30.39 -21.97
N TRP A 956 21.88 29.43 -22.88
CA TRP A 956 20.73 28.56 -22.93
C TRP A 956 21.16 27.12 -23.19
N PRO A 957 20.41 26.14 -22.68
CA PRO A 957 20.76 24.74 -22.94
C PRO A 957 20.46 24.34 -24.37
N LEU A 958 21.48 23.88 -25.07
CA LEU A 958 21.40 23.49 -26.47
C LEU A 958 22.18 22.21 -26.67
N PRO A 959 21.83 21.42 -27.68
CA PRO A 959 22.53 20.14 -27.90
C PRO A 959 23.95 20.36 -28.38
N VAL A 960 24.66 19.25 -28.53
CA VAL A 960 26.04 19.13 -28.99
C VAL A 960 26.93 20.34 -28.72
N ASN A 961 27.86 20.19 -27.78
CA ASN A 961 28.73 21.28 -27.35
C ASN A 961 29.73 21.62 -28.44
N LEU A 962 29.63 22.83 -28.99
CA LEU A 962 30.49 23.22 -30.10
C LEU A 962 31.90 23.56 -29.66
N ARG A 963 32.05 24.20 -28.50
CA ARG A 963 33.37 24.56 -28.01
C ARG A 963 34.22 23.33 -27.77
N ARG A 964 33.62 22.29 -27.19
CA ARG A 964 34.34 21.05 -26.97
C ARG A 964 34.77 20.42 -28.28
N ILE A 965 33.90 20.44 -29.29
CA ILE A 965 34.25 19.88 -30.59
C ILE A 965 35.41 20.63 -31.20
N ILE A 966 35.39 21.96 -31.13
CA ILE A 966 36.44 22.75 -31.76
C ILE A 966 37.77 22.51 -31.07
N GLN A 967 37.78 22.50 -29.74
CA GLN A 967 39.07 22.28 -29.08
C GLN A 967 39.56 20.85 -29.25
N ASN A 968 38.63 19.89 -29.36
CA ASN A 968 39.05 18.53 -29.70
C ASN A 968 39.71 18.49 -31.07
N ALA A 969 39.14 19.20 -32.05
CA ALA A 969 39.74 19.24 -33.38
C ALA A 969 41.12 19.89 -33.33
N GLN A 970 41.26 20.97 -32.56
CA GLN A 970 42.54 21.63 -32.44
C GLN A 970 43.60 20.72 -31.83
N GLN A 971 43.21 19.96 -30.82
CA GLN A 971 44.16 19.03 -30.21
C GLN A 971 44.48 17.86 -31.13
N ILE A 972 43.49 17.38 -31.87
CA ILE A 972 43.69 16.21 -32.73
C ILE A 972 44.62 16.54 -33.89
N PHE A 973 44.38 17.66 -34.56
CA PHE A 973 45.11 17.96 -35.78
C PHE A 973 46.30 18.89 -35.57
N HIS A 974 46.64 19.21 -34.33
CA HIS A 974 47.76 20.08 -34.02
C HIS A 974 47.64 21.41 -34.75
N LEU A 975 46.57 22.13 -34.45
CA LEU A 975 46.25 23.38 -35.13
C LEU A 975 46.98 24.57 -34.53
N ASP A 976 48.06 24.34 -33.80
CA ASP A 976 48.92 25.41 -33.33
C ASP A 976 49.83 25.84 -34.48
N ARG A 977 50.87 26.61 -34.16
CA ARG A 977 51.86 27.09 -35.12
C ARG A 977 51.26 28.15 -36.04
N ALA A 978 52.10 29.04 -36.55
CA ALA A 978 51.66 30.12 -37.42
C ALA A 978 51.43 29.68 -38.86
N LYS A 979 51.30 28.38 -39.10
CA LYS A 979 51.10 27.87 -40.44
C LYS A 979 49.81 28.41 -41.02
N ALA A 980 49.83 28.69 -42.33
CA ALA A 980 48.67 29.23 -43.02
C ALA A 980 47.72 28.12 -43.41
N SER A 981 46.43 28.40 -43.29
CA SER A 981 45.40 27.43 -43.62
C SER A 981 45.25 27.29 -45.13
N ASP A 982 44.79 26.11 -45.55
CA ASP A 982 44.49 25.84 -46.95
C ASP A 982 43.00 25.72 -47.20
N LEU A 983 42.19 26.29 -46.33
CA LEU A 983 40.74 26.16 -46.38
C LEU A 983 40.16 27.38 -47.11
N THR A 984 39.68 27.16 -48.31
CA THR A 984 39.13 28.26 -49.11
C THR A 984 37.80 28.72 -48.53
N ILE A 985 37.49 30.00 -48.73
CA ILE A 985 36.24 30.57 -48.22
C ILE A 985 35.01 29.87 -48.78
N PRO A 986 34.90 29.61 -50.09
CA PRO A 986 33.71 28.91 -50.59
C PRO A 986 33.50 27.56 -49.94
N GLU A 987 34.56 26.83 -49.62
CA GLU A 987 34.39 25.57 -48.90
C GLU A 987 33.74 25.80 -47.54
N ILE A 988 34.20 26.82 -46.82
CA ILE A 988 33.60 27.12 -45.52
C ILE A 988 32.13 27.43 -45.67
N ILE A 989 31.80 28.33 -46.60
CA ILE A 989 30.41 28.77 -46.75
C ILE A 989 29.53 27.59 -47.12
N HIS A 990 29.93 26.84 -48.14
CA HIS A 990 29.09 25.74 -48.62
C HIS A 990 28.99 24.62 -47.60
N GLY A 991 30.09 24.34 -46.87
CA GLY A 991 30.04 23.31 -45.86
C GLY A 991 29.08 23.64 -44.74
N VAL A 992 29.16 24.86 -44.22
CA VAL A 992 28.24 25.23 -43.14
C VAL A 992 26.81 25.26 -43.65
N ARG A 993 26.59 25.78 -44.86
CA ARG A 993 25.25 25.85 -45.41
C ARG A 993 24.66 24.46 -45.60
N ASP A 994 25.46 23.50 -46.08
CA ASP A 994 24.97 22.14 -46.24
C ASP A 994 24.74 21.46 -44.91
N LEU A 995 25.61 21.73 -43.92
CA LEU A 995 25.42 21.14 -42.60
C LEU A 995 24.10 21.60 -41.99
N CYS A 996 23.75 22.87 -42.18
CA CYS A 996 22.50 23.37 -41.62
C CYS A 996 21.27 22.78 -42.30
N LYS A 997 21.43 21.82 -43.21
CA LYS A 997 20.31 21.15 -43.84
C LYS A 997 20.32 19.64 -43.63
N LYS A 998 21.28 19.11 -42.85
CA LYS A 998 21.36 17.69 -42.57
C LYS A 998 21.03 17.35 -41.12
N LEU A 999 20.50 18.31 -40.36
CA LEU A 999 20.11 18.06 -38.98
C LEU A 999 18.66 17.58 -38.98
N PHE A 1000 18.50 16.29 -39.21
CA PHE A 1000 17.18 15.69 -39.37
C PHE A 1000 16.55 15.41 -38.02
N VAL A 1001 15.42 16.06 -37.74
CA VAL A 1001 14.61 15.74 -36.57
C VAL A 1001 13.40 14.97 -37.06
N LEU A 1002 12.93 15.30 -38.26
CA LEU A 1002 11.79 14.66 -38.88
C LEU A 1002 12.17 14.24 -40.30
N ARG A 1003 11.88 12.99 -40.64
CA ARG A 1003 12.13 12.51 -42.00
C ARG A 1003 10.88 12.67 -42.86
N GLY A 1004 11.10 12.84 -44.16
CA GLY A 1004 10.01 12.95 -45.10
C GLY A 1004 10.14 14.12 -46.05
N GLU A 1005 9.52 14.01 -47.23
CA GLU A 1005 9.57 15.05 -48.24
C GLU A 1005 8.33 15.94 -48.22
N ASN A 1006 7.40 15.70 -47.31
CA ASN A 1006 6.20 16.51 -47.25
C ASN A 1006 6.54 17.96 -46.94
N GLU A 1007 5.80 18.89 -47.53
CA GLU A 1007 6.09 20.31 -47.35
C GLU A 1007 5.88 20.73 -45.90
N LEU A 1008 4.80 20.25 -45.28
CA LEU A 1008 4.55 20.56 -43.89
C LEU A 1008 5.62 19.94 -43.00
N ILE A 1009 6.10 18.75 -43.37
CA ILE A 1009 7.20 18.12 -42.64
C ILE A 1009 8.47 18.96 -42.75
N LYS A 1010 8.75 19.47 -43.96
CA LYS A 1010 9.93 20.31 -44.13
C LYS A 1010 9.83 21.59 -43.31
N GLU A 1011 8.64 22.18 -43.26
CA GLU A 1011 8.45 23.39 -42.47
C GLU A 1011 8.66 23.12 -40.98
N ALA A 1012 8.13 21.99 -40.49
CA ALA A 1012 8.35 21.64 -39.08
C ALA A 1012 9.81 21.34 -38.80
N GLN A 1013 10.49 20.67 -39.72
CA GLN A 1013 11.91 20.38 -39.55
C GLN A 1013 12.73 21.66 -39.50
N GLN A 1014 12.41 22.62 -40.37
CA GLN A 1014 13.11 23.90 -40.34
C GLN A 1014 12.84 24.64 -39.04
N ASN A 1015 11.60 24.60 -38.55
CA ASN A 1015 11.28 25.27 -37.30
C ASN A 1015 12.03 24.65 -36.13
N ALA A 1016 12.15 23.33 -36.11
CA ALA A 1016 12.68 22.64 -34.93
C ALA A 1016 14.13 22.95 -34.64
N THR A 1017 14.90 23.42 -35.62
CA THR A 1017 16.32 23.62 -35.46
C THR A 1017 16.75 25.08 -35.64
N SER A 1018 15.83 26.02 -35.46
CA SER A 1018 16.16 27.42 -35.70
C SER A 1018 17.24 27.91 -34.74
N LEU A 1019 17.03 27.70 -33.44
CA LEU A 1019 17.99 28.17 -32.44
C LEU A 1019 19.34 27.49 -32.61
N PHE A 1020 19.33 26.18 -32.88
CA PHE A 1020 20.59 25.46 -33.03
C PHE A 1020 21.34 25.92 -34.28
N GLN A 1021 20.62 26.16 -35.38
CA GLN A 1021 21.28 26.67 -36.57
C GLN A 1021 21.86 28.06 -36.32
N CYS A 1022 21.16 28.88 -35.55
CA CYS A 1022 21.71 30.18 -35.18
C CYS A 1022 23.00 30.02 -34.39
N LEU A 1023 23.03 29.08 -33.44
CA LEU A 1023 24.26 28.81 -32.70
C LEU A 1023 25.39 28.37 -33.63
N VAL A 1024 25.10 27.42 -34.53
CA VAL A 1024 26.14 26.89 -35.40
C VAL A 1024 26.69 27.98 -36.31
N ARG A 1025 25.81 28.79 -36.90
CA ARG A 1025 26.28 29.87 -37.75
C ARG A 1025 27.04 30.93 -36.98
N ALA A 1026 26.66 31.15 -35.71
CA ALA A 1026 27.40 32.10 -34.88
C ALA A 1026 28.82 31.61 -34.62
N ARG A 1027 28.98 30.30 -34.38
CA ARG A 1027 30.31 29.78 -34.08
C ARG A 1027 31.14 29.60 -35.34
N LEU A 1028 30.58 28.94 -36.35
CA LEU A 1028 31.35 28.61 -37.55
C LEU A 1028 31.25 29.70 -38.63
N ALA A 1029 31.52 30.94 -38.25
CA ALA A 1029 31.61 32.01 -39.21
C ALA A 1029 32.94 31.94 -39.95
N THR A 1030 33.02 32.60 -41.09
CA THR A 1030 34.23 32.54 -41.90
C THR A 1030 35.42 33.18 -41.17
N ARG A 1031 35.22 34.40 -40.66
CA ARG A 1031 36.32 35.09 -39.99
C ARG A 1031 36.76 34.32 -38.75
N ARG A 1032 35.81 33.82 -37.96
CA ARG A 1032 36.16 33.09 -36.75
C ARG A 1032 36.92 31.81 -37.08
N ILE A 1033 36.48 31.08 -38.10
CA ILE A 1033 37.16 29.85 -38.47
C ILE A 1033 38.58 30.14 -38.95
N LEU A 1034 38.75 31.15 -39.81
CA LEU A 1034 40.06 31.38 -40.38
C LEU A 1034 41.02 32.02 -39.39
N GLU A 1035 40.53 32.87 -38.49
CA GLU A 1035 41.38 33.62 -37.59
C GLU A 1035 41.38 33.10 -36.16
N GLU A 1036 40.21 32.96 -35.55
CA GLU A 1036 40.16 32.61 -34.13
C GLU A 1036 40.51 31.14 -33.91
N PHE A 1037 40.00 30.24 -34.73
CA PHE A 1037 40.24 28.82 -34.56
C PHE A 1037 41.36 28.28 -35.44
N ARG A 1038 41.58 28.90 -36.60
CA ARG A 1038 42.67 28.53 -37.50
C ARG A 1038 42.57 27.07 -37.94
N LEU A 1039 41.35 26.61 -38.19
CA LEU A 1039 41.18 25.26 -38.70
C LEU A 1039 41.71 25.15 -40.12
N ASN A 1040 42.24 23.98 -40.45
CA ASN A 1040 42.56 23.62 -41.82
C ASN A 1040 41.42 22.84 -42.42
N ARG A 1041 41.65 22.26 -43.59
CA ARG A 1041 40.58 21.53 -44.26
C ARG A 1041 40.14 20.33 -43.45
N ASP A 1042 41.08 19.42 -43.19
CA ASP A 1042 40.72 18.13 -42.57
C ASP A 1042 40.01 18.34 -41.25
N ALA A 1043 40.48 19.31 -40.45
CA ALA A 1043 39.78 19.69 -39.24
C ALA A 1043 38.37 20.15 -39.55
N PHE A 1044 38.17 20.83 -40.68
CA PHE A 1044 36.85 21.36 -41.00
C PHE A 1044 35.87 20.24 -41.33
N GLU A 1045 36.25 19.30 -42.21
CA GLU A 1045 35.34 18.18 -42.45
C GLU A 1045 35.14 17.34 -41.19
N TRP A 1046 36.18 17.20 -40.36
CA TRP A 1046 36.00 16.46 -39.11
C TRP A 1046 34.98 17.15 -38.21
N VAL A 1047 35.04 18.48 -38.11
CA VAL A 1047 34.10 19.21 -37.27
C VAL A 1047 32.68 19.06 -37.81
N LEU A 1048 32.51 19.17 -39.13
CA LEU A 1048 31.17 19.06 -39.71
C LEU A 1048 30.58 17.67 -39.47
N GLY A 1049 31.36 16.62 -39.73
CA GLY A 1049 30.88 15.28 -39.50
C GLY A 1049 30.55 15.02 -38.04
N THR A 1050 31.40 15.51 -37.14
CA THR A 1050 31.14 15.31 -35.71
C THR A 1050 29.87 16.03 -35.27
N ILE A 1051 29.66 17.26 -35.76
CA ILE A 1051 28.44 17.98 -35.39
C ILE A 1051 27.22 17.21 -35.85
N GLU A 1052 27.23 16.74 -37.10
CA GLU A 1052 26.07 16.02 -37.61
C GLU A 1052 25.81 14.75 -36.81
N ALA A 1053 26.86 13.97 -36.54
CA ALA A 1053 26.69 12.71 -35.83
C ALA A 1053 26.20 12.93 -34.41
N GLN A 1054 26.78 13.89 -33.69
CA GLN A 1054 26.35 14.15 -32.32
C GLN A 1054 24.92 14.65 -32.29
N PHE A 1055 24.52 15.49 -33.24
CA PHE A 1055 23.13 15.92 -33.27
C PHE A 1055 22.20 14.75 -33.48
N GLN A 1056 22.55 13.84 -34.39
CA GLN A 1056 21.72 12.65 -34.58
C GLN A 1056 21.65 11.83 -33.31
N ARG A 1057 22.74 11.80 -32.54
CA ARG A 1057 22.73 11.02 -31.31
C ARG A 1057 21.97 11.69 -30.19
N SER A 1058 21.70 12.98 -30.28
CA SER A 1058 21.05 13.70 -29.18
C SER A 1058 19.54 13.75 -29.29
N LEU A 1059 18.93 13.08 -30.26
CA LEU A 1059 17.49 13.11 -30.41
C LEU A 1059 16.81 12.22 -29.37
N VAL A 1060 15.51 12.38 -29.22
CA VAL A 1060 14.75 11.58 -28.27
C VAL A 1060 14.38 10.25 -28.91
N HIS A 1061 14.30 9.22 -28.11
CA HIS A 1061 14.05 7.88 -28.63
C HIS A 1061 12.56 7.57 -28.60
N PRO A 1062 11.96 7.15 -29.70
CA PRO A 1062 10.56 6.73 -29.66
C PRO A 1062 10.37 5.59 -28.66
N GLY A 1063 9.32 5.70 -27.88
CA GLY A 1063 9.11 4.81 -26.76
C GLY A 1063 9.43 5.39 -25.40
N GLU A 1064 10.04 6.58 -25.34
CA GLU A 1064 10.16 7.28 -24.06
C GLU A 1064 8.80 7.48 -23.42
N MET A 1065 8.74 7.18 -22.13
CA MET A 1065 7.58 7.49 -21.32
C MET A 1065 7.81 8.83 -20.64
N VAL A 1066 7.76 9.89 -21.46
CA VAL A 1066 8.15 11.21 -21.02
C VAL A 1066 7.19 11.78 -20.00
N GLY A 1067 5.95 11.29 -19.95
CA GLY A 1067 5.02 11.79 -18.95
C GLY A 1067 5.45 11.45 -17.55
N VAL A 1068 5.86 10.20 -17.32
CA VAL A 1068 6.30 9.79 -16.00
C VAL A 1068 7.59 10.51 -15.63
N ILE A 1069 8.50 10.67 -16.59
CA ILE A 1069 9.75 11.37 -16.33
C ILE A 1069 9.48 12.82 -15.95
N ALA A 1070 8.56 13.47 -16.65
CA ALA A 1070 8.21 14.84 -16.30
C ALA A 1070 7.55 14.93 -14.93
N ALA A 1071 6.65 14.00 -14.62
CA ALA A 1071 6.00 14.02 -13.31
C ALA A 1071 7.01 13.83 -12.19
N GLN A 1072 7.94 12.90 -12.36
CA GLN A 1072 8.97 12.69 -11.36
C GLN A 1072 9.90 13.89 -11.24
N SER A 1073 10.28 14.48 -12.37
CA SER A 1073 11.18 15.63 -12.36
C SER A 1073 10.53 16.86 -11.74
N ILE A 1074 9.21 16.96 -11.79
CA ILE A 1074 8.55 18.09 -11.15
C ILE A 1074 8.31 17.81 -9.66
N GLY A 1075 7.94 16.56 -9.33
CA GLY A 1075 7.64 16.24 -7.94
C GLY A 1075 8.86 16.06 -7.07
N GLU A 1076 10.01 15.71 -7.64
CA GLU A 1076 11.22 15.52 -6.85
C GLU A 1076 11.68 16.78 -6.12
N PRO A 1077 11.77 17.95 -6.76
CA PRO A 1077 12.14 19.14 -5.99
C PRO A 1077 11.16 19.49 -4.89
N ALA A 1078 9.87 19.22 -5.09
CA ALA A 1078 8.87 19.59 -4.10
C ALA A 1078 9.11 18.90 -2.77
N THR A 1079 9.74 17.72 -2.79
CA THR A 1079 10.05 17.02 -1.55
C THR A 1079 11.16 17.72 -0.78
N GLN A 1080 11.96 18.56 -1.44
CA GLN A 1080 13.07 19.26 -0.80
C GLN A 1080 12.84 20.76 -0.83
N MET A 1081 11.61 21.19 -0.56
CA MET A 1081 11.29 22.61 -0.52
C MET A 1081 10.05 22.86 0.32
N ASN A 1095 4.20 40.71 -0.43
CA ASN A 1095 3.97 39.40 0.17
C ASN A 1095 3.13 38.52 -0.75
N VAL A 1096 3.69 37.38 -1.15
CA VAL A 1096 3.01 36.44 -2.04
C VAL A 1096 3.16 35.04 -1.47
N THR A 1097 2.26 34.15 -1.91
CA THR A 1097 2.30 32.76 -1.51
C THR A 1097 3.32 32.01 -2.36
N LEU A 1098 4.11 31.16 -1.72
CA LEU A 1098 5.13 30.40 -2.43
C LEU A 1098 5.34 29.06 -1.74
N GLY A 1099 5.93 28.12 -2.47
CA GLY A 1099 6.20 26.81 -1.94
C GLY A 1099 5.11 25.81 -2.22
N VAL A 1100 4.99 24.79 -1.36
CA VAL A 1100 3.99 23.75 -1.58
C VAL A 1100 2.57 24.30 -1.61
N PRO A 1101 2.16 25.22 -0.73
CA PRO A 1101 0.78 25.73 -0.84
C PRO A 1101 0.48 26.38 -2.18
N ARG A 1102 1.43 27.13 -2.75
CA ARG A 1102 1.19 27.74 -4.04
C ARG A 1102 1.15 26.71 -5.15
N LEU A 1103 1.99 25.68 -5.07
CA LEU A 1103 1.94 24.60 -6.05
C LEU A 1103 0.60 23.87 -5.98
N LYS A 1104 0.11 23.64 -4.78
CA LYS A 1104 -1.20 23.02 -4.60
C LYS A 1104 -2.30 23.90 -5.19
N GLU A 1105 -2.19 25.21 -5.01
CA GLU A 1105 -3.16 26.11 -5.63
C GLU A 1105 -3.11 26.03 -7.14
N ILE A 1106 -1.91 25.94 -7.71
CA ILE A 1106 -1.77 25.89 -9.17
C ILE A 1106 -2.35 24.59 -9.71
N LEU A 1107 -1.98 23.46 -9.12
CA LEU A 1107 -2.39 22.17 -9.66
C LEU A 1107 -3.90 21.97 -9.54
N ASN A 1108 -4.48 22.38 -8.42
CA ASN A 1108 -5.92 22.24 -8.25
C ASN A 1108 -6.72 23.23 -9.09
N VAL A 1109 -6.06 24.21 -9.70
CA VAL A 1109 -6.72 25.31 -10.40
C VAL A 1109 -7.77 25.91 -9.47
N ALA A 1110 -7.31 26.43 -8.34
CA ALA A 1110 -8.22 27.05 -7.38
C ALA A 1110 -8.80 28.33 -7.96
N LYS A 1111 -10.09 28.55 -7.73
CA LYS A 1111 -10.75 29.74 -8.24
C LYS A 1111 -10.33 30.98 -7.46
N ASN A 1112 -10.18 30.84 -6.15
CA ASN A 1112 -9.86 31.96 -5.25
C ASN A 1112 -8.52 31.68 -4.58
N ILE A 1113 -7.44 32.19 -5.17
CA ILE A 1113 -6.11 31.99 -4.63
C ILE A 1113 -5.93 32.86 -3.39
N LYS A 1114 -4.85 32.63 -2.66
CA LYS A 1114 -4.66 33.30 -1.38
C LYS A 1114 -4.40 34.79 -1.55
N THR A 1115 -3.49 35.16 -2.45
CA THR A 1115 -3.05 36.54 -2.63
C THR A 1115 -3.14 36.91 -4.10
N PRO A 1116 -4.32 37.26 -4.59
CA PRO A 1116 -4.44 37.69 -5.98
C PRO A 1116 -3.69 39.00 -6.21
N ALA A 1117 -3.09 39.14 -7.38
CA ALA A 1117 -2.30 40.32 -7.67
C ALA A 1117 -2.28 40.58 -9.17
N LEU A 1118 -1.98 41.82 -9.52
CA LEU A 1118 -1.76 42.24 -10.89
C LEU A 1118 -0.38 42.84 -11.01
N THR A 1119 0.13 42.88 -12.23
CA THR A 1119 1.41 43.55 -12.52
C THR A 1119 1.13 44.52 -13.64
N VAL A 1120 0.71 45.73 -13.29
CA VAL A 1120 0.33 46.75 -14.25
C VAL A 1120 1.59 47.47 -14.71
N TYR A 1121 1.84 47.45 -16.01
CA TYR A 1121 2.95 48.19 -16.60
C TYR A 1121 2.42 49.48 -17.19
N LEU A 1122 3.18 50.55 -17.01
CA LEU A 1122 2.78 51.87 -17.46
C LEU A 1122 3.44 52.20 -18.78
N ASP A 1123 2.94 53.25 -19.43
CA ASP A 1123 3.50 53.68 -20.70
C ASP A 1123 4.90 54.24 -20.50
N ARG A 1124 5.62 54.38 -21.62
CA ARG A 1124 7.04 54.71 -21.55
C ARG A 1124 7.26 56.05 -20.84
N GLU A 1125 6.49 57.06 -21.20
CA GLU A 1125 6.64 58.37 -20.56
C GLU A 1125 6.27 58.31 -19.09
N ILE A 1126 5.17 57.63 -18.76
CA ILE A 1126 4.74 57.54 -17.36
C ILE A 1126 5.69 56.66 -16.56
N ALA A 1127 6.26 55.64 -17.17
CA ALA A 1127 7.10 54.71 -16.43
C ALA A 1127 8.31 55.38 -15.82
N LEU A 1128 8.84 56.40 -16.48
CA LEU A 1128 10.04 57.09 -16.02
C LEU A 1128 9.74 58.35 -15.22
N ASP A 1129 8.47 58.66 -14.96
CA ASP A 1129 8.09 59.83 -14.18
C ASP A 1129 7.28 59.38 -12.97
N ILE A 1130 7.73 59.77 -11.77
CA ILE A 1130 7.07 59.31 -10.56
C ILE A 1130 5.72 59.99 -10.35
N GLU A 1131 5.60 61.26 -10.78
CA GLU A 1131 4.37 62.01 -10.52
C GLU A 1131 3.20 61.42 -11.30
N LYS A 1132 3.40 61.20 -12.61
CA LYS A 1132 2.34 60.61 -13.42
C LYS A 1132 2.00 59.20 -12.94
N ALA A 1133 3.02 58.46 -12.51
CA ALA A 1133 2.78 57.12 -11.97
C ALA A 1133 1.92 57.19 -10.72
N LYS A 1134 2.18 58.15 -9.84
CA LYS A 1134 1.34 58.32 -8.66
C LYS A 1134 -0.08 58.70 -9.03
N VAL A 1135 -0.22 59.53 -10.07
CA VAL A 1135 -1.56 59.90 -10.54
C VAL A 1135 -2.32 58.67 -11.00
N ILE A 1136 -1.65 57.82 -11.79
CA ILE A 1136 -2.29 56.59 -12.28
C ILE A 1136 -2.64 55.69 -11.10
N GLN A 1137 -1.74 55.56 -10.13
CA GLN A 1137 -2.01 54.71 -8.96
C GLN A 1137 -3.23 55.20 -8.21
N SER A 1138 -3.35 56.51 -8.02
CA SER A 1138 -4.53 57.05 -7.37
C SER A 1138 -5.78 56.79 -8.21
N SER A 1139 -5.67 56.86 -9.54
CA SER A 1139 -6.83 56.66 -10.39
C SER A 1139 -7.29 55.21 -10.40
N ILE A 1140 -6.41 54.26 -10.16
CA ILE A 1140 -6.78 52.85 -10.23
C ILE A 1140 -7.38 52.35 -8.93
N GLU A 1141 -6.80 52.71 -7.79
CA GLU A 1141 -7.17 52.12 -6.51
C GLU A 1141 -8.63 52.37 -6.17
N TYR A 1142 -9.30 51.34 -5.65
CA TYR A 1142 -10.70 51.45 -5.28
C TYR A 1142 -10.86 52.23 -3.98
N THR A 1143 -11.71 53.25 -3.99
CA THR A 1143 -11.97 54.08 -2.83
C THR A 1143 -13.47 54.27 -2.69
N THR A 1144 -14.00 54.00 -1.51
CA THR A 1144 -15.41 54.16 -1.23
C THR A 1144 -15.62 55.24 -0.18
N LEU A 1145 -16.89 55.60 0.02
CA LEU A 1145 -17.22 56.61 1.01
C LEU A 1145 -16.81 56.17 2.41
N LYS A 1146 -16.95 54.87 2.69
CA LYS A 1146 -16.57 54.34 4.00
C LYS A 1146 -15.09 54.55 4.28
N ASN A 1147 -14.25 54.59 3.24
CA ASN A 1147 -12.82 54.76 3.43
C ASN A 1147 -12.50 56.12 4.04
N VAL A 1148 -13.18 57.16 3.60
CA VAL A 1148 -12.89 58.51 4.08
C VAL A 1148 -13.80 58.96 5.21
N THR A 1149 -14.96 58.33 5.38
CA THR A 1149 -15.88 58.73 6.44
C THR A 1149 -15.30 58.40 7.80
N SER A 1150 -15.30 59.39 8.70
CA SER A 1150 -14.79 59.21 10.05
C SER A 1150 -15.88 58.87 11.05
N ALA A 1151 -17.05 59.50 10.94
CA ALA A 1151 -18.18 59.19 11.81
C ALA A 1151 -19.46 59.66 11.14
N THR A 1152 -20.58 59.06 11.54
CA THR A 1152 -21.88 59.42 11.02
C THR A 1152 -22.85 59.61 12.17
N GLU A 1153 -23.82 60.51 11.96
CA GLU A 1153 -24.76 60.87 13.02
C GLU A 1153 -26.11 61.18 12.40
N ILE A 1154 -27.16 61.01 13.21
CA ILE A 1154 -28.53 61.34 12.83
C ILE A 1154 -29.08 62.31 13.85
N TYR A 1155 -29.66 63.42 13.37
CA TYR A 1155 -30.20 64.44 14.24
C TYR A 1155 -31.64 64.73 13.86
N TYR A 1156 -32.38 65.26 14.83
CA TYR A 1156 -33.75 65.71 14.61
C TYR A 1156 -33.72 67.23 14.44
N ASP A 1157 -34.20 67.70 13.30
CA ASP A 1157 -34.19 69.12 12.98
C ASP A 1157 -35.39 69.43 12.10
N PRO A 1158 -36.42 70.07 12.66
CA PRO A 1158 -37.67 70.27 11.90
C PRO A 1158 -37.65 71.43 10.93
N ASP A 1159 -36.63 72.29 10.97
CA ASP A 1159 -36.60 73.45 10.09
C ASP A 1159 -35.64 73.21 8.95
N PRO A 1160 -36.13 72.98 7.72
CA PRO A 1160 -35.21 72.78 6.60
C PRO A 1160 -34.34 73.99 6.29
N THR A 1161 -34.81 75.19 6.60
CA THR A 1161 -34.07 76.41 6.30
C THR A 1161 -33.17 76.87 7.44
N SER A 1162 -33.10 76.12 8.52
CA SER A 1162 -32.24 76.44 9.65
C SER A 1162 -31.77 75.14 10.29
N THR A 1163 -31.25 75.22 11.50
CA THR A 1163 -30.76 74.02 12.17
C THR A 1163 -30.76 74.23 13.68
N VAL A 1164 -30.62 73.12 14.40
CA VAL A 1164 -30.49 73.17 15.85
C VAL A 1164 -29.03 73.25 16.29
N ILE A 1165 -28.14 72.54 15.60
CA ILE A 1165 -26.73 72.51 16.00
C ILE A 1165 -26.12 73.88 15.75
N GLU A 1166 -25.51 74.45 16.79
CA GLU A 1166 -24.87 75.75 16.66
C GLU A 1166 -23.59 75.67 15.83
N GLU A 1167 -22.87 74.55 15.92
CA GLU A 1167 -21.61 74.42 15.20
C GLU A 1167 -21.83 74.47 13.69
N ASP A 1168 -22.85 73.78 13.20
CA ASP A 1168 -23.15 73.74 11.78
C ASP A 1168 -24.09 74.87 11.35
N PHE A 1169 -24.55 75.69 12.30
CA PHE A 1169 -25.50 76.75 11.98
C PHE A 1169 -24.90 77.77 11.00
N ASP A 1170 -23.64 78.16 11.23
CA ASP A 1170 -23.02 79.17 10.39
C ASP A 1170 -22.93 78.70 8.94
N THR A 1171 -22.46 77.47 8.73
CA THR A 1171 -22.28 76.97 7.38
C THR A 1171 -23.62 76.83 6.65
N VAL A 1172 -24.63 76.28 7.33
CA VAL A 1172 -25.93 76.09 6.67
C VAL A 1172 -26.57 77.44 6.36
N GLU A 1173 -26.45 78.41 7.27
CA GLU A 1173 -27.03 79.72 7.00
C GLU A 1173 -26.29 80.44 5.88
N ALA A 1174 -24.97 80.29 5.81
CA ALA A 1174 -24.22 80.86 4.71
C ALA A 1174 -24.61 80.22 3.39
N TYR A 1175 -24.83 78.91 3.39
CA TYR A 1175 -25.28 78.22 2.18
C TYR A 1175 -26.65 78.73 1.75
N PHE A 1176 -27.56 78.92 2.70
CA PHE A 1176 -28.91 79.35 2.37
C PHE A 1176 -28.96 80.80 1.91
N SER A 1177 -27.91 81.57 2.15
CA SER A 1177 -27.86 82.97 1.74
C SER A 1177 -26.96 83.15 0.52
N GLN A 1190 -40.36 66.97 2.44
CA GLN A 1190 -39.12 66.59 3.10
C GLN A 1190 -39.37 66.17 4.54
N SER A 1191 -38.45 65.37 5.09
CA SER A 1191 -38.59 64.91 6.47
C SER A 1191 -37.65 65.70 7.39
N PRO A 1192 -38.06 65.92 8.64
CA PRO A 1192 -37.18 66.62 9.59
C PRO A 1192 -35.95 65.84 9.98
N TRP A 1193 -35.89 64.54 9.69
CA TRP A 1193 -34.77 63.70 10.12
C TRP A 1193 -33.50 64.11 9.38
N LEU A 1194 -32.53 64.64 10.12
CA LEU A 1194 -31.26 65.06 9.56
C LEU A 1194 -30.25 63.91 9.64
N LEU A 1195 -29.58 63.63 8.52
CA LEU A 1195 -28.52 62.63 8.47
C LEU A 1195 -27.25 63.35 8.03
N ARG A 1196 -26.27 63.41 8.94
CA ARG A 1196 -24.99 64.04 8.66
C ARG A 1196 -23.87 63.07 8.99
N LEU A 1197 -22.69 63.34 8.43
CA LEU A 1197 -21.53 62.51 8.71
C LEU A 1197 -20.28 63.33 8.49
N GLU A 1198 -19.27 63.08 9.33
CA GLU A 1198 -18.03 63.84 9.30
C GLU A 1198 -16.95 63.04 8.59
N LEU A 1199 -16.32 63.66 7.59
CA LEU A 1199 -15.27 63.04 6.82
C LEU A 1199 -13.91 63.41 7.39
N ASP A 1200 -13.02 62.42 7.48
CA ASP A 1200 -11.67 62.68 7.95
C ASP A 1200 -10.94 63.56 6.94
N ARG A 1201 -10.54 64.75 7.38
CA ARG A 1201 -9.89 65.68 6.48
C ARG A 1201 -8.55 65.15 5.97
N ALA A 1202 -7.80 64.48 6.84
CA ALA A 1202 -6.47 64.00 6.47
C ALA A 1202 -6.54 62.99 5.33
N ARG A 1203 -7.36 61.95 5.48
CA ARG A 1203 -7.47 60.95 4.43
C ARG A 1203 -8.19 61.48 3.21
N MET A 1204 -9.15 62.39 3.40
CA MET A 1204 -9.82 63.02 2.26
C MET A 1204 -8.81 63.78 1.40
N LEU A 1205 -7.90 64.50 2.05
CA LEU A 1205 -6.83 65.17 1.31
C LEU A 1205 -5.88 64.15 0.70
N ASP A 1206 -5.56 63.08 1.43
CA ASP A 1206 -4.62 62.08 0.94
C ASP A 1206 -5.15 61.39 -0.32
N LYS A 1207 -6.44 61.07 -0.34
CA LYS A 1207 -7.06 60.48 -1.52
C LYS A 1207 -7.29 61.51 -2.62
N GLN A 1208 -6.89 62.76 -2.41
CA GLN A 1208 -6.99 63.80 -3.44
C GLN A 1208 -8.41 63.98 -3.93
N LEU A 1209 -9.37 63.95 -3.00
CA LEU A 1209 -10.77 64.06 -3.32
C LEU A 1209 -11.31 65.45 -3.01
N THR A 1210 -12.46 65.74 -3.60
CA THR A 1210 -13.14 67.03 -3.44
C THR A 1210 -14.52 66.80 -2.85
N MET A 1211 -14.90 67.65 -1.89
CA MET A 1211 -16.23 67.54 -1.28
C MET A 1211 -17.32 67.61 -2.34
N ASN A 1212 -17.14 68.46 -3.34
CA ASN A 1212 -18.09 68.53 -4.44
C ASN A 1212 -18.18 67.19 -5.16
N GLN A 1213 -17.05 66.51 -5.34
CA GLN A 1213 -17.08 65.21 -6.02
C GLN A 1213 -17.88 64.19 -5.23
N VAL A 1214 -17.69 64.15 -3.91
CA VAL A 1214 -18.46 63.22 -3.08
C VAL A 1214 -19.94 63.54 -3.16
N ALA A 1215 -20.29 64.82 -3.07
CA ALA A 1215 -21.69 65.21 -3.15
C ALA A 1215 -22.28 64.83 -4.50
N ASP A 1216 -21.52 65.03 -5.58
CA ASP A 1216 -21.99 64.67 -6.91
C ASP A 1216 -22.21 63.17 -7.03
N LYS A 1217 -21.30 62.37 -6.46
CA LYS A 1217 -21.47 60.92 -6.50
C LYS A 1217 -22.74 60.50 -5.76
N ILE A 1218 -22.96 61.08 -4.58
CA ILE A 1218 -24.17 60.75 -3.82
C ILE A 1218 -25.42 61.17 -4.58
N SER A 1219 -25.40 62.34 -5.19
CA SER A 1219 -26.54 62.81 -5.97
C SER A 1219 -26.80 61.90 -7.16
N GLU A 1220 -25.74 61.47 -7.84
CA GLU A 1220 -25.91 60.60 -9.00
C GLU A 1220 -26.49 59.25 -8.59
N VAL A 1221 -26.03 58.70 -7.47
CA VAL A 1221 -26.54 57.39 -7.06
C VAL A 1221 -27.93 57.49 -6.43
N PHE A 1222 -28.35 58.67 -5.97
CA PHE A 1222 -29.66 58.82 -5.36
C PHE A 1222 -30.54 59.85 -6.05
N SER A 1223 -30.17 60.29 -7.25
CA SER A 1223 -30.98 61.22 -8.05
C SER A 1223 -31.34 62.48 -7.25
N ASP A 1224 -32.63 62.69 -7.02
CA ASP A 1224 -33.11 63.81 -6.23
C ASP A 1224 -33.89 63.35 -5.01
N ASP A 1225 -33.67 62.11 -4.56
CA ASP A 1225 -34.35 61.58 -3.39
C ASP A 1225 -33.79 62.10 -2.08
N LEU A 1226 -32.65 62.77 -2.11
CA LEU A 1226 -32.01 63.28 -0.90
C LEU A 1226 -31.42 64.65 -1.18
N PHE A 1227 -31.71 65.61 -0.30
CA PHE A 1227 -31.13 66.94 -0.39
C PHE A 1227 -29.83 66.96 0.39
N VAL A 1228 -28.75 67.40 -0.27
CA VAL A 1228 -27.41 67.26 0.27
C VAL A 1228 -26.74 68.63 0.35
N MET A 1229 -26.14 68.92 1.49
CA MET A 1229 -25.30 70.10 1.68
C MET A 1229 -23.96 69.67 2.23
N TRP A 1230 -22.91 70.32 1.77
CA TRP A 1230 -21.55 69.96 2.18
C TRP A 1230 -20.81 71.21 2.62
N SER A 1231 -20.03 71.07 3.69
CA SER A 1231 -19.23 72.16 4.20
C SER A 1231 -18.08 72.47 3.25
N GLU A 1232 -17.59 73.70 3.33
CA GLU A 1232 -16.47 74.10 2.51
C GLU A 1232 -15.18 73.47 3.02
N ASP A 1233 -14.16 73.49 2.17
CA ASP A 1233 -12.87 72.92 2.53
C ASP A 1233 -12.17 73.72 3.63
N ASN A 1234 -12.54 74.98 3.81
CA ASN A 1234 -11.91 75.81 4.83
C ASN A 1234 -12.54 75.64 6.20
N ALA A 1235 -13.59 74.84 6.33
CA ALA A 1235 -14.20 74.61 7.63
C ALA A 1235 -13.24 73.83 8.53
N ASP A 1236 -13.43 74.00 9.84
CA ASP A 1236 -12.58 73.31 10.80
C ASP A 1236 -12.72 71.79 10.67
N LYS A 1237 -13.95 71.31 10.52
CA LYS A 1237 -14.22 69.90 10.31
C LYS A 1237 -14.99 69.72 9.02
N LEU A 1238 -14.54 68.79 8.18
CA LEU A 1238 -15.21 68.51 6.92
C LEU A 1238 -16.47 67.69 7.20
N ILE A 1239 -17.63 68.29 6.96
CA ILE A 1239 -18.91 67.65 7.23
C ILE A 1239 -19.79 67.79 6.00
N ILE A 1240 -20.72 66.84 5.86
CA ILE A 1240 -21.70 66.85 4.78
C ILE A 1240 -23.04 66.44 5.37
N ARG A 1241 -24.10 67.16 5.01
CA ARG A 1241 -25.42 66.96 5.59
C ARG A 1241 -26.38 66.47 4.52
N CYS A 1242 -27.37 65.69 4.96
CA CYS A 1242 -28.33 65.10 4.04
C CYS A 1242 -29.71 65.12 4.68
N ARG A 1243 -30.75 65.10 3.85
CA ARG A 1243 -32.13 65.11 4.31
C ARG A 1243 -32.99 64.31 3.36
N VAL A 1244 -33.99 63.62 3.90
CA VAL A 1244 -34.94 62.87 3.10
C VAL A 1244 -35.99 63.82 2.56
N ILE A 1245 -36.35 63.66 1.29
CA ILE A 1245 -37.36 64.50 0.66
C ILE A 1245 -38.67 63.72 0.51
N GLU A 1258 -42.90 56.66 11.01
CA GLU A 1258 -41.68 56.05 11.51
C GLU A 1258 -40.68 55.83 10.38
N GLU A 1259 -39.63 56.65 10.34
CA GLU A 1259 -38.61 56.57 9.31
C GLU A 1259 -37.20 56.45 9.86
N ASP A 1260 -37.04 56.33 11.18
CA ASP A 1260 -35.70 56.24 11.76
C ASP A 1260 -34.98 54.97 11.30
N GLN A 1261 -35.70 53.84 11.30
CA GLN A 1261 -35.09 52.60 10.82
C GLN A 1261 -34.79 52.67 9.33
N MET A 1262 -35.68 53.28 8.54
CA MET A 1262 -35.41 53.47 7.12
C MET A 1262 -34.17 54.33 6.92
N LEU A 1263 -34.03 55.40 7.70
CA LEU A 1263 -32.85 56.25 7.61
C LEU A 1263 -31.58 55.48 7.98
N LYS A 1264 -31.66 54.64 9.02
CA LYS A 1264 -30.50 53.83 9.39
C LYS A 1264 -30.12 52.86 8.28
N ARG A 1265 -31.11 52.22 7.65
CA ARG A 1265 -30.82 51.32 6.55
C ARG A 1265 -30.20 52.07 5.37
N ILE A 1266 -30.71 53.27 5.07
CA ILE A 1266 -30.15 54.06 3.99
C ILE A 1266 -28.71 54.47 4.30
N GLU A 1267 -28.45 54.82 5.56
CA GLU A 1267 -27.10 55.17 5.97
C GLU A 1267 -26.15 53.98 5.82
N ALA A 1268 -26.61 52.79 6.21
CA ALA A 1268 -25.79 51.60 6.04
C ALA A 1268 -25.50 51.33 4.57
N HIS A 1269 -26.52 51.47 3.72
CA HIS A 1269 -26.34 51.30 2.28
C HIS A 1269 -25.34 52.32 1.73
N MET A 1270 -25.43 53.56 2.19
CA MET A 1270 -24.49 54.60 1.79
C MET A 1270 -23.06 54.22 2.16
N LEU A 1271 -22.83 53.87 3.42
CA LEU A 1271 -21.50 53.43 3.81
C LEU A 1271 -21.07 52.17 3.07
N ASP A 1272 -22.03 51.41 2.55
CA ASP A 1272 -21.71 50.13 1.93
C ASP A 1272 -21.21 50.30 0.50
N LEU A 1273 -22.05 50.84 -0.39
CA LEU A 1273 -21.79 50.70 -1.81
C LEU A 1273 -21.62 52.03 -2.55
N ILE A 1274 -21.25 53.10 -1.85
CA ILE A 1274 -20.95 54.36 -2.54
C ILE A 1274 -19.50 54.31 -2.99
N ALA A 1275 -19.29 54.19 -4.29
CA ALA A 1275 -17.96 54.10 -4.87
C ALA A 1275 -17.53 55.47 -5.36
N LEU A 1276 -16.43 55.98 -4.82
CA LEU A 1276 -15.95 57.30 -5.21
C LEU A 1276 -15.18 57.25 -6.51
N ARG A 1277 -14.08 56.49 -6.55
CA ARG A 1277 -13.31 56.34 -7.77
C ARG A 1277 -12.45 55.10 -7.66
N GLY A 1278 -11.98 54.64 -8.82
CA GLY A 1278 -11.09 53.50 -8.89
C GLY A 1278 -11.79 52.27 -9.43
N ILE A 1279 -10.99 51.28 -9.78
CA ILE A 1279 -11.51 50.02 -10.31
C ILE A 1279 -12.01 49.16 -9.16
N PRO A 1280 -13.25 48.68 -9.20
CA PRO A 1280 -13.74 47.80 -8.13
C PRO A 1280 -12.90 46.53 -8.03
N GLY A 1281 -12.68 46.08 -6.80
CA GLY A 1281 -11.92 44.88 -6.55
C GLY A 1281 -10.44 45.07 -6.35
N ILE A 1282 -9.92 46.28 -6.59
CA ILE A 1282 -8.50 46.58 -6.40
C ILE A 1282 -8.37 47.26 -5.06
N SER A 1283 -8.05 46.49 -4.02
CA SER A 1283 -8.04 47.04 -2.67
C SER A 1283 -6.84 47.96 -2.45
N LYS A 1284 -5.66 47.54 -2.89
CA LYS A 1284 -4.44 48.29 -2.64
C LYS A 1284 -3.58 48.31 -3.90
N VAL A 1285 -2.77 49.34 -4.04
CA VAL A 1285 -1.85 49.49 -5.16
C VAL A 1285 -0.51 49.96 -4.63
N TYR A 1286 0.58 49.36 -5.12
CA TYR A 1286 1.92 49.72 -4.71
C TYR A 1286 2.73 50.17 -5.92
N MET A 1287 3.64 51.12 -5.69
CA MET A 1287 4.61 51.50 -6.70
C MET A 1287 5.84 50.62 -6.57
N VAL A 1288 6.30 50.06 -7.68
CA VAL A 1288 7.42 49.13 -7.70
C VAL A 1288 8.37 49.55 -8.81
N LYS A 1289 9.67 49.47 -8.53
CA LYS A 1289 10.69 49.76 -9.53
C LYS A 1289 11.16 48.45 -10.16
N HIS A 1290 11.18 48.41 -11.48
CA HIS A 1290 11.57 47.22 -12.24
C HIS A 1290 12.84 47.50 -13.02
N LYS A 1291 13.78 46.56 -12.98
CA LYS A 1291 15.00 46.64 -13.75
C LYS A 1291 14.83 45.83 -15.04
N VAL A 1292 14.94 46.49 -16.17
CA VAL A 1292 14.78 45.86 -17.47
C VAL A 1292 16.02 46.13 -18.31
N SER A 1293 16.51 45.10 -18.98
CA SER A 1293 17.67 45.21 -19.86
C SER A 1293 17.18 45.50 -21.26
N VAL A 1294 17.53 46.67 -21.79
CA VAL A 1294 17.06 47.10 -23.12
C VAL A 1294 18.28 47.44 -23.97
N PRO A 1295 18.31 47.05 -25.24
CA PRO A 1295 19.45 47.44 -26.09
C PRO A 1295 19.56 48.95 -26.20
N ASP A 1296 20.80 49.42 -26.21
CA ASP A 1296 21.09 50.85 -26.26
C ASP A 1296 21.05 51.32 -27.70
N GLU A 1297 21.43 52.58 -27.93
CA GLU A 1297 21.49 53.06 -29.31
C GLU A 1297 22.65 52.44 -30.08
N SER A 1298 23.64 51.90 -29.38
CA SER A 1298 24.76 51.20 -30.02
C SER A 1298 24.54 49.70 -30.12
N GLY A 1299 23.38 49.20 -29.69
CA GLY A 1299 23.12 47.78 -29.68
C GLY A 1299 23.51 47.07 -28.40
N GLU A 1300 24.21 47.76 -27.49
CA GLU A 1300 24.61 47.16 -26.23
C GLU A 1300 23.41 47.07 -25.29
N TYR A 1301 23.38 46.00 -24.50
CA TYR A 1301 22.32 45.84 -23.52
C TYR A 1301 22.71 46.55 -22.22
N LYS A 1302 21.85 47.47 -21.78
CA LYS A 1302 22.09 48.23 -20.57
C LYS A 1302 20.86 48.19 -19.67
N ASN A 1303 21.10 48.06 -18.38
CA ASN A 1303 20.00 48.00 -17.42
C ASN A 1303 19.30 49.34 -17.33
N GLU A 1304 18.05 49.31 -16.91
CA GLU A 1304 17.22 50.50 -16.84
C GLU A 1304 16.14 50.29 -15.79
N GLU A 1305 15.81 51.35 -15.07
CA GLU A 1305 14.82 51.30 -14.01
C GLU A 1305 13.54 51.99 -14.47
N LEU A 1306 12.40 51.35 -14.25
CA LEU A 1306 11.11 51.88 -14.64
C LEU A 1306 10.12 51.65 -13.52
N TRP A 1307 9.05 52.45 -13.52
CA TRP A 1307 8.02 52.38 -12.50
C TRP A 1307 6.85 51.53 -13.01
N ALA A 1308 6.34 50.67 -12.13
CA ALA A 1308 5.18 49.85 -12.43
C ALA A 1308 4.37 49.69 -11.16
N LEU A 1309 3.12 49.27 -11.31
CA LEU A 1309 2.20 49.12 -10.20
C LEU A 1309 1.93 47.64 -9.95
N GLU A 1310 1.81 47.28 -8.68
CA GLU A 1310 1.38 45.95 -8.27
C GLU A 1310 0.23 46.11 -7.30
N THR A 1311 -0.85 45.36 -7.54
CA THR A 1311 -2.09 45.55 -6.81
C THR A 1311 -2.38 44.35 -5.91
N ASP A 1312 -3.43 44.51 -5.12
CA ASP A 1312 -4.05 43.42 -4.37
C ASP A 1312 -5.47 43.24 -4.88
N GLY A 1313 -5.84 42.01 -5.18
CA GLY A 1313 -7.07 41.76 -5.90
C GLY A 1313 -6.88 41.90 -7.40
N ILE A 1314 -7.79 41.28 -8.15
CA ILE A 1314 -7.64 41.15 -9.58
C ILE A 1314 -8.89 41.68 -10.28
N ASN A 1315 -8.68 42.55 -11.26
CA ASN A 1315 -9.70 42.88 -12.25
C ASN A 1315 -8.94 43.22 -13.54
N LEU A 1316 -8.71 42.19 -14.36
CA LEU A 1316 -7.81 42.35 -15.50
C LEU A 1316 -8.45 43.16 -16.61
N ALA A 1317 -9.71 42.86 -16.93
CA ALA A 1317 -10.37 43.53 -18.05
C ALA A 1317 -10.50 45.02 -17.81
N GLU A 1318 -10.87 45.42 -16.59
CA GLU A 1318 -11.06 46.83 -16.30
C GLU A 1318 -9.73 47.57 -16.22
N VAL A 1319 -8.74 46.98 -15.56
CA VAL A 1319 -7.46 47.66 -15.41
C VAL A 1319 -6.76 47.81 -16.76
N MET A 1320 -6.92 46.81 -17.65
CA MET A 1320 -6.30 46.90 -18.96
C MET A 1320 -6.81 48.10 -19.76
N ALA A 1321 -8.02 48.58 -19.44
CA ALA A 1321 -8.65 49.65 -20.19
C ALA A 1321 -8.35 51.03 -19.64
N VAL A 1322 -7.66 51.13 -18.52
CA VAL A 1322 -7.37 52.44 -17.92
C VAL A 1322 -6.38 53.18 -18.81
N PRO A 1323 -6.66 54.43 -19.20
CA PRO A 1323 -5.69 55.19 -19.99
C PRO A 1323 -4.41 55.41 -19.22
N GLY A 1324 -3.29 55.38 -19.95
CA GLY A 1324 -1.98 55.47 -19.34
C GLY A 1324 -1.38 54.15 -18.93
N VAL A 1325 -2.11 53.05 -19.09
CA VAL A 1325 -1.66 51.71 -18.75
C VAL A 1325 -1.25 51.00 -20.02
N ASP A 1326 -0.07 50.37 -19.99
CA ASP A 1326 0.36 49.58 -21.14
C ASP A 1326 -0.49 48.31 -21.22
N SER A 1327 -1.57 48.37 -22.00
CA SER A 1327 -2.52 47.29 -22.06
C SER A 1327 -1.97 46.03 -22.72
N SER A 1328 -0.83 46.12 -23.40
CA SER A 1328 -0.26 44.97 -24.07
C SER A 1328 0.68 44.17 -23.18
N ARG A 1329 0.84 44.56 -21.92
CA ARG A 1329 1.73 43.85 -21.01
C ARG A 1329 1.15 43.61 -19.63
N THR A 1330 -0.09 44.01 -19.37
CA THR A 1330 -0.71 43.77 -18.07
C THR A 1330 -0.80 42.27 -17.81
N TYR A 1331 -0.41 41.86 -16.62
CA TYR A 1331 -0.28 40.45 -16.28
C TYR A 1331 -0.92 40.18 -14.93
N SER A 1332 -1.46 38.97 -14.76
CA SER A 1332 -2.09 38.56 -13.52
C SER A 1332 -1.56 37.19 -13.12
N ASN A 1333 -1.55 36.93 -11.82
CA ASN A 1333 -1.10 35.64 -11.31
C ASN A 1333 -2.23 34.64 -11.12
N SER A 1334 -3.46 35.01 -11.48
CA SER A 1334 -4.60 34.11 -11.46
C SER A 1334 -4.95 33.76 -12.91
N PHE A 1335 -4.50 32.59 -13.35
CA PHE A 1335 -4.66 32.21 -14.75
C PHE A 1335 -6.09 31.85 -15.11
N VAL A 1336 -7.00 31.72 -14.14
CA VAL A 1336 -8.42 31.59 -14.49
C VAL A 1336 -8.92 32.85 -15.16
N GLU A 1337 -8.57 34.01 -14.60
CA GLU A 1337 -8.92 35.28 -15.23
C GLU A 1337 -8.21 35.45 -16.56
N ILE A 1338 -6.95 35.01 -16.64
CA ILE A 1338 -6.24 35.06 -17.91
C ILE A 1338 -6.97 34.23 -18.96
N LEU A 1339 -7.50 33.06 -18.57
CA LEU A 1339 -8.27 32.26 -19.49
C LEU A 1339 -9.54 32.97 -19.91
N SER A 1340 -10.21 33.63 -18.96
CA SER A 1340 -11.46 34.30 -19.28
C SER A 1340 -11.26 35.53 -20.13
N VAL A 1341 -10.06 36.12 -20.13
CA VAL A 1341 -9.80 37.38 -20.80
C VAL A 1341 -9.03 37.20 -22.11
N LEU A 1342 -7.86 36.56 -22.05
CA LEU A 1342 -6.91 36.56 -23.16
C LEU A 1342 -6.91 35.27 -23.97
N GLY A 1343 -7.58 34.23 -23.53
CA GLY A 1343 -7.64 32.99 -24.29
C GLY A 1343 -6.95 31.84 -23.58
N ILE A 1344 -6.54 30.86 -24.39
CA ILE A 1344 -5.99 29.62 -23.84
C ILE A 1344 -4.48 29.57 -24.00
N GLU A 1345 -3.95 30.18 -25.08
CA GLU A 1345 -2.51 30.22 -25.24
C GLU A 1345 -1.86 31.13 -24.21
N ALA A 1346 -2.48 32.26 -23.93
CA ALA A 1346 -2.00 33.10 -22.85
C ALA A 1346 -2.10 32.38 -21.51
N THR A 1347 -3.13 31.56 -21.32
CA THR A 1347 -3.22 30.76 -20.12
C THR A 1347 -2.07 29.78 -20.03
N ARG A 1348 -1.70 29.17 -21.15
CA ARG A 1348 -0.56 28.25 -21.16
C ARG A 1348 0.72 28.95 -20.74
N SER A 1349 0.97 30.13 -21.32
CA SER A 1349 2.18 30.88 -20.97
C SER A 1349 2.17 31.30 -19.50
N SER A 1350 1.03 31.79 -19.02
CA SER A 1350 0.94 32.23 -17.63
C SER A 1350 1.14 31.07 -16.67
N LEU A 1351 0.54 29.92 -17.00
CA LEU A 1351 0.68 28.73 -16.16
C LEU A 1351 2.13 28.29 -16.09
N TYR A 1352 2.82 28.29 -17.22
CA TYR A 1352 4.24 27.95 -17.20
C TYR A 1352 5.03 28.95 -16.36
N LYS A 1353 4.72 30.24 -16.49
CA LYS A 1353 5.44 31.24 -15.71
C LYS A 1353 5.24 31.04 -14.22
N GLU A 1354 4.01 30.77 -13.80
CA GLU A 1354 3.73 30.55 -12.38
C GLU A 1354 4.44 29.32 -11.86
N ILE A 1355 4.42 28.22 -12.62
CA ILE A 1355 5.09 26.99 -12.17
C ILE A 1355 6.59 27.22 -12.05
N LEU A 1356 7.18 27.88 -13.04
CA LEU A 1356 8.62 28.16 -12.99
C LEU A 1356 8.95 29.07 -11.83
N ASN A 1357 8.08 30.05 -11.55
CA ASN A 1357 8.30 30.93 -10.40
C ASN A 1357 8.30 30.15 -9.10
N VAL A 1358 7.38 29.19 -8.97
CA VAL A 1358 7.34 28.38 -7.74
C VAL A 1358 8.60 27.54 -7.62
N ILE A 1359 9.00 26.89 -8.71
CA ILE A 1359 10.13 25.96 -8.64
C ILE A 1359 11.45 26.69 -8.41
N ALA A 1360 11.67 27.79 -9.12
CA ALA A 1360 12.96 28.45 -9.13
C ALA A 1360 13.16 29.44 -8.00
N PHE A 1361 12.19 29.57 -7.09
CA PHE A 1361 12.34 30.51 -6.00
C PHE A 1361 13.51 30.13 -5.09
N ASP A 1362 13.66 28.85 -4.79
CA ASP A 1362 14.74 28.37 -3.95
C ASP A 1362 16.01 28.05 -4.73
N GLY A 1363 16.14 28.57 -5.95
CA GLY A 1363 17.33 28.36 -6.75
C GLY A 1363 17.37 27.06 -7.50
N SER A 1364 16.37 26.20 -7.37
CA SER A 1364 16.36 24.94 -8.08
C SER A 1364 16.13 25.17 -9.57
N TYR A 1365 16.53 24.18 -10.37
CA TYR A 1365 16.38 24.25 -11.82
C TYR A 1365 15.79 22.94 -12.32
N VAL A 1366 14.71 23.05 -13.09
CA VAL A 1366 14.09 21.91 -13.76
C VAL A 1366 14.06 22.21 -15.25
N ASN A 1367 14.40 21.22 -16.05
CA ASN A 1367 14.48 21.42 -17.49
C ASN A 1367 13.15 21.90 -18.04
N TYR A 1368 13.22 22.64 -19.15
CA TYR A 1368 12.03 23.29 -19.68
C TYR A 1368 11.01 22.28 -20.18
N ARG A 1369 11.47 21.19 -20.81
CA ARG A 1369 10.55 20.29 -21.49
C ARG A 1369 9.57 19.63 -20.54
N HIS A 1370 9.97 19.40 -19.29
CA HIS A 1370 9.06 18.76 -18.33
C HIS A 1370 7.89 19.67 -17.99
N MET A 1371 8.18 20.92 -17.65
CA MET A 1371 7.11 21.86 -17.34
C MET A 1371 6.28 22.18 -18.58
N ALA A 1372 6.93 22.19 -19.75
CA ALA A 1372 6.18 22.37 -20.99
C ALA A 1372 5.18 21.25 -21.19
N LEU A 1373 5.60 20.01 -20.95
CA LEU A 1373 4.68 18.88 -21.07
C LEU A 1373 3.55 18.99 -20.07
N LEU A 1374 3.85 19.37 -18.84
CA LEU A 1374 2.79 19.47 -17.83
C LEU A 1374 1.76 20.52 -18.22
N VAL A 1375 2.21 21.72 -18.62
CA VAL A 1375 1.26 22.77 -18.95
C VAL A 1375 0.58 22.53 -20.29
N ASP A 1376 1.17 21.70 -21.15
CA ASP A 1376 0.46 21.31 -22.37
C ASP A 1376 -0.61 20.27 -22.07
N VAL A 1377 -0.41 19.43 -21.05
CA VAL A 1377 -1.44 18.50 -20.64
C VAL A 1377 -2.58 19.23 -19.97
N MET A 1378 -2.27 20.22 -19.11
CA MET A 1378 -3.32 20.90 -18.37
C MET A 1378 -4.23 21.74 -19.25
N THR A 1379 -3.77 22.16 -20.43
CA THR A 1379 -4.55 23.05 -21.29
C THR A 1379 -4.78 22.46 -22.68
N SER A 1380 -4.85 21.13 -22.79
CA SER A 1380 -4.99 20.51 -24.10
C SER A 1380 -6.45 20.36 -24.54
N ARG A 1381 -7.40 20.52 -23.62
CA ARG A 1381 -8.80 20.32 -23.92
C ARG A 1381 -9.54 21.62 -24.23
N GLY A 1382 -8.84 22.74 -24.28
CA GLY A 1382 -9.46 24.03 -24.44
C GLY A 1382 -9.82 24.71 -23.14
N TYR A 1383 -9.69 24.04 -22.01
CA TYR A 1383 -9.96 24.62 -20.71
C TYR A 1383 -8.95 24.05 -19.71
N LEU A 1384 -8.86 24.71 -18.55
CA LEU A 1384 -7.92 24.27 -17.53
C LEU A 1384 -8.41 22.97 -16.90
N MET A 1385 -7.60 21.92 -17.03
CA MET A 1385 -7.91 20.61 -16.48
C MET A 1385 -7.10 20.43 -15.21
N ALA A 1386 -7.77 20.53 -14.06
CA ALA A 1386 -7.09 20.41 -12.78
C ALA A 1386 -6.55 19.00 -12.60
N ILE A 1387 -5.44 18.90 -11.87
CA ILE A 1387 -4.84 17.58 -11.57
C ILE A 1387 -5.50 17.09 -10.29
N THR A 1388 -6.72 16.59 -10.45
CA THR A 1388 -7.51 15.98 -9.38
C THR A 1388 -8.38 14.91 -10.03
N ARG A 1389 -9.23 14.28 -9.21
CA ARG A 1389 -10.15 13.30 -9.78
C ARG A 1389 -11.18 13.97 -10.68
N HIS A 1390 -11.59 15.19 -10.35
CA HIS A 1390 -12.55 15.91 -11.17
C HIS A 1390 -11.96 16.37 -12.50
N GLY A 1391 -10.65 16.35 -12.65
CA GLY A 1391 -10.03 16.68 -13.92
C GLY A 1391 -9.60 15.48 -14.71
N ILE A 1392 -8.91 14.54 -14.05
CA ILE A 1392 -8.38 13.37 -14.73
C ILE A 1392 -9.48 12.37 -15.06
N ASN A 1393 -10.35 12.07 -14.10
CA ASN A 1393 -11.35 11.04 -14.29
C ASN A 1393 -12.49 11.46 -15.21
N ARG A 1394 -12.55 12.73 -15.61
CA ARG A 1394 -13.57 13.19 -16.54
C ARG A 1394 -13.08 13.17 -17.99
N ALA A 1395 -12.15 12.28 -18.31
CA ALA A 1395 -11.66 12.09 -19.66
C ALA A 1395 -12.35 10.90 -20.29
N ASP A 1396 -11.95 10.56 -21.52
CA ASP A 1396 -12.51 9.42 -22.24
C ASP A 1396 -11.61 8.19 -22.16
N THR A 1397 -10.64 8.20 -21.25
CA THR A 1397 -9.72 7.07 -21.12
C THR A 1397 -10.46 5.83 -20.63
N GLY A 1398 -9.76 4.71 -20.65
CA GLY A 1398 -10.38 3.45 -20.29
C GLY A 1398 -10.85 3.44 -18.84
N ALA A 1399 -11.92 2.69 -18.60
CA ALA A 1399 -12.47 2.62 -17.25
C ALA A 1399 -11.49 1.98 -16.28
N LEU A 1400 -10.77 0.95 -16.73
CA LEU A 1400 -9.81 0.29 -15.85
C LEU A 1400 -8.68 1.23 -15.47
N MET A 1401 -8.23 2.07 -16.41
CA MET A 1401 -7.19 3.04 -16.08
C MET A 1401 -7.70 4.09 -15.10
N ARG A 1402 -8.93 4.55 -15.29
CA ARG A 1402 -9.46 5.62 -14.45
C ARG A 1402 -9.76 5.11 -13.04
N CYS A 1403 -10.24 3.88 -12.92
CA CYS A 1403 -10.63 3.36 -11.61
C CYS A 1403 -9.42 3.08 -10.73
N SER A 1404 -8.23 2.97 -11.30
CA SER A 1404 -7.04 2.69 -10.52
C SER A 1404 -6.54 3.90 -9.75
N PHE A 1405 -7.05 5.09 -10.04
CA PHE A 1405 -6.59 6.30 -9.38
C PHE A 1405 -7.46 6.62 -8.15
N GLU A 1406 -8.74 6.91 -8.36
CA GLU A 1406 -9.65 7.26 -7.29
C GLU A 1406 -11.06 6.93 -7.74
N GLU A 1407 -11.96 6.80 -6.76
CA GLU A 1407 -13.37 6.49 -7.00
C GLU A 1407 -13.52 5.21 -7.81
N THR A 1408 -12.92 4.13 -7.30
CA THR A 1408 -12.87 2.89 -8.06
C THR A 1408 -14.26 2.30 -8.28
N VAL A 1409 -15.03 2.14 -7.20
CA VAL A 1409 -16.29 1.42 -7.30
C VAL A 1409 -17.32 2.23 -8.06
N GLU A 1410 -17.36 3.54 -7.82
CA GLU A 1410 -18.29 4.39 -8.54
C GLU A 1410 -17.98 4.40 -10.04
N ILE A 1411 -16.69 4.47 -10.38
CA ILE A 1411 -16.30 4.42 -11.79
C ILE A 1411 -16.71 3.10 -12.40
N LEU A 1412 -16.53 2.00 -11.67
CA LEU A 1412 -16.88 0.70 -12.22
C LEU A 1412 -18.39 0.56 -12.44
N PHE A 1413 -19.21 1.04 -11.50
CA PHE A 1413 -20.65 1.04 -11.73
C PHE A 1413 -21.03 1.91 -12.92
N GLU A 1414 -20.44 3.10 -13.03
CA GLU A 1414 -20.78 3.97 -14.15
C GLU A 1414 -20.39 3.34 -15.48
N ALA A 1415 -19.24 2.66 -15.51
CA ALA A 1415 -18.83 1.96 -16.72
C ALA A 1415 -19.76 0.82 -17.05
N GLY A 1416 -20.20 0.07 -16.04
CA GLY A 1416 -21.11 -1.04 -16.29
C GLY A 1416 -22.47 -0.57 -16.78
N ALA A 1417 -23.02 0.47 -16.16
CA ALA A 1417 -24.34 0.95 -16.56
C ALA A 1417 -24.32 1.57 -17.96
N ALA A 1418 -23.22 2.21 -18.32
CA ALA A 1418 -23.09 2.84 -19.63
C ALA A 1418 -22.47 1.92 -20.68
N ALA A 1419 -22.16 0.68 -20.32
CA ALA A 1419 -21.59 -0.30 -21.24
C ALA A 1419 -20.31 0.23 -21.90
N GLU A 1420 -19.44 0.82 -21.08
CA GLU A 1420 -18.19 1.37 -21.60
C GLU A 1420 -17.30 0.27 -22.17
N LEU A 1421 -16.55 0.60 -23.20
CA LEU A 1421 -15.60 -0.31 -23.81
C LEU A 1421 -14.19 0.22 -23.57
N ASP A 1422 -13.34 -0.63 -23.00
CA ASP A 1422 -11.94 -0.30 -22.76
C ASP A 1422 -11.08 -1.00 -23.80
N ASP A 1423 -10.27 -0.22 -24.51
CA ASP A 1423 -9.47 -0.75 -25.60
C ASP A 1423 -8.11 -1.26 -25.14
N CYS A 1424 -7.81 -1.18 -23.85
CA CYS A 1424 -6.58 -1.73 -23.28
C CYS A 1424 -5.34 -1.17 -23.98
N ARG A 1425 -5.37 0.13 -24.27
CA ARG A 1425 -4.21 0.80 -24.87
C ARG A 1425 -3.32 1.47 -23.84
N GLY A 1426 -3.82 1.71 -22.64
CA GLY A 1426 -3.03 2.37 -21.62
C GLY A 1426 -2.02 1.44 -20.99
N VAL A 1427 -1.26 1.99 -20.06
CA VAL A 1427 -0.23 1.21 -19.37
C VAL A 1427 -0.78 0.57 -18.10
N SER A 1428 -1.72 1.22 -17.43
CA SER A 1428 -2.31 0.64 -16.23
C SER A 1428 -3.14 -0.59 -16.58
N GLU A 1429 -3.89 -0.53 -17.69
CA GLU A 1429 -4.68 -1.68 -18.10
C GLU A 1429 -3.80 -2.89 -18.37
N ASN A 1430 -2.68 -2.69 -19.05
CA ASN A 1430 -1.80 -3.81 -19.36
C ASN A 1430 -1.02 -4.27 -18.14
N VAL A 1431 -0.76 -3.37 -17.20
CA VAL A 1431 -0.08 -3.77 -15.96
C VAL A 1431 -1.00 -4.65 -15.12
N MET A 1432 -2.26 -4.25 -14.96
CA MET A 1432 -3.16 -5.01 -14.12
C MET A 1432 -3.69 -6.27 -14.79
N LEU A 1433 -3.41 -6.48 -16.07
CA LEU A 1433 -3.75 -7.71 -16.75
C LEU A 1433 -2.53 -8.58 -17.03
N GLY A 1434 -1.36 -8.20 -16.52
CA GLY A 1434 -0.16 -8.99 -16.70
C GLY A 1434 0.25 -9.15 -18.15
N GLN A 1435 0.26 -8.05 -18.91
CA GLN A 1435 0.61 -8.07 -20.32
C GLN A 1435 1.74 -7.09 -20.58
N LEU A 1436 2.37 -7.26 -21.73
CA LEU A 1436 3.45 -6.37 -22.15
C LEU A 1436 2.87 -5.02 -22.53
N ALA A 1437 3.11 -4.01 -21.70
CA ALA A 1437 2.57 -2.68 -21.96
C ALA A 1437 3.16 -2.10 -23.24
N PRO A 1438 2.40 -1.29 -23.96
CA PRO A 1438 2.91 -0.66 -25.19
C PRO A 1438 3.81 0.54 -24.88
N MET A 1439 4.87 0.28 -24.14
CA MET A 1439 5.80 1.30 -23.69
C MET A 1439 7.21 0.78 -23.81
N GLY A 1440 8.17 1.69 -23.87
CA GLY A 1440 9.57 1.33 -23.86
C GLY A 1440 9.94 0.20 -24.79
N THR A 1441 10.34 -0.93 -24.22
CA THR A 1441 10.71 -2.09 -25.02
C THR A 1441 9.49 -2.83 -25.57
N GLY A 1442 8.28 -2.48 -25.14
CA GLY A 1442 7.08 -3.07 -25.64
C GLY A 1442 6.34 -2.24 -26.67
N ALA A 1443 6.97 -1.22 -27.25
CA ALA A 1443 6.33 -0.33 -28.18
C ALA A 1443 6.47 -0.78 -29.63
N PHE A 1444 6.81 -2.03 -29.85
CA PHE A 1444 7.01 -2.56 -31.19
C PHE A 1444 6.88 -4.08 -31.12
N ASP A 1445 7.09 -4.72 -32.26
CA ASP A 1445 7.04 -6.17 -32.35
C ASP A 1445 8.28 -6.68 -33.04
N VAL A 1446 8.69 -7.89 -32.68
CA VAL A 1446 9.84 -8.55 -33.28
C VAL A 1446 9.33 -9.71 -34.11
N MET A 1447 9.68 -9.73 -35.39
CA MET A 1447 9.33 -10.80 -36.30
C MET A 1447 10.58 -11.58 -36.67
N ILE A 1448 10.38 -12.72 -37.31
CA ILE A 1448 11.47 -13.59 -37.70
C ILE A 1448 11.74 -13.40 -39.19
N ASP A 1449 13.00 -13.15 -39.53
CA ASP A 1449 13.40 -12.77 -40.89
C ASP A 1449 13.72 -14.02 -41.68
N GLU A 1450 12.71 -14.57 -42.35
CA GLU A 1450 12.91 -15.77 -43.14
C GLU A 1450 13.82 -15.51 -44.34
N LYS A 1451 13.91 -14.25 -44.78
CA LYS A 1451 14.81 -13.93 -45.89
C LYS A 1451 16.26 -13.98 -45.45
N LEU A 1452 16.58 -13.42 -44.30
CA LEU A 1452 17.97 -13.38 -43.85
C LEU A 1452 18.48 -14.76 -43.45
N LEU A 1453 17.58 -15.62 -42.94
CA LEU A 1453 18.00 -16.95 -42.51
C LEU A 1453 18.40 -17.84 -43.69
N THR A 1454 18.12 -17.41 -44.92
CA THR A 1454 18.53 -18.20 -46.09
C THR A 1454 20.03 -18.22 -46.30
N SER A 1455 20.79 -17.37 -45.61
CA SER A 1455 22.24 -17.37 -45.73
C SER A 1455 22.83 -18.61 -45.08
N ASP B 9 22.80 36.06 57.48
CA ASP B 9 22.89 34.62 57.26
C ASP B 9 24.05 34.29 56.33
N ASP B 10 23.87 33.27 55.50
CA ASP B 10 24.87 32.89 54.51
C ASP B 10 24.18 32.63 53.19
N THR B 11 24.93 32.80 52.11
CA THR B 11 24.37 32.68 50.77
C THR B 11 24.03 31.22 50.45
N ILE B 12 23.14 31.05 49.48
CA ILE B 12 22.72 29.75 49.00
C ILE B 12 23.42 29.47 47.67
N THR B 13 24.13 28.35 47.60
CA THR B 13 24.87 27.98 46.41
C THR B 13 24.09 26.95 45.60
N THR B 14 24.69 26.50 44.51
CA THR B 14 24.05 25.47 43.69
C THR B 14 23.96 24.14 44.41
N GLU B 15 24.95 23.81 45.23
CA GLU B 15 24.93 22.54 45.94
C GLU B 15 23.76 22.47 46.91
N ASP B 16 23.35 23.60 47.47
CA ASP B 16 22.17 23.62 48.32
C ASP B 16 20.91 23.38 47.52
N CYS B 17 20.85 23.92 46.30
CA CYS B 17 19.73 23.62 45.41
C CYS B 17 19.65 22.13 45.12
N TRP B 18 20.80 21.50 44.90
CA TRP B 18 20.78 20.07 44.66
C TRP B 18 20.43 19.27 45.90
N THR B 19 20.79 19.78 47.08
CA THR B 19 20.32 19.16 48.32
C THR B 19 18.80 19.20 48.42
N VAL B 20 18.20 20.33 48.08
CA VAL B 20 16.75 20.45 48.11
C VAL B 20 16.11 19.50 47.10
N ILE B 21 16.68 19.43 45.90
CA ILE B 21 16.14 18.52 44.88
C ILE B 21 16.25 17.07 45.34
N SER B 22 17.35 16.73 46.02
CA SER B 22 17.50 15.40 46.56
C SER B 22 16.43 15.10 47.59
N ALA B 23 16.10 16.08 48.44
CA ALA B 23 15.00 15.90 49.39
C ALA B 23 13.68 15.66 48.66
N PHE B 24 13.43 16.44 47.61
CA PHE B 24 12.22 16.25 46.82
C PHE B 24 12.11 14.82 46.31
N PHE B 25 13.19 14.31 45.70
CA PHE B 25 13.11 12.98 45.12
C PHE B 25 13.11 11.90 46.19
N GLU B 26 13.65 12.20 47.37
CA GLU B 26 13.58 11.25 48.47
C GLU B 26 12.15 11.08 48.96
N GLU B 27 11.39 12.18 49.02
CA GLU B 27 10.00 12.04 49.45
C GLU B 27 9.10 11.54 48.33
N LYS B 28 9.06 12.26 47.20
CA LYS B 28 8.07 11.99 46.17
C LYS B 28 8.40 10.72 45.39
N GLY B 29 9.56 10.69 44.75
CA GLY B 29 9.86 9.65 43.78
C GLY B 29 9.56 10.11 42.38
N LEU B 30 9.73 9.18 41.44
CA LEU B 30 9.56 9.51 40.03
C LEU B 30 8.18 9.13 39.48
N VAL B 31 7.46 8.22 40.13
CA VAL B 31 6.15 7.81 39.64
C VAL B 31 5.11 8.07 40.71
N SER B 32 5.32 9.10 41.52
CA SER B 32 4.42 9.37 42.63
C SER B 32 3.03 9.73 42.14
N GLN B 33 2.91 10.32 40.96
CA GLN B 33 1.59 10.77 40.50
C GLN B 33 0.68 9.58 40.18
N GLN B 34 1.23 8.54 39.54
CA GLN B 34 0.44 7.35 39.26
C GLN B 34 -0.08 6.72 40.55
N LEU B 35 0.81 6.51 41.51
CA LEU B 35 0.43 5.85 42.75
C LEU B 35 -0.55 6.70 43.54
N ASP B 36 -0.33 8.02 43.59
CA ASP B 36 -1.25 8.89 44.31
C ASP B 36 -2.64 8.88 43.68
N SER B 37 -2.70 8.94 42.36
CA SER B 37 -4.00 8.91 41.69
C SER B 37 -4.72 7.59 41.95
N PHE B 38 -4.01 6.47 41.90
CA PHE B 38 -4.66 5.20 42.14
C PHE B 38 -5.11 5.06 43.59
N ASP B 39 -4.30 5.53 44.53
CA ASP B 39 -4.70 5.48 45.94
C ASP B 39 -5.94 6.32 46.17
N GLU B 40 -6.01 7.50 45.55
CA GLU B 40 -7.21 8.31 45.65
C GLU B 40 -8.42 7.60 45.07
N PHE B 41 -8.24 6.93 43.93
CA PHE B 41 -9.37 6.22 43.32
C PHE B 41 -9.87 5.10 44.23
N MET B 42 -8.96 4.33 44.80
CA MET B 42 -9.40 3.19 45.61
C MET B 42 -9.97 3.64 46.94
N GLU B 43 -9.36 4.63 47.57
CA GLU B 43 -9.76 5.00 48.92
C GLU B 43 -11.17 5.60 48.94
N THR B 44 -11.42 6.59 48.08
CA THR B 44 -12.65 7.36 48.16
C THR B 44 -13.50 7.32 46.90
N SER B 45 -12.89 7.17 45.71
CA SER B 45 -13.65 7.35 44.48
C SER B 45 -14.67 6.24 44.26
N ILE B 46 -14.32 5.00 44.61
CA ILE B 46 -15.25 3.89 44.40
C ILE B 46 -16.50 4.07 45.24
N GLN B 47 -16.32 4.46 46.50
CA GLN B 47 -17.47 4.65 47.39
C GLN B 47 -18.40 5.74 46.86
N ASP B 48 -17.83 6.84 46.38
CA ASP B 48 -18.65 7.93 45.87
C ASP B 48 -19.34 7.52 44.57
N LEU B 49 -18.66 6.74 43.73
CA LEU B 49 -19.31 6.25 42.52
C LEU B 49 -20.49 5.37 42.86
N VAL B 50 -20.36 4.55 43.91
CA VAL B 50 -21.48 3.72 44.34
C VAL B 50 -22.61 4.57 44.89
N TRP B 51 -22.28 5.56 45.72
CA TRP B 51 -23.30 6.40 46.35
C TRP B 51 -23.91 7.42 45.41
N GLU B 52 -23.37 7.57 44.19
CA GLU B 52 -23.99 8.46 43.22
C GLU B 52 -25.44 8.06 42.95
N GLU B 53 -25.71 6.76 42.88
CA GLU B 53 -27.07 6.23 42.70
C GLU B 53 -27.31 5.20 43.81
N PRO B 54 -27.62 5.66 45.02
CA PRO B 54 -27.65 4.75 46.18
C PRO B 54 -28.94 3.97 46.36
N ARG B 55 -29.92 4.08 45.46
CA ARG B 55 -31.20 3.42 45.66
C ARG B 55 -31.74 2.84 44.37
N LEU B 56 -32.15 1.58 44.43
CA LEU B 56 -32.94 0.93 43.39
C LEU B 56 -34.32 0.67 43.96
N ILE B 57 -35.35 1.21 43.31
CA ILE B 57 -36.70 1.18 43.86
C ILE B 57 -37.64 0.49 42.88
N LEU B 58 -38.37 -0.50 43.39
CA LEU B 58 -39.51 -1.09 42.69
C LEU B 58 -40.75 -0.98 43.56
N ASP B 59 -41.86 -0.65 42.91
CA ASP B 59 -43.14 -0.50 43.59
C ASP B 59 -44.19 -1.30 42.85
N GLN B 60 -45.24 -1.70 43.56
CA GLN B 60 -46.29 -2.49 42.94
C GLN B 60 -47.61 -2.29 43.67
N PRO B 61 -48.60 -1.69 43.03
CA PRO B 61 -49.95 -1.54 43.62
C PRO B 61 -50.79 -2.80 43.40
N ALA B 62 -50.56 -3.79 44.26
CA ALA B 62 -51.18 -5.09 44.08
C ALA B 62 -52.70 -5.02 44.26
N GLN B 63 -53.42 -5.44 43.22
CA GLN B 63 -54.88 -5.63 43.29
C GLN B 63 -55.16 -6.94 42.54
N HIS B 64 -55.08 -8.05 43.26
CA HIS B 64 -55.19 -9.37 42.65
C HIS B 64 -55.40 -10.44 43.71
N ASP B 69 -58.49 -4.64 47.64
CA ASP B 69 -57.27 -5.18 48.22
C ASP B 69 -56.05 -4.37 47.76
N ASN B 70 -56.18 -3.04 47.80
CA ASN B 70 -55.12 -2.16 47.33
C ASN B 70 -53.92 -2.26 48.27
N ILE B 71 -52.88 -2.95 47.82
CA ILE B 71 -51.67 -3.17 48.62
C ILE B 71 -50.51 -2.62 47.81
N ASN B 72 -50.10 -1.39 48.12
CA ASN B 72 -48.95 -0.78 47.46
C ASN B 72 -47.67 -1.25 48.15
N LYS B 73 -46.93 -2.13 47.49
CA LYS B 73 -45.68 -2.66 48.01
C LYS B 73 -44.51 -2.00 47.27
N ARG B 74 -43.57 -1.45 48.03
CA ARG B 74 -42.35 -0.86 47.47
C ARG B 74 -41.17 -1.71 47.88
N TYR B 75 -40.42 -2.20 46.88
CA TYR B 75 -39.22 -3.00 47.11
C TYR B 75 -38.02 -2.13 46.75
N GLU B 76 -37.22 -1.78 47.75
CA GLU B 76 -36.08 -0.89 47.58
C GLU B 76 -34.83 -1.52 48.18
N ILE B 77 -33.72 -1.43 47.47
CA ILE B 77 -32.43 -1.93 47.93
C ILE B 77 -31.44 -0.78 47.93
N ARG B 78 -30.66 -0.67 49.00
CA ARG B 78 -29.69 0.39 49.17
C ARG B 78 -28.27 -0.17 49.17
N PHE B 79 -27.34 0.63 48.65
CA PHE B 79 -25.93 0.28 48.60
C PHE B 79 -25.21 0.89 49.78
N GLY B 80 -24.42 0.07 50.48
CA GLY B 80 -23.74 0.54 51.67
C GLY B 80 -22.25 0.73 51.50
N LYS B 81 -21.48 0.26 52.47
CA LYS B 81 -20.04 0.46 52.47
C LYS B 81 -19.37 -0.34 51.36
N ILE B 82 -18.15 0.05 51.03
CA ILE B 82 -17.27 -0.70 50.14
C ILE B 82 -16.19 -1.36 50.99
N TYR B 83 -16.04 -2.67 50.83
CA TYR B 83 -14.99 -3.41 51.50
C TYR B 83 -14.00 -3.91 50.46
N LEU B 84 -12.72 -3.59 50.67
CA LEU B 84 -11.64 -4.03 49.81
C LEU B 84 -10.77 -5.01 50.54
N SER B 85 -10.03 -5.81 49.78
CA SER B 85 -9.13 -6.80 50.36
C SER B 85 -7.82 -6.79 49.59
N ARG B 86 -6.82 -7.43 50.17
CA ARG B 86 -5.58 -7.64 49.46
C ARG B 86 -5.80 -8.61 48.31
N PRO B 87 -5.01 -8.51 47.23
CA PRO B 87 -5.18 -9.43 46.11
C PRO B 87 -5.04 -10.87 46.54
N THR B 88 -5.88 -11.72 45.96
CA THR B 88 -5.98 -13.13 46.37
C THR B 88 -6.14 -13.99 45.14
N MET B 89 -5.57 -15.19 45.19
CA MET B 89 -5.63 -16.15 44.09
C MET B 89 -6.45 -17.35 44.52
N THR B 90 -7.44 -17.70 43.70
CA THR B 90 -8.31 -18.84 43.97
C THR B 90 -8.02 -19.93 42.94
N GLU B 91 -7.41 -21.01 43.37
CA GLU B 91 -7.03 -22.09 42.46
C GLU B 91 -8.27 -22.86 42.02
N ALA B 92 -8.05 -23.75 41.05
CA ALA B 92 -9.16 -24.57 40.54
C ALA B 92 -9.67 -25.52 41.60
N ASP B 93 -8.77 -26.08 42.42
CA ASP B 93 -9.20 -27.03 43.44
C ASP B 93 -10.08 -26.37 44.50
N GLY B 94 -9.91 -25.07 44.73
CA GLY B 94 -10.75 -24.36 45.68
C GLY B 94 -9.99 -23.55 46.70
N THR B 95 -8.74 -23.92 46.96
CA THR B 95 -7.95 -23.20 47.95
C THR B 95 -7.64 -21.79 47.48
N THR B 96 -7.65 -20.85 48.41
CA THR B 96 -7.33 -19.46 48.14
C THR B 96 -6.15 -19.02 48.99
N HIS B 97 -5.26 -18.22 48.40
CA HIS B 97 -4.06 -17.80 49.10
C HIS B 97 -3.65 -16.42 48.61
N ALA B 98 -2.83 -15.75 49.40
CA ALA B 98 -2.33 -14.44 49.01
C ALA B 98 -1.50 -14.55 47.74
N MET B 99 -1.57 -13.53 46.90
CA MET B 99 -0.90 -13.53 45.61
C MET B 99 0.09 -12.38 45.55
N PHE B 100 1.28 -12.67 45.04
CA PHE B 100 2.31 -11.66 44.86
C PHE B 100 2.61 -11.47 43.39
N PRO B 101 3.07 -10.29 42.98
CA PRO B 101 3.13 -9.98 41.55
C PRO B 101 3.99 -10.94 40.73
N GLN B 102 5.06 -11.48 41.31
CA GLN B 102 5.92 -12.38 40.54
C GLN B 102 5.16 -13.64 40.14
N GLU B 103 4.36 -14.19 41.05
CA GLU B 103 3.55 -15.37 40.71
C GLU B 103 2.54 -15.04 39.63
N ALA B 104 1.93 -13.86 39.69
CA ALA B 104 1.00 -13.46 38.65
C ALA B 104 1.68 -13.34 37.30
N ARG B 105 2.89 -12.79 37.27
CA ARG B 105 3.63 -12.68 36.03
C ARG B 105 3.99 -14.05 35.47
N LEU B 106 4.43 -14.96 36.34
CA LEU B 106 4.90 -16.26 35.85
C LEU B 106 3.74 -17.11 35.38
N ARG B 107 2.59 -17.02 36.03
CA ARG B 107 1.45 -17.87 35.75
C ARG B 107 0.40 -17.20 34.88
N ASN B 108 0.69 -16.02 34.33
CA ASN B 108 -0.23 -15.29 33.48
C ASN B 108 -1.57 -15.04 34.19
N LEU B 109 -1.51 -14.69 35.46
CA LEU B 109 -2.70 -14.33 36.20
C LEU B 109 -2.92 -12.82 36.10
N THR B 110 -3.91 -12.31 36.83
CA THR B 110 -4.16 -10.88 36.92
C THR B 110 -4.10 -10.48 38.37
N TYR B 111 -3.30 -9.46 38.67
CA TYR B 111 -3.12 -8.97 40.03
C TYR B 111 -4.28 -8.06 40.36
N SER B 112 -5.33 -8.63 40.93
CA SER B 112 -6.55 -7.89 41.24
C SER B 112 -7.07 -8.31 42.60
N SER B 113 -7.96 -7.49 43.15
CA SER B 113 -8.50 -7.76 44.46
C SER B 113 -10.02 -7.67 44.44
N PRO B 114 -10.71 -8.50 45.23
CA PRO B 114 -12.17 -8.46 45.26
C PRO B 114 -12.69 -7.19 45.89
N VAL B 115 -13.88 -6.80 45.45
CA VAL B 115 -14.58 -5.64 46.00
C VAL B 115 -15.93 -6.10 46.53
N TYR B 116 -16.21 -5.80 47.79
CA TYR B 116 -17.44 -6.22 48.45
C TYR B 116 -18.30 -4.99 48.74
N LEU B 117 -19.60 -5.13 48.49
CA LEU B 117 -20.55 -4.05 48.70
C LEU B 117 -21.67 -4.53 49.62
N ASP B 118 -22.09 -3.65 50.54
CA ASP B 118 -23.21 -3.95 51.42
C ASP B 118 -24.50 -3.50 50.75
N MET B 119 -25.42 -4.44 50.57
CA MET B 119 -26.73 -4.15 50.01
C MET B 119 -27.78 -4.40 51.07
N GLU B 120 -28.62 -3.40 51.33
CA GLU B 120 -29.69 -3.51 52.30
C GLU B 120 -31.03 -3.46 51.57
N LYS B 121 -31.85 -4.48 51.79
CA LYS B 121 -33.13 -4.62 51.10
C LYS B 121 -34.26 -4.23 52.04
N SER B 122 -35.18 -3.41 51.56
CA SER B 122 -36.32 -2.94 52.34
C SER B 122 -37.61 -3.28 51.61
N MET B 123 -38.62 -3.65 52.38
CA MET B 123 -39.93 -4.03 51.85
C MET B 123 -40.97 -3.06 52.40
N PHE B 124 -41.14 -1.93 51.72
CA PHE B 124 -42.16 -0.97 52.11
C PHE B 124 -43.53 -1.44 51.68
N THR B 125 -44.49 -1.39 52.61
CA THR B 125 -45.84 -1.86 52.36
C THR B 125 -46.83 -0.85 52.92
N SER B 126 -47.68 -0.31 52.05
CA SER B 126 -48.77 0.56 52.46
C SER B 126 -50.04 0.14 51.74
N ILE B 127 -51.10 -0.10 52.48
CA ILE B 127 -52.39 -0.50 51.92
C ILE B 127 -53.21 0.76 51.69
N ASP B 128 -53.28 1.20 50.44
CA ASP B 128 -53.97 2.43 50.09
C ASP B 128 -54.25 2.52 48.58
N GLY B 153 -28.91 -9.36 53.70
CA GLY B 153 -28.10 -8.34 53.05
C GLY B 153 -26.77 -8.11 53.74
N ASN B 154 -25.69 -8.50 53.08
CA ASN B 154 -24.35 -8.40 53.64
C ASN B 154 -23.37 -8.16 52.50
N LYS B 155 -22.10 -8.45 52.75
CA LYS B 155 -21.03 -8.11 51.81
C LYS B 155 -21.19 -8.99 50.57
N VAL B 156 -21.83 -8.45 49.54
CA VAL B 156 -21.97 -9.15 48.27
C VAL B 156 -20.80 -8.77 47.37
N HIS B 157 -20.29 -9.76 46.63
CA HIS B 157 -19.10 -9.57 45.81
C HIS B 157 -19.50 -9.08 44.43
N ILE B 158 -19.01 -7.89 44.07
CA ILE B 158 -19.42 -7.24 42.82
C ILE B 158 -18.36 -7.29 41.74
N GLY B 159 -17.12 -7.62 42.06
CA GLY B 159 -16.10 -7.72 41.03
C GLY B 159 -14.72 -7.66 41.63
N LYS B 160 -13.72 -7.71 40.75
CA LYS B 160 -12.32 -7.67 41.12
C LYS B 160 -11.64 -6.53 40.38
N VAL B 161 -11.02 -5.63 41.13
CA VAL B 161 -10.36 -4.45 40.59
C VAL B 161 -8.87 -4.72 40.53
N PRO B 162 -8.23 -4.55 39.37
CA PRO B 162 -6.77 -4.71 39.30
C PRO B 162 -6.07 -3.70 40.20
N ILE B 163 -4.95 -4.13 40.77
CA ILE B 163 -4.21 -3.34 41.75
C ILE B 163 -2.92 -2.86 41.10
N MET B 164 -2.67 -1.56 41.21
CA MET B 164 -1.41 -0.98 40.75
C MET B 164 -0.29 -1.36 41.70
N LEU B 165 0.85 -1.75 41.14
CA LEU B 165 1.95 -2.24 41.95
C LEU B 165 2.57 -1.11 42.76
N ARG B 166 2.99 -1.45 43.98
CA ARG B 166 3.60 -0.54 44.94
C ARG B 166 2.64 0.52 45.45
N SER B 167 1.35 0.41 45.14
CA SER B 167 0.36 1.34 45.66
C SER B 167 -0.03 0.92 47.07
N LYS B 168 -1.01 1.60 47.66
CA LYS B 168 -1.33 1.35 49.06
C LYS B 168 -1.95 -0.03 49.26
N PHE B 169 -2.59 -0.59 48.25
CA PHE B 169 -3.26 -1.87 48.36
C PHE B 169 -2.45 -3.01 47.76
N CYS B 170 -1.19 -2.76 47.41
CA CYS B 170 -0.32 -3.80 46.89
C CYS B 170 0.35 -4.53 48.03
N SER B 171 0.68 -5.80 47.80
CA SER B 171 1.33 -6.60 48.83
C SER B 171 2.78 -6.20 49.05
N LEU B 172 3.37 -5.46 48.12
CA LEU B 172 4.76 -5.04 48.21
C LEU B 172 4.95 -3.69 48.87
N ARG B 173 3.87 -3.02 49.29
CA ARG B 173 4.03 -1.76 49.99
C ARG B 173 4.78 -1.95 51.30
N THR B 174 4.48 -3.03 52.01
CA THR B 174 5.25 -3.48 53.15
C THR B 174 6.41 -4.34 52.64
N LEU B 175 6.98 -5.18 53.50
CA LEU B 175 7.99 -6.21 53.23
C LEU B 175 9.43 -5.70 53.24
N ASP B 176 9.68 -4.40 53.42
CA ASP B 176 11.04 -3.93 53.62
C ASP B 176 11.95 -4.30 52.45
N GLU B 177 13.27 -4.26 52.68
CA GLU B 177 14.21 -4.55 51.61
C GLU B 177 14.53 -6.04 51.51
N VAL B 178 14.69 -6.71 52.64
CA VAL B 178 15.15 -8.09 52.63
C VAL B 178 14.10 -9.00 52.01
N ASP B 179 12.85 -8.88 52.46
CA ASP B 179 11.80 -9.74 51.95
C ASP B 179 11.49 -9.46 50.49
N LEU B 180 11.85 -8.28 49.98
CA LEU B 180 11.65 -8.00 48.58
C LEU B 180 12.52 -8.88 47.71
N TYR B 181 13.65 -9.36 48.23
CA TYR B 181 14.50 -10.27 47.48
C TYR B 181 13.96 -11.69 47.52
N LYS B 182 13.37 -12.11 48.65
CA LYS B 182 12.82 -13.45 48.75
C LYS B 182 11.63 -13.64 47.82
N MET B 183 10.88 -12.58 47.57
CA MET B 183 9.75 -12.61 46.65
C MET B 183 10.17 -12.46 45.20
N LYS B 184 11.47 -12.43 44.92
CA LYS B 184 12.00 -12.29 43.56
C LYS B 184 11.53 -10.99 42.91
N GLU B 185 11.50 -9.92 43.69
CA GLU B 185 11.16 -8.59 43.20
C GLU B 185 12.40 -7.72 43.22
N CYS B 186 12.62 -6.98 42.15
CA CYS B 186 13.76 -6.08 42.10
C CYS B 186 13.51 -4.87 42.99
N PRO B 187 14.41 -4.54 43.90
CA PRO B 187 14.23 -3.32 44.70
C PRO B 187 14.26 -2.05 43.87
N TYR B 188 14.84 -2.08 42.67
CA TYR B 188 14.84 -0.92 41.80
C TYR B 188 13.53 -0.74 41.05
N ASP B 189 12.66 -1.74 41.03
CA ASP B 189 11.36 -1.58 40.39
C ASP B 189 10.54 -0.54 41.14
N MET B 190 9.87 0.32 40.38
CA MET B 190 9.21 1.48 40.95
C MET B 190 7.70 1.34 41.01
N GLY B 191 7.13 0.28 40.43
CA GLY B 191 5.68 0.14 40.46
C GLY B 191 5.01 1.06 39.45
N GLY B 192 3.75 1.38 39.72
CA GLY B 192 3.01 2.26 38.84
C GLY B 192 2.38 1.62 37.64
N TYR B 193 2.34 0.29 37.57
CA TYR B 193 1.75 -0.41 36.45
C TYR B 193 0.90 -1.56 36.96
N PHE B 194 0.00 -2.03 36.11
CA PHE B 194 -0.86 -3.16 36.43
C PHE B 194 -0.32 -4.42 35.77
N VAL B 195 -0.77 -5.57 36.27
CA VAL B 195 -0.43 -6.87 35.70
C VAL B 195 -1.73 -7.54 35.29
N ILE B 196 -2.04 -7.51 34.00
CA ILE B 196 -3.22 -8.16 33.44
C ILE B 196 -2.76 -9.32 32.58
N ASN B 197 -3.19 -10.53 32.94
CA ASN B 197 -2.82 -11.75 32.22
C ASN B 197 -1.31 -11.91 32.12
N GLY B 198 -0.60 -11.56 33.19
CA GLY B 198 0.83 -11.72 33.23
C GLY B 198 1.60 -10.66 32.48
N SER B 199 0.93 -9.71 31.85
CA SER B 199 1.57 -8.66 31.09
C SER B 199 1.44 -7.34 31.84
N GLU B 200 2.51 -6.55 31.84
CA GLU B 200 2.54 -5.30 32.57
C GLU B 200 2.00 -4.18 31.70
N LYS B 201 0.90 -3.57 32.14
CA LYS B 201 0.23 -2.52 31.39
C LYS B 201 0.39 -1.20 32.15
N VAL B 202 0.59 -0.12 31.42
CA VAL B 202 0.74 1.21 31.99
C VAL B 202 -0.36 2.10 31.44
N LEU B 203 -0.95 2.91 32.30
CA LEU B 203 -2.01 3.84 31.90
C LEU B 203 -1.39 5.16 31.48
N ILE B 204 -1.57 5.53 30.22
CA ILE B 204 -1.04 6.77 29.70
C ILE B 204 -1.99 7.90 30.05
N ALA B 205 -1.46 8.95 30.68
CA ALA B 205 -2.28 10.09 31.05
C ALA B 205 -2.85 10.78 29.82
N GLN B 206 -4.12 11.16 29.88
CA GLN B 206 -4.82 11.73 28.76
C GLN B 206 -5.10 13.20 29.02
N GLU B 207 -4.71 14.05 28.08
CA GLU B 207 -4.85 15.49 28.22
C GLU B 207 -6.18 15.95 27.63
N ARG B 208 -6.89 16.81 28.36
CA ARG B 208 -8.18 17.31 27.93
C ARG B 208 -8.28 18.78 28.32
N SER B 209 -9.23 19.46 27.68
CA SER B 209 -9.47 20.86 28.02
C SER B 209 -10.17 20.98 29.36
N ALA B 210 -9.82 22.00 30.12
CA ALA B 210 -10.42 22.21 31.42
C ALA B 210 -11.90 22.54 31.28
N ALA B 211 -12.66 22.17 32.30
CA ALA B 211 -14.09 22.44 32.33
C ALA B 211 -14.38 23.66 33.20
N ASN B 212 -15.62 24.13 33.12
CA ASN B 212 -16.12 25.25 33.92
C ASN B 212 -15.38 26.55 33.62
N ILE B 213 -14.87 26.71 32.40
CA ILE B 213 -14.21 27.94 32.00
C ILE B 213 -14.81 28.40 30.68
N VAL B 214 -14.95 29.70 30.53
CA VAL B 214 -15.57 30.29 29.34
C VAL B 214 -14.48 30.49 28.30
N GLN B 215 -14.70 29.93 27.11
CA GLN B 215 -13.78 30.07 25.99
C GLN B 215 -14.47 30.82 24.87
N VAL B 216 -13.86 31.91 24.42
CA VAL B 216 -14.41 32.74 23.36
C VAL B 216 -13.56 32.55 22.11
N PHE B 217 -14.21 32.19 21.01
CA PHE B 217 -13.53 31.88 19.76
C PHE B 217 -14.11 32.69 18.63
N LYS B 218 -13.27 32.98 17.64
CA LYS B 218 -13.70 33.69 16.43
C LYS B 218 -13.92 32.68 15.33
N LYS B 219 -15.16 32.60 14.83
CA LYS B 219 -15.47 31.70 13.74
C LYS B 219 -14.99 32.28 12.41
N ALA B 220 -14.77 31.40 11.45
CA ALA B 220 -14.28 31.81 10.13
C ALA B 220 -15.37 32.56 9.36
N ALA B 221 -14.95 33.24 8.29
CA ALA B 221 -15.86 34.08 7.53
C ALA B 221 -17.04 33.33 6.93
N PRO B 222 -16.86 32.17 6.26
CA PRO B 222 -18.03 31.53 5.62
C PRO B 222 -19.02 30.95 6.62
N SER B 223 -19.61 31.83 7.44
CA SER B 223 -20.57 31.42 8.45
C SER B 223 -21.30 32.64 9.00
N PRO B 224 -22.59 32.53 9.30
CA PRO B 224 -23.29 33.66 9.93
C PRO B 224 -22.77 33.99 11.32
N ILE B 225 -22.05 33.07 11.96
CA ILE B 225 -21.54 33.29 13.30
C ILE B 225 -20.15 33.89 13.21
N SER B 226 -19.92 34.97 13.96
CA SER B 226 -18.61 35.62 14.00
C SER B 226 -17.83 35.26 15.25
N HIS B 227 -18.47 35.25 16.41
CA HIS B 227 -17.84 34.90 17.66
C HIS B 227 -18.70 33.88 18.40
N VAL B 228 -18.05 32.99 19.14
CA VAL B 228 -18.72 31.95 19.90
C VAL B 228 -18.18 31.97 21.32
N ALA B 229 -19.07 31.89 22.30
CA ALA B 229 -18.71 31.70 23.69
C ALA B 229 -19.10 30.28 24.11
N GLU B 230 -18.12 29.52 24.58
CA GLU B 230 -18.28 28.11 24.85
C GLU B 230 -18.04 27.84 26.32
N ILE B 231 -18.79 26.90 26.89
CA ILE B 231 -18.52 26.43 28.24
C ILE B 231 -19.01 25.00 28.36
N ARG B 232 -18.21 24.16 28.99
CA ARG B 232 -18.58 22.79 29.32
C ARG B 232 -18.64 22.65 30.82
N SER B 233 -19.73 22.08 31.32
CA SER B 233 -19.98 22.01 32.75
C SER B 233 -19.63 20.63 33.29
N ALA B 234 -19.22 20.61 34.56
CA ALA B 234 -18.85 19.36 35.21
C ALA B 234 -19.03 19.50 36.71
N LEU B 235 -19.78 18.59 37.31
CA LEU B 235 -20.00 18.61 38.74
C LEU B 235 -18.69 18.38 39.49
N GLU B 236 -18.55 19.04 40.63
CA GLU B 236 -17.34 18.89 41.43
C GLU B 236 -17.18 17.46 41.94
N LYS B 237 -18.28 16.85 42.39
CA LYS B 237 -18.25 15.47 42.88
C LYS B 237 -18.23 14.53 41.68
N GLY B 238 -17.07 13.92 41.43
CA GLY B 238 -16.88 13.01 40.32
C GLY B 238 -16.18 13.63 39.13
N SER B 239 -16.25 14.94 38.97
CA SER B 239 -15.57 15.66 37.89
C SER B 239 -15.92 15.08 36.52
N ARG B 240 -17.20 14.78 36.33
CA ARG B 240 -17.69 14.20 35.09
C ARG B 240 -18.38 15.24 34.23
N LEU B 241 -18.14 15.17 32.93
CA LEU B 241 -18.79 16.07 31.98
C LEU B 241 -20.29 15.84 31.99
N ILE B 242 -21.06 16.92 32.06
CA ILE B 242 -22.51 16.85 32.11
C ILE B 242 -23.15 17.43 30.86
N SER B 243 -22.90 18.70 30.57
CA SER B 243 -23.54 19.34 29.43
C SER B 243 -22.64 20.47 28.92
N THR B 244 -22.89 20.86 27.67
CA THR B 244 -22.17 21.95 27.04
C THR B 244 -23.16 23.01 26.58
N MET B 245 -22.72 24.26 26.63
CA MET B 245 -23.57 25.39 26.28
C MET B 245 -22.81 26.35 25.39
N GLN B 246 -23.51 26.97 24.45
CA GLN B 246 -22.91 27.93 23.54
C GLN B 246 -23.75 29.19 23.49
N ILE B 247 -23.10 30.30 23.18
CA ILE B 247 -23.76 31.59 22.96
C ILE B 247 -23.14 32.16 21.69
N LYS B 248 -23.83 31.97 20.57
CA LYS B 248 -23.32 32.41 19.27
C LYS B 248 -23.74 33.85 18.99
N LEU B 249 -22.86 34.59 18.32
CA LEU B 249 -23.14 35.96 17.91
C LEU B 249 -23.29 35.95 16.40
N TYR B 250 -24.53 36.07 15.93
CA TYR B 250 -24.81 36.04 14.50
C TYR B 250 -24.57 37.41 13.89
N GLY B 251 -24.40 37.42 12.57
CA GLY B 251 -24.21 38.66 11.85
C GLY B 251 -22.75 38.99 11.65
N ARG B 252 -22.31 39.02 10.39
CA ARG B 252 -20.94 39.38 10.05
C ARG B 252 -20.79 40.89 10.07
N GLU B 253 -19.56 41.37 9.84
CA GLU B 253 -19.29 42.80 9.77
C GLU B 253 -20.06 43.41 8.59
N ASP B 254 -20.97 44.33 8.90
CA ASP B 254 -21.83 44.98 7.91
C ASP B 254 -22.62 43.97 7.10
N LYS B 255 -23.09 42.91 7.75
CA LYS B 255 -23.86 41.88 7.08
C LYS B 255 -24.78 41.21 8.09
N GLY B 256 -25.90 40.71 7.60
CA GLY B 256 -26.88 40.07 8.47
C GLY B 256 -27.76 41.03 9.23
N THR B 257 -27.90 42.26 8.76
CA THR B 257 -28.69 43.30 9.43
C THR B 257 -28.24 43.47 10.88
N GLY B 258 -29.13 43.18 11.83
CA GLY B 258 -28.78 43.29 13.22
C GLY B 258 -27.84 42.18 13.64
N ARG B 259 -27.04 42.46 14.68
CA ARG B 259 -26.12 41.48 15.24
C ARG B 259 -26.75 40.82 16.46
N THR B 260 -27.70 39.94 16.17
CA THR B 260 -28.43 39.26 17.22
C THR B 260 -27.56 38.20 17.89
N ILE B 261 -27.89 37.89 19.14
CA ILE B 261 -27.18 36.90 19.94
C ILE B 261 -28.16 35.80 20.30
N LYS B 262 -27.88 34.59 19.83
CA LYS B 262 -28.73 33.43 20.09
C LYS B 262 -27.97 32.43 20.94
N ALA B 263 -28.59 32.01 22.04
CA ALA B 263 -28.00 31.04 22.95
C ALA B 263 -28.48 29.63 22.60
N THR B 264 -27.61 28.66 22.86
CA THR B 264 -27.92 27.26 22.60
C THR B 264 -28.04 26.52 23.92
N LEU B 265 -29.17 25.87 24.14
CA LEU B 265 -29.40 25.16 25.39
C LEU B 265 -29.45 23.66 25.15
N PRO B 266 -29.12 22.86 26.16
CA PRO B 266 -29.21 21.40 25.99
C PRO B 266 -30.66 20.96 25.84
N TYR B 267 -30.84 19.88 25.08
CA TYR B 267 -32.15 19.30 24.81
C TYR B 267 -33.11 20.36 24.25
N VAL B 268 -32.59 21.23 23.39
CA VAL B 268 -33.41 22.21 22.68
C VAL B 268 -32.98 22.21 21.22
N LYS B 269 -33.94 22.09 20.32
CA LYS B 269 -33.62 21.87 18.91
C LYS B 269 -33.05 23.11 18.25
N GLN B 270 -33.56 24.29 18.60
CA GLN B 270 -33.22 25.52 17.89
C GLN B 270 -32.62 26.55 18.83
N ASP B 271 -31.84 27.45 18.26
CA ASP B 271 -31.22 28.53 19.03
C ASP B 271 -32.28 29.51 19.51
N ILE B 272 -31.97 30.16 20.63
CA ILE B 272 -32.92 31.06 21.28
C ILE B 272 -32.24 32.40 21.57
N PRO B 273 -32.87 33.53 21.28
CA PRO B 273 -32.25 34.82 21.59
C PRO B 273 -32.06 35.00 23.08
N ILE B 274 -31.02 35.75 23.45
CA ILE B 274 -30.59 35.82 24.84
C ILE B 274 -31.61 36.53 25.71
N VAL B 275 -32.35 37.50 25.16
CA VAL B 275 -33.32 38.23 25.96
C VAL B 275 -34.42 37.29 26.43
N ILE B 276 -34.81 36.35 25.58
CA ILE B 276 -35.86 35.41 25.93
C ILE B 276 -35.42 34.50 27.07
N VAL B 277 -34.19 33.99 27.02
CA VAL B 277 -33.73 33.12 28.11
C VAL B 277 -33.55 33.93 29.39
N PHE B 278 -33.12 35.18 29.29
CA PHE B 278 -33.01 36.02 30.47
C PHE B 278 -34.37 36.18 31.14
N ARG B 279 -35.40 36.48 30.34
CA ARG B 279 -36.74 36.60 30.91
C ARG B 279 -37.24 35.26 31.43
N ALA B 280 -36.82 34.16 30.81
CA ALA B 280 -37.20 32.84 31.28
C ALA B 280 -36.65 32.58 32.67
N LEU B 281 -35.40 32.98 32.93
CA LEU B 281 -34.87 32.85 34.28
C LEU B 281 -35.61 33.71 35.29
N GLY B 282 -36.31 34.76 34.85
CA GLY B 282 -37.11 35.54 35.77
C GLY B 282 -36.68 36.98 35.94
N VAL B 283 -36.08 37.57 34.92
CA VAL B 283 -35.72 38.99 34.92
C VAL B 283 -36.35 39.61 33.67
N VAL B 284 -37.56 40.15 33.82
CA VAL B 284 -38.33 40.65 32.69
C VAL B 284 -37.99 42.07 32.24
N PRO B 285 -37.74 43.04 33.13
CA PRO B 285 -37.48 44.40 32.63
C PRO B 285 -36.15 44.47 31.91
N ASP B 286 -36.07 45.39 30.94
CA ASP B 286 -34.84 45.51 30.15
C ASP B 286 -33.73 46.21 30.94
N GLY B 287 -34.08 47.15 31.80
CA GLY B 287 -33.06 47.82 32.60
C GLY B 287 -32.31 46.86 33.49
N GLU B 288 -33.03 45.93 34.12
CA GLU B 288 -32.39 44.93 34.96
C GLU B 288 -31.48 44.03 34.13
N ILE B 289 -31.91 43.67 32.92
CA ILE B 289 -31.07 42.84 32.05
C ILE B 289 -29.78 43.57 31.70
N LEU B 290 -29.89 44.85 31.35
CA LEU B 290 -28.69 45.62 31.04
C LEU B 290 -27.78 45.75 32.26
N GLN B 291 -28.36 45.89 33.44
CA GLN B 291 -27.55 45.88 34.65
C GLN B 291 -26.82 44.56 34.81
N HIS B 292 -27.50 43.45 34.52
CA HIS B 292 -26.88 42.14 34.63
C HIS B 292 -25.73 41.97 33.64
N ILE B 293 -25.89 42.48 32.42
CA ILE B 293 -24.89 42.25 31.38
C ILE B 293 -23.73 43.22 31.52
N CYS B 294 -24.01 44.51 31.41
CA CYS B 294 -22.96 45.51 31.36
C CYS B 294 -22.61 46.00 32.77
N TYR B 295 -21.48 46.71 32.86
CA TYR B 295 -21.03 47.29 34.12
C TYR B 295 -20.52 48.71 33.95
N ASP B 296 -20.81 49.36 32.82
CA ASP B 296 -20.40 50.74 32.58
C ASP B 296 -21.35 51.34 31.56
N GLU B 297 -22.29 52.18 32.03
CA GLU B 297 -23.29 52.76 31.14
C GLU B 297 -22.67 53.67 30.08
N ASN B 298 -21.46 54.20 30.33
CA ASN B 298 -20.81 55.04 29.33
C ASN B 298 -20.33 54.24 28.13
N ASP B 299 -20.24 52.92 28.25
CA ASP B 299 -19.79 52.05 27.16
C ASP B 299 -20.93 51.92 26.15
N TRP B 300 -21.12 52.96 25.35
CA TRP B 300 -22.22 52.98 24.39
C TRP B 300 -22.04 51.96 23.28
N GLN B 301 -20.82 51.47 23.04
CA GLN B 301 -20.60 50.51 21.98
C GLN B 301 -21.28 49.18 22.29
N MET B 302 -21.06 48.66 23.49
CA MET B 302 -21.73 47.41 23.86
C MET B 302 -23.24 47.60 23.95
N LEU B 303 -23.69 48.79 24.33
CA LEU B 303 -25.12 49.06 24.36
C LEU B 303 -25.73 49.02 22.97
N GLU B 304 -25.07 49.63 21.99
CA GLU B 304 -25.59 49.59 20.63
C GLU B 304 -25.46 48.19 20.04
N MET B 305 -24.49 47.40 20.51
CA MET B 305 -24.45 45.99 20.12
C MET B 305 -25.62 45.22 20.70
N LEU B 306 -26.04 45.56 21.92
CA LEU B 306 -27.15 44.88 22.57
C LEU B 306 -28.51 45.32 22.06
N LYS B 307 -28.60 46.51 21.47
CA LYS B 307 -29.88 47.01 20.96
C LYS B 307 -30.62 46.04 20.05
N PRO B 308 -29.99 45.42 19.04
CA PRO B 308 -30.74 44.48 18.19
C PRO B 308 -31.32 43.30 18.96
N CYS B 309 -30.61 42.82 19.98
CA CYS B 309 -31.13 41.70 20.76
C CYS B 309 -32.40 42.09 21.51
N ILE B 310 -32.40 43.28 22.12
CA ILE B 310 -33.61 43.75 22.80
C ILE B 310 -34.74 43.94 21.80
N GLU B 311 -34.44 44.53 20.64
CA GLU B 311 -35.48 44.74 19.64
C GLU B 311 -36.08 43.42 19.18
N GLU B 312 -35.24 42.40 18.98
CA GLU B 312 -35.75 41.10 18.57
C GLU B 312 -36.58 40.45 19.68
N GLY B 313 -36.11 40.53 20.92
CA GLY B 313 -36.81 39.89 22.02
C GLY B 313 -37.97 40.67 22.60
N PHE B 314 -38.25 41.86 22.06
CA PHE B 314 -39.35 42.66 22.59
C PHE B 314 -40.70 41.96 22.51
N VAL B 315 -40.85 40.96 21.64
CA VAL B 315 -42.15 40.32 21.49
C VAL B 315 -42.58 39.62 22.77
N ILE B 316 -41.64 39.02 23.48
CA ILE B 316 -41.92 38.33 24.75
C ILE B 316 -41.73 39.32 25.89
N GLN B 317 -42.74 39.42 26.76
CA GLN B 317 -42.73 40.42 27.82
C GLN B 317 -43.14 39.85 29.17
N ASP B 318 -43.09 38.53 29.35
CA ASP B 318 -43.51 37.93 30.60
C ASP B 318 -42.72 36.65 30.83
N LYS B 319 -42.65 36.25 32.11
CA LYS B 319 -41.92 35.05 32.47
C LYS B 319 -42.57 33.80 31.91
N GLU B 320 -43.88 33.64 32.13
CA GLU B 320 -44.54 32.39 31.77
C GLU B 320 -44.55 32.17 30.26
N VAL B 321 -44.75 33.23 29.48
CA VAL B 321 -44.74 33.08 28.03
C VAL B 321 -43.34 32.71 27.54
N ALA B 322 -42.31 33.27 28.17
CA ALA B 322 -40.94 32.91 27.81
C ALA B 322 -40.67 31.44 28.13
N LEU B 323 -41.09 30.98 29.30
CA LEU B 323 -40.95 29.56 29.63
C LEU B 323 -41.69 28.68 28.64
N ASP B 324 -42.89 29.09 28.23
CA ASP B 324 -43.63 28.31 27.25
C ASP B 324 -42.90 28.26 25.92
N PHE B 325 -42.32 29.38 25.49
CA PHE B 325 -41.56 29.39 24.25
C PHE B 325 -40.36 28.46 24.34
N ILE B 326 -39.65 28.49 25.47
CA ILE B 326 -38.52 27.57 25.65
C ILE B 326 -38.98 26.13 25.60
N GLY B 327 -40.10 25.82 26.28
CA GLY B 327 -40.59 24.46 26.33
C GLY B 327 -41.07 23.94 24.99
N ARG B 328 -41.63 24.83 24.16
CA ARG B 328 -42.15 24.39 22.86
C ARG B 328 -41.06 23.77 22.00
N ARG B 329 -39.87 24.36 22.01
CA ARG B 329 -38.73 23.85 21.26
C ARG B 329 -37.90 22.86 22.06
N GLY B 330 -38.38 22.42 23.21
CA GLY B 330 -37.59 21.60 24.12
C GLY B 330 -37.36 20.17 23.68
N SER B 331 -37.67 19.86 22.42
CA SER B 331 -37.45 18.55 21.82
C SER B 331 -38.09 17.42 22.63
N ALA B 332 -39.15 17.74 23.38
CA ALA B 332 -39.88 16.74 24.15
C ALA B 332 -40.96 16.13 23.29
N ALA B 333 -41.89 15.41 23.90
CA ALA B 333 -43.00 14.83 23.16
C ALA B 333 -43.87 15.93 22.55
N LEU B 334 -44.43 15.64 21.39
CA LEU B 334 -45.28 16.60 20.70
C LEU B 334 -46.66 16.64 21.33
N GLY B 335 -47.27 17.82 21.31
CA GLY B 335 -48.61 17.99 21.85
C GLY B 335 -48.69 18.16 23.34
N ILE B 336 -47.57 18.45 24.01
CA ILE B 336 -47.58 18.62 25.46
C ILE B 336 -48.39 19.85 25.83
N ARG B 337 -49.22 19.73 26.86
CA ARG B 337 -50.05 20.81 27.32
C ARG B 337 -49.21 21.98 27.83
N ARG B 338 -49.84 23.15 27.90
CA ARG B 338 -49.11 24.37 28.26
C ARG B 338 -48.54 24.30 29.67
N GLU B 339 -49.33 23.80 30.62
CA GLU B 339 -48.82 23.67 32.00
C GLU B 339 -47.65 22.69 32.06
N LYS B 340 -47.80 21.54 31.41
CA LYS B 340 -46.71 20.57 31.38
C LYS B 340 -45.52 21.09 30.58
N ARG B 341 -45.77 21.90 29.55
CA ARG B 341 -44.67 22.53 28.82
C ARG B 341 -43.89 23.47 29.73
N ILE B 342 -44.60 24.27 30.53
CA ILE B 342 -43.93 25.19 31.45
C ILE B 342 -43.13 24.41 32.50
N GLN B 343 -43.72 23.33 33.02
CA GLN B 343 -42.98 22.53 34.00
C GLN B 343 -41.75 21.88 33.38
N TYR B 344 -41.85 21.41 32.14
CA TYR B 344 -40.69 20.86 31.45
C TYR B 344 -39.62 21.93 31.24
N ALA B 345 -40.03 23.15 30.91
CA ALA B 345 -39.07 24.23 30.76
C ALA B 345 -38.40 24.54 32.08
N LYS B 346 -39.15 24.55 33.18
CA LYS B 346 -38.55 24.77 34.49
C LYS B 346 -37.55 23.67 34.84
N ASP B 347 -37.88 22.42 34.49
CA ASP B 347 -36.95 21.33 34.73
C ASP B 347 -35.67 21.52 33.92
N ILE B 348 -35.81 21.81 32.62
CA ILE B 348 -34.65 21.96 31.76
C ILE B 348 -33.89 23.25 32.01
N LEU B 349 -34.46 24.17 32.78
CA LEU B 349 -33.81 25.43 33.06
C LEU B 349 -33.08 25.38 34.41
N GLN B 350 -33.75 24.84 35.44
CA GLN B 350 -33.09 24.61 36.71
C GLN B 350 -31.94 23.62 36.57
N LYS B 351 -32.22 22.46 35.98
CA LYS B 351 -31.22 21.44 35.76
C LYS B 351 -30.72 21.51 34.31
N GLU B 352 -29.53 20.98 34.10
CA GLU B 352 -28.93 20.81 32.78
C GLU B 352 -28.49 22.13 32.15
N LEU B 353 -28.83 23.25 32.77
CA LEU B 353 -28.35 24.56 32.33
C LEU B 353 -27.35 25.06 33.34
N LEU B 354 -26.07 25.09 32.95
CA LEU B 354 -24.97 25.38 33.86
C LEU B 354 -25.08 24.57 35.15
N PRO B 355 -25.09 23.24 35.05
CA PRO B 355 -25.24 22.42 36.27
C PRO B 355 -24.14 22.64 37.28
N HIS B 356 -22.95 23.04 36.84
CA HIS B 356 -21.84 23.22 37.77
C HIS B 356 -22.07 24.36 38.74
N ILE B 357 -23.04 25.24 38.46
CA ILE B 357 -23.31 26.36 39.36
C ILE B 357 -24.17 25.92 40.53
N THR B 358 -25.34 25.36 40.26
CA THR B 358 -26.24 24.91 41.31
C THR B 358 -27.30 23.98 40.71
N GLN B 359 -28.04 23.33 41.60
CA GLN B 359 -29.14 22.46 41.20
C GLN B 359 -30.42 22.68 41.99
N GLU B 360 -30.39 23.37 43.13
CA GLU B 360 -31.54 23.52 43.99
C GLU B 360 -32.46 24.63 43.48
N GLU B 361 -33.68 24.64 43.99
CA GLU B 361 -34.71 25.58 43.58
C GLU B 361 -34.48 26.95 44.23
N GLY B 362 -35.05 27.98 43.61
CA GLY B 362 -34.96 29.33 44.14
C GLY B 362 -33.52 29.81 44.25
N PHE B 363 -32.66 29.38 43.34
CA PHE B 363 -31.23 29.67 43.39
C PHE B 363 -30.73 30.01 42.00
N GLU B 364 -31.54 30.77 41.25
CA GLU B 364 -31.29 31.04 39.84
C GLU B 364 -30.70 32.41 39.58
N THR B 365 -30.59 33.27 40.59
CA THR B 365 -29.96 34.56 40.40
C THR B 365 -28.51 34.41 39.96
N ARG B 366 -27.81 33.43 40.53
CA ARG B 366 -26.43 33.18 40.15
C ARG B 366 -26.32 32.77 38.70
N LYS B 367 -27.29 31.99 38.20
CA LYS B 367 -27.28 31.63 36.80
C LYS B 367 -27.47 32.86 35.92
N THR B 368 -28.35 33.78 36.32
CA THR B 368 -28.52 35.02 35.55
C THR B 368 -27.24 35.82 35.54
N PHE B 369 -26.57 35.92 36.68
CA PHE B 369 -25.31 36.68 36.73
C PHE B 369 -24.24 36.02 35.87
N PHE B 370 -24.21 34.69 35.83
CA PHE B 370 -23.21 34.03 34.99
C PHE B 370 -23.54 34.19 33.51
N LEU B 371 -24.82 34.19 33.14
CA LEU B 371 -25.17 34.54 31.77
C LEU B 371 -24.73 35.95 31.43
N GLY B 372 -24.91 36.88 32.37
CA GLY B 372 -24.40 38.23 32.15
C GLY B 372 -22.90 38.25 31.94
N TYR B 373 -22.17 37.47 32.73
CA TYR B 373 -20.72 37.41 32.58
C TYR B 373 -20.33 36.84 31.22
N MET B 374 -21.00 35.76 30.79
CA MET B 374 -20.69 35.17 29.50
C MET B 374 -20.97 36.14 28.35
N VAL B 375 -22.11 36.83 28.41
CA VAL B 375 -22.43 37.79 27.36
C VAL B 375 -21.43 38.94 27.38
N ASN B 376 -21.03 39.38 28.56
CA ASN B 376 -20.04 40.45 28.66
C ASN B 376 -18.73 40.03 28.01
N ARG B 377 -18.29 38.80 28.28
CA ARG B 377 -17.05 38.32 27.67
C ARG B 377 -17.18 38.22 26.16
N LEU B 378 -18.32 37.71 25.68
CA LEU B 378 -18.53 37.58 24.24
C LEU B 378 -18.47 38.92 23.54
N LEU B 379 -19.19 39.91 24.09
CA LEU B 379 -19.17 41.24 23.48
C LEU B 379 -17.78 41.87 23.58
N LEU B 380 -17.09 41.67 24.70
CA LEU B 380 -15.78 42.26 24.89
C LEU B 380 -14.78 41.72 23.87
N CYS B 381 -14.85 40.43 23.58
CA CYS B 381 -13.98 39.88 22.54
C CYS B 381 -14.45 40.29 21.14
N ALA B 382 -15.76 40.41 20.94
CA ALA B 382 -16.27 40.83 19.63
C ALA B 382 -15.83 42.25 19.30
N LEU B 383 -15.79 43.11 20.30
CA LEU B 383 -15.35 44.50 20.13
C LEU B 383 -13.84 44.63 20.00
N GLU B 384 -13.12 43.51 19.85
CA GLU B 384 -11.67 43.46 19.68
C GLU B 384 -10.91 44.06 20.86
N ARG B 385 -11.60 44.35 21.97
CA ARG B 385 -10.92 44.93 23.13
C ARG B 385 -9.99 43.94 23.80
N LYS B 386 -10.21 42.64 23.63
CA LYS B 386 -9.36 41.62 24.20
C LYS B 386 -9.06 40.56 23.16
N ASP B 387 -7.89 39.94 23.27
CA ASP B 387 -7.54 38.83 22.39
C ASP B 387 -8.38 37.61 22.73
N GLN B 388 -8.73 36.85 21.70
CA GLN B 388 -9.48 35.63 21.91
C GLN B 388 -8.68 34.65 22.75
N ASP B 389 -9.37 33.88 23.57
CA ASP B 389 -8.71 32.98 24.52
C ASP B 389 -7.82 32.00 23.76
N ASP B 390 -6.59 31.84 24.25
CA ASP B 390 -5.64 30.96 23.61
C ASP B 390 -6.02 29.50 23.87
N ARG B 391 -6.17 28.73 22.79
CA ARG B 391 -6.53 27.34 22.93
C ARG B 391 -5.36 26.48 23.38
N ASP B 392 -4.13 26.88 23.04
CA ASP B 392 -2.94 26.12 23.37
C ASP B 392 -2.36 26.46 24.73
N HIS B 393 -2.94 27.44 25.43
CA HIS B 393 -2.49 27.81 26.75
C HIS B 393 -2.53 26.61 27.69
N PHE B 394 -1.35 26.14 28.12
CA PHE B 394 -1.27 24.91 28.89
C PHE B 394 -1.84 25.04 30.30
N GLY B 395 -2.11 26.25 30.76
CA GLY B 395 -2.76 26.39 32.05
C GLY B 395 -4.23 26.07 32.02
N LYS B 396 -4.82 25.92 30.83
CA LYS B 396 -6.22 25.58 30.67
C LYS B 396 -6.44 24.13 30.31
N LYS B 397 -5.41 23.29 30.46
CA LYS B 397 -5.53 21.86 30.19
C LYS B 397 -5.52 21.09 31.49
N ARG B 398 -6.02 19.86 31.42
CA ARG B 398 -6.01 18.95 32.56
C ARG B 398 -5.53 17.59 32.09
N LEU B 399 -4.91 16.85 33.00
CA LEU B 399 -4.38 15.51 32.72
C LEU B 399 -5.16 14.49 33.53
N ASP B 400 -5.64 13.45 32.85
CA ASP B 400 -6.37 12.37 33.49
C ASP B 400 -5.43 11.21 33.78
N LEU B 401 -5.14 10.98 35.05
CA LEU B 401 -4.27 9.90 35.46
C LEU B 401 -5.11 8.64 35.68
N ALA B 402 -4.54 7.63 36.34
CA ALA B 402 -5.26 6.38 36.56
C ALA B 402 -6.56 6.60 37.31
N GLY B 403 -6.59 7.56 38.22
CA GLY B 403 -7.75 7.82 39.02
C GLY B 403 -8.99 8.15 38.21
N PRO B 404 -8.99 9.29 37.51
CA PRO B 404 -10.17 9.66 36.72
C PRO B 404 -10.55 8.65 35.64
N LEU B 405 -9.57 8.05 34.97
CA LEU B 405 -9.89 7.08 33.92
C LEU B 405 -10.59 5.87 34.51
N LEU B 406 -10.03 5.31 35.58
CA LEU B 406 -10.67 4.18 36.24
C LEU B 406 -12.03 4.56 36.80
N ALA B 407 -12.18 5.81 37.27
CA ALA B 407 -13.46 6.24 37.80
C ALA B 407 -14.53 6.26 36.71
N ASN B 408 -14.19 6.79 35.53
CA ASN B 408 -15.16 6.80 34.43
C ASN B 408 -15.54 5.39 34.04
N LEU B 409 -14.55 4.52 33.85
CA LEU B 409 -14.83 3.16 33.44
C LEU B 409 -15.67 2.43 34.48
N PHE B 410 -15.34 2.61 35.76
CA PHE B 410 -16.08 1.94 36.81
C PHE B 410 -17.50 2.47 36.92
N ARG B 411 -17.69 3.76 36.67
CA ARG B 411 -19.05 4.29 36.67
C ARG B 411 -19.88 3.63 35.59
N ILE B 412 -19.33 3.50 34.39
CA ILE B 412 -20.05 2.83 33.31
C ILE B 412 -20.39 1.40 33.70
N LEU B 413 -19.39 0.66 34.17
CA LEU B 413 -19.60 -0.76 34.48
C LEU B 413 -20.59 -0.93 35.63
N PHE B 414 -20.54 -0.05 36.63
CA PHE B 414 -21.45 -0.18 37.76
C PHE B 414 -22.87 0.17 37.36
N ARG B 415 -23.04 1.14 36.45
CA ARG B 415 -24.39 1.40 35.94
C ARG B 415 -24.91 0.19 35.20
N LYS B 416 -24.05 -0.47 34.42
CA LYS B 416 -24.47 -1.69 33.74
C LYS B 416 -24.88 -2.78 34.73
N LEU B 417 -24.10 -2.95 35.81
CA LEU B 417 -24.44 -3.94 36.83
C LEU B 417 -25.75 -3.60 37.51
N THR B 418 -25.98 -2.31 37.80
CA THR B 418 -27.23 -1.90 38.43
C THR B 418 -28.42 -2.19 37.54
N ARG B 419 -28.29 -1.91 36.23
CA ARG B 419 -29.37 -2.24 35.31
C ARG B 419 -29.62 -3.73 35.25
N GLU B 420 -28.55 -4.55 35.28
CA GLU B 420 -28.74 -5.99 35.28
C GLU B 420 -29.48 -6.45 36.54
N ILE B 421 -29.12 -5.88 37.70
CA ILE B 421 -29.81 -6.23 38.94
C ILE B 421 -31.28 -5.84 38.86
N TYR B 422 -31.55 -4.65 38.31
CA TYR B 422 -32.93 -4.19 38.17
C TYR B 422 -33.74 -5.13 37.29
N ARG B 423 -33.17 -5.53 36.15
CA ARG B 423 -33.87 -6.44 35.25
C ARG B 423 -34.11 -7.79 35.91
N TYR B 424 -33.11 -8.32 36.60
CA TYR B 424 -33.29 -9.60 37.27
C TYR B 424 -34.34 -9.51 38.36
N MET B 425 -34.38 -8.40 39.09
CA MET B 425 -35.41 -8.21 40.11
C MET B 425 -36.79 -8.19 39.50
N GLN B 426 -36.96 -7.46 38.39
CA GLN B 426 -38.26 -7.43 37.73
C GLN B 426 -38.66 -8.82 37.26
N ARG B 427 -37.71 -9.58 36.72
CA ARG B 427 -38.02 -10.93 36.25
C ARG B 427 -38.40 -11.85 37.41
N CYS B 428 -37.72 -11.71 38.56
CA CYS B 428 -37.88 -12.67 39.64
C CYS B 428 -38.97 -12.33 40.64
N ILE B 429 -39.47 -11.09 40.64
CA ILE B 429 -40.58 -10.78 41.54
C ILE B 429 -41.84 -11.53 41.13
N GLU B 430 -41.98 -11.87 39.84
CA GLU B 430 -43.17 -12.57 39.38
C GLU B 430 -43.39 -13.86 40.16
N THR B 431 -42.31 -14.55 40.55
CA THR B 431 -42.43 -15.72 41.39
C THR B 431 -42.70 -15.37 42.85
N ASP B 432 -42.54 -14.11 43.23
CA ASP B 432 -42.74 -13.67 44.62
C ASP B 432 -41.87 -14.47 45.59
N ARG B 433 -40.62 -14.70 45.21
CA ARG B 433 -39.69 -15.47 46.02
C ARG B 433 -38.74 -14.55 46.75
N ASP B 434 -38.25 -15.02 47.90
CA ASP B 434 -37.22 -14.29 48.63
C ASP B 434 -35.87 -14.50 47.97
N PHE B 435 -35.57 -13.69 46.95
CA PHE B 435 -34.29 -13.78 46.27
C PHE B 435 -33.14 -13.52 47.24
N ASN B 436 -32.07 -14.29 47.08
CA ASN B 436 -30.92 -14.18 47.98
C ASN B 436 -30.18 -12.85 47.82
N LEU B 437 -30.37 -12.16 46.70
CA LEU B 437 -29.67 -10.93 46.35
C LEU B 437 -28.19 -11.19 46.12
N ASN B 438 -27.74 -12.41 46.44
CA ASN B 438 -26.42 -12.86 46.06
C ASN B 438 -26.43 -13.56 44.71
N LEU B 439 -27.62 -13.75 44.13
CA LEU B 439 -27.76 -14.29 42.79
C LEU B 439 -28.07 -13.22 41.77
N ALA B 440 -28.68 -12.11 42.19
CA ALA B 440 -28.98 -11.03 41.26
C ALA B 440 -27.71 -10.42 40.69
N VAL B 441 -26.69 -10.25 41.52
CA VAL B 441 -25.45 -9.65 41.07
C VAL B 441 -24.73 -10.59 40.12
N LYS B 442 -23.97 -10.02 39.20
CA LYS B 442 -23.06 -10.78 38.34
C LYS B 442 -21.67 -10.17 38.54
N SER B 443 -20.84 -10.84 39.34
CA SER B 443 -19.50 -10.35 39.58
C SER B 443 -18.65 -10.34 38.32
N THR B 444 -19.10 -11.04 37.27
CA THR B 444 -18.32 -11.10 36.04
C THR B 444 -18.36 -9.79 35.27
N THR B 445 -19.41 -8.98 35.45
CA THR B 445 -19.55 -7.77 34.65
C THR B 445 -18.39 -6.82 34.85
N ILE B 446 -18.21 -6.35 36.08
CA ILE B 446 -17.15 -5.38 36.37
C ILE B 446 -15.79 -6.00 36.12
N THR B 447 -15.59 -7.25 36.54
CA THR B 447 -14.30 -7.90 36.36
C THR B 447 -13.90 -7.95 34.90
N SER B 448 -14.79 -8.47 34.04
CA SER B 448 -14.46 -8.59 32.63
C SER B 448 -14.31 -7.23 31.97
N GLY B 449 -15.16 -6.26 32.35
CA GLY B 449 -15.03 -4.94 31.75
C GLY B 449 -13.69 -4.29 32.05
N LEU B 450 -13.31 -4.29 33.33
CA LEU B 450 -12.04 -3.70 33.71
C LEU B 450 -10.86 -4.43 33.07
N LYS B 451 -10.90 -5.77 33.10
CA LYS B 451 -9.80 -6.53 32.53
C LYS B 451 -9.68 -6.30 31.03
N TYR B 452 -10.80 -6.26 30.33
CA TYR B 452 -10.75 -6.03 28.88
C TYR B 452 -10.21 -4.65 28.55
N SER B 453 -10.70 -3.63 29.26
CA SER B 453 -10.23 -2.27 28.96
C SER B 453 -8.76 -2.11 29.27
N LEU B 454 -8.28 -2.74 30.33
CA LEU B 454 -6.87 -2.61 30.66
C LEU B 454 -6.00 -3.46 29.74
N ALA B 455 -6.52 -4.60 29.28
CA ALA B 455 -5.73 -5.49 28.44
C ALA B 455 -5.60 -4.95 27.02
N THR B 456 -6.68 -4.42 26.45
CA THR B 456 -6.64 -4.02 25.06
C THR B 456 -6.39 -2.54 24.86
N GLY B 457 -6.65 -1.71 25.87
CA GLY B 457 -6.45 -0.29 25.76
C GLY B 457 -7.67 0.48 25.27
N ASN B 458 -8.70 -0.20 24.80
CA ASN B 458 -9.94 0.47 24.40
C ASN B 458 -10.70 0.86 25.65
N TRP B 459 -10.86 2.16 25.88
CA TRP B 459 -11.46 2.64 27.11
C TRP B 459 -12.95 2.76 26.93
N GLY B 460 -13.65 1.66 27.18
CA GLY B 460 -15.09 1.64 27.05
C GLY B 460 -15.62 0.22 27.18
N GLU B 461 -16.89 0.07 26.85
CA GLU B 461 -17.49 -1.27 26.86
C GLU B 461 -16.96 -2.10 25.70
N GLN B 462 -17.00 -3.41 25.88
CA GLN B 462 -16.45 -4.31 24.87
C GLN B 462 -17.24 -4.23 23.57
N LYS B 463 -18.56 -4.16 23.65
CA LYS B 463 -19.40 -4.15 22.46
C LYS B 463 -19.45 -2.79 21.79
N LYS B 464 -18.86 -1.77 22.39
CA LYS B 464 -18.71 -0.45 21.80
C LYS B 464 -17.25 -0.13 21.54
N ALA B 465 -16.50 -1.10 21.03
CA ALA B 465 -15.07 -0.91 20.80
C ALA B 465 -14.83 0.23 19.81
N MET B 466 -15.60 0.28 18.73
CA MET B 466 -15.57 1.43 17.85
C MET B 466 -16.04 2.68 18.59
N SER B 467 -15.49 3.82 18.21
CA SER B 467 -15.77 5.13 18.80
C SER B 467 -15.23 5.28 20.21
N SER B 468 -14.57 4.27 20.75
CA SER B 468 -13.94 4.36 22.06
C SER B 468 -12.51 4.85 21.93
N ARG B 469 -12.02 5.52 22.97
CA ARG B 469 -10.67 6.04 22.95
C ARG B 469 -9.68 4.89 23.12
N ALA B 470 -8.86 4.66 22.09
CA ALA B 470 -7.92 3.55 22.08
C ALA B 470 -6.51 4.00 22.42
N GLY B 471 -5.70 3.05 22.85
CA GLY B 471 -4.34 3.32 23.22
C GLY B 471 -4.12 3.87 24.61
N VAL B 472 -5.15 3.85 25.45
CA VAL B 472 -5.01 4.37 26.81
C VAL B 472 -4.04 3.50 27.61
N SER B 473 -4.16 2.18 27.46
CA SER B 473 -3.32 1.22 28.17
C SER B 473 -2.32 0.61 27.19
N GLN B 474 -1.05 0.61 27.57
CA GLN B 474 0.00 0.11 26.71
C GLN B 474 0.90 -0.83 27.47
N VAL B 475 1.61 -1.68 26.72
CA VAL B 475 2.55 -2.62 27.33
C VAL B 475 3.77 -1.85 27.81
N LEU B 476 4.15 -2.08 29.07
CA LEU B 476 5.27 -1.35 29.64
C LEU B 476 6.56 -1.67 28.89
N ASN B 477 7.31 -0.63 28.57
CA ASN B 477 8.56 -0.78 27.82
C ASN B 477 9.68 -1.11 28.82
N ARG B 478 10.22 -2.31 28.73
CA ARG B 478 11.24 -2.77 29.64
C ARG B 478 12.58 -3.01 28.95
N TYR B 479 12.86 -2.26 27.89
CA TYR B 479 14.13 -2.47 27.21
C TYR B 479 15.30 -2.04 28.07
N THR B 480 15.15 -0.92 28.78
CA THR B 480 16.16 -0.47 29.72
C THR B 480 15.47 0.36 30.78
N TYR B 481 16.20 0.64 31.86
CA TYR B 481 15.57 1.30 33.01
C TYR B 481 15.06 2.68 32.65
N SER B 482 15.84 3.44 31.89
CA SER B 482 15.42 4.78 31.49
C SER B 482 14.17 4.74 30.64
N SER B 483 14.05 3.72 29.78
CA SER B 483 12.86 3.62 28.94
C SER B 483 11.62 3.36 29.77
N THR B 484 11.74 2.52 30.79
CA THR B 484 10.61 2.29 31.69
C THR B 484 10.23 3.57 32.42
N LEU B 485 11.23 4.29 32.94
CA LEU B 485 10.93 5.52 33.66
C LEU B 485 10.26 6.54 32.74
N SER B 486 10.72 6.64 31.49
CA SER B 486 10.10 7.55 30.56
C SER B 486 8.66 7.13 30.24
N HIS B 487 8.43 5.84 30.07
CA HIS B 487 7.09 5.37 29.74
C HIS B 487 6.11 5.63 30.87
N LEU B 488 6.57 5.53 32.12
CA LEU B 488 5.67 5.74 33.24
C LEU B 488 5.30 7.20 33.44
N ARG B 489 5.94 8.13 32.73
CA ARG B 489 5.64 9.55 32.89
C ARG B 489 5.27 10.19 31.55
N ARG B 490 4.41 9.53 30.78
CA ARG B 490 4.07 9.95 29.43
C ARG B 490 2.63 10.41 29.38
N THR B 491 2.37 11.45 28.59
CA THR B 491 1.04 12.01 28.41
C THR B 491 0.68 12.01 26.93
N ASN B 492 -0.61 11.95 26.64
CA ASN B 492 -1.08 11.85 25.27
C ASN B 492 -2.18 12.87 25.02
N THR B 493 -2.18 13.46 23.83
CA THR B 493 -3.21 14.39 23.43
C THR B 493 -4.10 13.71 22.39
N PRO B 494 -5.33 13.39 22.72
CA PRO B 494 -6.18 12.59 21.81
C PRO B 494 -6.85 13.42 20.72
N ILE B 495 -6.04 14.17 19.97
CA ILE B 495 -6.57 14.91 18.82
C ILE B 495 -6.57 14.06 17.56
N GLY B 496 -5.81 12.97 17.55
CA GLY B 496 -5.82 12.06 16.41
C GLY B 496 -5.08 12.61 15.21
N ARG B 497 -5.31 11.95 14.07
CA ARG B 497 -4.69 12.29 12.80
C ARG B 497 -5.62 13.05 11.87
N ASP B 498 -6.90 12.69 11.83
CA ASP B 498 -7.86 13.40 10.99
C ASP B 498 -8.00 14.84 11.46
N GLY B 499 -8.02 15.76 10.50
CA GLY B 499 -8.12 17.18 10.84
C GLY B 499 -6.94 17.69 11.63
N LYS B 500 -5.73 17.28 11.25
CA LYS B 500 -4.54 17.70 11.97
C LYS B 500 -4.24 19.17 11.70
N LEU B 501 -3.50 19.78 12.62
CA LEU B 501 -3.05 21.16 12.48
C LEU B 501 -1.72 21.30 13.21
N ALA B 502 -0.95 22.30 12.81
CA ALA B 502 0.38 22.46 13.39
C ALA B 502 0.33 23.04 14.80
N LYS B 503 -0.67 23.87 15.10
CA LYS B 503 -0.71 24.54 16.39
C LYS B 503 -0.75 23.59 17.59
N PRO B 504 -1.58 22.54 17.61
CA PRO B 504 -1.52 21.62 18.76
C PRO B 504 -0.17 20.94 18.93
N ARG B 505 0.55 20.70 17.83
CA ARG B 505 1.82 19.99 17.90
C ARG B 505 2.97 20.88 18.35
N GLN B 506 2.80 22.20 18.33
CA GLN B 506 3.91 23.10 18.61
C GLN B 506 4.28 23.05 20.09
N LEU B 507 5.47 23.55 20.38
CA LEU B 507 5.94 23.72 21.76
C LEU B 507 5.61 25.14 22.19
N HIS B 508 4.68 25.28 23.12
CA HIS B 508 4.17 26.59 23.51
C HIS B 508 5.01 27.18 24.63
N ASN B 509 4.88 28.50 24.80
CA ASN B 509 5.61 29.18 25.85
C ASN B 509 5.23 28.65 27.22
N THR B 510 3.95 28.35 27.42
CA THR B 510 3.46 27.92 28.73
C THR B 510 3.90 26.51 29.09
N HIS B 511 4.50 25.77 28.15
CA HIS B 511 5.03 24.46 28.46
C HIS B 511 6.29 24.51 29.32
N TRP B 512 6.86 25.69 29.53
CA TRP B 512 8.11 25.80 30.26
C TRP B 512 7.99 25.23 31.65
N GLY B 513 8.88 24.29 31.98
CA GLY B 513 8.96 23.75 33.32
C GLY B 513 7.99 22.64 33.62
N LEU B 514 7.01 22.39 32.76
CA LEU B 514 5.99 21.37 33.00
C LEU B 514 6.13 20.16 32.09
N VAL B 515 6.59 20.34 30.85
CA VAL B 515 6.86 19.22 29.97
C VAL B 515 8.24 19.40 29.34
N CYS B 516 8.81 18.29 28.90
CA CYS B 516 10.16 18.30 28.36
C CYS B 516 10.16 18.98 26.99
N PRO B 517 11.03 19.97 26.77
CA PRO B 517 11.09 20.60 25.45
C PRO B 517 11.73 19.72 24.39
N ALA B 518 12.51 18.72 24.78
CA ALA B 518 13.30 17.95 23.83
C ALA B 518 12.70 16.59 23.48
N GLU B 519 11.98 15.96 24.39
CA GLU B 519 11.54 14.59 24.20
C GLU B 519 10.16 14.56 23.56
N THR B 520 10.09 14.04 22.34
CA THR B 520 8.83 13.82 21.64
C THR B 520 9.06 12.78 20.55
N PRO B 521 8.06 12.00 20.19
CA PRO B 521 8.25 10.98 19.16
C PRO B 521 8.42 11.59 17.78
N GLU B 522 8.67 10.71 16.81
CA GLU B 522 8.79 11.10 15.42
C GLU B 522 7.58 10.62 14.63
N GLY B 523 7.29 11.32 13.55
CA GLY B 523 6.24 10.90 12.64
C GLY B 523 4.88 11.44 13.05
N GLN B 524 3.89 10.56 13.09
CA GLN B 524 2.51 10.99 13.27
C GLN B 524 2.29 11.64 14.63
N ALA B 525 2.88 11.09 15.68
CA ALA B 525 2.60 11.52 17.04
C ALA B 525 3.54 12.61 17.53
N CYS B 526 4.31 13.23 16.64
CA CYS B 526 5.24 14.27 17.06
C CYS B 526 4.48 15.44 17.66
N GLY B 527 4.87 15.85 18.86
CA GLY B 527 4.26 16.98 19.52
C GLY B 527 3.00 16.64 20.30
N LEU B 528 2.27 15.62 19.86
CA LEU B 528 1.04 15.24 20.57
C LEU B 528 1.35 14.45 21.83
N VAL B 529 2.46 13.70 21.85
CA VAL B 529 2.87 12.92 23.00
C VAL B 529 3.90 13.71 23.79
N LYS B 530 3.63 13.94 25.06
CA LYS B 530 4.47 14.78 25.89
C LYS B 530 4.97 13.99 27.09
N ASN B 531 6.09 14.45 27.65
CA ASN B 531 6.68 13.85 28.83
C ASN B 531 6.80 14.89 29.91
N LEU B 532 6.39 14.54 31.13
CA LEU B 532 6.47 15.47 32.25
C LEU B 532 7.90 15.85 32.54
N SER B 533 8.11 17.09 32.95
CA SER B 533 9.43 17.51 33.38
C SER B 533 9.80 16.79 34.66
N LEU B 534 11.05 16.97 35.07
CA LEU B 534 11.58 16.11 36.12
C LEU B 534 11.14 16.54 37.51
N LEU B 535 10.55 17.72 37.66
CA LEU B 535 10.01 18.17 38.93
C LEU B 535 8.50 18.42 38.89
N SER B 536 7.83 17.99 37.83
CA SER B 536 6.41 18.29 37.69
C SER B 536 5.57 17.38 38.56
N GLY B 537 4.34 17.82 38.81
CA GLY B 537 3.36 17.01 39.50
C GLY B 537 1.98 17.26 38.92
N ILE B 538 1.03 16.43 39.32
CA ILE B 538 -0.35 16.57 38.92
C ILE B 538 -1.19 16.74 40.18
N SER B 539 -2.06 17.74 40.18
CA SER B 539 -2.89 17.99 41.35
C SER B 539 -3.85 16.83 41.57
N ILE B 540 -4.14 16.54 42.85
CA ILE B 540 -4.95 15.39 43.20
C ILE B 540 -6.42 15.75 43.42
N GLY B 541 -6.74 17.02 43.60
CA GLY B 541 -8.11 17.43 43.83
C GLY B 541 -8.40 17.64 45.30
N SER B 542 -9.07 18.75 45.62
CA SER B 542 -9.37 19.11 46.99
C SER B 542 -10.79 19.64 47.08
N PRO B 543 -11.47 19.45 48.21
CA PRO B 543 -12.79 20.05 48.38
C PRO B 543 -12.70 21.56 48.46
N SER B 544 -13.70 22.23 47.89
CA SER B 544 -13.72 23.68 47.83
C SER B 544 -14.47 24.33 48.99
N GLU B 545 -15.11 23.54 49.85
CA GLU B 545 -15.86 24.12 50.97
C GLU B 545 -14.98 24.94 51.91
N PRO B 546 -13.80 24.48 52.34
CA PRO B 546 -12.96 25.34 53.19
C PRO B 546 -12.59 26.65 52.53
N ILE B 547 -12.38 26.65 51.22
CA ILE B 547 -12.05 27.89 50.53
C ILE B 547 -13.20 28.87 50.61
N ILE B 548 -14.42 28.39 50.39
CA ILE B 548 -15.58 29.27 50.49
C ILE B 548 -15.75 29.78 51.90
N ASN B 549 -15.52 28.92 52.90
CA ASN B 549 -15.64 29.35 54.28
C ASN B 549 -14.63 30.45 54.60
N PHE B 550 -13.39 30.26 54.18
CA PHE B 550 -12.38 31.30 54.43
C PHE B 550 -12.73 32.59 53.72
N LEU B 551 -13.19 32.49 52.47
CA LEU B 551 -13.54 33.71 51.72
C LEU B 551 -14.68 34.46 52.40
N GLU B 552 -15.72 33.75 52.83
CA GLU B 552 -16.81 34.41 53.53
C GLU B 552 -16.35 35.00 54.85
N GLU B 553 -15.46 34.30 55.55
CA GLU B 553 -14.96 34.81 56.82
C GLU B 553 -14.17 36.10 56.64
N TRP B 554 -13.43 36.21 55.54
CA TRP B 554 -12.56 37.36 55.33
C TRP B 554 -13.19 38.44 54.47
N GLY B 555 -14.52 38.60 54.56
CA GLY B 555 -15.16 39.78 54.06
C GLY B 555 -15.78 39.70 52.68
N MET B 556 -15.69 38.56 52.00
CA MET B 556 -16.33 38.43 50.70
C MET B 556 -17.84 38.47 50.86
N GLU B 557 -18.50 39.21 49.98
CA GLU B 557 -19.94 39.35 50.08
C GLU B 557 -20.64 38.68 48.91
N PRO B 558 -21.68 37.88 49.17
CA PRO B 558 -22.28 37.07 48.11
C PRO B 558 -22.98 37.88 47.04
N LEU B 559 -23.49 37.18 46.01
CA LEU B 559 -23.99 37.85 44.82
C LEU B 559 -25.31 38.57 45.07
N GLU B 560 -26.17 38.05 45.95
CA GLU B 560 -27.46 38.69 46.16
C GLU B 560 -27.32 40.08 46.78
N ASP B 561 -26.18 40.37 47.41
CA ASP B 561 -25.91 41.70 47.94
C ASP B 561 -25.13 42.56 46.96
N TYR B 562 -25.20 42.25 45.67
CA TYR B 562 -24.41 42.93 44.65
C TYR B 562 -25.31 43.69 43.69
N ASP B 563 -24.93 44.93 43.42
CA ASP B 563 -25.58 45.76 42.41
C ASP B 563 -24.49 46.32 41.50
N PRO B 564 -24.59 46.13 40.18
CA PRO B 564 -23.54 46.62 39.29
C PRO B 564 -23.31 48.12 39.38
N ALA B 565 -24.38 48.90 39.55
CA ALA B 565 -24.22 50.35 39.67
C ALA B 565 -23.46 50.73 40.93
N GLN B 566 -23.74 50.04 42.05
CA GLN B 566 -23.08 50.37 43.30
C GLN B 566 -21.62 49.94 43.29
N HIS B 567 -21.38 48.63 43.16
CA HIS B 567 -20.02 48.08 43.16
C HIS B 567 -19.43 48.17 41.76
N THR B 568 -19.16 49.40 41.34
CA THR B 568 -18.55 49.63 40.04
C THR B 568 -17.05 49.41 40.04
N LYS B 569 -16.46 49.15 41.21
CA LYS B 569 -15.02 48.96 41.34
C LYS B 569 -14.64 47.69 42.08
N SER B 570 -15.61 46.91 42.54
CA SER B 570 -15.30 45.68 43.27
C SER B 570 -14.73 44.63 42.33
N THR B 571 -14.09 43.63 42.93
CA THR B 571 -13.42 42.57 42.19
C THR B 571 -14.24 41.29 42.30
N ARG B 572 -14.48 40.65 41.17
CA ARG B 572 -15.19 39.38 41.17
C ARG B 572 -14.29 38.28 41.74
N ILE B 573 -14.94 37.22 42.24
CA ILE B 573 -14.24 36.10 42.84
C ILE B 573 -14.79 34.81 42.26
N PHE B 574 -13.93 34.02 41.64
CA PHE B 574 -14.31 32.73 41.06
C PHE B 574 -13.66 31.63 41.86
N VAL B 575 -14.42 30.57 42.12
CA VAL B 575 -13.91 29.37 42.78
C VAL B 575 -14.26 28.18 41.91
N ASN B 576 -13.24 27.53 41.35
CA ASN B 576 -13.43 26.39 40.45
C ASN B 576 -14.31 26.75 39.26
N GLY B 577 -14.23 27.99 38.80
CA GLY B 577 -14.93 28.40 37.60
C GLY B 577 -16.32 28.96 37.79
N VAL B 578 -16.85 28.99 39.02
CA VAL B 578 -18.17 29.56 39.28
C VAL B 578 -17.97 30.89 39.98
N TRP B 579 -18.71 31.90 39.52
CA TRP B 579 -18.69 33.20 40.18
C TRP B 579 -19.47 33.09 41.47
N THR B 580 -18.78 33.28 42.60
CA THR B 580 -19.39 33.07 43.90
C THR B 580 -19.65 34.35 44.68
N GLY B 581 -19.00 35.46 44.34
CA GLY B 581 -19.19 36.68 45.10
C GLY B 581 -18.32 37.78 44.56
N ILE B 582 -18.26 38.87 45.34
CA ILE B 582 -17.45 40.03 45.01
C ILE B 582 -16.70 40.47 46.26
N HIS B 583 -15.62 41.21 46.05
CA HIS B 583 -14.82 41.74 47.13
C HIS B 583 -14.31 43.12 46.74
N ARG B 584 -14.20 44.00 47.73
CA ARG B 584 -13.82 45.39 47.48
C ARG B 584 -12.36 45.69 47.77
N ASP B 585 -11.67 44.82 48.49
CA ASP B 585 -10.24 44.99 48.81
C ASP B 585 -9.52 43.70 48.47
N PRO B 586 -9.34 43.41 47.18
CA PRO B 586 -8.75 42.12 46.79
C PRO B 586 -7.32 41.93 47.25
N SER B 587 -6.57 43.01 47.50
CA SER B 587 -5.16 42.87 47.83
C SER B 587 -4.97 42.15 49.15
N MET B 588 -5.66 42.59 50.20
CA MET B 588 -5.53 41.92 51.48
C MET B 588 -6.07 40.50 51.43
N LEU B 589 -7.09 40.27 50.61
CA LEU B 589 -7.66 38.93 50.50
C LEU B 589 -6.67 37.97 49.85
N VAL B 590 -6.02 38.40 48.76
CA VAL B 590 -5.06 37.53 48.10
C VAL B 590 -3.85 37.31 49.00
N SER B 591 -3.43 38.34 49.74
CA SER B 591 -2.33 38.16 50.68
C SER B 591 -2.69 37.14 51.75
N THR B 592 -3.90 37.23 52.30
CA THR B 592 -4.32 36.28 53.33
C THR B 592 -4.41 34.87 52.80
N MET B 593 -5.01 34.69 51.62
CA MET B 593 -5.13 33.35 51.05
C MET B 593 -3.76 32.75 50.76
N ARG B 594 -2.85 33.56 50.22
CA ARG B 594 -1.52 33.06 49.92
C ARG B 594 -0.77 32.69 51.21
N ASP B 595 -0.89 33.51 52.24
CA ASP B 595 -0.23 33.18 53.50
C ASP B 595 -0.81 31.93 54.13
N LEU B 596 -2.14 31.75 54.02
CA LEU B 596 -2.76 30.53 54.52
C LEU B 596 -2.26 29.31 53.78
N ARG B 597 -2.13 29.41 52.46
CA ARG B 597 -1.63 28.28 51.68
C ARG B 597 -0.18 27.97 52.05
N ARG B 598 0.63 29.01 52.27
CA ARG B 598 2.02 28.79 52.65
C ARG B 598 2.15 28.20 54.05
N SER B 599 1.22 28.51 54.93
CA SER B 599 1.27 27.96 56.28
C SER B 599 0.71 26.54 56.37
N GLY B 600 0.16 26.02 55.27
CA GLY B 600 -0.37 24.68 55.25
C GLY B 600 -1.84 24.55 55.57
N ALA B 601 -2.51 25.65 55.95
CA ALA B 601 -3.94 25.57 56.26
C ALA B 601 -4.74 25.17 55.03
N ILE B 602 -4.40 25.71 53.88
CA ILE B 602 -4.99 25.33 52.61
C ILE B 602 -4.05 24.36 51.93
N SER B 603 -4.61 23.43 51.16
CA SER B 603 -3.79 22.44 50.49
C SER B 603 -2.82 23.12 49.55
N PRO B 604 -1.53 22.75 49.56
CA PRO B 604 -0.54 23.49 48.76
C PRO B 604 -0.78 23.45 47.27
N GLU B 605 -1.56 22.50 46.77
CA GLU B 605 -1.83 22.41 45.34
C GLU B 605 -2.99 23.30 44.92
N VAL B 606 -3.59 24.05 45.83
CA VAL B 606 -4.67 24.97 45.46
C VAL B 606 -4.07 26.17 44.74
N SER B 607 -4.63 26.50 43.58
CA SER B 607 -4.12 27.57 42.74
C SER B 607 -4.84 28.88 43.07
N ILE B 608 -4.06 29.91 43.38
CA ILE B 608 -4.59 31.22 43.73
C ILE B 608 -4.08 32.22 42.71
N ILE B 609 -4.98 32.80 41.94
CA ILE B 609 -4.63 33.68 40.83
C ILE B 609 -5.36 35.00 41.00
N ARG B 610 -4.64 36.10 40.83
CA ARG B 610 -5.25 37.42 40.83
C ARG B 610 -4.95 38.10 39.50
N ASP B 611 -6.00 38.44 38.77
CA ASP B 611 -5.89 39.14 37.48
C ASP B 611 -6.22 40.61 37.71
N ILE B 612 -5.19 41.42 37.95
CA ILE B 612 -5.42 42.83 38.28
C ILE B 612 -6.01 43.57 37.10
N ARG B 613 -5.59 43.24 35.89
CA ARG B 613 -6.08 43.96 34.71
C ARG B 613 -7.57 43.76 34.53
N GLU B 614 -8.06 42.53 34.70
CA GLU B 614 -9.46 42.22 34.48
C GLU B 614 -10.30 42.30 35.75
N ARG B 615 -9.70 42.67 36.88
CA ARG B 615 -10.40 42.77 38.16
C ARG B 615 -11.08 41.45 38.53
N GLU B 616 -10.28 40.38 38.50
CA GLU B 616 -10.76 39.04 38.84
C GLU B 616 -9.81 38.43 39.86
N PHE B 617 -10.34 37.49 40.64
CA PHE B 617 -9.56 36.78 41.66
C PHE B 617 -10.03 35.33 41.64
N LYS B 618 -9.33 34.50 40.88
CA LYS B 618 -9.74 33.12 40.63
C LYS B 618 -9.03 32.16 41.57
N ILE B 619 -9.73 31.10 41.95
CA ILE B 619 -9.18 30.05 42.81
C ILE B 619 -9.54 28.71 42.19
N PHE B 620 -8.56 27.80 42.14
CA PHE B 620 -8.76 26.47 41.56
C PHE B 620 -8.36 25.41 42.57
N THR B 621 -9.27 24.48 42.84
CA THR B 621 -8.96 23.27 43.60
C THR B 621 -9.21 22.03 42.75
N ASP B 622 -9.18 22.18 41.43
CA ASP B 622 -9.54 21.12 40.50
C ASP B 622 -8.48 20.02 40.52
N VAL B 623 -8.83 18.88 39.92
CA VAL B 623 -7.95 17.74 39.81
C VAL B 623 -7.41 17.67 38.39
N GLY B 624 -6.11 17.42 38.26
CA GLY B 624 -5.49 17.32 36.97
C GLY B 624 -4.68 18.51 36.51
N ARG B 625 -4.32 19.41 37.42
CA ARG B 625 -3.54 20.58 37.07
C ARG B 625 -2.06 20.31 37.29
N VAL B 626 -1.26 20.57 36.27
CA VAL B 626 0.18 20.33 36.35
C VAL B 626 0.85 21.51 37.03
N TYR B 627 1.59 21.24 38.10
CA TYR B 627 2.30 22.29 38.84
C TYR B 627 3.77 21.92 38.95
N ARG B 628 4.53 22.83 39.56
CA ARG B 628 5.96 22.62 39.78
C ARG B 628 6.40 23.50 40.94
N PRO B 629 7.41 23.10 41.70
CA PRO B 629 7.83 23.89 42.85
C PRO B 629 8.76 25.03 42.47
N LEU B 630 8.78 26.05 43.32
CA LEU B 630 9.65 27.21 43.14
C LEU B 630 10.06 27.74 44.50
N PHE B 631 11.23 28.37 44.55
CA PHE B 631 11.63 29.09 45.75
C PHE B 631 10.77 30.33 45.91
N ILE B 632 10.69 30.82 47.14
CA ILE B 632 9.89 31.99 47.47
C ILE B 632 10.84 33.12 47.87
N VAL B 633 10.68 34.28 47.23
CA VAL B 633 11.49 35.46 47.52
C VAL B 633 10.67 36.38 48.40
N GLU B 634 11.28 36.85 49.49
CA GLU B 634 10.58 37.71 50.43
C GLU B 634 10.36 39.07 49.78
N ASP B 635 9.11 39.35 49.40
CA ASP B 635 8.79 40.56 48.65
C ASP B 635 8.05 41.61 49.47
N ASP B 636 7.97 41.42 50.79
CA ASP B 636 7.32 42.41 51.63
C ASP B 636 8.24 43.62 51.80
N GLU B 637 7.72 44.81 51.47
CA GLU B 637 8.51 46.02 51.60
C GLU B 637 8.85 46.31 53.06
N SER B 638 7.92 46.04 53.97
CA SER B 638 8.15 46.33 55.38
C SER B 638 9.19 45.42 56.02
N LYS B 639 9.61 44.36 55.34
CA LYS B 639 10.53 43.39 55.92
C LYS B 639 11.96 43.76 55.58
N ASP B 640 12.86 43.52 56.54
CA ASP B 640 14.28 43.76 56.31
C ASP B 640 14.85 42.79 55.28
N ASN B 641 14.25 41.61 55.16
CA ASN B 641 14.70 40.58 54.24
C ASN B 641 14.14 40.74 52.83
N LYS B 642 13.71 41.95 52.48
CA LYS B 642 13.07 42.18 51.19
C LYS B 642 14.01 41.84 50.05
N GLY B 643 13.48 41.13 49.05
CA GLY B 643 14.25 40.79 47.87
C GLY B 643 15.26 39.67 48.05
N GLU B 644 15.09 38.82 49.05
CA GLU B 644 16.01 37.73 49.31
C GLU B 644 15.23 36.42 49.39
N LEU B 645 15.92 35.32 49.10
CA LEU B 645 15.32 34.01 49.26
C LEU B 645 14.97 33.77 50.72
N ARG B 646 13.80 33.17 50.94
CA ARG B 646 13.41 32.83 52.30
C ARG B 646 14.23 31.67 52.86
N ILE B 647 14.60 30.72 52.01
CA ILE B 647 15.36 29.56 52.47
C ILE B 647 16.77 29.99 52.83
N THR B 648 17.25 29.52 53.97
CA THR B 648 18.57 29.86 54.48
C THR B 648 19.35 28.57 54.72
N LYS B 649 20.62 28.73 55.11
CA LYS B 649 21.45 27.56 55.38
C LYS B 649 20.93 26.74 56.55
N GLU B 650 20.14 27.34 57.44
CA GLU B 650 19.55 26.57 58.53
C GLU B 650 18.61 25.50 57.99
N HIS B 651 17.79 25.84 57.01
CA HIS B 651 16.92 24.85 56.40
C HIS B 651 17.73 23.76 55.71
N ILE B 652 18.82 24.14 55.05
CA ILE B 652 19.67 23.15 54.38
C ILE B 652 20.27 22.18 55.39
N ARG B 653 20.76 22.68 56.51
CA ARG B 653 21.35 21.79 57.50
C ARG B 653 20.28 20.94 58.18
N LYS B 654 19.07 21.47 58.35
CA LYS B 654 17.98 20.65 58.87
C LYS B 654 17.64 19.52 57.90
N ILE B 655 17.63 19.82 56.60
CA ILE B 655 17.34 18.79 55.61
C ILE B 655 18.43 17.73 55.63
N GLN B 656 19.68 18.15 55.71
CA GLN B 656 20.78 17.18 55.73
C GLN B 656 20.72 16.30 56.98
N GLN B 657 20.44 16.90 58.14
CA GLN B 657 20.33 16.11 59.36
C GLN B 657 19.17 15.13 59.28
N GLY B 658 18.02 15.59 58.80
CA GLY B 658 16.82 14.78 58.73
C GLY B 658 15.82 15.05 59.83
N TYR B 659 16.08 15.98 60.73
CA TYR B 659 15.16 16.29 61.82
C TYR B 659 15.34 17.76 62.20
N ASP B 660 14.32 18.30 62.84
CA ASP B 660 14.37 19.67 63.32
C ASP B 660 14.90 19.74 64.74
N ASP B 661 15.40 20.91 65.12
CA ASP B 661 15.91 21.14 66.47
C ASP B 661 14.83 21.84 67.30
N ASP B 662 13.85 21.05 67.70
CA ASP B 662 12.72 21.53 68.51
C ASP B 662 12.01 22.72 67.87
N VAL B 675 10.55 14.04 61.55
CA VAL B 675 11.26 14.03 60.28
C VAL B 675 11.07 15.36 59.57
N TYR B 676 12.17 15.92 59.07
CA TYR B 676 12.17 17.20 58.38
C TYR B 676 12.57 16.95 56.92
N GLY B 677 11.59 16.93 56.03
CA GLY B 677 11.85 16.64 54.64
C GLY B 677 11.34 17.69 53.69
N TRP B 678 10.90 17.27 52.51
CA TRP B 678 10.43 18.20 51.51
C TRP B 678 9.10 18.83 51.92
N SER B 679 8.20 18.03 52.48
CA SER B 679 6.90 18.56 52.89
C SER B 679 7.06 19.61 53.98
N SER B 680 8.05 19.43 54.86
CA SER B 680 8.32 20.45 55.86
C SER B 680 8.76 21.75 55.23
N LEU B 681 9.57 21.67 54.17
CA LEU B 681 9.94 22.89 53.44
C LEU B 681 8.73 23.54 52.83
N VAL B 682 7.83 22.75 52.23
CA VAL B 682 6.66 23.33 51.59
C VAL B 682 5.74 24.01 52.60
N THR B 683 5.51 23.37 53.75
CA THR B 683 4.59 23.92 54.74
C THR B 683 5.22 24.99 55.61
N SER B 684 6.54 25.15 55.58
CA SER B 684 7.19 26.21 56.35
C SER B 684 7.29 27.51 55.59
N GLY B 685 6.75 27.57 54.37
CA GLY B 685 6.69 28.82 53.64
C GLY B 685 7.95 29.22 52.91
N VAL B 686 8.80 28.27 52.53
CA VAL B 686 9.99 28.58 51.76
C VAL B 686 9.92 28.05 50.33
N ILE B 687 9.01 27.13 50.02
CA ILE B 687 8.81 26.60 48.68
C ILE B 687 7.31 26.47 48.45
N GLU B 688 6.86 26.76 47.24
CA GLU B 688 5.45 26.62 46.93
C GLU B 688 5.28 26.15 45.49
N TYR B 689 4.15 25.50 45.22
CA TYR B 689 3.83 25.00 43.89
C TYR B 689 3.03 26.02 43.11
N VAL B 690 3.34 26.18 41.84
CA VAL B 690 2.60 27.05 40.93
C VAL B 690 2.28 26.27 39.67
N ASP B 691 1.10 26.50 39.11
CA ASP B 691 0.67 25.83 37.90
C ASP B 691 0.81 26.77 36.71
N GLY B 692 0.32 26.33 35.54
CA GLY B 692 0.49 27.11 34.34
C GLY B 692 -0.32 28.40 34.30
N GLU B 693 -1.36 28.50 35.12
CA GLU B 693 -2.19 29.69 35.15
C GLU B 693 -1.73 30.69 36.20
N GLU B 694 -1.18 30.23 37.31
CA GLU B 694 -0.64 31.16 38.30
C GLU B 694 0.68 31.76 37.84
N GLU B 695 1.39 31.08 36.95
CA GLU B 695 2.65 31.61 36.43
C GLU B 695 2.47 32.89 35.63
N GLU B 696 1.25 33.16 35.16
CA GLU B 696 1.01 34.38 34.41
C GLU B 696 1.23 35.63 35.25
N THR B 697 1.14 35.51 36.57
CA THR B 697 1.09 36.67 37.45
C THR B 697 2.28 36.76 38.39
N ILE B 698 3.37 36.06 38.09
CA ILE B 698 4.54 36.05 38.96
C ILE B 698 5.77 36.44 38.15
N MET B 699 6.77 36.94 38.87
CA MET B 699 8.06 37.30 38.29
C MET B 699 9.11 36.40 38.89
N ILE B 700 9.72 35.57 38.05
CA ILE B 700 10.64 34.52 38.48
C ILE B 700 12.06 34.93 38.14
N ALA B 701 12.99 34.64 39.03
CA ALA B 701 14.42 34.78 38.77
C ALA B 701 14.97 33.43 38.32
N MET B 702 15.91 33.45 37.38
CA MET B 702 16.43 32.20 36.86
C MET B 702 17.35 31.51 37.86
N THR B 703 18.18 32.29 38.56
CA THR B 703 19.14 31.76 39.51
C THR B 703 19.18 32.69 40.71
N PRO B 704 19.61 32.18 41.87
CA PRO B 704 19.74 33.07 43.03
C PRO B 704 20.71 34.22 42.80
N GLU B 705 21.63 34.07 41.85
CA GLU B 705 22.51 35.18 41.50
C GLU B 705 21.77 36.32 40.81
N ASP B 706 20.62 36.05 40.20
CA ASP B 706 19.85 37.11 39.57
C ASP B 706 19.15 38.01 40.58
N LEU B 707 19.14 37.64 41.85
CA LEU B 707 18.43 38.43 42.86
C LEU B 707 19.17 39.69 43.25
N GLN B 708 20.41 39.87 42.80
CA GLN B 708 21.16 41.09 43.07
C GLN B 708 21.76 41.63 41.78
N THR B 709 21.97 42.94 41.75
CA THR B 709 22.52 43.61 40.58
C THR B 709 23.99 43.26 40.37
N ASN B 720 35.17 40.16 30.64
CA ASN B 720 35.67 40.18 29.26
C ASN B 720 36.33 38.85 28.90
N ASP B 721 35.60 37.76 29.08
CA ASP B 721 36.08 36.42 28.79
C ASP B 721 35.43 35.88 27.53
N THR B 722 36.24 35.27 26.66
CA THR B 722 35.75 34.78 25.38
C THR B 722 35.11 33.40 25.47
N ALA B 723 35.16 32.74 26.63
CA ALA B 723 34.63 31.39 26.78
C ALA B 723 33.32 31.34 27.55
N LYS B 724 33.16 32.15 28.60
CA LYS B 724 31.96 32.10 29.40
C LYS B 724 30.79 32.76 28.67
N ARG B 725 29.58 32.33 28.99
CA ARG B 725 28.40 32.80 28.30
C ARG B 725 27.95 34.14 28.84
N ILE B 726 27.00 34.76 28.13
CA ILE B 726 26.56 36.12 28.40
C ILE B 726 25.15 36.08 28.94
N LYS B 727 24.94 36.69 30.10
CA LYS B 727 23.64 36.80 30.72
C LYS B 727 22.84 37.94 30.10
N PRO B 728 21.50 37.86 30.14
CA PRO B 728 20.69 38.96 29.61
C PRO B 728 20.93 40.25 30.37
N GLU B 729 20.95 41.36 29.64
CA GLU B 729 21.20 42.66 30.26
C GLU B 729 19.99 43.13 31.07
N MET B 730 18.79 43.01 30.49
CA MET B 730 17.54 43.38 31.14
C MET B 730 17.56 44.83 31.61
N SER B 731 17.84 45.73 30.67
CA SER B 731 17.94 47.15 30.94
C SER B 731 16.62 47.90 30.73
N THR B 732 15.56 47.21 30.30
CA THR B 732 14.29 47.88 30.06
C THR B 732 13.63 48.30 31.36
N SER B 733 13.89 47.58 32.45
CA SER B 733 13.31 47.88 33.75
C SER B 733 14.37 48.52 34.64
N SER B 734 14.02 49.68 35.23
CA SER B 734 14.94 50.34 36.14
C SER B 734 15.20 49.48 37.37
N HIS B 735 14.20 48.78 37.85
CA HIS B 735 14.33 47.92 39.00
C HIS B 735 13.39 46.74 38.87
N HIS B 736 13.71 45.65 39.57
CA HIS B 736 12.90 44.44 39.54
C HIS B 736 12.51 44.05 40.95
N THR B 737 11.31 43.47 41.06
CA THR B 737 10.79 42.92 42.31
C THR B 737 10.40 41.48 42.00
N PHE B 738 11.36 40.57 42.13
CA PHE B 738 11.08 39.17 41.91
C PHE B 738 10.23 38.61 43.04
N THR B 739 9.40 37.62 42.71
CA THR B 739 8.57 36.94 43.68
C THR B 739 8.94 35.47 43.88
N HIS B 740 9.62 34.86 42.92
CA HIS B 740 10.02 33.47 43.03
C HIS B 740 11.37 33.28 42.36
N CYS B 741 12.01 32.16 42.65
CA CYS B 741 13.28 31.81 42.04
C CYS B 741 13.26 30.35 41.64
N GLU B 742 13.83 30.06 40.47
CA GLU B 742 13.89 28.67 40.00
C GLU B 742 14.85 27.87 40.88
N ILE B 743 14.44 26.64 41.22
CA ILE B 743 15.30 25.79 42.04
C ILE B 743 16.56 25.43 41.28
N HIS B 744 16.41 24.92 40.06
CA HIS B 744 17.54 24.80 39.14
C HIS B 744 17.00 24.69 37.71
N PRO B 745 17.51 25.50 36.79
CA PRO B 745 16.92 25.53 35.45
C PRO B 745 16.99 24.22 34.70
N SER B 746 17.92 23.34 35.07
CA SER B 746 18.09 22.08 34.34
C SER B 746 17.00 21.09 34.67
N MET B 747 16.07 21.47 35.54
CA MET B 747 14.95 20.62 35.90
C MET B 747 13.79 20.75 34.93
N ILE B 748 13.92 21.56 33.87
CA ILE B 748 12.89 21.63 32.85
C ILE B 748 12.95 20.48 31.88
N LEU B 749 13.91 19.57 32.04
CA LEU B 749 14.09 18.43 31.15
C LEU B 749 13.42 17.20 31.72
N GLY B 750 13.10 16.26 30.84
CA GLY B 750 12.45 15.02 31.22
C GLY B 750 13.44 13.96 31.62
N VAL B 751 12.94 12.72 31.70
CA VAL B 751 13.79 11.61 32.10
C VAL B 751 14.80 11.28 31.01
N ALA B 752 14.35 11.22 29.75
CA ALA B 752 15.24 10.81 28.69
C ALA B 752 16.22 11.90 28.31
N ALA B 753 15.81 13.16 28.42
CA ALA B 753 16.69 14.27 28.10
C ALA B 753 17.64 14.63 29.24
N SER B 754 17.50 14.00 30.40
CA SER B 754 18.43 14.24 31.49
C SER B 754 19.69 13.39 31.38
N ILE B 755 19.78 12.55 30.36
CA ILE B 755 20.98 11.75 30.13
C ILE B 755 22.01 12.49 29.29
N ILE B 756 21.56 13.38 28.41
CA ILE B 756 22.49 14.08 27.51
C ILE B 756 23.44 14.94 28.33
N PRO B 757 24.74 14.86 28.10
CA PRO B 757 25.67 15.80 28.73
C PRO B 757 25.79 17.05 27.90
N PHE B 758 25.78 18.21 28.56
CA PHE B 758 25.81 19.51 27.90
C PHE B 758 24.74 19.61 26.81
N PRO B 759 23.46 19.47 27.17
CA PRO B 759 22.42 19.60 26.15
C PRO B 759 22.30 21.00 25.59
N ASP B 760 22.85 22.00 26.28
CA ASP B 760 22.79 23.38 25.82
C ASP B 760 23.89 23.73 24.83
N HIS B 761 24.80 22.81 24.51
CA HIS B 761 25.78 23.00 23.46
C HIS B 761 25.41 22.28 22.18
N ASN B 762 24.17 21.82 22.06
CA ASN B 762 23.74 20.98 20.95
C ASN B 762 22.64 21.67 20.15
N GLN B 763 22.58 21.33 18.87
CA GLN B 763 21.40 21.68 18.09
C GLN B 763 20.21 20.87 18.58
N SER B 764 19.09 21.53 18.80
CA SER B 764 17.96 20.89 19.48
C SER B 764 17.43 19.63 18.80
N PRO B 765 17.33 19.54 17.46
CA PRO B 765 16.89 18.26 16.88
C PRO B 765 17.77 17.10 17.28
N ARG B 766 19.07 17.34 17.52
CA ARG B 766 19.92 16.27 17.99
C ARG B 766 19.56 15.84 19.40
N ASN B 767 19.14 16.78 20.24
CA ASN B 767 18.64 16.42 21.55
C ASN B 767 17.39 15.56 21.45
N THR B 768 16.48 15.92 20.53
CA THR B 768 15.29 15.10 20.35
C THR B 768 15.64 13.70 19.85
N TYR B 769 16.56 13.61 18.90
CA TYR B 769 16.96 12.29 18.39
C TYR B 769 17.58 11.44 19.48
N GLN B 770 18.40 12.06 20.33
CA GLN B 770 18.98 11.29 21.44
C GLN B 770 17.91 10.86 22.44
N SER B 771 16.94 11.72 22.71
CA SER B 771 15.85 11.31 23.58
C SER B 771 15.14 10.09 23.01
N ALA B 772 14.99 10.05 21.69
CA ALA B 772 14.37 8.88 21.06
C ALA B 772 15.27 7.65 21.16
N MET B 773 16.56 7.79 20.88
CA MET B 773 17.46 6.64 20.81
C MET B 773 17.91 6.12 22.16
N GLY B 774 17.75 6.91 23.23
CA GLY B 774 18.14 6.43 24.54
C GLY B 774 17.22 5.38 25.10
N LYS B 775 16.01 5.26 24.55
CA LYS B 775 15.07 4.23 24.93
C LYS B 775 15.28 2.93 24.18
N GLN B 776 16.28 2.87 23.30
CA GLN B 776 16.63 1.66 22.57
C GLN B 776 18.02 1.16 22.92
N ALA B 777 18.66 1.73 23.92
CA ALA B 777 20.01 1.32 24.31
C ALA B 777 19.92 0.13 25.25
N MET B 778 20.69 -0.91 24.94
CA MET B 778 20.71 -2.09 25.78
C MET B 778 21.50 -1.83 27.05
N GLY B 779 20.93 -2.20 28.18
CA GLY B 779 21.60 -2.05 29.46
C GLY B 779 21.24 -3.18 30.39
N VAL B 780 20.86 -2.84 31.62
CA VAL B 780 20.34 -3.80 32.59
C VAL B 780 19.01 -3.23 33.07
N PHE B 781 17.91 -3.74 32.53
CA PHE B 781 16.61 -3.15 32.86
C PHE B 781 16.22 -3.44 34.30
N LEU B 782 16.56 -4.61 34.81
CA LEU B 782 16.25 -4.97 36.19
C LEU B 782 17.32 -5.91 36.69
N THR B 783 17.45 -6.00 38.02
CA THR B 783 18.42 -6.90 38.61
C THR B 783 17.92 -8.33 38.71
N ASN B 784 16.62 -8.57 38.55
CA ASN B 784 16.07 -9.91 38.65
C ASN B 784 15.73 -10.49 37.29
N TYR B 785 16.54 -10.18 36.27
CA TYR B 785 16.24 -10.65 34.93
C TYR B 785 16.33 -12.16 34.80
N ASN B 786 16.98 -12.85 35.74
CA ASN B 786 17.07 -14.30 35.67
C ASN B 786 15.73 -14.96 35.96
N VAL B 787 14.96 -14.42 36.90
CA VAL B 787 13.72 -15.05 37.32
C VAL B 787 12.52 -14.55 36.53
N ARG B 788 12.73 -13.68 35.56
CA ARG B 788 11.65 -13.15 34.75
C ARG B 788 11.61 -13.88 33.41
N MET B 789 10.39 -14.04 32.89
CA MET B 789 10.17 -14.67 31.59
C MET B 789 9.54 -13.63 30.67
N ASP B 790 10.36 -12.78 30.09
CA ASP B 790 9.90 -11.77 29.14
C ASP B 790 10.02 -12.31 27.73
N THR B 791 9.22 -11.74 26.82
CA THR B 791 9.28 -12.17 25.43
C THR B 791 10.66 -11.91 24.84
N MET B 792 11.24 -10.75 25.14
CA MET B 792 12.60 -10.43 24.76
C MET B 792 13.32 -9.81 25.95
N ALA B 793 14.63 -9.95 25.96
CA ALA B 793 15.45 -9.31 26.97
C ALA B 793 16.87 -9.19 26.45
N ASN B 794 17.46 -8.02 26.59
CA ASN B 794 18.83 -7.78 26.20
C ASN B 794 19.60 -7.26 27.40
N ILE B 795 20.72 -7.91 27.71
CA ILE B 795 21.55 -7.54 28.85
C ILE B 795 22.97 -7.37 28.34
N LEU B 796 23.59 -6.25 28.69
CA LEU B 796 24.95 -5.97 28.26
C LEU B 796 25.92 -6.63 29.24
N TYR B 797 26.98 -7.26 28.73
CA TYR B 797 27.89 -7.99 29.61
C TYR B 797 28.51 -7.08 30.66
N TYR B 798 29.11 -5.98 30.22
CA TYR B 798 29.95 -5.16 31.08
C TYR B 798 29.48 -3.71 31.00
N PRO B 799 28.39 -3.37 31.66
CA PRO B 799 27.97 -1.96 31.71
C PRO B 799 28.98 -1.11 32.45
N GLN B 800 29.12 0.12 32.01
CA GLN B 800 29.99 1.09 32.66
C GLN B 800 29.23 2.38 32.85
N LYS B 801 29.51 3.07 33.94
CA LYS B 801 28.88 4.37 34.12
C LYS B 801 29.61 5.43 33.31
N PRO B 802 28.91 6.46 32.85
CA PRO B 802 29.57 7.49 32.04
C PRO B 802 30.59 8.28 32.85
N LEU B 803 31.64 8.71 32.16
CA LEU B 803 32.64 9.55 32.80
C LEU B 803 32.15 10.99 32.92
N ALA B 804 31.43 11.47 31.92
CA ALA B 804 30.82 12.80 31.94
C ALA B 804 29.34 12.61 32.22
N LYS B 805 28.94 12.79 33.47
CA LYS B 805 27.58 12.58 33.93
C LYS B 805 26.93 13.92 34.24
N THR B 806 25.62 13.87 34.49
CA THR B 806 24.86 15.03 34.91
C THR B 806 24.31 14.79 36.31
N GLN B 807 23.96 15.88 36.98
CA GLN B 807 23.45 15.76 38.35
C GLN B 807 22.09 15.08 38.39
N ALA B 808 21.31 15.17 37.31
CA ALA B 808 20.00 14.54 37.28
C ALA B 808 20.08 13.03 37.13
N MET B 809 21.25 12.49 36.75
CA MET B 809 21.40 11.05 36.65
C MET B 809 21.39 10.37 38.01
N GLU B 810 21.55 11.12 39.09
CA GLU B 810 21.57 10.52 40.41
C GLU B 810 20.22 9.94 40.77
N TYR B 811 19.15 10.63 40.40
CA TYR B 811 17.80 10.22 40.75
C TYR B 811 17.16 9.33 39.70
N LEU B 812 17.83 9.11 38.58
CA LEU B 812 17.37 8.16 37.57
C LEU B 812 18.07 6.81 37.71
N LYS B 813 18.90 6.65 38.73
CA LYS B 813 19.65 5.41 38.99
C LYS B 813 20.52 5.01 37.81
N PHE B 814 20.91 5.96 36.97
CA PHE B 814 21.72 5.63 35.81
C PHE B 814 23.11 5.15 36.21
N ARG B 815 23.56 5.51 37.41
CA ARG B 815 24.85 5.03 37.89
C ARG B 815 24.81 3.56 38.26
N GLU B 816 23.65 3.06 38.68
CA GLU B 816 23.52 1.68 39.14
C GLU B 816 23.06 0.71 38.07
N LEU B 817 22.35 1.19 37.05
CA LEU B 817 21.90 0.35 35.94
C LEU B 817 22.22 1.07 34.63
N PRO B 818 23.50 1.22 34.31
CA PRO B 818 23.87 1.99 33.12
C PRO B 818 23.65 1.19 31.85
N ALA B 819 23.60 1.91 30.73
CA ALA B 819 23.21 1.34 29.45
C ALA B 819 24.19 1.74 28.36
N GLY B 820 25.48 1.52 28.60
CA GLY B 820 26.47 1.87 27.60
C GLY B 820 27.85 1.53 28.12
N GLN B 821 28.85 1.91 27.31
CA GLN B 821 30.25 1.71 27.67
C GLN B 821 31.08 2.88 27.20
N ASN B 822 32.20 3.10 27.86
CA ASN B 822 33.14 4.16 27.50
C ASN B 822 34.13 3.61 26.49
N ALA B 823 33.98 4.02 25.24
CA ALA B 823 34.89 3.60 24.18
C ALA B 823 35.90 4.70 23.91
N ILE B 824 37.12 4.32 23.56
CA ILE B 824 38.13 5.28 23.15
C ILE B 824 37.86 5.62 21.69
N VAL B 825 37.36 6.82 21.44
CA VAL B 825 36.90 7.24 20.12
C VAL B 825 37.95 8.15 19.50
N ALA B 826 38.27 7.91 18.24
CA ALA B 826 39.15 8.77 17.47
C ALA B 826 38.39 9.28 16.26
N ILE B 827 38.42 10.58 16.05
CA ILE B 827 37.73 11.21 14.92
C ILE B 827 38.76 11.36 13.81
N ALA B 828 38.61 10.58 12.75
CA ALA B 828 39.59 10.59 11.67
C ALA B 828 39.00 9.95 10.43
N CYS B 829 39.48 10.39 9.27
CA CYS B 829 39.25 9.71 8.01
C CYS B 829 40.38 8.71 7.84
N TYR B 830 40.18 7.50 8.36
CA TYR B 830 41.30 6.56 8.31
C TYR B 830 41.39 5.88 6.95
N SER B 831 40.42 5.02 6.62
CA SER B 831 40.53 4.24 5.39
C SER B 831 39.35 4.43 4.46
N GLY B 832 38.44 5.35 4.78
CA GLY B 832 37.27 5.55 3.97
C GLY B 832 36.11 4.62 4.30
N TYR B 833 36.25 3.77 5.31
CA TYR B 833 35.18 2.85 5.67
C TYR B 833 34.23 3.41 6.71
N ASN B 834 34.43 4.65 7.16
CA ASN B 834 33.57 5.26 8.15
C ASN B 834 32.84 6.48 7.61
N GLN B 835 32.72 6.61 6.29
CA GLN B 835 31.99 7.72 5.72
C GLN B 835 30.50 7.46 5.76
N GLU B 836 29.73 8.54 5.64
CA GLU B 836 28.28 8.49 5.59
C GLU B 836 27.71 7.77 6.80
N ASP B 837 28.13 8.21 7.99
CA ASP B 837 27.66 7.75 9.29
C ASP B 837 28.11 6.34 9.64
N SER B 838 29.02 5.74 8.89
CA SER B 838 29.58 4.46 9.31
C SER B 838 30.60 4.69 10.42
N MET B 839 31.20 3.60 10.89
CA MET B 839 32.28 3.70 11.85
C MET B 839 33.12 2.45 11.76
N ILE B 840 34.37 2.56 12.22
CA ILE B 840 35.31 1.45 12.24
C ILE B 840 35.49 1.03 13.69
N MET B 841 35.33 -0.26 13.95
CA MET B 841 35.49 -0.78 15.30
C MET B 841 36.72 -1.68 15.37
N ASN B 842 37.35 -1.67 16.54
CA ASN B 842 38.53 -2.49 16.77
C ASN B 842 38.11 -3.94 16.99
N GLN B 843 38.64 -4.84 16.17
CA GLN B 843 38.26 -6.25 16.29
C GLN B 843 38.78 -6.84 17.59
N SER B 844 39.97 -6.42 18.03
CA SER B 844 40.53 -6.96 19.24
C SER B 844 39.73 -6.53 20.46
N SER B 845 39.18 -5.31 20.45
CA SER B 845 38.32 -4.89 21.54
C SER B 845 37.03 -5.70 21.56
N ILE B 846 36.49 -6.02 20.39
CA ILE B 846 35.32 -6.88 20.33
C ILE B 846 35.64 -8.26 20.88
N ASP B 847 36.83 -8.77 20.56
CA ASP B 847 37.24 -10.07 21.08
C ASP B 847 37.35 -10.06 22.59
N ARG B 848 37.70 -8.92 23.19
CA ARG B 848 37.87 -8.82 24.62
C ARG B 848 36.57 -8.50 25.35
N GLY B 849 35.46 -8.40 24.64
CA GLY B 849 34.17 -8.25 25.27
C GLY B 849 33.51 -6.90 25.14
N LEU B 850 33.99 -6.03 24.26
CA LEU B 850 33.38 -4.71 24.12
C LEU B 850 32.02 -4.83 23.45
N PHE B 851 31.01 -4.25 24.09
CA PHE B 851 29.65 -4.15 23.56
C PHE B 851 29.00 -5.52 23.31
N ARG B 852 29.57 -6.57 23.88
CA ARG B 852 28.96 -7.89 23.79
C ARG B 852 27.73 -7.92 24.69
N SER B 853 26.71 -8.65 24.27
CA SER B 853 25.46 -8.66 25.01
C SER B 853 24.83 -10.04 25.02
N LEU B 854 23.76 -10.15 25.80
CA LEU B 854 23.06 -11.41 26.07
C LEU B 854 21.61 -11.24 25.62
N PHE B 855 21.06 -12.27 24.99
CA PHE B 855 19.72 -12.20 24.41
C PHE B 855 18.88 -13.34 24.95
N PHE B 856 17.68 -13.01 25.44
CA PHE B 856 16.74 -13.99 25.96
C PHE B 856 15.43 -13.89 25.19
N ARG B 857 14.85 -15.02 24.84
CA ARG B 857 13.52 -15.07 24.27
C ARG B 857 12.73 -16.19 24.92
N SER B 858 11.47 -15.92 25.24
CA SER B 858 10.61 -16.88 25.92
C SER B 858 9.47 -17.30 25.00
N TYR B 859 9.09 -18.58 25.11
CA TYR B 859 7.96 -19.13 24.38
C TYR B 859 6.95 -19.64 25.38
N MET B 860 5.67 -19.47 25.07
CA MET B 860 4.59 -19.89 25.94
C MET B 860 3.70 -20.88 25.21
N ASP B 861 3.14 -21.83 25.95
CA ASP B 861 2.13 -22.73 25.41
C ASP B 861 1.34 -23.31 26.56
N GLN B 862 0.11 -23.71 26.27
CA GLN B 862 -0.76 -24.24 27.30
C GLN B 862 -1.72 -25.24 26.68
N GLU B 863 -2.26 -26.13 27.51
CA GLU B 863 -3.20 -27.14 27.07
C GLU B 863 -4.61 -26.54 27.06
N LYS B 864 -5.23 -26.51 25.89
CA LYS B 864 -6.58 -25.99 25.78
C LYS B 864 -7.61 -27.09 26.00
N ARG B 865 -8.78 -26.69 26.47
CA ARG B 865 -9.90 -27.59 26.72
C ARG B 865 -10.99 -27.26 25.71
N PHE B 866 -11.34 -28.23 24.87
CA PHE B 866 -12.36 -28.03 23.84
C PHE B 866 -13.71 -28.62 24.21
N GLY B 867 -13.76 -29.50 25.20
CA GLY B 867 -15.03 -30.11 25.55
C GLY B 867 -14.93 -30.84 26.86
N ILE B 868 -15.86 -31.79 27.06
CA ILE B 868 -15.89 -32.55 28.30
C ILE B 868 -14.62 -33.39 28.45
N SER B 869 -14.19 -34.04 27.37
CA SER B 869 -13.02 -34.91 27.43
C SER B 869 -12.12 -34.75 26.22
N ILE B 870 -12.15 -33.59 25.57
CA ILE B 870 -11.26 -33.28 24.46
C ILE B 870 -10.24 -32.29 25.00
N VAL B 871 -9.04 -32.78 25.31
CA VAL B 871 -7.98 -31.96 25.87
C VAL B 871 -6.73 -32.14 25.03
N GLU B 872 -5.88 -31.13 25.03
CA GLU B 872 -4.56 -31.24 24.44
C GLU B 872 -3.59 -31.82 25.45
N GLU B 873 -2.53 -32.46 24.95
CA GLU B 873 -1.59 -33.17 25.79
C GLU B 873 -0.17 -32.77 25.40
N PHE B 874 0.67 -32.56 26.41
CA PHE B 874 2.09 -32.35 26.19
C PHE B 874 2.76 -33.71 26.11
N GLU B 875 3.27 -34.06 24.93
CA GLU B 875 3.88 -35.36 24.73
C GLU B 875 4.82 -35.27 23.54
N LYS B 876 5.69 -36.27 23.43
CA LYS B 876 6.55 -36.38 22.27
C LYS B 876 5.81 -37.16 21.18
N PRO B 877 5.28 -36.49 20.18
CA PRO B 877 4.48 -37.20 19.17
C PRO B 877 5.34 -38.15 18.35
N THR B 878 4.72 -39.26 17.95
CA THR B 878 5.38 -40.28 17.15
C THR B 878 4.90 -40.20 15.71
N ARG B 879 5.76 -40.63 14.79
CA ARG B 879 5.43 -40.58 13.38
C ARG B 879 4.24 -41.48 13.04
N ALA B 880 3.94 -42.46 13.89
CA ALA B 880 2.88 -43.42 13.63
C ALA B 880 1.51 -42.94 14.10
N THR B 881 1.40 -42.51 15.36
CA THR B 881 0.11 -42.20 15.94
C THR B 881 -0.37 -40.78 15.68
N THR B 882 0.46 -39.94 15.07
CA THR B 882 0.09 -38.56 14.78
C THR B 882 0.32 -38.28 13.30
N LEU B 883 -0.39 -37.29 12.78
CA LEU B 883 -0.30 -36.95 11.37
C LEU B 883 -0.05 -35.46 11.20
N ARG B 884 0.56 -35.12 10.07
CA ARG B 884 0.94 -33.74 9.74
C ARG B 884 1.92 -33.18 10.79
N LEU B 885 3.07 -33.84 10.88
CA LEU B 885 4.11 -33.37 11.80
C LEU B 885 4.93 -32.26 11.15
N LYS B 886 5.53 -31.43 12.00
CA LYS B 886 6.42 -30.39 11.54
C LYS B 886 7.68 -31.01 10.93
N HIS B 887 8.30 -30.28 10.01
CA HIS B 887 9.48 -30.80 9.33
C HIS B 887 10.73 -30.76 10.20
N GLY B 888 10.68 -30.14 11.36
CA GLY B 888 11.81 -30.10 12.26
C GLY B 888 12.09 -31.46 12.87
N THR B 889 12.92 -31.44 13.91
CA THR B 889 13.31 -32.66 14.61
C THR B 889 12.69 -32.69 16.00
N TYR B 890 12.17 -33.85 16.37
CA TYR B 890 11.57 -34.04 17.69
C TYR B 890 12.50 -34.78 18.65
N GLU B 891 13.75 -35.01 18.27
CA GLU B 891 14.61 -35.86 19.07
C GLU B 891 15.16 -35.17 20.30
N LYS B 892 14.98 -33.86 20.44
CA LYS B 892 15.45 -33.14 21.60
C LYS B 892 14.42 -33.06 22.71
N LEU B 893 13.21 -33.56 22.49
CA LEU B 893 12.17 -33.51 23.50
C LEU B 893 12.35 -34.63 24.52
N ASP B 894 11.94 -34.36 25.75
CA ASP B 894 11.98 -35.35 26.81
C ASP B 894 10.73 -36.21 26.76
N GLU B 895 10.53 -37.03 27.80
CA GLU B 895 9.37 -37.90 27.83
C GLU B 895 8.06 -37.11 27.96
N ASP B 896 8.11 -35.97 28.64
CA ASP B 896 6.91 -35.17 28.87
C ASP B 896 6.66 -34.15 27.77
N GLY B 897 7.41 -34.20 26.67
CA GLY B 897 7.18 -33.29 25.58
C GLY B 897 7.78 -31.90 25.75
N LEU B 898 8.69 -31.73 26.70
CA LEU B 898 9.35 -30.45 26.94
C LEU B 898 10.85 -30.64 26.85
N ILE B 899 11.52 -29.71 26.18
CA ILE B 899 12.97 -29.76 26.09
C ILE B 899 13.59 -29.42 27.45
N ALA B 900 14.82 -29.87 27.65
CA ALA B 900 15.43 -29.62 28.94
C ALA B 900 16.47 -28.51 28.84
N PRO B 901 16.66 -27.74 29.92
CA PRO B 901 17.64 -26.65 29.87
C PRO B 901 19.06 -27.17 29.67
N GLY B 902 19.87 -26.36 29.01
CA GLY B 902 21.22 -26.73 28.66
C GLY B 902 21.39 -27.36 27.30
N VAL B 903 20.31 -27.55 26.55
CA VAL B 903 20.36 -28.19 25.25
C VAL B 903 20.46 -27.11 24.18
N ARG B 904 21.42 -27.25 23.28
CA ARG B 904 21.54 -26.32 22.17
C ARG B 904 20.47 -26.60 21.14
N VAL B 905 19.78 -25.54 20.70
CA VAL B 905 18.70 -25.65 19.72
C VAL B 905 19.03 -24.79 18.52
N SER B 906 18.47 -25.18 17.37
CA SER B 906 18.64 -24.46 16.13
C SER B 906 17.26 -24.08 15.60
N GLY B 907 17.24 -23.38 14.46
CA GLY B 907 15.98 -22.98 13.89
C GLY B 907 15.14 -24.19 13.49
N ASP B 908 13.82 -24.03 13.64
CA ASP B 908 12.79 -25.01 13.29
C ASP B 908 12.80 -26.25 14.17
N ASP B 909 13.67 -26.33 15.17
CA ASP B 909 13.60 -27.43 16.13
C ASP B 909 12.35 -27.31 16.98
N ILE B 910 11.87 -28.44 17.47
CA ILE B 910 10.67 -28.48 18.28
C ILE B 910 11.06 -28.41 19.74
N ILE B 911 10.61 -27.35 20.42
CA ILE B 911 10.91 -27.18 21.83
C ILE B 911 9.74 -27.55 22.73
N ILE B 912 8.52 -27.57 22.21
CA ILE B 912 7.34 -27.99 22.95
C ILE B 912 6.57 -28.97 22.09
N GLY B 913 6.31 -30.16 22.62
CA GLY B 913 5.57 -31.18 21.91
C GLY B 913 4.15 -31.27 22.42
N LYS B 914 3.21 -30.97 21.54
CA LYS B 914 1.80 -30.97 21.91
C LYS B 914 0.98 -31.62 20.81
N THR B 915 -0.02 -32.39 21.19
CA THR B 915 -0.91 -33.07 20.26
C THR B 915 -2.35 -32.81 20.66
N THR B 916 -3.22 -32.73 19.64
CA THR B 916 -4.63 -32.58 19.87
C THR B 916 -5.40 -33.78 19.32
N PRO B 917 -6.38 -34.30 20.05
CA PRO B 917 -7.07 -35.51 19.60
C PRO B 917 -7.89 -35.26 18.34
N ILE B 918 -8.03 -36.32 17.55
CA ILE B 918 -8.80 -36.29 16.31
C ILE B 918 -9.66 -37.55 16.25
N PRO B 919 -10.92 -37.46 15.83
CA PRO B 919 -11.75 -38.66 15.69
C PRO B 919 -11.12 -39.64 14.72
N PRO B 920 -10.94 -40.90 15.14
CA PRO B 920 -10.24 -41.87 14.28
C PRO B 920 -11.03 -42.20 13.03
N ASP B 921 -10.28 -42.58 12.00
CA ASP B 921 -10.86 -42.92 10.70
C ASP B 921 -11.19 -44.42 10.68
N THR B 922 -11.50 -44.95 9.50
CA THR B 922 -11.74 -46.37 9.32
C THR B 922 -10.46 -47.18 9.22
N GLU B 923 -9.32 -46.58 9.61
CA GLU B 923 -8.04 -47.29 9.55
C GLU B 923 -8.00 -48.49 10.48
N GLU B 924 -8.93 -48.58 11.43
CA GLU B 924 -9.03 -49.73 12.33
C GLU B 924 -9.36 -51.00 11.57
N LEU B 925 -9.58 -50.87 10.26
CA LEU B 925 -9.82 -52.02 9.39
C LEU B 925 -8.71 -53.07 9.55
N GLY B 926 -7.47 -52.68 9.24
CA GLY B 926 -6.37 -53.62 9.27
C GLY B 926 -5.07 -53.06 9.79
N GLN B 927 -5.12 -51.87 10.40
CA GLN B 927 -3.94 -51.28 11.00
C GLN B 927 -3.70 -51.89 12.37
N ARG B 928 -2.46 -52.31 12.63
CA ARG B 928 -2.09 -52.90 13.91
C ARG B 928 -1.79 -51.79 14.92
N THR B 929 -2.86 -51.10 15.32
CA THR B 929 -2.84 -50.02 16.32
C THR B 929 -2.10 -48.80 15.77
N LYS B 930 -1.53 -48.91 14.58
CA LYS B 930 -0.76 -47.83 13.98
C LYS B 930 -1.64 -46.93 13.11
N TYR B 931 -2.68 -46.36 13.71
CA TYR B 931 -3.59 -45.47 13.03
C TYR B 931 -3.61 -44.11 13.72
N HIS B 932 -3.71 -43.05 12.93
CA HIS B 932 -3.55 -41.70 13.45
C HIS B 932 -4.80 -41.27 14.22
N THR B 933 -4.64 -41.03 15.52
CA THR B 933 -5.72 -40.54 16.35
C THR B 933 -5.51 -39.11 16.84
N LYS B 934 -4.31 -38.57 16.72
CA LYS B 934 -3.97 -37.25 17.24
C LYS B 934 -3.34 -36.43 16.13
N ARG B 935 -3.49 -35.11 16.23
CA ARG B 935 -2.87 -34.18 15.30
C ARG B 935 -1.84 -33.33 16.02
N ASP B 936 -0.71 -33.08 15.34
CA ASP B 936 0.38 -32.34 15.95
C ASP B 936 0.07 -30.86 16.05
N ALA B 937 0.39 -30.29 17.21
CA ALA B 937 0.29 -28.84 17.45
C ALA B 937 1.54 -28.32 18.13
N SER B 938 2.71 -28.83 17.72
CA SER B 938 3.96 -28.52 18.40
C SER B 938 4.40 -27.11 18.11
N THR B 939 5.26 -26.58 19.00
CA THR B 939 5.81 -25.24 18.87
C THR B 939 7.25 -25.33 18.41
N PRO B 940 7.58 -24.89 17.20
CA PRO B 940 8.96 -24.90 16.74
C PRO B 940 9.69 -23.62 17.12
N LEU B 941 11.01 -23.74 17.24
CA LEU B 941 11.83 -22.55 17.42
C LEU B 941 11.79 -21.71 16.15
N ARG B 942 11.95 -20.40 16.32
CA ARG B 942 11.90 -19.50 15.17
C ARG B 942 13.01 -19.84 14.19
N SER B 943 12.70 -19.68 12.90
CA SER B 943 13.58 -20.20 11.86
C SER B 943 14.94 -19.52 11.86
N THR B 944 14.98 -18.23 12.17
CA THR B 944 16.20 -17.45 12.08
C THR B 944 16.98 -17.40 13.40
N GLU B 945 16.50 -18.06 14.44
CA GLU B 945 17.10 -17.94 15.77
C GLU B 945 17.63 -19.28 16.23
N ASN B 946 18.67 -19.23 17.06
CA ASN B 946 19.23 -20.42 17.68
C ASN B 946 19.94 -20.01 18.96
N GLY B 947 20.12 -20.97 19.85
CA GLY B 947 20.75 -20.68 21.12
C GLY B 947 20.72 -21.88 22.03
N ILE B 948 20.79 -21.62 23.33
CA ILE B 948 20.80 -22.64 24.36
C ILE B 948 19.50 -22.50 25.15
N VAL B 949 18.87 -23.63 25.45
CA VAL B 949 17.69 -23.59 26.31
C VAL B 949 18.13 -23.24 27.72
N ASP B 950 17.62 -22.12 28.23
CA ASP B 950 18.12 -21.56 29.47
C ASP B 950 17.33 -22.01 30.69
N GLN B 951 16.01 -22.07 30.57
CA GLN B 951 15.16 -22.35 31.72
C GLN B 951 13.78 -22.73 31.23
N VAL B 952 13.25 -23.83 31.77
CA VAL B 952 11.94 -24.35 31.39
C VAL B 952 11.04 -24.28 32.60
N LEU B 953 9.87 -23.68 32.45
CA LEU B 953 8.93 -23.47 33.53
C LEU B 953 7.66 -24.25 33.26
N LEU B 954 7.20 -25.01 34.23
CA LEU B 954 6.00 -25.83 34.10
C LEU B 954 5.08 -25.53 35.27
N THR B 955 3.83 -25.19 34.97
CA THR B 955 2.87 -24.83 36.01
C THR B 955 1.47 -25.00 35.45
N THR B 956 0.48 -24.57 36.23
CA THR B 956 -0.93 -24.67 35.84
C THR B 956 -1.53 -23.28 35.70
N ASN B 957 -2.36 -23.11 34.69
CA ASN B 957 -3.00 -21.83 34.43
C ASN B 957 -4.16 -21.63 35.42
N GLN B 958 -4.94 -20.58 35.21
CA GLN B 958 -6.08 -20.32 36.09
C GLN B 958 -7.12 -21.43 35.99
N GLU B 959 -7.20 -22.10 34.85
CA GLU B 959 -8.22 -23.13 34.61
C GLU B 959 -7.80 -24.50 35.08
N GLY B 960 -6.59 -24.66 35.62
CA GLY B 960 -6.12 -25.94 36.08
C GLY B 960 -5.47 -26.82 35.04
N LEU B 961 -5.24 -26.31 33.84
CA LEU B 961 -4.55 -27.06 32.80
C LEU B 961 -3.05 -26.77 32.84
N LYS B 962 -2.29 -27.64 32.19
CA LYS B 962 -0.84 -27.46 32.16
C LYS B 962 -0.48 -26.22 31.34
N PHE B 963 0.69 -25.67 31.64
CA PHE B 963 1.10 -24.37 31.11
C PHE B 963 2.61 -24.28 31.23
N VAL B 964 3.30 -24.11 30.11
CA VAL B 964 4.76 -24.14 30.10
C VAL B 964 5.29 -22.85 29.50
N LYS B 965 6.51 -22.49 29.93
CA LYS B 965 7.26 -21.38 29.37
C LYS B 965 8.70 -21.83 29.19
N VAL B 966 9.26 -21.60 28.01
CA VAL B 966 10.62 -21.99 27.69
C VAL B 966 11.39 -20.74 27.33
N ARG B 967 12.52 -20.53 28.00
CA ARG B 967 13.38 -19.37 27.75
C ARG B 967 14.66 -19.82 27.08
N MET B 968 15.00 -19.17 25.97
CA MET B 968 16.19 -19.47 25.19
C MET B 968 17.18 -18.33 25.33
N ARG B 969 18.47 -18.68 25.40
CA ARG B 969 19.53 -17.70 25.61
C ARG B 969 20.58 -17.80 24.51
N THR B 970 21.06 -16.65 24.04
CA THR B 970 22.16 -16.60 23.09
C THR B 970 22.95 -15.33 23.31
N THR B 971 24.17 -15.30 22.79
CA THR B 971 25.04 -14.14 22.90
C THR B 971 25.22 -13.50 21.53
N LYS B 972 25.09 -12.18 21.48
CA LYS B 972 25.20 -11.42 20.24
C LYS B 972 26.44 -10.55 20.30
N VAL B 973 27.38 -10.83 19.41
CA VAL B 973 28.66 -10.13 19.35
C VAL B 973 28.56 -9.06 18.28
N PRO B 974 29.10 -7.85 18.49
CA PRO B 974 29.01 -6.82 17.46
C PRO B 974 29.66 -7.25 16.17
N GLN B 975 29.08 -6.81 15.06
CA GLN B 975 29.58 -7.16 13.74
C GLN B 975 29.18 -6.06 12.77
N ILE B 976 29.62 -6.20 11.52
CA ILE B 976 29.32 -5.21 10.50
C ILE B 976 27.82 -5.08 10.34
N GLY B 977 27.32 -3.86 10.52
CA GLY B 977 25.92 -3.55 10.37
C GLY B 977 25.18 -3.25 11.65
N ASP B 978 25.78 -3.53 12.80
CA ASP B 978 25.12 -3.22 14.07
C ASP B 978 25.13 -1.73 14.34
N LYS B 979 24.05 -1.24 14.94
CA LYS B 979 23.82 0.18 15.11
C LYS B 979 24.30 0.63 16.48
N PHE B 980 25.08 1.70 16.51
CA PHE B 980 25.58 2.29 17.74
C PHE B 980 25.28 3.79 17.73
N ALA B 981 25.35 4.41 18.90
CA ALA B 981 25.02 5.82 18.99
C ALA B 981 25.65 6.40 20.24
N SER B 982 26.02 7.67 20.16
CA SER B 982 26.46 8.41 21.33
C SER B 982 25.25 9.13 21.92
N ARG B 983 25.47 9.91 22.98
CA ARG B 983 24.38 10.58 23.66
C ARG B 983 24.03 11.91 23.02
N HIS B 984 24.35 12.11 21.74
CA HIS B 984 24.10 13.37 21.06
C HIS B 984 23.51 13.16 19.68
N GLY B 985 22.75 12.08 19.48
CA GLY B 985 22.11 11.86 18.20
C GLY B 985 23.05 11.46 17.09
N GLN B 986 24.21 10.91 17.41
CA GLN B 986 25.20 10.53 16.43
C GLN B 986 25.15 9.02 16.19
N LYS B 987 24.07 8.58 15.56
CA LYS B 987 23.89 7.15 15.31
C LYS B 987 24.70 6.73 14.08
N GLY B 988 25.04 5.45 14.04
CA GLY B 988 25.79 4.91 12.92
C GLY B 988 25.88 3.41 13.04
N THR B 989 26.41 2.79 11.99
CA THR B 989 26.58 1.34 11.94
C THR B 989 28.05 1.02 11.68
N ILE B 990 28.46 -0.18 12.09
CA ILE B 990 29.83 -0.60 11.90
C ILE B 990 30.08 -0.87 10.42
N GLY B 991 31.16 -0.29 9.90
CA GLY B 991 31.46 -0.44 8.49
C GLY B 991 32.47 -1.54 8.23
N VAL B 992 33.45 -1.68 9.12
CA VAL B 992 34.46 -2.73 9.01
C VAL B 992 35.12 -2.82 10.37
N THR B 993 35.78 -3.95 10.63
CA THR B 993 36.53 -4.16 11.86
C THR B 993 37.99 -4.41 11.54
N TYR B 994 38.87 -3.63 12.16
CA TYR B 994 40.30 -3.81 12.03
C TYR B 994 40.85 -4.42 13.30
N ARG B 995 41.94 -5.17 13.17
CA ARG B 995 42.54 -5.80 14.34
C ARG B 995 43.39 -4.78 15.09
N HIS B 996 44.02 -5.23 16.17
CA HIS B 996 44.78 -4.32 17.01
C HIS B 996 45.94 -3.69 16.27
N GLU B 997 46.62 -4.46 15.42
CA GLU B 997 47.83 -3.97 14.77
C GLU B 997 47.55 -3.16 13.52
N ASP B 998 46.31 -3.08 13.06
CA ASP B 998 45.99 -2.26 11.90
C ASP B 998 45.45 -0.89 12.26
N MET B 999 45.09 -0.68 13.52
CA MET B 999 44.56 0.61 13.92
C MET B 999 45.70 1.62 14.08
N PRO B 1000 45.40 2.91 13.91
CA PRO B 1000 46.38 3.92 14.27
C PRO B 1000 46.60 3.95 15.77
N PHE B 1001 47.81 4.29 16.18
CA PHE B 1001 48.18 4.26 17.58
C PHE B 1001 48.91 5.54 17.94
N SER B 1002 48.85 5.91 19.22
CA SER B 1002 49.55 7.09 19.70
C SER B 1002 50.94 6.69 20.14
N ALA B 1003 51.72 7.65 20.61
CA ALA B 1003 53.11 7.37 20.99
C ALA B 1003 53.18 6.41 22.16
N GLU B 1004 52.15 6.36 23.00
CA GLU B 1004 52.12 5.50 24.16
C GLU B 1004 51.32 4.23 23.94
N GLY B 1005 51.01 3.89 22.70
CA GLY B 1005 50.47 2.59 22.37
C GLY B 1005 48.97 2.44 22.47
N ILE B 1006 48.24 3.52 22.64
CA ILE B 1006 46.79 3.45 22.77
C ILE B 1006 46.16 3.39 21.39
N VAL B 1007 45.37 2.36 21.13
CA VAL B 1007 44.61 2.26 19.88
C VAL B 1007 43.15 2.57 20.19
N PRO B 1008 42.42 3.20 19.28
CA PRO B 1008 41.01 3.48 19.55
C PRO B 1008 40.17 2.22 19.46
N ASP B 1009 39.05 2.22 20.19
CA ASP B 1009 38.07 1.17 20.01
C ASP B 1009 37.14 1.46 18.84
N LEU B 1010 37.16 2.67 18.32
CA LEU B 1010 36.10 3.13 17.43
C LEU B 1010 36.53 4.41 16.74
N ILE B 1011 36.39 4.47 15.42
CA ILE B 1011 36.77 5.64 14.64
C ILE B 1011 35.55 6.16 13.91
N ILE B 1012 35.26 7.45 14.08
CA ILE B 1012 34.14 8.09 13.42
C ILE B 1012 34.64 9.19 12.50
N ASN B 1013 33.88 9.46 11.46
CA ASN B 1013 34.29 10.42 10.45
C ASN B 1013 34.17 11.85 10.98
N PRO B 1014 35.10 12.72 10.60
CA PRO B 1014 34.96 14.14 10.96
C PRO B 1014 33.73 14.80 10.37
N HIS B 1015 33.20 14.28 9.26
CA HIS B 1015 32.10 14.93 8.58
C HIS B 1015 30.80 14.85 9.36
N ALA B 1016 30.75 14.04 10.41
CA ALA B 1016 29.55 13.97 11.23
C ALA B 1016 29.32 15.24 12.04
N ILE B 1017 30.38 16.00 12.32
CA ILE B 1017 30.30 17.12 13.24
C ILE B 1017 29.81 18.42 12.61
N PRO B 1018 30.44 18.94 11.55
CA PRO B 1018 30.16 20.34 11.16
C PRO B 1018 28.72 20.60 10.75
N SER B 1019 28.09 19.68 10.02
CA SER B 1019 26.74 19.94 9.54
C SER B 1019 25.72 19.82 10.66
N ARG B 1020 25.96 18.93 11.62
CA ARG B 1020 25.03 18.69 12.71
C ARG B 1020 25.32 19.52 13.95
N MET B 1021 26.53 20.08 14.06
CA MET B 1021 26.87 21.03 15.12
C MET B 1021 26.64 20.43 16.51
N THR B 1022 27.14 19.22 16.71
CA THR B 1022 27.11 18.59 18.03
C THR B 1022 28.42 18.85 18.76
N VAL B 1023 28.58 20.11 19.18
CA VAL B 1023 29.77 20.50 19.91
C VAL B 1023 29.83 19.78 21.26
N ALA B 1024 28.66 19.42 21.81
CA ALA B 1024 28.64 18.72 23.09
C ALA B 1024 29.38 17.39 23.00
N HIS B 1025 29.40 16.77 21.83
CA HIS B 1025 30.17 15.55 21.64
C HIS B 1025 31.65 15.80 21.93
N LEU B 1026 32.21 16.85 21.34
CA LEU B 1026 33.61 17.16 21.51
C LEU B 1026 33.91 17.59 22.95
N ILE B 1027 33.03 18.39 23.55
CA ILE B 1027 33.24 18.81 24.93
C ILE B 1027 33.21 17.62 25.87
N GLU B 1028 32.26 16.69 25.65
CA GLU B 1028 32.19 15.50 26.47
C GLU B 1028 33.43 14.65 26.32
N CYS B 1029 33.95 14.51 25.10
CA CYS B 1029 35.17 13.75 24.91
C CYS B 1029 36.33 14.35 25.67
N LEU B 1030 36.47 15.69 25.61
CA LEU B 1030 37.55 16.35 26.32
C LEU B 1030 37.42 16.19 27.83
N LEU B 1031 36.21 16.42 28.35
CA LEU B 1031 35.99 16.31 29.79
C LEU B 1031 36.21 14.89 30.27
N SER B 1032 35.77 13.90 29.51
CA SER B 1032 36.00 12.51 29.88
C SER B 1032 37.48 12.17 29.88
N LYS B 1033 38.22 12.70 28.91
CA LYS B 1033 39.66 12.47 28.90
C LYS B 1033 40.29 12.99 30.18
N VAL B 1034 39.95 14.22 30.57
CA VAL B 1034 40.51 14.79 31.79
C VAL B 1034 40.10 13.97 33.00
N GLY B 1035 38.83 13.58 33.07
CA GLY B 1035 38.36 12.84 34.22
C GLY B 1035 39.02 11.49 34.38
N SER B 1036 39.19 10.76 33.27
CA SER B 1036 39.84 9.45 33.34
C SER B 1036 41.32 9.59 33.66
N ILE B 1037 41.96 10.68 33.20
CA ILE B 1037 43.35 10.90 33.57
C ILE B 1037 43.48 11.17 35.06
N ARG B 1038 42.61 12.00 35.62
CA ARG B 1038 42.72 12.41 37.01
C ARG B 1038 41.93 11.54 37.98
N GLY B 1039 41.14 10.60 37.49
CA GLY B 1039 40.36 9.76 38.38
C GLY B 1039 39.13 10.41 38.97
N TYR B 1040 38.50 11.33 38.23
CA TYR B 1040 37.27 11.97 38.66
C TYR B 1040 36.16 11.67 37.68
N GLU B 1041 34.95 12.13 38.01
CA GLU B 1041 33.81 12.06 37.10
C GLU B 1041 33.41 13.48 36.75
N GLY B 1042 33.39 13.78 35.45
CA GLY B 1042 33.04 15.11 35.01
C GLY B 1042 31.59 15.44 35.30
N ASP B 1043 31.33 16.71 35.54
CA ASP B 1043 29.99 17.22 35.84
C ASP B 1043 29.49 17.96 34.61
N ALA B 1044 28.67 17.30 33.81
CA ALA B 1044 28.16 17.85 32.56
C ALA B 1044 26.73 18.37 32.70
N THR B 1045 26.37 18.86 33.87
CA THR B 1045 25.05 19.45 34.05
C THR B 1045 24.93 20.71 33.19
N PRO B 1046 23.81 20.90 32.49
CA PRO B 1046 23.64 22.11 31.70
C PRO B 1046 23.48 23.35 32.57
N PHE B 1047 23.74 24.50 31.94
CA PHE B 1047 23.52 25.81 32.55
C PHE B 1047 24.38 25.98 33.81
N THR B 1048 25.61 25.50 33.75
CA THR B 1048 26.58 25.70 34.81
C THR B 1048 27.67 26.64 34.33
N ASP B 1049 28.67 26.85 35.17
CA ASP B 1049 29.76 27.77 34.87
C ASP B 1049 30.95 27.09 34.22
N LEU B 1050 30.84 25.81 33.88
CA LEU B 1050 31.94 25.12 33.22
C LEU B 1050 32.21 25.75 31.86
N THR B 1051 33.49 25.98 31.57
CA THR B 1051 33.92 26.52 30.29
C THR B 1051 34.96 25.58 29.70
N VAL B 1052 35.11 25.66 28.37
CA VAL B 1052 36.07 24.81 27.69
C VAL B 1052 37.49 25.16 28.11
N ASP B 1053 37.75 26.42 28.45
CA ASP B 1053 39.11 26.84 28.78
C ASP B 1053 39.58 26.23 30.09
N ALA B 1054 38.68 26.07 31.06
CA ALA B 1054 39.07 25.42 32.31
C ALA B 1054 39.45 23.97 32.08
N VAL B 1055 38.66 23.25 31.28
CA VAL B 1055 38.97 21.87 30.96
C VAL B 1055 40.29 21.79 30.19
N SER B 1056 40.53 22.76 29.30
CA SER B 1056 41.76 22.76 28.54
C SER B 1056 42.97 23.00 29.43
N ASN B 1057 42.85 23.91 30.40
CA ASN B 1057 43.95 24.14 31.34
C ASN B 1057 44.23 22.87 32.14
N LEU B 1058 43.18 22.21 32.61
CA LEU B 1058 43.37 20.96 33.35
C LEU B 1058 44.07 19.92 32.48
N LEU B 1059 43.65 19.80 31.23
CA LEU B 1059 44.26 18.81 30.34
C LEU B 1059 45.71 19.15 30.06
N ARG B 1060 46.04 20.43 29.90
CA ARG B 1060 47.42 20.81 29.64
C ARG B 1060 48.30 20.53 30.85
N ASP B 1061 47.76 20.73 32.06
CA ASP B 1061 48.56 20.49 33.26
C ASP B 1061 48.96 19.03 33.42
N ASN B 1062 48.25 18.12 32.74
CA ASN B 1062 48.54 16.69 32.85
C ASN B 1062 49.48 16.18 31.78
N GLY B 1063 50.02 17.06 30.94
CA GLY B 1063 50.97 16.65 29.92
C GLY B 1063 50.40 16.32 28.58
N TYR B 1064 49.15 16.68 28.31
CA TYR B 1064 48.52 16.44 27.02
C TYR B 1064 48.25 17.78 26.33
N GLN B 1065 48.02 17.70 25.03
CA GLN B 1065 47.65 18.91 24.29
C GLN B 1065 46.30 19.42 24.80
N SER B 1066 46.22 20.73 25.02
CA SER B 1066 45.08 21.29 25.73
C SER B 1066 43.77 21.13 24.98
N ARG B 1067 43.84 20.98 23.65
CA ARG B 1067 42.62 20.86 22.86
C ARG B 1067 42.26 19.41 22.56
N GLY B 1068 43.05 18.45 23.06
CA GLY B 1068 42.73 17.05 22.90
C GLY B 1068 43.36 16.36 21.72
N PHE B 1069 44.13 17.08 20.89
CA PHE B 1069 44.77 16.43 19.75
C PHE B 1069 45.93 15.56 20.22
N GLU B 1070 46.31 14.59 19.38
CA GLU B 1070 47.38 13.67 19.69
C GLU B 1070 48.12 13.31 18.40
N VAL B 1071 49.45 13.27 18.47
CA VAL B 1071 50.23 12.79 17.34
C VAL B 1071 50.04 11.28 17.23
N MET B 1072 49.60 10.83 16.07
CA MET B 1072 49.19 9.45 15.90
C MET B 1072 49.90 8.84 14.71
N TYR B 1073 50.23 7.57 14.82
CA TYR B 1073 51.01 6.87 13.81
C TYR B 1073 50.10 5.95 12.99
N ASN B 1074 50.55 5.65 11.78
CA ASN B 1074 49.78 4.80 10.89
C ASN B 1074 50.03 3.33 11.22
N GLY B 1075 48.95 2.55 11.26
CA GLY B 1075 49.09 1.15 11.60
C GLY B 1075 49.80 0.34 10.54
N HIS B 1076 49.53 0.63 9.27
CA HIS B 1076 50.05 -0.20 8.19
C HIS B 1076 51.54 -0.04 8.03
N THR B 1077 52.03 1.20 8.01
CA THR B 1077 53.43 1.47 7.70
C THR B 1077 54.23 2.00 8.88
N GLY B 1078 53.57 2.48 9.93
CA GLY B 1078 54.25 3.01 11.09
C GLY B 1078 54.63 4.47 10.98
N LYS B 1079 54.45 5.08 9.82
CA LYS B 1079 54.80 6.47 9.64
C LYS B 1079 53.81 7.38 10.36
N LYS B 1080 54.29 8.53 10.81
CA LYS B 1080 53.41 9.50 11.45
C LYS B 1080 52.34 9.97 10.49
N LEU B 1081 51.15 10.24 11.02
CA LEU B 1081 50.12 10.91 10.25
C LEU B 1081 50.41 12.40 10.21
N MET B 1082 50.22 13.01 9.04
CA MET B 1082 50.49 14.43 8.90
C MET B 1082 49.53 15.28 9.71
N ALA B 1083 48.32 14.79 9.95
CA ALA B 1083 47.32 15.51 10.72
C ALA B 1083 47.15 14.84 12.08
N GLN B 1084 47.15 15.64 13.14
CA GLN B 1084 46.91 15.12 14.46
C GLN B 1084 45.44 14.77 14.64
N VAL B 1085 45.17 13.86 15.55
CA VAL B 1085 43.87 13.20 15.66
C VAL B 1085 43.24 13.54 17.00
N PHE B 1086 42.00 14.02 16.96
CA PHE B 1086 41.21 14.19 18.17
C PHE B 1086 40.93 12.82 18.78
N PHE B 1087 41.17 12.69 20.08
CA PHE B 1087 41.34 11.37 20.68
C PHE B 1087 40.92 11.43 22.14
N GLY B 1088 40.03 10.53 22.54
CA GLY B 1088 39.60 10.46 23.91
C GLY B 1088 38.42 9.54 24.10
N PRO B 1089 38.05 9.27 25.36
CA PRO B 1089 36.93 8.37 25.62
C PRO B 1089 35.59 9.07 25.57
N THR B 1090 34.60 8.35 25.05
CA THR B 1090 33.24 8.86 24.93
C THR B 1090 32.28 7.71 25.22
N TYR B 1091 31.13 8.05 25.78
CA TYR B 1091 30.14 7.07 26.20
C TYR B 1091 29.26 6.71 25.00
N TYR B 1092 29.34 5.46 24.57
CA TYR B 1092 28.54 4.96 23.47
C TYR B 1092 27.56 3.91 23.98
N GLN B 1093 26.47 3.75 23.26
CA GLN B 1093 25.45 2.79 23.65
C GLN B 1093 25.03 1.97 22.44
N ARG B 1094 24.76 0.68 22.66
CA ARG B 1094 24.42 -0.24 21.59
C ARG B 1094 22.91 -0.31 21.44
N LEU B 1095 22.42 -0.03 20.24
CA LEU B 1095 20.99 0.01 20.00
C LEU B 1095 20.47 -1.37 19.60
N ARG B 1096 19.15 -1.54 19.73
CA ARG B 1096 18.52 -2.84 19.55
C ARG B 1096 18.52 -3.31 18.10
N HIS B 1097 18.81 -2.43 17.15
CA HIS B 1097 18.68 -2.77 15.73
C HIS B 1097 19.97 -3.40 15.25
N MET B 1098 19.96 -4.71 15.06
CA MET B 1098 21.11 -5.46 14.58
C MET B 1098 20.77 -6.05 13.21
N VAL B 1099 21.79 -6.19 12.37
CA VAL B 1099 21.56 -6.57 10.99
C VAL B 1099 21.00 -7.99 10.92
N ASP B 1100 21.43 -8.87 11.82
CA ASP B 1100 21.00 -10.26 11.75
C ASP B 1100 19.52 -10.40 12.11
N ASP B 1101 18.91 -9.38 12.69
CA ASP B 1101 17.47 -9.36 12.91
C ASP B 1101 16.72 -8.66 11.79
N LYS B 1102 17.40 -8.20 10.75
CA LYS B 1102 16.77 -7.52 9.64
C LYS B 1102 17.04 -8.16 8.29
N ILE B 1103 18.09 -8.97 8.14
CA ILE B 1103 18.39 -9.57 6.85
C ILE B 1103 17.30 -10.58 6.50
N HIS B 1104 16.87 -10.56 5.25
CA HIS B 1104 15.78 -11.43 4.82
C HIS B 1104 15.87 -11.62 3.31
N ALA B 1105 15.64 -12.85 2.86
CA ALA B 1105 15.61 -13.17 1.45
C ALA B 1105 14.53 -14.20 1.20
N ARG B 1106 14.01 -14.21 -0.02
CA ARG B 1106 12.95 -15.15 -0.36
C ARG B 1106 13.02 -15.49 -1.83
N ALA B 1107 13.04 -16.79 -2.14
CA ALA B 1107 12.92 -17.27 -3.51
C ALA B 1107 11.49 -17.71 -3.80
N ARG B 1108 10.97 -18.65 -3.02
CA ARG B 1108 9.57 -19.04 -3.09
C ARG B 1108 9.16 -19.55 -1.72
N GLY B 1109 7.86 -19.51 -1.44
CA GLY B 1109 7.37 -19.90 -0.15
C GLY B 1109 5.88 -19.77 0.00
N PRO B 1110 5.40 -19.62 1.23
CA PRO B 1110 3.97 -19.56 1.47
C PRO B 1110 3.33 -18.35 0.80
N VAL B 1111 2.07 -18.53 0.40
CA VAL B 1111 1.28 -17.47 -0.23
C VAL B 1111 -0.05 -17.37 0.49
N GLN B 1112 -0.69 -16.21 0.36
CA GLN B 1112 -1.99 -16.00 0.98
C GLN B 1112 -3.04 -16.86 0.29
N VAL B 1113 -4.06 -17.26 1.06
CA VAL B 1113 -5.09 -18.13 0.49
C VAL B 1113 -6.02 -17.34 -0.42
N LEU B 1114 -6.34 -16.10 -0.06
CA LEU B 1114 -7.29 -15.33 -0.85
C LEU B 1114 -6.70 -14.88 -2.18
N THR B 1115 -5.49 -14.32 -2.16
CA THR B 1115 -4.91 -13.70 -3.34
C THR B 1115 -3.79 -14.48 -3.96
N ARG B 1116 -3.27 -15.51 -3.30
CA ARG B 1116 -2.17 -16.33 -3.81
C ARG B 1116 -0.94 -15.51 -4.14
N GLN B 1117 -0.67 -14.49 -3.34
CA GLN B 1117 0.53 -13.69 -3.38
C GLN B 1117 1.37 -13.94 -2.15
N PRO B 1118 2.66 -13.65 -2.19
CA PRO B 1118 3.52 -13.93 -1.05
C PRO B 1118 3.01 -13.26 0.22
N VAL B 1119 3.17 -13.96 1.34
CA VAL B 1119 2.68 -13.48 2.63
C VAL B 1119 3.52 -12.29 3.05
N GLU B 1120 3.09 -11.60 4.11
CA GLU B 1120 3.77 -10.42 4.60
C GLU B 1120 4.53 -10.77 5.89
N GLY B 1121 5.78 -10.37 5.95
CA GLY B 1121 6.55 -10.53 7.17
C GLY B 1121 7.85 -11.29 6.98
N ARG B 1122 8.90 -10.85 7.66
CA ARG B 1122 10.16 -11.59 7.63
C ARG B 1122 10.06 -12.86 8.44
N SER B 1123 9.28 -12.83 9.53
CA SER B 1123 9.13 -14.00 10.38
C SER B 1123 8.37 -15.11 9.69
N ARG B 1124 7.51 -14.78 8.73
CA ARG B 1124 6.69 -15.74 8.02
C ARG B 1124 7.25 -16.11 6.67
N ASP B 1125 8.52 -15.77 6.41
CA ASP B 1125 9.14 -15.98 5.10
C ASP B 1125 8.36 -15.27 4.00
N GLY B 1126 7.97 -14.04 4.25
CA GLY B 1126 7.16 -13.31 3.31
C GLY B 1126 7.96 -12.67 2.21
N GLY B 1127 7.26 -12.00 1.31
CA GLY B 1127 7.88 -11.32 0.20
C GLY B 1127 7.92 -9.81 0.40
N LEU B 1128 8.60 -9.15 -0.52
CA LEU B 1128 8.76 -7.71 -0.48
C LEU B 1128 7.78 -7.05 -1.44
N ARG B 1129 7.31 -5.86 -1.08
CA ARG B 1129 6.27 -5.20 -1.85
C ARG B 1129 6.85 -4.38 -2.98
N PHE B 1130 6.40 -4.64 -4.20
CA PHE B 1130 6.77 -3.88 -5.38
C PHE B 1130 5.66 -2.87 -5.64
N GLY B 1131 5.67 -1.80 -4.87
CA GLY B 1131 4.57 -0.88 -4.82
C GLY B 1131 4.39 -0.08 -6.09
N GLU B 1132 3.55 0.96 -5.99
CA GLU B 1132 3.19 1.74 -7.16
C GLU B 1132 4.33 2.65 -7.60
N MET B 1133 5.08 3.19 -6.64
CA MET B 1133 6.18 4.08 -7.00
C MET B 1133 7.30 3.32 -7.72
N GLU B 1134 7.56 2.09 -7.29
CA GLU B 1134 8.52 1.27 -8.01
C GLU B 1134 8.02 0.95 -9.41
N ARG B 1135 6.71 0.74 -9.55
CA ARG B 1135 6.14 0.51 -10.86
C ARG B 1135 6.32 1.73 -11.76
N ASP B 1136 6.15 2.92 -11.20
CA ASP B 1136 6.38 4.15 -11.97
C ASP B 1136 7.84 4.31 -12.36
N CYS B 1137 8.75 3.96 -11.45
CA CYS B 1137 10.18 4.02 -11.81
C CYS B 1137 10.51 3.05 -12.93
N MET B 1138 9.92 1.85 -12.89
CA MET B 1138 10.17 0.87 -13.95
C MET B 1138 9.56 1.33 -15.27
N ILE B 1139 8.42 2.04 -15.21
CA ILE B 1139 7.87 2.63 -16.42
C ILE B 1139 8.80 3.70 -16.98
N ALA B 1140 9.35 4.53 -16.10
CA ALA B 1140 10.25 5.58 -16.54
C ALA B 1140 11.50 4.99 -17.19
N HIS B 1141 12.02 3.89 -16.65
CA HIS B 1141 13.15 3.24 -17.30
C HIS B 1141 12.78 2.66 -18.65
N GLY B 1142 11.50 2.33 -18.86
CA GLY B 1142 11.07 1.76 -20.11
C GLY B 1142 11.17 0.26 -20.20
N ALA B 1143 11.45 -0.42 -19.09
CA ALA B 1143 11.61 -1.87 -19.09
C ALA B 1143 10.24 -2.51 -18.87
N ALA B 1144 9.57 -2.84 -19.97
CA ALA B 1144 8.26 -3.46 -19.88
C ALA B 1144 8.36 -4.94 -19.54
N GLY B 1145 9.40 -5.62 -20.04
CA GLY B 1145 9.55 -7.04 -19.76
C GLY B 1145 9.82 -7.32 -18.29
N PHE B 1146 10.69 -6.52 -17.67
CA PHE B 1146 10.95 -6.70 -16.25
C PHE B 1146 9.70 -6.45 -15.42
N LEU B 1147 8.92 -5.44 -15.79
CA LEU B 1147 7.70 -5.15 -15.04
C LEU B 1147 6.70 -6.30 -15.16
N LYS B 1148 6.52 -6.82 -16.38
CA LYS B 1148 5.61 -7.94 -16.56
C LYS B 1148 6.08 -9.16 -15.79
N GLU B 1149 7.38 -9.43 -15.80
CA GLU B 1149 7.90 -10.59 -15.07
C GLU B 1149 7.74 -10.41 -13.56
N ARG B 1150 8.02 -9.21 -13.05
CA ARG B 1150 7.83 -8.98 -11.63
C ARG B 1150 6.39 -9.20 -11.21
N LEU B 1151 5.45 -8.67 -11.99
CA LEU B 1151 4.07 -8.72 -11.56
C LEU B 1151 3.35 -10.00 -11.95
N MET B 1152 3.95 -10.86 -12.77
CA MET B 1152 3.31 -12.13 -13.11
C MET B 1152 4.11 -13.34 -12.67
N GLU B 1153 5.35 -13.50 -13.14
CA GLU B 1153 6.08 -14.74 -12.87
C GLU B 1153 6.57 -14.77 -11.43
N ALA B 1154 7.07 -13.65 -10.92
CA ALA B 1154 7.53 -13.57 -9.54
C ALA B 1154 6.41 -13.32 -8.55
N SER B 1155 5.17 -13.58 -8.95
CA SER B 1155 4.00 -13.29 -8.13
C SER B 1155 2.86 -14.18 -8.63
N ASP B 1156 1.63 -13.78 -8.33
CA ASP B 1156 0.43 -14.57 -8.60
C ASP B 1156 0.16 -14.63 -10.10
N ALA B 1157 0.72 -15.63 -10.76
CA ALA B 1157 0.34 -15.91 -12.14
C ALA B 1157 -0.71 -17.01 -12.18
N PHE B 1158 -1.63 -16.91 -13.12
CA PHE B 1158 -2.75 -17.83 -13.19
C PHE B 1158 -3.19 -17.97 -14.64
N ARG B 1159 -3.84 -19.10 -14.92
CA ARG B 1159 -4.34 -19.41 -16.25
C ARG B 1159 -5.83 -19.64 -16.18
N VAL B 1160 -6.59 -18.94 -17.04
CA VAL B 1160 -8.02 -19.07 -17.11
C VAL B 1160 -8.42 -19.30 -18.56
N HIS B 1161 -9.66 -19.76 -18.75
CA HIS B 1161 -10.23 -19.96 -20.06
C HIS B 1161 -11.43 -19.03 -20.21
N VAL B 1162 -11.53 -18.38 -21.36
CA VAL B 1162 -12.62 -17.45 -21.65
C VAL B 1162 -13.36 -17.92 -22.89
N CYS B 1163 -14.68 -17.78 -22.88
CA CYS B 1163 -15.46 -18.09 -24.06
C CYS B 1163 -15.21 -17.04 -25.14
N GLY B 1164 -15.10 -17.50 -26.38
CA GLY B 1164 -14.87 -16.57 -27.47
C GLY B 1164 -16.09 -15.77 -27.88
N ILE B 1165 -17.25 -16.08 -27.31
CA ILE B 1165 -18.49 -15.40 -27.63
C ILE B 1165 -18.96 -14.51 -26.48
N CYS B 1166 -19.28 -15.13 -25.34
CA CYS B 1166 -19.77 -14.34 -24.21
C CYS B 1166 -18.65 -13.52 -23.58
N GLY B 1167 -17.40 -13.95 -23.73
CA GLY B 1167 -16.29 -13.22 -23.17
C GLY B 1167 -16.12 -13.34 -21.67
N LEU B 1168 -16.88 -14.21 -21.03
CA LEU B 1168 -16.81 -14.41 -19.59
C LEU B 1168 -15.93 -15.60 -19.26
N MET B 1169 -15.48 -15.64 -18.01
CA MET B 1169 -14.67 -16.74 -17.52
C MET B 1169 -15.53 -17.88 -16.97
N SER B 1170 -16.51 -18.29 -17.77
CA SER B 1170 -17.45 -19.33 -17.38
C SER B 1170 -17.19 -20.65 -18.06
N VAL B 1171 -16.06 -20.79 -18.76
CA VAL B 1171 -15.75 -22.05 -19.42
C VAL B 1171 -15.45 -23.11 -18.37
N ILE B 1172 -16.13 -24.25 -18.48
CA ILE B 1172 -15.90 -25.38 -17.59
C ILE B 1172 -14.88 -26.27 -18.29
N ALA B 1173 -13.61 -26.04 -17.98
CA ALA B 1173 -12.50 -26.70 -18.66
C ALA B 1173 -12.06 -27.91 -17.84
N ASN B 1174 -11.94 -29.05 -18.51
CA ASN B 1174 -11.43 -30.26 -17.90
C ASN B 1174 -10.21 -30.69 -18.72
N LEU B 1175 -9.02 -30.41 -18.20
CA LEU B 1175 -7.80 -30.58 -18.98
C LEU B 1175 -7.49 -32.04 -19.24
N LYS B 1176 -7.72 -32.91 -18.25
CA LYS B 1176 -7.37 -34.32 -18.43
C LYS B 1176 -8.24 -34.99 -19.48
N LYS B 1177 -9.55 -34.67 -19.50
CA LYS B 1177 -10.43 -35.23 -20.51
C LYS B 1177 -10.36 -34.48 -21.83
N ASN B 1178 -9.71 -33.31 -21.86
CA ASN B 1178 -9.56 -32.51 -23.07
C ASN B 1178 -10.93 -32.13 -23.66
N GLN B 1179 -11.76 -31.51 -22.83
CA GLN B 1179 -13.04 -30.98 -23.30
C GLN B 1179 -13.33 -29.67 -22.60
N PHE B 1180 -13.67 -28.65 -23.39
CA PHE B 1180 -14.03 -27.34 -22.89
C PHE B 1180 -15.45 -27.01 -23.34
N GLU B 1181 -16.18 -26.27 -22.52
CA GLU B 1181 -17.59 -26.08 -22.80
C GLU B 1181 -18.13 -24.89 -22.01
N CYS B 1182 -18.76 -23.97 -22.72
CA CYS B 1182 -19.43 -22.82 -22.11
C CYS B 1182 -20.93 -23.06 -22.20
N ARG B 1183 -21.57 -23.27 -21.06
CA ARG B 1183 -22.97 -23.67 -21.06
C ARG B 1183 -23.87 -22.55 -21.55
N SER B 1184 -23.57 -21.30 -21.17
CA SER B 1184 -24.43 -20.18 -21.54
C SER B 1184 -24.52 -20.02 -23.05
N CYS B 1185 -23.37 -20.10 -23.73
CA CYS B 1185 -23.33 -19.93 -25.18
C CYS B 1185 -23.45 -21.25 -25.94
N LYS B 1186 -23.35 -22.38 -25.24
CA LYS B 1186 -23.49 -23.71 -25.85
C LYS B 1186 -22.49 -23.92 -26.99
N ASN B 1187 -21.23 -23.59 -26.73
CA ASN B 1187 -20.17 -23.80 -27.70
C ASN B 1187 -19.04 -24.61 -27.09
N LYS B 1188 -18.31 -25.30 -27.96
CA LYS B 1188 -17.20 -26.16 -27.55
C LYS B 1188 -15.89 -25.81 -28.24
N THR B 1189 -15.90 -24.86 -29.16
CA THR B 1189 -14.75 -24.59 -30.01
C THR B 1189 -14.11 -23.23 -29.76
N ASN B 1190 -14.89 -22.16 -29.83
CA ASN B 1190 -14.37 -20.81 -29.74
C ASN B 1190 -14.02 -20.50 -28.29
N ILE B 1191 -12.91 -21.07 -27.84
CA ILE B 1191 -12.47 -20.94 -26.45
C ILE B 1191 -10.97 -20.69 -26.45
N TYR B 1192 -10.54 -19.70 -25.67
CA TYR B 1192 -9.14 -19.33 -25.54
C TYR B 1192 -8.73 -19.39 -24.08
N GLN B 1193 -7.42 -19.42 -23.85
CA GLN B 1193 -6.86 -19.37 -22.52
C GLN B 1193 -5.99 -18.13 -22.36
N LEU B 1194 -5.95 -17.60 -21.15
CA LEU B 1194 -5.22 -16.38 -20.86
C LEU B 1194 -4.30 -16.61 -19.67
N HIS B 1195 -3.27 -15.79 -19.57
CA HIS B 1195 -2.41 -15.74 -18.38
C HIS B 1195 -2.62 -14.38 -17.73
N ILE B 1196 -3.32 -14.37 -16.60
CA ILE B 1196 -3.62 -13.13 -15.89
C ILE B 1196 -3.25 -13.30 -14.43
N PRO B 1197 -2.97 -12.21 -13.73
CA PRO B 1197 -2.72 -12.31 -12.29
C PRO B 1197 -3.92 -12.87 -11.58
N TYR B 1198 -3.68 -13.65 -10.53
CA TYR B 1198 -4.79 -14.21 -9.77
C TYR B 1198 -5.64 -13.11 -9.14
N ALA B 1199 -5.02 -11.99 -8.79
CA ALA B 1199 -5.79 -10.88 -8.24
C ALA B 1199 -6.74 -10.31 -9.28
N ALA B 1200 -6.36 -10.33 -10.55
CA ALA B 1200 -7.28 -9.87 -11.59
C ALA B 1200 -8.47 -10.80 -11.72
N LYS B 1201 -8.23 -12.11 -11.66
CA LYS B 1201 -9.33 -13.06 -11.67
C LYS B 1201 -10.26 -12.84 -10.49
N LEU B 1202 -9.69 -12.63 -9.31
CA LEU B 1202 -10.49 -12.37 -8.13
C LEU B 1202 -11.30 -11.08 -8.29
N LEU B 1203 -10.69 -10.05 -8.85
CA LEU B 1203 -11.41 -8.78 -9.05
C LEU B 1203 -12.57 -8.95 -10.01
N PHE B 1204 -12.36 -9.69 -11.11
CA PHE B 1204 -13.45 -9.89 -12.05
C PHE B 1204 -14.57 -10.73 -11.45
N GLN B 1205 -14.21 -11.73 -10.63
CA GLN B 1205 -15.25 -12.52 -9.98
C GLN B 1205 -16.02 -11.69 -8.96
N GLU B 1206 -15.34 -10.82 -8.22
CA GLU B 1206 -16.04 -9.95 -7.28
C GLU B 1206 -16.93 -8.95 -8.01
N LEU B 1207 -16.50 -8.49 -9.20
CA LEU B 1207 -17.36 -7.64 -10.01
C LEU B 1207 -18.60 -8.39 -10.47
N MET B 1208 -18.43 -9.65 -10.89
CA MET B 1208 -19.58 -10.45 -11.28
C MET B 1208 -20.51 -10.70 -10.11
N ALA B 1209 -19.96 -10.77 -8.89
CA ALA B 1209 -20.80 -10.92 -7.70
C ALA B 1209 -21.70 -9.73 -7.50
N MET B 1210 -21.35 -8.57 -8.08
CA MET B 1210 -22.14 -7.35 -7.97
C MET B 1210 -22.89 -7.01 -9.24
N ASN B 1211 -23.22 -8.04 -10.04
CA ASN B 1211 -24.03 -7.89 -11.25
C ASN B 1211 -23.34 -7.10 -12.35
N ILE B 1212 -22.04 -6.83 -12.23
CA ILE B 1212 -21.28 -6.18 -13.27
C ILE B 1212 -20.56 -7.26 -14.07
N ALA B 1213 -20.62 -7.17 -15.38
CA ALA B 1213 -20.05 -8.21 -16.23
C ALA B 1213 -18.88 -7.67 -17.02
N PRO B 1214 -17.64 -7.90 -16.58
CA PRO B 1214 -16.48 -7.52 -17.40
C PRO B 1214 -16.15 -8.65 -18.37
N ARG B 1215 -16.27 -8.35 -19.66
CA ARG B 1215 -16.06 -9.32 -20.72
C ARG B 1215 -14.71 -9.08 -21.38
N LEU B 1216 -13.89 -10.12 -21.41
CA LEU B 1216 -12.53 -10.04 -21.96
C LEU B 1216 -12.54 -10.62 -23.36
N TYR B 1217 -12.11 -9.82 -24.33
CA TYR B 1217 -12.07 -10.24 -25.72
C TYR B 1217 -10.65 -10.14 -26.24
N THR B 1218 -10.26 -11.11 -27.05
CA THR B 1218 -8.90 -11.19 -27.57
C THR B 1218 -8.74 -10.57 -28.94
N GLU B 1219 -9.78 -9.92 -29.46
CA GLU B 1219 -9.69 -9.23 -30.74
C GLU B 1219 -10.40 -7.89 -30.62
N ARG B 1220 -9.88 -6.90 -31.34
CA ARG B 1220 -10.50 -5.59 -31.37
C ARG B 1220 -11.62 -5.55 -32.42
N SER B 1221 -12.50 -4.58 -32.27
CA SER B 1221 -13.62 -4.42 -33.19
C SER B 1221 -13.74 -3.04 -33.80
N GLY B 1222 -13.20 -2.00 -33.17
CA GLY B 1222 -13.29 -0.65 -33.69
C GLY B 1222 -14.43 0.14 -33.10
N GLU C 4 75.26 -4.01 11.19
CA GLU C 4 74.81 -2.64 10.97
C GLU C 4 73.67 -2.22 11.92
N PRO C 5 72.63 -3.04 12.08
CA PRO C 5 71.59 -2.70 13.06
C PRO C 5 72.15 -2.71 14.47
N LYS C 6 71.60 -1.87 15.33
CA LYS C 6 72.02 -1.76 16.72
C LYS C 6 70.80 -1.77 17.63
N VAL C 7 70.99 -2.30 18.84
CA VAL C 7 69.97 -2.31 19.88
C VAL C 7 70.56 -1.75 21.15
N ASN C 8 69.80 -0.89 21.83
CA ASN C 8 70.22 -0.30 23.09
C ASN C 8 69.04 -0.35 24.05
N ILE C 9 69.22 -1.03 25.17
CA ILE C 9 68.14 -1.23 26.14
C ILE C 9 68.19 -0.14 27.18
N ILE C 10 67.04 0.48 27.44
CA ILE C 10 66.95 1.55 28.43
C ILE C 10 66.52 1.00 29.79
N ASN C 11 65.38 0.34 29.85
CA ASN C 11 64.90 -0.31 31.06
C ASN C 11 64.56 -1.76 30.74
N ALA C 12 64.79 -2.64 31.69
CA ALA C 12 64.51 -4.06 31.53
C ALA C 12 63.74 -4.56 32.74
N GLN C 13 62.69 -5.34 32.48
CA GLN C 13 61.92 -5.99 33.53
C GLN C 13 61.42 -7.33 33.00
N ASP C 14 60.81 -8.11 33.89
CA ASP C 14 60.23 -9.37 33.45
C ASP C 14 59.03 -9.14 32.55
N ASP C 15 58.30 -8.05 32.75
CA ASP C 15 57.06 -7.81 32.03
C ASP C 15 57.16 -6.73 30.96
N GLU C 16 58.13 -5.83 31.03
CA GLU C 16 58.29 -4.82 30.00
C GLU C 16 59.75 -4.46 29.81
N VAL C 17 60.12 -4.22 28.55
CA VAL C 17 61.45 -3.77 28.19
C VAL C 17 61.31 -2.53 27.32
N GLU C 18 62.11 -1.52 27.62
CA GLU C 18 62.13 -0.27 26.87
C GLU C 18 63.47 -0.16 26.16
N LEU C 19 63.46 -0.20 24.83
CA LEU C 19 64.68 -0.30 24.07
C LEU C 19 64.63 0.67 22.90
N MET C 20 65.80 0.94 22.34
CA MET C 20 65.94 1.84 21.20
C MET C 20 66.62 1.10 20.06
N LEU C 21 65.94 1.03 18.92
CA LEU C 21 66.49 0.44 17.71
C LEU C 21 67.09 1.55 16.84
N SER C 22 68.17 1.22 16.15
CA SER C 22 68.80 2.20 15.28
C SER C 22 69.41 1.48 14.08
N ASP C 23 69.64 2.26 13.02
CA ASP C 23 70.21 1.75 11.77
C ASP C 23 69.35 0.67 11.14
N VAL C 24 68.03 0.79 11.31
CA VAL C 24 67.06 -0.08 10.64
C VAL C 24 66.04 0.81 9.95
N ASN C 25 65.38 0.25 8.94
CA ASN C 25 64.32 0.98 8.26
C ASN C 25 63.09 1.07 9.15
N LEU C 26 62.26 2.07 8.88
CA LEU C 26 61.01 2.20 9.62
C LEU C 26 60.10 1.01 9.39
N SER C 27 60.13 0.47 8.17
CA SER C 27 59.30 -0.68 7.83
C SER C 27 59.67 -1.89 8.67
N LEU C 28 60.97 -2.12 8.88
CA LEU C 28 61.37 -3.28 9.68
C LEU C 28 60.90 -3.14 11.13
N ALA C 29 61.04 -1.96 11.71
CA ALA C 29 60.57 -1.76 13.07
C ALA C 29 59.06 -1.92 13.17
N ASN C 30 58.32 -1.40 12.20
CA ASN C 30 56.87 -1.55 12.25
C ASN C 30 56.45 -2.99 12.05
N SER C 31 57.12 -3.72 11.16
CA SER C 31 56.80 -5.13 10.98
C SER C 31 57.10 -5.92 12.24
N LEU C 32 58.19 -5.57 12.92
CA LEU C 32 58.49 -6.22 14.20
C LEU C 32 57.41 -5.93 15.23
N ARG C 33 56.94 -4.69 15.29
CA ARG C 33 55.87 -4.34 16.23
C ARG C 33 54.59 -5.12 15.91
N ARG C 34 54.22 -5.18 14.63
CA ARG C 34 53.02 -5.91 14.24
C ARG C 34 53.16 -7.40 14.55
N THR C 35 54.33 -7.98 14.30
CA THR C 35 54.54 -9.39 14.59
C THR C 35 54.42 -9.67 16.08
N MET C 36 55.04 -8.83 16.91
CA MET C 36 54.89 -9.02 18.35
C MET C 36 53.44 -8.87 18.79
N LEU C 37 52.69 -7.98 18.14
CA LEU C 37 51.31 -7.78 18.56
C LEU C 37 50.42 -8.96 18.18
N ALA C 38 50.60 -9.52 16.98
CA ALA C 38 49.56 -10.43 16.50
C ALA C 38 50.06 -11.70 15.83
N GLU C 39 51.32 -12.09 16.02
CA GLU C 39 51.79 -13.29 15.34
C GLU C 39 52.73 -14.16 16.16
N VAL C 40 52.90 -13.89 17.45
CA VAL C 40 53.71 -14.71 18.34
C VAL C 40 52.79 -15.73 19.01
N PRO C 41 53.05 -17.03 18.86
CA PRO C 41 52.13 -18.02 19.42
C PRO C 41 52.20 -18.07 20.94
N THR C 42 51.03 -18.19 21.56
CA THR C 42 50.94 -18.39 23.01
C THR C 42 49.94 -19.52 23.26
N LEU C 43 49.61 -19.73 24.53
CA LEU C 43 48.72 -20.79 24.96
C LEU C 43 47.54 -20.17 25.69
N ALA C 44 46.32 -20.55 25.29
CA ALA C 44 45.14 -20.00 25.93
C ALA C 44 44.02 -21.03 25.90
N ILE C 45 43.10 -20.91 26.84
CA ILE C 45 41.99 -21.85 26.94
C ILE C 45 41.08 -21.66 25.73
N ASP C 46 40.76 -22.77 25.05
CA ASP C 46 39.98 -22.71 23.83
C ASP C 46 38.73 -23.56 23.85
N LEU C 47 38.59 -24.50 24.78
CA LEU C 47 37.36 -25.28 24.92
C LEU C 47 37.03 -25.39 26.39
N VAL C 48 35.75 -25.19 26.72
CA VAL C 48 35.27 -25.31 28.09
C VAL C 48 34.14 -26.33 28.09
N GLU C 49 34.29 -27.37 28.90
CA GLU C 49 33.24 -28.36 29.10
C GLU C 49 32.66 -28.15 30.49
N ILE C 50 31.41 -27.71 30.54
CA ILE C 50 30.79 -27.27 31.78
C ILE C 50 29.99 -28.43 32.34
N LYS C 51 30.53 -29.06 33.39
CA LYS C 51 29.85 -30.19 34.00
C LYS C 51 28.79 -29.74 34.98
N MET C 52 28.97 -28.58 35.62
CA MET C 52 27.94 -28.00 36.45
C MET C 52 28.24 -26.52 36.65
N ASN C 53 27.21 -25.69 36.51
CA ASN C 53 27.35 -24.25 36.70
C ASN C 53 26.03 -23.73 37.24
N THR C 54 25.96 -23.55 38.56
CA THR C 54 24.78 -22.99 39.20
C THR C 54 25.00 -21.57 39.67
N SER C 55 26.05 -20.92 39.20
CA SER C 55 26.29 -19.53 39.54
C SER C 55 25.36 -18.62 38.75
N VAL C 56 25.34 -17.34 39.14
CA VAL C 56 24.46 -16.37 38.49
C VAL C 56 24.95 -15.94 37.12
N LEU C 57 26.17 -16.30 36.74
CA LEU C 57 26.71 -15.95 35.45
C LEU C 57 26.34 -17.00 34.41
N ALA C 58 26.14 -16.55 33.19
CA ALA C 58 25.84 -17.47 32.11
C ALA C 58 27.04 -18.36 31.81
N ASP C 59 26.76 -19.53 31.21
CA ASP C 59 27.83 -20.47 30.91
C ASP C 59 28.83 -19.88 29.93
N GLU C 60 28.34 -19.24 28.89
CA GLU C 60 29.22 -18.65 27.88
C GLU C 60 29.88 -17.37 28.38
N PHE C 61 29.26 -16.69 29.33
CA PHE C 61 29.93 -15.60 30.03
C PHE C 61 31.20 -16.09 30.71
N ILE C 62 31.09 -17.16 31.49
CA ILE C 62 32.25 -17.70 32.18
C ILE C 62 33.25 -18.29 31.18
N SER C 63 32.76 -18.87 30.08
CA SER C 63 33.69 -19.40 29.08
C SER C 63 34.51 -18.27 28.46
N HIS C 64 33.86 -17.16 28.10
CA HIS C 64 34.59 -16.03 27.58
C HIS C 64 35.59 -15.49 28.58
N ARG C 65 35.20 -15.41 29.85
CA ARG C 65 36.14 -14.96 30.87
C ARG C 65 37.33 -15.89 30.99
N LEU C 66 37.10 -17.20 30.94
CA LEU C 66 38.19 -18.16 31.04
C LEU C 66 39.16 -18.04 29.88
N GLY C 67 38.63 -17.87 28.67
CA GLY C 67 39.51 -17.78 27.51
C GLY C 67 40.51 -16.66 27.60
N LEU C 68 40.17 -15.61 28.34
CA LEU C 68 41.03 -14.43 28.44
C LEU C 68 42.09 -14.54 29.53
N ILE C 69 42.08 -15.61 30.31
CA ILE C 69 43.07 -15.76 31.38
C ILE C 69 44.42 -16.15 30.77
N PRO C 70 45.49 -15.40 31.04
CA PRO C 70 46.79 -15.76 30.47
C PRO C 70 47.41 -16.97 31.15
N LEU C 71 47.97 -17.86 30.34
CA LEU C 71 48.64 -19.06 30.81
C LEU C 71 50.10 -19.02 30.40
N VAL C 72 50.96 -19.62 31.23
CA VAL C 72 52.39 -19.63 30.95
C VAL C 72 52.63 -20.36 29.65
N SER C 73 53.33 -19.71 28.72
CA SER C 73 53.56 -20.24 27.38
C SER C 73 55.04 -20.23 27.05
N GLU C 74 55.89 -20.61 28.00
CA GLU C 74 57.32 -20.52 27.78
C GLU C 74 57.78 -21.52 26.73
N ASP C 75 57.36 -22.77 26.85
CA ASP C 75 57.81 -23.84 25.96
C ASP C 75 56.78 -24.16 24.88
N VAL C 76 56.08 -23.15 24.38
CA VAL C 76 55.02 -23.40 23.41
C VAL C 76 55.60 -23.75 22.04
N GLU C 77 56.88 -23.51 21.82
CA GLU C 77 57.49 -23.89 20.54
C GLU C 77 57.47 -25.40 20.34
N GLU C 78 57.78 -26.15 21.40
CA GLU C 78 57.77 -27.61 21.29
C GLU C 78 56.37 -28.13 21.02
N MET C 79 55.35 -27.39 21.46
CA MET C 79 53.97 -27.82 21.29
C MET C 79 53.55 -27.70 19.83
N LYS C 80 52.56 -28.49 19.44
CA LYS C 80 52.07 -28.52 18.08
C LYS C 80 50.69 -27.87 17.99
N TYR C 81 50.35 -27.44 16.78
CA TYR C 81 49.02 -26.89 16.54
C TYR C 81 47.99 -28.01 16.54
N SER C 82 46.78 -27.68 16.98
CA SER C 82 45.73 -28.69 17.09
C SER C 82 45.37 -29.29 15.74
N ARG C 83 45.32 -28.45 14.70
CA ARG C 83 44.94 -28.93 13.38
C ARG C 83 46.07 -29.72 12.71
N ASP C 84 47.29 -29.60 13.20
CA ASP C 84 48.44 -30.29 12.62
C ASP C 84 48.83 -31.56 13.38
N CYS C 85 48.04 -31.96 14.36
CA CYS C 85 48.32 -33.16 15.13
C CYS C 85 47.46 -34.30 14.61
N THR C 86 48.11 -35.38 14.18
CA THR C 86 47.41 -36.51 13.59
C THR C 86 46.63 -37.34 14.59
N CYS C 87 46.82 -37.10 15.88
CA CYS C 87 46.15 -37.89 16.91
C CYS C 87 44.64 -37.70 16.84
N GLU C 88 43.91 -38.80 17.03
CA GLU C 88 42.47 -38.71 17.19
C GLU C 88 42.15 -38.03 18.50
N ASP C 89 41.16 -37.14 18.49
CA ASP C 89 40.82 -36.30 19.65
C ASP C 89 42.08 -35.49 20.00
N TYR C 90 42.23 -35.12 21.27
CA TYR C 90 43.38 -34.34 21.72
C TYR C 90 44.30 -35.22 22.55
N CYS C 91 45.60 -35.12 22.28
CA CYS C 91 46.62 -35.84 23.03
C CYS C 91 47.30 -34.87 23.99
N ASP C 92 48.35 -35.36 24.65
CA ASP C 92 49.14 -34.52 25.54
C ASP C 92 50.11 -33.62 24.80
N GLU C 93 50.31 -33.82 23.50
CA GLU C 93 51.28 -33.07 22.73
C GLU C 93 50.69 -31.90 21.96
N CYS C 94 49.37 -31.71 22.03
CA CYS C 94 48.72 -30.61 21.34
C CYS C 94 47.67 -29.91 22.18
N SER C 95 47.55 -30.23 23.47
CA SER C 95 46.56 -29.60 24.32
C SER C 95 47.00 -29.73 25.77
N VAL C 96 46.52 -28.82 26.60
CA VAL C 96 46.74 -28.85 28.04
C VAL C 96 45.38 -28.80 28.71
N VAL C 97 45.14 -29.72 29.64
CA VAL C 97 43.85 -29.84 30.29
C VAL C 97 43.95 -29.24 31.69
N LEU C 98 43.11 -28.23 31.96
CA LEU C 98 42.99 -27.65 33.28
C LEU C 98 41.59 -27.91 33.80
N GLU C 99 41.48 -28.00 35.12
CA GLU C 99 40.19 -28.28 35.76
C GLU C 99 39.96 -27.31 36.89
N LEU C 100 38.72 -26.85 37.02
CA LEU C 100 38.33 -25.92 38.07
C LEU C 100 37.13 -26.48 38.80
N SER C 101 37.15 -26.38 40.12
CA SER C 101 36.05 -26.87 40.95
C SER C 101 35.93 -25.92 42.14
N ALA C 102 34.81 -25.21 42.22
CA ALA C 102 34.60 -24.22 43.26
C ALA C 102 33.24 -24.44 43.89
N ARG C 103 33.16 -24.20 45.20
CA ARG C 103 31.94 -24.42 45.95
C ARG C 103 31.98 -23.57 47.20
N HIS C 104 30.80 -23.16 47.65
CA HIS C 104 30.67 -22.37 48.87
C HIS C 104 30.00 -23.21 49.94
N GLU C 105 30.62 -23.28 51.11
CA GLU C 105 30.12 -24.05 52.23
C GLU C 105 29.61 -23.11 53.32
N GLY C 106 28.55 -23.53 54.00
CA GLY C 106 27.91 -22.64 54.95
C GLY C 106 26.77 -21.87 54.31
N GLU C 107 25.89 -21.35 55.16
CA GLU C 107 24.71 -20.64 54.70
C GLU C 107 24.86 -19.13 54.73
N GLU C 108 26.08 -18.63 54.93
CA GLU C 108 26.31 -17.20 54.93
C GLU C 108 27.66 -16.90 54.27
N GLY C 109 27.78 -15.70 53.74
CA GLY C 109 29.00 -15.26 53.11
C GLY C 109 29.01 -15.51 51.60
N THR C 110 30.04 -14.98 50.96
CA THR C 110 30.23 -15.09 49.53
C THR C 110 31.64 -15.59 49.26
N THR C 111 31.77 -16.54 48.34
CA THR C 111 33.05 -17.12 47.97
C THR C 111 33.48 -16.57 46.62
N ASP C 112 34.75 -16.15 46.54
CA ASP C 112 35.32 -15.65 45.30
C ASP C 112 36.09 -16.78 44.61
N VAL C 113 35.88 -16.93 43.32
CA VAL C 113 36.57 -17.94 42.52
C VAL C 113 37.66 -17.23 41.75
N TYR C 114 38.92 -17.57 42.03
CA TYR C 114 40.06 -16.94 41.41
C TYR C 114 40.71 -17.90 40.42
N SER C 115 41.60 -17.35 39.59
CA SER C 115 42.30 -18.17 38.62
C SER C 115 43.34 -19.06 39.24
N SER C 116 43.68 -18.84 40.52
CA SER C 116 44.57 -19.77 41.21
C SER C 116 43.94 -21.14 41.39
N SER C 117 42.61 -21.23 41.35
CA SER C 117 41.92 -22.49 41.50
C SER C 117 42.01 -23.37 40.26
N LEU C 118 42.50 -22.84 39.14
CA LEU C 118 42.69 -23.66 37.95
C LEU C 118 43.87 -24.59 38.15
N ILE C 119 43.62 -25.89 38.09
CA ILE C 119 44.61 -26.91 38.40
C ILE C 119 44.96 -27.64 37.11
N LYS C 120 46.25 -27.69 36.79
CA LYS C 120 46.70 -28.38 35.60
C LYS C 120 46.63 -29.89 35.82
N VAL C 121 45.90 -30.59 34.97
CA VAL C 121 45.68 -32.02 35.09
C VAL C 121 46.59 -32.82 34.17
N SER C 122 46.65 -32.43 32.89
CA SER C 122 47.49 -33.13 31.94
C SER C 122 48.07 -32.14 30.95
N GLY C 123 49.20 -32.53 30.37
CA GLY C 123 49.89 -31.70 29.41
C GLY C 123 51.13 -32.38 28.89
N PRO C 124 51.88 -31.69 28.03
CA PRO C 124 53.12 -32.28 27.49
C PRO C 124 54.12 -32.55 28.60
N GLY C 125 54.88 -33.64 28.42
CA GLY C 125 55.84 -34.05 29.42
C GLY C 125 57.00 -33.09 29.60
N ASN C 126 57.20 -32.62 30.82
CA ASN C 126 58.33 -31.80 31.22
C ASN C 126 58.38 -30.44 30.53
N LEU C 127 57.31 -30.05 29.83
CA LEU C 127 57.24 -28.73 29.22
C LEU C 127 56.61 -27.75 30.20
N ASN C 128 57.24 -26.59 30.37
CA ASN C 128 56.74 -25.56 31.28
C ASN C 128 55.68 -24.72 30.58
N VAL C 129 54.50 -25.33 30.43
CA VAL C 129 53.36 -24.68 29.81
C VAL C 129 52.11 -25.03 30.62
N GLY C 130 51.09 -24.18 30.49
CA GLY C 130 49.76 -24.48 30.96
C GLY C 130 49.37 -23.82 32.27
N GLU C 131 50.31 -23.62 33.18
CA GLU C 131 49.97 -23.06 34.47
C GLU C 131 49.51 -21.62 34.30
N PRO C 132 48.40 -21.22 34.92
CA PRO C 132 47.98 -19.82 34.85
C PRO C 132 49.04 -18.90 35.47
N VAL C 133 49.22 -17.73 34.86
CA VAL C 133 50.26 -16.82 35.29
C VAL C 133 49.90 -16.22 36.64
N ARG C 134 50.86 -16.19 37.56
CA ARG C 134 50.68 -15.56 38.86
C ARG C 134 51.77 -14.54 39.08
N ARG C 135 51.38 -13.37 39.58
CA ARG C 135 52.35 -12.31 39.85
C ARG C 135 53.35 -12.75 40.90
N ASP C 136 52.86 -13.29 42.01
CA ASP C 136 53.72 -13.81 43.07
C ASP C 136 53.23 -15.19 43.51
N ASP C 137 53.82 -15.72 44.59
CA ASP C 137 53.33 -16.97 45.15
C ASP C 137 52.06 -16.79 45.96
N TYR C 138 51.78 -15.57 46.42
CA TYR C 138 50.59 -15.27 47.19
C TYR C 138 49.56 -14.46 46.42
N ASP C 139 49.74 -14.29 45.11
CA ASP C 139 48.78 -13.58 44.28
C ASP C 139 47.62 -14.51 43.96
N GLN C 140 46.40 -14.10 44.30
CA GLN C 140 45.25 -14.95 44.06
C GLN C 140 44.89 -15.01 42.58
N GLY C 141 45.19 -13.96 41.82
CA GLY C 141 44.99 -13.98 40.39
C GLY C 141 43.73 -13.25 39.96
N ILE C 142 43.28 -13.62 38.76
CA ILE C 142 42.13 -12.96 38.15
C ILE C 142 40.85 -13.47 38.79
N LEU C 143 39.96 -12.54 39.15
CA LEU C 143 38.66 -12.91 39.69
C LEU C 143 37.78 -13.47 38.59
N LEU C 144 37.33 -14.70 38.76
CA LEU C 144 36.55 -15.40 37.74
C LEU C 144 35.05 -15.34 38.00
N CYS C 145 34.61 -15.49 39.24
CA CYS C 145 33.20 -15.59 39.55
C CYS C 145 33.02 -15.36 41.05
N LYS C 146 31.77 -15.32 41.48
CA LYS C 146 31.42 -15.27 42.88
C LYS C 146 30.30 -16.25 43.15
N LEU C 147 30.30 -16.84 44.35
CA LEU C 147 29.34 -17.86 44.69
C LEU C 147 28.77 -17.58 46.07
N ARG C 148 27.52 -17.97 46.27
CA ARG C 148 26.90 -17.98 47.58
C ARG C 148 26.53 -19.43 47.90
N ASN C 149 25.78 -19.61 49.00
CA ASN C 149 25.51 -20.95 49.48
C ASN C 149 24.82 -21.80 48.43
N HIS C 150 25.27 -23.05 48.31
CA HIS C 150 24.68 -24.07 47.44
C HIS C 150 24.85 -23.75 45.96
N GLN C 151 25.80 -22.88 45.61
CA GLN C 151 26.14 -22.63 44.22
C GLN C 151 27.52 -23.22 43.95
N GLU C 152 27.64 -23.99 42.88
CA GLU C 152 28.85 -24.71 42.57
C GLU C 152 29.22 -24.53 41.11
N LEU C 153 30.53 -24.48 40.86
CA LEU C 153 31.08 -24.34 39.51
C LEU C 153 32.08 -25.47 39.31
N ASN C 154 31.85 -26.30 38.29
CA ASN C 154 32.68 -27.47 38.05
C ASN C 154 32.86 -27.60 36.54
N ILE C 155 34.06 -27.29 36.05
CA ILE C 155 34.34 -27.19 34.63
C ILE C 155 35.67 -27.85 34.34
N ARG C 156 35.86 -28.20 33.06
CA ARG C 156 37.12 -28.76 32.58
C ARG C 156 37.50 -28.03 31.30
N CYS C 157 38.65 -27.37 31.31
CA CYS C 157 39.07 -26.50 30.23
C CYS C 157 40.27 -27.09 29.51
N ILE C 158 40.33 -26.85 28.20
CA ILE C 158 41.40 -27.35 27.34
C ILE C 158 42.08 -26.16 26.68
N ALA C 159 43.40 -26.09 26.81
CA ALA C 159 44.18 -24.98 26.29
C ALA C 159 44.92 -25.41 25.04
N LYS C 160 44.89 -24.56 24.01
CA LYS C 160 45.52 -24.85 22.73
C LYS C 160 46.46 -23.72 22.35
N LYS C 161 47.28 -23.97 21.34
CA LYS C 161 48.25 -23.00 20.86
C LYS C 161 47.68 -22.24 19.67
N GLY C 162 47.85 -20.92 19.67
CA GLY C 162 47.34 -20.10 18.59
C GLY C 162 47.98 -18.74 18.58
N ILE C 163 47.55 -17.92 17.63
CA ILE C 163 48.09 -16.57 17.47
C ILE C 163 46.96 -15.56 17.60
N ALA C 164 47.34 -14.30 17.81
CA ALA C 164 46.36 -13.25 18.06
C ALA C 164 45.59 -12.85 16.82
N LYS C 165 46.00 -13.31 15.64
CA LYS C 165 45.20 -13.07 14.45
C LYS C 165 43.85 -13.78 14.56
N GLU C 166 43.85 -14.99 15.11
CA GLU C 166 42.62 -15.77 15.22
C GLU C 166 41.71 -15.20 16.32
N HIS C 167 42.27 -14.83 17.46
CA HIS C 167 41.50 -14.27 18.55
C HIS C 167 42.45 -13.51 19.45
N ALA C 168 41.97 -12.41 20.02
CA ALA C 168 42.82 -11.54 20.81
C ALA C 168 43.30 -12.16 22.12
N LYS C 169 42.74 -13.31 22.51
CA LYS C 169 43.15 -13.93 23.75
C LYS C 169 44.53 -14.57 23.67
N TRP C 170 45.05 -14.77 22.46
CA TRP C 170 46.37 -15.36 22.28
C TRP C 170 47.46 -14.31 22.12
N SER C 171 47.15 -13.04 22.34
CA SER C 171 48.14 -11.98 22.18
C SER C 171 49.04 -11.93 23.41
N PRO C 172 50.35 -12.00 23.26
CA PRO C 172 51.23 -11.95 24.43
C PRO C 172 51.45 -10.54 24.94
N CYS C 173 51.39 -9.56 24.05
CA CYS C 173 51.62 -8.17 24.38
C CYS C 173 50.31 -7.47 24.74
N SER C 174 50.41 -6.44 25.56
CA SER C 174 49.27 -5.59 25.82
C SER C 174 49.27 -4.36 24.91
N ALA C 175 50.27 -3.49 25.06
CA ALA C 175 50.36 -2.31 24.22
C ALA C 175 51.81 -2.00 23.96
N ILE C 176 52.16 -1.84 22.69
CA ILE C 176 53.53 -1.58 22.28
C ILE C 176 53.62 -0.11 21.94
N ALA C 177 54.19 0.67 22.86
CA ALA C 177 54.49 2.07 22.56
C ALA C 177 55.57 2.13 21.48
N PHE C 178 55.38 3.01 20.52
CA PHE C 178 56.28 3.12 19.38
C PHE C 178 56.42 4.59 19.04
N GLU C 179 57.63 5.03 18.74
CA GLU C 179 57.89 6.45 18.63
C GLU C 179 59.22 6.66 17.92
N TYR C 180 59.28 7.71 17.12
CA TYR C 180 60.54 8.11 16.48
C TYR C 180 60.49 9.60 16.19
N ASP C 181 61.68 10.18 16.04
CA ASP C 181 61.87 11.58 15.70
C ASP C 181 61.11 12.50 16.66
N PRO C 182 61.53 12.59 17.92
CA PRO C 182 60.80 13.43 18.87
C PRO C 182 60.73 14.91 18.50
N HIS C 183 61.75 15.43 17.83
CA HIS C 183 61.83 16.87 17.55
C HIS C 183 61.32 17.25 16.18
N ASN C 184 60.79 16.30 15.41
CA ASN C 184 60.16 16.58 14.13
C ASN C 184 61.13 17.24 13.15
N LYS C 185 62.35 16.71 13.07
CA LYS C 185 63.30 17.24 12.09
C LYS C 185 62.97 16.77 10.68
N LEU C 186 62.31 15.63 10.56
CA LEU C 186 61.93 15.11 9.25
C LEU C 186 60.67 15.75 8.70
N LYS C 187 59.97 16.54 9.52
CA LYS C 187 58.71 17.17 9.13
C LYS C 187 57.71 16.13 8.63
N HIS C 188 57.62 15.02 9.35
CA HIS C 188 56.65 13.99 9.00
C HIS C 188 55.26 14.33 9.50
N THR C 189 55.14 15.29 10.42
CA THR C 189 53.85 15.75 10.90
C THR C 189 53.83 17.27 10.91
N ASP C 190 52.65 17.82 10.71
CA ASP C 190 52.44 19.27 10.69
C ASP C 190 51.57 19.63 11.88
N PHE C 191 52.04 20.55 12.72
CA PHE C 191 51.48 20.74 14.04
C PHE C 191 50.36 21.77 14.02
N TRP C 192 49.16 21.34 14.37
CA TRP C 192 48.02 22.23 14.55
C TRP C 192 48.29 23.16 15.71
N PHE C 193 47.88 24.42 15.58
CA PHE C 193 48.13 25.39 16.63
C PHE C 193 47.13 26.53 16.51
N GLU C 194 47.05 27.31 17.59
CA GLU C 194 46.24 28.52 17.64
C GLU C 194 47.08 29.79 17.60
N VAL C 195 48.14 29.85 18.40
CA VAL C 195 49.00 31.02 18.47
C VAL C 195 50.42 30.63 18.07
N ASP C 196 51.03 29.73 18.84
CA ASP C 196 52.37 29.25 18.57
C ASP C 196 52.40 27.74 18.72
N ALA C 197 52.94 27.05 17.72
CA ALA C 197 52.91 25.59 17.74
C ALA C 197 53.97 25.01 18.67
N LYS C 198 54.99 25.79 19.01
CA LYS C 198 56.08 25.25 19.82
C LYS C 198 55.67 25.11 21.28
N LYS C 199 54.97 26.11 21.82
CA LYS C 199 54.62 26.11 23.24
C LYS C 199 53.25 25.52 23.52
N GLU C 200 52.50 25.12 22.49
CA GLU C 200 51.20 24.52 22.67
C GLU C 200 51.23 23.01 22.65
N TRP C 201 52.38 22.40 22.33
CA TRP C 201 52.48 20.96 22.19
C TRP C 201 53.43 20.42 23.24
N PRO C 202 53.03 19.41 24.02
CA PRO C 202 53.94 18.87 25.04
C PRO C 202 55.15 18.21 24.41
N ASP C 203 56.27 18.27 25.13
CA ASP C 203 57.48 17.63 24.66
C ASP C 203 57.35 16.11 24.76
N SER C 204 57.97 15.41 23.83
CA SER C 204 57.99 13.96 23.87
C SER C 204 58.86 13.49 25.04
N LYS C 205 58.56 12.30 25.53
CA LYS C 205 59.31 11.77 26.68
C LYS C 205 60.75 11.41 26.31
N TYR C 206 61.08 11.34 25.03
CA TYR C 206 62.44 11.10 24.57
C TYR C 206 63.07 12.34 23.95
N ALA C 207 62.52 13.52 24.25
CA ALA C 207 63.03 14.75 23.62
C ALA C 207 64.46 15.04 24.04
N THR C 208 64.86 14.61 25.23
CA THR C 208 66.21 14.85 25.70
C THR C 208 67.23 13.91 25.07
N TRP C 209 66.78 12.87 24.38
CA TRP C 209 67.70 11.91 23.77
C TRP C 209 68.21 12.38 22.42
N GLU C 210 67.69 13.46 21.87
CA GLU C 210 68.12 13.98 20.58
C GLU C 210 68.30 15.49 20.68
N GLU C 211 69.32 15.99 19.99
CA GLU C 211 69.61 17.42 20.05
C GLU C 211 68.55 18.21 19.29
N PRO C 212 67.96 19.23 19.90
CA PRO C 212 66.96 20.02 19.19
C PRO C 212 67.59 20.75 18.03
N PRO C 213 66.83 21.00 16.97
CA PRO C 213 67.41 21.65 15.78
C PRO C 213 67.85 23.08 16.09
N LYS C 214 68.93 23.48 15.44
CA LYS C 214 69.46 24.81 15.64
C LYS C 214 68.54 25.86 15.01
N PRO C 215 68.49 27.06 15.57
CA PRO C 215 67.61 28.09 14.99
C PRO C 215 67.93 28.43 13.54
N GLY C 216 69.21 28.45 13.17
CA GLY C 216 69.60 28.75 11.81
C GLY C 216 69.70 27.55 10.89
N GLU C 217 69.34 26.37 11.36
CA GLU C 217 69.46 25.16 10.56
C GLU C 217 68.43 25.17 9.43
N VAL C 218 68.86 24.69 8.26
CA VAL C 218 67.96 24.53 7.13
C VAL C 218 67.38 23.12 7.15
N PHE C 219 66.30 22.93 6.41
CA PHE C 219 65.69 21.61 6.31
C PHE C 219 66.61 20.65 5.59
N ASP C 220 66.69 19.42 6.09
CA ASP C 220 67.53 18.38 5.50
C ASP C 220 66.62 17.39 4.76
N TYR C 221 66.65 17.44 3.43
CA TYR C 221 65.81 16.56 2.64
C TYR C 221 66.42 15.18 2.43
N LYS C 222 67.66 14.97 2.84
CA LYS C 222 68.33 13.69 2.67
C LYS C 222 68.18 12.77 3.87
N ALA C 223 67.50 13.21 4.91
CA ALA C 223 67.42 12.45 6.15
C ALA C 223 66.25 11.46 6.12
N LYS C 224 66.42 10.36 6.84
CA LYS C 224 65.43 9.32 7.01
C LYS C 224 65.33 8.98 8.49
N PRO C 225 64.18 8.47 8.94
CA PRO C 225 64.07 8.05 10.34
C PRO C 225 65.06 6.93 10.63
N ASN C 226 65.81 7.09 11.72
CA ASN C 226 66.95 6.21 11.96
C ASN C 226 66.91 5.57 13.34
N ARG C 227 66.35 6.26 14.32
CA ARG C 227 66.29 5.76 15.70
C ARG C 227 64.83 5.63 16.11
N PHE C 228 64.47 4.46 16.63
CA PHE C 228 63.11 4.15 17.03
C PHE C 228 63.09 3.74 18.49
N TYR C 229 62.17 4.32 19.25
CA TYR C 229 62.01 4.04 20.67
C TYR C 229 60.72 3.25 20.84
N MET C 230 60.82 2.05 21.39
CA MET C 230 59.63 1.23 21.56
C MET C 230 59.66 0.48 22.88
N THR C 231 58.50 0.40 23.52
CA THR C 231 58.32 -0.28 24.79
C THR C 231 57.38 -1.46 24.59
N VAL C 232 57.80 -2.64 25.01
CA VAL C 232 57.03 -3.87 24.85
C VAL C 232 56.52 -4.30 26.22
N GLU C 233 55.21 -4.27 26.40
CA GLU C 233 54.57 -4.74 27.62
C GLU C 233 53.89 -6.07 27.35
N THR C 234 54.02 -7.01 28.27
CA THR C 234 53.44 -8.33 28.12
C THR C 234 52.41 -8.58 29.21
N THR C 235 51.60 -9.61 29.00
CA THR C 235 50.56 -9.99 29.94
C THR C 235 51.05 -10.96 31.00
N GLY C 236 52.32 -11.38 30.94
CA GLY C 236 52.87 -12.32 31.88
C GLY C 236 53.02 -13.72 31.34
N SER C 237 52.30 -14.06 30.27
CA SER C 237 52.48 -15.38 29.67
C SER C 237 53.89 -15.56 29.14
N LEU C 238 54.46 -14.52 28.55
CA LEU C 238 55.83 -14.53 28.05
C LEU C 238 56.58 -13.34 28.61
N LYS C 239 57.86 -13.54 28.89
CA LYS C 239 58.72 -12.43 29.30
C LYS C 239 58.96 -11.50 28.13
N ALA C 240 59.39 -10.28 28.43
CA ALA C 240 59.58 -9.28 27.39
C ALA C 240 60.66 -9.71 26.40
N ASN C 241 61.78 -10.21 26.90
CA ASN C 241 62.85 -10.65 26.00
C ASN C 241 62.38 -11.82 25.15
N GLN C 242 61.61 -12.73 25.74
CA GLN C 242 61.07 -13.85 24.96
C GLN C 242 60.14 -13.35 23.87
N VAL C 243 59.32 -12.35 24.18
CA VAL C 243 58.42 -11.80 23.15
C VAL C 243 59.22 -11.20 22.01
N PHE C 244 60.24 -10.40 22.34
CA PHE C 244 61.04 -9.77 21.28
C PHE C 244 61.74 -10.82 20.42
N SER C 245 62.41 -11.77 21.07
CA SER C 245 63.16 -12.78 20.33
C SER C 245 62.24 -13.65 19.48
N ARG C 246 61.07 -14.00 20.01
CA ARG C 246 60.16 -14.85 19.25
C ARG C 246 59.49 -14.09 18.12
N GLY C 247 59.26 -12.79 18.29
CA GLY C 247 58.80 -11.99 17.16
C GLY C 247 59.82 -11.95 16.05
N ILE C 248 61.10 -11.76 16.39
CA ILE C 248 62.14 -11.80 15.38
C ILE C 248 62.17 -13.15 14.68
N LYS C 249 62.09 -14.23 15.47
CA LYS C 249 62.14 -15.57 14.89
C LYS C 249 60.93 -15.84 13.98
N THR C 250 59.75 -15.37 14.38
CA THR C 250 58.57 -15.54 13.54
C THR C 250 58.71 -14.80 12.23
N LEU C 251 59.23 -13.57 12.27
CA LEU C 251 59.46 -12.83 11.03
C LEU C 251 60.46 -13.56 10.14
N GLN C 252 61.53 -14.09 10.73
CA GLN C 252 62.50 -14.85 9.95
C GLN C 252 61.87 -16.08 9.32
N GLU C 253 61.03 -16.79 10.08
CA GLU C 253 60.37 -17.97 9.53
C GLU C 253 59.46 -17.62 8.37
N LYS C 254 58.72 -16.52 8.49
CA LYS C 254 57.85 -16.09 7.39
C LYS C 254 58.66 -15.78 6.13
N LEU C 255 59.75 -15.04 6.29
CA LEU C 255 60.58 -14.71 5.13
C LEU C 255 61.21 -15.96 4.53
N ALA C 256 61.65 -16.89 5.38
CA ALA C 256 62.23 -18.13 4.89
C ALA C 256 61.22 -18.96 4.12
N ASN C 257 59.96 -18.97 4.59
CA ASN C 257 58.91 -19.67 3.87
C ASN C 257 58.69 -19.05 2.49
N VAL C 258 58.69 -17.72 2.42
CA VAL C 258 58.54 -17.07 1.11
C VAL C 258 59.71 -17.44 0.19
N LEU C 259 60.92 -17.44 0.74
CA LEU C 259 62.10 -17.79 -0.06
C LEU C 259 62.02 -19.22 -0.56
N PHE C 260 61.59 -20.14 0.29
CA PHE C 260 61.44 -21.53 -0.13
C PHE C 260 60.39 -21.68 -1.22
N GLU C 261 59.27 -20.95 -1.09
CA GLU C 261 58.25 -20.99 -2.13
C GLU C 261 58.81 -20.50 -3.46
N LEU C 262 59.57 -19.40 -3.43
CA LEU C 262 60.16 -18.89 -4.66
C LEU C 262 61.11 -19.90 -5.28
N GLU C 263 61.98 -20.51 -4.46
CA GLU C 263 62.98 -21.42 -4.99
C GLU C 263 62.35 -22.71 -5.51
N ASN C 264 61.26 -23.17 -4.90
CA ASN C 264 60.56 -24.36 -5.35
C ASN C 264 59.60 -24.08 -6.50
N SER C 265 59.28 -22.81 -6.76
CA SER C 265 58.35 -22.51 -7.84
C SER C 265 58.91 -22.93 -9.20
N ARG C 266 60.19 -22.68 -9.44
CA ARG C 266 60.81 -23.02 -10.72
C ARG C 266 60.82 -24.54 -10.93
N VAL D 3 -9.49 -26.34 -33.92
CA VAL D 3 -8.10 -25.99 -34.18
C VAL D 3 -8.04 -24.93 -35.28
N SER D 4 -8.31 -25.35 -36.52
CA SER D 4 -8.34 -24.42 -37.63
C SER D 4 -9.50 -23.45 -37.49
N THR D 5 -9.25 -22.19 -37.83
CA THR D 5 -10.22 -21.12 -37.68
C THR D 5 -10.68 -20.63 -39.04
N SER D 6 -12.00 -20.43 -39.18
CA SER D 6 -12.55 -19.94 -40.42
C SER D 6 -12.27 -18.46 -40.59
N THR D 7 -12.43 -17.98 -41.83
CA THR D 7 -12.25 -16.56 -42.11
C THR D 7 -13.33 -15.70 -41.49
N VAL D 8 -14.43 -16.30 -41.04
CA VAL D 8 -15.52 -15.57 -40.40
C VAL D 8 -15.24 -15.49 -38.90
N GLY D 9 -15.23 -14.27 -38.36
CA GLY D 9 -14.93 -14.08 -36.96
C GLY D 9 -16.03 -13.39 -36.19
N ALA D 10 -15.65 -12.59 -35.19
CA ALA D 10 -16.58 -11.85 -34.35
C ALA D 10 -17.64 -12.75 -33.74
N ARG D 11 -18.91 -12.50 -34.09
CA ARG D 11 -20.04 -13.27 -33.56
C ARG D 11 -20.08 -13.19 -32.04
N ARG D 12 -20.29 -11.98 -31.53
CA ARG D 12 -20.32 -11.75 -30.10
C ARG D 12 -21.74 -11.94 -29.57
N ARG D 13 -21.93 -11.64 -28.29
CA ARG D 13 -23.18 -11.93 -27.61
C ARG D 13 -24.28 -10.96 -28.07
N ARG D 14 -25.49 -11.48 -28.14
CA ARG D 14 -26.68 -10.68 -28.41
C ARG D 14 -27.82 -11.22 -27.55
N ALA D 15 -29.04 -10.75 -27.83
CA ALA D 15 -30.22 -11.20 -27.11
C ALA D 15 -31.23 -11.93 -27.97
N LYS D 16 -31.35 -11.59 -29.24
CA LYS D 16 -32.28 -12.28 -30.13
C LYS D 16 -31.78 -13.68 -30.44
N GLN D 17 -32.73 -14.61 -30.59
CA GLN D 17 -32.46 -15.97 -31.02
C GLN D 17 -33.25 -16.26 -32.28
N GLN D 18 -32.59 -16.90 -33.25
CA GLN D 18 -33.18 -17.15 -34.56
C GLN D 18 -33.36 -18.64 -34.78
N VAL D 19 -34.30 -18.98 -35.66
CA VAL D 19 -34.56 -20.39 -35.98
C VAL D 19 -33.68 -20.88 -37.12
N ASP D 20 -33.09 -19.97 -37.91
CA ASP D 20 -32.16 -20.36 -38.97
C ASP D 20 -30.73 -20.47 -38.44
N ASP D 21 -30.55 -21.28 -37.40
CA ASP D 21 -29.25 -21.49 -36.81
C ASP D 21 -28.92 -22.97 -36.79
N GLU D 22 -29.95 -23.82 -36.74
CA GLU D 22 -29.76 -25.25 -36.68
C GLU D 22 -29.49 -25.82 -38.06
N GLU D 23 -28.57 -26.79 -38.12
CA GLU D 23 -28.24 -27.43 -39.38
C GLU D 23 -29.43 -28.25 -39.88
N ASN D 24 -29.74 -28.10 -41.17
CA ASN D 24 -30.81 -28.88 -41.77
C ASN D 24 -30.64 -28.85 -43.29
N ALA D 25 -30.39 -30.02 -43.88
CA ALA D 25 -30.20 -30.09 -45.32
C ALA D 25 -31.50 -29.80 -46.07
N THR D 26 -32.62 -30.29 -45.56
CA THR D 26 -33.90 -30.09 -46.23
C THR D 26 -34.26 -28.62 -46.31
N LEU D 27 -34.05 -27.88 -45.21
CA LEU D 27 -34.35 -26.46 -45.17
C LEU D 27 -33.26 -25.59 -45.78
N LEU D 28 -32.16 -26.20 -46.22
CA LEU D 28 -31.03 -25.47 -46.79
C LEU D 28 -30.48 -24.44 -45.81
N ARG D 29 -30.40 -24.83 -44.53
CA ARG D 29 -29.81 -24.01 -43.49
C ARG D 29 -28.51 -24.69 -43.07
N LEU D 30 -27.39 -24.23 -43.62
CA LEU D 30 -26.09 -24.85 -43.44
C LEU D 30 -25.24 -24.16 -42.38
N GLY D 31 -25.79 -23.18 -41.67
CA GLY D 31 -25.06 -22.52 -40.62
C GLY D 31 -24.21 -21.37 -41.14
N PRO D 32 -23.61 -20.61 -40.22
CA PRO D 32 -22.83 -19.43 -40.63
C PRO D 32 -21.58 -19.79 -41.42
N GLU D 33 -20.84 -20.80 -40.97
CA GLU D 33 -19.59 -21.16 -41.62
C GLU D 33 -19.80 -21.75 -43.01
N PHE D 34 -21.02 -22.15 -43.36
CA PHE D 34 -21.35 -22.66 -44.68
C PHE D 34 -22.42 -21.81 -45.35
N ALA D 35 -22.40 -20.51 -45.06
CA ALA D 35 -23.39 -19.61 -45.63
C ALA D 35 -23.14 -19.43 -47.13
N LEU D 36 -24.16 -18.89 -47.81
CA LEU D 36 -24.08 -18.73 -49.26
C LEU D 36 -23.01 -17.73 -49.65
N LYS D 37 -22.71 -16.75 -48.79
CA LYS D 37 -21.71 -15.73 -49.06
C LYS D 37 -20.50 -15.96 -48.17
N GLN D 38 -19.32 -16.04 -48.80
CA GLN D 38 -18.06 -16.24 -48.09
C GLN D 38 -17.08 -15.15 -48.49
N TYR D 39 -15.96 -15.09 -47.79
CA TYR D 39 -14.90 -14.13 -48.08
C TYR D 39 -13.58 -14.86 -48.18
N ASP D 40 -12.77 -14.46 -49.18
CA ASP D 40 -11.47 -15.07 -49.39
C ASP D 40 -10.43 -14.39 -48.52
N HIS D 41 -9.14 -14.69 -48.76
CA HIS D 41 -8.08 -14.06 -48.00
C HIS D 41 -7.99 -12.55 -48.24
N ASP D 42 -8.50 -12.07 -49.37
CA ASP D 42 -8.53 -10.65 -49.66
C ASP D 42 -9.81 -9.97 -49.20
N GLY D 43 -10.74 -10.72 -48.62
CA GLY D 43 -11.98 -10.16 -48.13
C GLY D 43 -13.03 -9.91 -49.20
N ASN D 44 -12.77 -10.27 -50.45
CA ASN D 44 -13.72 -10.03 -51.51
C ASN D 44 -14.88 -11.02 -51.43
N GLU D 45 -15.95 -10.71 -52.15
CA GLU D 45 -17.13 -11.57 -52.16
C GLU D 45 -16.79 -12.94 -52.75
N HIS D 46 -17.39 -13.97 -52.17
CA HIS D 46 -17.13 -15.34 -52.60
C HIS D 46 -18.38 -16.18 -52.34
N ASP D 47 -18.66 -17.11 -53.24
CA ASP D 47 -19.82 -17.98 -53.12
C ASP D 47 -19.42 -19.30 -52.49
N LEU D 48 -20.37 -19.93 -51.81
CA LEU D 48 -20.13 -21.24 -51.22
C LEU D 48 -19.80 -22.24 -52.31
N ILE D 49 -18.74 -23.01 -52.12
CA ILE D 49 -18.23 -23.92 -53.15
C ILE D 49 -18.58 -25.33 -52.70
N ALA D 50 -19.65 -25.87 -53.25
CA ALA D 50 -19.97 -27.28 -53.08
C ALA D 50 -19.20 -28.11 -54.09
N LEU D 51 -19.10 -29.40 -53.83
CA LEU D 51 -18.38 -30.31 -54.70
C LEU D 51 -19.13 -31.63 -54.82
N SER D 52 -19.46 -32.02 -56.06
CA SER D 52 -19.99 -33.34 -56.31
C SER D 52 -18.87 -34.38 -56.23
N LEU D 53 -19.27 -35.65 -56.14
CA LEU D 53 -18.27 -36.71 -56.01
C LEU D 53 -17.34 -36.75 -57.20
N SER D 54 -17.84 -36.41 -58.40
CA SER D 54 -16.97 -36.34 -59.56
C SER D 54 -15.94 -35.22 -59.42
N GLU D 55 -16.41 -34.02 -59.07
CA GLU D 55 -15.49 -32.89 -58.89
C GLU D 55 -14.52 -33.14 -57.74
N SER D 56 -15.04 -33.68 -56.63
CA SER D 56 -14.18 -33.97 -55.49
C SER D 56 -13.12 -35.00 -55.84
N ARG D 57 -13.51 -36.05 -56.56
CA ARG D 57 -12.54 -37.07 -56.97
C ARG D 57 -11.49 -36.49 -57.90
N LEU D 58 -11.91 -35.67 -58.86
CA LEU D 58 -10.96 -35.05 -59.77
C LEU D 58 -9.96 -34.18 -59.00
N LEU D 59 -10.47 -33.35 -58.09
CA LEU D 59 -9.59 -32.45 -57.35
C LEU D 59 -8.63 -33.21 -56.45
N ILE D 60 -9.12 -34.23 -55.73
CA ILE D 60 -8.25 -34.96 -54.83
C ILE D 60 -7.20 -35.74 -55.60
N ARG D 61 -7.59 -36.35 -56.74
CA ARG D 61 -6.61 -37.08 -57.54
C ARG D 61 -5.56 -36.14 -58.10
N GLU D 62 -5.98 -34.98 -58.60
CA GLU D 62 -5.02 -34.02 -59.15
C GLU D 62 -4.04 -33.53 -58.09
N ALA D 63 -4.57 -33.14 -56.92
CA ALA D 63 -3.70 -32.63 -55.87
C ALA D 63 -2.75 -33.71 -55.36
N LEU D 64 -3.26 -34.93 -55.16
CA LEU D 64 -2.42 -36.00 -54.65
C LEU D 64 -1.32 -36.37 -55.64
N LYS D 65 -1.66 -36.46 -56.93
CA LYS D 65 -0.63 -36.79 -57.92
C LYS D 65 0.36 -35.65 -58.08
N ALA D 66 -0.09 -34.40 -57.96
CA ALA D 66 0.85 -33.28 -58.00
C ALA D 66 1.83 -33.34 -56.83
N ARG D 67 1.33 -33.63 -55.63
CA ARG D 67 2.21 -33.74 -54.47
C ARG D 67 3.17 -34.91 -54.62
N SER D 68 2.69 -36.04 -55.14
CA SER D 68 3.55 -37.20 -55.35
C SER D 68 4.65 -36.89 -56.36
N ARG D 69 4.30 -36.19 -57.45
CA ARG D 69 5.30 -35.81 -58.43
C ARG D 69 6.31 -34.83 -57.84
N ALA D 70 5.83 -33.87 -57.04
CA ALA D 70 6.74 -32.90 -56.44
C ALA D 70 7.70 -33.56 -55.46
N ARG D 71 7.21 -34.50 -54.64
CA ARG D 71 8.06 -35.15 -53.66
C ARG D 71 9.13 -36.03 -54.29
N ASN D 72 8.95 -36.43 -55.56
CA ASN D 72 9.91 -37.25 -56.26
C ASN D 72 10.79 -36.43 -57.20
N GLY D 73 10.78 -35.12 -57.08
CA GLY D 73 11.58 -34.27 -57.93
C GLY D 73 11.02 -34.04 -59.32
N GLY D 74 9.71 -34.10 -59.48
CA GLY D 74 9.11 -33.86 -60.78
C GLY D 74 9.44 -34.89 -61.84
N VAL D 75 9.51 -36.16 -61.46
CA VAL D 75 9.83 -37.23 -62.40
C VAL D 75 8.65 -37.45 -63.34
N ILE D 84 -0.60 -43.12 -60.17
CA ILE D 84 -1.86 -43.46 -60.80
C ILE D 84 -2.65 -44.42 -59.91
N ASP D 85 -1.94 -45.35 -59.28
CA ASP D 85 -2.56 -46.32 -58.40
C ASP D 85 -3.08 -45.62 -57.15
N ASP D 86 -4.34 -45.91 -56.80
CA ASP D 86 -4.95 -45.26 -55.64
C ASP D 86 -4.26 -45.67 -54.35
N ASP D 87 -3.85 -46.95 -54.24
CA ASP D 87 -3.17 -47.39 -53.03
C ASP D 87 -1.84 -46.69 -52.85
N GLU D 88 -1.04 -46.62 -53.92
CA GLU D 88 0.24 -45.89 -53.85
C GLU D 88 0.00 -44.41 -53.57
N LEU D 89 -1.01 -43.83 -54.22
CA LEU D 89 -1.31 -42.42 -54.04
C LEU D 89 -1.67 -42.12 -52.59
N ALA D 90 -2.47 -43.00 -51.97
CA ALA D 90 -2.77 -42.85 -50.54
C ALA D 90 -1.52 -43.03 -49.70
N LYS D 91 -0.67 -44.00 -50.06
CA LYS D 91 0.57 -44.21 -49.31
C LYS D 91 1.52 -43.03 -49.42
N VAL D 92 1.33 -42.15 -50.42
CA VAL D 92 2.19 -40.98 -50.55
C VAL D 92 2.07 -40.08 -49.33
N THR D 93 0.84 -39.88 -48.85
CA THR D 93 0.61 -38.98 -47.71
C THR D 93 1.27 -39.52 -46.45
N SER D 94 1.47 -38.61 -45.50
CA SER D 94 2.10 -38.93 -44.22
C SER D 94 1.05 -39.00 -43.13
N GLY D 95 1.26 -39.89 -42.16
CA GLY D 95 0.31 -40.07 -41.07
C GLY D 95 -0.54 -41.30 -41.26
N ALA D 96 -0.42 -42.27 -40.34
CA ALA D 96 -1.18 -43.51 -40.47
C ALA D 96 -2.67 -43.25 -40.45
N VAL D 97 -3.14 -42.40 -39.53
CA VAL D 97 -4.55 -42.06 -39.49
C VAL D 97 -4.95 -41.27 -40.74
N ALA D 98 -4.09 -40.34 -41.17
CA ALA D 98 -4.35 -39.62 -42.42
C ALA D 98 -4.35 -40.57 -43.61
N ASN D 99 -3.43 -41.54 -43.62
CA ASN D 99 -3.42 -42.53 -44.69
C ASN D 99 -4.72 -43.31 -44.73
N GLY D 100 -5.21 -43.74 -43.56
CA GLY D 100 -6.46 -44.48 -43.51
C GLY D 100 -7.64 -43.63 -43.96
N VAL D 101 -7.68 -42.36 -43.54
CA VAL D 101 -8.78 -41.49 -43.90
C VAL D 101 -8.81 -41.25 -45.40
N VAL D 102 -7.65 -40.96 -45.99
CA VAL D 102 -7.61 -40.74 -47.44
C VAL D 102 -7.91 -42.03 -48.18
N LYS D 103 -7.51 -43.18 -47.63
CA LYS D 103 -7.86 -44.45 -48.26
C LYS D 103 -9.37 -44.64 -48.28
N LYS D 104 -10.03 -44.36 -47.15
CA LYS D 104 -11.48 -44.52 -47.10
C LYS D 104 -12.18 -43.56 -48.05
N THR D 105 -11.73 -42.31 -48.09
CA THR D 105 -12.35 -41.34 -49.01
C THR D 105 -12.15 -41.76 -50.46
N LEU D 106 -10.95 -42.22 -50.80
CA LEU D 106 -10.69 -42.67 -52.16
C LEU D 106 -11.54 -43.89 -52.51
N ASP D 107 -11.69 -44.82 -51.58
CA ASP D 107 -12.53 -45.99 -51.83
C ASP D 107 -13.98 -45.57 -52.06
N TYR D 108 -14.50 -44.67 -51.23
CA TYR D 108 -15.87 -44.19 -51.41
C TYR D 108 -16.03 -43.53 -52.77
N LEU D 109 -15.11 -42.63 -53.12
CA LEU D 109 -15.22 -41.92 -54.39
C LEU D 109 -15.13 -42.87 -55.58
N ASN D 110 -14.21 -43.85 -55.51
CA ASN D 110 -14.06 -44.78 -56.62
C ASN D 110 -15.27 -45.68 -56.76
N THR D 111 -15.79 -46.20 -55.65
CA THR D 111 -16.94 -47.11 -55.70
C THR D 111 -18.25 -46.38 -55.92
N PHE D 112 -18.27 -45.05 -55.91
CA PHE D 112 -19.48 -44.34 -56.28
C PHE D 112 -19.23 -43.23 -57.28
N ALA D 113 -18.18 -43.33 -58.09
CA ALA D 113 -17.86 -42.30 -59.06
C ALA D 113 -18.82 -42.36 -60.24
N ARG D 114 -19.72 -41.38 -60.32
CA ARG D 114 -20.61 -41.30 -61.47
C ARG D 114 -19.88 -40.86 -62.74
N PHE D 115 -18.84 -40.04 -62.59
CA PHE D 115 -18.11 -39.50 -63.74
C PHE D 115 -16.62 -39.56 -63.42
N LYS D 116 -15.92 -40.51 -64.04
CA LYS D 116 -14.48 -40.65 -63.85
C LYS D 116 -13.66 -39.92 -64.90
N ASP D 117 -14.30 -39.19 -65.81
CA ASP D 117 -13.62 -38.48 -66.88
C ASP D 117 -13.73 -36.97 -66.66
N GLU D 118 -12.63 -36.27 -66.95
CA GLU D 118 -12.60 -34.82 -66.77
C GLU D 118 -13.61 -34.12 -67.66
N GLU D 119 -13.72 -34.55 -68.92
CA GLU D 119 -14.60 -33.87 -69.85
C GLU D 119 -16.07 -34.12 -69.53
N THR D 120 -16.41 -35.33 -69.08
CA THR D 120 -17.78 -35.59 -68.66
C THR D 120 -18.18 -34.71 -67.50
N CYS D 121 -17.30 -34.59 -66.49
CA CYS D 121 -17.58 -33.73 -65.35
C CYS D 121 -17.66 -32.27 -65.78
N THR D 122 -16.81 -31.85 -66.72
CA THR D 122 -16.85 -30.48 -67.21
C THR D 122 -18.18 -30.19 -67.89
N ALA D 123 -18.64 -31.11 -68.74
CA ALA D 123 -19.94 -30.94 -69.40
C ALA D 123 -21.08 -30.92 -68.39
N VAL D 124 -21.02 -31.80 -67.39
CA VAL D 124 -22.06 -31.83 -66.37
C VAL D 124 -22.11 -30.52 -65.60
N ASP D 125 -20.95 -30.00 -65.23
CA ASP D 125 -20.90 -28.73 -64.51
C ASP D 125 -21.40 -27.59 -65.38
N GLN D 126 -21.03 -27.58 -66.66
CA GLN D 126 -21.53 -26.56 -67.57
C GLN D 126 -23.04 -26.61 -67.69
N LEU D 127 -23.60 -27.81 -67.80
CA LEU D 127 -25.05 -27.96 -67.88
C LEU D 127 -25.73 -27.49 -66.60
N LEU D 128 -25.17 -27.85 -65.45
CA LEU D 128 -25.79 -27.50 -64.18
C LEU D 128 -25.54 -26.06 -63.75
N HIS D 129 -24.63 -25.35 -64.41
CA HIS D 129 -24.35 -23.97 -64.06
C HIS D 129 -24.91 -22.97 -65.07
N ASN D 130 -24.62 -23.16 -66.35
CA ASN D 130 -25.02 -22.21 -67.38
C ASN D 130 -26.50 -22.27 -67.73
N SER D 131 -27.22 -23.28 -67.24
CA SER D 131 -28.64 -23.39 -67.53
C SER D 131 -29.41 -22.23 -66.93
N SER D 132 -30.41 -21.73 -67.67
CA SER D 132 -31.24 -20.64 -67.17
C SER D 132 -32.02 -21.05 -65.95
N ASP D 133 -32.58 -22.27 -65.95
CA ASP D 133 -33.27 -22.78 -64.78
C ASP D 133 -32.33 -22.97 -63.60
N CYS D 134 -31.10 -23.42 -63.86
CA CYS D 134 -30.13 -23.69 -62.81
C CYS D 134 -29.44 -22.44 -62.30
N SER D 135 -29.69 -21.27 -62.90
CA SER D 135 -29.09 -20.03 -62.40
C SER D 135 -29.61 -19.66 -61.02
N VAL D 136 -30.71 -20.25 -60.58
CA VAL D 136 -31.22 -20.03 -59.24
C VAL D 136 -30.93 -21.22 -58.33
N LEU D 137 -30.62 -22.39 -58.87
CA LEU D 137 -30.40 -23.58 -58.06
C LEU D 137 -29.25 -23.37 -57.09
N HIS D 138 -29.47 -23.78 -55.84
CA HIS D 138 -28.44 -23.69 -54.83
C HIS D 138 -27.29 -24.65 -55.17
N PRO D 139 -26.05 -24.27 -54.89
CA PRO D 139 -24.94 -25.18 -55.18
C PRO D 139 -25.04 -26.52 -54.45
N PHE D 140 -25.61 -26.52 -53.25
CA PHE D 140 -25.84 -27.79 -52.55
C PHE D 140 -26.82 -28.66 -53.33
N GLU D 141 -27.88 -28.06 -53.88
CA GLU D 141 -28.81 -28.82 -54.70
C GLU D 141 -28.13 -29.39 -55.93
N ILE D 142 -27.26 -28.58 -56.56
CA ILE D 142 -26.54 -29.04 -57.74
C ILE D 142 -25.64 -30.21 -57.40
N ALA D 143 -24.91 -30.12 -56.28
CA ALA D 143 -24.05 -31.20 -55.87
C ALA D 143 -24.84 -32.46 -55.57
N GLN D 144 -25.98 -32.32 -54.88
CA GLN D 144 -26.81 -33.47 -54.58
C GLN D 144 -27.33 -34.12 -55.86
N LEU D 145 -27.77 -33.31 -56.83
CA LEU D 145 -28.26 -33.84 -58.09
C LEU D 145 -27.16 -34.61 -58.83
N SER D 146 -25.96 -34.03 -58.90
CA SER D 146 -24.88 -34.70 -59.61
C SER D 146 -24.33 -35.89 -58.84
N SER D 147 -24.58 -35.97 -57.54
CA SER D 147 -24.02 -37.04 -56.71
C SER D 147 -24.94 -38.24 -56.59
N LEU D 148 -26.18 -38.02 -56.15
CA LEU D 148 -27.09 -39.13 -55.88
C LEU D 148 -27.47 -39.90 -57.14
N GLY D 149 -27.36 -39.28 -58.31
CA GLY D 149 -27.69 -39.95 -59.55
C GLY D 149 -29.14 -40.36 -59.65
N CYS D 150 -30.03 -39.48 -59.23
CA CYS D 150 -31.46 -39.78 -59.27
C CYS D 150 -31.94 -39.92 -60.71
N GLU D 151 -33.04 -40.66 -60.88
CA GLU D 151 -33.58 -40.96 -62.20
C GLU D 151 -34.95 -40.34 -62.46
N ASP D 152 -35.69 -39.98 -61.42
CA ASP D 152 -37.08 -39.55 -61.57
C ASP D 152 -37.29 -38.21 -60.89
N VAL D 153 -38.24 -37.43 -61.42
CA VAL D 153 -38.58 -36.15 -60.80
C VAL D 153 -39.15 -36.38 -59.40
N ASP D 154 -40.06 -37.34 -59.27
CA ASP D 154 -40.62 -37.65 -57.96
C ASP D 154 -39.55 -38.17 -57.01
N GLU D 155 -38.67 -39.04 -57.50
CA GLU D 155 -37.59 -39.55 -56.67
C GLU D 155 -36.66 -38.43 -56.23
N ALA D 156 -36.30 -37.54 -57.16
CA ALA D 156 -35.42 -36.43 -56.82
C ALA D 156 -36.06 -35.50 -55.81
N ILE D 157 -37.36 -35.22 -55.98
CA ILE D 157 -38.07 -34.35 -55.05
C ILE D 157 -38.14 -34.98 -53.67
N THR D 158 -38.41 -36.29 -53.61
CA THR D 158 -38.45 -36.97 -52.32
C THR D 158 -37.08 -36.96 -51.65
N LEU D 159 -36.02 -37.23 -52.41
CA LEU D 159 -34.68 -37.20 -51.84
C LEU D 159 -34.22 -35.78 -51.53
N ILE D 160 -34.60 -34.82 -52.38
CA ILE D 160 -34.21 -33.43 -52.20
C ILE D 160 -35.47 -32.58 -52.01
N PRO D 161 -35.90 -32.33 -50.78
CA PRO D 161 -37.13 -31.56 -50.57
C PRO D 161 -37.03 -30.12 -51.07
N SER D 162 -35.82 -29.58 -51.21
CA SER D 162 -35.67 -28.20 -51.65
C SER D 162 -36.15 -28.02 -53.09
N LEU D 163 -35.90 -29.00 -53.96
CA LEU D 163 -36.32 -28.89 -55.35
C LEU D 163 -37.83 -28.93 -55.53
N ALA D 164 -38.58 -29.33 -54.50
CA ALA D 164 -40.04 -29.32 -54.59
C ALA D 164 -40.58 -27.90 -54.76
N ALA D 165 -40.01 -26.94 -54.02
CA ALA D 165 -40.46 -25.55 -54.14
C ALA D 165 -39.95 -24.86 -55.39
N LYS D 166 -38.97 -25.45 -56.07
CA LYS D 166 -38.45 -24.90 -57.33
C LYS D 166 -39.05 -25.71 -58.47
N LYS D 167 -40.25 -25.31 -58.88
CA LYS D 167 -40.96 -25.96 -59.98
C LYS D 167 -40.68 -25.32 -61.33
N GLU D 168 -39.81 -24.31 -61.38
CA GLU D 168 -39.40 -23.68 -62.62
C GLU D 168 -38.16 -24.33 -63.22
N VAL D 169 -37.94 -25.61 -62.92
CA VAL D 169 -36.74 -26.33 -63.35
C VAL D 169 -37.16 -27.45 -64.28
N ASN D 170 -36.45 -27.57 -65.41
CA ASN D 170 -36.66 -28.67 -66.35
C ASN D 170 -36.05 -29.95 -65.79
N LEU D 171 -36.63 -30.42 -64.68
CA LEU D 171 -36.00 -31.47 -63.89
C LEU D 171 -35.87 -32.78 -64.66
N GLN D 172 -36.92 -33.18 -65.37
CA GLN D 172 -36.91 -34.50 -66.01
C GLN D 172 -35.89 -34.56 -67.15
N ARG D 173 -35.90 -33.54 -68.01
CA ARG D 173 -34.95 -33.55 -69.13
C ARG D 173 -33.51 -33.38 -68.64
N ILE D 174 -33.30 -32.61 -67.57
CA ILE D 174 -31.97 -32.50 -67.00
C ILE D 174 -31.52 -33.85 -66.43
N LEU D 175 -32.44 -34.56 -65.78
CA LEU D 175 -32.10 -35.90 -65.28
C LEU D 175 -31.75 -36.83 -66.43
N ASP D 176 -32.51 -36.78 -67.53
CA ASP D 176 -32.19 -37.62 -68.69
C ASP D 176 -30.85 -37.23 -69.30
N GLU D 177 -30.54 -35.94 -69.34
CA GLU D 177 -29.23 -35.50 -69.82
C GLU D 177 -28.11 -36.05 -68.95
N LEU D 178 -28.30 -36.02 -67.63
CA LEU D 178 -27.30 -36.58 -66.73
C LEU D 178 -27.15 -38.07 -66.93
N ASN D 179 -28.27 -38.78 -67.10
CA ASN D 179 -28.20 -40.22 -67.35
C ASN D 179 -27.48 -40.53 -68.65
N ARG D 180 -27.71 -39.72 -69.69
CA ARG D 180 -26.98 -39.87 -70.93
C ARG D 180 -25.49 -39.64 -70.72
N LEU D 181 -25.14 -38.56 -70.01
CA LEU D 181 -23.73 -38.27 -69.75
C LEU D 181 -23.10 -39.33 -68.85
N GLU D 182 -23.90 -39.92 -67.96
CA GLU D 182 -23.41 -41.02 -67.14
C GLU D 182 -22.95 -42.18 -68.03
N ASP D 183 -21.74 -42.65 -67.78
CA ASP D 183 -21.20 -43.74 -68.58
C ASP D 183 -21.84 -45.05 -68.15
N PRO D 184 -22.50 -45.79 -69.06
CA PRO D 184 -23.18 -47.06 -68.73
C PRO D 184 -22.19 -48.21 -68.54
N GLU E 2 -14.13 65.92 -19.65
CA GLU E 2 -14.90 65.34 -18.56
C GLU E 2 -15.29 63.91 -18.89
N ASP E 3 -16.35 63.41 -18.25
CA ASP E 3 -16.81 62.05 -18.50
C ASP E 3 -17.24 61.87 -19.95
N ASN E 4 -17.72 62.93 -20.59
CA ASN E 4 -18.02 62.86 -22.01
C ASN E 4 -16.77 62.54 -22.81
N ASN E 5 -15.65 63.19 -22.47
CA ASN E 5 -14.40 62.93 -23.17
C ASN E 5 -13.96 61.49 -23.01
N ARG E 6 -14.04 60.94 -21.80
CA ARG E 6 -13.62 59.55 -21.60
C ARG E 6 -14.56 58.57 -22.29
N ILE E 7 -15.85 58.87 -22.32
CA ILE E 7 -16.79 58.02 -23.05
C ILE E 7 -16.47 58.02 -24.54
N ILE E 8 -16.19 59.20 -25.08
CA ILE E 8 -15.85 59.30 -26.51
C ILE E 8 -14.54 58.56 -26.78
N SER E 9 -13.57 58.68 -25.88
CA SER E 9 -12.30 57.99 -26.08
C SER E 9 -12.47 56.48 -26.07
N ARG E 10 -13.26 55.96 -25.13
CA ARG E 10 -13.50 54.52 -25.09
C ARG E 10 -14.23 54.05 -26.33
N LEU E 11 -15.20 54.84 -26.80
CA LEU E 11 -15.93 54.48 -28.01
C LEU E 11 -15.00 54.46 -29.21
N TRP E 12 -14.09 55.44 -29.29
CA TRP E 12 -13.13 55.48 -30.38
C TRP E 12 -12.21 54.27 -30.35
N ARG E 13 -11.75 53.88 -29.14
CA ARG E 13 -10.89 52.71 -29.04
C ARG E 13 -11.63 51.45 -29.47
N SER E 14 -12.90 51.32 -29.08
CA SER E 14 -13.68 50.17 -29.51
C SER E 14 -13.86 50.15 -31.02
N PHE E 15 -14.09 51.31 -31.63
CA PHE E 15 -14.21 51.39 -33.07
C PHE E 15 -12.92 50.94 -33.75
N ARG E 16 -11.77 51.41 -33.24
CA ARG E 16 -10.49 51.01 -33.80
C ARG E 16 -10.27 49.51 -33.66
N THR E 17 -10.64 48.95 -32.51
CA THR E 17 -10.49 47.51 -32.31
C THR E 17 -11.37 46.73 -33.29
N VAL E 18 -12.61 47.18 -33.50
CA VAL E 18 -13.49 46.50 -34.43
C VAL E 18 -12.92 46.54 -35.84
N LYS E 19 -12.38 47.69 -36.24
CA LYS E 19 -11.79 47.79 -37.57
C LYS E 19 -10.59 46.87 -37.72
N GLU E 20 -9.74 46.80 -36.68
CA GLU E 20 -8.61 45.88 -36.72
C GLU E 20 -9.07 44.43 -36.81
N MET E 21 -10.11 44.08 -36.06
CA MET E 21 -10.65 42.72 -36.10
C MET E 21 -11.17 42.39 -37.48
N ALA E 22 -11.89 43.32 -38.10
CA ALA E 22 -12.39 43.08 -39.46
C ALA E 22 -11.25 42.92 -40.44
N ALA E 23 -10.19 43.70 -40.27
CA ALA E 23 -9.02 43.55 -41.14
C ALA E 23 -8.37 42.18 -40.96
N ASP E 24 -8.28 41.70 -39.72
CA ASP E 24 -7.63 40.42 -39.46
C ASP E 24 -8.41 39.26 -40.07
N ARG E 25 -9.74 39.33 -40.03
CA ARG E 25 -10.58 38.24 -40.51
C ARG E 25 -10.59 38.15 -42.03
N GLY E 26 -9.96 39.08 -42.74
CA GLY E 26 -9.81 38.99 -44.19
C GLY E 26 -10.46 40.11 -44.96
N TYR E 27 -11.32 40.91 -44.35
CA TYR E 27 -11.99 41.98 -45.07
C TYR E 27 -11.04 43.15 -45.30
N PHE E 28 -11.42 44.03 -46.23
CA PHE E 28 -10.58 45.14 -46.62
C PHE E 28 -11.03 46.40 -45.90
N ILE E 29 -10.11 47.03 -45.19
CA ILE E 29 -10.34 48.31 -44.53
C ILE E 29 -9.31 49.29 -45.05
N SER E 30 -9.77 50.45 -45.51
CA SER E 30 -8.88 51.43 -46.11
C SER E 30 -7.86 51.92 -45.09
N GLN E 31 -6.64 52.17 -45.55
CA GLN E 31 -5.56 52.57 -44.65
C GLN E 31 -5.87 53.89 -43.97
N GLU E 32 -6.49 54.82 -44.69
CA GLU E 32 -6.89 56.08 -44.08
C GLU E 32 -7.92 55.86 -42.98
N GLU E 33 -8.84 54.93 -43.18
CA GLU E 33 -9.83 54.63 -42.16
C GLU E 33 -9.21 53.91 -40.97
N MET E 34 -8.14 53.15 -41.20
CA MET E 34 -7.47 52.47 -40.10
C MET E 34 -6.86 53.45 -39.12
N ASP E 35 -6.20 54.50 -39.63
CA ASP E 35 -5.55 55.49 -38.80
C ASP E 35 -6.46 56.68 -38.49
N GLN E 36 -7.77 56.47 -38.55
CA GLN E 36 -8.74 57.54 -38.32
C GLN E 36 -8.67 57.99 -36.87
N SER E 37 -8.11 59.18 -36.63
CA SER E 37 -7.70 59.59 -35.30
C SER E 37 -8.90 59.98 -34.43
N LEU E 38 -8.61 60.36 -33.19
CA LEU E 38 -9.67 60.63 -32.23
C LEU E 38 -10.36 61.95 -32.51
N GLU E 39 -9.61 62.98 -32.89
CA GLU E 39 -10.23 64.26 -33.19
C GLU E 39 -11.17 64.16 -34.37
N GLU E 40 -10.76 63.40 -35.40
CA GLU E 40 -11.65 63.17 -36.54
C GLU E 40 -12.90 62.42 -36.10
N PHE E 41 -12.74 61.47 -35.16
CA PHE E 41 -13.89 60.73 -34.65
C PHE E 41 -14.87 61.66 -33.95
N ARG E 42 -14.36 62.56 -33.11
CA ARG E 42 -15.22 63.52 -32.45
C ARG E 42 -15.90 64.44 -33.45
N SER E 43 -15.17 64.84 -34.49
CA SER E 43 -15.75 65.69 -35.52
C SER E 43 -16.89 65.00 -36.24
N LYS E 44 -16.72 63.71 -36.55
CA LYS E 44 -17.69 63.02 -37.38
C LYS E 44 -18.89 62.49 -36.59
N ILE E 45 -18.70 62.14 -35.32
CA ILE E 45 -19.73 61.48 -34.53
C ILE E 45 -20.39 62.43 -33.54
N CYS E 46 -19.59 63.18 -32.78
CA CYS E 46 -20.14 64.04 -31.74
C CYS E 46 -20.97 65.17 -32.34
N ASP E 47 -22.06 65.50 -31.66
CA ASP E 47 -22.94 66.57 -32.09
C ASP E 47 -22.48 67.90 -31.48
N SER E 48 -23.35 68.91 -31.56
CA SER E 48 -23.04 70.21 -30.98
C SER E 48 -22.81 70.09 -29.47
N MET E 49 -23.60 69.25 -28.79
CA MET E 49 -23.40 68.99 -27.38
C MET E 49 -22.36 67.90 -27.12
N GLY E 50 -21.79 67.31 -28.18
CA GLY E 50 -20.77 66.30 -28.03
C GLY E 50 -21.28 64.89 -27.89
N ASN E 51 -22.59 64.69 -27.84
CA ASN E 51 -23.13 63.35 -27.73
C ASN E 51 -22.88 62.57 -29.02
N PRO E 52 -22.54 61.29 -28.94
CA PRO E 52 -22.28 60.49 -30.14
C PRO E 52 -23.52 59.75 -30.62
N GLN E 53 -23.52 59.46 -31.91
CA GLN E 53 -24.52 58.60 -32.53
C GLN E 53 -23.87 57.29 -32.96
N ARG E 54 -24.30 56.20 -32.36
CA ARG E 54 -23.80 54.89 -32.78
C ARG E 54 -24.25 54.53 -34.17
N LYS E 55 -25.34 55.12 -34.65
CA LYS E 55 -25.86 54.77 -35.97
C LYS E 55 -24.96 55.28 -37.09
N LEU E 56 -24.12 56.27 -36.82
CA LEU E 56 -23.23 56.79 -37.85
C LEU E 56 -21.93 56.01 -37.97
N MET E 57 -21.71 55.02 -37.11
CA MET E 57 -20.47 54.26 -37.13
C MET E 57 -20.57 52.96 -37.90
N SER E 58 -21.78 52.52 -38.26
CA SER E 58 -21.91 51.29 -39.01
C SER E 58 -21.21 51.40 -40.35
N PHE E 59 -20.56 50.31 -40.76
CA PHE E 59 -19.82 50.30 -42.02
C PHE E 59 -19.99 48.96 -42.69
N LEU E 60 -19.44 48.85 -43.90
CA LEU E 60 -19.48 47.64 -44.69
C LEU E 60 -18.07 47.33 -45.20
N ALA E 61 -17.81 46.06 -45.44
CA ALA E 61 -16.51 45.65 -45.94
C ALA E 61 -16.66 44.43 -46.83
N ASN E 62 -15.74 44.29 -47.77
CA ASN E 62 -15.71 43.16 -48.67
C ASN E 62 -14.34 42.47 -48.56
N PRO E 63 -14.30 41.16 -48.76
CA PRO E 63 -13.02 40.45 -48.63
C PRO E 63 -12.02 40.92 -49.68
N THR E 64 -10.76 40.95 -49.27
CA THR E 64 -9.69 41.22 -50.22
C THR E 64 -9.55 40.05 -51.17
N PRO E 65 -8.96 40.26 -52.35
CA PRO E 65 -8.77 39.13 -53.27
C PRO E 65 -7.97 37.99 -52.67
N GLU E 66 -6.98 38.29 -51.83
CA GLU E 66 -6.21 37.24 -51.19
C GLU E 66 -7.06 36.42 -50.25
N ALA E 67 -7.82 37.09 -49.38
CA ALA E 67 -8.69 36.37 -48.44
C ALA E 67 -9.78 35.61 -49.19
N LEU E 68 -10.33 36.21 -50.23
CA LEU E 68 -11.36 35.53 -51.01
C LEU E 68 -10.81 34.28 -51.68
N GLU E 69 -9.60 34.37 -52.23
CA GLU E 69 -8.99 33.20 -52.84
C GLU E 69 -8.69 32.12 -51.81
N LYS E 70 -8.14 32.51 -50.66
CA LYS E 70 -7.78 31.52 -49.65
C LYS E 70 -9.02 30.91 -49.02
N TYR E 71 -9.97 31.74 -48.59
CA TYR E 71 -11.20 31.28 -47.98
C TYR E 71 -12.35 31.57 -48.94
N SER E 72 -12.96 30.50 -49.47
CA SER E 72 -14.02 30.67 -50.45
C SER E 72 -15.38 30.98 -49.83
N ASP E 73 -15.49 30.92 -48.51
CA ASP E 73 -16.76 31.15 -47.83
C ASP E 73 -16.90 32.57 -47.29
N LEU E 74 -16.02 33.47 -47.70
CA LEU E 74 -15.96 34.81 -47.13
C LEU E 74 -16.85 35.74 -47.96
N GLY E 75 -17.93 36.21 -47.36
CA GLY E 75 -18.87 37.11 -48.01
C GLY E 75 -18.69 38.55 -47.58
N THR E 76 -19.79 39.29 -47.55
CA THR E 76 -19.77 40.68 -47.12
C THR E 76 -20.07 40.77 -45.63
N LEU E 77 -19.47 41.75 -44.97
CA LEU E 77 -19.57 41.91 -43.53
C LEU E 77 -20.28 43.22 -43.21
N TRP E 78 -21.23 43.16 -42.28
CA TRP E 78 -21.97 44.33 -41.82
C TRP E 78 -21.77 44.49 -40.33
N VAL E 79 -21.23 45.64 -39.92
CA VAL E 79 -20.96 45.92 -38.52
C VAL E 79 -21.82 47.10 -38.10
N GLU E 80 -22.60 46.91 -37.04
CA GLU E 80 -23.53 47.93 -36.57
C GLU E 80 -23.42 48.09 -35.07
N PHE E 81 -23.35 49.33 -34.60
CA PHE E 81 -23.41 49.63 -33.18
C PHE E 81 -24.83 50.00 -32.81
N CYS E 82 -25.26 49.56 -31.62
CA CYS E 82 -26.64 49.73 -31.18
C CYS E 82 -26.74 50.91 -30.22
N ASP E 83 -27.70 51.80 -30.50
CA ASP E 83 -27.94 52.93 -29.61
C ASP E 83 -28.55 52.48 -28.29
N GLU E 84 -29.41 51.47 -28.33
CA GLU E 84 -30.11 51.04 -27.12
C GLU E 84 -29.13 50.46 -26.12
N PRO E 85 -29.08 50.97 -24.89
CA PRO E 85 -28.17 50.37 -23.89
C PRO E 85 -28.47 48.91 -23.61
N SER E 86 -29.75 48.53 -23.61
CA SER E 86 -30.15 47.14 -23.44
C SER E 86 -30.90 46.70 -24.68
N VAL E 87 -30.53 45.53 -25.21
CA VAL E 87 -31.10 44.99 -26.45
C VAL E 87 -32.06 43.87 -26.08
N GLY E 88 -33.22 43.84 -26.74
CA GLY E 88 -34.21 42.83 -26.50
C GLY E 88 -34.56 42.03 -27.74
N ILE E 89 -35.72 41.38 -27.72
CA ILE E 89 -36.12 40.54 -28.86
C ILE E 89 -36.45 41.40 -30.08
N LYS E 90 -37.06 42.57 -29.86
CA LYS E 90 -37.45 43.43 -30.98
C LYS E 90 -36.22 43.90 -31.76
N THR E 91 -35.20 44.40 -31.06
CA THR E 91 -34.03 44.93 -31.73
C THR E 91 -33.28 43.83 -32.47
N MET E 92 -33.13 42.65 -31.85
CA MET E 92 -32.46 41.56 -32.53
C MET E 92 -33.26 41.10 -33.74
N ARG E 93 -34.58 41.09 -33.63
CA ARG E 93 -35.42 40.72 -34.76
C ARG E 93 -35.25 41.68 -35.93
N ASN E 94 -35.24 42.99 -35.65
CA ASN E 94 -35.10 43.94 -36.74
C ASN E 94 -33.69 43.92 -37.33
N PHE E 95 -32.67 43.65 -36.50
CA PHE E 95 -31.33 43.46 -37.03
C PHE E 95 -31.27 42.24 -37.95
N CYS E 96 -31.91 41.14 -37.55
CA CYS E 96 -31.99 39.97 -38.41
C CYS E 96 -32.70 40.29 -39.72
N LEU E 97 -33.78 41.06 -39.64
CA LEU E 97 -34.48 41.47 -40.86
C LEU E 97 -33.58 42.28 -41.77
N ARG E 98 -32.82 43.22 -41.19
CA ARG E 98 -31.92 44.05 -41.99
C ARG E 98 -30.85 43.18 -42.66
N ILE E 99 -30.31 42.21 -41.94
CA ILE E 99 -29.30 41.32 -42.52
C ILE E 99 -29.91 40.50 -43.65
N GLN E 100 -31.09 39.93 -43.42
CA GLN E 100 -31.70 39.07 -44.43
C GLN E 100 -32.07 39.85 -45.69
N GLU E 101 -32.60 41.06 -45.53
CA GLU E 101 -33.04 41.83 -46.70
C GLU E 101 -31.85 42.29 -47.54
N LYS E 102 -30.68 42.46 -46.94
CA LYS E 102 -29.49 42.92 -47.65
C LYS E 102 -28.46 41.81 -47.80
N ASN E 103 -28.89 40.55 -47.65
CA ASN E 103 -28.12 39.34 -47.93
C ASN E 103 -26.63 39.47 -47.57
N PHE E 104 -26.38 39.93 -46.36
CA PHE E 104 -25.02 39.96 -45.83
C PHE E 104 -24.64 38.58 -45.30
N SER E 105 -23.40 38.18 -45.58
CA SER E 105 -22.94 36.87 -45.12
C SER E 105 -22.73 36.85 -43.62
N THR E 106 -22.14 37.91 -43.07
CA THR E 106 -21.81 37.96 -41.65
C THR E 106 -22.21 39.32 -41.09
N GLY E 107 -22.83 39.31 -39.92
CA GLY E 107 -23.19 40.54 -39.25
C GLY E 107 -22.68 40.59 -37.82
N ILE E 108 -22.00 41.67 -37.46
CA ILE E 108 -21.48 41.86 -36.11
C ILE E 108 -22.29 42.96 -35.45
N PHE E 109 -22.84 42.64 -34.27
CA PHE E 109 -23.76 43.53 -33.57
C PHE E 109 -23.17 43.84 -32.20
N ILE E 110 -22.68 45.07 -32.01
CA ILE E 110 -22.04 45.48 -30.77
C ILE E 110 -23.07 46.24 -29.93
N TYR E 111 -23.36 45.72 -28.75
CA TYR E 111 -24.27 46.36 -27.81
C TYR E 111 -23.48 47.00 -26.68
N GLN E 112 -24.20 47.66 -25.77
CA GLN E 112 -23.55 48.48 -24.75
C GLN E 112 -23.47 47.76 -23.39
N ASN E 113 -24.62 47.39 -22.83
CA ASN E 113 -24.67 46.88 -21.47
C ASN E 113 -24.86 45.38 -21.39
N ASN E 114 -25.95 44.85 -21.97
CA ASN E 114 -26.25 43.44 -21.84
C ASN E 114 -27.27 43.06 -22.91
N ILE E 115 -27.42 41.76 -23.11
CA ILE E 115 -28.36 41.22 -24.08
C ILE E 115 -29.29 40.25 -23.37
N THR E 116 -30.59 40.40 -23.60
CA THR E 116 -31.56 39.54 -22.94
C THR E 116 -31.45 38.11 -23.46
N PRO E 117 -31.78 37.10 -22.62
CA PRO E 117 -31.73 35.70 -23.01
C PRO E 117 -32.61 35.39 -24.22
N SER E 118 -33.74 36.08 -24.37
CA SER E 118 -34.61 35.87 -25.52
C SER E 118 -33.93 36.30 -26.81
N ALA E 119 -33.20 37.42 -26.77
CA ALA E 119 -32.42 37.83 -27.93
C ALA E 119 -31.31 36.83 -28.24
N ASN E 120 -30.71 36.24 -27.21
CA ASN E 120 -29.71 35.20 -27.43
C ASN E 120 -30.31 33.97 -28.11
N LYS E 121 -31.58 33.65 -27.82
CA LYS E 121 -32.24 32.45 -28.35
C LYS E 121 -32.54 32.52 -29.85
N MET E 122 -32.55 33.70 -30.48
CA MET E 122 -32.79 33.80 -31.91
C MET E 122 -31.52 33.98 -32.72
N ILE E 123 -30.35 34.01 -32.08
CA ILE E 123 -29.09 34.09 -32.83
C ILE E 123 -28.85 32.85 -33.68
N PRO E 124 -28.99 31.61 -33.17
CA PRO E 124 -28.69 30.44 -34.01
C PRO E 124 -29.66 30.22 -35.17
N THR E 125 -30.82 30.86 -35.17
CA THR E 125 -31.81 30.65 -36.22
C THR E 125 -31.78 31.72 -37.29
N VAL E 126 -30.64 32.40 -37.47
CA VAL E 126 -30.49 33.44 -38.48
C VAL E 126 -29.82 32.90 -39.75
N SER E 127 -29.84 31.59 -39.94
CA SER E 127 -29.17 30.98 -41.07
C SER E 127 -29.76 31.50 -42.38
N PRO E 128 -28.95 31.57 -43.46
CA PRO E 128 -27.55 31.14 -43.52
C PRO E 128 -26.57 32.22 -43.07
N ALA E 129 -27.04 33.44 -42.87
CA ALA E 129 -26.19 34.50 -42.38
C ALA E 129 -25.77 34.23 -40.94
N ILE E 130 -24.62 34.77 -40.55
CA ILE E 130 -24.06 34.57 -39.22
C ILE E 130 -24.12 35.88 -38.46
N ILE E 131 -24.63 35.83 -37.23
CA ILE E 131 -24.74 37.00 -36.38
C ILE E 131 -23.87 36.77 -35.15
N GLU E 132 -22.90 37.65 -34.93
CA GLU E 132 -22.02 37.60 -33.78
C GLU E 132 -22.19 38.89 -32.99
N THR E 133 -22.29 38.76 -31.67
CA THR E 133 -22.52 39.89 -30.79
C THR E 133 -21.31 40.10 -29.88
N PHE E 134 -20.89 41.36 -29.75
CA PHE E 134 -19.82 41.74 -28.86
C PHE E 134 -20.30 42.84 -27.93
N GLN E 135 -19.77 42.86 -26.72
CA GLN E 135 -20.02 43.94 -25.79
C GLN E 135 -19.04 45.07 -26.05
N GLU E 136 -19.45 46.29 -25.70
CA GLU E 136 -18.56 47.43 -25.89
C GLU E 136 -17.40 47.40 -24.92
N SER E 137 -17.61 46.89 -23.70
CA SER E 137 -16.59 46.97 -22.68
C SER E 137 -15.37 46.12 -23.03
N ASP E 138 -15.58 44.93 -23.58
CA ASP E 138 -14.45 44.03 -23.82
C ASP E 138 -13.72 44.32 -25.12
N LEU E 139 -14.18 45.27 -25.92
CA LEU E 139 -13.51 45.62 -27.16
C LEU E 139 -12.62 46.85 -27.02
N VAL E 140 -12.50 47.41 -25.82
CA VAL E 140 -11.68 48.61 -25.64
C VAL E 140 -10.22 48.28 -25.90
N VAL E 141 -9.77 47.12 -25.47
CA VAL E 141 -8.39 46.67 -25.66
C VAL E 141 -8.39 45.52 -26.65
N ASN E 142 -7.48 45.57 -27.61
CA ASN E 142 -7.32 44.49 -28.58
C ASN E 142 -6.44 43.42 -27.96
N ILE E 143 -7.04 42.28 -27.60
CA ILE E 143 -6.30 41.27 -26.87
C ILE E 143 -5.22 40.65 -27.75
N THR E 144 -5.43 40.61 -29.07
CA THR E 144 -4.44 39.98 -29.94
C THR E 144 -3.15 40.77 -30.01
N HIS E 145 -3.13 42.00 -29.49
CA HIS E 145 -1.91 42.77 -29.37
C HIS E 145 -1.19 42.55 -28.05
N HIS E 146 -1.70 41.67 -27.20
CA HIS E 146 -1.05 41.38 -25.93
C HIS E 146 0.23 40.59 -26.17
N GLU E 147 1.16 40.70 -25.22
CA GLU E 147 2.41 39.95 -25.32
C GLU E 147 2.16 38.45 -25.22
N LEU E 148 1.29 38.03 -24.32
CA LEU E 148 1.09 36.61 -24.07
C LEU E 148 0.27 35.92 -25.16
N VAL E 149 -0.36 36.68 -26.06
CA VAL E 149 -1.24 36.11 -27.06
C VAL E 149 -0.45 35.98 -28.36
N PRO E 150 -0.11 34.77 -28.80
CA PRO E 150 0.57 34.62 -30.09
C PRO E 150 -0.36 34.86 -31.26
N LYS E 151 0.14 34.72 -32.48
CA LYS E 151 -0.65 34.99 -33.67
C LYS E 151 -1.42 33.76 -34.09
N HIS E 152 -2.73 33.90 -34.21
CA HIS E 152 -3.62 32.82 -34.64
C HIS E 152 -4.02 33.06 -36.09
N ILE E 153 -3.88 32.02 -36.92
CA ILE E 153 -4.23 32.11 -38.33
C ILE E 153 -5.17 30.97 -38.65
N ARG E 154 -6.35 31.29 -39.17
CA ARG E 154 -7.33 30.26 -39.48
C ARG E 154 -6.90 29.50 -40.72
N LEU E 155 -6.94 28.17 -40.64
CA LEU E 155 -6.52 27.33 -41.75
C LEU E 155 -7.67 27.12 -42.74
N SER E 156 -7.34 27.14 -44.02
CA SER E 156 -8.31 26.82 -45.05
C SER E 156 -8.60 25.33 -45.04
N ASP E 157 -9.63 24.94 -45.77
CA ASP E 157 -10.05 23.53 -45.78
C ASP E 157 -8.97 22.63 -46.35
N GLY E 158 -8.32 23.05 -47.43
CA GLY E 158 -7.25 22.25 -48.00
C GLY E 158 -6.09 22.07 -47.05
N GLU E 159 -5.72 23.15 -46.34
CA GLU E 159 -4.64 23.05 -45.36
C GLU E 159 -5.01 22.13 -44.21
N LYS E 160 -6.27 22.19 -43.76
CA LYS E 160 -6.70 21.29 -42.69
C LYS E 160 -6.63 19.84 -43.15
N SER E 161 -7.06 19.57 -44.38
CA SER E 161 -6.97 18.22 -44.91
C SER E 161 -5.52 17.76 -44.99
N GLN E 162 -4.63 18.63 -45.47
CA GLN E 162 -3.22 18.27 -45.55
C GLN E 162 -2.64 17.99 -44.17
N LEU E 163 -3.02 18.78 -43.17
CA LEU E 163 -2.56 18.54 -41.81
C LEU E 163 -3.01 17.17 -41.31
N LEU E 164 -4.30 16.88 -41.43
CA LEU E 164 -4.82 15.61 -40.93
C LEU E 164 -4.19 14.43 -41.66
N GLN E 165 -3.88 14.60 -42.95
CA GLN E 165 -3.22 13.53 -43.68
C GLN E 165 -1.78 13.37 -43.23
N ARG E 166 -1.08 14.48 -42.97
CA ARG E 166 0.31 14.40 -42.56
C ARG E 166 0.45 13.71 -41.22
N TYR E 167 -0.40 14.04 -40.26
CA TYR E 167 -0.29 13.42 -38.94
C TYR E 167 -1.10 12.14 -38.81
N LYS E 168 -1.86 11.77 -39.84
CA LYS E 168 -2.74 10.61 -39.81
C LYS E 168 -3.65 10.66 -38.58
N LEU E 169 -4.43 11.74 -38.53
CA LEU E 169 -5.21 12.09 -37.36
C LEU E 169 -6.69 11.95 -37.63
N LYS E 170 -7.46 12.05 -36.55
CA LYS E 170 -8.89 12.30 -36.59
C LYS E 170 -9.14 13.64 -35.90
N GLU E 171 -10.21 14.32 -36.30
CA GLU E 171 -10.45 15.66 -35.80
C GLU E 171 -10.54 15.71 -34.29
N SER E 172 -10.96 14.63 -33.64
CA SER E 172 -11.05 14.61 -32.19
C SER E 172 -9.71 14.46 -31.50
N GLN E 173 -8.64 14.22 -32.25
CA GLN E 173 -7.32 14.00 -31.68
C GLN E 173 -6.43 15.23 -31.71
N LEU E 174 -6.92 16.34 -32.21
CA LEU E 174 -6.17 17.59 -32.15
C LEU E 174 -6.44 18.31 -30.84
N PRO E 175 -5.51 19.14 -30.37
CA PRO E 175 -5.82 20.00 -29.24
C PRO E 175 -6.98 20.92 -29.58
N ARG E 176 -7.80 21.23 -28.59
CA ARG E 176 -9.05 21.93 -28.80
C ARG E 176 -8.96 23.37 -28.33
N ILE E 177 -9.78 24.23 -28.93
CA ILE E 177 -9.97 25.59 -28.48
C ILE E 177 -11.48 25.83 -28.42
N GLN E 178 -11.94 26.45 -27.33
CA GLN E 178 -13.36 26.61 -27.13
C GLN E 178 -13.95 27.62 -28.10
N ARG E 179 -15.25 27.49 -28.38
CA ARG E 179 -15.91 28.42 -29.28
C ARG E 179 -16.08 29.79 -28.66
N GLU E 180 -16.22 29.86 -27.34
CA GLU E 180 -16.34 31.11 -26.62
C GLU E 180 -15.00 31.66 -26.18
N ASP E 181 -13.90 31.05 -26.60
CA ASP E 181 -12.58 31.57 -26.30
C ASP E 181 -12.43 32.96 -26.91
N PRO E 182 -11.86 33.92 -26.17
CA PRO E 182 -11.82 35.30 -26.67
C PRO E 182 -11.16 35.44 -28.04
N VAL E 183 -10.07 34.73 -28.28
CA VAL E 183 -9.43 34.79 -29.60
C VAL E 183 -10.28 34.10 -30.65
N ALA E 184 -10.98 33.03 -30.25
CA ALA E 184 -11.88 32.36 -31.19
C ALA E 184 -13.01 33.27 -31.63
N ARG E 185 -13.60 34.02 -30.69
CA ARG E 185 -14.63 34.98 -31.06
C ARG E 185 -14.05 36.15 -31.84
N TYR E 186 -12.80 36.53 -31.53
CA TYR E 186 -12.15 37.58 -32.32
C TYR E 186 -12.00 37.15 -33.77
N LEU E 187 -11.62 35.90 -34.02
CA LEU E 187 -11.44 35.42 -35.38
C LEU E 187 -12.73 34.91 -36.01
N GLY E 188 -13.83 34.86 -35.27
CA GLY E 188 -15.07 34.33 -35.80
C GLY E 188 -14.94 32.88 -36.19
N LEU E 189 -14.36 32.07 -35.30
CA LEU E 189 -14.18 30.66 -35.57
C LEU E 189 -15.52 29.92 -35.48
N LYS E 190 -15.77 29.06 -36.46
CA LYS E 190 -16.92 28.19 -36.46
C LYS E 190 -16.47 26.77 -36.15
N ARG E 191 -17.38 25.97 -35.59
CA ARG E 191 -17.04 24.65 -35.13
C ARG E 191 -16.46 23.80 -36.26
N GLY E 192 -15.34 23.15 -35.98
CA GLY E 192 -14.66 22.33 -36.96
C GLY E 192 -13.54 23.01 -37.70
N GLN E 193 -13.22 24.26 -37.38
CA GLN E 193 -12.17 24.99 -38.05
C GLN E 193 -10.90 24.97 -37.21
N VAL E 194 -9.76 24.99 -37.89
CA VAL E 194 -8.46 24.82 -37.27
C VAL E 194 -7.68 26.11 -37.40
N VAL E 195 -7.07 26.55 -36.29
CA VAL E 195 -6.19 27.71 -36.28
C VAL E 195 -4.76 27.22 -36.08
N LYS E 196 -3.83 27.82 -36.82
CA LYS E 196 -2.42 27.54 -36.67
C LYS E 196 -1.79 28.65 -35.83
N ILE E 197 -1.11 28.27 -34.75
CA ILE E 197 -0.53 29.20 -33.81
C ILE E 197 0.98 29.06 -33.86
N ILE E 198 1.66 30.09 -34.34
CA ILE E 198 3.12 30.12 -34.36
C ILE E 198 3.60 30.84 -33.11
N ARG E 199 4.43 30.17 -32.34
CA ARG E 199 4.67 30.55 -30.95
C ARG E 199 6.16 30.63 -30.67
N ARG E 200 6.53 31.54 -29.78
CA ARG E 200 7.91 31.62 -29.31
C ARG E 200 8.26 30.41 -28.47
N SER E 201 9.45 29.85 -28.71
CA SER E 201 9.93 28.70 -27.96
C SER E 201 11.38 28.94 -27.56
N GLU E 202 11.69 28.67 -26.31
CA GLU E 202 13.04 28.89 -25.81
C GLU E 202 13.96 27.70 -26.05
N THR E 203 13.45 26.61 -26.61
CA THR E 203 14.27 25.46 -26.97
C THR E 203 14.54 25.36 -28.46
N SER E 204 13.68 25.92 -29.31
CA SER E 204 13.86 25.86 -30.74
C SER E 204 13.62 27.18 -31.45
N GLY E 205 13.29 28.25 -30.72
CA GLY E 205 13.05 29.53 -31.35
C GLY E 205 11.61 29.72 -31.77
N ARG E 206 11.14 28.87 -32.67
CA ARG E 206 9.81 28.98 -33.25
C ARG E 206 9.14 27.61 -33.22
N TYR E 207 7.88 27.58 -32.79
CA TYR E 207 7.12 26.34 -32.69
C TYR E 207 5.70 26.58 -33.15
N ALA E 208 5.23 25.78 -34.09
CA ALA E 208 3.89 25.94 -34.67
C ALA E 208 2.96 24.89 -34.10
N SER E 209 1.89 25.35 -33.47
CA SER E 209 0.89 24.47 -32.86
C SER E 209 -0.45 24.68 -33.56
N TYR E 210 -1.31 23.67 -33.46
CA TYR E 210 -2.61 23.70 -34.09
C TYR E 210 -3.69 23.39 -33.07
N ARG E 211 -4.84 24.03 -33.21
CA ARG E 211 -5.98 23.79 -32.36
C ARG E 211 -7.24 23.76 -33.20
N ILE E 212 -8.24 23.01 -32.75
CA ILE E 212 -9.49 22.85 -33.48
C ILE E 212 -10.61 23.42 -32.63
N CYS E 213 -11.55 24.10 -33.27
CA CYS E 213 -12.64 24.72 -32.54
C CYS E 213 -13.70 23.67 -32.17
N LEU E 214 -14.60 24.07 -31.29
CA LEU E 214 -15.63 23.16 -30.79
C LEU E 214 -17.02 23.75 -30.98
N GLU F 71 -2.17 -3.13 -46.94
CA GLU F 71 -3.04 -2.07 -46.44
C GLU F 71 -2.38 -1.31 -45.30
N LEU F 72 -2.24 -1.98 -44.15
CA LEU F 72 -1.61 -1.35 -43.00
C LEU F 72 -0.10 -1.25 -43.15
N ALA F 73 0.52 -2.21 -43.85
CA ALA F 73 1.95 -2.17 -44.05
C ALA F 73 2.35 -0.97 -44.88
N ILE F 74 3.51 -0.39 -44.57
CA ILE F 74 4.04 0.78 -45.26
C ILE F 74 5.19 0.32 -46.14
N LEU F 75 5.17 0.77 -47.40
CA LEU F 75 6.16 0.33 -48.37
C LEU F 75 7.56 0.78 -47.97
N LYS F 76 8.57 0.03 -48.41
CA LYS F 76 9.94 0.33 -48.04
C LYS F 76 10.39 1.68 -48.56
N GLU F 77 9.81 2.14 -49.68
CA GLU F 77 10.24 3.41 -50.27
C GLU F 77 9.73 4.59 -49.46
N GLU F 78 8.60 4.44 -48.77
CA GLU F 78 7.97 5.54 -48.06
C GLU F 78 8.13 5.44 -46.55
N ARG F 79 9.18 4.76 -46.08
CA ARG F 79 9.40 4.64 -44.64
C ARG F 79 10.01 5.93 -44.11
N THR F 80 9.34 6.52 -43.10
CA THR F 80 9.72 7.82 -42.59
C THR F 80 10.19 7.81 -41.14
N THR F 81 10.29 6.65 -40.51
CA THR F 81 10.80 6.60 -39.15
C THR F 81 12.32 6.75 -39.16
N THR F 82 12.89 6.86 -37.96
CA THR F 82 14.32 7.06 -37.84
C THR F 82 15.07 5.83 -38.35
N PRO F 83 16.19 6.01 -39.04
CA PRO F 83 16.98 4.87 -39.51
C PRO F 83 17.95 4.29 -38.49
N TYR F 84 17.80 4.62 -37.22
CA TYR F 84 18.72 4.17 -36.17
C TYR F 84 18.00 3.23 -35.21
N LEU F 85 18.78 2.37 -34.57
CA LEU F 85 18.24 1.44 -33.60
C LEU F 85 18.11 2.16 -32.26
N THR F 86 16.88 2.36 -31.80
CA THR F 86 16.69 3.02 -30.52
C THR F 86 17.14 2.09 -29.39
N LYS F 87 17.36 2.67 -28.21
CA LYS F 87 17.90 1.88 -27.12
C LYS F 87 16.92 0.81 -26.65
N TYR F 88 15.63 1.10 -26.70
CA TYR F 88 14.63 0.10 -26.37
C TYR F 88 14.63 -1.05 -27.36
N GLU F 89 14.72 -0.73 -28.66
CA GLU F 89 14.81 -1.77 -29.67
C GLU F 89 16.07 -2.58 -29.52
N ARG F 90 17.18 -1.92 -29.21
CA ARG F 90 18.44 -2.63 -29.02
C ARG F 90 18.35 -3.60 -27.84
N ALA F 91 17.79 -3.13 -26.72
CA ALA F 91 17.67 -3.97 -25.54
C ALA F 91 16.76 -5.16 -25.80
N ARG F 92 15.61 -4.92 -26.44
CA ARG F 92 14.69 -6.01 -26.72
C ARG F 92 15.28 -7.00 -27.70
N ILE F 93 15.97 -6.52 -28.74
CA ILE F 93 16.58 -7.41 -29.71
C ILE F 93 17.66 -8.27 -29.05
N LEU F 94 18.49 -7.65 -28.21
CA LEU F 94 19.52 -8.42 -27.52
C LEU F 94 18.92 -9.47 -26.60
N GLY F 95 17.87 -9.11 -25.86
CA GLY F 95 17.24 -10.07 -24.98
C GLY F 95 16.63 -11.24 -25.74
N THR F 96 15.89 -10.94 -26.81
CA THR F 96 15.26 -12.00 -27.59
C THR F 96 16.31 -12.90 -28.22
N ARG F 97 17.37 -12.32 -28.78
CA ARG F 97 18.40 -13.14 -29.40
C ARG F 97 19.14 -13.99 -28.38
N ALA F 98 19.41 -13.43 -27.19
CA ALA F 98 20.05 -14.21 -26.14
C ALA F 98 19.18 -15.37 -25.71
N LEU F 99 17.88 -15.14 -25.56
CA LEU F 99 16.97 -16.21 -25.19
C LEU F 99 16.93 -17.29 -26.26
N GLN F 100 16.88 -16.89 -27.53
CA GLN F 100 16.83 -17.87 -28.61
C GLN F 100 18.10 -18.69 -28.67
N ILE F 101 19.26 -18.05 -28.49
CA ILE F 101 20.52 -18.78 -28.47
C ILE F 101 20.54 -19.76 -27.30
N SER F 102 20.08 -19.31 -26.13
CA SER F 102 19.99 -20.21 -24.99
C SER F 102 19.03 -21.35 -25.22
N MET F 103 18.10 -21.21 -26.18
CA MET F 103 17.24 -22.31 -26.58
C MET F 103 17.74 -23.01 -27.84
N ASN F 104 19.06 -23.03 -28.03
CA ASN F 104 19.71 -23.83 -29.07
C ASN F 104 19.32 -23.39 -30.48
N ALA F 105 19.25 -22.10 -30.70
CA ALA F 105 19.09 -21.63 -32.06
C ALA F 105 20.44 -21.58 -32.76
N PRO F 106 20.47 -21.71 -34.09
CA PRO F 106 21.75 -21.60 -34.80
C PRO F 106 22.36 -20.23 -34.63
N VAL F 107 23.68 -20.19 -34.52
CA VAL F 107 24.43 -18.95 -34.37
C VAL F 107 25.03 -18.58 -35.72
N LEU F 108 24.83 -17.33 -36.13
CA LEU F 108 25.21 -16.89 -37.47
C LEU F 108 26.60 -16.27 -37.52
N VAL F 109 27.32 -16.23 -36.41
CA VAL F 109 28.69 -15.71 -36.38
C VAL F 109 29.58 -16.74 -35.72
N ASP F 110 30.87 -16.67 -36.06
CA ASP F 110 31.84 -17.57 -35.46
C ASP F 110 32.13 -17.14 -34.03
N ILE F 111 32.14 -18.10 -33.12
CA ILE F 111 32.38 -17.86 -31.71
C ILE F 111 33.81 -18.27 -31.40
N GLU F 112 34.62 -17.33 -30.94
CA GLU F 112 36.01 -17.66 -30.60
C GLU F 112 36.07 -18.47 -29.30
N GLY F 113 35.73 -17.84 -28.18
CA GLY F 113 35.77 -18.50 -26.90
C GLY F 113 34.62 -18.09 -26.03
N GLU F 114 33.65 -17.38 -26.62
CA GLU F 114 32.54 -16.85 -25.86
C GLU F 114 31.55 -17.97 -25.50
N THR F 115 30.93 -17.82 -24.33
CA THR F 115 29.95 -18.77 -23.86
C THR F 115 28.65 -18.14 -23.36
N ASP F 116 28.64 -16.87 -23.05
CA ASP F 116 27.44 -16.21 -22.55
C ASP F 116 26.49 -15.91 -23.70
N PRO F 117 25.23 -16.32 -23.63
CA PRO F 117 24.30 -16.01 -24.72
C PRO F 117 24.18 -14.52 -25.00
N LEU F 118 24.20 -13.69 -23.97
CA LEU F 118 24.11 -12.25 -24.19
C LEU F 118 25.32 -11.73 -24.95
N GLN F 119 26.50 -12.24 -24.63
CA GLN F 119 27.71 -11.80 -25.34
C GLN F 119 27.68 -12.25 -26.79
N ILE F 120 27.20 -13.47 -27.05
CA ILE F 120 27.06 -13.93 -28.43
C ILE F 120 26.06 -13.06 -29.18
N ALA F 121 24.97 -12.68 -28.52
CA ALA F 121 23.98 -11.82 -29.16
C ALA F 121 24.57 -10.46 -29.48
N MET F 122 25.36 -9.89 -28.57
CA MET F 122 26.01 -8.61 -28.84
C MET F 122 26.98 -8.72 -30.00
N LYS F 123 27.73 -9.82 -30.05
CA LYS F 123 28.65 -10.04 -31.16
C LYS F 123 27.91 -10.15 -32.48
N GLU F 124 26.77 -10.84 -32.48
CA GLU F 124 25.95 -10.92 -33.68
C GLU F 124 25.43 -9.55 -34.10
N LEU F 125 24.99 -8.76 -33.12
CA LEU F 125 24.43 -7.44 -33.44
C LEU F 125 25.50 -6.53 -34.03
N SER F 126 26.71 -6.56 -33.48
CA SER F 126 27.77 -5.69 -33.98
C SER F 126 28.09 -5.98 -35.43
N GLN F 127 27.94 -7.22 -35.87
CA GLN F 127 28.23 -7.62 -37.25
C GLN F 127 27.02 -7.57 -38.16
N ARG F 128 25.87 -7.11 -37.66
CA ARG F 128 24.64 -7.02 -38.44
C ARG F 128 24.23 -8.38 -38.97
N LYS F 129 24.19 -9.37 -38.08
CA LYS F 129 23.86 -10.75 -38.44
C LYS F 129 22.64 -11.28 -37.70
N ILE F 130 21.92 -10.44 -36.97
CA ILE F 130 20.74 -10.90 -36.22
C ILE F 130 19.58 -11.06 -37.19
N PRO F 131 18.96 -12.24 -37.24
CA PRO F 131 17.88 -12.49 -38.20
C PRO F 131 16.50 -12.14 -37.65
N LEU F 132 16.35 -10.90 -37.19
CA LEU F 132 15.08 -10.44 -36.64
C LEU F 132 14.66 -9.16 -37.35
N VAL F 133 13.36 -8.90 -37.29
CA VAL F 133 12.75 -7.74 -37.94
C VAL F 133 12.01 -6.94 -36.89
N ILE F 134 12.23 -5.63 -36.88
CA ILE F 134 11.51 -4.72 -36.01
C ILE F 134 10.28 -4.23 -36.74
N ARG F 135 9.14 -4.27 -36.09
CA ARG F 135 7.89 -3.76 -36.64
C ARG F 135 7.45 -2.59 -35.78
N ARG F 136 7.59 -1.37 -36.33
CA ARG F 136 7.33 -0.16 -35.58
C ARG F 136 5.89 0.29 -35.80
N TYR F 137 5.12 0.37 -34.72
CA TYR F 137 3.70 0.65 -34.82
C TYR F 137 3.45 2.15 -34.75
N LEU F 138 2.89 2.70 -35.81
CA LEU F 138 2.47 4.09 -35.83
C LEU F 138 1.17 4.25 -35.04
N PRO F 139 0.86 5.46 -34.59
CA PRO F 139 -0.32 5.64 -33.73
C PRO F 139 -1.63 5.24 -34.39
N ASP F 140 -1.75 5.38 -35.71
CA ASP F 140 -3.01 5.05 -36.37
C ASP F 140 -3.20 3.56 -36.61
N GLY F 141 -2.19 2.74 -36.34
CA GLY F 141 -2.26 1.32 -36.53
C GLY F 141 -1.39 0.79 -37.65
N SER F 142 -1.00 1.64 -38.59
CA SER F 142 -0.07 1.21 -39.62
C SER F 142 1.31 0.99 -39.01
N TYR F 143 2.15 0.25 -39.74
CA TYR F 143 3.44 -0.14 -39.20
C TYR F 143 4.49 -0.14 -40.30
N GLU F 144 5.75 -0.07 -39.88
CA GLU F 144 6.90 -0.19 -40.76
C GLU F 144 7.76 -1.36 -40.30
N ASP F 145 8.17 -2.19 -41.24
CA ASP F 145 9.03 -3.34 -40.95
C ASP F 145 10.46 -2.99 -41.31
N TRP F 146 11.33 -2.97 -40.31
CA TRP F 146 12.75 -2.70 -40.51
C TRP F 146 13.55 -3.93 -40.13
N GLY F 147 14.45 -4.34 -41.00
CA GLY F 147 15.37 -5.42 -40.66
C GLY F 147 16.48 -4.91 -39.76
N CYS F 148 16.89 -5.75 -38.81
CA CYS F 148 17.98 -5.36 -37.92
C CYS F 148 19.30 -5.25 -38.65
N ASP F 149 19.40 -5.76 -39.88
CA ASP F 149 20.60 -5.62 -40.68
C ASP F 149 20.65 -4.30 -41.43
N GLU F 150 19.55 -3.55 -41.48
CA GLU F 150 19.52 -2.27 -42.17
C GLU F 150 19.31 -1.10 -41.22
N LEU F 151 19.19 -1.34 -39.92
CA LEU F 151 19.13 -0.27 -38.94
C LEU F 151 20.52 0.02 -38.42
N ILE F 152 20.86 1.31 -38.36
CA ILE F 152 22.19 1.72 -37.93
C ILE F 152 22.26 1.61 -36.40
N VAL F 153 23.32 0.99 -35.91
CA VAL F 153 23.54 0.79 -34.48
C VAL F 153 24.81 1.53 -34.06
N ASP F 154 24.73 2.22 -32.94
CA ASP F 154 25.88 2.96 -32.43
C ASP F 154 26.83 2.05 -31.66
N MET G 1 -21.19 -34.03 -47.40
CA MET G 1 -21.03 -33.31 -48.66
C MET G 1 -19.69 -32.59 -48.69
N PHE G 2 -19.02 -32.66 -49.84
CA PHE G 2 -17.69 -32.07 -49.97
C PHE G 2 -17.78 -30.59 -50.30
N PHE G 3 -16.79 -29.85 -49.83
CA PHE G 3 -16.76 -28.40 -50.03
C PHE G 3 -15.32 -27.93 -50.17
N LEU G 4 -15.17 -26.72 -50.69
CA LEU G 4 -13.91 -25.99 -50.65
C LEU G 4 -14.02 -24.86 -49.65
N LYS G 5 -13.09 -24.79 -48.72
CA LYS G 5 -13.10 -23.78 -47.67
C LYS G 5 -11.72 -23.16 -47.55
N ASP G 6 -11.69 -21.88 -47.18
CA ASP G 6 -10.45 -21.17 -46.88
C ASP G 6 -10.25 -21.19 -45.38
N LEU G 7 -9.30 -21.99 -44.91
CA LEU G 7 -9.05 -22.16 -43.49
C LEU G 7 -7.72 -21.52 -43.11
N SER G 8 -7.53 -21.29 -41.82
CA SER G 8 -6.32 -20.71 -41.28
C SER G 8 -5.86 -21.51 -40.07
N LEU G 9 -4.54 -21.58 -39.89
CA LEU G 9 -3.95 -22.33 -38.80
C LEU G 9 -2.87 -21.50 -38.13
N ILE G 10 -2.79 -21.60 -36.80
CA ILE G 10 -1.74 -20.96 -36.02
C ILE G 10 -0.67 -22.00 -35.73
N LEU G 11 0.54 -21.75 -36.19
CA LEU G 11 1.66 -22.68 -36.07
C LEU G 11 2.76 -22.04 -35.25
N THR G 12 3.20 -22.75 -34.21
CA THR G 12 4.28 -22.28 -33.34
C THR G 12 5.52 -23.09 -33.62
N LEU G 13 6.65 -22.40 -33.81
CA LEU G 13 7.90 -23.03 -34.18
C LEU G 13 8.95 -22.80 -33.10
N HIS G 14 9.65 -23.86 -32.72
CA HIS G 14 10.70 -23.74 -31.72
C HIS G 14 11.94 -23.09 -32.33
N PRO G 15 12.70 -22.33 -31.55
CA PRO G 15 13.88 -21.64 -32.11
C PRO G 15 14.92 -22.57 -32.68
N SER G 16 14.94 -23.85 -32.29
CA SER G 16 15.94 -24.76 -32.82
C SER G 16 15.76 -25.02 -34.31
N TYR G 17 14.62 -24.65 -34.89
CA TYR G 17 14.35 -24.85 -36.30
C TYR G 17 14.51 -23.57 -37.12
N PHE G 18 15.11 -22.53 -36.54
CA PHE G 18 15.29 -21.26 -37.24
C PHE G 18 16.44 -21.38 -38.23
N GLY G 19 16.15 -22.06 -39.33
CA GLY G 19 17.13 -22.27 -40.37
C GLY G 19 16.62 -21.86 -41.73
N PRO G 20 17.44 -22.04 -42.76
CA PRO G 20 16.99 -21.72 -44.13
C PRO G 20 15.79 -22.55 -44.58
N GLN G 21 15.68 -23.80 -44.11
CA GLN G 21 14.57 -24.67 -44.48
C GLN G 21 13.34 -24.47 -43.61
N MET G 22 13.18 -23.29 -43.00
CA MET G 22 12.06 -23.05 -42.11
C MET G 22 10.73 -23.16 -42.83
N ASN G 23 10.61 -22.57 -44.02
CA ASN G 23 9.32 -22.51 -44.71
C ASN G 23 8.85 -23.90 -45.11
N GLN G 24 9.74 -24.69 -45.73
CA GLN G 24 9.32 -26.03 -46.15
C GLN G 24 8.94 -26.88 -44.94
N TYR G 25 9.70 -26.75 -43.85
CA TYR G 25 9.39 -27.52 -42.64
C TYR G 25 8.02 -27.13 -42.11
N LEU G 26 7.70 -25.84 -42.11
CA LEU G 26 6.36 -25.42 -41.72
C LEU G 26 5.31 -26.02 -42.63
N ARG G 27 5.60 -26.12 -43.92
CA ARG G 27 4.64 -26.72 -44.85
C ARG G 27 4.36 -28.16 -44.51
N GLU G 28 5.42 -28.97 -44.31
CA GLU G 28 5.16 -30.38 -43.98
C GLU G 28 4.51 -30.52 -42.61
N LYS G 29 4.85 -29.64 -41.66
CA LYS G 29 4.19 -29.71 -40.36
C LYS G 29 2.70 -29.44 -40.49
N LEU G 30 2.34 -28.44 -41.29
CA LEU G 30 0.93 -28.14 -41.55
C LEU G 30 0.23 -29.33 -42.19
N LEU G 31 0.88 -29.94 -43.19
CA LEU G 31 0.27 -31.07 -43.88
C LEU G 31 0.05 -32.24 -42.92
N THR G 32 1.05 -32.54 -42.09
CA THR G 32 0.89 -33.64 -41.15
C THR G 32 -0.16 -33.35 -40.09
N ASP G 33 -0.32 -32.09 -39.70
CA ASP G 33 -1.24 -31.75 -38.62
C ASP G 33 -2.66 -31.42 -39.10
N VAL G 34 -2.90 -31.33 -40.40
CA VAL G 34 -4.21 -30.99 -40.92
C VAL G 34 -4.82 -32.14 -41.74
N GLU G 35 -4.00 -32.77 -42.58
CA GLU G 35 -4.50 -33.87 -43.41
C GLU G 35 -5.04 -34.99 -42.54
N GLY G 36 -6.32 -35.33 -42.74
CA GLY G 36 -6.93 -36.45 -42.06
C GLY G 36 -7.55 -36.14 -40.72
N THR G 37 -7.38 -34.93 -40.19
CA THR G 37 -7.96 -34.61 -38.91
C THR G 37 -9.48 -34.44 -39.02
N CYS G 38 -10.15 -34.46 -37.88
CA CYS G 38 -11.60 -34.37 -37.82
C CYS G 38 -11.99 -33.32 -36.79
N THR G 39 -12.56 -32.22 -37.26
CA THR G 39 -13.05 -31.15 -36.40
C THR G 39 -14.57 -31.09 -36.49
N GLY G 40 -15.22 -31.04 -35.33
CA GLY G 40 -16.68 -31.03 -35.32
C GLY G 40 -17.28 -29.83 -36.04
N GLN G 41 -16.61 -28.68 -35.95
CA GLN G 41 -17.12 -27.47 -36.60
C GLN G 41 -17.14 -27.63 -38.12
N PHE G 42 -16.09 -28.22 -38.69
CA PHE G 42 -15.96 -28.33 -40.13
C PHE G 42 -16.20 -29.72 -40.67
N GLY G 43 -15.93 -30.76 -39.90
CA GLY G 43 -16.08 -32.12 -40.39
C GLY G 43 -14.74 -32.82 -40.53
N TYR G 44 -14.42 -33.26 -41.73
CA TYR G 44 -13.18 -33.95 -42.02
C TYR G 44 -12.43 -33.19 -43.11
N ILE G 45 -11.17 -32.88 -42.85
CA ILE G 45 -10.29 -32.28 -43.84
C ILE G 45 -9.54 -33.43 -44.53
N VAL G 46 -9.75 -33.57 -45.84
CA VAL G 46 -9.21 -34.71 -46.56
C VAL G 46 -7.92 -34.35 -47.29
N THR G 47 -7.87 -33.21 -47.97
CA THR G 47 -6.67 -32.78 -48.67
C THR G 47 -6.55 -31.26 -48.60
N VAL G 48 -5.33 -30.79 -48.81
CA VAL G 48 -5.02 -29.37 -48.87
C VAL G 48 -4.54 -29.07 -50.29
N LEU G 49 -5.23 -28.15 -50.97
CA LEU G 49 -4.86 -27.80 -52.33
C LEU G 49 -3.62 -26.92 -52.33
N ASP G 50 -2.79 -27.11 -53.36
CA ASP G 50 -1.55 -26.35 -53.52
C ASP G 50 -0.68 -26.45 -52.29
N GLY G 51 -0.46 -27.69 -51.84
CA GLY G 51 0.20 -27.93 -50.57
C GLY G 51 1.65 -27.50 -50.51
N MET G 52 2.29 -27.31 -51.65
CA MET G 52 3.70 -26.94 -51.70
C MET G 52 3.92 -25.46 -51.99
N ASN G 53 2.85 -24.68 -52.13
CA ASN G 53 2.96 -23.25 -52.41
C ASN G 53 2.04 -22.46 -51.50
N ILE G 54 2.02 -22.80 -50.22
CA ILE G 54 1.19 -22.10 -49.24
C ILE G 54 1.99 -20.95 -48.64
N ASP G 55 1.40 -19.76 -48.62
CA ASP G 55 2.04 -18.62 -47.99
C ASP G 55 1.95 -18.73 -46.48
N VAL G 56 3.07 -18.44 -45.81
CA VAL G 56 3.13 -18.49 -44.35
C VAL G 56 3.33 -17.13 -43.72
N GLY G 57 3.75 -16.12 -44.49
CA GLY G 57 3.90 -14.80 -43.91
C GLY G 57 5.13 -14.72 -43.02
N LYS G 58 5.10 -13.72 -42.14
CA LYS G 58 6.18 -13.47 -41.20
C LYS G 58 5.75 -13.90 -39.81
N GLY G 59 6.57 -14.71 -39.16
CA GLY G 59 6.25 -15.17 -37.82
C GLY G 59 6.61 -14.14 -36.77
N ARG G 60 5.80 -14.10 -35.74
CA ARG G 60 5.95 -13.15 -34.65
C ARG G 60 6.57 -13.84 -33.44
N ILE G 61 7.60 -13.24 -32.88
CA ILE G 61 8.29 -13.83 -31.73
C ILE G 61 7.44 -13.62 -30.49
N ILE G 62 7.10 -14.71 -29.81
CA ILE G 62 6.30 -14.60 -28.59
C ILE G 62 7.16 -14.00 -27.48
N PRO G 63 6.78 -12.88 -26.89
CA PRO G 63 7.61 -12.29 -25.84
C PRO G 63 7.69 -13.20 -24.63
N GLY G 64 8.93 -13.46 -24.19
CA GLY G 64 9.16 -14.28 -23.03
C GLY G 64 9.32 -15.77 -23.27
N SER G 65 9.08 -16.24 -24.50
CA SER G 65 9.25 -17.65 -24.79
C SER G 65 10.04 -17.94 -26.06
N GLY G 66 10.39 -16.95 -26.85
CA GLY G 66 11.31 -17.14 -27.94
C GLY G 66 10.72 -17.76 -29.20
N SER G 67 9.75 -18.66 -29.01
CA SER G 67 9.14 -19.34 -30.15
C SER G 67 8.40 -18.36 -31.04
N ALA G 68 8.46 -18.62 -32.35
CA ALA G 68 7.76 -17.79 -33.33
C ALA G 68 6.39 -18.38 -33.63
N GLU G 69 5.42 -17.49 -33.84
CA GLU G 69 4.05 -17.86 -34.13
C GLU G 69 3.71 -17.47 -35.56
N PHE G 70 3.27 -18.44 -36.36
CA PHE G 70 2.97 -18.23 -37.77
C PHE G 70 1.49 -18.39 -38.02
N GLU G 71 0.94 -17.53 -38.87
CA GLU G 71 -0.45 -17.60 -39.29
C GLU G 71 -0.50 -18.10 -40.73
N VAL G 72 -0.99 -19.32 -40.92
CA VAL G 72 -0.97 -19.99 -42.22
C VAL G 72 -2.39 -20.08 -42.73
N LYS G 73 -2.62 -19.51 -43.91
CA LYS G 73 -3.92 -19.54 -44.58
C LYS G 73 -3.84 -20.47 -45.78
N TYR G 74 -4.84 -21.34 -45.92
CA TYR G 74 -4.80 -22.35 -46.97
C TYR G 74 -6.22 -22.72 -47.37
N ARG G 75 -6.34 -23.33 -48.55
CA ARG G 75 -7.60 -23.83 -49.08
C ARG G 75 -7.58 -25.35 -49.05
N ALA G 76 -8.63 -25.95 -48.50
CA ALA G 76 -8.68 -27.39 -48.32
C ALA G 76 -10.06 -27.92 -48.67
N VAL G 77 -10.08 -29.21 -49.02
CA VAL G 77 -11.33 -29.91 -49.30
C VAL G 77 -11.86 -30.48 -47.99
N VAL G 78 -13.12 -30.18 -47.68
CA VAL G 78 -13.71 -30.59 -46.43
C VAL G 78 -15.04 -31.29 -46.71
N TRP G 79 -15.27 -32.38 -45.97
CA TRP G 79 -16.51 -33.15 -46.06
C TRP G 79 -17.21 -33.10 -44.72
N LYS G 80 -18.51 -32.78 -44.75
CA LYS G 80 -19.30 -32.76 -43.52
C LYS G 80 -20.73 -33.20 -43.79
N PRO G 81 -21.24 -34.18 -43.06
CA PRO G 81 -22.64 -34.57 -43.21
C PRO G 81 -23.57 -33.53 -42.59
N PHE G 82 -24.80 -33.51 -43.10
CA PHE G 82 -25.82 -32.59 -42.62
C PHE G 82 -27.07 -33.36 -42.22
N LYS G 83 -27.80 -32.82 -41.25
CA LYS G 83 -29.05 -33.43 -40.83
C LYS G 83 -30.05 -33.45 -41.97
N GLY G 84 -30.69 -34.61 -42.16
CA GLY G 84 -31.69 -34.73 -43.20
C GLY G 84 -31.14 -34.87 -44.60
N GLU G 85 -29.95 -35.46 -44.75
CA GLU G 85 -29.34 -35.65 -46.06
C GLU G 85 -29.26 -37.12 -46.39
N VAL G 86 -29.54 -37.45 -47.66
CA VAL G 86 -29.54 -38.82 -48.15
C VAL G 86 -28.27 -39.03 -48.95
N VAL G 87 -27.47 -40.02 -48.55
CA VAL G 87 -26.20 -40.31 -49.20
C VAL G 87 -26.04 -41.81 -49.36
N ASP G 88 -25.10 -42.19 -50.24
CA ASP G 88 -24.77 -43.58 -50.46
C ASP G 88 -23.84 -44.08 -49.35
N ALA G 89 -23.79 -45.39 -49.19
CA ALA G 89 -23.01 -45.99 -48.12
C ALA G 89 -22.67 -47.43 -48.47
N ILE G 90 -21.76 -48.01 -47.69
CA ILE G 90 -21.41 -49.42 -47.79
C ILE G 90 -21.45 -50.01 -46.38
N VAL G 91 -22.21 -51.09 -46.21
CA VAL G 91 -22.38 -51.69 -44.90
C VAL G 91 -21.07 -52.33 -44.46
N SER G 92 -20.65 -52.01 -43.23
CA SER G 92 -19.41 -52.53 -42.69
C SER G 92 -19.61 -53.64 -41.66
N ASN G 93 -20.76 -53.68 -40.99
CA ASN G 93 -21.00 -54.70 -39.98
C ASN G 93 -22.50 -54.89 -39.81
N VAL G 94 -22.88 -56.10 -39.43
CA VAL G 94 -24.27 -56.45 -39.16
C VAL G 94 -24.37 -56.97 -37.74
N SER G 95 -25.33 -56.45 -36.99
CA SER G 95 -25.48 -56.79 -35.57
C SER G 95 -26.97 -56.77 -35.23
N PRO G 96 -27.38 -57.51 -34.20
CA PRO G 96 -28.81 -57.50 -33.81
C PRO G 96 -29.33 -56.13 -33.45
N ILE G 97 -28.51 -55.27 -32.83
CA ILE G 97 -28.96 -53.93 -32.49
C ILE G 97 -29.06 -53.01 -33.70
N GLY G 98 -28.47 -53.41 -34.82
CA GLY G 98 -28.47 -52.62 -36.04
C GLY G 98 -27.23 -52.89 -36.83
N PHE G 99 -27.06 -52.15 -37.92
CA PHE G 99 -25.93 -52.34 -38.82
C PHE G 99 -25.15 -51.04 -38.95
N PHE G 100 -23.85 -51.17 -39.16
CA PHE G 100 -22.94 -50.04 -39.29
C PHE G 100 -22.49 -49.91 -40.73
N ALA G 101 -22.66 -48.70 -41.28
CA ALA G 101 -22.24 -48.40 -42.64
C ALA G 101 -21.13 -47.36 -42.61
N ASP G 102 -20.48 -47.19 -43.76
CA ASP G 102 -19.37 -46.24 -43.89
C ASP G 102 -19.66 -45.29 -45.03
N VAL G 103 -19.61 -43.99 -44.74
CA VAL G 103 -19.77 -42.94 -45.74
C VAL G 103 -18.45 -42.17 -45.74
N GLY G 104 -17.52 -42.57 -46.61
CA GLY G 104 -16.19 -42.04 -46.57
C GLY G 104 -15.51 -42.35 -45.26
N PRO G 105 -14.93 -41.34 -44.61
CA PRO G 105 -14.33 -41.55 -43.30
C PRO G 105 -15.33 -41.71 -42.18
N LEU G 106 -16.57 -41.28 -42.38
CA LEU G 106 -17.58 -41.35 -41.34
C LEU G 106 -18.20 -42.73 -41.27
N ASN G 107 -18.37 -43.25 -40.06
CA ASN G 107 -19.03 -44.52 -39.82
C ASN G 107 -20.40 -44.23 -39.20
N VAL G 108 -21.45 -44.73 -39.84
CA VAL G 108 -22.83 -44.42 -39.47
C VAL G 108 -23.48 -45.68 -38.91
N PHE G 109 -24.14 -45.54 -37.77
CA PHE G 109 -24.86 -46.63 -37.12
C PHE G 109 -26.36 -46.43 -37.29
N VAL G 110 -27.05 -47.45 -37.78
CA VAL G 110 -28.48 -47.43 -37.98
C VAL G 110 -29.11 -48.47 -37.06
N SER G 111 -30.00 -48.02 -36.17
CA SER G 111 -30.65 -48.93 -35.24
C SER G 111 -31.83 -49.63 -35.92
N THR G 112 -32.26 -50.73 -35.29
CA THR G 112 -33.38 -51.49 -35.84
C THR G 112 -34.66 -50.67 -35.86
N ARG G 113 -34.81 -49.76 -34.90
CA ARG G 113 -35.99 -48.90 -34.83
C ARG G 113 -36.07 -47.92 -35.99
N LEU G 114 -35.00 -47.76 -36.77
CA LEU G 114 -35.00 -46.94 -37.96
C LEU G 114 -34.91 -47.79 -39.24
N ILE G 115 -35.16 -49.08 -39.13
CA ILE G 115 -35.11 -50.00 -40.27
C ILE G 115 -36.52 -50.51 -40.55
N PRO G 116 -36.91 -50.66 -41.81
CA PRO G 116 -38.24 -51.24 -42.10
C PRO G 116 -38.39 -52.62 -41.49
N ASP G 117 -39.61 -52.92 -41.05
CA ASP G 117 -39.86 -54.12 -40.26
C ASP G 117 -39.68 -55.39 -41.09
N ASN G 118 -39.99 -55.34 -42.39
CA ASN G 118 -39.87 -56.53 -43.24
C ASN G 118 -38.43 -57.00 -43.36
N LEU G 119 -37.45 -56.13 -43.11
CA LEU G 119 -36.04 -56.50 -43.18
C LEU G 119 -35.62 -57.11 -41.84
N VAL G 120 -36.16 -58.30 -41.57
CA VAL G 120 -35.87 -59.00 -40.33
C VAL G 120 -34.42 -59.46 -40.33
N TYR G 121 -33.73 -59.24 -39.21
CA TYR G 121 -32.35 -59.66 -39.08
C TYR G 121 -32.26 -61.18 -39.09
N ASN G 122 -31.42 -61.72 -39.96
CA ASN G 122 -31.22 -63.16 -40.08
C ASN G 122 -29.83 -63.51 -39.58
N PRO G 123 -29.70 -64.05 -38.36
CA PRO G 123 -28.36 -64.45 -37.88
C PRO G 123 -27.90 -65.78 -38.45
N SER G 124 -28.81 -66.61 -38.95
CA SER G 124 -28.40 -67.90 -39.52
C SER G 124 -27.75 -67.73 -40.89
N ASN G 125 -28.09 -66.66 -41.61
CA ASN G 125 -27.54 -66.43 -42.94
C ASN G 125 -26.02 -66.21 -42.84
N SER G 126 -25.33 -66.57 -43.93
CA SER G 126 -23.87 -66.47 -43.99
C SER G 126 -23.47 -65.52 -45.10
N PRO G 127 -23.05 -64.28 -44.79
CA PRO G 127 -22.97 -63.74 -43.43
C PRO G 127 -24.31 -63.23 -42.92
N PRO G 128 -24.47 -63.08 -41.60
CA PRO G 128 -25.75 -62.60 -41.05
C PRO G 128 -26.12 -61.25 -41.63
N ALA G 129 -27.42 -61.06 -41.85
CA ALA G 129 -27.90 -59.91 -42.58
C ALA G 129 -29.29 -59.53 -42.11
N TYR G 130 -29.73 -58.35 -42.51
CA TYR G 130 -31.10 -57.89 -42.33
C TYR G 130 -31.79 -58.05 -43.69
N MET G 131 -32.63 -59.06 -43.82
CA MET G 131 -33.15 -59.45 -45.12
C MET G 131 -34.67 -59.44 -45.12
N SER G 132 -35.22 -59.20 -46.30
CA SER G 132 -36.65 -59.31 -46.55
C SER G 132 -36.87 -60.27 -47.71
N ASN G 133 -38.10 -60.34 -48.23
CA ASN G 133 -38.37 -61.24 -49.34
C ASN G 133 -37.57 -60.85 -50.58
N ASP G 134 -37.58 -59.57 -50.92
CA ASP G 134 -36.88 -59.07 -52.10
C ASP G 134 -35.63 -58.27 -51.77
N GLU G 135 -35.32 -58.07 -50.49
CA GLU G 135 -34.16 -57.29 -50.10
C GLU G 135 -33.27 -58.08 -49.15
N LEU G 136 -31.97 -57.93 -49.32
CA LEU G 136 -30.99 -58.59 -48.47
C LEU G 136 -29.79 -57.66 -48.34
N ILE G 137 -29.59 -57.11 -47.15
CA ILE G 137 -28.51 -56.16 -46.89
C ILE G 137 -27.55 -56.79 -45.90
N THR G 138 -26.32 -57.00 -46.34
CA THR G 138 -25.29 -57.65 -45.53
C THR G 138 -24.02 -56.82 -45.64
N LYS G 139 -22.92 -57.37 -45.09
CA LYS G 139 -21.63 -56.70 -45.16
C LYS G 139 -21.21 -56.51 -46.61
N GLY G 140 -20.77 -55.30 -46.95
CA GLY G 140 -20.35 -54.98 -48.29
C GLY G 140 -21.47 -54.61 -49.25
N SER G 141 -22.72 -54.55 -48.79
CA SER G 141 -23.84 -54.24 -49.65
C SER G 141 -24.06 -52.74 -49.74
N LYS G 142 -24.30 -52.24 -50.96
CA LYS G 142 -24.60 -50.83 -51.14
C LYS G 142 -25.96 -50.50 -50.54
N VAL G 143 -26.01 -49.43 -49.77
CA VAL G 143 -27.24 -48.97 -49.13
C VAL G 143 -27.36 -47.46 -49.30
N ARG G 144 -28.58 -46.99 -49.52
CA ARG G 144 -28.87 -45.56 -49.59
C ARG G 144 -29.63 -45.19 -48.33
N LEU G 145 -29.03 -44.33 -47.51
CA LEU G 145 -29.59 -43.98 -46.21
C LEU G 145 -29.62 -42.47 -46.05
N LYS G 146 -30.50 -42.01 -45.15
CA LYS G 146 -30.65 -40.60 -44.84
C LYS G 146 -30.14 -40.34 -43.44
N VAL G 147 -29.19 -39.40 -43.32
CA VAL G 147 -28.62 -39.06 -42.02
C VAL G 147 -29.62 -38.23 -41.25
N VAL G 148 -29.96 -38.69 -40.04
CA VAL G 148 -30.92 -38.00 -39.19
C VAL G 148 -30.26 -37.15 -38.14
N GLY G 149 -29.28 -37.70 -37.42
CA GLY G 149 -28.61 -36.96 -36.36
C GLY G 149 -27.11 -37.15 -36.44
N THR G 150 -26.39 -36.13 -35.99
CA THR G 150 -24.94 -36.14 -35.94
C THR G 150 -24.49 -35.79 -34.53
N ARG G 151 -23.57 -36.58 -33.99
CA ARG G 151 -23.04 -36.38 -32.65
C ARG G 151 -21.61 -35.86 -32.74
N THR G 152 -21.33 -34.79 -32.01
CA THR G 152 -20.02 -34.15 -32.02
C THR G 152 -19.19 -34.65 -30.85
N ASP G 153 -17.97 -35.09 -31.14
CA ASP G 153 -17.03 -35.56 -30.14
C ASP G 153 -15.80 -34.65 -30.16
N VAL G 154 -14.78 -35.04 -29.39
CA VAL G 154 -13.56 -34.24 -29.31
C VAL G 154 -12.94 -34.08 -30.69
N ASN G 155 -12.57 -35.20 -31.32
CA ASN G 155 -12.06 -35.18 -32.68
C ASN G 155 -12.72 -36.25 -33.53
N GLU G 156 -14.00 -36.51 -33.28
CA GLU G 156 -14.73 -37.53 -34.01
C GLU G 156 -16.17 -37.07 -34.20
N ILE G 157 -16.82 -37.62 -35.21
CA ILE G 157 -18.22 -37.32 -35.52
C ILE G 157 -18.98 -38.64 -35.63
N TYR G 158 -20.10 -38.72 -34.91
CA TYR G 158 -20.96 -39.90 -34.93
C TYR G 158 -22.29 -39.51 -35.57
N ALA G 159 -22.68 -40.23 -36.62
CA ALA G 159 -23.91 -39.96 -37.34
C ALA G 159 -24.85 -41.15 -37.23
N ILE G 160 -26.15 -40.86 -37.32
CA ILE G 160 -27.19 -41.88 -37.26
C ILE G 160 -27.99 -41.80 -38.56
N GLY G 161 -28.12 -42.94 -39.23
CA GLY G 161 -28.85 -43.04 -40.48
C GLY G 161 -30.18 -43.76 -40.34
N SER G 162 -30.95 -43.71 -41.40
CA SER G 162 -32.25 -44.38 -41.44
C SER G 162 -32.57 -44.77 -42.87
N ILE G 163 -33.32 -45.87 -43.00
CA ILE G 163 -33.70 -46.40 -44.31
C ILE G 163 -35.20 -46.66 -44.32
N LYS G 164 -35.91 -46.09 -43.36
CA LYS G 164 -37.33 -46.37 -43.18
C LYS G 164 -38.22 -45.62 -44.16
N GLU G 165 -37.72 -44.66 -44.92
CA GLU G 165 -38.52 -43.92 -45.88
C GLU G 165 -38.29 -44.47 -47.28
N ASP G 166 -38.99 -43.88 -48.24
CA ASP G 166 -38.96 -44.39 -49.61
C ASP G 166 -37.63 -44.06 -50.28
N PHE G 167 -37.32 -44.85 -51.32
CA PHE G 167 -36.08 -44.70 -52.09
C PHE G 167 -34.84 -44.92 -51.23
N LEU G 168 -34.99 -45.67 -50.14
CA LEU G 168 -33.90 -45.96 -49.22
C LEU G 168 -33.68 -47.47 -49.19
N GLY G 169 -32.83 -47.91 -48.26
CA GLY G 169 -32.54 -49.32 -48.14
C GLY G 169 -31.49 -49.79 -49.14
N ALA G 170 -31.64 -51.03 -49.60
CA ALA G 170 -30.68 -51.60 -50.53
C ALA G 170 -30.71 -50.87 -51.86
N ILE G 171 -29.54 -50.74 -52.47
CA ILE G 171 -29.41 -50.17 -53.80
C ILE G 171 -28.41 -50.98 -54.61
N SER H 3 71.12 22.88 -27.49
CA SER H 3 70.88 22.20 -26.23
C SER H 3 69.95 23.02 -25.33
N ALA H 4 70.41 24.20 -24.93
CA ALA H 4 69.64 25.10 -24.08
C ALA H 4 68.89 26.10 -24.96
N LEU H 5 67.63 26.32 -24.64
CA LEU H 5 66.77 27.15 -25.46
C LEU H 5 66.68 28.60 -24.96
N PHE H 6 67.11 28.86 -23.73
CA PHE H 6 67.07 30.19 -23.18
C PHE H 6 68.04 30.24 -22.00
N ASP H 7 68.69 31.38 -21.83
CA ASP H 7 69.66 31.55 -20.75
C ASP H 7 69.73 33.01 -20.38
N ASP H 8 69.78 33.29 -19.08
CA ASP H 8 69.82 34.66 -18.58
C ASP H 8 70.14 34.60 -17.09
N ILE H 9 70.33 35.79 -16.50
CA ILE H 9 70.58 35.94 -15.08
C ILE H 9 69.57 36.93 -14.52
N PHE H 10 68.88 36.53 -13.45
CA PHE H 10 67.79 37.32 -12.90
C PHE H 10 68.11 37.74 -11.49
N THR H 11 67.61 38.92 -11.11
CA THR H 11 67.70 39.41 -9.74
C THR H 11 66.30 39.42 -9.14
N VAL H 12 66.15 38.78 -7.99
CA VAL H 12 64.85 38.62 -7.38
C VAL H 12 64.41 39.93 -6.77
N GLN H 13 63.25 40.44 -7.22
CA GLN H 13 62.70 41.67 -6.66
C GLN H 13 61.84 41.39 -5.44
N THR H 14 60.88 40.47 -5.57
CA THR H 14 59.92 40.19 -4.50
C THR H 14 59.84 38.69 -4.29
N VAL H 15 59.67 38.29 -3.04
CA VAL H 15 59.42 36.90 -2.67
C VAL H 15 58.14 36.88 -1.85
N ASP H 16 57.13 36.17 -2.34
CA ASP H 16 55.83 36.14 -1.69
C ASP H 16 55.54 34.71 -1.23
N ASN H 17 55.48 34.52 0.09
CA ASN H 17 55.06 33.23 0.63
C ASN H 17 53.54 33.11 0.61
N GLY H 18 52.85 34.08 1.20
CA GLY H 18 51.41 34.12 1.16
C GLY H 18 50.73 32.98 1.87
N ARG H 19 49.79 32.33 1.17
CA ARG H 19 48.98 31.30 1.80
C ARG H 19 49.81 30.09 2.20
N TYR H 20 50.78 29.71 1.37
CA TYR H 20 51.46 28.43 1.48
C TYR H 20 52.68 28.52 2.39
N ASN H 21 53.20 27.34 2.73
CA ASN H 21 54.41 27.22 3.53
C ASN H 21 55.61 26.73 2.74
N LYS H 22 55.39 25.86 1.77
CA LYS H 22 56.48 25.25 1.02
C LYS H 22 56.65 25.84 -0.37
N VAL H 23 55.88 26.87 -0.73
CA VAL H 23 55.88 27.41 -2.08
C VAL H 23 56.01 28.92 -1.99
N SER H 24 56.89 29.49 -2.82
CA SER H 24 57.12 30.92 -2.87
C SER H 24 57.02 31.42 -4.30
N ARG H 25 56.38 32.57 -4.48
CA ARG H 25 56.41 33.30 -5.74
C ARG H 25 57.60 34.26 -5.74
N ILE H 26 58.43 34.17 -6.76
CA ILE H 26 59.54 35.11 -6.93
C ILE H 26 59.37 35.83 -8.25
N ILE H 27 59.70 37.11 -8.26
CA ILE H 27 59.63 37.95 -9.45
C ILE H 27 61.03 38.48 -9.73
N GLY H 28 61.50 38.31 -10.95
CA GLY H 28 62.84 38.73 -11.31
C GLY H 28 62.86 39.38 -12.67
N ILE H 29 63.83 40.28 -12.84
CA ILE H 29 64.07 40.95 -14.12
C ILE H 29 65.51 40.66 -14.53
N SER H 30 65.70 40.45 -15.82
CA SER H 30 67.02 40.12 -16.33
C SER H 30 67.98 41.30 -16.16
N THR H 31 69.21 41.00 -15.75
CA THR H 31 70.20 42.06 -15.58
C THR H 31 70.69 42.57 -16.92
N THR H 32 70.91 41.68 -17.89
CA THR H 32 71.45 42.09 -19.18
C THR H 32 70.40 42.75 -20.06
N ASN H 33 69.11 42.59 -19.75
CA ASN H 33 68.05 43.08 -20.62
C ASN H 33 66.80 43.29 -19.77
N SER H 34 66.40 44.54 -19.57
CA SER H 34 65.13 44.79 -18.92
C SER H 34 63.98 44.37 -19.84
N ALA H 35 62.76 44.58 -19.38
CA ALA H 35 61.54 44.17 -20.06
C ALA H 35 61.44 42.65 -20.20
N ILE H 36 62.31 41.89 -19.55
CA ILE H 36 62.18 40.45 -19.43
C ILE H 36 61.86 40.15 -17.97
N LYS H 37 60.68 39.59 -17.73
CA LYS H 37 60.20 39.32 -16.39
C LYS H 37 60.09 37.80 -16.20
N LEU H 38 60.22 37.37 -14.95
CA LEU H 38 60.07 35.96 -14.59
C LEU H 38 59.26 35.88 -13.30
N THR H 39 58.05 35.34 -13.40
CA THR H 39 57.27 34.97 -12.23
C THR H 39 57.31 33.46 -12.11
N LEU H 40 57.62 32.96 -10.91
CA LEU H 40 57.90 31.54 -10.76
C LEU H 40 57.45 31.04 -9.39
N ASP H 41 56.97 29.80 -9.36
CA ASP H 41 56.77 29.07 -8.11
C ASP H 41 57.98 28.17 -7.85
N ILE H 42 58.50 28.19 -6.62
CA ILE H 42 59.60 27.33 -6.23
C ILE H 42 59.26 26.66 -4.91
N ASN H 43 59.98 25.59 -4.61
CA ASN H 43 59.84 24.89 -3.35
C ASN H 43 60.82 25.49 -2.35
N ASN H 44 60.29 26.06 -1.27
CA ASN H 44 61.14 26.76 -0.31
C ASN H 44 62.13 25.80 0.35
N GLU H 45 61.66 24.61 0.74
CA GLU H 45 62.47 23.70 1.54
C GLU H 45 63.65 23.14 0.78
N MET H 46 63.59 23.11 -0.55
CA MET H 46 64.67 22.55 -1.35
C MET H 46 65.57 23.61 -1.97
N PHE H 47 65.00 24.71 -2.45
CA PHE H 47 65.75 25.81 -3.02
C PHE H 47 65.28 27.12 -2.42
N PRO H 48 65.66 27.38 -1.17
CA PRO H 48 65.26 28.65 -0.55
C PRO H 48 65.98 29.83 -1.20
N VAL H 49 65.24 30.92 -1.39
CA VAL H 49 65.78 32.13 -1.99
C VAL H 49 65.43 33.32 -1.11
N SER H 50 66.20 34.38 -1.28
CA SER H 50 65.99 35.62 -0.56
C SER H 50 65.92 36.77 -1.55
N GLN H 51 65.44 37.92 -1.08
CA GLN H 51 65.33 39.09 -1.94
C GLN H 51 66.70 39.54 -2.42
N ASP H 52 66.73 40.08 -3.63
CA ASP H 52 67.93 40.61 -4.27
C ASP H 52 68.97 39.54 -4.56
N ASP H 53 68.56 38.28 -4.59
CA ASP H 53 69.47 37.22 -5.00
C ASP H 53 69.66 37.24 -6.51
N SER H 54 70.75 36.62 -6.96
CA SER H 54 71.04 36.48 -8.38
C SER H 54 70.90 35.01 -8.76
N LEU H 55 70.04 34.74 -9.74
CA LEU H 55 69.74 33.39 -10.17
C LEU H 55 70.10 33.24 -11.64
N THR H 56 70.76 32.13 -11.98
CA THR H 56 71.03 31.79 -13.37
C THR H 56 69.94 30.83 -13.83
N VAL H 57 69.06 31.30 -14.71
CA VAL H 57 67.92 30.53 -15.18
C VAL H 57 68.20 30.07 -16.59
N THR H 58 67.99 28.78 -16.84
CA THR H 58 68.19 28.18 -18.15
C THR H 58 66.97 27.33 -18.48
N LEU H 59 66.51 27.42 -19.72
CA LEU H 59 65.38 26.62 -20.18
C LEU H 59 65.86 25.70 -21.29
N ALA H 60 65.57 24.41 -21.16
CA ALA H 60 65.99 23.44 -22.15
C ALA H 60 64.83 22.53 -22.49
N ASN H 61 64.86 21.97 -23.70
CA ASN H 61 63.85 21.01 -24.12
C ASN H 61 64.29 19.58 -23.87
N SER H 62 65.51 19.37 -23.39
CA SER H 62 66.01 18.03 -23.07
C SER H 62 67.23 18.17 -22.19
N LEU H 63 67.44 17.19 -21.32
CA LEU H 63 68.58 17.19 -20.43
C LEU H 63 69.77 16.41 -20.97
N SER H 64 69.66 15.82 -22.15
CA SER H 64 70.73 15.02 -22.69
C SER H 64 71.90 15.89 -23.13
N LEU H 65 73.05 15.27 -23.32
CA LEU H 65 74.26 15.96 -23.74
C LEU H 65 74.78 15.44 -25.07
N LYS H 76 60.00 5.54 -21.96
CA LYS H 76 59.46 6.83 -21.52
C LYS H 76 59.25 6.86 -20.02
N SER H 77 59.15 5.67 -19.43
CA SER H 77 58.95 5.57 -17.99
C SER H 77 60.15 6.14 -17.24
N TRP H 78 59.88 7.01 -16.27
CA TRP H 78 60.94 7.59 -15.47
C TRP H 78 61.59 6.53 -14.59
N ARG H 79 62.89 6.66 -14.40
CA ARG H 79 63.65 5.78 -13.53
C ARG H 79 64.58 6.62 -12.68
N PRO H 80 64.89 6.17 -11.47
CA PRO H 80 65.88 6.87 -10.66
C PRO H 80 67.20 6.94 -11.39
N PRO H 81 67.85 8.10 -11.39
CA PRO H 81 69.06 8.25 -12.20
C PRO H 81 70.22 7.45 -11.63
N LYS H 82 70.89 6.69 -12.49
CA LYS H 82 72.09 5.99 -12.08
C LYS H 82 73.20 6.99 -11.75
N PRO H 83 74.02 6.71 -10.74
CA PRO H 83 75.13 7.62 -10.45
C PRO H 83 76.15 7.72 -11.57
N THR H 84 76.23 6.71 -12.44
CA THR H 84 77.24 6.71 -13.49
C THR H 84 76.90 7.65 -14.64
N ASP H 85 75.63 7.80 -14.98
CA ASP H 85 75.27 8.63 -16.11
C ASP H 85 75.37 10.11 -15.76
N LYS H 86 75.60 10.93 -16.78
CA LYS H 86 75.72 12.36 -16.62
C LYS H 86 74.74 13.06 -17.56
N SER H 87 74.15 14.14 -17.07
CA SER H 87 73.17 14.89 -17.84
C SER H 87 73.37 16.37 -17.60
N LEU H 88 72.57 17.19 -18.28
CA LEU H 88 72.71 18.64 -18.17
C LEU H 88 72.41 19.12 -16.76
N ALA H 89 71.63 18.36 -16.00
CA ALA H 89 71.22 18.80 -14.66
C ALA H 89 72.37 18.76 -13.65
N ASP H 90 73.52 18.19 -14.01
CA ASP H 90 74.63 18.08 -13.07
C ASP H 90 75.25 19.42 -12.72
N ASP H 91 74.93 20.47 -13.46
CA ASP H 91 75.55 21.78 -13.27
C ASP H 91 74.68 22.75 -12.49
N TYR H 92 73.48 22.34 -12.09
CA TYR H 92 72.50 23.25 -11.51
C TYR H 92 72.01 22.72 -10.17
N ASP H 93 71.35 23.61 -9.43
CA ASP H 93 70.91 23.30 -8.08
C ASP H 93 69.43 22.99 -7.97
N TYR H 94 68.65 23.22 -9.03
CA TYR H 94 67.21 23.08 -8.94
C TYR H 94 66.67 22.90 -10.36
N VAL H 95 66.15 21.72 -10.66
CA VAL H 95 65.64 21.38 -11.97
C VAL H 95 64.18 20.99 -11.86
N MET H 96 63.34 21.57 -12.72
CA MET H 96 61.94 21.24 -12.78
C MET H 96 61.56 20.90 -14.21
N PHE H 97 60.45 20.17 -14.36
CA PHE H 97 59.97 19.76 -15.68
C PHE H 97 58.48 20.09 -15.76
N GLY H 98 58.07 20.77 -16.82
CA GLY H 98 56.70 21.20 -16.94
C GLY H 98 56.24 21.23 -18.38
N THR H 99 54.96 21.55 -18.55
CA THR H 99 54.34 21.64 -19.86
C THR H 99 53.94 23.07 -20.16
N VAL H 100 54.17 23.49 -21.40
CA VAL H 100 53.80 24.83 -21.83
C VAL H 100 52.34 24.82 -22.25
N TYR H 101 51.50 25.57 -21.53
CA TYR H 101 50.08 25.57 -21.81
C TYR H 101 49.58 26.87 -22.41
N LYS H 102 50.46 27.80 -22.74
CA LYS H 102 50.03 29.05 -23.37
C LYS H 102 51.26 29.75 -23.94
N PHE H 103 51.19 30.16 -25.20
CA PHE H 103 52.25 30.91 -25.87
C PHE H 103 51.59 32.14 -26.47
N GLU H 104 51.50 33.22 -25.70
CA GLU H 104 50.75 34.40 -26.11
C GLU H 104 51.59 35.22 -27.09
N GLU H 105 51.30 35.08 -28.38
CA GLU H 105 51.88 35.95 -29.40
C GLU H 105 51.15 37.28 -29.33
N GLY H 106 51.62 38.12 -28.41
CA GLY H 106 50.91 39.34 -28.07
C GLY H 106 51.20 40.50 -29.00
N ASP H 107 51.62 41.62 -28.42
CA ASP H 107 51.82 42.85 -29.19
C ASP H 107 53.10 42.73 -30.01
N GLU H 108 53.58 43.87 -30.51
CA GLU H 108 54.70 43.90 -31.45
C GLU H 108 55.89 43.07 -30.96
N ASP H 109 56.28 43.26 -29.70
CA ASP H 109 57.37 42.47 -29.16
C ASP H 109 57.11 42.00 -27.73
N LYS H 110 55.84 41.81 -27.37
CA LYS H 110 55.48 41.33 -26.04
C LYS H 110 55.00 39.89 -26.17
N ILE H 111 55.83 38.95 -25.71
CA ILE H 111 55.54 37.53 -25.78
C ILE H 111 55.50 36.98 -24.36
N LYS H 112 54.44 36.26 -24.03
CA LYS H 112 54.28 35.62 -22.73
C LYS H 112 54.23 34.11 -22.91
N VAL H 113 55.01 33.41 -22.10
CA VAL H 113 55.02 31.95 -22.10
C VAL H 113 54.61 31.48 -20.71
N TYR H 114 53.53 30.70 -20.66
CA TYR H 114 53.05 30.13 -19.41
C TYR H 114 53.43 28.67 -19.36
N VAL H 115 54.09 28.27 -18.28
CA VAL H 115 54.54 26.90 -18.07
C VAL H 115 54.10 26.45 -16.69
N SER H 116 53.60 25.22 -16.61
CA SER H 116 53.09 24.67 -15.36
C SER H 116 53.92 23.43 -15.01
N PHE H 117 54.67 23.51 -13.91
CA PHE H 117 55.47 22.38 -13.44
C PHE H 117 54.65 21.60 -12.42
N GLY H 118 53.67 20.86 -12.92
CA GLY H 118 52.80 20.08 -12.07
C GLY H 118 52.00 20.90 -11.09
N GLY H 119 51.51 22.06 -11.52
CA GLY H 119 50.76 22.95 -10.67
C GLY H 119 51.53 24.15 -10.17
N LEU H 120 52.86 24.13 -10.28
CA LEU H 120 53.69 25.27 -9.93
C LEU H 120 53.94 26.09 -11.18
N LEU H 121 53.45 27.32 -11.19
CA LEU H 121 53.29 28.07 -12.42
C LEU H 121 54.46 29.02 -12.65
N MET H 122 54.77 29.23 -13.94
CA MET H 122 55.80 30.17 -14.35
C MET H 122 55.30 30.97 -15.54
N CYS H 123 55.56 32.28 -15.53
CA CYS H 123 55.25 33.14 -16.65
C CYS H 123 56.50 33.92 -17.04
N LEU H 124 56.82 33.92 -18.33
CA LEU H 124 58.05 34.55 -18.82
C LEU H 124 57.67 35.58 -19.87
N GLU H 125 57.84 36.86 -19.54
CA GLU H 125 57.60 37.97 -20.44
C GLU H 125 58.91 38.38 -21.10
N GLY H 126 58.86 38.65 -22.40
CA GLY H 126 60.06 39.08 -23.09
C GLY H 126 59.78 39.36 -24.54
N GLY H 127 60.84 39.77 -25.25
CA GLY H 127 60.72 40.04 -26.66
C GLY H 127 60.63 38.78 -27.49
N TYR H 128 60.18 38.94 -28.73
CA TYR H 128 59.99 37.79 -29.61
C TYR H 128 61.32 37.11 -29.93
N LYS H 129 62.38 37.89 -30.13
CA LYS H 129 63.65 37.31 -30.54
C LYS H 129 64.21 36.38 -29.46
N SER H 130 64.06 36.77 -28.19
CA SER H 130 64.60 35.94 -27.11
C SER H 130 63.79 34.67 -26.92
N LEU H 131 62.47 34.77 -26.98
CA LEU H 131 61.59 33.66 -26.64
C LEU H 131 61.01 32.96 -27.85
N ALA H 132 61.57 33.17 -29.04
CA ALA H 132 61.03 32.51 -30.23
C ALA H 132 61.15 31.00 -30.14
N SER H 133 62.29 30.50 -29.63
CA SER H 133 62.54 29.06 -29.59
C SER H 133 61.76 28.35 -28.50
N LEU H 134 61.07 29.07 -27.62
CA LEU H 134 60.36 28.47 -26.49
C LEU H 134 58.99 27.96 -26.86
N LYS H 135 58.74 27.69 -28.14
CA LYS H 135 57.44 27.15 -28.58
C LYS H 135 57.52 25.62 -28.61
N GLN H 136 57.63 25.04 -27.43
CA GLN H 136 57.75 23.60 -27.26
C GLN H 136 56.61 23.10 -26.38
N ASP H 137 56.36 21.79 -26.46
CA ASP H 137 55.33 21.19 -25.60
C ASP H 137 55.78 21.17 -24.16
N ASN H 138 56.99 20.71 -23.89
CA ASN H 138 57.51 20.57 -22.53
C ASN H 138 58.86 21.23 -22.41
N LEU H 139 59.13 21.79 -21.23
CA LEU H 139 60.36 22.52 -20.98
C LEU H 139 60.92 22.13 -19.63
N TYR H 140 62.25 22.02 -19.57
CA TYR H 140 62.96 21.95 -18.30
C TYR H 140 63.44 23.35 -17.93
N ILE H 141 63.34 23.70 -16.65
CA ILE H 141 63.92 24.93 -16.14
C ILE H 141 65.01 24.57 -15.16
N LEU H 142 66.19 25.14 -15.35
CA LEU H 142 67.36 24.82 -14.56
C LEU H 142 67.84 26.09 -13.88
N ILE H 143 67.86 26.07 -12.55
CA ILE H 143 68.16 27.25 -11.75
C ILE H 143 69.44 26.99 -10.96
N ARG H 144 70.37 27.94 -11.02
CA ARG H 144 71.64 27.83 -10.33
C ARG H 144 71.85 29.05 -9.44
N ARG H 145 72.37 28.82 -8.25
CA ARG H 145 72.74 29.90 -7.35
C ARG H 145 73.82 29.45 -6.38
N SER I 3 -25.06 56.38 26.24
CA SER I 3 -25.95 56.20 27.38
C SER I 3 -27.39 56.56 27.02
N PHE I 4 -28.28 55.57 27.13
CA PHE I 4 -29.69 55.75 26.82
C PHE I 4 -30.52 55.53 28.08
N ARG I 5 -31.66 56.19 28.14
CA ARG I 5 -32.53 56.15 29.31
C ARG I 5 -33.61 55.09 29.15
N PHE I 6 -34.29 54.82 30.27
CA PHE I 6 -35.36 53.84 30.33
C PHE I 6 -36.57 54.45 31.02
N CYS I 7 -37.72 53.80 30.85
CA CYS I 7 -38.94 54.27 31.48
C CYS I 7 -38.81 54.23 33.00
N LEU I 8 -39.29 55.29 33.66
CA LEU I 8 -39.15 55.39 35.11
C LEU I 8 -40.17 54.56 35.87
N GLU I 9 -41.19 54.05 35.19
CA GLU I 9 -42.19 53.20 35.83
C GLU I 9 -42.32 51.82 35.22
N CYS I 10 -41.85 51.62 33.99
CA CYS I 10 -41.87 50.31 33.35
C CYS I 10 -40.49 49.70 33.20
N ASN I 11 -39.43 50.48 33.37
CA ASN I 11 -38.02 50.11 33.25
C ASN I 11 -37.65 49.66 31.83
N ASN I 12 -38.59 49.64 30.89
CA ASN I 12 -38.26 49.26 29.54
C ASN I 12 -37.56 50.41 28.81
N MET I 13 -36.99 50.09 27.66
CA MET I 13 -36.22 51.07 26.91
C MET I 13 -37.16 52.08 26.24
N LEU I 14 -36.78 53.35 26.33
CA LEU I 14 -37.55 54.43 25.71
C LEU I 14 -37.02 54.67 24.30
N TYR I 15 -37.94 54.67 23.33
CA TYR I 15 -37.56 54.86 21.94
C TYR I 15 -37.88 56.29 21.50
N PRO I 16 -37.04 56.88 20.66
CA PRO I 16 -37.32 58.24 20.19
C PRO I 16 -38.57 58.30 19.34
N LYS I 17 -39.27 59.44 19.43
CA LYS I 17 -40.49 59.64 18.66
C LYS I 17 -40.62 61.13 18.37
N GLU I 18 -41.36 61.44 17.31
CA GLU I 18 -41.59 62.80 16.87
C GLU I 18 -43.08 63.10 16.90
N ASP I 19 -43.46 64.24 17.47
CA ASP I 19 -44.84 64.69 17.50
C ASP I 19 -45.10 65.52 16.26
N LYS I 20 -46.02 65.05 15.41
CA LYS I 20 -46.32 65.76 14.16
C LYS I 20 -46.89 67.14 14.44
N GLU I 21 -47.81 67.24 15.40
CA GLU I 21 -48.45 68.52 15.67
C GLU I 21 -47.52 69.49 16.40
N ASN I 22 -46.61 68.98 17.21
CA ASN I 22 -45.74 69.83 18.01
C ASN I 22 -44.35 70.01 17.42
N GLN I 23 -43.94 69.14 16.49
CA GLN I 23 -42.61 69.20 15.89
C GLN I 23 -41.52 69.15 16.96
N ARG I 24 -41.66 68.20 17.87
CA ARG I 24 -40.71 68.02 18.97
C ARG I 24 -40.31 66.55 19.07
N LEU I 25 -39.09 66.31 19.53
CA LEU I 25 -38.58 64.97 19.71
C LEU I 25 -38.90 64.47 21.11
N LEU I 26 -39.43 63.26 21.20
CA LEU I 26 -39.83 62.67 22.47
C LEU I 26 -39.33 61.24 22.53
N TYR I 27 -39.15 60.75 23.76
CA TYR I 27 -38.79 59.37 24.03
C TYR I 27 -40.00 58.68 24.66
N SER I 28 -40.52 57.67 23.97
CA SER I 28 -41.75 57.01 24.39
C SER I 28 -41.51 55.52 24.57
N CYS I 29 -41.99 54.99 25.69
CA CYS I 29 -42.00 53.56 25.90
C CYS I 29 -43.04 52.91 24.97
N ARG I 30 -42.88 51.60 24.76
CA ARG I 30 -43.78 50.86 23.89
C ARG I 30 -44.79 50.02 24.64
N ASN I 31 -44.47 49.58 25.86
CA ASN I 31 -45.41 48.84 26.69
C ASN I 31 -46.21 49.75 27.62
N CYS I 32 -46.01 51.05 27.53
CA CYS I 32 -46.68 51.99 28.42
C CYS I 32 -46.79 53.34 27.72
N ASP I 33 -47.69 54.17 28.23
CA ASP I 33 -47.95 55.48 27.64
C ASP I 33 -46.98 56.55 28.11
N TYR I 34 -46.00 56.20 28.93
CA TYR I 34 -45.04 57.18 29.43
C TYR I 34 -44.26 57.79 28.27
N THR I 35 -44.08 59.12 28.33
CA THR I 35 -43.34 59.85 27.32
C THR I 35 -42.64 61.01 28.00
N GLU I 36 -41.37 61.22 27.65
CA GLU I 36 -40.56 62.27 28.23
C GLU I 36 -39.90 63.09 27.12
N LEU I 37 -39.72 64.38 27.39
CA LEU I 37 -39.16 65.27 26.39
C LEU I 37 -37.68 64.97 26.15
N ALA I 38 -37.27 65.05 24.90
CA ALA I 38 -35.87 64.83 24.55
C ALA I 38 -35.09 66.13 24.68
N GLU I 39 -33.92 66.04 25.32
CA GLU I 39 -33.08 67.22 25.51
C GLU I 39 -32.11 67.44 24.35
N ASP I 40 -31.50 66.36 23.85
CA ASP I 40 -30.48 66.49 22.82
C ASP I 40 -31.01 66.02 21.47
N PRO I 41 -30.58 66.65 20.38
CA PRO I 41 -31.02 66.21 19.05
C PRO I 41 -30.25 65.03 18.48
N LYS I 42 -29.15 64.63 19.11
CA LYS I 42 -28.33 63.53 18.61
C LYS I 42 -29.03 62.22 18.89
N VAL I 43 -29.89 61.80 17.96
CA VAL I 43 -30.65 60.57 18.13
C VAL I 43 -29.73 59.36 18.07
N TYR I 44 -28.81 59.34 17.11
CA TYR I 44 -27.97 58.17 16.89
C TYR I 44 -26.60 58.64 16.40
N ARG I 45 -25.55 57.95 16.85
CA ARG I 45 -24.19 58.24 16.44
C ARG I 45 -23.42 56.95 16.24
N HIS I 46 -22.70 56.86 15.13
CA HIS I 46 -21.87 55.70 14.82
C HIS I 46 -20.48 56.20 14.45
N GLU I 47 -19.46 55.65 15.10
CA GLU I 47 -18.08 56.05 14.87
C GLU I 47 -17.40 55.02 13.97
N LEU I 48 -16.96 55.47 12.80
CA LEU I 48 -16.24 54.58 11.89
C LEU I 48 -14.84 54.28 12.42
N ILE I 49 -14.16 55.30 12.95
CA ILE I 49 -12.85 55.16 13.57
C ILE I 49 -12.98 55.63 15.01
N THR I 50 -12.63 54.76 15.95
CA THR I 50 -12.83 55.04 17.37
C THR I 50 -11.53 54.89 18.14
N ASN I 51 -11.46 55.58 19.27
CA ASN I 51 -10.29 55.56 20.14
C ASN I 51 -10.60 55.09 21.55
N ILE I 52 -11.86 54.82 21.88
CA ILE I 52 -12.21 54.35 23.22
C ILE I 52 -11.65 52.95 23.42
N GLY I 53 -11.33 52.64 24.69
CA GLY I 53 -10.65 51.40 25.02
C GLY I 53 -9.14 51.48 24.94
N GLU I 54 -8.58 52.65 24.61
CA GLU I 54 -7.14 52.82 24.53
C GLU I 54 -6.55 53.20 25.89
N THR I 55 -7.08 54.25 26.51
CA THR I 55 -6.64 54.70 27.82
C THR I 55 -7.65 54.41 28.92
N ALA I 56 -8.85 53.93 28.57
CA ALA I 56 -9.86 53.65 29.58
C ALA I 56 -9.49 52.45 30.45
N GLY I 57 -8.59 51.59 29.98
CA GLY I 57 -8.19 50.43 30.75
C GLY I 57 -7.25 50.78 31.89
N ILE I 58 -7.77 51.47 32.90
CA ILE I 58 -7.01 51.90 34.06
C ILE I 58 -7.68 51.39 35.32
N VAL I 59 -6.87 50.91 36.26
CA VAL I 59 -7.33 50.50 37.59
C VAL I 59 -6.44 51.17 38.62
N ASP I 60 -7.00 51.35 39.82
CA ASP I 60 -6.28 52.06 40.87
C ASP I 60 -5.10 51.25 41.40
N ASP I 61 -5.22 49.91 41.40
CA ASP I 61 -4.21 49.04 41.97
C ASP I 61 -3.31 48.41 40.90
N ILE I 62 -3.11 49.11 39.78
CA ILE I 62 -2.20 48.60 38.76
C ILE I 62 -0.75 48.67 39.21
N GLY I 63 -0.46 49.44 40.26
CA GLY I 63 0.89 49.51 40.79
C GLY I 63 1.30 48.34 41.64
N GLN I 64 0.39 47.40 41.89
CA GLN I 64 0.68 46.21 42.68
C GLN I 64 1.07 45.02 41.82
N ASP I 65 1.11 45.18 40.49
CA ASP I 65 1.51 44.10 39.61
C ASP I 65 3.03 43.99 39.59
N PRO I 66 3.62 42.85 39.97
CA PRO I 66 5.09 42.74 39.93
C PRO I 66 5.65 42.50 38.55
N THR I 67 4.83 42.03 37.60
CA THR I 67 5.32 41.71 36.26
C THR I 67 5.44 42.92 35.36
N LEU I 68 5.01 44.10 35.82
CA LEU I 68 5.02 45.33 35.03
C LEU I 68 6.36 46.06 35.20
N PRO I 69 6.94 46.53 34.10
CA PRO I 69 8.22 47.25 34.20
C PRO I 69 8.05 48.57 34.94
N ARG I 70 9.12 48.96 35.64
CA ARG I 70 9.15 50.19 36.41
C ARG I 70 10.16 51.15 35.82
N SER I 71 9.74 52.38 35.56
CA SER I 71 10.57 53.39 34.92
C SER I 71 10.76 54.57 35.89
N ASP I 72 11.47 55.59 35.40
CA ASP I 72 11.77 56.79 36.18
C ASP I 72 11.27 58.06 35.51
N LYS I 73 10.23 57.96 34.68
CA LYS I 73 9.66 59.15 34.06
C LYS I 73 9.02 60.04 35.11
N GLU I 74 9.06 61.35 34.85
CA GLU I 74 8.58 62.33 35.82
C GLU I 74 7.06 62.49 35.70
N CYS I 75 6.39 62.37 36.83
CA CYS I 75 4.93 62.51 36.86
C CYS I 75 4.55 63.99 36.80
N PRO I 76 3.67 64.39 35.88
CA PRO I 76 3.22 65.79 35.85
C PRO I 76 2.52 66.23 37.13
N GLU I 77 1.81 65.32 37.80
CA GLU I 77 1.05 65.70 38.98
C GLU I 77 1.88 65.56 40.27
N CYS I 78 2.38 64.35 40.54
CA CYS I 78 3.07 64.09 41.79
C CYS I 78 4.57 64.34 41.71
N HIS I 79 5.15 64.31 40.50
CA HIS I 79 6.59 64.46 40.31
C HIS I 79 7.36 63.40 41.09
N SER I 80 6.83 62.18 41.11
CA SER I 80 7.50 61.07 41.78
C SER I 80 8.62 60.52 40.91
N ARG I 81 9.56 59.85 41.56
CA ARG I 81 10.69 59.24 40.86
C ARG I 81 10.40 57.81 40.38
N ASP I 82 9.29 57.23 40.80
CA ASP I 82 8.93 55.86 40.45
C ASP I 82 7.63 55.86 39.67
N CYS I 83 7.60 55.14 38.54
CA CYS I 83 6.41 55.05 37.72
C CYS I 83 6.37 53.70 37.03
N VAL I 84 5.17 53.32 36.61
CA VAL I 84 4.93 52.07 35.90
C VAL I 84 4.29 52.39 34.57
N PHE I 85 4.81 51.81 33.49
CA PHE I 85 4.34 52.11 32.15
C PHE I 85 3.90 50.83 31.45
N PHE I 86 2.97 50.99 30.51
CA PHE I 86 2.47 49.90 29.70
C PHE I 86 1.97 50.46 28.37
N GLN I 87 1.87 49.58 27.37
CA GLN I 87 1.37 50.00 26.08
C GLN I 87 -0.15 49.91 26.06
N SER I 88 -0.75 50.24 24.91
CA SER I 88 -2.20 50.35 24.80
C SER I 88 -2.88 49.02 25.09
N GLN I 89 -3.96 49.07 25.89
CA GLN I 89 -4.73 47.87 26.17
C GLN I 89 -5.52 47.42 24.95
N GLN I 90 -6.03 48.37 24.17
CA GLN I 90 -6.66 48.05 22.90
C GLN I 90 -5.64 47.35 22.00
N ARG I 91 -6.03 46.21 21.44
CA ARG I 91 -5.11 45.34 20.72
C ARG I 91 -5.65 45.00 19.33
N ARG I 92 -6.08 46.02 18.60
CA ARG I 92 -6.35 45.86 17.19
C ARG I 92 -5.04 45.68 16.42
N LYS I 93 -5.16 45.15 15.20
CA LYS I 93 -3.98 44.86 14.39
C LYS I 93 -3.21 46.13 14.00
N ASP I 94 -3.87 47.28 13.96
CA ASP I 94 -3.24 48.53 13.57
C ASP I 94 -3.05 49.46 14.77
N THR I 95 -2.91 48.89 15.97
CA THR I 95 -2.77 49.69 17.17
C THR I 95 -1.37 50.30 17.25
N ASN I 96 -1.31 51.55 17.69
CA ASN I 96 -0.04 52.21 17.94
C ASN I 96 0.64 51.60 19.17
N MET I 97 1.95 51.78 19.26
CA MET I 97 2.76 51.22 20.33
C MET I 97 3.10 52.24 21.40
N THR I 98 2.33 53.33 21.51
CA THR I 98 2.63 54.36 22.48
C THR I 98 2.45 53.83 23.90
N LEU I 99 3.27 54.36 24.81
CA LEU I 99 3.28 53.93 26.20
C LEU I 99 2.42 54.85 27.06
N PHE I 100 1.80 54.27 28.08
CA PHE I 100 1.02 55.01 29.06
C PHE I 100 1.68 54.84 30.42
N TYR I 101 2.05 55.95 31.05
CA TYR I 101 2.79 55.94 32.29
C TYR I 101 1.87 56.27 33.45
N VAL I 102 1.94 55.46 34.50
CA VAL I 102 1.08 55.60 35.68
C VAL I 102 1.97 55.76 36.89
N CYS I 103 1.74 56.83 37.65
CA CYS I 103 2.46 57.05 38.90
C CYS I 103 1.79 56.28 40.03
N LEU I 104 2.53 56.14 41.13
CA LEU I 104 2.04 55.36 42.26
C LEU I 104 1.21 56.18 43.24
N ASN I 105 1.19 57.51 43.11
CA ASN I 105 0.40 58.36 44.00
C ASN I 105 -0.88 58.85 43.33
N CYS I 106 -0.76 59.54 42.20
CA CYS I 106 -1.90 60.12 41.53
C CYS I 106 -2.50 59.24 40.44
N LYS I 107 -1.72 58.29 39.92
CA LYS I 107 -2.21 57.30 38.95
C LYS I 107 -2.66 57.96 37.65
N LYS I 108 -2.18 59.17 37.37
CA LYS I 108 -2.54 59.84 36.13
C LYS I 108 -1.86 59.16 34.94
N THR I 109 -2.63 58.95 33.87
CA THR I 109 -2.14 58.34 32.65
C THR I 109 -1.68 59.45 31.70
N PHE I 110 -0.44 59.34 31.24
CA PHE I 110 0.13 60.33 30.33
C PHE I 110 1.09 59.63 29.39
N ARG I 111 1.59 60.37 28.40
CA ARG I 111 2.49 59.83 27.39
C ARG I 111 3.74 60.70 27.31
N ASP I 112 4.74 60.19 26.59
CA ASP I 112 5.99 60.91 26.35
C ASP I 112 5.95 61.74 25.08
N GLU I 113 4.83 61.75 24.36
CA GLU I 113 4.71 62.52 23.12
C GLU I 113 4.82 64.01 23.36
N MET J 1 29.00 -5.99 35.15
CA MET J 1 28.50 -7.12 35.92
C MET J 1 29.57 -7.62 36.86
N ILE J 2 30.77 -7.80 36.32
CA ILE J 2 31.94 -8.20 37.08
C ILE J 2 33.16 -7.68 36.33
N ILE J 3 34.23 -7.39 37.06
CA ILE J 3 35.35 -6.64 36.48
C ILE J 3 35.91 -7.39 35.28
N PRO J 4 36.06 -6.74 34.13
CA PRO J 4 36.58 -7.45 32.95
C PRO J 4 38.00 -7.93 33.14
N VAL J 5 38.32 -9.05 32.50
CA VAL J 5 39.65 -9.63 32.66
C VAL J 5 40.70 -8.75 32.02
N ARG J 6 40.46 -8.30 30.79
CA ARG J 6 41.42 -7.51 30.04
C ARG J 6 40.84 -6.14 29.73
N CYS J 7 41.71 -5.15 29.68
CA CYS J 7 41.30 -3.84 29.18
C CYS J 7 40.90 -3.94 27.72
N PHE J 8 39.78 -3.31 27.36
CA PHE J 8 39.25 -3.44 26.02
C PHE J 8 40.22 -2.89 24.98
N SER J 9 40.81 -1.73 25.25
CA SER J 9 41.56 -1.03 24.22
C SER J 9 42.90 -1.72 23.93
N CYS J 10 43.74 -1.86 24.95
CA CYS J 10 45.09 -2.38 24.76
C CYS J 10 45.19 -3.87 25.08
N GLY J 11 44.60 -4.31 26.19
CA GLY J 11 44.65 -5.71 26.56
C GLY J 11 45.37 -5.99 27.85
N LYS J 12 45.72 -4.97 28.62
CA LYS J 12 46.31 -5.20 29.93
C LYS J 12 45.33 -5.94 30.82
N VAL J 13 45.84 -6.83 31.67
CA VAL J 13 45.00 -7.58 32.58
C VAL J 13 44.67 -6.70 33.77
N VAL J 14 43.40 -6.30 33.89
CA VAL J 14 42.93 -5.50 35.01
C VAL J 14 42.00 -6.28 35.90
N GLY J 15 41.73 -7.54 35.61
CA GLY J 15 40.78 -8.31 36.40
C GLY J 15 41.27 -8.73 37.76
N ASP J 16 42.56 -8.61 38.03
CA ASP J 16 43.14 -9.00 39.31
C ASP J 16 43.38 -7.81 40.23
N LYS J 17 42.89 -6.64 39.86
CA LYS J 17 43.15 -5.43 40.63
C LYS J 17 41.89 -4.83 41.24
N TRP J 18 40.75 -5.48 41.13
CA TRP J 18 39.52 -4.93 41.70
C TRP J 18 39.57 -4.94 43.23
N ASP J 19 39.97 -6.07 43.81
CA ASP J 19 40.03 -6.16 45.26
C ASP J 19 41.07 -5.20 45.84
N ALA J 20 42.25 -5.11 45.20
CA ALA J 20 43.25 -4.17 45.66
C ALA J 20 42.78 -2.74 45.54
N TYR J 21 42.06 -2.43 44.46
CA TYR J 21 41.52 -1.08 44.28
C TYR J 21 40.53 -0.75 45.39
N LEU J 22 39.64 -1.68 45.73
CA LEU J 22 38.70 -1.43 46.81
C LEU J 22 39.40 -1.29 48.15
N ARG J 23 40.43 -2.10 48.40
CA ARG J 23 41.19 -1.98 49.63
C ARG J 23 41.85 -0.61 49.73
N LEU J 24 42.43 -0.13 48.63
CA LEU J 24 43.07 1.17 48.64
C LEU J 24 42.06 2.28 48.88
N LEU J 25 40.91 2.22 48.22
CA LEU J 25 39.89 3.23 48.45
C LEU J 25 39.38 3.18 49.88
N GLU J 26 39.39 2.01 50.51
CA GLU J 26 38.94 1.91 51.89
C GLU J 26 39.83 2.71 52.82
N GLU J 27 41.14 2.71 52.58
CA GLU J 27 42.11 3.41 53.40
C GLU J 27 42.09 4.91 53.20
N GLY J 28 41.20 5.49 52.41
CA GLY J 28 41.14 6.92 52.25
C GLY J 28 41.91 7.49 51.07
N LYS J 29 42.61 6.66 50.31
CA LYS J 29 43.31 7.15 49.13
C LYS J 29 42.31 7.66 48.09
N GLN J 30 42.71 8.68 47.36
CA GLN J 30 41.88 9.19 46.27
C GLN J 30 41.91 8.22 45.10
N GLU J 31 40.91 8.34 44.22
CA GLU J 31 40.78 7.40 43.11
C GLU J 31 41.97 7.50 42.17
N GLY J 32 42.43 8.71 41.87
CA GLY J 32 43.60 8.85 41.02
C GLY J 32 44.83 8.25 41.65
N ASP J 33 45.04 8.49 42.94
CA ASP J 33 46.19 7.91 43.63
C ASP J 33 46.09 6.40 43.72
N ALA J 34 44.88 5.87 43.94
CA ALA J 34 44.70 4.43 43.96
C ALA J 34 45.02 3.81 42.61
N LEU J 35 44.57 4.44 41.52
CA LEU J 35 44.86 3.91 40.20
C LEU J 35 46.35 4.01 39.88
N ASP J 36 47.00 5.07 40.34
CA ASP J 36 48.44 5.21 40.13
C ASP J 36 49.21 4.15 40.90
N GLU J 37 48.76 3.84 42.11
CA GLU J 37 49.47 2.86 42.93
C GLU J 37 49.39 1.46 42.34
N LEU J 38 48.37 1.18 41.56
CA LEU J 38 48.24 -0.12 40.89
C LEU J 38 48.98 -0.17 39.57
N LYS J 39 49.69 0.91 39.21
CA LYS J 39 50.47 0.97 37.97
C LYS J 39 49.57 0.87 36.74
N LEU J 40 48.53 1.69 36.73
CA LEU J 40 47.65 1.87 35.58
C LEU J 40 47.95 3.25 35.00
N LYS J 41 48.82 3.30 34.00
CA LYS J 41 49.27 4.56 33.43
C LYS J 41 48.33 5.08 32.34
N ARG J 42 48.10 4.26 31.33
CA ARG J 42 47.26 4.67 30.21
C ARG J 42 45.82 4.88 30.68
N TYR J 43 45.19 5.95 30.17
CA TYR J 43 43.83 6.23 30.60
C TYR J 43 42.83 5.24 30.06
N CYS J 44 43.18 4.52 29.00
CA CYS J 44 42.33 3.44 28.51
C CYS J 44 42.16 2.36 29.57
N CYS J 45 43.23 2.06 30.32
CA CYS J 45 43.12 1.12 31.43
C CYS J 45 42.42 1.75 32.62
N ARG J 46 42.67 3.04 32.87
CA ARG J 46 42.10 3.68 34.04
C ARG J 46 40.57 3.74 33.96
N ARG J 47 40.04 3.94 32.76
CA ARG J 47 38.58 3.97 32.64
C ARG J 47 37.95 2.62 32.94
N MET J 48 38.69 1.52 32.77
CA MET J 48 38.10 0.21 33.03
C MET J 48 37.80 0.03 34.51
N VAL J 49 38.73 0.42 35.38
CA VAL J 49 38.51 0.27 36.81
C VAL J 49 37.69 1.43 37.36
N LEU J 50 37.86 2.61 36.78
CA LEU J 50 37.19 3.79 37.31
C LEU J 50 35.69 3.75 37.07
N THR J 51 35.26 3.28 35.91
CA THR J 51 33.86 3.33 35.52
C THR J 51 33.16 1.98 35.61
N HIS J 52 33.77 1.00 36.26
CA HIS J 52 33.12 -0.29 36.41
C HIS J 52 32.05 -0.22 37.49
N VAL J 53 30.88 -0.76 37.18
CA VAL J 53 29.78 -0.90 38.13
C VAL J 53 29.61 -2.39 38.44
N ASP J 54 29.59 -2.71 39.73
CA ASP J 54 29.63 -4.10 40.20
C ASP J 54 28.20 -4.56 40.45
N LEU J 55 27.62 -5.22 39.45
CA LEU J 55 26.23 -5.65 39.54
C LEU J 55 26.07 -7.04 40.10
N ILE J 56 27.13 -7.84 40.13
CA ILE J 56 27.00 -9.21 40.64
C ILE J 56 26.65 -9.21 42.11
N GLU J 57 27.02 -8.17 42.85
CA GLU J 57 26.63 -8.07 44.24
C GLU J 57 25.12 -7.91 44.39
N LYS J 58 24.43 -7.48 43.34
CA LYS J 58 22.98 -7.41 43.35
C LYS J 58 22.34 -8.70 42.87
N PHE J 59 22.96 -9.40 41.92
CA PHE J 59 22.43 -10.68 41.48
C PHE J 59 22.59 -11.75 42.54
N LEU J 60 23.64 -11.66 43.37
CA LEU J 60 23.87 -12.66 44.40
C LEU J 60 22.87 -12.58 45.54
N ARG J 61 22.15 -11.47 45.66
CA ARG J 61 21.20 -11.33 46.76
C ARG J 61 19.94 -12.15 46.54
N TYR J 62 19.73 -12.69 45.35
CA TYR J 62 18.58 -13.54 45.10
C TYR J 62 18.87 -14.97 45.53
N ASN J 63 17.86 -15.60 46.11
CA ASN J 63 18.02 -16.95 46.66
C ASN J 63 18.36 -17.92 45.53
N PRO J 64 19.39 -18.74 45.69
CA PRO J 64 19.76 -19.67 44.61
C PRO J 64 18.63 -20.61 44.24
N LEU J 65 18.55 -20.93 42.96
CA LEU J 65 17.45 -21.71 42.41
C LEU J 65 17.55 -23.20 42.72
N GLU J 66 18.70 -23.67 43.21
CA GLU J 66 18.90 -25.07 43.52
C GLU J 66 19.58 -25.22 44.88
N LYS J 67 19.58 -26.44 45.39
CA LYS J 67 20.27 -26.75 46.63
C LYS J 67 20.54 -28.24 46.75
N MET K 1 26.57 -15.02 11.41
CA MET K 1 25.84 -15.80 10.42
C MET K 1 26.64 -15.94 9.12
N ASN K 2 27.04 -14.81 8.55
CA ASN K 2 27.88 -14.79 7.37
C ASN K 2 29.34 -14.49 7.68
N ALA K 3 29.69 -14.42 8.96
CA ALA K 3 31.06 -14.10 9.34
C ALA K 3 31.99 -15.25 8.99
N PRO K 4 33.09 -15.01 8.28
CA PRO K 4 34.00 -16.10 7.95
C PRO K 4 34.80 -16.55 9.17
N ASP K 5 35.38 -17.73 9.05
CA ASP K 5 36.21 -18.27 10.12
C ASP K 5 37.50 -17.46 10.25
N ARG K 6 37.94 -17.25 11.48
CA ARG K 6 39.10 -16.39 11.71
C ARG K 6 40.38 -17.06 11.23
N PHE K 7 40.44 -18.39 11.23
CA PHE K 7 41.67 -19.05 10.80
C PHE K 7 41.90 -18.91 9.31
N GLU K 8 40.90 -18.47 8.55
CA GLU K 8 41.10 -18.25 7.12
C GLU K 8 42.02 -17.08 6.82
N LEU K 9 42.37 -16.29 7.83
CA LEU K 9 43.30 -15.19 7.62
C LEU K 9 44.72 -15.70 7.36
N PHE K 10 45.09 -16.84 7.95
CA PHE K 10 46.45 -17.34 7.85
C PHE K 10 46.57 -18.80 7.45
N ILE K 11 45.50 -19.59 7.47
CA ILE K 11 45.57 -20.99 7.09
C ILE K 11 45.32 -21.10 5.60
N LEU K 12 46.25 -21.69 4.90
CA LEU K 12 46.23 -21.76 3.44
C LEU K 12 45.52 -23.02 2.97
N PRO K 13 44.51 -22.90 2.10
CA PRO K 13 43.90 -24.10 1.53
C PRO K 13 44.88 -24.85 0.65
N ASP K 14 44.64 -26.16 0.51
CA ASP K 14 45.57 -27.01 -0.22
C ASP K 14 45.64 -26.63 -1.71
N ASP K 15 44.49 -26.31 -2.30
CA ASP K 15 44.45 -26.01 -3.72
C ASP K 15 44.92 -24.59 -4.07
N VAL K 16 45.10 -23.74 -3.07
CA VAL K 16 45.50 -22.35 -3.30
C VAL K 16 47.02 -22.26 -3.14
N PRO K 17 47.76 -21.84 -4.15
CA PRO K 17 49.21 -21.68 -3.99
C PRO K 17 49.53 -20.47 -3.14
N LYS K 18 50.58 -20.59 -2.34
CA LYS K 18 51.00 -19.48 -1.49
C LYS K 18 51.50 -18.30 -2.29
N LEU K 19 51.97 -18.52 -3.53
CA LEU K 19 52.73 -17.49 -4.22
C LEU K 19 52.60 -17.73 -5.71
N LYS K 20 51.86 -16.87 -6.40
CA LYS K 20 51.61 -16.99 -7.83
C LYS K 20 52.26 -15.82 -8.55
N ILE K 21 53.07 -16.11 -9.56
CA ILE K 21 53.83 -15.10 -10.28
C ILE K 21 53.37 -15.09 -11.74
N THR K 22 53.02 -13.92 -12.24
CA THR K 22 52.63 -13.74 -13.62
C THR K 22 53.35 -12.53 -14.20
N PRO K 23 53.90 -12.65 -15.40
CA PRO K 23 54.63 -11.51 -15.98
C PRO K 23 53.69 -10.37 -16.36
N ASP K 24 54.25 -9.17 -16.34
CA ASP K 24 53.56 -7.95 -16.77
C ASP K 24 54.21 -7.49 -18.07
N SER K 25 53.52 -7.72 -19.18
CA SER K 25 54.11 -7.51 -20.49
C SER K 25 54.05 -6.06 -20.95
N ARG K 26 53.32 -5.20 -20.25
CA ARG K 26 53.23 -3.80 -20.68
C ARG K 26 54.58 -3.10 -20.61
N VAL K 27 55.43 -3.48 -19.66
CA VAL K 27 56.75 -2.89 -19.55
C VAL K 27 57.77 -4.02 -19.48
N PRO K 28 59.02 -3.79 -19.90
CA PRO K 28 59.98 -4.90 -19.97
C PRO K 28 60.46 -5.31 -18.59
N ASN K 29 60.63 -6.62 -18.40
CA ASN K 29 61.29 -7.18 -17.23
C ASN K 29 60.52 -6.86 -15.96
N CYS K 30 59.22 -7.12 -15.98
CA CYS K 30 58.32 -6.83 -14.87
C CYS K 30 57.47 -8.05 -14.58
N ILE K 31 57.21 -8.29 -13.29
CA ILE K 31 56.38 -9.40 -12.87
C ILE K 31 55.39 -8.93 -11.82
N ILE K 32 54.28 -9.65 -11.72
CA ILE K 32 53.22 -9.39 -10.75
C ILE K 32 53.14 -10.60 -9.84
N ILE K 33 53.29 -10.40 -8.54
CA ILE K 33 53.34 -11.49 -7.58
C ILE K 33 52.12 -11.38 -6.68
N LYS K 34 51.42 -12.49 -6.50
CA LYS K 34 50.21 -12.54 -5.69
C LYS K 34 50.49 -13.40 -4.45
N PHE K 35 50.54 -12.76 -3.29
CA PHE K 35 50.76 -13.45 -2.03
C PHE K 35 49.43 -13.77 -1.38
N GLU K 36 49.26 -15.02 -0.95
CA GLU K 36 48.03 -15.46 -0.31
C GLU K 36 48.25 -15.62 1.18
N ARG K 37 47.24 -15.24 1.96
CA ARG K 37 47.28 -15.29 3.43
C ARG K 37 48.45 -14.48 3.97
N GLU K 38 48.59 -13.26 3.46
CA GLU K 38 49.60 -12.32 3.93
C GLU K 38 48.99 -10.93 3.97
N ASP K 39 49.68 -10.00 4.63
CA ASP K 39 49.16 -8.65 4.83
C ASP K 39 50.34 -7.69 4.84
N HIS K 40 50.09 -6.49 5.40
CA HIS K 40 51.09 -5.43 5.38
C HIS K 40 52.39 -5.81 6.08
N THR K 41 52.36 -6.77 6.99
CA THR K 41 53.55 -7.11 7.76
C THR K 41 54.68 -7.56 6.85
N LEU K 42 54.40 -8.50 5.95
CA LEU K 42 55.43 -8.95 5.03
C LEU K 42 55.59 -8.00 3.86
N ALA K 43 54.48 -7.43 3.39
CA ALA K 43 54.49 -6.62 2.18
C ALA K 43 55.31 -5.35 2.36
N ASN K 44 55.08 -4.61 3.44
CA ASN K 44 55.80 -3.36 3.64
C ASN K 44 57.28 -3.62 3.85
N LEU K 45 57.61 -4.67 4.60
CA LEU K 45 59.00 -5.06 4.80
C LEU K 45 59.69 -5.31 3.46
N LEU K 46 59.09 -6.16 2.63
CA LEU K 46 59.69 -6.46 1.33
C LEU K 46 59.79 -5.22 0.46
N ARG K 47 58.75 -4.40 0.44
CA ARG K 47 58.74 -3.23 -0.44
C ARG K 47 59.83 -2.26 -0.06
N GLU K 48 59.95 -1.94 1.23
CA GLU K 48 60.96 -0.96 1.63
C GLU K 48 62.36 -1.54 1.55
N GLU K 49 62.51 -2.86 1.64
CA GLU K 49 63.83 -3.42 1.39
C GLU K 49 64.20 -3.34 -0.08
N LEU K 50 63.27 -3.66 -0.96
CA LEU K 50 63.57 -3.68 -2.40
C LEU K 50 63.74 -2.28 -2.95
N ALA K 51 63.10 -1.28 -2.35
CA ALA K 51 63.18 0.08 -2.87
C ALA K 51 64.59 0.65 -2.83
N LEU K 52 65.47 0.08 -2.01
CA LEU K 52 66.83 0.58 -1.87
C LEU K 52 67.82 -0.05 -2.83
N TYR K 53 67.42 -1.07 -3.57
CA TYR K 53 68.34 -1.75 -4.46
C TYR K 53 68.52 -0.93 -5.74
N PRO K 54 69.75 -0.67 -6.16
CA PRO K 54 69.95 0.15 -7.37
C PRO K 54 69.41 -0.48 -8.64
N ASP K 55 69.24 -1.80 -8.68
CA ASP K 55 68.79 -2.47 -9.88
C ASP K 55 67.28 -2.66 -9.92
N VAL K 56 66.54 -2.18 -8.93
CA VAL K 56 65.08 -2.27 -8.91
C VAL K 56 64.53 -0.90 -9.22
N THR K 57 63.81 -0.78 -10.33
CA THR K 57 63.32 0.51 -10.80
C THR K 57 61.87 0.78 -10.43
N PHE K 58 61.10 -0.25 -10.08
CA PHE K 58 59.72 -0.04 -9.65
C PHE K 58 59.34 -1.17 -8.72
N VAL K 59 58.84 -0.84 -7.53
CA VAL K 59 58.28 -1.82 -6.61
C VAL K 59 57.10 -1.19 -5.90
N ALA K 60 56.00 -1.93 -5.82
CA ALA K 60 54.80 -1.43 -5.16
C ALA K 60 53.95 -2.62 -4.76
N TYR K 61 52.99 -2.36 -3.88
CA TYR K 61 52.07 -3.40 -3.45
C TYR K 61 50.74 -2.76 -3.08
N LYS K 62 49.70 -3.57 -3.05
CA LYS K 62 48.40 -3.08 -2.62
C LYS K 62 47.60 -4.24 -2.06
N VAL K 63 46.78 -3.93 -1.06
CA VAL K 63 45.81 -4.87 -0.52
C VAL K 63 44.45 -4.49 -1.09
N GLU K 64 43.91 -5.35 -1.95
CA GLU K 64 42.70 -5.00 -2.69
C GLU K 64 41.53 -4.72 -1.76
N HIS K 65 41.36 -5.54 -0.73
CA HIS K 65 40.22 -5.43 0.15
C HIS K 65 40.64 -5.88 1.54
N PRO K 66 40.31 -5.12 2.59
CA PRO K 66 40.66 -5.54 3.95
C PRO K 66 40.00 -6.83 4.38
N LEU K 67 38.88 -7.22 3.78
CA LEU K 67 38.18 -8.42 4.19
C LEU K 67 38.75 -9.69 3.58
N PHE K 68 39.73 -9.58 2.70
CA PHE K 68 40.41 -10.73 2.12
C PHE K 68 41.89 -10.64 2.45
N ALA K 69 42.47 -11.74 2.92
CA ALA K 69 43.85 -11.75 3.40
C ALA K 69 44.78 -12.15 2.25
N ASN K 70 45.15 -11.17 1.43
CA ASN K 70 46.13 -11.37 0.36
C ASN K 70 46.56 -9.98 -0.10
N PHE K 71 47.69 -9.94 -0.80
CA PHE K 71 48.14 -8.70 -1.40
C PHE K 71 48.88 -9.05 -2.69
N VAL K 72 48.98 -8.06 -3.57
CA VAL K 72 49.61 -8.23 -4.87
C VAL K 72 50.71 -7.20 -5.02
N MET K 73 51.87 -7.65 -5.50
CA MET K 73 53.07 -6.83 -5.56
C MET K 73 53.57 -6.76 -6.99
N ARG K 74 53.97 -5.55 -7.40
CA ARG K 74 54.52 -5.31 -8.73
C ARG K 74 56.00 -4.98 -8.60
N LEU K 75 56.83 -5.70 -9.33
CA LEU K 75 58.28 -5.54 -9.27
C LEU K 75 58.82 -5.45 -10.68
N GLN K 76 59.83 -4.59 -10.87
CA GLN K 76 60.34 -4.32 -12.21
C GLN K 76 61.77 -3.85 -12.08
N THR K 77 62.71 -4.64 -12.60
CA THR K 77 64.14 -4.41 -12.40
C THR K 77 64.78 -3.94 -13.69
N GLU K 78 66.10 -3.77 -13.63
CA GLU K 78 66.87 -3.36 -14.79
C GLU K 78 66.96 -4.51 -15.79
N GLU K 79 67.65 -4.26 -16.90
CA GLU K 79 67.75 -5.26 -17.95
C GLU K 79 68.60 -6.45 -17.52
N GLY K 80 69.68 -6.20 -16.79
CA GLY K 80 70.57 -7.27 -16.40
C GLY K 80 69.95 -8.26 -15.42
N THR K 81 69.11 -7.76 -14.51
CA THR K 81 68.65 -8.53 -13.37
C THR K 81 67.24 -9.08 -13.61
N ARG K 82 67.07 -10.37 -13.37
CA ARG K 82 65.75 -10.96 -13.34
C ARG K 82 65.05 -10.60 -12.02
N PRO K 83 63.78 -10.20 -12.06
CA PRO K 83 63.13 -9.72 -10.82
C PRO K 83 63.08 -10.75 -9.71
N LYS K 84 62.93 -12.03 -10.03
CA LYS K 84 62.81 -13.03 -8.98
C LYS K 84 64.11 -13.14 -8.18
N GLN K 85 65.24 -12.97 -8.85
CA GLN K 85 66.52 -12.94 -8.13
C GLN K 85 66.57 -11.77 -7.16
N ALA K 86 66.05 -10.61 -7.58
CA ALA K 86 66.01 -9.46 -6.68
C ALA K 86 65.13 -9.74 -5.47
N LEU K 87 63.99 -10.39 -5.69
CA LEU K 87 63.13 -10.74 -4.56
C LEU K 87 63.84 -11.69 -3.59
N GLU K 88 64.55 -12.69 -4.13
CA GLU K 88 65.29 -13.60 -3.27
C GLU K 88 66.38 -12.88 -2.49
N ARG K 89 67.09 -11.95 -3.15
CA ARG K 89 68.12 -11.18 -2.46
C ARG K 89 67.52 -10.35 -1.34
N ALA K 90 66.36 -9.75 -1.58
CA ALA K 90 65.70 -8.98 -0.54
C ALA K 90 65.34 -9.86 0.66
N CYS K 91 64.78 -11.03 0.40
CA CYS K 91 64.41 -11.92 1.49
C CYS K 91 65.64 -12.31 2.31
N ALA K 92 66.72 -12.71 1.64
CA ALA K 92 67.92 -13.12 2.36
C ALA K 92 68.52 -11.96 3.15
N SER K 93 68.53 -10.76 2.57
CA SER K 93 69.10 -9.61 3.26
C SER K 93 68.31 -9.28 4.52
N ILE K 94 66.98 -9.29 4.43
CA ILE K 94 66.19 -9.02 5.63
C ILE K 94 66.41 -10.10 6.67
N ILE K 95 66.58 -11.35 6.23
CA ILE K 95 66.82 -12.41 7.20
C ILE K 95 68.13 -12.18 7.94
N ASN K 96 69.19 -11.78 7.22
CA ASN K 96 70.45 -11.49 7.88
C ASN K 96 70.33 -10.31 8.84
N LYS K 97 69.59 -9.27 8.44
CA LYS K 97 69.39 -8.13 9.33
C LYS K 97 68.69 -8.55 10.61
N LEU K 98 67.65 -9.38 10.49
CA LEU K 98 66.95 -9.84 11.68
C LEU K 98 67.84 -10.71 12.55
N LYS K 99 68.69 -11.53 11.93
CA LYS K 99 69.58 -12.39 12.70
C LYS K 99 70.57 -11.57 13.52
N THR K 100 71.21 -10.58 12.90
CA THR K 100 72.14 -9.76 13.67
C THR K 100 71.42 -8.94 14.72
N LEU K 101 70.18 -8.50 14.44
CA LEU K 101 69.41 -7.78 15.45
C LEU K 101 69.14 -8.65 16.66
N ASP K 102 68.76 -9.91 16.42
CA ASP K 102 68.51 -10.83 17.53
C ASP K 102 69.78 -11.06 18.34
N HIS K 103 70.91 -11.26 17.66
CA HIS K 103 72.16 -11.48 18.38
C HIS K 103 72.50 -10.29 19.26
N LYS K 104 72.38 -9.08 18.73
CA LYS K 104 72.72 -7.89 19.50
C LYS K 104 71.77 -7.70 20.67
N PHE K 105 70.48 -7.97 20.48
CA PHE K 105 69.54 -7.85 21.59
C PHE K 105 69.86 -8.85 22.68
N ASN K 106 70.23 -10.08 22.31
CA ASN K 106 70.58 -11.06 23.33
C ASN K 106 71.80 -10.61 24.12
N GLU K 107 72.82 -10.09 23.41
CA GLU K 107 74.00 -9.59 24.11
C GLU K 107 73.63 -8.48 25.09
N GLU K 108 72.84 -7.51 24.63
CA GLU K 108 72.49 -6.39 25.49
C GLU K 108 71.67 -6.84 26.69
N TRP K 109 70.74 -7.76 26.48
CA TRP K 109 69.91 -8.26 27.57
C TRP K 109 70.75 -8.99 28.60
N ASN K 110 71.70 -9.80 28.15
CA ASN K 110 72.58 -10.48 29.10
C ASN K 110 73.43 -9.48 29.88
N ILE K 111 73.90 -8.43 29.21
CA ILE K 111 74.70 -7.41 29.90
C ILE K 111 73.87 -6.72 30.96
N LYS K 112 72.63 -6.35 30.63
CA LYS K 112 71.79 -5.58 31.53
C LYS K 112 70.92 -6.45 32.42
N ASN K 113 71.10 -7.77 32.39
CA ASN K 113 70.29 -8.65 33.22
C ASN K 113 70.66 -8.54 34.69
N GLY L 28 9.97 -39.88 36.09
CA GLY L 28 10.95 -40.21 35.08
C GLY L 28 11.90 -39.07 34.77
N VAL L 29 11.41 -37.84 34.92
CA VAL L 29 12.20 -36.64 34.69
C VAL L 29 12.16 -35.79 35.95
N LYS L 30 13.31 -35.26 36.35
CA LYS L 30 13.41 -34.51 37.59
C LYS L 30 12.76 -33.13 37.44
N TYR L 31 12.45 -32.54 38.58
CA TYR L 31 11.91 -31.18 38.63
C TYR L 31 12.41 -30.51 39.90
N THR L 32 12.34 -29.18 39.91
CA THR L 32 12.80 -28.39 41.04
C THR L 32 11.73 -27.38 41.40
N CYS L 33 11.42 -27.26 42.69
CA CYS L 33 10.43 -26.29 43.12
C CYS L 33 10.95 -24.88 42.96
N GLY L 34 10.03 -23.94 42.80
CA GLY L 34 10.39 -22.55 42.59
C GLY L 34 10.62 -21.75 43.86
N ALA L 35 10.29 -22.30 45.03
CA ALA L 35 10.47 -21.59 46.28
C ALA L 35 11.46 -22.26 47.21
N CYS L 36 11.29 -23.55 47.50
CA CYS L 36 12.15 -24.26 48.43
C CYS L 36 13.27 -25.03 47.73
N ALA L 37 13.30 -25.03 46.40
CA ALA L 37 14.35 -25.69 45.62
C ALA L 37 14.50 -27.17 46.01
N HIS L 38 13.37 -27.88 46.06
CA HIS L 38 13.34 -29.28 46.40
C HIS L 38 13.20 -30.12 45.14
N ASN L 39 14.12 -31.07 44.96
CA ASN L 39 14.10 -31.95 43.80
C ASN L 39 13.06 -33.06 43.99
N PHE L 40 12.37 -33.40 42.91
CA PHE L 40 11.44 -34.52 42.91
C PHE L 40 11.24 -34.97 41.47
N SER L 41 10.22 -35.79 41.25
CA SER L 41 9.92 -36.31 39.92
C SER L 41 8.42 -36.46 39.78
N LEU L 42 7.96 -36.48 38.53
CA LEU L 42 6.55 -36.61 38.19
C LEU L 42 6.37 -37.70 37.15
N ASN L 43 5.16 -38.25 37.10
CA ASN L 43 4.84 -39.37 36.24
C ASN L 43 3.79 -39.02 35.19
N LYS L 44 3.75 -37.76 34.77
CA LYS L 44 2.83 -37.24 33.76
C LYS L 44 1.36 -37.39 34.17
N SER L 45 1.09 -37.73 35.43
CA SER L 45 -0.27 -37.82 35.93
C SER L 45 -0.47 -37.13 37.28
N ASP L 46 0.58 -36.85 38.03
CA ASP L 46 0.44 -36.13 39.27
C ASP L 46 0.08 -34.68 39.00
N PRO L 47 -0.60 -34.01 39.93
CA PRO L 47 -0.80 -32.57 39.79
C PRO L 47 0.51 -31.83 39.84
N VAL L 48 0.59 -30.73 39.08
CA VAL L 48 1.81 -29.93 39.02
C VAL L 48 1.92 -29.18 40.34
N ARG L 49 2.75 -29.68 41.24
CA ARG L 49 2.82 -29.14 42.59
C ARG L 49 4.08 -29.67 43.26
N CYS L 50 4.69 -28.82 44.09
CA CYS L 50 5.79 -29.29 44.93
C CYS L 50 5.23 -30.16 46.04
N LYS L 51 5.90 -31.28 46.30
CA LYS L 51 5.39 -32.25 47.26
C LYS L 51 5.42 -31.74 48.69
N GLU L 52 6.34 -30.84 49.02
CA GLU L 52 6.57 -30.47 50.41
C GLU L 52 6.11 -29.08 50.79
N CYS L 53 6.07 -28.13 49.86
CA CYS L 53 5.56 -26.80 50.17
C CYS L 53 4.35 -26.41 49.34
N GLY L 54 3.93 -27.23 48.39
CA GLY L 54 2.72 -26.96 47.64
C GLY L 54 2.80 -25.77 46.71
N HIS L 55 3.99 -25.43 46.23
CA HIS L 55 4.10 -24.37 45.26
C HIS L 55 3.59 -24.82 43.90
N ARG L 56 3.03 -23.88 43.15
CA ARG L 56 2.41 -24.18 41.86
C ARG L 56 3.36 -24.02 40.69
N VAL L 57 4.59 -23.56 40.92
CA VAL L 57 5.56 -23.31 39.85
C VAL L 57 6.78 -24.19 40.08
N ILE L 58 7.09 -25.02 39.10
CA ILE L 58 8.26 -25.90 39.16
C ILE L 58 9.06 -25.75 37.88
N TYR L 59 10.33 -26.12 37.96
CA TYR L 59 11.26 -25.98 36.85
C TYR L 59 11.89 -27.33 36.54
N LYS L 60 12.18 -27.56 35.26
CA LYS L 60 12.89 -28.76 34.87
C LYS L 60 14.35 -28.65 35.29
N ALA L 61 15.00 -29.81 35.41
CA ALA L 61 16.40 -29.86 35.76
C ALA L 61 17.26 -29.87 34.50
N ARG L 62 18.53 -29.53 34.67
CA ARG L 62 19.45 -29.45 33.54
C ARG L 62 19.66 -30.81 32.90
N THR L 63 19.92 -30.80 31.61
CA THR L 63 20.17 -32.03 30.88
C THR L 63 21.48 -32.67 31.32
N LYS L 64 21.58 -33.98 31.13
CA LYS L 64 22.78 -34.73 31.45
C LYS L 64 23.78 -34.78 30.29
N ARG L 65 23.44 -34.23 29.14
CA ARG L 65 24.35 -34.24 28.02
C ARG L 65 25.58 -33.38 28.32
N MET L 66 26.59 -33.52 27.46
CA MET L 66 27.78 -32.69 27.57
C MET L 66 27.54 -31.34 26.94
N ILE L 67 27.98 -30.29 27.64
CA ILE L 67 27.86 -28.92 27.18
C ILE L 67 29.26 -28.37 26.98
N GLN L 68 29.57 -27.92 25.78
CA GLN L 68 30.89 -27.45 25.43
C GLN L 68 30.79 -26.08 24.79
N PHE L 69 31.74 -25.20 25.14
CA PHE L 69 31.77 -23.84 24.64
C PHE L 69 33.14 -23.52 24.07
N ASP L 70 33.18 -22.59 23.13
CA ASP L 70 34.41 -22.31 22.40
C ASP L 70 35.32 -21.32 23.11
N ALA L 71 34.89 -20.75 24.24
CA ALA L 71 35.71 -19.82 25.00
C ALA L 71 36.20 -18.65 24.14
N ARG L 72 35.29 -18.09 23.36
CA ARG L 72 35.62 -16.96 22.50
C ARG L 72 34.57 -15.87 22.63
N ILE M 18 -46.12 36.82 2.72
CA ILE M 18 -46.10 35.60 1.92
C ILE M 18 -46.64 34.42 2.73
N LYS M 19 -47.74 33.84 2.26
CA LYS M 19 -48.28 32.65 2.90
C LYS M 19 -47.33 31.48 2.72
N GLN M 20 -47.16 30.70 3.79
CA GLN M 20 -46.28 29.53 3.77
C GLN M 20 -47.08 28.30 4.16
N LYS M 21 -47.07 27.31 3.27
CA LYS M 21 -47.83 26.07 3.46
C LYS M 21 -46.85 24.95 3.77
N LEU M 22 -47.04 24.29 4.91
CA LEU M 22 -46.14 23.24 5.38
C LEU M 22 -46.94 22.05 5.86
N GLU M 23 -46.47 20.86 5.50
CA GLU M 23 -47.08 19.62 5.99
C GLU M 23 -46.49 19.26 7.35
N THR M 24 -47.36 19.05 8.33
CA THR M 24 -46.95 18.75 9.70
C THR M 24 -47.48 17.39 10.12
N GLN M 25 -46.79 16.79 11.10
CA GLN M 25 -47.13 15.47 11.60
C GLN M 25 -48.01 15.50 12.85
N PHE M 26 -48.80 16.55 13.02
CA PHE M 26 -49.68 16.66 14.17
C PHE M 26 -50.92 15.79 13.99
N THR M 27 -51.65 15.60 15.09
CA THR M 27 -52.81 14.73 15.13
C THR M 27 -54.07 15.54 15.30
N CYS M 28 -55.04 15.32 14.41
CA CYS M 28 -56.34 15.98 14.54
C CYS M 28 -57.12 15.38 15.70
N LEU M 29 -57.74 16.26 16.49
CA LEU M 29 -58.47 15.82 17.67
C LEU M 29 -59.94 15.53 17.39
N PHE M 30 -60.40 15.72 16.15
CA PHE M 30 -61.76 15.40 15.75
C PHE M 30 -61.86 14.12 14.93
N CYS M 31 -60.93 13.92 13.99
CA CYS M 31 -60.93 12.73 13.14
C CYS M 31 -59.97 11.65 13.61
N ASN M 32 -58.99 12.01 14.46
CA ASN M 32 -57.97 11.13 15.01
C ASN M 32 -57.00 10.59 13.97
N HIS M 33 -57.13 10.97 12.70
CA HIS M 33 -56.12 10.60 11.71
C HIS M 33 -54.84 11.39 11.95
N ASP M 34 -53.72 10.71 11.86
CA ASP M 34 -52.41 11.33 12.05
C ASP M 34 -51.76 11.63 10.71
N ASN M 35 -50.82 12.58 10.74
CA ASN M 35 -50.10 13.02 9.54
C ASN M 35 -51.06 13.55 8.47
N SER M 36 -52.13 14.21 8.91
CA SER M 36 -53.10 14.82 8.02
C SER M 36 -53.35 16.27 8.42
N VAL M 37 -52.30 16.95 8.89
CA VAL M 37 -52.39 18.33 9.35
C VAL M 37 -51.41 19.17 8.53
N VAL M 38 -51.89 20.28 7.99
CA VAL M 38 -51.08 21.20 7.20
C VAL M 38 -51.21 22.58 7.83
N CYS M 39 -50.07 23.23 8.07
CA CYS M 39 -50.03 24.54 8.72
C CYS M 39 -49.81 25.61 7.66
N THR M 40 -50.70 26.60 7.63
CA THR M 40 -50.61 27.72 6.70
C THR M 40 -50.49 29.00 7.52
N LEU M 41 -49.32 29.63 7.49
CA LEU M 41 -49.08 30.88 8.19
C LEU M 41 -48.78 31.98 7.18
N ASP M 42 -49.40 33.14 7.38
CA ASP M 42 -49.20 34.31 6.53
C ASP M 42 -48.55 35.40 7.36
N LYS M 43 -47.25 35.62 7.14
CA LYS M 43 -46.52 36.61 7.93
C LYS M 43 -46.96 38.04 7.58
N LYS M 44 -47.42 38.26 6.34
CA LYS M 44 -47.84 39.60 5.95
C LYS M 44 -49.03 40.09 6.77
N ASN M 45 -50.02 39.22 6.96
CA ASN M 45 -51.20 39.56 7.75
C ASN M 45 -51.12 39.03 9.18
N SER M 46 -50.03 38.37 9.54
CA SER M 46 -49.80 37.87 10.91
C SER M 46 -50.92 36.92 11.33
N ILE M 47 -51.10 35.86 10.54
CA ILE M 47 -52.10 34.84 10.81
C ILE M 47 -51.53 33.47 10.47
N GLY M 48 -52.08 32.45 11.13
CA GLY M 48 -51.68 31.08 10.90
C GLY M 48 -52.87 30.14 10.90
N LEU M 49 -53.00 29.32 9.86
CA LEU M 49 -54.17 28.46 9.67
C LEU M 49 -53.75 27.01 9.73
N LEU M 50 -54.40 26.24 10.62
CA LEU M 50 -54.24 24.80 10.69
C LEU M 50 -55.46 24.16 10.06
N GLU M 51 -55.25 23.35 9.02
CA GLU M 51 -56.33 22.68 8.33
C GLU M 51 -56.09 21.18 8.31
N CYS M 52 -57.15 20.42 8.56
CA CYS M 52 -57.10 18.96 8.55
C CYS M 52 -57.41 18.49 7.13
N LYS M 53 -56.48 17.75 6.53
CA LYS M 53 -56.66 17.30 5.16
C LYS M 53 -57.85 16.37 5.00
N LYS M 54 -58.32 15.76 6.09
CA LYS M 54 -59.47 14.87 6.06
C LYS M 54 -60.72 15.51 6.66
N CYS M 55 -60.59 16.13 7.83
CA CYS M 55 -61.73 16.75 8.49
C CYS M 55 -62.15 18.07 7.86
N ASN M 56 -61.26 18.71 7.11
CA ASN M 56 -61.49 20.02 6.50
C ASN M 56 -61.75 21.11 7.52
N LEU M 57 -61.44 20.87 8.80
CA LEU M 57 -61.59 21.90 9.82
C LEU M 57 -60.45 22.90 9.73
N SER M 58 -60.75 24.15 10.06
CA SER M 58 -59.79 25.25 9.96
C SER M 58 -59.66 25.93 11.31
N PHE M 59 -58.43 26.09 11.78
CA PHE M 59 -58.12 26.80 13.02
C PHE M 59 -57.28 28.02 12.70
N GLN M 60 -57.71 29.18 13.18
CA GLN M 60 -57.01 30.44 12.95
C GLN M 60 -56.52 31.00 14.28
N ALA M 61 -55.28 31.50 14.27
CA ALA M 61 -54.68 32.10 15.46
C ALA M 61 -53.69 33.16 15.04
N PRO M 62 -53.55 34.24 15.81
CA PRO M 62 -52.52 35.25 15.50
C PRO M 62 -51.12 34.68 15.69
N ILE M 63 -50.19 35.24 14.92
CA ILE M 63 -48.79 34.84 15.00
C ILE M 63 -47.93 36.08 15.16
N ASN M 64 -46.72 35.87 15.71
CA ASN M 64 -45.75 36.93 15.88
C ASN M 64 -44.60 36.74 14.90
N SER M 65 -43.56 37.56 15.05
CA SER M 65 -42.41 37.47 14.16
C SER M 65 -41.60 36.19 14.36
N LEU M 66 -41.60 35.65 15.58
CA LEU M 66 -40.86 34.43 15.88
C LEU M 66 -41.73 33.19 15.88
N SER M 67 -42.96 33.29 15.40
CA SER M 67 -43.88 32.17 15.44
C SER M 67 -43.39 31.03 14.55
N GLN M 68 -43.69 29.81 14.99
CA GLN M 68 -43.36 28.58 14.29
C GLN M 68 -44.56 27.65 14.34
N PRO M 69 -44.64 26.67 13.44
CA PRO M 69 -45.80 25.76 13.45
C PRO M 69 -46.08 25.13 14.80
N ILE M 70 -45.05 24.95 15.63
CA ILE M 70 -45.27 24.43 16.99
C ILE M 70 -46.07 25.43 17.81
N ASP M 71 -45.86 26.73 17.59
CA ASP M 71 -46.62 27.74 18.31
C ASP M 71 -48.11 27.66 17.98
N ILE M 72 -48.43 27.58 16.68
CA ILE M 72 -49.83 27.49 16.28
C ILE M 72 -50.44 26.17 16.73
N TYR M 73 -49.64 25.09 16.70
CA TYR M 73 -50.13 23.80 17.19
C TYR M 73 -50.47 23.86 18.67
N SER M 74 -49.59 24.50 19.47
CA SER M 74 -49.86 24.65 20.90
C SER M 74 -51.08 25.53 21.15
N ASP M 75 -51.24 26.59 20.34
CA ASP M 75 -52.42 27.43 20.47
C ASP M 75 -53.69 26.65 20.16
N TRP M 76 -53.64 25.81 19.13
CA TRP M 76 -54.79 24.96 18.81
C TRP M 76 -55.08 23.98 19.92
N ILE M 77 -54.04 23.40 20.53
CA ILE M 77 -54.22 22.48 21.64
C ILE M 77 -54.89 23.18 22.81
N ASP M 78 -54.42 24.39 23.14
CA ASP M 78 -55.02 25.14 24.24
C ASP M 78 -56.47 25.51 23.94
N ALA M 79 -56.75 25.92 22.71
CA ALA M 79 -58.12 26.25 22.32
C ALA M 79 -59.03 25.03 22.43
N CYS M 80 -58.51 23.86 22.05
CA CYS M 80 -59.29 22.63 22.11
C CYS M 80 -59.67 22.27 23.54
N GLU M 81 -58.89 22.69 24.53
CA GLU M 81 -59.16 22.38 25.92
C GLU M 81 -59.23 23.65 26.76
N ARG Q 2 -50.86 -26.94 31.38
CA ARG Q 2 -51.71 -27.76 30.52
C ARG Q 2 -53.03 -27.05 30.26
N GLU Q 3 -53.30 -26.75 28.98
CA GLU Q 3 -54.54 -26.09 28.60
C GLU Q 3 -55.09 -26.74 27.33
N ARG Q 4 -56.42 -26.81 27.24
CA ARG Q 4 -57.10 -27.39 26.10
C ARG Q 4 -58.16 -26.44 25.59
N ALA Q 5 -58.47 -26.54 24.31
CA ALA Q 5 -59.44 -25.66 23.65
C ALA Q 5 -60.71 -26.44 23.37
N CYS Q 6 -61.82 -26.00 23.95
CA CYS Q 6 -63.11 -26.65 23.70
C CYS Q 6 -63.49 -26.46 22.24
N MET Q 7 -63.73 -27.58 21.54
CA MET Q 7 -63.90 -27.52 20.10
C MET Q 7 -65.15 -26.73 19.71
N LEU Q 8 -66.24 -26.92 20.45
CA LEU Q 8 -67.52 -26.33 20.03
C LEU Q 8 -67.52 -24.82 20.18
N CYS Q 9 -67.35 -24.32 21.41
CA CYS Q 9 -67.40 -22.88 21.63
C CYS Q 9 -66.09 -22.18 21.31
N GLY Q 10 -64.97 -22.90 21.31
CA GLY Q 10 -63.68 -22.32 21.06
C GLY Q 10 -62.93 -21.82 22.29
N ILE Q 11 -63.50 -21.94 23.48
CA ILE Q 11 -62.82 -21.46 24.68
C ILE Q 11 -61.64 -22.37 24.98
N VAL Q 12 -60.64 -21.81 25.67
CA VAL Q 12 -59.44 -22.53 26.06
C VAL Q 12 -59.32 -22.49 27.57
N LEU Q 13 -59.29 -23.66 28.19
CA LEU Q 13 -59.14 -23.79 29.63
C LEU Q 13 -58.32 -25.04 29.90
N PRO Q 14 -57.72 -25.14 31.09
CA PRO Q 14 -56.95 -26.35 31.42
C PRO Q 14 -57.82 -27.61 31.31
N GLY Q 15 -57.21 -28.68 30.82
CA GLY Q 15 -57.95 -29.92 30.63
C GLY Q 15 -58.54 -30.46 31.91
N ARG Q 16 -57.80 -30.35 33.02
CA ARG Q 16 -58.35 -30.76 34.30
C ARG Q 16 -59.53 -29.89 34.71
N VAL Q 17 -59.50 -28.60 34.34
CA VAL Q 17 -60.64 -27.73 34.59
C VAL Q 17 -61.85 -28.20 33.79
N PHE Q 18 -61.63 -28.57 32.52
CA PHE Q 18 -62.73 -29.09 31.70
C PHE Q 18 -63.30 -30.37 32.29
N MET Q 19 -62.43 -31.26 32.78
CA MET Q 19 -62.91 -32.51 33.37
C MET Q 19 -63.67 -32.26 34.66
N GLN Q 20 -63.17 -31.39 35.53
CA GLN Q 20 -63.78 -31.20 36.84
C GLN Q 20 -65.06 -30.38 36.78
N ASN Q 21 -65.07 -29.31 35.97
CA ASN Q 21 -66.21 -28.39 35.94
C ASN Q 21 -66.94 -28.34 34.61
N GLY Q 22 -66.32 -28.73 33.51
CA GLY Q 22 -66.96 -28.67 32.21
C GLY Q 22 -66.91 -27.28 31.60
N CYS Q 23 -67.36 -27.21 30.36
CA CYS Q 23 -67.37 -25.95 29.63
C CYS Q 23 -68.50 -25.06 30.13
N PRO Q 24 -68.21 -23.84 30.59
CA PRO Q 24 -69.29 -22.97 31.10
C PRO Q 24 -70.30 -22.56 30.05
N ASN Q 25 -69.95 -22.63 28.77
CA ASN Q 25 -70.85 -22.24 27.69
C ASN Q 25 -71.51 -23.43 27.01
N CYS Q 26 -70.73 -24.48 26.72
CA CYS Q 26 -71.22 -25.62 25.96
C CYS Q 26 -71.91 -26.67 26.83
N ASP Q 27 -71.99 -26.46 28.14
CA ASP Q 27 -72.60 -27.46 29.01
C ASP Q 27 -74.10 -27.63 28.72
N SER Q 28 -74.72 -26.67 28.06
CA SER Q 28 -76.13 -26.80 27.70
C SER Q 28 -76.34 -27.78 26.55
N VAL Q 29 -75.31 -28.08 25.77
CA VAL Q 29 -75.43 -29.03 24.67
C VAL Q 29 -74.36 -30.12 24.70
N LEU Q 30 -73.24 -29.93 25.40
CA LEU Q 30 -72.16 -30.93 25.40
C LEU Q 30 -72.10 -31.76 26.67
N ASN Q 31 -72.47 -31.18 27.81
CA ASN Q 31 -72.35 -31.86 29.11
C ASN Q 31 -70.92 -32.36 29.32
N LEU Q 32 -69.96 -31.46 29.12
CA LEU Q 32 -68.55 -31.85 29.16
C LEU Q 32 -68.16 -32.34 30.55
N ARG Q 33 -68.64 -31.67 31.59
CA ARG Q 33 -68.38 -32.14 32.95
C ARG Q 33 -68.99 -33.52 33.16
N ASP Q 34 -70.19 -33.75 32.63
CA ASP Q 34 -70.85 -35.05 32.72
C ASP Q 34 -70.34 -36.02 31.66
N SER Q 35 -69.21 -35.73 31.02
CA SER Q 35 -68.66 -36.57 29.97
C SER Q 35 -67.30 -37.11 30.40
N ASP Q 36 -66.97 -38.29 29.89
CA ASP Q 36 -65.72 -38.97 30.23
C ASP Q 36 -64.55 -38.31 29.51
N GLN Q 37 -63.33 -38.78 29.83
CA GLN Q 37 -62.13 -38.16 29.27
C GLN Q 37 -62.10 -38.25 27.75
N ALA Q 38 -62.62 -39.35 27.19
CA ALA Q 38 -62.67 -39.48 25.74
C ALA Q 38 -63.54 -38.40 25.12
N THR Q 39 -64.72 -38.15 25.70
CA THR Q 39 -65.60 -37.11 25.18
C THR Q 39 -65.01 -35.73 25.42
N VAL Q 40 -64.31 -35.53 26.55
CA VAL Q 40 -63.66 -34.25 26.81
C VAL Q 40 -62.61 -33.99 25.74
N ASN Q 41 -61.80 -34.99 25.40
CA ASN Q 41 -60.81 -34.82 24.35
C ASN Q 41 -61.49 -34.58 23.00
N GLU Q 42 -62.58 -35.28 22.73
CA GLU Q 42 -63.29 -35.13 21.47
C GLU Q 42 -63.99 -33.78 21.35
N CYS Q 43 -64.19 -33.08 22.46
CA CYS Q 43 -64.76 -31.74 22.44
C CYS Q 43 -63.81 -30.66 22.94
N THR Q 44 -62.73 -31.02 23.63
CA THR Q 44 -61.69 -30.07 24.02
C THR Q 44 -60.35 -30.62 23.57
N SER Q 45 -59.62 -29.83 22.80
CA SER Q 45 -58.33 -30.25 22.24
C SER Q 45 -57.22 -29.37 22.78
N SER Q 46 -56.15 -30.00 23.23
CA SER Q 46 -54.98 -29.27 23.72
C SER Q 46 -54.11 -28.75 22.58
N SER Q 47 -54.30 -29.24 21.36
CA SER Q 47 -53.56 -28.78 20.20
C SER Q 47 -54.41 -27.73 19.48
N PHE Q 48 -53.93 -26.49 19.48
CA PHE Q 48 -54.68 -25.38 18.90
C PHE Q 48 -53.68 -24.29 18.51
N GLU Q 49 -54.20 -23.14 18.09
CA GLU Q 49 -53.37 -22.04 17.65
C GLU Q 49 -54.18 -20.75 17.74
N GLY Q 50 -53.48 -19.64 17.99
CA GLY Q 50 -54.13 -18.34 17.99
C GLY Q 50 -54.91 -18.04 19.26
N LEU Q 51 -54.19 -17.90 20.38
CA LEU Q 51 -54.84 -17.50 21.63
C LEU Q 51 -55.55 -16.16 21.45
N VAL Q 52 -56.79 -16.11 21.89
CA VAL Q 52 -57.64 -14.91 21.76
C VAL Q 52 -58.23 -14.57 23.11
N ALA Q 53 -58.07 -13.32 23.53
CA ALA Q 53 -58.68 -12.81 24.74
C ALA Q 53 -59.77 -11.81 24.36
N VAL Q 54 -60.99 -12.05 24.82
CA VAL Q 54 -62.15 -11.23 24.48
C VAL Q 54 -62.65 -10.57 25.77
N GLY Q 55 -62.85 -9.26 25.71
CA GLY Q 55 -63.34 -8.51 26.87
C GLY Q 55 -64.82 -8.26 26.83
N ASP Q 56 -65.34 -7.84 25.68
CA ASP Q 56 -66.76 -7.49 25.54
C ASP Q 56 -67.29 -8.22 24.31
N ASN Q 57 -68.02 -9.31 24.54
CA ASN Q 57 -68.53 -10.12 23.44
C ASN Q 57 -69.50 -9.34 22.57
N GLU Q 58 -70.33 -8.49 23.20
CA GLU Q 58 -71.42 -7.84 22.48
C GLU Q 58 -70.91 -6.92 21.38
N HIS Q 59 -69.87 -6.14 21.66
CA HIS Q 59 -69.42 -5.11 20.74
C HIS Q 59 -68.13 -5.47 20.00
N SER Q 60 -67.47 -6.57 20.36
CA SER Q 60 -66.24 -6.96 19.67
C SER Q 60 -66.59 -7.56 18.31
N TRP Q 61 -66.12 -6.91 17.24
CA TRP Q 61 -66.32 -7.48 15.91
C TRP Q 61 -65.60 -8.81 15.76
N VAL Q 62 -64.47 -8.98 16.46
CA VAL Q 62 -63.74 -10.25 16.40
C VAL Q 62 -64.60 -11.38 16.92
N ALA Q 63 -65.30 -11.15 18.04
CA ALA Q 63 -66.15 -12.19 18.62
C ALA Q 63 -67.24 -12.60 17.65
N LYS Q 64 -67.87 -11.63 16.97
CA LYS Q 64 -68.86 -11.95 15.95
C LYS Q 64 -68.21 -12.72 14.80
N TRP Q 65 -67.01 -12.32 14.41
CA TRP Q 65 -66.30 -13.01 13.32
C TRP Q 65 -65.94 -14.43 13.72
N LEU Q 66 -65.64 -14.66 15.00
CA LEU Q 66 -65.33 -15.99 15.51
C LEU Q 66 -66.56 -16.67 16.10
N ARG Q 67 -67.73 -16.04 16.04
CA ARG Q 67 -68.98 -16.60 16.54
C ARG Q 67 -68.86 -16.98 18.03
N VAL Q 68 -68.24 -16.10 18.80
CA VAL Q 68 -68.09 -16.32 20.24
C VAL Q 68 -68.67 -15.14 21.01
N ASP Q 69 -69.46 -14.31 20.33
CA ASP Q 69 -70.09 -13.17 20.97
C ASP Q 69 -71.24 -13.56 21.90
N ARG Q 70 -71.67 -14.82 21.88
CA ARG Q 70 -72.70 -15.31 22.79
C ARG Q 70 -72.14 -16.20 23.89
N PHE Q 71 -70.83 -16.14 24.14
CA PHE Q 71 -70.16 -17.01 25.09
C PHE Q 71 -69.47 -16.20 26.18
N GLN Q 72 -68.90 -16.93 27.14
CA GLN Q 72 -68.21 -16.29 28.25
C GLN Q 72 -66.87 -15.72 27.76
N PRO Q 73 -66.55 -14.48 28.12
CA PRO Q 73 -65.24 -13.94 27.78
C PRO Q 73 -64.12 -14.74 28.43
N GLY Q 74 -63.00 -14.83 27.73
CA GLY Q 74 -61.88 -15.59 28.25
C GLY Q 74 -60.92 -15.97 27.12
N LEU Q 75 -60.18 -17.05 27.36
CA LEU Q 75 -59.19 -17.52 26.40
C LEU Q 75 -59.86 -18.33 25.29
N TYR Q 76 -59.60 -17.95 24.05
CA TYR Q 76 -60.15 -18.62 22.89
C TYR Q 76 -59.06 -18.83 21.85
N ALA Q 77 -59.27 -19.81 20.98
CA ALA Q 77 -58.29 -20.22 19.98
C ALA Q 77 -58.83 -19.96 18.59
N VAL Q 78 -58.01 -19.36 17.73
CA VAL Q 78 -58.42 -19.13 16.35
C VAL Q 78 -58.66 -20.44 15.62
N ARG Q 79 -57.71 -21.38 15.76
CA ARG Q 79 -57.79 -22.68 15.10
C ARG Q 79 -57.58 -23.78 16.12
N VAL Q 80 -58.40 -24.82 16.03
CA VAL Q 80 -58.34 -25.95 16.94
C VAL Q 80 -58.15 -27.22 16.13
N ASP Q 81 -57.13 -28.01 16.50
CA ASP Q 81 -56.87 -29.26 15.82
C ASP Q 81 -57.89 -30.32 16.24
N GLY Q 82 -58.46 -31.00 15.28
CA GLY Q 82 -59.46 -32.02 15.56
C GLY Q 82 -60.87 -31.50 15.39
N ARG Q 83 -61.77 -32.41 15.03
CA ARG Q 83 -63.18 -32.09 14.83
C ARG Q 83 -64.05 -32.93 15.73
N LEU Q 84 -65.31 -32.53 15.84
CA LEU Q 84 -66.26 -33.28 16.64
C LEU Q 84 -66.56 -34.63 15.99
N PRO Q 85 -66.77 -35.67 16.79
CA PRO Q 85 -67.05 -37.00 16.22
C PRO Q 85 -68.43 -37.05 15.58
N SER Q 86 -68.60 -38.06 14.72
CA SER Q 86 -69.86 -38.21 13.98
C SER Q 86 -71.04 -38.42 14.91
N ASP Q 87 -70.86 -39.23 15.97
CA ASP Q 87 -71.94 -39.46 16.91
C ASP Q 87 -72.30 -38.17 17.67
N ILE Q 88 -71.30 -37.41 18.08
CA ILE Q 88 -71.56 -36.14 18.76
C ILE Q 88 -72.17 -35.13 17.79
N VAL Q 89 -71.75 -35.16 16.53
CA VAL Q 89 -72.35 -34.30 15.52
C VAL Q 89 -73.83 -34.61 15.37
N ALA Q 90 -74.17 -35.90 15.31
CA ALA Q 90 -75.57 -36.29 15.20
C ALA Q 90 -76.35 -35.90 16.45
N ALA Q 91 -75.74 -36.06 17.62
CA ALA Q 91 -76.41 -35.68 18.87
C ALA Q 91 -76.71 -34.19 18.90
N LEU Q 92 -75.75 -33.36 18.46
CA LEU Q 92 -75.98 -31.93 18.40
C LEU Q 92 -77.04 -31.58 17.36
N GLU Q 93 -77.02 -32.26 16.21
CA GLU Q 93 -78.04 -32.02 15.20
C GLU Q 93 -79.42 -32.41 15.70
N GLN Q 94 -79.50 -33.38 16.62
CA GLN Q 94 -80.77 -33.71 17.25
C GLN Q 94 -81.30 -32.52 18.04
N TYR Q 95 -80.43 -31.79 18.73
CA TYR Q 95 -80.81 -30.63 19.52
C TYR Q 95 -81.18 -29.43 18.64
N GLY Q 96 -80.95 -29.51 17.34
CA GLY Q 96 -81.24 -28.42 16.44
C GLY Q 96 -80.12 -27.41 16.26
N VAL Q 97 -78.97 -27.64 16.88
CA VAL Q 97 -77.84 -26.72 16.80
C VAL Q 97 -76.91 -27.18 15.70
N TYR Q 98 -76.55 -26.27 14.80
CA TYR Q 98 -75.62 -26.55 13.72
C TYR Q 98 -74.19 -26.29 14.19
N TYR Q 99 -73.30 -27.23 13.89
CA TYR Q 99 -71.90 -27.16 14.29
C TYR Q 99 -71.06 -26.71 13.12
N ARG Q 100 -70.36 -25.59 13.29
CA ARG Q 100 -69.42 -25.10 12.29
C ARG Q 100 -68.00 -25.35 12.80
N PRO Q 101 -67.20 -26.18 12.12
CA PRO Q 101 -65.85 -26.48 12.63
C PRO Q 101 -64.98 -25.24 12.67
N ARG Q 102 -64.15 -25.16 13.71
CA ARG Q 102 -63.14 -24.11 13.83
C ARG Q 102 -61.76 -24.58 13.41
N ASP Q 103 -61.67 -25.77 12.80
CA ASP Q 103 -60.39 -26.33 12.38
C ASP Q 103 -59.76 -25.57 11.22
N GLY Q 104 -60.49 -24.68 10.57
CA GLY Q 104 -59.98 -23.96 9.43
C GLY Q 104 -60.06 -24.70 8.11
N SER Q 105 -60.03 -26.02 8.13
CA SER Q 105 -60.18 -26.79 6.90
C SER Q 105 -61.56 -26.63 6.28
N VAL Q 106 -62.55 -26.21 7.06
CA VAL Q 106 -63.90 -25.96 6.56
C VAL Q 106 -64.15 -24.45 6.65
N ILE Q 107 -64.49 -23.85 5.51
CA ILE Q 107 -64.75 -22.42 5.45
C ILE Q 107 -65.70 -22.10 4.31
N PRO R 216 -74.18 -16.61 9.42
CA PRO R 216 -73.41 -16.52 8.18
C PRO R 216 -71.93 -16.21 8.41
N GLN R 217 -71.17 -16.13 7.33
CA GLN R 217 -69.75 -15.82 7.39
C GLN R 217 -69.38 -14.60 6.56
N ARG R 218 -70.01 -14.43 5.40
CA ARG R 218 -69.69 -13.31 4.52
C ARG R 218 -70.17 -11.99 5.10
N LEU R 219 -71.32 -11.98 5.77
CA LEU R 219 -71.90 -10.73 6.24
C LEU R 219 -71.10 -10.11 7.39
N LEU R 220 -70.29 -10.91 8.07
CA LEU R 220 -69.57 -10.45 9.25
C LEU R 220 -68.30 -9.67 8.92
N ILE R 221 -68.04 -9.37 7.66
CA ILE R 221 -66.85 -8.64 7.26
C ILE R 221 -66.92 -7.22 7.84
N PRO R 222 -65.81 -6.61 8.20
CA PRO R 222 -65.86 -5.37 8.98
C PRO R 222 -66.35 -4.19 8.17
N THR R 223 -66.85 -3.19 8.89
CA THR R 223 -67.31 -1.93 8.35
C THR R 223 -66.49 -0.78 8.91
N VAL R 224 -66.81 0.43 8.47
CA VAL R 224 -66.06 1.61 8.90
C VAL R 224 -66.31 1.89 10.38
N ASP R 225 -67.54 1.67 10.85
CA ASP R 225 -67.88 1.96 12.23
C ASP R 225 -67.50 0.85 13.19
N ASP R 226 -66.97 -0.26 12.69
CA ASP R 226 -66.52 -1.34 13.57
C ASP R 226 -65.30 -0.89 14.38
N PRO R 227 -65.06 -1.49 15.54
CA PRO R 227 -63.92 -1.09 16.37
C PRO R 227 -62.60 -1.33 15.64
N GLY R 228 -61.67 -0.40 15.86
CA GLY R 228 -60.37 -0.49 15.22
C GLY R 228 -59.50 -1.56 15.85
N ILE R 229 -58.42 -1.89 15.15
CA ILE R 229 -57.47 -2.91 15.58
C ILE R 229 -56.08 -2.30 15.56
N TRP R 230 -55.36 -2.42 16.67
CA TRP R 230 -53.99 -1.94 16.76
C TRP R 230 -53.03 -3.11 17.00
N GLY R 231 -51.85 -3.01 16.41
CA GLY R 231 -50.78 -3.97 16.62
C GLY R 231 -49.61 -3.31 17.33
N VAL R 232 -49.04 -4.01 18.30
CA VAL R 232 -47.95 -3.50 19.12
C VAL R 232 -46.83 -4.51 19.14
N LYS R 233 -45.60 -4.04 18.90
CA LYS R 233 -44.43 -4.90 19.02
C LYS R 233 -44.13 -5.18 20.48
N VAL R 234 -43.81 -6.44 20.78
CA VAL R 234 -43.44 -6.88 22.12
C VAL R 234 -42.21 -7.75 22.03
N ARG R 235 -41.66 -8.10 23.18
CA ARG R 235 -40.52 -9.01 23.22
C ARG R 235 -40.91 -10.39 22.74
N LEU R 236 -39.98 -11.06 22.08
CA LEU R 236 -40.26 -12.36 21.49
C LEU R 236 -40.54 -13.40 22.57
N GLY R 237 -41.55 -14.23 22.33
CA GLY R 237 -41.91 -15.30 23.23
C GLY R 237 -42.82 -14.91 24.36
N LYS R 238 -43.16 -13.63 24.52
CA LYS R 238 -44.01 -13.17 25.59
C LYS R 238 -45.40 -12.77 25.13
N GLU R 239 -45.75 -13.08 23.87
CA GLU R 239 -47.02 -12.60 23.30
C GLU R 239 -48.21 -13.19 24.05
N LYS R 240 -48.21 -14.51 24.24
CA LYS R 240 -49.30 -15.13 24.99
C LYS R 240 -49.33 -14.64 26.43
N ASP R 241 -48.16 -14.38 27.02
CA ASP R 241 -48.11 -13.83 28.36
C ASP R 241 -48.76 -12.45 28.42
N VAL R 242 -48.50 -11.61 27.42
CA VAL R 242 -49.13 -10.30 27.37
C VAL R 242 -50.64 -10.44 27.18
N VAL R 243 -51.06 -11.41 26.37
CA VAL R 243 -52.50 -11.64 26.17
C VAL R 243 -53.17 -12.01 27.48
N ARG R 244 -52.55 -12.94 28.22
CA ARG R 244 -53.13 -13.37 29.49
C ARG R 244 -53.15 -12.23 30.50
N GLN R 245 -52.08 -11.43 30.54
CA GLN R 245 -52.04 -10.28 31.43
C GLN R 245 -53.13 -9.28 31.10
N ILE R 246 -53.34 -9.02 29.80
CA ILE R 246 -54.39 -8.09 29.38
C ILE R 246 -55.76 -8.61 29.79
N LEU R 247 -56.01 -9.91 29.58
CA LEU R 247 -57.30 -10.48 29.97
C LEU R 247 -57.51 -10.37 31.48
N LYS R 248 -56.47 -10.68 32.26
CA LYS R 248 -56.60 -10.59 33.71
C LYS R 248 -56.85 -9.15 34.16
N LYS R 249 -56.16 -8.19 33.57
CA LYS R 249 -56.38 -6.79 33.91
C LYS R 249 -57.80 -6.36 33.56
N LYS R 250 -58.29 -6.78 32.39
CA LYS R 250 -59.66 -6.45 32.00
C LYS R 250 -60.67 -7.04 32.97
N LEU R 251 -60.48 -8.30 33.37
CA LEU R 251 -61.40 -8.92 34.32
C LEU R 251 -61.34 -8.23 35.67
N ALA R 252 -60.13 -7.90 36.15
CA ALA R 252 -60.00 -7.26 37.45
C ALA R 252 -60.64 -5.88 37.47
N ARG R 253 -60.43 -5.10 36.41
CA ARG R 253 -60.99 -3.76 36.34
C ARG R 253 -62.43 -3.75 35.82
N GLU R 254 -62.97 -4.90 35.41
CA GLU R 254 -64.36 -4.97 35.02
C GLU R 254 -65.25 -4.76 36.24
N GLY R 255 -66.30 -3.97 36.06
CA GLY R 255 -67.18 -3.63 37.16
C GLY R 255 -66.67 -2.53 38.06
N THR R 256 -65.62 -1.83 37.67
CA THR R 256 -65.05 -0.76 38.46
C THR R 256 -65.38 0.61 37.87
N LYS R 257 -64.90 1.66 38.54
CA LYS R 257 -65.16 3.02 38.05
C LYS R 257 -64.43 3.30 36.73
N ASN R 258 -63.28 2.68 36.52
CA ASN R 258 -62.46 2.90 35.32
C ASN R 258 -62.11 1.55 34.71
N PRO R 259 -63.07 0.87 34.09
CA PRO R 259 -62.78 -0.41 33.46
C PRO R 259 -61.94 -0.23 32.20
N LEU R 260 -61.22 -1.28 31.85
CA LEU R 260 -60.38 -1.28 30.65
C LEU R 260 -61.29 -1.24 29.42
N GLU R 261 -61.37 -0.09 28.77
CA GLU R 261 -62.31 0.09 27.67
C GLU R 261 -61.76 -0.49 26.37
N ILE R 262 -61.60 -1.82 26.33
CA ILE R 262 -61.22 -2.52 25.12
C ILE R 262 -62.27 -3.58 24.82
N TYR R 263 -62.09 -4.31 23.73
CA TYR R 263 -63.06 -5.33 23.33
C TYR R 263 -62.46 -6.72 23.20
N SER R 264 -61.28 -6.83 22.59
CA SER R 264 -60.62 -8.12 22.44
C SER R 264 -59.14 -7.90 22.16
N ALA R 265 -58.35 -8.93 22.41
CA ALA R 265 -56.92 -8.92 22.13
C ALA R 265 -56.47 -10.34 21.86
N PHE R 266 -55.49 -10.48 20.98
CA PHE R 266 -55.07 -11.80 20.51
C PHE R 266 -53.68 -11.68 19.89
N GLN R 267 -53.21 -12.81 19.37
CA GLN R 267 -51.94 -12.86 18.66
C GLN R 267 -51.95 -14.11 17.78
N ARG R 268 -51.03 -14.14 16.81
CA ARG R 268 -50.88 -15.26 15.92
C ARG R 268 -49.44 -15.77 15.98
N ASP R 269 -49.28 -17.08 15.90
CA ASP R 269 -47.95 -17.68 16.02
C ASP R 269 -47.05 -17.25 14.87
N SER R 270 -47.58 -17.21 13.65
CA SER R 270 -46.77 -16.83 12.50
C SER R 270 -46.27 -15.39 12.62
N PHE R 271 -47.14 -14.48 13.05
CA PHE R 271 -46.79 -13.06 13.16
C PHE R 271 -46.07 -12.83 14.48
N LYS R 272 -44.80 -13.21 14.49
CA LYS R 272 -44.00 -13.17 15.72
C LYS R 272 -43.82 -11.73 16.19
N GLY R 273 -43.81 -11.56 17.51
CA GLY R 273 -43.56 -10.27 18.11
C GLY R 273 -44.67 -9.27 18.02
N HIS R 274 -45.86 -9.68 17.58
CA HIS R 274 -46.99 -8.78 17.43
C HIS R 274 -48.18 -9.26 18.25
N VAL R 275 -48.82 -8.33 18.93
CA VAL R 275 -50.05 -8.60 19.67
C VAL R 275 -51.10 -7.61 19.18
N TYR R 276 -52.26 -8.12 18.78
CA TYR R 276 -53.31 -7.31 18.16
C TYR R 276 -54.47 -7.14 19.12
N ILE R 277 -54.87 -5.90 19.35
CA ILE R 277 -55.93 -5.55 20.28
C ILE R 277 -57.03 -4.84 19.50
N GLU R 278 -58.27 -5.26 19.71
CA GLU R 278 -59.42 -4.62 19.11
C GLU R 278 -60.00 -3.64 20.12
N ALA R 279 -59.98 -2.36 19.80
CA ALA R 279 -60.49 -1.32 20.69
C ALA R 279 -61.00 -0.17 19.83
N ARG R 280 -61.20 1.00 20.46
CA ARG R 280 -61.65 2.18 19.74
C ARG R 280 -60.80 3.42 20.00
N LYS R 281 -59.94 3.42 21.01
CA LYS R 281 -59.18 4.60 21.38
C LYS R 281 -57.74 4.23 21.68
N ALA R 282 -56.82 5.14 21.33
CA ALA R 282 -55.41 4.93 21.64
C ALA R 282 -55.16 4.97 23.14
N GLU R 283 -55.92 5.80 23.87
CA GLU R 283 -55.79 5.83 25.33
C GLU R 283 -56.16 4.49 25.94
N ALA R 284 -57.14 3.80 25.36
CA ALA R 284 -57.47 2.46 25.84
C ALA R 284 -56.30 1.51 25.66
N ILE R 285 -55.61 1.60 24.52
CA ILE R 285 -54.43 0.76 24.29
C ILE R 285 -53.34 1.09 25.30
N ASN R 286 -53.10 2.38 25.54
CA ASN R 286 -52.08 2.77 26.52
C ASN R 286 -52.43 2.25 27.91
N ASP R 287 -53.70 2.35 28.30
CA ASP R 287 -54.14 1.86 29.59
C ASP R 287 -53.97 0.34 29.70
N ALA R 288 -54.28 -0.39 28.63
CA ALA R 288 -54.09 -1.84 28.64
C ALA R 288 -52.61 -2.19 28.75
N LEU R 289 -51.75 -1.46 28.03
CA LEU R 289 -50.32 -1.73 28.07
C LEU R 289 -49.63 -1.15 29.29
N LYS R 290 -50.27 -0.24 30.00
CA LYS R 290 -49.66 0.33 31.20
C LYS R 290 -49.48 -0.74 32.26
N GLY R 291 -48.31 -0.75 32.89
CA GLY R 291 -48.00 -1.72 33.91
C GLY R 291 -47.46 -3.04 33.40
N ASN R 292 -47.07 -3.12 32.14
CA ASN R 292 -46.50 -4.34 31.57
C ASN R 292 -45.04 -4.11 31.23
N VAL R 293 -44.23 -5.15 31.39
CA VAL R 293 -42.79 -5.05 31.15
C VAL R 293 -42.37 -5.59 29.79
N ASN R 294 -43.20 -6.42 29.14
CA ASN R 294 -42.85 -6.96 27.84
C ASN R 294 -42.98 -5.92 26.74
N VAL R 295 -43.75 -4.87 26.95
CA VAL R 295 -43.89 -3.80 25.96
C VAL R 295 -42.58 -3.01 25.90
N PHE R 296 -42.10 -2.76 24.70
CA PHE R 296 -40.86 -2.03 24.54
C PHE R 296 -41.05 -0.56 24.94
N SER R 297 -39.93 0.13 25.13
CA SER R 297 -39.95 1.50 25.63
C SER R 297 -40.74 2.42 24.70
N ASN R 298 -40.49 2.31 23.40
CA ASN R 298 -41.21 3.14 22.44
C ASN R 298 -42.60 2.58 22.18
N ASN R 299 -43.55 3.48 21.94
CA ASN R 299 -44.93 3.12 21.64
C ASN R 299 -45.03 2.67 20.18
N SER R 300 -44.59 1.43 19.95
CA SER R 300 -44.60 0.84 18.61
C SER R 300 -45.99 0.31 18.26
N LYS R 301 -46.97 1.20 18.15
CA LYS R 301 -48.33 0.84 17.81
C LYS R 301 -48.69 1.37 16.44
N PHE R 302 -49.47 0.61 15.68
CA PHE R 302 -49.91 1.01 14.35
C PHE R 302 -51.36 0.65 14.17
N LEU R 303 -52.03 1.39 13.29
CA LEU R 303 -53.43 1.16 12.97
C LEU R 303 -53.53 0.12 11.87
N VAL R 304 -54.18 -1.00 12.16
CA VAL R 304 -54.35 -2.05 11.17
C VAL R 304 -55.39 -1.62 10.14
N GLY R 305 -55.06 -1.78 8.86
CA GLY R 305 -56.00 -1.48 7.81
C GLY R 305 -57.20 -2.40 7.87
N ILE R 306 -58.37 -1.85 7.51
CA ILE R 306 -59.62 -2.60 7.66
C ILE R 306 -59.62 -3.84 6.79
N VAL R 307 -58.99 -3.77 5.63
CA VAL R 307 -58.90 -4.94 4.76
C VAL R 307 -58.10 -6.05 5.43
N GLU R 308 -57.09 -5.69 6.22
CA GLU R 308 -56.28 -6.69 6.92
C GLU R 308 -57.05 -7.39 8.03
N TYR R 309 -58.24 -6.90 8.39
CA TYR R 309 -58.97 -7.47 9.51
C TYR R 309 -59.32 -8.93 9.25
N LYS R 310 -59.76 -9.25 8.04
CA LYS R 310 -60.06 -10.64 7.70
C LYS R 310 -58.79 -11.49 7.66
N ASP R 311 -57.70 -10.93 7.16
CA ASP R 311 -56.47 -11.70 7.01
C ASP R 311 -55.82 -12.02 8.34
N LEU R 312 -55.95 -11.12 9.33
CA LEU R 312 -55.33 -11.35 10.62
C LEU R 312 -55.91 -12.57 11.32
N LEU R 313 -57.15 -12.92 11.01
CA LEU R 313 -57.83 -14.04 11.66
C LEU R 313 -58.15 -15.18 10.71
N ARG R 314 -57.71 -15.12 9.46
CA ARG R 314 -57.92 -16.24 8.56
C ARG R 314 -57.13 -17.45 9.04
N PRO R 315 -57.66 -18.65 8.82
CA PRO R 315 -56.97 -19.85 9.31
C PRO R 315 -55.76 -20.19 8.47
N VAL R 316 -54.96 -21.14 8.96
CA VAL R 316 -53.74 -21.58 8.32
C VAL R 316 -53.73 -23.10 8.27
N LYS R 317 -52.75 -23.63 7.53
CA LYS R 317 -52.53 -25.07 7.39
C LYS R 317 -53.77 -25.80 6.86
N SER R 318 -54.51 -25.16 5.95
CA SER R 318 -55.69 -25.77 5.35
C SER R 318 -55.39 -26.51 4.06
N SER R 319 -54.11 -26.83 3.79
CA SER R 319 -53.76 -27.50 2.55
C SER R 319 -54.40 -28.88 2.44
N ASP R 320 -54.40 -29.65 3.53
CA ASP R 320 -54.95 -30.99 3.55
C ASP R 320 -55.97 -31.11 4.67
N VAL R 321 -57.05 -31.85 4.42
CA VAL R 321 -58.10 -32.00 5.42
C VAL R 321 -57.58 -32.78 6.63
N LYS R 322 -56.94 -33.92 6.39
CA LYS R 322 -56.47 -34.77 7.48
C LYS R 322 -55.53 -35.82 6.91
N LEU R 323 -54.83 -36.51 7.81
CA LEU R 323 -54.08 -37.69 7.44
C LEU R 323 -55.03 -38.87 7.23
N THR R 324 -54.93 -39.52 6.08
CA THR R 324 -55.86 -40.56 5.68
C THR R 324 -55.29 -41.93 6.06
N ARG R 325 -56.11 -42.73 6.74
CA ARG R 325 -55.69 -44.08 7.09
C ARG R 325 -55.53 -44.93 5.84
N GLY R 326 -54.48 -45.73 5.81
CA GLY R 326 -54.14 -46.52 4.66
C GLY R 326 -53.17 -45.87 3.70
N SER R 327 -52.94 -44.57 3.84
CA SER R 327 -51.99 -43.87 2.98
C SER R 327 -50.56 -44.28 3.32
N TYR R 328 -49.68 -44.15 2.34
CA TYR R 328 -48.27 -44.46 2.50
C TYR R 328 -47.49 -43.17 2.74
N VAL R 329 -46.70 -43.14 3.81
CA VAL R 329 -45.98 -41.95 4.22
C VAL R 329 -44.53 -42.33 4.54
N ARG R 330 -43.68 -41.31 4.62
CA ARG R 330 -42.29 -41.44 4.99
C ARG R 330 -42.08 -40.96 6.41
N VAL R 331 -41.09 -41.54 7.09
CA VAL R 331 -40.84 -41.27 8.50
C VAL R 331 -39.69 -40.27 8.62
N LYS R 332 -39.90 -39.24 9.44
CA LYS R 332 -38.91 -38.17 9.57
C LYS R 332 -37.68 -38.61 10.34
N ASN R 333 -37.86 -39.32 11.46
CA ASN R 333 -36.74 -39.71 12.30
C ASN R 333 -37.06 -41.05 12.95
N GLY R 334 -36.23 -41.45 13.91
CA GLY R 334 -36.38 -42.74 14.55
C GLY R 334 -35.55 -43.83 13.88
N LYS R 335 -35.72 -45.05 14.39
CA LYS R 335 -34.97 -46.18 13.85
C LYS R 335 -35.36 -46.50 12.41
N PHE R 336 -36.56 -46.13 11.98
CA PHE R 336 -37.02 -46.31 10.61
C PHE R 336 -37.02 -44.99 9.85
N LYS R 337 -36.04 -44.14 10.14
CA LYS R 337 -35.90 -42.84 9.49
C LYS R 337 -35.83 -42.97 7.98
N GLY R 338 -36.87 -42.52 7.28
CA GLY R 338 -36.94 -42.58 5.84
C GLY R 338 -37.67 -43.78 5.27
N ASP R 339 -37.98 -44.78 6.09
CA ASP R 339 -38.70 -45.95 5.58
C ASP R 339 -40.14 -45.59 5.28
N LEU R 340 -40.63 -46.09 4.15
CA LEU R 340 -42.03 -45.89 3.79
C LEU R 340 -42.93 -46.67 4.74
N ALA R 341 -43.99 -46.03 5.21
CA ALA R 341 -44.88 -46.63 6.19
C ALA R 341 -46.33 -46.36 5.82
N GLN R 342 -47.17 -47.36 6.00
CA GLN R 342 -48.60 -47.22 5.76
C GLN R 342 -49.29 -46.75 7.03
N VAL R 343 -50.22 -45.82 6.88
CA VAL R 343 -50.95 -45.28 8.03
C VAL R 343 -52.13 -46.18 8.34
N ASP R 344 -51.88 -47.21 9.16
CA ASP R 344 -52.97 -48.10 9.56
C ASP R 344 -54.01 -47.37 10.41
N GLU R 345 -53.55 -46.54 11.34
CA GLU R 345 -54.43 -45.85 12.26
C GLU R 345 -54.01 -44.40 12.41
N VAL R 346 -54.99 -43.50 12.46
CA VAL R 346 -54.78 -42.09 12.76
C VAL R 346 -55.40 -41.81 14.11
N LEU R 347 -54.58 -41.40 15.07
CA LEU R 347 -55.10 -41.05 16.39
C LEU R 347 -55.93 -39.77 16.30
N GLU R 348 -57.04 -39.75 17.04
CA GLU R 348 -57.93 -38.60 16.99
C GLU R 348 -57.26 -37.33 17.53
N ASN R 349 -56.23 -37.48 18.37
CA ASN R 349 -55.51 -36.31 18.86
C ASN R 349 -54.78 -35.59 17.73
N GLY R 350 -54.30 -36.32 16.73
CA GLY R 350 -53.62 -35.74 15.60
C GLY R 350 -52.14 -35.51 15.80
N LEU R 351 -51.63 -35.70 17.02
CA LEU R 351 -50.20 -35.54 17.27
C LEU R 351 -49.43 -36.82 17.01
N GLU R 352 -50.08 -37.97 17.08
CA GLU R 352 -49.46 -39.27 16.83
C GLU R 352 -50.38 -40.10 15.94
N ALA R 353 -49.87 -41.24 15.49
CA ALA R 353 -50.63 -42.13 14.63
C ALA R 353 -49.94 -43.48 14.57
N ARG R 354 -50.74 -44.56 14.62
CA ARG R 354 -50.20 -45.90 14.53
C ARG R 354 -49.93 -46.25 13.07
N LEU R 355 -48.74 -46.79 12.81
CA LEU R 355 -48.29 -47.00 11.44
C LEU R 355 -47.83 -48.43 11.24
N LYS R 356 -47.91 -48.87 9.98
CA LYS R 356 -47.48 -50.20 9.57
C LYS R 356 -46.11 -50.10 8.92
N LEU R 357 -45.12 -50.77 9.51
CA LEU R 357 -43.73 -50.62 9.08
C LEU R 357 -43.11 -52.00 8.88
N VAL R 358 -41.95 -52.01 8.23
CA VAL R 358 -41.14 -53.21 8.08
C VAL R 358 -40.13 -53.25 9.22
N PRO R 359 -40.12 -54.32 10.02
CA PRO R 359 -39.23 -54.34 11.20
C PRO R 359 -37.76 -54.27 10.84
N ARG R 360 -36.98 -53.68 11.75
CA ARG R 360 -35.52 -53.60 11.63
C ARG R 360 -34.95 -54.21 12.91
N LEU R 361 -34.67 -55.52 12.87
CA LEU R 361 -34.21 -56.23 14.05
C LEU R 361 -33.02 -57.11 13.69
N ASP R 362 -32.21 -57.39 14.72
CA ASP R 362 -31.14 -58.38 14.63
C ASP R 362 -31.40 -59.61 15.49
N TYR R 363 -32.41 -59.57 16.35
CA TYR R 363 -32.80 -60.65 17.25
C TYR R 363 -31.72 -61.01 18.25
N GLY R 364 -30.67 -60.21 18.35
CA GLY R 364 -29.57 -60.49 19.27
C GLY R 364 -28.57 -61.49 18.74
N PHE R 390 -26.26 -46.84 12.62
CA PHE R 390 -26.06 -48.29 12.66
C PHE R 390 -27.35 -49.00 13.04
N ARG R 391 -28.08 -49.49 12.03
CA ARG R 391 -29.33 -50.19 12.25
C ARG R 391 -29.42 -51.35 11.28
N PRO R 392 -30.07 -52.45 11.66
CA PRO R 392 -30.24 -53.57 10.73
C PRO R 392 -31.17 -53.20 9.58
N ALA R 393 -30.96 -53.86 8.45
CA ALA R 393 -31.81 -53.62 7.29
C ALA R 393 -33.24 -54.05 7.57
N GLN R 394 -34.19 -53.35 6.96
CA GLN R 394 -35.59 -53.65 7.18
C GLN R 394 -35.93 -55.04 6.64
N ARG R 395 -36.72 -55.78 7.41
CA ARG R 395 -37.07 -57.16 7.07
C ARG R 395 -38.30 -57.56 7.86
N LEU R 396 -39.17 -58.33 7.22
CA LEU R 396 -40.38 -58.81 7.89
C LEU R 396 -40.00 -59.62 9.13
N PHE R 397 -40.71 -59.38 10.23
CA PHE R 397 -40.40 -60.03 11.48
C PHE R 397 -40.63 -61.53 11.35
N SER R 398 -39.55 -62.31 11.50
CA SER R 398 -39.59 -63.75 11.32
C SER R 398 -39.68 -64.41 12.69
N GLU R 399 -40.80 -65.07 12.95
CA GLU R 399 -41.06 -65.61 14.28
C GLU R 399 -40.12 -66.75 14.63
N ALA R 400 -39.79 -67.60 13.65
CA ALA R 400 -38.91 -68.73 13.92
C ALA R 400 -37.50 -68.28 14.28
N GLU R 401 -36.94 -67.37 13.48
CA GLU R 401 -35.61 -66.84 13.79
C GLU R 401 -35.62 -66.09 15.11
N ALA R 402 -36.70 -65.34 15.37
CA ALA R 402 -36.80 -64.61 16.62
C ALA R 402 -36.80 -65.55 17.81
N ARG R 403 -37.56 -66.66 17.73
CA ARG R 403 -37.56 -67.62 18.82
C ARG R 403 -36.20 -68.29 18.98
N VAL R 404 -35.55 -68.63 17.86
CA VAL R 404 -34.25 -69.29 17.95
C VAL R 404 -33.23 -68.38 18.61
N HIS R 405 -33.19 -67.11 18.22
CA HIS R 405 -32.29 -66.15 18.82
C HIS R 405 -32.83 -65.56 20.12
N GLU R 406 -34.13 -65.70 20.39
CA GLU R 406 -34.71 -65.16 21.62
C GLU R 406 -36.02 -65.87 21.92
N PRO R 407 -36.01 -66.89 22.78
CA PRO R 407 -37.22 -67.69 23.02
C PRO R 407 -38.26 -67.02 23.90
N THR R 408 -38.14 -65.72 24.18
CA THR R 408 -39.06 -65.01 25.05
C THR R 408 -40.17 -64.28 24.29
N ILE R 409 -40.60 -64.82 23.15
CA ILE R 409 -41.66 -64.18 22.38
C ILE R 409 -42.99 -64.32 23.10
N ARG R 410 -43.81 -63.28 23.01
CA ARG R 410 -45.16 -63.30 23.56
C ARG R 410 -46.19 -63.46 22.45
N ARG R 411 -47.36 -63.95 22.83
CA ARG R 411 -48.49 -64.12 21.92
C ARG R 411 -49.74 -63.57 22.58
N ASP R 412 -50.53 -62.82 21.81
CA ASP R 412 -51.77 -62.25 22.30
C ASP R 412 -52.99 -62.64 21.48
N ARG R 413 -52.84 -62.88 20.19
CA ARG R 413 -53.94 -63.25 19.31
C ARG R 413 -53.39 -64.20 18.23
N ASP R 414 -54.18 -64.38 17.18
CA ASP R 414 -53.75 -65.14 16.01
C ASP R 414 -53.29 -64.15 14.92
N GLY R 415 -52.02 -64.26 14.54
CA GLY R 415 -51.44 -63.34 13.59
C GLY R 415 -50.87 -62.07 14.19
N PHE R 416 -51.19 -61.78 15.45
CA PHE R 416 -50.67 -60.62 16.17
C PHE R 416 -49.68 -61.10 17.20
N VAL R 417 -48.40 -60.78 16.99
CA VAL R 417 -47.32 -61.26 17.85
C VAL R 417 -46.57 -60.08 18.44
N THR R 418 -46.25 -60.19 19.72
CA THR R 418 -45.48 -59.18 20.43
C THR R 418 -44.13 -59.77 20.80
N TYR R 419 -43.07 -59.22 20.23
CA TYR R 419 -41.71 -59.69 20.47
C TYR R 419 -40.85 -58.54 20.96
N GLY R 420 -40.23 -58.71 22.12
CA GLY R 420 -39.39 -57.66 22.67
C GLY R 420 -40.11 -56.37 22.96
N GLY R 421 -41.39 -56.45 23.33
CA GLY R 421 -42.18 -55.26 23.57
C GLY R 421 -42.70 -54.59 22.32
N GLU R 422 -42.43 -55.14 21.15
CA GLU R 422 -42.87 -54.57 19.88
C GLU R 422 -43.92 -55.48 19.26
N GLU R 423 -45.02 -54.87 18.81
CA GLU R 423 -46.17 -55.61 18.30
C GLU R 423 -46.04 -55.76 16.80
N TYR R 424 -45.91 -57.00 16.33
CA TYR R 424 -45.81 -57.31 14.91
C TYR R 424 -47.06 -58.08 14.49
N TYR R 425 -47.75 -57.58 13.48
CA TYR R 425 -48.99 -58.15 13.00
C TYR R 425 -48.76 -58.78 11.63
N GLU R 426 -48.79 -60.11 11.58
CA GLU R 426 -48.62 -60.86 10.34
C GLU R 426 -47.32 -60.49 9.63
N GLY R 427 -46.25 -60.33 10.41
CA GLY R 427 -44.94 -60.02 9.86
C GLY R 427 -44.62 -58.56 9.68
N PHE R 428 -45.58 -57.66 9.94
CA PHE R 428 -45.38 -56.23 9.81
C PHE R 428 -45.48 -55.57 11.17
N LEU R 429 -44.53 -54.70 11.47
CA LEU R 429 -44.57 -53.95 12.72
C LEU R 429 -45.69 -52.92 12.71
N TYR R 430 -46.39 -52.82 13.83
CA TYR R 430 -47.41 -51.79 14.03
C TYR R 430 -47.00 -50.97 15.25
N LYS R 431 -46.56 -49.74 15.01
CA LYS R 431 -46.06 -48.87 16.06
C LYS R 431 -46.58 -47.45 15.85
N THR R 432 -47.02 -46.83 16.93
CA THR R 432 -47.47 -45.45 16.88
C THR R 432 -46.28 -44.50 16.74
N PHE R 433 -46.44 -43.51 15.87
CA PHE R 433 -45.40 -42.51 15.64
C PHE R 433 -46.02 -41.12 15.69
N ARG R 434 -45.26 -40.16 16.18
CA ARG R 434 -45.76 -38.80 16.31
C ARG R 434 -45.89 -38.14 14.95
N LEU R 435 -46.76 -37.12 14.88
CA LEU R 435 -46.93 -36.37 13.65
C LEU R 435 -45.64 -35.68 13.22
N GLN R 436 -44.82 -35.27 14.18
CA GLN R 436 -43.51 -34.67 13.92
C GLN R 436 -42.49 -35.69 13.44
N ASN R 437 -42.89 -36.93 13.22
CA ASN R 437 -42.01 -37.98 12.72
C ASN R 437 -42.38 -38.43 11.31
N LEU R 438 -43.25 -37.69 10.61
CA LEU R 438 -43.77 -38.14 9.33
C LEU R 438 -43.73 -37.02 8.29
N ILE R 439 -43.53 -37.43 7.04
CA ILE R 439 -43.66 -36.55 5.88
C ILE R 439 -44.87 -37.03 5.10
N VAL R 440 -45.89 -36.17 5.02
CA VAL R 440 -47.14 -36.53 4.36
C VAL R 440 -47.26 -35.94 2.96
N ASN R 441 -46.20 -35.32 2.44
CA ASN R 441 -46.21 -34.73 1.12
C ASN R 441 -44.86 -34.95 0.46
N SER R 442 -44.86 -34.88 -0.87
CA SER R 442 -43.65 -35.12 -1.67
C SER R 442 -43.05 -36.49 -1.36
N ILE R 443 -43.92 -37.49 -1.23
CA ILE R 443 -43.51 -38.83 -0.85
C ILE R 443 -43.03 -39.57 -2.09
N ASN R 444 -41.83 -40.16 -2.00
CA ASN R 444 -41.23 -40.83 -3.14
C ASN R 444 -41.27 -42.33 -2.93
N PRO R 445 -42.14 -43.06 -3.62
CA PRO R 445 -42.22 -44.51 -3.43
C PRO R 445 -41.30 -45.30 -4.34
N THR R 446 -40.90 -46.47 -3.86
CA THR R 446 -40.09 -47.40 -4.61
C THR R 446 -40.87 -48.70 -4.83
N LEU R 447 -40.71 -49.29 -6.01
CA LEU R 447 -41.45 -50.52 -6.32
C LEU R 447 -41.03 -51.68 -5.43
N ASN R 448 -39.79 -51.67 -4.94
CA ASN R 448 -39.35 -52.72 -4.03
C ASN R 448 -40.15 -52.69 -2.73
N GLU R 449 -40.22 -51.53 -2.10
CA GLU R 449 -41.00 -51.38 -0.87
C GLU R 449 -42.48 -51.58 -1.14
N LEU R 450 -42.96 -51.09 -2.29
CA LEU R 450 -44.36 -51.29 -2.65
C LEU R 450 -44.70 -52.77 -2.75
N SER R 451 -43.85 -53.55 -3.41
CA SER R 451 -44.07 -54.98 -3.50
C SER R 451 -43.99 -55.64 -2.13
N LEU R 452 -43.00 -55.26 -1.32
CA LEU R 452 -42.86 -55.85 0.00
C LEU R 452 -44.06 -55.55 0.90
N PHE R 453 -44.70 -54.40 0.68
CA PHE R 453 -45.90 -54.04 1.45
C PHE R 453 -47.17 -54.69 0.91
N GLN R 454 -47.30 -54.82 -0.41
CA GLN R 454 -48.52 -55.30 -1.03
C GLN R 454 -48.53 -56.80 -1.28
N SER R 455 -47.43 -57.50 -1.01
CA SER R 455 -47.40 -58.94 -1.23
C SER R 455 -48.42 -59.65 -0.35
N ASN R 456 -48.58 -59.19 0.90
CA ASN R 456 -49.54 -59.80 1.81
C ASN R 456 -50.99 -59.51 1.43
N GLU R 457 -51.22 -58.60 0.49
CA GLU R 457 -52.57 -58.28 0.01
C GLU R 457 -53.01 -59.17 -1.15
N GLU R 458 -52.29 -60.25 -1.41
CA GLU R 458 -52.59 -61.23 -2.46
C GLU R 458 -52.57 -60.61 -3.86
N SER R 459 -51.99 -59.43 -4.02
CA SER R 459 -51.91 -58.79 -5.32
C SER R 459 -50.81 -57.73 -5.28
N THR R 460 -50.03 -57.65 -6.35
CA THR R 460 -48.90 -56.73 -6.41
C THR R 460 -49.39 -55.32 -6.70
N THR R 461 -49.31 -54.44 -5.71
CA THR R 461 -49.65 -53.02 -5.83
C THR R 461 -51.08 -52.83 -6.36
N ILE R 462 -52.04 -53.40 -5.62
CA ILE R 462 -53.43 -53.24 -5.99
C ILE R 462 -53.89 -51.80 -5.80
N ASP R 463 -53.42 -51.15 -4.73
CA ASP R 463 -53.78 -49.76 -4.46
C ASP R 463 -52.86 -48.84 -5.24
N LEU R 464 -53.44 -47.99 -6.09
CA LEU R 464 -52.64 -47.11 -6.93
C LEU R 464 -53.20 -45.70 -7.06
N SER R 465 -54.12 -45.29 -6.18
CA SER R 465 -54.67 -43.94 -6.26
C SER R 465 -53.69 -42.91 -5.70
N THR R 466 -53.25 -43.12 -4.46
CA THR R 466 -52.23 -42.25 -3.87
C THR R 466 -50.94 -42.31 -4.68
N ILE R 467 -50.61 -43.49 -5.21
CA ILE R 467 -49.43 -43.60 -6.07
C ILE R 467 -49.60 -42.77 -7.33
N ALA R 468 -50.80 -42.80 -7.93
CA ALA R 468 -51.05 -41.98 -9.12
C ALA R 468 -50.95 -40.49 -8.80
N ASP R 469 -51.46 -40.08 -7.63
CA ASP R 469 -51.33 -38.68 -7.23
C ASP R 469 -49.86 -38.29 -7.05
N SER R 470 -49.06 -39.19 -6.45
CA SER R 470 -47.63 -38.93 -6.31
C SER R 470 -46.95 -38.84 -7.67
N LEU R 471 -47.38 -39.69 -8.62
CA LEU R 471 -46.85 -39.61 -9.98
C LEU R 471 -47.15 -38.26 -10.62
N LYS R 472 -48.38 -37.79 -10.44
CA LYS R 472 -48.74 -36.48 -10.98
C LYS R 472 -47.90 -35.38 -10.36
N GLU R 473 -47.69 -35.45 -9.04
CA GLU R 473 -46.86 -34.44 -8.37
C GLU R 473 -45.43 -34.47 -8.90
N THR R 474 -44.87 -35.67 -9.04
CA THR R 474 -43.49 -35.79 -9.54
C THR R 474 -43.37 -35.27 -10.96
N ALA R 475 -44.37 -35.57 -11.81
CA ALA R 475 -44.34 -35.08 -13.18
C ALA R 475 -44.46 -33.56 -13.22
N LYS R 476 -45.31 -32.97 -12.37
CA LYS R 476 -45.52 -31.54 -12.42
C LYS R 476 -44.32 -30.77 -11.87
N ASN R 477 -43.77 -31.22 -10.75
CA ASN R 477 -42.68 -30.47 -10.12
C ASN R 477 -41.35 -30.61 -10.85
N LEU R 478 -41.12 -31.74 -11.51
CA LEU R 478 -39.84 -31.97 -12.16
C LEU R 478 -39.63 -31.16 -13.44
N VAL R 479 -40.69 -30.55 -13.97
CA VAL R 479 -40.55 -29.80 -15.22
C VAL R 479 -39.86 -28.47 -14.95
N SER R 480 -38.77 -28.22 -15.66
CA SER R 480 -38.06 -26.95 -15.62
C SER R 480 -37.79 -26.51 -17.05
N PHE R 481 -37.99 -25.22 -17.32
CA PHE R 481 -37.90 -24.71 -18.67
C PHE R 481 -36.71 -23.77 -18.83
N GLN R 482 -36.27 -23.63 -20.07
CA GLN R 482 -35.17 -22.74 -20.45
C GLN R 482 -35.55 -22.04 -21.73
N PRO R 483 -34.95 -20.88 -22.01
CA PRO R 483 -35.25 -20.20 -23.28
C PRO R 483 -34.89 -21.07 -24.47
N GLY R 484 -35.71 -20.98 -25.51
CA GLY R 484 -35.50 -21.75 -26.72
C GLY R 484 -36.13 -23.13 -26.74
N ASP R 485 -36.76 -23.55 -25.65
CA ASP R 485 -37.40 -24.87 -25.63
C ASP R 485 -38.67 -24.86 -26.46
N ASN R 486 -38.84 -25.90 -27.27
CA ASN R 486 -40.06 -26.09 -28.05
C ASN R 486 -41.11 -26.74 -27.17
N VAL R 487 -42.24 -26.05 -26.98
CA VAL R 487 -43.27 -26.48 -26.05
C VAL R 487 -44.62 -26.49 -26.76
N GLU R 488 -45.55 -27.23 -26.18
CA GLU R 488 -46.92 -27.30 -26.67
C GLU R 488 -47.87 -27.01 -25.52
N ILE R 489 -49.02 -26.43 -25.87
CA ILE R 489 -49.99 -25.92 -24.91
C ILE R 489 -51.10 -26.93 -24.75
N ILE R 490 -51.46 -27.24 -23.50
CA ILE R 490 -52.44 -28.27 -23.20
C ILE R 490 -53.83 -27.70 -22.98
N ASN R 491 -53.93 -26.53 -22.36
CA ASN R 491 -55.22 -25.95 -22.01
C ASN R 491 -55.35 -24.56 -22.63
N GLY R 492 -56.40 -23.84 -22.22
CA GLY R 492 -56.60 -22.48 -22.66
C GLY R 492 -57.13 -22.40 -24.08
N GLU R 493 -57.41 -21.15 -24.49
CA GLU R 493 -57.87 -20.92 -25.86
C GLU R 493 -56.78 -21.24 -26.87
N LEU R 494 -55.51 -21.16 -26.46
CA LEU R 494 -54.37 -21.45 -27.32
C LEU R 494 -53.93 -22.90 -27.22
N ASN R 495 -54.85 -23.80 -26.87
CA ASN R 495 -54.51 -25.22 -26.74
C ASN R 495 -54.07 -25.80 -28.07
N HIS R 496 -53.15 -26.77 -27.99
CA HIS R 496 -52.58 -27.43 -29.17
C HIS R 496 -51.90 -26.44 -30.10
N LEU R 497 -51.04 -25.59 -29.50
CA LEU R 497 -50.22 -24.67 -30.27
C LEU R 497 -48.76 -24.84 -29.87
N THR R 498 -47.88 -24.71 -30.86
CA THR R 498 -46.45 -24.86 -30.65
C THR R 498 -45.79 -23.48 -30.54
N GLY R 499 -44.70 -23.44 -29.79
CA GLY R 499 -43.99 -22.20 -29.58
C GLY R 499 -42.64 -22.45 -28.93
N THR R 500 -41.81 -21.42 -28.97
CA THR R 500 -40.46 -21.47 -28.43
C THR R 500 -40.35 -20.51 -27.25
N VAL R 501 -39.77 -20.97 -26.16
CA VAL R 501 -39.63 -20.16 -24.96
C VAL R 501 -38.64 -19.03 -25.25
N SER R 502 -39.09 -17.79 -25.10
CA SER R 502 -38.22 -16.65 -25.34
C SER R 502 -37.48 -16.23 -24.07
N SER R 503 -38.21 -15.98 -22.98
CA SER R 503 -37.61 -15.58 -21.73
C SER R 503 -38.36 -16.23 -20.58
N VAL R 504 -37.68 -16.38 -19.45
CA VAL R 504 -38.23 -17.01 -18.26
C VAL R 504 -38.23 -15.97 -17.14
N ASN R 505 -39.39 -15.80 -16.51
CA ASN R 505 -39.54 -14.90 -15.37
C ASN R 505 -40.11 -15.69 -14.21
N GLN R 506 -39.45 -15.60 -13.05
CA GLN R 506 -39.78 -16.40 -11.86
C GLN R 506 -39.78 -17.86 -12.28
N SER R 507 -40.77 -18.66 -11.88
CA SER R 507 -40.86 -20.06 -12.28
C SER R 507 -42.27 -20.44 -12.72
N THR R 508 -43.17 -19.46 -12.88
CA THR R 508 -44.54 -19.74 -13.28
C THR R 508 -45.02 -18.95 -14.49
N ILE R 509 -44.28 -17.93 -14.92
CA ILE R 509 -44.64 -17.13 -16.09
C ILE R 509 -43.53 -17.27 -17.12
N VAL R 510 -43.87 -17.73 -18.31
CA VAL R 510 -42.91 -17.97 -19.37
C VAL R 510 -43.38 -17.23 -20.63
N SER R 511 -42.52 -16.34 -21.14
CA SER R 511 -42.82 -15.66 -22.39
C SER R 511 -42.51 -16.56 -23.57
N VAL R 512 -43.50 -16.79 -24.42
CA VAL R 512 -43.37 -17.72 -25.54
C VAL R 512 -43.74 -17.00 -26.83
N ARG R 513 -42.92 -17.21 -27.87
CA ARG R 513 -43.24 -16.76 -29.22
C ARG R 513 -43.80 -17.96 -29.99
N LEU R 514 -45.03 -17.82 -30.49
CA LEU R 514 -45.70 -18.92 -31.14
C LEU R 514 -45.30 -19.04 -32.60
N HIS R 515 -45.39 -20.25 -33.13
CA HIS R 515 -45.07 -20.54 -34.53
C HIS R 515 -46.34 -21.00 -35.24
N SER R 516 -46.62 -20.39 -36.38
CA SER R 516 -47.80 -20.71 -37.17
C SER R 516 -47.56 -20.30 -38.61
N ASP R 517 -48.44 -20.76 -39.50
CA ASP R 517 -48.31 -20.44 -40.91
C ASP R 517 -48.50 -18.96 -41.19
N ASP R 518 -49.13 -18.22 -40.28
CA ASP R 518 -49.32 -16.79 -40.46
C ASP R 518 -48.12 -16.03 -39.91
N ASP R 519 -47.53 -15.17 -40.74
CA ASP R 519 -46.33 -14.44 -40.34
C ASP R 519 -46.63 -13.44 -39.23
N THR R 520 -47.79 -12.77 -39.30
CA THR R 520 -48.13 -11.77 -38.28
C THR R 520 -48.32 -12.39 -36.91
N ILE R 521 -48.69 -13.65 -36.83
CA ILE R 521 -48.83 -14.32 -35.54
C ILE R 521 -47.47 -14.74 -34.98
N ASN R 522 -46.53 -15.11 -35.85
CA ASN R 522 -45.21 -15.55 -35.41
C ASN R 522 -44.37 -14.43 -34.81
N SER R 523 -44.78 -13.18 -34.98
CA SER R 523 -44.04 -12.04 -34.46
C SER R 523 -44.59 -11.54 -33.13
N GLU R 524 -45.38 -12.35 -32.44
CA GLU R 524 -46.00 -11.98 -31.18
C GLU R 524 -45.44 -12.86 -30.07
N THR R 525 -45.20 -12.26 -28.90
CA THR R 525 -44.73 -12.98 -27.72
C THR R 525 -45.86 -13.04 -26.69
N VAL R 526 -46.12 -14.23 -26.17
CA VAL R 526 -47.20 -14.48 -25.23
C VAL R 526 -46.62 -15.06 -23.95
N GLU R 527 -47.02 -14.51 -22.82
CA GLU R 527 -46.63 -15.03 -21.51
C GLU R 527 -47.64 -16.08 -21.07
N ILE R 528 -47.18 -17.30 -20.84
CA ILE R 528 -48.08 -18.42 -20.59
C ILE R 528 -47.67 -19.14 -19.30
N PRO R 529 -48.62 -19.50 -18.44
CA PRO R 529 -48.27 -20.26 -17.24
C PRO R 529 -47.63 -21.60 -17.59
N THR R 530 -46.66 -22.01 -16.75
CA THR R 530 -45.94 -23.25 -16.99
C THR R 530 -46.77 -24.49 -16.78
N SER R 531 -47.88 -24.40 -16.04
CA SER R 531 -48.72 -25.55 -15.77
C SER R 531 -49.44 -26.08 -17.01
N ASP R 532 -49.45 -25.32 -18.10
CA ASP R 532 -50.11 -25.72 -19.33
C ASP R 532 -49.12 -25.76 -20.50
N LEU R 533 -47.91 -26.24 -20.24
CA LEU R 533 -46.88 -26.38 -21.26
C LEU R 533 -46.32 -27.79 -21.23
N ARG R 534 -46.13 -28.37 -22.42
CA ARG R 534 -45.51 -29.68 -22.55
C ARG R 534 -44.37 -29.58 -23.54
N LYS R 535 -43.21 -30.12 -23.18
CA LYS R 535 -42.04 -30.03 -24.04
C LYS R 535 -42.23 -30.82 -25.32
N ILE R 536 -41.69 -30.30 -26.41
CA ILE R 536 -41.76 -30.94 -27.72
C ILE R 536 -40.37 -31.45 -28.05
N PHE R 537 -40.26 -32.76 -28.27
CA PHE R 537 -38.99 -33.42 -28.53
C PHE R 537 -38.99 -33.97 -29.95
N ASN R 538 -38.13 -33.42 -30.80
CA ASN R 538 -38.03 -33.86 -32.18
C ASN R 538 -36.96 -34.93 -32.33
N VAL R 539 -37.14 -35.78 -33.33
CA VAL R 539 -36.23 -36.92 -33.53
C VAL R 539 -34.89 -36.42 -34.01
N GLY R 540 -33.82 -36.89 -33.38
CA GLY R 540 -32.47 -36.54 -33.77
C GLY R 540 -31.91 -35.34 -33.03
N ASP R 541 -32.21 -35.24 -31.74
CA ASP R 541 -31.76 -34.13 -30.90
C ASP R 541 -31.01 -34.68 -29.70
N HIS R 542 -29.92 -34.02 -29.32
CA HIS R 542 -29.18 -34.41 -28.12
C HIS R 542 -30.01 -34.07 -26.89
N VAL R 543 -30.29 -35.07 -26.07
CA VAL R 543 -31.10 -34.91 -24.88
C VAL R 543 -30.41 -35.60 -23.70
N ARG R 544 -30.45 -34.96 -22.54
CA ARG R 544 -29.84 -35.47 -21.33
C ARG R 544 -30.92 -35.80 -20.30
N VAL R 545 -30.79 -36.97 -19.67
CA VAL R 545 -31.76 -37.39 -18.67
C VAL R 545 -31.63 -36.53 -17.43
N ILE R 546 -32.75 -36.00 -16.95
CA ILE R 546 -32.73 -35.15 -15.76
C ILE R 546 -32.64 -35.98 -14.50
N HIS R 547 -33.55 -36.94 -14.33
CA HIS R 547 -33.68 -37.67 -13.08
C HIS R 547 -34.13 -39.09 -13.37
N GLY R 548 -33.71 -40.02 -12.51
CA GLY R 548 -34.06 -41.42 -12.61
C GLY R 548 -32.83 -42.28 -12.47
N LYS R 549 -32.99 -43.57 -12.80
CA LYS R 549 -31.85 -44.49 -12.77
C LYS R 549 -30.82 -44.11 -13.82
N HIS R 550 -31.26 -43.57 -14.96
CA HIS R 550 -30.36 -43.16 -16.04
C HIS R 550 -29.95 -41.70 -15.94
N THR R 551 -29.87 -41.16 -14.73
CA THR R 551 -29.50 -39.76 -14.54
C THR R 551 -28.13 -39.48 -15.17
N ASP R 552 -28.01 -38.32 -15.81
CA ASP R 552 -26.82 -37.84 -16.50
C ASP R 552 -26.49 -38.66 -17.75
N ASP R 553 -27.44 -39.42 -18.27
CA ASP R 553 -27.25 -40.12 -19.54
C ASP R 553 -27.78 -39.27 -20.68
N THR R 554 -27.02 -39.20 -21.76
CA THR R 554 -27.36 -38.40 -22.92
C THR R 554 -27.52 -39.30 -24.14
N GLY R 555 -28.06 -38.72 -25.22
CA GLY R 555 -28.23 -39.46 -26.44
C GLY R 555 -28.99 -38.66 -27.47
N LEU R 556 -29.38 -39.34 -28.55
CA LEU R 556 -30.11 -38.74 -29.65
C LEU R 556 -31.49 -39.37 -29.73
N ILE R 557 -32.52 -38.52 -29.86
CA ILE R 557 -33.90 -39.00 -29.90
C ILE R 557 -34.10 -39.85 -31.16
N VAL R 558 -34.73 -41.00 -30.99
CA VAL R 558 -34.99 -41.93 -32.08
C VAL R 558 -36.47 -42.13 -32.32
N GLU R 559 -37.23 -42.41 -31.26
CA GLU R 559 -38.67 -42.66 -31.37
C GLU R 559 -39.40 -41.86 -30.31
N VAL R 560 -40.49 -41.22 -30.71
CA VAL R 560 -41.28 -40.36 -29.82
C VAL R 560 -42.66 -40.99 -29.70
N ASN R 561 -42.85 -41.79 -28.64
CA ASN R 561 -44.15 -42.42 -28.38
C ASN R 561 -44.98 -41.61 -27.40
N GLY R 562 -45.24 -40.35 -27.75
CA GLY R 562 -46.04 -39.48 -26.90
C GLY R 562 -45.38 -39.13 -25.59
N ASP R 563 -45.95 -39.63 -24.49
CA ASP R 563 -45.38 -39.35 -23.17
C ASP R 563 -43.99 -39.95 -23.02
N LYS R 564 -43.80 -41.17 -23.52
CA LYS R 564 -42.53 -41.87 -23.40
C LYS R 564 -41.71 -41.67 -24.67
N VAL R 565 -40.45 -41.27 -24.51
CA VAL R 565 -39.56 -40.99 -25.63
C VAL R 565 -38.39 -41.96 -25.58
N GLU R 566 -37.99 -42.44 -26.75
CA GLU R 566 -36.89 -43.39 -26.88
C GLU R 566 -35.70 -42.71 -27.53
N PHE R 567 -34.50 -43.01 -27.01
CA PHE R 567 -33.28 -42.39 -27.50
C PHE R 567 -32.12 -43.36 -27.36
N ILE R 568 -31.21 -43.32 -28.33
CA ILE R 568 -30.01 -44.16 -28.29
C ILE R 568 -29.00 -43.51 -27.37
N SER R 569 -28.51 -44.26 -26.38
CA SER R 569 -27.59 -43.71 -25.41
C SER R 569 -26.21 -43.49 -26.04
N ASN R 570 -25.42 -42.65 -25.37
CA ASN R 570 -24.05 -42.33 -25.80
C ASN R 570 -23.02 -43.20 -25.11
N GLN R 571 -23.14 -43.39 -23.80
CA GLN R 571 -22.18 -44.20 -23.04
C GLN R 571 -22.41 -45.69 -23.28
N THR R 572 -23.61 -46.16 -22.96
CA THR R 572 -23.93 -47.57 -23.16
C THR R 572 -24.18 -47.91 -24.63
N LYS R 573 -24.44 -46.89 -25.46
CA LYS R 573 -24.67 -47.08 -26.90
C LYS R 573 -25.83 -48.04 -27.16
N ARG R 574 -26.87 -47.96 -26.32
CA ARG R 574 -28.05 -48.78 -26.46
C ARG R 574 -29.29 -47.93 -26.25
N THR R 575 -30.40 -48.37 -26.83
CA THR R 575 -31.65 -47.63 -26.72
C THR R 575 -32.20 -47.70 -25.31
N VAL R 576 -32.66 -46.56 -24.80
CA VAL R 576 -33.27 -46.45 -23.49
C VAL R 576 -34.58 -45.70 -23.63
N ILE R 577 -35.63 -46.22 -22.99
CA ILE R 577 -36.96 -45.63 -23.05
C ILE R 577 -37.23 -44.99 -21.70
N VAL R 578 -37.34 -43.65 -21.69
CA VAL R 578 -37.62 -42.88 -20.48
C VAL R 578 -38.71 -41.87 -20.84
N PHE R 579 -39.50 -41.49 -19.84
CA PHE R 579 -40.56 -40.53 -20.05
C PHE R 579 -40.00 -39.18 -20.49
N SER R 580 -40.79 -38.47 -21.31
CA SER R 580 -40.37 -37.15 -21.78
C SER R 580 -40.21 -36.16 -20.63
N ASN R 581 -40.80 -36.44 -19.47
CA ASN R 581 -40.65 -35.58 -18.31
C ASN R 581 -39.24 -35.57 -17.75
N TYR R 582 -38.42 -36.57 -18.09
CA TYR R 582 -37.08 -36.72 -17.53
C TYR R 582 -35.99 -36.37 -18.52
N LEU R 583 -36.32 -35.64 -19.58
CA LEU R 583 -35.37 -35.33 -20.64
C LEU R 583 -35.28 -33.83 -20.85
N ILE R 584 -34.07 -33.33 -21.06
CA ILE R 584 -33.81 -31.94 -21.41
C ILE R 584 -32.96 -31.91 -22.66
N LYS R 585 -33.35 -31.06 -23.61
CA LYS R 585 -32.58 -30.92 -24.85
C LYS R 585 -31.26 -30.22 -24.56
N SER R 586 -30.21 -31.01 -24.34
CA SER R 586 -28.88 -30.49 -24.06
C SER R 586 -27.96 -30.90 -25.21
N THR R 587 -27.58 -29.94 -26.04
CA THR R 587 -26.82 -30.24 -27.25
C THR R 587 -25.42 -30.75 -26.94
N ASP R 588 -24.92 -30.57 -25.72
CA ASP R 588 -23.59 -31.02 -25.34
C ASP R 588 -23.68 -31.82 -24.04
N SER R 589 -22.97 -32.94 -23.99
CA SER R 589 -23.00 -33.79 -22.79
C SER R 589 -22.02 -33.29 -21.74
N THR R 590 -20.72 -33.33 -22.05
CA THR R 590 -19.64 -32.97 -21.13
C THR R 590 -19.88 -33.53 -19.73
N VAL R 591 -20.05 -34.85 -19.69
CA VAL R 591 -20.38 -35.54 -18.43
C VAL R 591 -19.10 -35.72 -17.62
N SER R 592 -19.18 -35.34 -16.34
CA SER R 592 -18.09 -35.56 -15.40
C SER R 592 -18.37 -36.81 -14.59
N ILE R 593 -17.38 -37.69 -14.49
CA ILE R 593 -17.54 -39.00 -13.85
C ILE R 593 -16.99 -38.99 -12.43
N ASN R 594 -16.53 -37.84 -11.93
CA ASN R 594 -16.00 -37.77 -10.58
C ASN R 594 -17.08 -38.10 -9.56
N GLU R 595 -16.63 -38.57 -8.39
CA GLU R 595 -17.51 -39.01 -7.31
C GLU R 595 -18.44 -40.13 -7.79
N SER R 596 -17.82 -41.18 -8.31
CA SER R 596 -18.57 -42.34 -8.81
C SER R 596 -17.62 -43.52 -8.93
N GLY R 597 -17.98 -44.64 -8.32
CA GLY R 597 -17.16 -45.83 -8.40
C GLY R 597 -15.89 -45.72 -7.56
N ARG R 598 -14.89 -46.52 -7.94
CA ARG R 598 -13.63 -46.57 -7.23
C ARG R 598 -12.44 -46.08 -8.06
N PHE R 599 -12.54 -46.07 -9.38
CA PHE R 599 -11.42 -45.80 -10.25
C PHE R 599 -11.65 -44.51 -11.04
N GLU R 600 -10.55 -43.80 -11.29
CA GLU R 600 -10.55 -42.60 -12.12
C GLU R 600 -9.85 -42.91 -13.44
N LEU R 601 -9.67 -41.87 -14.24
CA LEU R 601 -9.00 -42.02 -15.52
C LEU R 601 -7.53 -42.37 -15.31
N HIS R 602 -6.98 -43.11 -16.26
CA HIS R 602 -5.56 -43.50 -16.25
C HIS R 602 -5.21 -44.32 -15.01
N ASP R 603 -6.10 -45.24 -14.63
CA ASP R 603 -5.88 -46.13 -13.50
C ASP R 603 -5.55 -47.52 -14.01
N LEU R 604 -4.41 -48.05 -13.57
CA LEU R 604 -3.99 -49.41 -13.93
C LEU R 604 -4.70 -50.40 -13.03
N VAL R 605 -5.72 -51.08 -13.56
CA VAL R 605 -6.54 -51.99 -12.79
C VAL R 605 -6.41 -53.40 -13.37
N GLN R 606 -6.80 -54.37 -12.57
CA GLN R 606 -6.72 -55.78 -12.92
C GLN R 606 -8.11 -56.26 -13.34
N VAL R 607 -8.25 -56.61 -14.63
CA VAL R 607 -9.55 -57.02 -15.15
C VAL R 607 -10.00 -58.31 -14.49
N ASN R 608 -9.15 -59.32 -14.47
CA ASN R 608 -9.46 -60.62 -13.90
C ASN R 608 -8.19 -61.24 -13.36
N SER R 609 -8.20 -62.56 -13.18
CA SER R 609 -7.03 -63.28 -12.70
C SER R 609 -5.89 -63.29 -13.70
N ASP R 610 -6.13 -62.88 -14.95
CA ASP R 610 -5.12 -62.99 -16.00
C ASP R 610 -4.89 -61.68 -16.71
N LEU R 611 -5.93 -60.87 -16.89
CA LEU R 611 -5.87 -59.68 -17.72
C LEU R 611 -5.75 -58.44 -16.83
N VAL R 612 -4.81 -57.56 -17.19
CA VAL R 612 -4.57 -56.31 -16.49
C VAL R 612 -4.62 -55.18 -17.50
N GLY R 613 -5.36 -54.12 -17.18
CA GLY R 613 -5.51 -53.01 -18.11
C GLY R 613 -5.49 -51.64 -17.48
N ILE R 614 -5.73 -50.61 -18.29
CA ILE R 614 -5.75 -49.23 -17.84
C ILE R 614 -7.03 -48.57 -18.33
N VAL R 615 -7.48 -47.56 -17.60
CA VAL R 615 -8.75 -46.90 -17.89
C VAL R 615 -8.52 -45.82 -18.95
N ILE R 616 -9.32 -45.85 -20.00
CA ILE R 616 -9.26 -44.86 -21.06
C ILE R 616 -10.41 -43.88 -21.01
N ARG R 617 -11.60 -44.35 -20.64
CA ARG R 617 -12.77 -43.49 -20.54
C ARG R 617 -13.71 -44.06 -19.50
N ALA R 618 -14.21 -43.19 -18.63
CA ALA R 618 -15.10 -43.58 -17.54
C ALA R 618 -16.53 -43.21 -17.87
N GLN R 619 -17.47 -44.03 -17.39
CA GLN R 619 -18.89 -43.81 -17.60
C GLN R 619 -19.60 -43.80 -16.26
N LYS R 620 -20.83 -43.28 -16.26
CA LYS R 620 -21.64 -43.31 -15.04
C LYS R 620 -22.03 -44.74 -14.68
N ASP R 621 -22.03 -45.65 -15.65
CA ASP R 621 -22.46 -47.03 -15.41
C ASP R 621 -21.35 -48.05 -15.58
N SER R 622 -20.28 -47.74 -16.29
CA SER R 622 -19.20 -48.70 -16.54
C SER R 622 -17.91 -47.93 -16.79
N PHE R 623 -16.88 -48.68 -17.20
CA PHE R 623 -15.58 -48.11 -17.53
C PHE R 623 -15.08 -48.74 -18.83
N ASP R 624 -14.22 -48.00 -19.53
CA ASP R 624 -13.56 -48.49 -20.73
C ASP R 624 -12.09 -48.70 -20.42
N VAL R 625 -11.59 -49.91 -20.68
CA VAL R 625 -10.26 -50.33 -20.28
C VAL R 625 -9.48 -50.80 -21.50
N LEU R 626 -8.29 -50.23 -21.69
CA LEU R 626 -7.32 -50.76 -22.64
C LEU R 626 -6.38 -51.71 -21.90
N CYS R 627 -6.31 -52.94 -22.37
CA CYS R 627 -5.51 -53.96 -21.72
C CYS R 627 -4.10 -54.00 -22.32
N SER R 628 -3.25 -54.84 -21.72
CA SER R 628 -1.88 -54.96 -22.19
C SER R 628 -1.83 -55.56 -23.59
N ASP R 629 -2.85 -56.31 -23.99
CA ASP R 629 -2.88 -56.90 -25.33
C ASP R 629 -3.05 -55.87 -26.43
N GLY R 630 -3.75 -54.77 -26.15
CA GLY R 630 -4.06 -53.77 -27.14
C GLY R 630 -5.52 -53.68 -27.54
N LYS R 631 -6.41 -54.36 -26.82
CA LYS R 631 -7.84 -54.35 -27.11
C LYS R 631 -8.58 -53.50 -26.09
N LEU R 632 -9.86 -53.24 -26.39
CA LEU R 632 -10.71 -52.43 -25.55
C LEU R 632 -11.85 -53.29 -24.99
N LEU R 633 -12.19 -53.06 -23.72
CA LEU R 633 -13.24 -53.79 -23.05
C LEU R 633 -14.14 -52.82 -22.29
N SER R 634 -15.37 -53.24 -22.06
CA SER R 634 -16.33 -52.49 -21.25
C SER R 634 -16.84 -53.40 -20.14
N LEU R 635 -16.66 -52.97 -18.90
CA LEU R 635 -17.04 -53.76 -17.74
C LEU R 635 -17.65 -52.86 -16.68
N PRO R 636 -18.55 -53.40 -15.85
CA PRO R 636 -19.08 -52.63 -14.73
C PRO R 636 -18.01 -52.40 -13.68
N PRO R 637 -18.13 -51.34 -12.87
CA PRO R 637 -17.12 -51.09 -11.83
C PRO R 637 -17.00 -52.23 -10.83
N VAL R 638 -18.09 -52.96 -10.57
CA VAL R 638 -18.05 -54.06 -9.61
C VAL R 638 -17.16 -55.18 -10.12
N SER R 639 -17.24 -55.50 -11.42
CA SER R 639 -16.52 -56.65 -11.96
C SER R 639 -15.02 -56.51 -11.84
N ILE R 640 -14.50 -55.28 -11.86
CA ILE R 640 -13.06 -55.07 -11.79
C ILE R 640 -12.54 -55.52 -10.43
N TYR R 641 -11.40 -56.21 -10.44
CA TYR R 641 -10.82 -56.75 -9.21
C TYR R 641 -10.46 -55.63 -8.23
N SER R 642 -9.45 -54.84 -8.58
CA SER R 642 -8.99 -53.74 -7.73
C SER R 642 -7.88 -53.00 -8.47
N LYS R 643 -7.58 -51.80 -7.99
CA LYS R 643 -6.46 -51.03 -8.52
C LYS R 643 -5.15 -51.68 -8.13
N LEU R 644 -4.20 -51.71 -9.07
CA LEU R 644 -2.89 -52.31 -8.83
C LEU R 644 -1.95 -51.24 -8.26
N ASN R 645 -2.06 -51.02 -6.96
CA ASN R 645 -1.19 -50.06 -6.28
C ASN R 645 0.23 -50.60 -6.25
N LEU R 646 1.14 -49.92 -6.96
CA LEU R 646 2.52 -50.34 -7.07
C LEU R 646 3.44 -49.23 -6.61
N ASN R 647 4.37 -49.55 -5.71
CA ASN R 647 5.35 -48.60 -5.26
C ASN R 647 6.41 -48.38 -6.34
N PRO R 648 7.19 -47.30 -6.26
CA PRO R 648 8.30 -47.13 -7.21
C PRO R 648 9.29 -48.27 -7.18
N ASN R 649 9.40 -48.98 -6.06
CA ASN R 649 10.22 -50.19 -5.99
C ASN R 649 9.62 -51.35 -6.77
N GLN R 650 8.36 -51.23 -7.20
CA GLN R 650 7.71 -52.25 -8.02
C GLN R 650 7.52 -51.81 -9.46
N GLN R 651 7.18 -50.55 -9.70
CA GLN R 651 6.94 -50.02 -11.04
C GLN R 651 8.26 -49.51 -11.61
N ILE R 652 9.01 -50.43 -12.22
CA ILE R 652 10.34 -50.16 -12.73
C ILE R 652 10.39 -50.54 -14.20
N ALA R 653 10.99 -49.67 -15.02
CA ALA R 653 11.12 -49.89 -16.46
C ALA R 653 12.58 -49.80 -16.86
N ILE R 654 13.00 -50.71 -17.74
CA ILE R 654 14.36 -50.72 -18.29
C ILE R 654 14.24 -50.69 -19.81
N ASP R 655 14.99 -49.78 -20.44
CA ASP R 655 14.91 -49.61 -21.88
C ASP R 655 15.72 -50.70 -22.58
N SER R 656 15.87 -50.58 -23.90
CA SER R 656 16.62 -51.56 -24.66
C SER R 656 18.11 -51.56 -24.27
N ASN R 657 18.68 -50.38 -24.06
CA ASN R 657 20.09 -50.28 -23.72
C ASN R 657 20.39 -50.64 -22.27
N GLY R 658 19.37 -50.83 -21.44
CA GLY R 658 19.57 -51.17 -20.05
C GLY R 658 19.53 -50.00 -19.08
N VAL R 659 19.37 -48.77 -19.58
CA VAL R 659 19.26 -47.62 -18.71
C VAL R 659 17.87 -47.59 -18.08
N GLU R 660 17.83 -47.38 -16.77
CA GLU R 660 16.55 -47.31 -16.07
C GLU R 660 15.76 -46.10 -16.54
N VAL R 661 14.46 -46.30 -16.76
CA VAL R 661 13.53 -45.24 -17.13
C VAL R 661 12.38 -45.26 -16.15
N LYS R 662 12.07 -44.10 -15.57
CA LYS R 662 11.06 -44.01 -14.52
C LYS R 662 9.75 -43.47 -15.07
N VAL R 663 8.80 -43.25 -14.17
CA VAL R 663 7.46 -42.82 -14.56
C VAL R 663 7.49 -41.39 -15.04
N GLY R 664 6.77 -41.12 -16.14
CA GLY R 664 6.68 -39.79 -16.68
C GLY R 664 7.76 -39.42 -17.67
N ASP R 665 8.77 -40.26 -17.86
CA ASP R 665 9.84 -39.96 -18.80
C ASP R 665 9.36 -40.13 -20.23
N THR R 666 10.05 -39.48 -21.15
CA THR R 666 9.72 -39.55 -22.57
C THR R 666 10.70 -40.49 -23.26
N VAL R 667 10.16 -41.50 -23.95
CA VAL R 667 10.96 -42.45 -24.71
C VAL R 667 10.36 -42.54 -26.11
N ARG R 668 11.19 -42.97 -27.06
CA ARG R 668 10.80 -43.12 -28.45
C ARG R 668 10.94 -44.57 -28.88
N GLU R 669 9.93 -45.07 -29.60
CA GLU R 669 9.98 -46.45 -30.09
C GLU R 669 11.19 -46.64 -31.00
N PHE R 670 11.92 -47.74 -30.77
CA PHE R 670 13.13 -47.99 -31.54
C PHE R 670 12.81 -48.34 -32.98
N THR R 671 11.73 -49.08 -33.21
CA THR R 671 11.34 -49.50 -34.55
C THR R 671 9.83 -49.30 -34.71
N GLY R 672 9.29 -49.83 -35.79
CA GLY R 672 7.86 -49.68 -36.03
C GLY R 672 7.52 -48.25 -36.42
N GLU R 673 6.46 -47.72 -35.81
CA GLU R 673 6.06 -46.34 -36.06
C GLU R 673 7.04 -45.34 -35.48
N ARG R 674 7.94 -45.80 -34.59
CA ARG R 674 8.95 -44.95 -33.97
C ARG R 674 8.30 -43.77 -33.23
N ARG R 675 7.14 -44.01 -32.63
CA ARG R 675 6.45 -42.96 -31.90
C ARG R 675 7.17 -42.66 -30.58
N GLN R 676 6.71 -41.61 -29.91
CA GLN R 676 7.24 -41.21 -28.63
C GLN R 676 6.11 -40.71 -27.74
N GLY R 677 6.34 -40.74 -26.44
CA GLY R 677 5.36 -40.24 -25.50
C GLY R 677 5.88 -40.37 -24.08
N THR R 678 5.06 -39.89 -23.16
CA THR R 678 5.39 -39.95 -21.73
C THR R 678 4.83 -41.22 -21.13
N ILE R 679 5.62 -41.85 -20.26
CA ILE R 679 5.19 -43.09 -19.64
C ILE R 679 4.12 -42.80 -18.60
N LEU R 680 3.00 -43.52 -18.70
CA LEU R 680 1.93 -43.40 -17.73
C LEU R 680 1.99 -44.47 -16.65
N HIS R 681 2.17 -45.74 -17.03
CA HIS R 681 2.31 -46.81 -16.06
C HIS R 681 3.19 -47.90 -16.66
N VAL R 682 3.91 -48.60 -15.78
CA VAL R 682 4.81 -49.67 -16.18
C VAL R 682 4.34 -50.96 -15.54
N TYR R 683 4.20 -52.01 -16.35
CA TYR R 683 3.74 -53.30 -15.87
C TYR R 683 4.46 -54.38 -16.65
N ARG R 684 5.22 -55.22 -15.94
CA ARG R 684 6.02 -56.29 -16.56
C ARG R 684 6.93 -55.63 -17.59
N ASN R 685 6.91 -56.07 -18.85
CA ASN R 685 7.67 -55.43 -19.91
C ASN R 685 6.83 -54.46 -20.72
N PHE R 686 5.61 -54.18 -20.28
CA PHE R 686 4.68 -53.31 -20.99
C PHE R 686 4.77 -51.90 -20.44
N LEU R 687 4.81 -50.91 -21.33
CA LEU R 687 4.79 -49.51 -20.97
C LEU R 687 3.57 -48.84 -21.60
N PHE R 688 2.94 -47.95 -20.85
CA PHE R 688 1.75 -47.24 -21.31
C PHE R 688 2.16 -45.82 -21.68
N LEU R 689 2.45 -45.62 -22.97
CA LEU R 689 2.84 -44.31 -23.47
C LEU R 689 1.61 -43.51 -23.86
N ARG R 690 1.60 -42.23 -23.50
CA ARG R 690 0.58 -41.30 -23.94
C ARG R 690 1.23 -40.12 -24.64
N SER R 691 0.67 -39.74 -25.79
CA SER R 691 1.15 -38.60 -26.55
C SER R 691 -0.02 -37.74 -26.97
N ARG R 692 0.20 -36.43 -26.96
CA ARG R 692 -0.87 -35.49 -27.33
C ARG R 692 -1.13 -35.50 -28.83
N GLU R 693 -0.13 -35.86 -29.63
CA GLU R 693 -0.33 -35.94 -31.07
C GLU R 693 -1.32 -37.05 -31.44
N ILE R 694 -1.22 -38.19 -30.77
CA ILE R 694 -2.08 -39.34 -31.08
C ILE R 694 -3.48 -39.05 -30.54
N VAL R 695 -4.49 -39.30 -31.37
CA VAL R 695 -5.88 -39.03 -31.00
C VAL R 695 -6.56 -40.32 -30.54
N GLU R 696 -6.11 -41.46 -31.09
CA GLU R 696 -6.75 -42.73 -30.77
C GLU R 696 -6.57 -43.08 -29.30
N ASN R 697 -7.69 -43.39 -28.64
CA ASN R 697 -7.70 -43.71 -27.20
C ASN R 697 -7.05 -42.60 -26.38
N GLN R 698 -7.29 -41.36 -26.79
CA GLN R 698 -6.73 -40.17 -26.13
C GLN R 698 -5.20 -40.26 -26.03
N GLY R 699 -4.58 -40.79 -27.08
CA GLY R 699 -3.13 -40.86 -27.16
C GLY R 699 -2.50 -42.01 -26.43
N VAL R 700 -3.28 -42.85 -25.76
CA VAL R 700 -2.74 -43.95 -24.98
C VAL R 700 -2.51 -45.15 -25.90
N PHE R 701 -1.30 -45.70 -25.85
CA PHE R 701 -0.96 -46.90 -26.61
C PHE R 701 0.09 -47.69 -25.85
N VAL R 702 -0.04 -49.00 -25.89
CA VAL R 702 0.84 -49.89 -25.15
C VAL R 702 2.00 -50.32 -26.04
N THR R 703 3.22 -50.21 -25.52
CA THR R 703 4.41 -50.57 -26.26
C THR R 703 5.39 -51.23 -25.31
N SER R 704 6.01 -52.32 -25.76
CA SER R 704 6.94 -53.07 -24.92
C SER R 704 8.19 -52.26 -24.62
N SER R 705 8.74 -52.45 -23.42
CA SER R 705 9.91 -51.70 -23.00
C SER R 705 11.14 -52.04 -23.83
N ASN R 706 11.17 -53.22 -24.46
CA ASN R 706 12.31 -53.63 -25.26
C ASN R 706 12.38 -52.95 -26.62
N ARG R 707 11.33 -52.22 -27.01
CA ARG R 707 11.27 -51.60 -28.33
C ARG R 707 11.35 -50.08 -28.28
N VAL R 708 11.78 -49.51 -27.15
CA VAL R 708 11.86 -48.07 -27.00
C VAL R 708 13.24 -47.69 -26.50
N LYS R 709 13.64 -46.46 -26.79
CA LYS R 709 14.91 -45.91 -26.33
C LYS R 709 14.68 -44.59 -25.60
N THR R 710 15.54 -44.32 -24.62
CA THR R 710 15.43 -43.11 -23.82
C THR R 710 15.72 -41.88 -24.67
N ILE R 711 14.91 -40.84 -24.49
CA ILE R 711 15.12 -39.57 -25.19
C ILE R 711 15.90 -38.63 -24.28
N ARG R 751 18.93 -46.92 7.58
CA ARG R 751 18.27 -45.63 7.41
C ARG R 751 19.04 -44.55 8.17
N ASP R 752 20.34 -44.45 7.85
CA ASP R 752 21.25 -43.47 8.44
C ASP R 752 21.19 -43.55 9.97
N PRO R 753 21.75 -44.60 10.58
CA PRO R 753 21.62 -44.78 12.03
C PRO R 753 22.30 -43.70 12.85
N THR R 754 23.21 -42.94 12.27
CA THR R 754 23.95 -41.90 13.00
C THR R 754 23.23 -40.56 13.00
N LEU R 755 22.05 -40.47 12.39
CA LEU R 755 21.29 -39.22 12.42
C LEU R 755 20.82 -38.91 13.83
N ASN R 756 20.84 -37.63 14.18
CA ASN R 756 20.39 -37.14 15.48
C ASN R 756 21.17 -37.79 16.62
N LYS R 757 22.46 -37.99 16.42
CA LYS R 757 23.34 -38.57 17.43
C LYS R 757 24.50 -37.62 17.72
N THR R 758 24.88 -37.54 18.99
CA THR R 758 26.00 -36.70 19.37
C THR R 758 27.30 -37.25 18.79
N VAL R 759 28.10 -36.35 18.21
CA VAL R 759 29.33 -36.73 17.53
C VAL R 759 30.44 -35.78 17.95
N LYS R 760 31.68 -36.25 17.82
CA LYS R 760 32.86 -35.45 18.11
C LYS R 760 33.79 -35.49 16.90
N ILE R 761 34.43 -34.35 16.62
CA ILE R 761 35.31 -34.20 15.47
C ILE R 761 36.74 -34.45 15.92
N ARG R 762 37.47 -35.28 15.16
CA ARG R 762 38.80 -35.70 15.53
C ARG R 762 39.91 -35.11 14.66
N GLN R 763 39.57 -34.52 13.51
CA GLN R 763 40.58 -33.97 12.61
C GLN R 763 40.08 -32.67 12.03
N GLY R 764 40.98 -31.96 11.35
CA GLY R 764 40.62 -30.72 10.72
C GLY R 764 40.69 -29.53 11.66
N GLY R 765 40.04 -28.45 11.25
CA GLY R 765 40.03 -27.21 12.00
C GLY R 765 39.05 -27.16 13.14
N TYR R 766 38.29 -28.23 13.37
CA TYR R 766 37.31 -28.30 14.45
C TYR R 766 37.57 -29.48 15.37
N LYS R 767 38.83 -29.81 15.61
CA LYS R 767 39.15 -30.99 16.42
C LYS R 767 38.59 -30.86 17.82
N GLY R 768 37.91 -31.91 18.28
CA GLY R 768 37.43 -31.96 19.65
C GLY R 768 36.20 -31.14 19.95
N LYS R 769 35.37 -30.85 18.95
CA LYS R 769 34.14 -30.10 19.15
C LYS R 769 32.93 -31.02 19.07
N ILE R 770 32.03 -30.89 20.03
CA ILE R 770 30.85 -31.73 20.12
C ILE R 770 29.77 -31.16 19.20
N GLY R 771 29.08 -32.05 18.48
CA GLY R 771 28.01 -31.63 17.61
C GLY R 771 26.94 -32.69 17.49
N ILE R 772 25.93 -32.41 16.68
CA ILE R 772 24.84 -33.34 16.41
C ILE R 772 24.67 -33.42 14.89
N VAL R 773 24.59 -34.64 14.38
CA VAL R 773 24.46 -34.86 12.94
C VAL R 773 23.04 -34.52 12.51
N LYS R 774 22.93 -33.71 11.46
CA LYS R 774 21.64 -33.24 10.95
C LYS R 774 21.29 -33.82 9.60
N GLU R 775 22.24 -33.88 8.67
CA GLU R 775 22.02 -34.42 7.34
C GLU R 775 23.00 -35.55 7.09
N ALA R 776 22.50 -36.65 6.52
CA ALA R 776 23.29 -37.85 6.30
C ALA R 776 23.06 -38.40 4.90
N ASN R 777 23.16 -37.53 3.89
CA ASN R 777 23.04 -37.98 2.52
C ASN R 777 24.07 -39.05 2.19
N GLY R 778 25.35 -38.67 2.20
CA GLY R 778 26.41 -39.64 2.09
C GLY R 778 27.79 -39.02 1.94
N ASP R 779 28.74 -39.54 2.74
CA ASP R 779 30.15 -39.14 2.69
C ASP R 779 30.35 -37.66 3.01
N ARG R 780 29.27 -36.94 3.28
CA ARG R 780 29.34 -35.52 3.64
C ARG R 780 28.23 -35.27 4.66
N PHE R 781 28.60 -35.26 5.94
CA PHE R 781 27.65 -35.14 7.03
C PHE R 781 27.54 -33.68 7.47
N ARG R 782 26.31 -33.20 7.64
CA ARG R 782 26.09 -31.87 8.17
C ARG R 782 25.92 -31.94 9.68
N VAL R 783 26.85 -31.32 10.40
CA VAL R 783 26.89 -31.37 11.85
C VAL R 783 26.76 -29.96 12.39
N GLU R 784 25.75 -29.73 13.23
CA GLU R 784 25.63 -28.45 13.92
C GLU R 784 26.55 -28.47 15.13
N LEU R 785 27.23 -27.35 15.37
CA LEU R 785 28.18 -27.25 16.45
C LEU R 785 27.50 -26.66 17.69
N HIS R 786 27.82 -27.23 18.85
CA HIS R 786 27.32 -26.66 20.09
C HIS R 786 28.08 -25.40 20.48
N ASN R 787 29.33 -25.26 20.01
CA ASN R 787 30.18 -24.18 20.52
C ASN R 787 29.78 -22.83 19.90
N PRO R 788 29.88 -22.61 18.56
CA PRO R 788 29.20 -21.46 17.97
C PRO R 788 27.81 -21.83 17.50
N ASN R 789 27.06 -20.88 16.95
CA ASN R 789 25.73 -21.17 16.42
C ASN R 789 25.84 -21.26 14.90
N LYS R 790 26.30 -22.42 14.43
CA LYS R 790 26.47 -22.67 13.01
C LYS R 790 26.48 -24.16 12.75
N THR R 791 26.28 -24.51 11.48
CA THR R 791 26.28 -25.89 11.02
C THR R 791 27.29 -26.02 9.89
N ILE R 792 28.08 -27.08 9.92
CA ILE R 792 29.17 -27.23 8.95
C ILE R 792 29.12 -28.60 8.29
N PRO R 793 29.53 -28.72 7.04
CA PRO R 793 29.73 -30.05 6.44
C PRO R 793 31.03 -30.67 6.94
N ILE R 794 31.06 -32.00 6.91
CA ILE R 794 32.24 -32.74 7.35
C ILE R 794 32.21 -34.15 6.77
N PRO R 795 33.34 -34.67 6.31
CA PRO R 795 33.38 -36.06 5.84
C PRO R 795 33.16 -37.05 6.98
N CYS R 796 32.70 -38.24 6.59
CA CYS R 796 32.40 -39.27 7.58
C CYS R 796 33.65 -39.71 8.33
N SER R 797 34.80 -39.70 7.65
CA SER R 797 36.04 -40.16 8.26
C SER R 797 36.48 -39.28 9.43
N PHE R 798 35.93 -38.07 9.55
CA PHE R 798 36.38 -37.10 10.53
C PHE R 798 35.52 -37.12 11.80
N LEU R 799 34.66 -38.12 11.96
CA LEU R 799 33.68 -38.12 13.03
C LEU R 799 33.95 -39.24 14.03
N LEU R 800 33.52 -39.02 15.27
CA LEU R 800 33.56 -40.00 16.33
C LEU R 800 32.18 -40.05 16.96
N ILE R 801 31.41 -41.10 16.65
CA ILE R 801 30.02 -41.20 17.09
C ILE R 801 29.99 -41.72 18.51
N GLU R 802 29.27 -41.01 19.38
CA GLU R 802 29.15 -41.43 20.78
C GLU R 802 28.34 -42.72 20.87
N SER R 803 28.74 -43.59 21.80
CA SER R 803 28.04 -44.83 22.08
C SER R 803 27.92 -45.01 23.58
N THR R 804 27.46 -46.20 23.99
CA THR R 804 27.32 -46.51 25.40
C THR R 804 28.66 -46.70 26.10
N HIS R 805 29.74 -46.90 25.34
CA HIS R 805 31.07 -47.13 25.90
C HIS R 805 32.06 -46.20 25.20
N GLY R 806 32.16 -44.96 25.69
CA GLY R 806 33.13 -44.03 25.14
C GLY R 806 32.82 -43.63 23.70
N TRP R 807 33.87 -43.18 23.02
CA TRP R 807 33.78 -42.72 21.64
C TRP R 807 34.19 -43.82 20.68
N VAL R 808 33.42 -43.95 19.61
CA VAL R 808 33.67 -44.98 18.60
C VAL R 808 33.86 -44.31 17.24
N PRO R 809 34.84 -44.72 16.45
CA PRO R 809 35.00 -44.15 15.10
C PRO R 809 33.85 -44.52 14.19
N TYR R 810 33.95 -44.18 12.91
CA TYR R 810 32.83 -44.39 12.00
C TYR R 810 32.66 -45.87 11.68
N GLU R 811 32.29 -46.65 12.71
CA GLU R 811 31.84 -48.02 12.53
C GLU R 811 30.53 -48.29 13.27
N ASP R 812 29.85 -47.24 13.72
CA ASP R 812 28.59 -47.38 14.43
C ASP R 812 27.50 -48.01 13.55
N PRO S 47 -108.43 66.47 -8.39
CA PRO S 47 -108.31 65.53 -9.51
C PRO S 47 -107.33 64.41 -9.20
N GLY S 48 -107.82 63.17 -9.12
CA GLY S 48 -106.96 62.04 -8.79
C GLY S 48 -107.38 61.25 -7.58
N THR S 49 -108.44 61.64 -6.87
CA THR S 49 -108.91 60.95 -5.68
C THR S 49 -110.05 59.98 -5.99
N VAL S 50 -111.04 60.43 -6.75
CA VAL S 50 -112.10 59.53 -7.16
C VAL S 50 -111.55 58.43 -8.08
N ALA S 51 -110.49 58.74 -8.82
CA ALA S 51 -109.87 57.72 -9.65
C ALA S 51 -109.21 56.64 -8.81
N LEU S 52 -108.53 57.04 -7.73
CA LEU S 52 -107.92 56.06 -6.83
C LEU S 52 -108.98 55.27 -6.08
N ARG S 53 -110.07 55.94 -5.68
CA ARG S 53 -111.17 55.24 -5.04
C ARG S 53 -111.77 54.18 -5.97
N GLU S 54 -111.93 54.52 -7.25
CA GLU S 54 -112.46 53.56 -8.20
C GLU S 54 -111.47 52.43 -8.44
N ILE S 55 -110.17 52.75 -8.48
CA ILE S 55 -109.14 51.71 -8.59
C ILE S 55 -109.28 50.72 -7.46
N ARG S 56 -109.35 51.23 -6.23
CA ARG S 56 -109.48 50.39 -5.05
C ARG S 56 -110.73 49.53 -5.14
N ARG S 57 -111.87 50.16 -5.45
CA ARG S 57 -113.12 49.45 -5.58
C ARG S 57 -113.01 48.29 -6.56
N TYR S 58 -112.47 48.57 -7.75
CA TYR S 58 -112.47 47.59 -8.81
C TYR S 58 -111.42 46.52 -8.59
N GLN S 59 -110.37 46.84 -7.83
CA GLN S 59 -109.41 45.81 -7.42
C GLN S 59 -109.95 44.93 -6.31
N LYS S 60 -110.92 45.41 -5.53
CA LYS S 60 -111.51 44.54 -4.52
C LYS S 60 -112.44 43.50 -5.12
N SER S 61 -112.84 43.64 -6.38
CA SER S 61 -113.89 42.82 -6.96
C SER S 61 -113.33 41.91 -8.04
N THR S 62 -114.19 41.01 -8.52
CA THR S 62 -113.86 40.07 -9.58
C THR S 62 -114.80 40.15 -10.77
N GLU S 63 -115.91 40.86 -10.65
CA GLU S 63 -116.95 40.82 -11.68
C GLU S 63 -116.47 41.44 -12.99
N LEU S 64 -116.92 40.84 -14.10
CA LEU S 64 -116.50 41.25 -15.42
C LEU S 64 -116.94 42.67 -15.76
N LEU S 65 -116.08 43.40 -16.46
CA LEU S 65 -116.21 44.83 -16.66
C LEU S 65 -116.80 45.18 -18.02
N ILE S 66 -116.52 44.39 -19.04
CA ILE S 66 -117.14 44.56 -20.34
C ILE S 66 -118.54 44.00 -20.33
N ARG S 67 -119.47 44.72 -20.95
CA ARG S 67 -120.86 44.30 -21.00
C ARG S 67 -120.98 43.00 -21.79
N LYS S 68 -121.91 42.15 -21.36
CA LYS S 68 -121.88 40.76 -21.81
C LYS S 68 -122.41 40.62 -23.22
N LEU S 69 -123.46 41.36 -23.55
CA LEU S 69 -124.13 41.23 -24.85
C LEU S 69 -123.35 41.94 -25.94
N PRO S 70 -122.82 43.15 -25.70
CA PRO S 70 -121.91 43.73 -26.69
C PRO S 70 -120.71 42.85 -26.97
N PHE S 71 -120.18 42.20 -25.93
CA PHE S 71 -119.07 41.29 -26.13
C PHE S 71 -119.49 40.08 -26.95
N GLN S 72 -120.68 39.55 -26.67
CA GLN S 72 -121.19 38.45 -27.48
C GLN S 72 -121.30 38.83 -28.94
N ARG S 73 -121.82 40.03 -29.21
CA ARG S 73 -121.96 40.47 -30.59
C ARG S 73 -120.59 40.66 -31.24
N LEU S 74 -119.63 41.19 -30.51
CA LEU S 74 -118.29 41.32 -31.05
C LEU S 74 -117.70 39.95 -31.40
N VAL S 75 -117.87 38.99 -30.51
CA VAL S 75 -117.32 37.66 -30.74
C VAL S 75 -117.97 37.03 -31.97
N ARG S 76 -119.29 37.16 -32.09
CA ARG S 76 -119.96 36.60 -33.26
C ARG S 76 -119.50 37.29 -34.54
N GLU S 77 -119.34 38.61 -34.49
CA GLU S 77 -118.89 39.34 -35.66
C GLU S 77 -117.51 38.88 -36.10
N ILE S 78 -116.62 38.65 -35.13
CA ILE S 78 -115.28 38.19 -35.48
C ILE S 78 -115.32 36.75 -35.99
N ALA S 79 -116.17 35.93 -35.38
CA ALA S 79 -116.30 34.54 -35.81
C ALA S 79 -116.99 34.41 -37.16
N GLN S 80 -117.59 35.49 -37.65
CA GLN S 80 -118.33 35.39 -38.90
C GLN S 80 -117.40 35.29 -40.11
N ASP S 81 -116.10 35.49 -39.90
CA ASP S 81 -115.16 35.41 -41.00
C ASP S 81 -114.65 34.01 -41.24
N PHE S 82 -114.51 33.19 -40.20
CA PHE S 82 -113.84 31.91 -40.34
C PHE S 82 -114.77 30.79 -40.73
N LYS S 83 -116.05 30.90 -40.39
CA LYS S 83 -117.05 29.94 -40.84
C LYS S 83 -118.43 30.53 -40.63
N THR S 84 -119.24 30.50 -41.68
CA THR S 84 -120.52 31.18 -41.65
C THR S 84 -121.51 30.42 -40.76
N ASP S 85 -122.24 31.18 -39.95
CA ASP S 85 -123.35 30.67 -39.13
C ASP S 85 -122.87 29.60 -38.13
N LEU S 86 -122.03 30.04 -37.21
CA LEU S 86 -121.53 29.19 -36.15
C LEU S 86 -122.40 29.35 -34.90
N ARG S 87 -122.49 28.29 -34.11
CA ARG S 87 -123.10 28.39 -32.79
C ARG S 87 -122.03 28.41 -31.71
N PHE S 88 -122.37 29.05 -30.59
CA PHE S 88 -121.46 29.20 -29.47
C PHE S 88 -122.13 28.76 -28.17
N GLN S 89 -121.38 28.02 -27.35
CA GLN S 89 -121.81 27.80 -25.99
C GLN S 89 -121.69 29.08 -25.17
N SER S 90 -122.55 29.21 -24.16
CA SER S 90 -122.47 30.36 -23.27
C SER S 90 -121.17 30.38 -22.49
N ALA S 91 -120.74 29.21 -22.00
CA ALA S 91 -119.48 29.12 -21.27
C ALA S 91 -118.29 29.47 -22.15
N ALA S 92 -118.41 29.24 -23.46
CA ALA S 92 -117.34 29.65 -24.36
C ALA S 92 -117.18 31.16 -24.35
N ILE S 93 -118.30 31.89 -24.45
CA ILE S 93 -118.24 33.34 -24.41
C ILE S 93 -117.76 33.83 -23.04
N GLY S 94 -118.18 33.15 -21.97
CA GLY S 94 -117.71 33.55 -20.65
C GLY S 94 -116.22 33.38 -20.49
N ALA S 95 -115.68 32.25 -20.96
CA ALA S 95 -114.25 32.01 -20.91
C ALA S 95 -113.50 33.02 -21.76
N LEU S 96 -114.04 33.33 -22.94
CA LEU S 96 -113.40 34.33 -23.78
C LEU S 96 -113.34 35.68 -23.08
N GLN S 97 -114.41 36.05 -22.39
CA GLN S 97 -114.41 37.35 -21.72
C GLN S 97 -113.44 37.35 -20.56
N GLU S 98 -113.38 36.27 -19.78
CA GLU S 98 -112.41 36.20 -18.69
C GLU S 98 -110.98 36.30 -19.21
N ALA S 99 -110.66 35.55 -20.27
CA ALA S 99 -109.31 35.60 -20.81
C ALA S 99 -108.99 36.99 -21.35
N SER S 100 -109.94 37.61 -22.05
CA SER S 100 -109.70 38.92 -22.63
C SER S 100 -109.46 39.96 -21.54
N GLU S 101 -110.26 39.92 -20.48
CA GLU S 101 -110.08 40.92 -19.43
C GLU S 101 -108.79 40.68 -18.65
N ALA S 102 -108.43 39.43 -18.40
CA ALA S 102 -107.17 39.15 -17.74
C ALA S 102 -105.99 39.64 -18.58
N TYR S 103 -106.06 39.39 -19.89
CA TYR S 103 -105.00 39.81 -20.79
C TYR S 103 -104.88 41.32 -20.79
N LEU S 104 -106.01 42.02 -20.90
CA LEU S 104 -105.97 43.47 -20.95
C LEU S 104 -105.48 44.06 -19.64
N VAL S 105 -105.84 43.45 -18.50
CA VAL S 105 -105.36 43.96 -17.22
C VAL S 105 -103.84 43.80 -17.12
N GLY S 106 -103.32 42.65 -17.56
CA GLY S 106 -101.87 42.49 -17.58
C GLY S 106 -101.21 43.51 -18.49
N LEU S 107 -101.82 43.76 -19.64
CA LEU S 107 -101.25 44.74 -20.56
C LEU S 107 -101.27 46.13 -19.96
N PHE S 108 -102.33 46.45 -19.20
CA PHE S 108 -102.39 47.77 -18.58
C PHE S 108 -101.40 47.87 -17.44
N GLU S 109 -101.11 46.76 -16.78
CA GLU S 109 -100.05 46.75 -15.78
C GLU S 109 -98.70 47.08 -16.42
N ASP S 110 -98.38 46.41 -17.52
CA ASP S 110 -97.11 46.72 -18.19
C ASP S 110 -97.08 48.15 -18.71
N THR S 111 -98.21 48.63 -19.24
CA THR S 111 -98.27 50.00 -19.72
C THR S 111 -98.06 51.00 -18.58
N ASN S 112 -98.66 50.73 -17.43
CA ASN S 112 -98.46 51.59 -16.27
C ASN S 112 -97.00 51.58 -15.84
N LEU S 113 -96.37 50.41 -15.88
CA LEU S 113 -94.95 50.35 -15.54
C LEU S 113 -94.12 51.20 -16.48
N CYS S 114 -94.39 51.10 -17.78
CA CYS S 114 -93.64 51.91 -18.74
C CYS S 114 -93.89 53.40 -18.53
N ALA S 115 -95.15 53.78 -18.29
CA ALA S 115 -95.48 55.18 -18.12
C ALA S 115 -94.81 55.76 -16.87
N ILE S 116 -94.79 54.98 -15.79
CA ILE S 116 -94.07 55.40 -14.60
C ILE S 116 -92.58 55.50 -14.90
N HIS S 117 -92.05 54.56 -15.68
CA HIS S 117 -90.65 54.63 -16.07
C HIS S 117 -90.35 55.95 -16.77
N ALA S 118 -91.25 56.39 -17.64
CA ALA S 118 -91.01 57.65 -18.32
C ALA S 118 -91.25 58.85 -17.43
N LYS S 119 -91.40 58.62 -16.12
CA LYS S 119 -91.63 59.68 -15.14
C LYS S 119 -92.99 60.36 -15.35
N ARG S 120 -93.96 59.62 -15.88
CA ARG S 120 -95.29 60.15 -16.14
C ARG S 120 -96.29 59.47 -15.23
N VAL S 121 -97.57 59.75 -15.48
CA VAL S 121 -98.67 59.12 -14.76
C VAL S 121 -99.75 58.80 -15.79
N THR S 122 -99.63 59.38 -16.97
CA THR S 122 -100.58 59.16 -18.05
C THR S 122 -100.01 58.10 -18.99
N ILE S 123 -100.82 57.10 -19.30
CA ILE S 123 -100.44 56.06 -20.25
C ILE S 123 -100.77 56.52 -21.67
N MET S 124 -99.84 56.33 -22.58
CA MET S 124 -99.96 56.79 -23.95
C MET S 124 -99.76 55.60 -24.88
N PRO S 125 -100.21 55.70 -26.14
CA PRO S 125 -100.14 54.52 -27.03
C PRO S 125 -98.73 54.01 -27.27
N LYS S 126 -97.71 54.85 -27.12
CA LYS S 126 -96.36 54.35 -27.35
C LYS S 126 -95.91 53.45 -26.21
N ASP S 127 -96.51 53.60 -25.04
CA ASP S 127 -96.21 52.70 -23.94
C ASP S 127 -96.79 51.33 -24.22
N ILE S 128 -98.01 51.30 -24.76
CA ILE S 128 -98.62 50.04 -25.18
C ILE S 128 -97.76 49.38 -26.24
N GLN S 129 -97.28 50.17 -27.19
CA GLN S 129 -96.47 49.61 -28.27
C GLN S 129 -95.18 49.03 -27.73
N LEU S 130 -94.53 49.73 -26.80
CA LEU S 130 -93.31 49.23 -26.20
C LEU S 130 -93.58 47.95 -25.42
N ALA S 131 -94.68 47.91 -24.67
CA ALA S 131 -95.02 46.71 -23.91
C ALA S 131 -95.24 45.53 -24.84
N ARG S 132 -95.99 45.73 -25.93
CA ARG S 132 -96.24 44.63 -26.83
C ARG S 132 -94.99 44.21 -27.57
N ARG S 133 -94.07 45.15 -27.79
CA ARG S 133 -92.80 44.80 -28.42
C ARG S 133 -91.96 43.94 -27.48
N ILE S 134 -91.88 44.32 -26.21
CA ILE S 134 -91.04 43.58 -25.29
C ILE S 134 -91.65 42.22 -25.00
N ARG S 135 -92.98 42.16 -24.85
CA ARG S 135 -93.63 40.87 -24.68
C ARG S 135 -93.36 39.94 -25.85
N GLY S 136 -93.12 40.50 -27.03
CA GLY S 136 -92.93 39.67 -28.21
C GLY S 136 -94.22 39.50 -28.97
N GLU S 137 -95.02 40.55 -29.05
CA GLU S 137 -96.33 40.50 -29.65
C GLU S 137 -96.33 41.20 -31.00
N ARG S 138 -97.12 40.65 -31.92
CA ARG S 138 -97.06 41.07 -33.32
C ARG S 138 -98.38 41.68 -33.77
N LYS T 24 -128.51 37.69 -40.72
CA LYS T 24 -128.07 39.03 -40.38
C LYS T 24 -126.56 39.07 -40.14
N VAL T 25 -125.91 40.08 -40.71
CA VAL T 25 -124.46 40.25 -40.58
C VAL T 25 -124.19 41.36 -39.57
N LEU T 26 -123.16 41.14 -38.74
CA LEU T 26 -122.76 42.11 -37.73
C LEU T 26 -121.71 43.05 -38.32
N ARG T 27 -121.90 44.35 -38.13
CA ARG T 27 -121.05 45.35 -38.75
C ARG T 27 -120.54 46.35 -37.70
N ASP T 28 -119.23 46.36 -37.50
CA ASP T 28 -118.53 47.34 -36.67
C ASP T 28 -119.07 47.38 -35.24
N ASN T 29 -118.90 46.26 -34.53
CA ASN T 29 -119.40 46.16 -33.17
C ASN T 29 -118.28 46.37 -32.17
N ILE T 30 -117.10 46.80 -32.66
CA ILE T 30 -115.95 47.06 -31.81
C ILE T 30 -116.23 48.22 -30.87
N GLN T 31 -117.08 49.15 -31.31
CA GLN T 31 -117.46 50.27 -30.48
C GLN T 31 -118.38 49.86 -29.34
N GLY T 32 -118.68 48.57 -29.21
CA GLY T 32 -119.36 48.12 -28.01
C GLY T 32 -118.46 48.02 -26.80
N ILE T 33 -117.16 48.19 -27.00
CA ILE T 33 -116.20 48.31 -25.90
C ILE T 33 -116.16 49.79 -25.54
N THR T 34 -117.11 50.20 -24.69
CA THR T 34 -117.28 51.61 -24.43
C THR T 34 -116.07 52.20 -23.75
N LYS T 35 -115.98 53.52 -23.80
CA LYS T 35 -114.87 54.22 -23.14
C LYS T 35 -114.86 54.00 -21.64
N PRO T 36 -115.99 54.07 -20.92
CA PRO T 36 -115.94 53.75 -19.48
C PRO T 36 -115.49 52.34 -19.19
N ALA T 37 -115.77 51.39 -20.08
CA ALA T 37 -115.28 50.03 -19.86
C ALA T 37 -113.76 49.98 -19.90
N ILE T 38 -113.17 50.64 -20.89
CA ILE T 38 -111.71 50.67 -20.98
C ILE T 38 -111.13 51.41 -19.80
N ARG T 39 -111.82 52.44 -19.33
CA ARG T 39 -111.37 53.17 -18.14
C ARG T 39 -111.40 52.27 -16.92
N ARG T 40 -112.45 51.46 -16.78
CA ARG T 40 -112.53 50.54 -15.65
C ARG T 40 -111.42 49.49 -15.72
N LEU T 41 -111.16 48.96 -16.91
CA LEU T 41 -110.06 48.01 -17.07
C LEU T 41 -108.72 48.66 -16.73
N ALA T 42 -108.56 49.93 -17.04
CA ALA T 42 -107.33 50.62 -16.69
C ALA T 42 -107.23 50.85 -15.19
N ARG T 43 -108.36 51.21 -14.55
CA ARG T 43 -108.33 51.41 -13.10
C ARG T 43 -108.00 50.12 -12.38
N ARG T 44 -108.62 49.01 -12.79
CA ARG T 44 -108.20 47.72 -12.24
C ARG T 44 -106.74 47.45 -12.53
N GLY T 45 -106.21 47.98 -13.63
CA GLY T 45 -104.79 47.84 -13.89
C GLY T 45 -103.91 48.85 -13.18
N GLY T 46 -104.51 49.82 -12.49
CA GLY T 46 -103.74 50.77 -11.72
C GLY T 46 -103.43 52.05 -12.44
N VAL T 47 -104.10 52.35 -13.55
CA VAL T 47 -103.81 53.54 -14.33
C VAL T 47 -104.63 54.70 -13.79
N LYS T 48 -103.95 55.82 -13.51
CA LYS T 48 -104.62 56.97 -12.93
C LYS T 48 -105.11 57.97 -13.98
N ARG T 49 -104.30 58.28 -14.98
CA ARG T 49 -104.66 59.24 -16.01
C ARG T 49 -104.47 58.57 -17.37
N ILE T 50 -105.47 58.69 -18.24
CA ILE T 50 -105.51 57.94 -19.49
C ILE T 50 -105.63 58.91 -20.68
N SER T 51 -104.73 58.75 -21.65
CA SER T 51 -104.79 59.52 -22.88
C SER T 51 -105.99 59.08 -23.72
N GLY T 52 -106.46 59.99 -24.56
CA GLY T 52 -107.65 59.70 -25.36
C GLY T 52 -107.43 58.77 -26.53
N LEU T 53 -106.19 58.58 -26.97
CA LEU T 53 -105.91 57.66 -28.06
C LEU T 53 -105.80 56.22 -27.57
N ILE T 54 -105.75 56.04 -26.25
CA ILE T 54 -105.62 54.71 -25.70
C ILE T 54 -106.80 53.86 -26.14
N TYR T 55 -108.01 54.42 -26.07
CA TYR T 55 -109.20 53.59 -26.19
C TYR T 55 -109.21 52.86 -27.52
N GLU T 56 -108.88 53.59 -28.59
CA GLU T 56 -108.77 52.98 -29.91
C GLU T 56 -107.59 52.01 -29.97
N GLU T 57 -106.43 52.42 -29.44
CA GLU T 57 -105.31 51.50 -29.37
C GLU T 57 -105.75 50.15 -28.78
N THR T 58 -106.25 50.20 -27.55
CA THR T 58 -106.73 49.01 -26.86
C THR T 58 -107.72 48.23 -27.73
N ARG T 59 -108.65 48.92 -28.39
CA ARG T 59 -109.63 48.22 -29.19
C ARG T 59 -108.96 47.38 -30.26
N GLY T 60 -108.02 48.00 -30.99
CA GLY T 60 -107.28 47.25 -32.00
C GLY T 60 -106.56 46.05 -31.41
N VAL T 61 -105.87 46.26 -30.29
CA VAL T 61 -105.15 45.18 -29.64
C VAL T 61 -106.09 44.02 -29.35
N LEU T 62 -107.24 44.33 -28.77
CA LEU T 62 -108.20 43.31 -28.39
C LEU T 62 -108.68 42.56 -29.62
N LYS T 63 -108.97 43.29 -30.69
CA LYS T 63 -109.35 42.64 -31.94
C LYS T 63 -108.31 41.61 -32.35
N VAL T 64 -107.05 42.01 -32.38
CA VAL T 64 -105.99 41.12 -32.84
C VAL T 64 -105.87 39.89 -31.94
N PHE T 65 -106.11 40.10 -30.65
CA PHE T 65 -106.12 38.98 -29.70
C PHE T 65 -107.24 38.02 -30.04
N LEU T 66 -108.45 38.52 -30.10
CA LEU T 66 -109.58 37.63 -30.27
C LEU T 66 -109.48 36.91 -31.60
N GLU T 67 -109.08 37.63 -32.66
CA GLU T 67 -108.94 36.97 -33.94
C GLU T 67 -107.92 35.85 -33.89
N ASN T 68 -106.92 35.98 -33.02
CA ASN T 68 -105.93 34.90 -32.94
C ASN T 68 -106.45 33.73 -32.13
N VAL T 69 -107.30 33.99 -31.15
CA VAL T 69 -107.77 32.90 -30.31
C VAL T 69 -108.90 32.16 -31.01
N ILE T 70 -109.85 32.94 -31.53
CA ILE T 70 -111.01 32.40 -32.23
C ILE T 70 -110.59 31.59 -33.45
N ARG T 71 -109.62 32.08 -34.24
CA ARG T 71 -109.20 31.28 -35.38
C ARG T 71 -108.78 29.87 -34.98
N ASP T 72 -108.20 29.71 -33.80
CA ASP T 72 -107.83 28.38 -33.35
C ASP T 72 -109.03 27.62 -32.80
N ALA T 73 -109.88 28.30 -32.04
CA ALA T 73 -111.03 27.62 -31.47
C ALA T 73 -111.89 27.08 -32.61
N VAL T 74 -112.16 27.92 -33.61
CA VAL T 74 -112.90 27.49 -34.79
C VAL T 74 -112.18 26.35 -35.49
N THR T 75 -110.84 26.40 -35.54
CA THR T 75 -110.13 25.30 -36.19
C THR T 75 -110.40 23.98 -35.48
N TYR T 76 -110.44 24.00 -34.15
CA TYR T 76 -110.79 22.80 -33.41
C TYR T 76 -112.23 22.40 -33.66
N THR T 77 -113.14 23.38 -33.65
CA THR T 77 -114.55 23.05 -33.81
C THR T 77 -114.79 22.41 -35.16
N GLU T 78 -114.15 22.94 -36.20
CA GLU T 78 -114.30 22.39 -37.54
C GLU T 78 -113.64 21.04 -37.66
N HIS T 79 -112.59 20.79 -36.88
CA HIS T 79 -111.95 19.49 -37.02
C HIS T 79 -112.76 18.39 -36.37
N ALA T 80 -113.44 18.70 -35.26
CA ALA T 80 -114.35 17.73 -34.67
C ALA T 80 -115.59 17.53 -35.49
N LYS T 81 -115.66 18.13 -36.68
CA LYS T 81 -116.82 18.02 -37.56
C LYS T 81 -118.11 18.44 -36.85
N ARG T 82 -117.98 19.41 -35.96
CA ARG T 82 -119.09 19.98 -35.22
C ARG T 82 -119.49 21.32 -35.83
N LYS T 83 -120.59 21.88 -35.31
CA LYS T 83 -121.07 23.16 -35.77
C LYS T 83 -121.23 24.16 -34.62
N THR T 84 -120.95 23.75 -33.39
CA THR T 84 -121.06 24.59 -32.22
C THR T 84 -119.68 24.72 -31.58
N VAL T 85 -119.30 25.94 -31.24
CA VAL T 85 -118.03 26.16 -30.55
C VAL T 85 -118.22 25.90 -29.07
N THR T 86 -117.54 24.87 -28.56
CA THR T 86 -117.68 24.48 -27.16
C THR T 86 -116.62 25.15 -26.31
N ALA T 87 -116.80 25.02 -25.00
CA ALA T 87 -115.85 25.62 -24.05
C ALA T 87 -114.49 24.94 -24.12
N MET T 88 -114.46 23.64 -24.38
CA MET T 88 -113.19 22.93 -24.47
C MET T 88 -112.39 23.37 -25.68
N ASP T 89 -113.04 23.75 -26.77
CA ASP T 89 -112.33 24.29 -27.92
C ASP T 89 -111.59 25.56 -27.53
N VAL T 90 -112.26 26.45 -26.79
CA VAL T 90 -111.63 27.67 -26.32
C VAL T 90 -110.50 27.34 -25.36
N VAL T 91 -110.71 26.36 -24.49
CA VAL T 91 -109.69 25.99 -23.52
C VAL T 91 -108.44 25.48 -24.22
N TYR T 92 -108.61 24.66 -25.25
CA TYR T 92 -107.45 24.17 -25.98
C TYR T 92 -106.77 25.29 -26.77
N ALA T 93 -107.56 26.18 -27.35
CA ALA T 93 -106.97 27.30 -28.07
C ALA T 93 -106.13 28.17 -27.15
N LEU T 94 -106.63 28.42 -25.94
CA LEU T 94 -105.86 29.21 -24.98
C LEU T 94 -104.63 28.45 -24.51
N LYS T 95 -104.80 27.17 -24.16
CA LYS T 95 -103.69 26.33 -23.75
C LYS T 95 -102.58 26.30 -24.80
N ARG T 96 -102.94 26.42 -26.07
CA ARG T 96 -101.91 26.37 -27.11
C ARG T 96 -101.02 27.60 -27.04
N GLN T 97 -101.58 28.74 -26.66
CA GLN T 97 -100.82 29.98 -26.51
C GLN T 97 -100.23 30.15 -25.13
N GLY T 98 -100.22 29.11 -24.30
CA GLY T 98 -99.78 29.33 -22.94
C GLY T 98 -100.72 30.21 -22.16
N ARG T 99 -102.02 30.10 -22.41
CA ARG T 99 -103.00 30.90 -21.69
C ARG T 99 -103.94 30.05 -20.86
N THR T 100 -103.40 29.07 -20.14
CA THR T 100 -104.23 28.09 -19.43
C THR T 100 -105.22 28.77 -18.51
N LEU T 101 -106.48 28.32 -18.59
CA LEU T 101 -107.59 28.93 -17.87
C LEU T 101 -108.22 27.89 -16.96
N TYR T 102 -108.19 28.15 -15.66
CA TYR T 102 -108.91 27.33 -14.68
C TYR T 102 -110.29 27.90 -14.40
N GLY T 103 -111.26 27.01 -14.28
CA GLY T 103 -112.61 27.37 -13.87
C GLY T 103 -113.68 26.88 -14.82
N PHE T 104 -113.32 26.68 -16.08
CA PHE T 104 -114.29 26.33 -17.12
C PHE T 104 -114.08 24.92 -17.64
N GLY T 105 -113.35 24.10 -16.89
CA GLY T 105 -112.94 22.79 -17.33
C GLY T 105 -111.43 22.73 -17.55
N GLY T 106 -110.95 21.50 -17.69
CA GLY T 106 -109.53 21.28 -17.90
C GLY T 106 -108.99 20.06 -17.19
N THR U 20 -90.05 2.03 -53.67
CA THR U 20 -90.07 2.72 -52.39
C THR U 20 -91.28 3.63 -52.30
N ARG U 21 -91.72 3.92 -51.08
CA ARG U 21 -92.92 4.73 -50.95
C ARG U 21 -92.65 6.20 -51.23
N SER U 22 -91.39 6.64 -51.23
CA SER U 22 -91.11 8.02 -51.61
C SER U 22 -91.30 8.21 -53.10
N SER U 23 -90.94 7.19 -53.88
CA SER U 23 -91.06 7.27 -55.33
C SER U 23 -92.52 7.31 -55.75
N ARG U 24 -93.35 6.48 -55.11
CA ARG U 24 -94.76 6.40 -55.47
C ARG U 24 -95.45 7.74 -55.26
N ALA U 25 -95.01 8.52 -54.28
CA ALA U 25 -95.59 9.82 -54.03
C ALA U 25 -94.83 10.94 -54.72
N GLY U 26 -93.79 10.61 -55.48
CA GLY U 26 -92.99 11.62 -56.14
C GLY U 26 -92.25 12.49 -55.15
N LEU U 27 -91.75 11.89 -54.08
CA LEU U 27 -91.07 12.62 -53.02
C LEU U 27 -89.60 12.22 -52.93
N GLN U 28 -88.85 13.06 -52.23
CA GLN U 28 -87.46 12.77 -51.91
C GLN U 28 -87.24 12.43 -50.44
N PHE U 29 -88.12 12.87 -49.55
CA PHE U 29 -88.00 12.48 -48.17
C PHE U 29 -88.52 11.06 -47.95
N PRO U 30 -88.06 10.37 -46.91
CA PRO U 30 -88.43 8.97 -46.72
C PRO U 30 -89.82 8.83 -46.10
N VAL U 31 -90.59 7.90 -46.62
CA VAL U 31 -91.89 7.59 -46.01
C VAL U 31 -91.76 6.50 -44.95
N GLY U 32 -90.91 5.50 -45.22
CA GLY U 32 -90.71 4.43 -44.26
C GLY U 32 -90.10 4.89 -42.96
N ARG U 33 -89.07 5.73 -43.05
CA ARG U 33 -88.44 6.27 -41.84
C ARG U 33 -89.44 7.08 -41.01
N VAL U 34 -90.22 7.94 -41.66
CA VAL U 34 -91.16 8.77 -40.93
C VAL U 34 -92.25 7.91 -40.30
N HIS U 35 -92.71 6.89 -41.02
CA HIS U 35 -93.70 5.99 -40.44
C HIS U 35 -93.13 5.26 -39.24
N ARG U 36 -91.88 4.82 -39.32
CA ARG U 36 -91.26 4.15 -38.19
C ARG U 36 -91.08 5.08 -37.00
N LEU U 37 -90.72 6.34 -37.26
CA LEU U 37 -90.58 7.29 -36.15
C LEU U 37 -91.90 7.62 -35.51
N LEU U 38 -92.97 7.70 -36.31
CA LEU U 38 -94.30 7.90 -35.75
C LEU U 38 -94.77 6.67 -34.99
N ARG U 39 -94.36 5.49 -35.43
CA ARG U 39 -94.76 4.25 -34.80
C ARG U 39 -94.05 4.07 -33.47
N LYS U 40 -92.79 4.45 -33.39
CA LYS U 40 -91.97 4.21 -32.21
C LYS U 40 -91.94 5.41 -31.29
N GLY U 41 -92.71 6.45 -31.59
CA GLY U 41 -92.71 7.65 -30.79
C GLY U 41 -93.82 7.73 -29.76
N ASN U 42 -94.59 6.65 -29.60
CA ASN U 42 -95.71 6.61 -28.66
C ASN U 42 -96.66 7.78 -28.90
N TYR U 43 -97.14 7.87 -30.15
CA TYR U 43 -98.10 8.91 -30.49
C TYR U 43 -99.54 8.42 -30.59
N SER U 44 -99.78 7.27 -31.21
CA SER U 44 -101.13 6.71 -31.24
C SER U 44 -101.04 5.20 -31.33
N GLU U 45 -102.16 4.54 -31.03
CA GLU U 45 -102.20 3.09 -31.09
C GLU U 45 -101.88 2.59 -32.49
N ARG U 46 -102.45 3.25 -33.49
CA ARG U 46 -102.20 2.93 -34.90
C ARG U 46 -102.06 4.22 -35.66
N VAL U 47 -101.40 4.14 -36.81
CA VAL U 47 -101.08 5.30 -37.63
C VAL U 47 -101.59 5.02 -39.03
N GLY U 48 -102.43 5.91 -39.55
CA GLY U 48 -102.93 5.74 -40.89
C GLY U 48 -101.85 5.94 -41.93
N ALA U 49 -102.14 5.51 -43.15
CA ALA U 49 -101.13 5.57 -44.20
C ALA U 49 -101.07 6.92 -44.91
N GLY U 50 -102.06 7.79 -44.72
CA GLY U 50 -101.97 9.09 -45.34
C GLY U 50 -101.33 10.16 -44.50
N ALA U 51 -101.07 9.87 -43.22
CA ALA U 51 -100.40 10.85 -42.38
C ALA U 51 -98.92 11.01 -42.71
N PRO U 52 -98.12 9.95 -42.82
CA PRO U 52 -96.69 10.17 -43.10
C PRO U 52 -96.41 10.80 -44.44
N VAL U 53 -97.22 10.50 -45.46
CA VAL U 53 -97.02 11.13 -46.77
C VAL U 53 -97.28 12.62 -46.67
N TYR U 54 -98.37 13.00 -46.02
CA TYR U 54 -98.72 14.42 -45.89
C TYR U 54 -97.64 15.14 -45.09
N LEU U 55 -97.19 14.54 -43.99
CA LEU U 55 -96.20 15.18 -43.15
C LEU U 55 -94.86 15.30 -43.84
N ALA U 56 -94.47 14.28 -44.61
CA ALA U 56 -93.24 14.36 -45.39
C ALA U 56 -93.32 15.46 -46.42
N ALA U 57 -94.48 15.60 -47.07
CA ALA U 57 -94.65 16.67 -48.05
C ALA U 57 -94.53 18.03 -47.40
N VAL U 58 -95.12 18.21 -46.21
CA VAL U 58 -95.01 19.48 -45.51
C VAL U 58 -93.56 19.78 -45.16
N LEU U 59 -92.87 18.79 -44.61
CA LEU U 59 -91.47 19.01 -44.22
C LEU U 59 -90.61 19.32 -45.43
N GLU U 60 -90.87 18.64 -46.55
CA GLU U 60 -90.11 18.92 -47.76
C GLU U 60 -90.38 20.32 -48.28
N TYR U 61 -91.63 20.75 -48.24
CA TYR U 61 -91.95 22.12 -48.65
C TYR U 61 -91.25 23.15 -47.78
N LEU U 62 -91.27 22.94 -46.47
CA LEU U 62 -90.68 23.92 -45.57
C LEU U 62 -89.17 23.98 -45.71
N THR U 63 -88.52 22.82 -45.85
CA THR U 63 -87.09 22.83 -46.06
C THR U 63 -86.73 23.42 -47.41
N ALA U 64 -87.56 23.22 -48.44
CA ALA U 64 -87.30 23.84 -49.73
C ALA U 64 -87.38 25.35 -49.63
N GLU U 65 -88.37 25.86 -48.91
CA GLU U 65 -88.48 27.31 -48.72
C GLU U 65 -87.27 27.85 -47.98
N ILE U 66 -86.89 27.18 -46.90
CA ILE U 66 -85.75 27.62 -46.10
C ILE U 66 -84.50 27.63 -46.95
N LEU U 67 -84.27 26.57 -47.72
CA LEU U 67 -83.04 26.49 -48.49
C LEU U 67 -83.04 27.47 -49.65
N GLU U 68 -84.21 27.76 -50.21
CA GLU U 68 -84.30 28.77 -51.25
C GLU U 68 -83.86 30.13 -50.71
N LEU U 69 -84.45 30.55 -49.60
CA LEU U 69 -84.09 31.86 -49.07
C LEU U 69 -82.65 31.88 -48.57
N ALA U 70 -82.15 30.78 -48.04
CA ALA U 70 -80.77 30.76 -47.57
C ALA U 70 -79.79 30.80 -48.73
N GLY U 71 -80.13 30.16 -49.85
CA GLY U 71 -79.27 30.26 -51.02
C GLY U 71 -79.28 31.65 -51.61
N ASN U 72 -80.45 32.29 -51.63
CA ASN U 72 -80.51 33.68 -52.05
C ASN U 72 -79.64 34.56 -51.15
N ALA U 73 -79.73 34.35 -49.84
CA ALA U 73 -78.94 35.15 -48.91
C ALA U 73 -77.45 34.89 -49.07
N ALA U 74 -77.07 33.65 -49.41
CA ALA U 74 -75.65 33.35 -49.57
C ALA U 74 -75.11 33.90 -50.88
N ARG U 75 -75.94 33.93 -51.93
CA ARG U 75 -75.51 34.56 -53.17
C ARG U 75 -75.39 36.06 -52.97
N ASP U 76 -76.30 36.62 -52.17
CA ASP U 76 -76.26 38.05 -51.88
C ASP U 76 -74.93 38.44 -51.27
N ASN U 77 -74.33 37.53 -50.50
CA ASN U 77 -73.02 37.72 -49.91
C ASN U 77 -71.91 37.21 -50.81
N LYS U 78 -72.27 36.76 -52.02
CA LYS U 78 -71.34 36.16 -52.97
C LYS U 78 -70.60 34.99 -52.33
N LYS U 79 -71.37 34.03 -51.84
CA LYS U 79 -70.82 32.75 -51.40
C LYS U 79 -71.60 31.62 -52.07
N THR U 80 -70.91 30.52 -52.34
CA THR U 80 -71.54 29.38 -52.99
C THR U 80 -71.83 28.26 -52.01
N ARG U 81 -71.66 28.50 -50.71
CA ARG U 81 -71.94 27.50 -49.70
C ARG U 81 -72.66 28.16 -48.54
N ILE U 82 -73.72 27.52 -48.07
CA ILE U 82 -74.58 28.08 -47.04
C ILE U 82 -73.95 27.87 -45.66
N ILE U 83 -73.81 28.95 -44.90
CA ILE U 83 -73.32 28.85 -43.53
C ILE U 83 -74.46 29.17 -42.58
N PRO U 84 -74.29 29.01 -41.26
CA PRO U 84 -75.37 29.38 -40.32
C PRO U 84 -75.77 30.84 -40.40
N ARG U 85 -74.86 31.72 -40.79
CA ARG U 85 -75.21 33.14 -40.88
C ARG U 85 -76.32 33.36 -41.89
N HIS U 86 -76.23 32.67 -43.04
CA HIS U 86 -77.25 32.85 -44.06
C HIS U 86 -78.58 32.26 -43.63
N LEU U 87 -78.56 31.15 -42.88
CA LEU U 87 -79.79 30.63 -42.31
C LEU U 87 -80.43 31.62 -41.36
N GLN U 88 -79.63 32.25 -40.51
CA GLN U 88 -80.17 33.23 -39.58
C GLN U 88 -80.76 34.42 -40.32
N LEU U 89 -80.06 34.89 -41.35
CA LEU U 89 -80.57 36.02 -42.12
C LEU U 89 -81.86 35.66 -42.84
N ALA U 90 -81.92 34.48 -43.44
CA ALA U 90 -83.13 34.05 -44.14
C ALA U 90 -84.30 33.92 -43.17
N ILE U 91 -84.04 33.38 -41.98
CA ILE U 91 -85.13 33.20 -41.01
C ILE U 91 -85.61 34.55 -40.50
N ARG U 92 -84.70 35.37 -39.99
CA ARG U 92 -85.11 36.63 -39.37
C ARG U 92 -85.57 37.65 -40.40
N ASN U 93 -85.31 37.41 -41.69
CA ASN U 93 -85.72 38.35 -42.72
C ASN U 93 -87.07 38.02 -43.32
N ASP U 94 -87.53 36.78 -43.16
CA ASP U 94 -88.86 36.38 -43.64
C ASP U 94 -89.86 36.45 -42.51
N GLU U 95 -90.94 37.21 -42.75
CA GLU U 95 -91.90 37.48 -41.68
C GLU U 95 -92.55 36.19 -41.18
N GLU U 96 -92.96 35.32 -42.10
CA GLU U 96 -93.69 34.14 -41.70
C GLU U 96 -92.78 33.14 -41.01
N LEU U 97 -91.59 32.93 -41.56
CA LEU U 97 -90.63 32.07 -40.90
C LEU U 97 -90.19 32.64 -39.56
N ASN U 98 -89.90 33.95 -39.50
CA ASN U 98 -89.48 34.54 -38.24
C ASN U 98 -90.58 34.47 -37.19
N LYS U 99 -91.84 34.48 -37.61
CA LYS U 99 -92.91 34.24 -36.66
C LYS U 99 -92.96 32.77 -36.25
N LEU U 100 -92.66 31.88 -37.18
CA LEU U 100 -92.65 30.46 -36.89
C LEU U 100 -91.48 30.09 -35.97
N LEU U 101 -90.28 30.55 -36.32
CA LEU U 101 -89.10 30.30 -35.51
C LEU U 101 -88.79 31.52 -34.64
N GLY U 102 -89.68 31.76 -33.70
CA GLY U 102 -89.62 32.98 -32.93
C GLY U 102 -88.82 32.81 -31.65
N ARG U 103 -88.68 31.57 -31.19
CA ARG U 103 -88.01 31.30 -29.93
C ARG U 103 -86.67 30.60 -30.07
N VAL U 104 -86.27 30.26 -31.28
CA VAL U 104 -85.07 29.46 -31.49
C VAL U 104 -83.87 30.39 -31.66
N THR U 105 -82.73 29.99 -31.11
CA THR U 105 -81.48 30.69 -31.34
C THR U 105 -80.56 29.83 -32.17
N ILE U 106 -79.88 30.45 -33.13
CA ILE U 106 -79.03 29.75 -34.08
C ILE U 106 -77.59 30.05 -33.70
N ALA U 107 -76.81 29.00 -33.42
CA ALA U 107 -75.42 29.19 -33.06
C ALA U 107 -74.67 29.76 -34.26
N GLN U 108 -73.88 30.80 -34.03
CA GLN U 108 -73.13 31.47 -35.10
C GLN U 108 -74.05 32.09 -36.13
N GLY U 109 -75.21 32.56 -35.69
CA GLY U 109 -76.17 33.16 -36.60
C GLY U 109 -76.08 34.67 -36.52
N GLY U 110 -75.64 35.17 -35.38
CA GLY U 110 -75.53 36.59 -35.20
C GLY U 110 -76.86 37.28 -35.03
N VAL U 111 -76.87 38.57 -35.33
CA VAL U 111 -78.06 39.39 -35.28
C VAL U 111 -78.15 40.17 -36.58
N LEU U 112 -79.37 40.62 -36.89
CA LEU U 112 -79.54 41.53 -38.01
C LEU U 112 -78.93 42.89 -37.71
N PRO U 113 -78.35 43.55 -38.71
CA PRO U 113 -77.87 44.93 -38.52
C PRO U 113 -79.04 45.86 -38.28
N ASN U 114 -79.05 46.51 -37.12
CA ASN U 114 -80.17 47.35 -36.72
C ASN U 114 -79.65 48.44 -35.79
N ILE U 115 -79.63 49.68 -36.27
CA ILE U 115 -79.24 50.82 -35.46
C ILE U 115 -80.45 51.73 -35.29
N GLN U 116 -80.74 52.09 -34.04
CA GLN U 116 -81.92 52.88 -33.74
C GLN U 116 -81.80 54.28 -34.31
N ALA U 117 -82.96 54.89 -34.59
CA ALA U 117 -82.97 56.19 -35.24
C ALA U 117 -82.33 57.27 -34.38
N VAL U 118 -82.58 57.24 -33.06
CA VAL U 118 -82.12 58.32 -32.19
C VAL U 118 -80.65 58.21 -31.86
N LEU U 119 -80.04 57.06 -32.10
CA LEU U 119 -78.63 56.88 -31.79
C LEU U 119 -77.74 57.32 -32.93
N LEU U 120 -78.30 57.47 -34.13
CA LEU U 120 -77.52 57.86 -35.29
C LEU U 120 -76.99 59.28 -35.10
N PRO U 121 -75.79 59.56 -35.61
CA PRO U 121 -75.14 60.84 -35.31
C PRO U 121 -75.81 62.00 -36.03
N LYS U 122 -75.41 63.21 -35.64
CA LYS U 122 -76.01 64.43 -36.15
C LYS U 122 -74.93 65.40 -36.63
N SER V 36 -71.70 2.89 -35.02
CA SER V 36 -72.91 3.59 -34.62
C SER V 36 -73.56 4.15 -35.88
N ARG V 37 -74.62 3.49 -36.33
CA ARG V 37 -75.31 3.85 -37.56
C ARG V 37 -76.52 4.69 -37.21
N LYS V 38 -76.27 5.97 -36.97
CA LYS V 38 -77.30 6.92 -36.56
C LYS V 38 -77.80 7.72 -37.76
N GLU V 39 -79.10 7.98 -37.77
CA GLU V 39 -79.78 8.51 -38.93
C GLU V 39 -79.88 10.03 -38.85
N SER V 40 -80.08 10.65 -40.00
CA SER V 40 -80.17 12.10 -40.11
C SER V 40 -80.89 12.42 -41.42
N TYR V 41 -80.99 13.71 -41.72
CA TYR V 41 -81.68 14.13 -42.93
C TYR V 41 -80.73 14.79 -43.93
N SER V 42 -79.42 14.60 -43.75
CA SER V 42 -78.45 15.39 -44.48
C SER V 42 -78.54 15.16 -45.98
N ILE V 43 -78.68 13.90 -46.39
CA ILE V 43 -78.71 13.61 -47.82
C ILE V 43 -79.97 14.15 -48.45
N TYR V 44 -81.08 14.09 -47.71
CA TYR V 44 -82.33 14.62 -48.26
C TYR V 44 -82.29 16.13 -48.35
N VAL V 45 -81.75 16.79 -47.32
CA VAL V 45 -81.58 18.24 -47.39
C VAL V 45 -80.68 18.62 -48.56
N TYR V 46 -79.63 17.83 -48.80
CA TYR V 46 -78.72 18.13 -49.91
C TYR V 46 -79.43 17.94 -51.25
N LYS V 47 -80.23 16.89 -51.37
CA LYS V 47 -80.99 16.67 -52.59
C LYS V 47 -81.98 17.81 -52.84
N VAL V 48 -82.66 18.25 -51.79
CA VAL V 48 -83.59 19.37 -51.93
C VAL V 48 -82.85 20.63 -52.32
N LEU V 49 -81.68 20.87 -51.73
CA LEU V 49 -80.90 22.05 -52.09
C LEU V 49 -80.51 22.02 -53.55
N LYS V 50 -80.04 20.87 -54.03
CA LYS V 50 -79.67 20.79 -55.44
C LYS V 50 -80.90 20.84 -56.34
N GLN V 51 -82.07 20.54 -55.78
CA GLN V 51 -83.29 20.70 -56.57
C GLN V 51 -83.68 22.17 -56.69
N VAL V 52 -83.45 22.96 -55.63
CA VAL V 52 -83.82 24.37 -55.68
C VAL V 52 -82.66 25.24 -56.15
N HIS V 53 -81.46 25.00 -55.61
CA HIS V 53 -80.27 25.78 -55.95
C HIS V 53 -79.20 24.81 -56.41
N PRO V 54 -78.96 24.70 -57.71
CA PRO V 54 -77.99 23.71 -58.19
C PRO V 54 -76.56 24.09 -57.86
N ASP V 55 -76.22 25.35 -58.08
CA ASP V 55 -74.89 25.88 -57.86
C ASP V 55 -74.72 26.51 -56.48
N THR V 56 -75.06 25.76 -55.43
CA THR V 56 -74.91 26.25 -54.07
C THR V 56 -74.65 25.07 -53.15
N GLY V 57 -73.64 25.17 -52.31
CA GLY V 57 -73.36 24.16 -51.30
C GLY V 57 -73.84 24.57 -49.92
N ILE V 58 -73.52 23.70 -48.95
CA ILE V 58 -73.93 23.91 -47.56
C ILE V 58 -72.83 23.42 -46.63
N SER V 59 -72.56 24.19 -45.58
CA SER V 59 -71.56 23.79 -44.61
C SER V 59 -72.11 22.67 -43.73
N SER V 60 -71.23 22.04 -42.97
CA SER V 60 -71.66 20.96 -42.09
C SER V 60 -72.46 21.49 -40.91
N LYS V 61 -72.07 22.66 -40.39
CA LYS V 61 -72.80 23.23 -39.26
C LYS V 61 -74.20 23.65 -39.66
N ALA V 62 -74.36 24.13 -40.90
CA ALA V 62 -75.70 24.44 -41.35
C ALA V 62 -76.49 23.18 -41.62
N MET V 63 -75.84 22.11 -42.08
CA MET V 63 -76.58 20.86 -42.25
C MET V 63 -77.06 20.33 -40.90
N GLY V 64 -76.22 20.47 -39.86
CA GLY V 64 -76.65 20.13 -38.52
C GLY V 64 -77.84 20.96 -38.06
N ILE V 65 -77.81 22.26 -38.36
CA ILE V 65 -78.90 23.13 -37.94
C ILE V 65 -80.18 22.75 -38.67
N MET V 66 -80.07 22.40 -39.95
CA MET V 66 -81.24 22.01 -40.71
C MET V 66 -81.81 20.68 -40.23
N ASN V 67 -80.94 19.76 -39.83
CA ASN V 67 -81.41 18.51 -39.25
C ASN V 67 -82.15 18.77 -37.93
N SER V 68 -81.59 19.64 -37.11
CA SER V 68 -82.27 19.98 -35.85
C SER V 68 -83.61 20.65 -36.12
N PHE V 69 -83.65 21.50 -37.14
CA PHE V 69 -84.89 22.17 -37.50
C PHE V 69 -85.95 21.17 -37.95
N VAL V 70 -85.57 20.21 -38.78
CA VAL V 70 -86.51 19.20 -39.24
C VAL V 70 -87.03 18.40 -38.06
N ASN V 71 -86.14 17.99 -37.16
CA ASN V 71 -86.58 17.21 -36.01
C ASN V 71 -87.53 18.01 -35.13
N ASP V 72 -87.22 19.28 -34.91
CA ASP V 72 -88.08 20.14 -34.12
C ASP V 72 -89.47 20.24 -34.73
N ILE V 73 -89.55 20.54 -36.02
CA ILE V 73 -90.85 20.73 -36.65
C ILE V 73 -91.63 19.42 -36.64
N PHE V 74 -90.94 18.30 -36.84
CA PHE V 74 -91.59 17.01 -36.72
C PHE V 74 -92.19 16.83 -35.34
N GLU V 75 -91.42 17.17 -34.30
CA GLU V 75 -91.89 16.96 -32.94
C GLU V 75 -93.10 17.83 -32.65
N ARG V 76 -93.07 19.07 -33.11
CA ARG V 76 -94.21 19.96 -32.90
C ARG V 76 -95.46 19.40 -33.56
N ILE V 77 -95.33 19.00 -34.83
CA ILE V 77 -96.50 18.53 -35.56
C ILE V 77 -97.03 17.25 -34.96
N ALA V 78 -96.15 16.34 -34.55
CA ALA V 78 -96.62 15.07 -34.00
C ALA V 78 -97.27 15.28 -32.64
N GLY V 79 -96.76 16.21 -31.84
CA GLY V 79 -97.40 16.48 -30.57
C GLY V 79 -98.78 17.10 -30.73
N GLU V 80 -98.91 18.04 -31.67
CA GLU V 80 -100.23 18.59 -31.95
C GLU V 80 -101.19 17.53 -32.46
N ALA V 81 -100.72 16.66 -33.37
CA ALA V 81 -101.57 15.61 -33.89
C ALA V 81 -102.01 14.65 -32.80
N SER V 82 -101.11 14.32 -31.89
CA SER V 82 -101.45 13.45 -30.77
C SER V 82 -102.51 14.09 -29.89
N ARG V 83 -102.31 15.36 -29.53
CA ARG V 83 -103.28 16.04 -28.69
C ARG V 83 -104.65 16.10 -29.38
N LEU V 84 -104.66 16.34 -30.68
CA LEU V 84 -105.93 16.40 -31.40
C LEU V 84 -106.61 15.04 -31.41
N ALA V 85 -105.85 13.98 -31.67
CA ALA V 85 -106.41 12.64 -31.66
C ALA V 85 -106.99 12.31 -30.29
N HIS V 86 -106.29 12.69 -29.22
CA HIS V 86 -106.79 12.38 -27.90
C HIS V 86 -108.01 13.22 -27.54
N TYR V 87 -108.07 14.46 -28.06
CA TYR V 87 -109.27 15.25 -27.89
C TYR V 87 -110.46 14.60 -28.57
N ASN V 88 -110.26 14.10 -29.79
CA ASN V 88 -111.36 13.57 -30.58
C ASN V 88 -111.61 12.09 -30.32
N LYS V 89 -110.92 11.49 -29.35
CA LYS V 89 -111.12 10.08 -28.99
C LYS V 89 -110.92 9.17 -30.20
N ARG V 90 -109.73 9.22 -30.77
CA ARG V 90 -109.37 8.36 -31.88
C ARG V 90 -108.01 7.71 -31.63
N SER V 91 -107.87 6.49 -32.12
CA SER V 91 -106.65 5.73 -31.92
C SER V 91 -105.67 5.88 -33.06
N THR V 92 -106.01 6.67 -34.08
CA THR V 92 -105.28 6.70 -35.33
C THR V 92 -104.85 8.12 -35.64
N ILE V 93 -103.63 8.27 -36.13
CA ILE V 93 -103.17 9.53 -36.69
C ILE V 93 -103.27 9.41 -38.21
N THR V 94 -104.26 10.07 -38.79
CA THR V 94 -104.47 10.08 -40.23
C THR V 94 -103.97 11.40 -40.82
N SER V 95 -104.27 11.60 -42.11
CA SER V 95 -103.88 12.83 -42.79
C SER V 95 -104.76 14.01 -42.40
N ARG V 96 -105.96 13.75 -41.86
CA ARG V 96 -106.79 14.86 -41.40
C ARG V 96 -106.18 15.53 -40.18
N GLU V 97 -105.67 14.73 -39.24
CA GLU V 97 -105.00 15.28 -38.08
C GLU V 97 -103.76 16.05 -38.49
N ILE V 98 -102.99 15.51 -39.43
CA ILE V 98 -101.78 16.19 -39.88
C ILE V 98 -102.14 17.51 -40.53
N GLN V 99 -103.18 17.51 -41.35
CA GLN V 99 -103.58 18.74 -42.03
C GLN V 99 -104.03 19.79 -41.05
N THR V 100 -104.85 19.41 -40.06
CA THR V 100 -105.34 20.43 -39.15
C THR V 100 -104.25 20.88 -38.19
N ALA V 101 -103.29 20.02 -37.86
CA ALA V 101 -102.16 20.47 -37.07
C ALA V 101 -101.29 21.45 -37.86
N VAL V 102 -101.12 21.20 -39.15
CA VAL V 102 -100.43 22.16 -40.02
C VAL V 102 -101.16 23.49 -40.02
N ARG V 103 -102.48 23.45 -40.15
CA ARG V 103 -103.27 24.68 -40.13
C ARG V 103 -103.12 25.41 -38.80
N LEU V 104 -103.12 24.67 -37.69
CA LEU V 104 -102.96 25.30 -36.39
C LEU V 104 -101.58 25.92 -36.23
N LEU V 105 -100.56 25.29 -36.79
CA LEU V 105 -99.20 25.68 -36.47
C LEU V 105 -98.66 26.76 -37.40
N LEU V 106 -98.88 26.63 -38.68
CA LEU V 106 -98.22 27.55 -39.59
C LEU V 106 -99.08 28.77 -39.86
N PRO V 107 -98.46 29.88 -40.23
CA PRO V 107 -99.24 31.09 -40.56
C PRO V 107 -99.92 30.95 -41.92
N GLY V 108 -100.85 31.86 -42.16
CA GLY V 108 -101.81 31.76 -43.25
C GLY V 108 -101.29 31.30 -44.60
N GLU V 109 -100.48 32.13 -45.26
CA GLU V 109 -99.97 31.76 -46.58
C GLU V 109 -99.10 30.52 -46.51
N LEU V 110 -98.25 30.43 -45.49
CA LEU V 110 -97.39 29.27 -45.36
C LEU V 110 -98.22 28.01 -45.16
N ALA V 111 -99.24 28.09 -44.29
CA ALA V 111 -100.10 26.93 -44.07
C ALA V 111 -100.85 26.56 -45.34
N LYS V 112 -101.30 27.57 -46.09
CA LYS V 112 -102.03 27.32 -47.33
C LYS V 112 -101.15 26.58 -48.33
N HIS V 113 -99.93 27.08 -48.53
CA HIS V 113 -99.04 26.42 -49.48
C HIS V 113 -98.69 25.01 -49.02
N ALA V 114 -98.46 24.84 -47.71
CA ALA V 114 -98.11 23.53 -47.21
C ALA V 114 -99.25 22.54 -47.37
N VAL V 115 -100.49 22.97 -47.11
CA VAL V 115 -101.64 22.11 -47.31
C VAL V 115 -101.80 21.77 -48.78
N SER V 116 -101.59 22.75 -49.66
CA SER V 116 -101.61 22.48 -51.09
C SER V 116 -100.63 21.39 -51.46
N GLU V 117 -99.38 21.54 -51.01
CA GLU V 117 -98.35 20.54 -51.31
C GLU V 117 -98.73 19.17 -50.77
N GLY V 118 -99.18 19.11 -49.52
CA GLY V 118 -99.53 17.83 -48.94
C GLY V 118 -100.68 17.15 -49.65
N THR V 119 -101.72 17.92 -49.98
CA THR V 119 -102.84 17.34 -50.71
C THR V 119 -102.41 16.85 -52.07
N LYS V 120 -101.60 17.65 -52.78
CA LYS V 120 -101.09 17.24 -54.08
C LYS V 120 -100.36 15.91 -53.98
N ALA V 121 -99.44 15.81 -53.02
CA ALA V 121 -98.65 14.59 -52.87
C ALA V 121 -99.52 13.41 -52.49
N VAL V 122 -100.49 13.61 -51.60
CA VAL V 122 -101.33 12.50 -51.17
C VAL V 122 -102.16 12.00 -52.35
N THR V 123 -102.73 12.91 -53.13
CA THR V 123 -103.52 12.48 -54.28
C THR V 123 -102.65 11.80 -55.33
N LYS V 124 -101.44 12.31 -55.57
CA LYS V 124 -100.59 11.67 -56.56
C LYS V 124 -100.16 10.28 -56.09
N TYR V 125 -99.95 10.10 -54.79
CA TYR V 125 -99.56 8.79 -54.29
C TYR V 125 -100.73 7.83 -54.30
N THR V 126 -101.93 8.34 -54.02
CA THR V 126 -103.11 7.49 -53.94
C THR V 126 -103.60 7.11 -55.34
N SER V 127 -103.45 8.01 -56.31
CA SER V 127 -103.90 7.73 -57.66
C SER V 127 -103.13 6.55 -58.25
N ALA V 128 -101.82 6.51 -58.01
CA ALA V 128 -101.04 5.35 -58.43
C ALA V 128 -101.06 4.32 -57.31
N LYS V 129 -100.25 3.27 -57.44
CA LYS V 129 -100.08 2.30 -56.37
C LYS V 129 -98.85 1.45 -56.64
N HIS W 43 -55.33 62.27 -33.72
CA HIS W 43 -56.35 63.22 -33.30
C HIS W 43 -57.29 62.60 -32.28
N ARG W 44 -58.52 63.09 -32.22
CA ARG W 44 -59.52 62.55 -31.31
C ARG W 44 -60.86 62.51 -32.02
N TYR W 45 -61.60 61.44 -31.76
CA TYR W 45 -62.95 61.25 -32.30
C TYR W 45 -63.98 61.83 -31.35
N ARG W 46 -65.14 62.16 -31.90
CA ARG W 46 -66.27 62.49 -31.03
C ARG W 46 -66.69 61.26 -30.24
N PRO W 47 -66.92 61.39 -28.94
CA PRO W 47 -67.46 60.27 -28.16
C PRO W 47 -68.73 59.72 -28.78
N GLY W 48 -68.74 58.44 -29.12
CA GLY W 48 -69.87 57.84 -29.79
C GLY W 48 -69.61 57.48 -31.23
N THR W 49 -68.50 57.95 -31.81
CA THR W 49 -68.17 57.55 -33.17
C THR W 49 -67.51 56.18 -33.17
N VAL W 50 -66.56 55.98 -32.26
CA VAL W 50 -66.01 54.64 -32.07
C VAL W 50 -67.08 53.70 -31.54
N ALA W 51 -68.05 54.22 -30.79
CA ALA W 51 -69.15 53.39 -30.35
C ALA W 51 -69.94 52.84 -31.53
N LEU W 52 -70.25 53.71 -32.50
CA LEU W 52 -70.99 53.24 -33.66
C LEU W 52 -70.14 52.35 -34.54
N ARG W 53 -68.85 52.64 -34.65
CA ARG W 53 -67.96 51.75 -35.38
C ARG W 53 -67.98 50.36 -34.79
N GLU W 54 -67.94 50.27 -33.47
CA GLU W 54 -67.97 48.99 -32.79
C GLU W 54 -69.33 48.30 -32.98
N ILE W 55 -70.42 49.07 -32.93
CA ILE W 55 -71.73 48.49 -33.14
C ILE W 55 -71.81 47.86 -34.53
N ARG W 56 -71.35 48.58 -35.54
CA ARG W 56 -71.34 48.05 -36.89
C ARG W 56 -70.45 46.82 -36.98
N ARG W 57 -69.30 46.85 -36.31
CA ARG W 57 -68.38 45.73 -36.37
C ARG W 57 -68.92 44.49 -35.68
N TYR W 58 -69.67 44.66 -34.59
CA TYR W 58 -70.13 43.51 -33.83
C TYR W 58 -71.48 43.00 -34.28
N GLN W 59 -72.26 43.79 -35.00
CA GLN W 59 -73.46 43.23 -35.59
C GLN W 59 -73.16 42.50 -36.90
N LYS W 60 -71.94 42.63 -37.40
CA LYS W 60 -71.51 41.90 -38.58
C LYS W 60 -70.94 40.53 -38.23
N SER W 61 -70.08 40.46 -37.22
CA SER W 61 -69.44 39.20 -36.89
C SER W 61 -70.36 38.30 -36.08
N THR W 62 -69.97 37.03 -35.98
CA THR W 62 -70.71 36.04 -35.21
C THR W 62 -69.87 35.36 -34.14
N GLU W 63 -68.59 35.70 -34.03
CA GLU W 63 -67.70 35.02 -33.11
C GLU W 63 -68.03 35.35 -31.66
N LEU W 64 -67.75 34.39 -30.78
CA LEU W 64 -68.10 34.51 -29.38
C LEU W 64 -67.29 35.61 -28.71
N LEU W 65 -67.96 36.46 -27.94
CA LEU W 65 -67.35 37.66 -27.38
C LEU W 65 -66.82 37.46 -25.97
N ILE W 66 -67.05 36.30 -25.37
CA ILE W 66 -66.48 35.94 -24.08
C ILE W 66 -65.31 34.99 -24.29
N ARG W 67 -64.25 35.19 -23.50
CA ARG W 67 -63.11 34.28 -23.53
C ARG W 67 -63.50 32.92 -22.97
N LYS W 68 -62.90 31.88 -23.52
CA LYS W 68 -63.44 30.55 -23.31
C LYS W 68 -63.15 30.06 -21.90
N LEU W 69 -61.90 30.24 -21.47
CA LEU W 69 -61.47 29.75 -20.16
C LEU W 69 -62.22 30.42 -19.02
N PRO W 70 -62.40 31.75 -19.00
CA PRO W 70 -63.22 32.35 -17.92
C PRO W 70 -64.61 31.78 -17.86
N PHE W 71 -65.23 31.55 -19.02
CA PHE W 71 -66.58 31.01 -19.02
C PHE W 71 -66.61 29.57 -18.52
N GLN W 72 -65.58 28.80 -18.89
CA GLN W 72 -65.49 27.43 -18.39
C GLN W 72 -65.30 27.41 -16.88
N ARG W 73 -64.42 28.27 -16.37
CA ARG W 73 -64.22 28.37 -14.93
C ARG W 73 -65.48 28.79 -14.20
N LEU W 74 -66.22 29.74 -14.77
CA LEU W 74 -67.48 30.15 -14.16
C LEU W 74 -68.48 29.00 -14.14
N VAL W 75 -68.56 28.27 -15.24
CA VAL W 75 -69.50 27.14 -15.32
C VAL W 75 -69.15 26.09 -14.28
N ARG W 76 -67.86 25.76 -14.17
CA ARG W 76 -67.45 24.76 -13.19
C ARG W 76 -67.67 25.24 -11.77
N GLU W 77 -67.41 26.53 -11.50
CA GLU W 77 -67.68 27.07 -10.17
C GLU W 77 -69.15 26.94 -9.82
N ILE W 78 -70.03 27.29 -10.76
CA ILE W 78 -71.46 27.19 -10.49
C ILE W 78 -71.87 25.73 -10.31
N ALA W 79 -71.39 24.85 -11.19
CA ALA W 79 -71.80 23.45 -11.14
C ALA W 79 -71.32 22.77 -9.88
N GLN W 80 -70.19 23.22 -9.33
CA GLN W 80 -69.63 22.58 -8.15
C GLN W 80 -70.54 22.77 -6.93
N ASP W 81 -71.53 23.65 -7.00
CA ASP W 81 -72.46 23.82 -5.90
C ASP W 81 -73.65 22.87 -5.97
N PHE W 82 -73.76 22.04 -7.00
CA PHE W 82 -74.82 21.05 -7.05
C PHE W 82 -74.33 19.61 -6.93
N LYS W 83 -73.15 19.28 -7.48
CA LYS W 83 -72.59 17.93 -7.42
C LYS W 83 -71.09 17.99 -7.67
N THR W 84 -70.28 17.50 -6.73
CA THR W 84 -68.84 17.52 -6.94
C THR W 84 -68.45 16.43 -7.94
N ASP W 85 -67.28 16.62 -8.58
CA ASP W 85 -66.68 15.75 -9.59
C ASP W 85 -67.47 15.60 -10.91
N LEU W 86 -68.29 16.58 -11.31
CA LEU W 86 -68.91 16.61 -12.64
C LEU W 86 -67.89 16.93 -13.75
N ARG W 87 -67.94 16.21 -14.88
CA ARG W 87 -67.46 16.73 -16.18
C ARG W 87 -68.57 17.46 -16.95
N PHE W 88 -68.14 18.29 -17.90
CA PHE W 88 -68.94 18.79 -19.03
C PHE W 88 -68.20 18.46 -20.32
N GLN W 89 -68.91 18.05 -21.38
CA GLN W 89 -68.33 17.97 -22.73
C GLN W 89 -67.92 19.39 -23.20
N SER W 90 -66.90 19.56 -24.08
CA SER W 90 -66.61 20.88 -24.60
C SER W 90 -67.79 21.45 -25.38
N ALA W 91 -68.56 20.59 -26.03
CA ALA W 91 -69.73 21.07 -26.77
C ALA W 91 -70.81 21.58 -25.82
N ALA W 92 -70.93 21.02 -24.61
CA ALA W 92 -71.87 21.52 -23.60
C ALA W 92 -71.49 22.95 -23.17
N ILE W 93 -70.20 23.24 -22.99
CA ILE W 93 -69.76 24.60 -22.69
C ILE W 93 -70.00 25.52 -23.88
N GLY W 94 -69.73 25.03 -25.09
CA GLY W 94 -69.98 25.87 -26.26
C GLY W 94 -71.44 26.24 -26.42
N ALA W 95 -72.33 25.26 -26.23
CA ALA W 95 -73.75 25.52 -26.32
C ALA W 95 -74.20 26.49 -25.25
N LEU W 96 -73.69 26.31 -24.02
CA LEU W 96 -74.03 27.22 -22.94
C LEU W 96 -73.58 28.64 -23.26
N GLN W 97 -72.39 28.78 -23.85
CA GLN W 97 -71.91 30.11 -24.16
C GLN W 97 -72.74 30.76 -25.26
N GLU W 98 -73.10 29.98 -26.28
CA GLU W 98 -73.96 30.51 -27.33
C GLU W 98 -75.30 30.96 -26.77
N ALA W 99 -75.92 30.13 -25.95
CA ALA W 99 -77.22 30.49 -25.38
C ALA W 99 -77.12 31.70 -24.49
N SER W 100 -76.06 31.76 -23.67
CA SER W 100 -75.91 32.87 -22.74
C SER W 100 -75.69 34.18 -23.48
N GLU W 101 -74.87 34.16 -24.54
CA GLU W 101 -74.66 35.39 -25.28
C GLU W 101 -75.91 35.80 -26.05
N ALA W 102 -76.63 34.83 -26.63
CA ALA W 102 -77.86 35.19 -27.33
C ALA W 102 -78.87 35.80 -26.38
N TYR W 103 -78.99 35.22 -25.19
CA TYR W 103 -79.89 35.74 -24.18
C TYR W 103 -79.48 37.16 -23.79
N LEU W 104 -78.19 37.37 -23.53
CA LEU W 104 -77.73 38.67 -23.10
C LEU W 104 -77.90 39.72 -24.18
N VAL W 105 -77.73 39.34 -25.44
CA VAL W 105 -77.91 40.30 -26.52
C VAL W 105 -79.37 40.68 -26.67
N GLY W 106 -80.28 39.70 -26.57
CA GLY W 106 -81.70 40.04 -26.60
C GLY W 106 -82.08 40.94 -25.45
N LEU W 107 -81.53 40.66 -24.26
CA LEU W 107 -81.82 41.49 -23.10
C LEU W 107 -81.29 42.91 -23.31
N PHE W 108 -80.11 43.04 -23.91
CA PHE W 108 -79.56 44.36 -24.14
C PHE W 108 -80.35 45.12 -25.19
N GLU W 109 -80.94 44.41 -26.15
CA GLU W 109 -81.81 45.05 -27.11
C GLU W 109 -83.07 45.59 -26.45
N ASP W 110 -83.71 44.78 -25.59
CA ASP W 110 -84.86 45.28 -24.85
C ASP W 110 -84.47 46.45 -23.94
N THR W 111 -83.31 46.37 -23.31
CA THR W 111 -82.84 47.46 -22.46
C THR W 111 -82.64 48.73 -23.27
N ASN W 112 -82.07 48.60 -24.46
CA ASN W 112 -81.89 49.76 -25.33
C ASN W 112 -83.23 50.35 -25.73
N LEU W 113 -84.21 49.49 -26.02
CA LEU W 113 -85.55 49.99 -26.32
C LEU W 113 -86.13 50.77 -25.16
N CYS W 114 -85.98 50.25 -23.95
CA CYS W 114 -86.49 50.96 -22.77
C CYS W 114 -85.79 52.30 -22.60
N ALA W 115 -84.47 52.31 -22.77
CA ALA W 115 -83.70 53.54 -22.58
C ALA W 115 -84.11 54.59 -23.60
N ILE W 116 -84.33 54.17 -24.84
CA ILE W 116 -84.77 55.12 -25.86
C ILE W 116 -86.18 55.59 -25.57
N HIS W 117 -87.02 54.70 -25.03
CA HIS W 117 -88.35 55.11 -24.62
C HIS W 117 -88.28 56.20 -23.57
N ALA W 118 -87.37 56.07 -22.61
CA ALA W 118 -87.33 57.13 -21.60
C ALA W 118 -86.71 58.43 -22.11
N LYS W 119 -86.45 58.51 -23.41
CA LYS W 119 -85.80 59.67 -24.03
C LYS W 119 -84.38 59.86 -23.51
N ARG W 120 -83.61 58.77 -23.47
CA ARG W 120 -82.22 58.82 -23.07
C ARG W 120 -81.37 58.04 -24.04
N VAL W 121 -80.07 57.97 -23.73
CA VAL W 121 -79.12 57.21 -24.53
C VAL W 121 -78.30 56.24 -23.69
N THR W 122 -78.24 56.43 -22.38
CA THR W 122 -77.43 55.61 -21.49
C THR W 122 -78.36 54.59 -20.85
N ILE W 123 -78.02 53.32 -20.98
CA ILE W 123 -78.77 52.26 -20.33
C ILE W 123 -78.39 52.22 -18.84
N MET W 124 -79.38 51.94 -18.00
CA MET W 124 -79.22 52.02 -16.56
C MET W 124 -79.80 50.76 -15.93
N PRO W 125 -79.39 50.43 -14.70
CA PRO W 125 -79.93 49.24 -14.04
C PRO W 125 -81.44 49.23 -13.92
N LYS W 126 -82.06 50.39 -13.74
CA LYS W 126 -83.51 50.44 -13.69
C LYS W 126 -84.14 50.06 -15.03
N ASP W 127 -83.45 50.35 -16.12
CA ASP W 127 -83.92 49.91 -17.43
C ASP W 127 -83.90 48.39 -17.52
N ILE W 128 -82.83 47.76 -17.05
CA ILE W 128 -82.73 46.30 -17.05
C ILE W 128 -83.83 45.70 -16.20
N GLN W 129 -84.03 46.26 -15.00
CA GLN W 129 -85.06 45.72 -14.12
C GLN W 129 -86.45 45.86 -14.72
N LEU W 130 -86.70 46.98 -15.39
CA LEU W 130 -87.99 47.16 -16.04
C LEU W 130 -88.18 46.18 -17.18
N ALA W 131 -87.14 45.98 -17.99
CA ALA W 131 -87.25 45.02 -19.09
C ALA W 131 -87.48 43.61 -18.58
N ARG W 132 -86.78 43.23 -17.52
CA ARG W 132 -86.94 41.87 -16.99
C ARG W 132 -88.29 41.70 -16.33
N ARG W 133 -88.84 42.78 -15.77
CA ARG W 133 -90.17 42.70 -15.19
C ARG W 133 -91.23 42.59 -16.27
N ILE W 134 -91.08 43.37 -17.33
CA ILE W 134 -92.08 43.34 -18.40
C ILE W 134 -92.03 42.00 -19.14
N ARG W 135 -90.83 41.45 -19.33
CA ARG W 135 -90.76 40.13 -19.93
C ARG W 135 -91.51 39.10 -19.09
N GLY W 136 -91.52 39.29 -17.78
CA GLY W 136 -92.05 38.31 -16.87
C GLY W 136 -90.98 37.45 -16.24
N GLU W 137 -89.78 37.99 -16.02
CA GLU W 137 -88.67 37.22 -15.46
C GLU W 137 -88.48 37.51 -13.98
N ARG W 138 -88.45 38.78 -13.61
CA ARG W 138 -88.56 39.18 -12.22
C ARG W 138 -90.02 39.43 -11.88
N ALA W 139 -90.42 39.01 -10.68
CA ALA W 139 -91.78 39.24 -10.22
C ALA W 139 -92.05 40.72 -9.98
N ASN X 29 -64.80 33.45 -9.87
CA ASN X 29 -64.83 33.15 -11.31
C ASN X 29 -65.88 33.99 -12.02
N ILE X 30 -66.67 34.74 -11.25
CA ILE X 30 -67.62 35.66 -11.86
C ILE X 30 -66.96 36.96 -12.27
N GLN X 31 -65.75 37.23 -11.79
CA GLN X 31 -65.03 38.40 -12.25
C GLN X 31 -64.30 38.16 -13.56
N GLY X 32 -64.35 36.94 -14.09
CA GLY X 32 -63.83 36.65 -15.41
C GLY X 32 -64.63 37.28 -16.53
N ILE X 33 -65.89 37.64 -16.27
CA ILE X 33 -66.68 38.39 -17.24
C ILE X 33 -66.32 39.85 -17.15
N THR X 34 -65.30 40.26 -17.89
CA THR X 34 -64.73 41.59 -17.71
C THR X 34 -65.65 42.66 -18.27
N LYS X 35 -65.33 43.90 -17.93
CA LYS X 35 -66.08 45.04 -18.43
C LYS X 35 -66.05 45.15 -19.95
N PRO X 36 -64.89 44.99 -20.62
CA PRO X 36 -64.90 45.00 -22.10
C PRO X 36 -65.81 43.96 -22.71
N ALA X 37 -65.97 42.79 -22.10
CA ALA X 37 -66.84 41.78 -22.69
C ALA X 37 -68.30 42.22 -22.65
N ILE X 38 -68.71 42.80 -21.52
CA ILE X 38 -70.07 43.33 -21.41
C ILE X 38 -70.25 44.49 -22.38
N ARG X 39 -69.22 45.31 -22.55
CA ARG X 39 -69.30 46.39 -23.54
C ARG X 39 -69.47 45.83 -24.94
N ARG X 40 -68.75 44.77 -25.27
CA ARG X 40 -68.87 44.17 -26.59
C ARG X 40 -70.26 43.60 -26.80
N LEU X 41 -70.81 42.93 -25.79
CA LEU X 41 -72.16 42.40 -25.91
C LEU X 41 -73.19 43.51 -26.06
N ALA X 42 -72.98 44.65 -25.39
CA ALA X 42 -73.91 45.75 -25.56
C ALA X 42 -73.76 46.41 -26.92
N ARG X 43 -72.55 46.46 -27.46
CA ARG X 43 -72.37 47.04 -28.78
C ARG X 43 -72.99 46.16 -29.86
N ARG X 44 -72.89 44.84 -29.72
CA ARG X 44 -73.60 44.02 -30.70
C ARG X 44 -75.12 44.13 -30.52
N GLY X 45 -75.57 44.47 -29.31
CA GLY X 45 -76.97 44.78 -29.08
C GLY X 45 -77.38 46.18 -29.43
N GLY X 46 -76.47 47.00 -29.95
CA GLY X 46 -76.81 48.33 -30.40
C GLY X 46 -76.81 49.40 -29.34
N VAL X 47 -76.19 49.16 -28.20
CA VAL X 47 -76.21 50.11 -27.10
C VAL X 47 -75.08 51.11 -27.30
N LYS X 48 -75.40 52.40 -27.16
CA LYS X 48 -74.42 53.46 -27.41
C LYS X 48 -73.70 53.93 -26.16
N ARG X 49 -74.41 54.04 -25.03
CA ARG X 49 -73.81 54.52 -23.80
C ARG X 49 -74.18 53.57 -22.68
N ILE X 50 -73.25 53.36 -21.75
CA ILE X 50 -73.42 52.34 -20.72
C ILE X 50 -73.09 52.95 -19.36
N SER X 51 -73.97 52.75 -18.39
CA SER X 51 -73.74 53.18 -17.03
C SER X 51 -72.63 52.34 -16.39
N GLY X 52 -72.33 52.64 -15.13
CA GLY X 52 -71.24 51.94 -14.46
C GLY X 52 -71.73 50.75 -13.66
N LEU X 53 -73.02 50.72 -13.33
CA LEU X 53 -73.58 49.61 -12.57
C LEU X 53 -74.12 48.52 -13.48
N ILE X 54 -74.14 48.77 -14.79
CA ILE X 54 -74.66 47.80 -15.74
C ILE X 54 -73.86 46.51 -15.65
N TYR X 55 -72.57 46.61 -15.34
CA TYR X 55 -71.71 45.44 -15.34
C TYR X 55 -72.10 44.49 -14.22
N GLU X 56 -72.27 45.03 -13.01
CA GLU X 56 -72.71 44.19 -11.90
C GLU X 56 -74.12 43.66 -12.13
N GLU X 57 -75.00 44.50 -12.67
CA GLU X 57 -76.36 44.04 -12.93
C GLU X 57 -76.36 42.87 -13.91
N THR X 58 -75.54 42.98 -14.96
CA THR X 58 -75.46 41.95 -15.97
C THR X 58 -74.85 40.68 -15.41
N ARG X 59 -73.84 40.82 -14.55
CA ARG X 59 -73.27 39.65 -13.91
C ARG X 59 -74.30 38.92 -13.07
N GLY X 60 -75.12 39.67 -12.32
CA GLY X 60 -76.17 39.02 -11.56
C GLY X 60 -77.19 38.30 -12.43
N VAL X 61 -77.61 38.95 -13.51
CA VAL X 61 -78.61 38.34 -14.40
C VAL X 61 -78.05 37.07 -15.05
N LEU X 62 -76.80 37.14 -15.51
CA LEU X 62 -76.17 35.99 -16.13
C LEU X 62 -76.02 34.86 -15.13
N LYS X 63 -75.66 35.20 -13.89
CA LYS X 63 -75.54 34.16 -12.87
C LYS X 63 -76.85 33.46 -12.64
N VAL X 64 -77.96 34.21 -12.59
CA VAL X 64 -79.27 33.59 -12.38
C VAL X 64 -79.60 32.66 -13.54
N PHE X 65 -79.42 33.15 -14.76
CA PHE X 65 -79.71 32.34 -15.95
C PHE X 65 -78.90 31.05 -15.95
N LEU X 66 -77.59 31.17 -15.73
CA LEU X 66 -76.73 30.00 -15.77
C LEU X 66 -77.06 29.04 -14.64
N GLU X 67 -77.43 29.58 -13.47
CA GLU X 67 -77.80 28.72 -12.37
C GLU X 67 -78.99 27.85 -12.72
N ASN X 68 -80.02 28.46 -13.29
CA ASN X 68 -81.20 27.69 -13.67
C ASN X 68 -80.87 26.64 -14.73
N VAL X 69 -80.13 27.05 -15.76
CA VAL X 69 -79.88 26.13 -16.87
C VAL X 69 -79.00 24.97 -16.43
N ILE X 70 -77.96 25.26 -15.64
CA ILE X 70 -77.06 24.20 -15.20
C ILE X 70 -77.77 23.29 -14.21
N ARG X 71 -78.68 23.84 -13.40
CA ARG X 71 -79.44 22.99 -12.50
C ARG X 71 -80.29 22.00 -13.26
N ASP X 72 -80.96 22.47 -14.31
CA ASP X 72 -81.75 21.56 -15.14
C ASP X 72 -80.87 20.52 -15.82
N ALA X 73 -79.75 20.95 -16.38
CA ALA X 73 -78.82 20.05 -17.06
C ALA X 73 -78.31 18.98 -16.09
N VAL X 74 -77.97 19.35 -14.84
CA VAL X 74 -77.46 18.38 -13.88
C VAL X 74 -78.57 17.44 -13.44
N THR X 75 -79.81 17.93 -13.39
CA THR X 75 -80.92 17.03 -13.11
C THR X 75 -81.02 15.96 -14.19
N TYR X 76 -80.95 16.37 -15.46
CA TYR X 76 -80.97 15.41 -16.56
C TYR X 76 -79.83 14.42 -16.44
N THR X 77 -78.61 14.91 -16.16
CA THR X 77 -77.39 14.08 -16.03
C THR X 77 -77.53 13.07 -14.89
N GLU X 78 -78.07 13.47 -13.74
CA GLU X 78 -78.40 12.57 -12.63
C GLU X 78 -79.40 11.49 -13.07
N HIS X 79 -80.44 11.83 -13.84
CA HIS X 79 -81.35 10.82 -14.38
C HIS X 79 -80.61 9.84 -15.31
N ALA X 80 -79.71 10.33 -16.17
CA ALA X 80 -78.87 9.50 -17.05
C ALA X 80 -77.75 8.70 -16.34
N LYS X 81 -77.42 9.01 -15.07
CA LYS X 81 -76.31 8.46 -14.27
C LYS X 81 -74.90 8.64 -14.88
N ARG X 82 -74.73 9.53 -15.85
CA ARG X 82 -73.45 9.78 -16.55
C ARG X 82 -72.44 10.57 -15.71
N LYS X 83 -71.14 10.39 -15.96
CA LYS X 83 -70.05 11.16 -15.33
C LYS X 83 -69.78 12.51 -16.00
N THR X 84 -70.33 12.75 -17.18
CA THR X 84 -70.41 14.10 -17.77
C THR X 84 -71.84 14.55 -18.01
N VAL X 85 -72.06 15.85 -17.79
CA VAL X 85 -73.12 16.60 -18.48
C VAL X 85 -72.80 16.55 -19.97
N THR X 86 -73.71 16.04 -20.79
CA THR X 86 -73.53 15.95 -22.26
C THR X 86 -74.13 17.17 -22.94
N ALA X 87 -73.88 17.34 -24.24
CA ALA X 87 -74.56 18.42 -24.97
C ALA X 87 -76.06 18.18 -25.06
N MET X 88 -76.47 16.91 -25.00
CA MET X 88 -77.89 16.59 -25.03
C MET X 88 -78.60 17.12 -23.79
N ASP X 89 -77.95 17.03 -22.62
CA ASP X 89 -78.50 17.55 -21.36
C ASP X 89 -78.74 19.06 -21.46
N VAL X 90 -77.79 19.79 -22.05
CA VAL X 90 -77.93 21.23 -22.22
C VAL X 90 -79.04 21.54 -23.22
N VAL X 91 -79.12 20.77 -24.31
CA VAL X 91 -80.13 21.06 -25.32
C VAL X 91 -81.53 20.79 -24.78
N TYR X 92 -81.70 19.69 -24.04
CA TYR X 92 -83.00 19.42 -23.44
C TYR X 92 -83.34 20.42 -22.35
N ALA X 93 -82.34 20.90 -21.61
CA ALA X 93 -82.61 21.90 -20.59
C ALA X 93 -83.02 23.22 -21.21
N LEU X 94 -82.47 23.57 -22.37
CA LEU X 94 -82.90 24.78 -23.05
C LEU X 94 -84.27 24.62 -23.68
N LYS X 95 -84.56 23.43 -24.21
CA LYS X 95 -85.91 23.15 -24.69
C LYS X 95 -86.92 23.20 -23.56
N ARG X 96 -86.49 22.84 -22.35
CA ARG X 96 -87.34 22.93 -21.18
C ARG X 96 -87.69 24.38 -20.88
N GLN X 97 -86.70 25.27 -20.96
CA GLN X 97 -86.96 26.69 -20.73
C GLN X 97 -87.70 27.35 -21.89
N GLY X 98 -87.63 26.78 -23.09
CA GLY X 98 -88.19 27.43 -24.25
C GLY X 98 -87.17 28.15 -25.09
N ARG X 99 -85.89 27.86 -24.92
CA ARG X 99 -84.80 28.53 -25.59
C ARG X 99 -84.17 27.64 -26.66
N THR X 100 -85.02 26.93 -27.40
CA THR X 100 -84.60 25.92 -28.37
C THR X 100 -83.36 26.37 -29.15
N LEU X 101 -82.36 25.49 -29.17
CA LEU X 101 -81.09 25.76 -29.82
C LEU X 101 -80.87 24.77 -30.95
N TYR X 102 -80.50 25.28 -32.12
CA TYR X 102 -80.23 24.44 -33.28
C TYR X 102 -78.74 24.34 -33.49
N GLY X 103 -78.29 23.17 -33.96
CA GLY X 103 -76.93 23.00 -34.36
C GLY X 103 -76.06 22.26 -33.37
N PHE X 104 -76.65 21.62 -32.37
CA PHE X 104 -75.90 20.85 -31.38
C PHE X 104 -76.46 19.45 -31.22
N GLY X 105 -77.13 18.93 -32.25
CA GLY X 105 -77.62 17.57 -32.24
C GLY X 105 -79.09 17.41 -31.91
N GLY X 106 -79.81 18.51 -31.75
CA GLY X 106 -81.23 18.46 -31.44
C GLY X 106 -82.07 17.78 -32.51
N ALA Y 18 -106.70 -3.98 3.82
CA ALA Y 18 -106.62 -2.82 2.94
C ALA Y 18 -106.73 -3.23 1.48
N LYS Y 19 -107.96 -3.21 0.96
CA LYS Y 19 -108.22 -3.68 -0.40
C LYS Y 19 -107.73 -2.67 -1.42
N THR Y 20 -108.27 -1.45 -1.36
CA THR Y 20 -107.91 -0.43 -2.33
C THR Y 20 -106.43 -0.11 -2.21
N ARG Y 21 -105.81 0.19 -3.36
CA ARG Y 21 -104.39 0.49 -3.33
C ARG Y 21 -104.10 1.81 -2.63
N SER Y 22 -105.09 2.71 -2.55
CA SER Y 22 -104.91 3.94 -1.80
C SER Y 22 -104.69 3.66 -0.32
N SER Y 23 -105.45 2.70 0.22
CA SER Y 23 -105.31 2.33 1.63
C SER Y 23 -103.94 1.74 1.90
N ARG Y 24 -103.46 0.88 0.99
CA ARG Y 24 -102.17 0.24 1.18
C ARG Y 24 -101.03 1.24 1.14
N ALA Y 25 -101.29 2.44 0.64
CA ALA Y 25 -100.32 3.52 0.59
C ALA Y 25 -100.69 4.67 1.50
N GLY Y 26 -101.82 4.59 2.18
CA GLY Y 26 -102.25 5.64 3.08
C GLY Y 26 -102.60 6.93 2.37
N LEU Y 27 -103.23 6.83 1.22
CA LEU Y 27 -103.55 7.98 0.38
C LEU Y 27 -105.06 8.17 0.31
N GLN Y 28 -105.45 9.34 -0.17
CA GLN Y 28 -106.85 9.66 -0.43
C GLN Y 28 -107.19 9.71 -1.91
N PHE Y 29 -106.23 9.99 -2.77
CA PHE Y 29 -106.46 9.98 -4.20
C PHE Y 29 -106.53 8.55 -4.72
N PRO Y 30 -107.18 8.33 -5.87
CA PRO Y 30 -107.36 6.96 -6.37
C PRO Y 30 -106.13 6.48 -7.13
N VAL Y 31 -105.46 5.47 -6.57
CA VAL Y 31 -104.34 4.85 -7.27
C VAL Y 31 -104.80 4.15 -8.53
N GLY Y 32 -105.94 3.45 -8.46
CA GLY Y 32 -106.40 2.71 -9.62
C GLY Y 32 -106.77 3.59 -10.79
N ARG Y 33 -107.45 4.71 -10.54
CA ARG Y 33 -107.79 5.60 -11.63
C ARG Y 33 -106.54 6.20 -12.26
N VAL Y 34 -105.58 6.61 -11.44
CA VAL Y 34 -104.34 7.15 -11.98
C VAL Y 34 -103.60 6.11 -12.80
N HIS Y 35 -103.64 4.86 -12.34
CA HIS Y 35 -103.03 3.77 -13.10
C HIS Y 35 -103.71 3.59 -14.45
N ARG Y 36 -105.05 3.60 -14.45
CA ARG Y 36 -105.79 3.47 -15.69
C ARG Y 36 -105.50 4.62 -16.65
N LEU Y 37 -105.42 5.84 -16.13
CA LEU Y 37 -105.16 7.00 -16.99
C LEU Y 37 -103.73 6.98 -17.52
N LEU Y 38 -102.79 6.49 -16.72
CA LEU Y 38 -101.41 6.38 -17.18
C LEU Y 38 -101.29 5.31 -18.25
N ARG Y 39 -102.06 4.23 -18.13
CA ARG Y 39 -102.01 3.19 -19.13
C ARG Y 39 -102.82 3.60 -20.35
N LYS Y 40 -104.11 3.85 -20.16
CA LYS Y 40 -104.95 4.26 -21.28
C LYS Y 40 -104.75 5.74 -21.55
N GLY Y 41 -103.51 6.17 -21.71
CA GLY Y 41 -103.22 7.55 -22.01
C GLY Y 41 -102.14 7.71 -23.05
N ASN Y 42 -101.53 6.59 -23.47
CA ASN Y 42 -100.49 6.59 -24.49
C ASN Y 42 -99.33 7.48 -24.05
N TYR Y 43 -98.69 7.10 -22.95
CA TYR Y 43 -97.48 7.76 -22.50
C TYR Y 43 -96.22 6.92 -22.65
N SER Y 44 -96.30 5.62 -22.37
CA SER Y 44 -95.16 4.74 -22.54
C SER Y 44 -95.66 3.31 -22.65
N GLU Y 45 -94.79 2.44 -23.16
CA GLU Y 45 -95.19 1.05 -23.38
C GLU Y 45 -95.55 0.37 -22.07
N ARG Y 46 -94.81 0.66 -21.01
CA ARG Y 46 -95.03 0.02 -19.72
C ARG Y 46 -95.11 1.07 -18.63
N VAL Y 47 -95.73 0.68 -17.52
CA VAL Y 47 -95.85 1.55 -16.35
C VAL Y 47 -95.39 0.76 -15.14
N GLY Y 48 -94.72 1.44 -14.21
CA GLY Y 48 -94.23 0.77 -13.03
C GLY Y 48 -95.35 0.38 -12.08
N ALA Y 49 -95.00 0.05 -10.84
CA ALA Y 49 -95.99 -0.17 -9.81
C ALA Y 49 -96.06 0.94 -8.78
N GLY Y 50 -94.98 1.71 -8.61
CA GLY Y 50 -94.96 2.82 -7.68
C GLY Y 50 -95.03 4.18 -8.30
N ALA Y 51 -95.05 4.27 -9.63
CA ALA Y 51 -95.24 5.57 -10.27
C ALA Y 51 -96.63 6.13 -9.98
N PRO Y 52 -97.73 5.38 -10.13
CA PRO Y 52 -99.03 5.94 -9.72
C PRO Y 52 -99.07 6.32 -8.25
N VAL Y 53 -98.44 5.53 -7.39
CA VAL Y 53 -98.45 5.84 -5.96
C VAL Y 53 -97.72 7.16 -5.71
N TYR Y 54 -96.56 7.32 -6.34
CA TYR Y 54 -95.75 8.51 -6.12
C TYR Y 54 -96.49 9.73 -6.63
N LEU Y 55 -97.09 9.63 -7.82
CA LEU Y 55 -97.80 10.75 -8.39
C LEU Y 55 -99.04 11.12 -7.59
N ALA Y 56 -99.78 10.13 -7.10
CA ALA Y 56 -100.93 10.42 -6.26
C ALA Y 56 -100.50 11.10 -4.95
N ALA Y 57 -99.39 10.65 -4.37
CA ALA Y 57 -98.89 11.30 -3.17
C ALA Y 57 -98.54 12.75 -3.44
N VAL Y 58 -97.86 13.02 -4.56
CA VAL Y 58 -97.48 14.38 -4.88
C VAL Y 58 -98.72 15.24 -5.10
N LEU Y 59 -99.70 14.71 -5.82
CA LEU Y 59 -100.91 15.48 -6.11
C LEU Y 59 -101.67 15.79 -4.83
N GLU Y 60 -101.80 14.80 -3.94
CA GLU Y 60 -102.48 15.05 -2.68
C GLU Y 60 -101.75 16.08 -1.84
N TYR Y 61 -100.42 15.99 -1.81
CA TYR Y 61 -99.64 16.96 -1.06
C TYR Y 61 -99.84 18.37 -1.60
N LEU Y 62 -99.84 18.52 -2.92
CA LEU Y 62 -99.97 19.84 -3.51
C LEU Y 62 -101.36 20.41 -3.27
N THR Y 63 -102.40 19.57 -3.37
CA THR Y 63 -103.73 20.06 -3.09
C THR Y 63 -103.88 20.48 -1.63
N ALA Y 64 -103.27 19.72 -0.71
CA ALA Y 64 -103.30 20.13 0.68
C ALA Y 64 -102.58 21.45 0.88
N GLU Y 65 -101.44 21.61 0.21
CA GLU Y 65 -100.68 22.85 0.28
C GLU Y 65 -101.52 24.04 -0.15
N ILE Y 66 -102.25 23.89 -1.25
CA ILE Y 66 -103.07 24.98 -1.75
C ILE Y 66 -104.26 25.23 -0.83
N LEU Y 67 -104.90 24.16 -0.35
CA LEU Y 67 -106.10 24.33 0.46
C LEU Y 67 -105.79 24.96 1.80
N GLU Y 68 -104.60 24.72 2.35
CA GLU Y 68 -104.22 25.41 3.59
C GLU Y 68 -104.26 26.92 3.41
N LEU Y 69 -103.60 27.42 2.36
CA LEU Y 69 -103.53 28.85 2.18
C LEU Y 69 -104.87 29.42 1.75
N ALA Y 70 -105.65 28.65 1.01
CA ALA Y 70 -106.99 29.11 0.64
C ALA Y 70 -107.89 29.20 1.86
N GLY Y 71 -107.78 28.24 2.78
CA GLY Y 71 -108.51 28.34 4.03
C GLY Y 71 -108.07 29.52 4.86
N ASN Y 72 -106.75 29.77 4.91
CA ASN Y 72 -106.25 30.94 5.61
C ASN Y 72 -106.85 32.23 5.02
N ALA Y 73 -106.85 32.34 3.69
CA ALA Y 73 -107.37 33.56 3.08
C ALA Y 73 -108.87 33.69 3.27
N ALA Y 74 -109.61 32.59 3.27
CA ALA Y 74 -111.05 32.67 3.50
C ALA Y 74 -111.36 32.99 4.96
N ARG Y 75 -110.47 32.61 5.86
CA ARG Y 75 -110.65 32.93 7.27
C ARG Y 75 -110.22 34.36 7.58
N ASP Y 76 -109.33 34.93 6.76
CA ASP Y 76 -108.98 36.33 6.93
C ASP Y 76 -110.07 37.24 6.40
N ASN Y 77 -110.98 36.71 5.59
CA ASN Y 77 -112.13 37.48 5.08
C ASN Y 77 -113.41 37.07 5.78
N LYS Y 78 -113.30 36.36 6.90
CA LYS Y 78 -114.45 35.95 7.70
C LYS Y 78 -115.47 35.17 6.88
N LYS Y 79 -114.98 34.28 6.02
CA LYS Y 79 -115.86 33.49 5.16
C LYS Y 79 -115.65 32.01 5.38
N THR Y 80 -116.74 31.25 5.36
CA THR Y 80 -116.69 29.81 5.59
C THR Y 80 -116.47 29.04 4.30
N ARG Y 81 -116.86 29.59 3.16
CA ARG Y 81 -116.72 28.90 1.88
C ARG Y 81 -115.55 29.48 1.11
N ILE Y 82 -114.80 28.60 0.46
CA ILE Y 82 -113.70 29.01 -0.40
C ILE Y 82 -114.26 29.32 -1.78
N ILE Y 83 -113.90 30.49 -2.31
CA ILE Y 83 -114.36 30.90 -3.64
C ILE Y 83 -113.14 31.15 -4.52
N PRO Y 84 -113.33 31.36 -5.83
CA PRO Y 84 -112.17 31.62 -6.70
C PRO Y 84 -111.32 32.78 -6.23
N ARG Y 85 -111.91 33.76 -5.54
CA ARG Y 85 -111.13 34.88 -5.02
C ARG Y 85 -110.05 34.39 -4.06
N HIS Y 86 -110.41 33.46 -3.18
CA HIS Y 86 -109.45 33.00 -2.19
C HIS Y 86 -108.38 32.13 -2.82
N LEU Y 87 -108.73 31.36 -3.85
CA LEU Y 87 -107.73 30.62 -4.60
C LEU Y 87 -106.77 31.54 -5.32
N GLN Y 88 -107.29 32.62 -5.91
CA GLN Y 88 -106.43 33.61 -6.56
C GLN Y 88 -105.49 34.24 -5.55
N LEU Y 89 -106.02 34.61 -4.39
CA LEU Y 89 -105.19 35.22 -3.36
C LEU Y 89 -104.09 34.26 -2.90
N ALA Y 90 -104.47 33.02 -2.60
CA ALA Y 90 -103.50 32.01 -2.19
C ALA Y 90 -102.40 31.80 -3.22
N ILE Y 91 -102.76 31.75 -4.51
CA ILE Y 91 -101.76 31.49 -5.53
C ILE Y 91 -100.86 32.70 -5.71
N ARG Y 92 -101.45 33.88 -5.85
CA ARG Y 92 -100.66 35.07 -6.15
C ARG Y 92 -99.91 35.59 -4.94
N ASN Y 93 -100.20 35.06 -3.74
CA ASN Y 93 -99.50 35.48 -2.54
C ASN Y 93 -98.37 34.55 -2.17
N ASP Y 94 -98.39 33.31 -2.67
CA ASP Y 94 -97.32 32.35 -2.41
C ASP Y 94 -96.26 32.49 -3.49
N GLU Y 95 -95.01 32.68 -3.06
CA GLU Y 95 -93.91 32.87 -4.00
C GLU Y 95 -93.75 31.65 -4.91
N GLU Y 96 -93.78 30.45 -4.32
CA GLU Y 96 -93.53 29.25 -5.10
C GLU Y 96 -94.73 28.85 -5.95
N LEU Y 97 -95.93 28.96 -5.39
CA LEU Y 97 -97.13 28.62 -6.17
C LEU Y 97 -97.31 29.58 -7.34
N ASN Y 98 -97.08 30.87 -7.11
CA ASN Y 98 -97.27 31.82 -8.20
C ASN Y 98 -96.23 31.62 -9.27
N LYS Y 99 -95.02 31.20 -8.88
CA LYS Y 99 -94.01 30.87 -9.87
C LYS Y 99 -94.43 29.63 -10.65
N LEU Y 100 -95.00 28.65 -9.96
CA LEU Y 100 -95.53 27.48 -10.64
C LEU Y 100 -96.68 27.85 -11.57
N LEU Y 101 -97.57 28.69 -11.09
CA LEU Y 101 -98.82 29.04 -11.79
C LEU Y 101 -98.81 30.48 -12.30
N GLY Y 102 -97.67 30.92 -12.82
CA GLY Y 102 -97.58 32.28 -13.33
C GLY Y 102 -98.26 32.50 -14.66
N ARG Y 103 -98.46 31.45 -15.44
CA ARG Y 103 -99.10 31.55 -16.75
C ARG Y 103 -100.48 30.92 -16.75
N VAL Y 104 -101.22 31.11 -15.65
CA VAL Y 104 -102.53 30.51 -15.47
C VAL Y 104 -103.50 31.62 -15.09
N THR Y 105 -104.63 31.68 -15.79
CA THR Y 105 -105.69 32.64 -15.52
C THR Y 105 -106.78 31.95 -14.70
N ILE Y 106 -107.21 32.62 -13.64
CA ILE Y 106 -108.23 32.10 -12.74
C ILE Y 106 -109.52 32.87 -12.96
N ALA Y 107 -110.61 32.15 -13.23
CA ALA Y 107 -111.88 32.76 -13.59
C ALA Y 107 -112.58 33.26 -12.33
N GLN Y 108 -112.94 34.55 -12.31
CA GLN Y 108 -113.49 35.23 -11.14
C GLN Y 108 -112.47 35.38 -10.01
N GLY Y 109 -111.18 35.47 -10.36
CA GLY Y 109 -110.18 35.54 -9.32
C GLY Y 109 -109.85 36.97 -8.95
N GLY Y 110 -110.13 37.91 -9.85
CA GLY Y 110 -109.84 39.30 -9.54
C GLY Y 110 -108.35 39.59 -9.59
N VAL Y 111 -107.94 40.62 -8.84
CA VAL Y 111 -106.55 41.03 -8.77
C VAL Y 111 -106.16 41.18 -7.30
N LEU Y 112 -104.87 41.37 -7.08
CA LEU Y 112 -104.31 41.68 -5.77
C LEU Y 112 -104.24 43.19 -5.54
N PRO Y 113 -104.76 43.68 -4.40
CA PRO Y 113 -104.61 45.10 -4.06
C PRO Y 113 -103.14 45.52 -4.09
N ASN Y 114 -102.81 46.43 -5.01
CA ASN Y 114 -101.40 46.82 -5.20
C ASN Y 114 -101.40 48.23 -5.78
N ILE Y 115 -101.08 49.20 -4.94
CA ILE Y 115 -101.06 50.60 -5.34
C ILE Y 115 -99.64 51.16 -5.30
N SER Z 36 -124.62 9.39 -17.94
CA SER Z 36 -123.17 9.34 -18.08
C SER Z 36 -122.49 9.66 -16.76
N ARG Z 37 -121.50 8.84 -16.40
CA ARG Z 37 -120.73 9.03 -15.17
C ARG Z 37 -119.46 9.80 -15.51
N LYS Z 38 -119.47 11.09 -15.22
CA LYS Z 38 -118.30 11.94 -15.46
C LYS Z 38 -117.37 11.84 -14.27
N GLU Z 39 -116.07 11.80 -14.54
CA GLU Z 39 -115.06 11.66 -13.51
C GLU Z 39 -114.44 13.00 -13.14
N SER Z 40 -114.31 13.25 -11.84
CA SER Z 40 -113.75 14.47 -11.31
C SER Z 40 -113.13 14.15 -9.96
N TYR Z 41 -112.27 15.04 -9.49
CA TYR Z 41 -111.57 14.83 -8.23
C TYR Z 41 -112.25 15.53 -7.06
N SER Z 42 -113.56 15.75 -7.16
CA SER Z 42 -114.25 16.60 -6.21
C SER Z 42 -114.32 15.96 -4.83
N ILE Z 43 -114.66 14.68 -4.77
CA ILE Z 43 -114.78 14.00 -3.48
C ILE Z 43 -113.43 13.92 -2.80
N TYR Z 44 -112.37 13.77 -3.57
CA TYR Z 44 -111.04 13.70 -3.00
C TYR Z 44 -110.62 15.05 -2.45
N VAL Z 45 -111.02 16.13 -3.12
CA VAL Z 45 -110.74 17.45 -2.61
C VAL Z 45 -111.54 17.73 -1.34
N TYR Z 46 -112.78 17.26 -1.27
CA TYR Z 46 -113.51 17.33 -0.01
C TYR Z 46 -112.79 16.59 1.10
N LYS Z 47 -112.31 15.37 0.82
CA LYS Z 47 -111.60 14.60 1.82
C LYS Z 47 -110.36 15.35 2.29
N VAL Z 48 -109.57 15.87 1.36
CA VAL Z 48 -108.36 16.59 1.70
C VAL Z 48 -108.69 17.85 2.49
N LEU Z 49 -109.75 18.55 2.10
CA LEU Z 49 -110.14 19.78 2.78
C LEU Z 49 -110.53 19.47 4.23
N LYS Z 50 -111.36 18.46 4.43
CA LYS Z 50 -111.77 18.11 5.79
C LYS Z 50 -110.56 17.67 6.61
N GLN Z 51 -109.61 16.98 5.97
CA GLN Z 51 -108.34 16.69 6.63
C GLN Z 51 -107.59 17.96 7.02
N VAL Z 52 -107.66 19.00 6.18
CA VAL Z 52 -106.91 20.23 6.44
C VAL Z 52 -107.75 21.24 7.19
N HIS Z 53 -108.96 21.51 6.72
CA HIS Z 53 -109.84 22.51 7.33
C HIS Z 53 -111.20 21.87 7.54
N PRO Z 54 -111.43 21.28 8.72
CA PRO Z 54 -112.72 20.63 8.96
C PRO Z 54 -113.90 21.59 8.90
N ASP Z 55 -113.71 22.84 9.32
CA ASP Z 55 -114.77 23.84 9.37
C ASP Z 55 -114.71 24.83 8.21
N THR Z 56 -114.34 24.37 7.01
CA THR Z 56 -114.32 25.21 5.83
C THR Z 56 -115.01 24.48 4.67
N GLY Z 57 -115.65 25.25 3.80
CA GLY Z 57 -116.31 24.67 2.65
C GLY Z 57 -115.81 25.25 1.34
N ILE Z 58 -116.05 24.55 0.24
CA ILE Z 58 -115.60 24.95 -1.08
C ILE Z 58 -116.81 25.18 -1.98
N SER Z 59 -116.75 26.25 -2.77
CA SER Z 59 -117.79 26.49 -3.75
C SER Z 59 -117.64 25.55 -4.95
N SER Z 60 -118.68 25.51 -5.78
CA SER Z 60 -118.63 24.66 -6.97
C SER Z 60 -117.57 25.14 -7.95
N LYS Z 61 -117.46 26.47 -8.12
CA LYS Z 61 -116.49 27.02 -9.05
C LYS Z 61 -115.05 26.78 -8.57
N ALA Z 62 -114.84 26.90 -7.26
CA ALA Z 62 -113.51 26.60 -6.74
C ALA Z 62 -113.17 25.13 -6.94
N MET Z 63 -114.18 24.25 -6.91
CA MET Z 63 -113.93 22.85 -7.20
C MET Z 63 -113.63 22.64 -8.68
N GLY Z 64 -114.28 23.39 -9.55
CA GLY Z 64 -113.94 23.33 -10.97
C GLY Z 64 -112.49 23.74 -11.20
N ILE Z 65 -112.07 24.81 -10.53
CA ILE Z 65 -110.70 25.27 -10.66
C ILE Z 65 -109.73 24.21 -10.15
N MET Z 66 -110.05 23.60 -9.00
CA MET Z 66 -109.17 22.59 -8.45
C MET Z 66 -109.07 21.38 -9.36
N ASN Z 67 -110.19 20.95 -9.95
CA ASN Z 67 -110.16 19.85 -10.91
C ASN Z 67 -109.30 20.19 -12.12
N SER Z 68 -109.45 21.41 -12.64
CA SER Z 68 -108.60 21.83 -13.75
C SER Z 68 -107.13 21.80 -13.36
N PHE Z 69 -106.83 22.24 -12.14
CA PHE Z 69 -105.45 22.26 -11.69
C PHE Z 69 -104.88 20.85 -11.61
N VAL Z 70 -105.65 19.92 -11.05
CA VAL Z 70 -105.17 18.55 -10.88
C VAL Z 70 -104.93 17.92 -12.24
N ASN Z 71 -105.87 18.11 -13.16
CA ASN Z 71 -105.71 17.56 -14.50
C ASN Z 71 -104.50 18.15 -15.19
N ASP Z 72 -104.30 19.46 -15.05
CA ASP Z 72 -103.16 20.12 -15.68
C ASP Z 72 -101.84 19.59 -15.14
N ILE Z 73 -101.74 19.43 -13.82
CA ILE Z 73 -100.50 18.93 -13.24
C ILE Z 73 -100.24 17.50 -13.68
N PHE Z 74 -101.29 16.68 -13.72
CA PHE Z 74 -101.13 15.31 -14.21
C PHE Z 74 -100.61 15.31 -15.63
N GLU Z 75 -101.18 16.16 -16.49
CA GLU Z 75 -100.74 16.22 -17.88
C GLU Z 75 -99.28 16.65 -17.98
N ARG Z 76 -98.90 17.66 -17.21
CA ARG Z 76 -97.51 18.13 -17.24
C ARG Z 76 -96.56 17.01 -16.84
N ILE Z 77 -96.85 16.35 -15.73
CA ILE Z 77 -95.95 15.35 -15.19
C ILE Z 77 -95.86 14.14 -16.12
N ALA Z 78 -97.00 13.68 -16.64
CA ALA Z 78 -96.96 12.52 -17.52
C ALA Z 78 -96.24 12.84 -18.82
N GLY Z 79 -96.45 14.04 -19.37
CA GLY Z 79 -95.73 14.42 -20.58
C GLY Z 79 -94.23 14.50 -20.37
N GLU Z 80 -93.81 15.07 -19.23
CA GLU Z 80 -92.38 15.15 -18.97
C GLU Z 80 -91.77 13.78 -18.70
N ALA Z 81 -92.51 12.91 -18.03
CA ALA Z 81 -92.03 11.54 -17.82
C ALA Z 81 -91.87 10.80 -19.14
N SER Z 82 -92.84 10.96 -20.05
CA SER Z 82 -92.71 10.36 -21.37
C SER Z 82 -91.50 10.92 -22.12
N ARG Z 83 -91.30 12.24 -22.01
CA ARG Z 83 -90.16 12.85 -22.68
C ARG Z 83 -88.85 12.28 -22.16
N LEU Z 84 -88.74 12.11 -20.85
CA LEU Z 84 -87.54 11.50 -20.28
C LEU Z 84 -87.36 10.07 -20.76
N ALA Z 85 -88.44 9.29 -20.75
CA ALA Z 85 -88.35 7.90 -21.15
C ALA Z 85 -87.88 7.78 -22.59
N HIS Z 86 -88.40 8.65 -23.46
CA HIS Z 86 -87.94 8.63 -24.85
C HIS Z 86 -86.50 9.13 -24.96
N TYR Z 87 -86.13 10.15 -24.17
CA TYR Z 87 -84.76 10.62 -24.20
C TYR Z 87 -83.78 9.51 -23.85
N ASN Z 88 -84.17 8.63 -22.93
CA ASN Z 88 -83.25 7.61 -22.47
C ASN Z 88 -83.55 6.24 -23.07
N LYS Z 89 -84.31 6.20 -24.17
CA LYS Z 89 -84.61 4.95 -24.86
C LYS Z 89 -85.17 3.91 -23.89
N ARG Z 90 -86.16 4.30 -23.08
CA ARG Z 90 -86.87 3.45 -22.12
C ARG Z 90 -88.34 3.34 -22.53
N SER Z 91 -88.95 2.20 -22.22
CA SER Z 91 -90.36 1.97 -22.50
C SER Z 91 -91.15 1.69 -21.23
N THR Z 92 -90.76 2.30 -20.13
CA THR Z 92 -91.49 2.13 -18.87
C THR Z 92 -91.32 3.38 -18.03
N ILE Z 93 -92.40 3.78 -17.38
CA ILE Z 93 -92.42 4.91 -16.48
C ILE Z 93 -92.32 4.39 -15.05
N THR Z 94 -91.15 4.53 -14.44
CA THR Z 94 -90.97 4.11 -13.07
C THR Z 94 -90.91 5.33 -12.16
N SER Z 95 -90.91 5.09 -10.86
CA SER Z 95 -91.00 6.18 -9.89
C SER Z 95 -89.81 7.11 -9.97
N ARG Z 96 -88.67 6.65 -10.51
CA ARG Z 96 -87.51 7.52 -10.72
C ARG Z 96 -87.86 8.60 -11.73
N GLU Z 97 -88.48 8.28 -12.85
CA GLU Z 97 -88.85 9.28 -13.84
C GLU Z 97 -89.80 10.30 -13.24
N ILE Z 98 -90.76 9.85 -12.44
CA ILE Z 98 -91.70 10.76 -11.82
C ILE Z 98 -90.99 11.64 -10.80
N GLN Z 99 -90.05 11.07 -10.05
CA GLN Z 99 -89.29 11.83 -9.07
C GLN Z 99 -88.49 12.93 -9.73
N THR Z 100 -87.79 12.60 -10.83
CA THR Z 100 -86.97 13.62 -11.47
C THR Z 100 -87.84 14.63 -12.23
N ALA Z 101 -89.02 14.21 -12.68
CA ALA Z 101 -89.96 15.18 -13.22
C ALA Z 101 -90.38 16.19 -12.17
N VAL Z 102 -90.68 15.70 -10.96
CA VAL Z 102 -91.01 16.60 -9.86
C VAL Z 102 -89.84 17.51 -9.53
N ARG Z 103 -88.62 16.97 -9.61
CA ARG Z 103 -87.43 17.79 -9.40
C ARG Z 103 -87.32 18.90 -10.44
N LEU Z 104 -87.66 18.59 -11.69
CA LEU Z 104 -87.58 19.61 -12.73
C LEU Z 104 -88.68 20.65 -12.57
N LEU Z 105 -89.90 20.22 -12.31
CA LEU Z 105 -91.03 21.13 -12.33
C LEU Z 105 -91.09 22.00 -11.07
N LEU Z 106 -91.03 21.37 -9.90
CA LEU Z 106 -91.27 22.15 -8.70
C LEU Z 106 -90.05 22.97 -8.29
N PRO Z 107 -90.27 24.12 -7.65
CA PRO Z 107 -89.15 24.88 -7.11
C PRO Z 107 -88.59 24.24 -5.85
N GLY Z 108 -87.54 24.83 -5.28
CA GLY Z 108 -86.69 24.18 -4.30
C GLY Z 108 -87.41 23.51 -3.13
N GLU Z 109 -88.03 24.31 -2.27
CA GLU Z 109 -88.68 23.76 -1.08
C GLU Z 109 -89.87 22.89 -1.46
N LEU Z 110 -90.65 23.32 -2.45
CA LEU Z 110 -91.76 22.51 -2.91
C LEU Z 110 -91.27 21.16 -3.41
N ALA Z 111 -90.20 21.17 -4.20
CA ALA Z 111 -89.66 19.92 -4.72
C ALA Z 111 -89.19 19.03 -3.59
N LYS Z 112 -88.49 19.61 -2.61
CA LYS Z 112 -87.98 18.81 -1.50
C LYS Z 112 -89.11 18.15 -0.72
N HIS Z 113 -90.13 18.94 -0.37
CA HIS Z 113 -91.22 18.37 0.41
C HIS Z 113 -92.01 17.35 -0.40
N ALA Z 114 -92.27 17.62 -1.67
CA ALA Z 114 -93.05 16.69 -2.46
C ALA Z 114 -92.29 15.41 -2.71
N VAL Z 115 -90.97 15.50 -2.92
CA VAL Z 115 -90.15 14.31 -3.06
C VAL Z 115 -90.18 13.49 -1.78
N SER Z 116 -90.03 14.16 -0.63
CA SER Z 116 -90.07 13.43 0.63
C SER Z 116 -91.41 12.74 0.81
N GLU Z 117 -92.50 13.44 0.52
CA GLU Z 117 -93.83 12.85 0.67
C GLU Z 117 -94.01 11.65 -0.24
N GLY Z 118 -93.59 11.78 -1.50
CA GLY Z 118 -93.75 10.69 -2.44
C GLY Z 118 -92.92 9.49 -2.08
N THR Z 119 -91.67 9.70 -1.70
CA THR Z 119 -90.83 8.58 -1.28
C THR Z 119 -91.39 7.90 -0.04
N LYS Z 120 -91.88 8.68 0.92
CA LYS Z 120 -92.49 8.11 2.11
C LYS Z 120 -93.68 7.24 1.75
N ALA Z 121 -94.57 7.76 0.89
CA ALA Z 121 -95.76 7.01 0.52
C ALA Z 121 -95.41 5.75 -0.27
N VAL Z 122 -94.43 5.84 -1.17
CA VAL Z 122 -94.06 4.68 -1.96
C VAL Z 122 -93.41 3.63 -1.08
N THR Z 123 -92.56 4.08 -0.14
CA THR Z 123 -91.94 3.15 0.79
C THR Z 123 -92.98 2.44 1.63
N LYS Z 124 -93.99 3.17 2.11
CA LYS Z 124 -94.96 2.52 2.98
C LYS Z 124 -95.90 1.63 2.19
N TYR Z 125 -96.20 1.99 0.94
CA TYR Z 125 -97.01 1.11 0.10
C TYR Z 125 -96.26 -0.16 -0.24
N THR Z 126 -94.96 -0.06 -0.50
CA THR Z 126 -94.15 -1.25 -0.74
C THR Z 126 -94.09 -2.12 0.50
N SER Z 127 -93.85 -1.50 1.67
CA SER Z 127 -93.74 -2.26 2.90
C SER Z 127 -95.04 -2.98 3.21
N ALA Z 128 -96.18 -2.32 3.01
CA ALA Z 128 -97.48 -2.91 3.29
C ALA Z 128 -97.85 -3.91 2.20
N LEU AA 232 -77.00 -8.17 7.27
CA LEU AA 232 -77.21 -6.86 6.66
C LEU AA 232 -78.70 -6.57 6.50
N GLN AA 233 -79.03 -5.74 5.53
CA GLN AA 233 -80.41 -5.39 5.25
C GLN AA 233 -80.84 -6.03 3.93
N GLY AA 234 -82.13 -6.41 3.87
CA GLY AA 234 -82.58 -7.29 2.81
C GLY AA 234 -82.47 -6.70 1.42
N GLU AA 235 -82.84 -5.43 1.26
CA GLU AA 235 -82.88 -4.86 -0.09
C GLU AA 235 -81.49 -4.72 -0.68
N GLN AA 236 -80.54 -4.21 0.11
CA GLN AA 236 -79.16 -4.15 -0.32
C GLN AA 236 -78.52 -5.54 -0.38
N TYR AA 237 -79.04 -6.50 0.39
CA TYR AA 237 -78.61 -7.88 0.15
C TYR AA 237 -79.03 -8.35 -1.24
N GLN AA 238 -80.24 -8.00 -1.66
CA GLN AA 238 -80.67 -8.27 -3.02
C GLN AA 238 -79.82 -7.54 -4.04
N GLU AA 239 -79.45 -6.29 -3.75
CA GLU AA 239 -78.58 -5.53 -4.64
C GLU AA 239 -77.21 -6.19 -4.77
N ILE AA 240 -76.67 -6.69 -3.66
CA ILE AA 240 -75.40 -7.40 -3.67
C ILE AA 240 -75.51 -8.67 -4.49
N ILE AA 241 -76.63 -9.38 -4.36
CA ILE AA 241 -76.86 -10.57 -5.18
C ILE AA 241 -76.90 -10.18 -6.66
N GLU AA 242 -77.57 -9.09 -6.98
CA GLU AA 242 -77.65 -8.63 -8.37
C GLU AA 242 -76.28 -8.29 -8.93
N ILE AA 243 -75.46 -7.59 -8.13
CA ILE AA 243 -74.14 -7.19 -8.60
C ILE AA 243 -73.21 -8.40 -8.75
N PHE AA 244 -73.18 -9.27 -7.73
CA PHE AA 244 -72.21 -10.35 -7.67
C PHE AA 244 -72.77 -11.70 -8.09
N GLY AA 245 -74.09 -11.85 -8.18
CA GLY AA 245 -74.66 -13.12 -8.58
C GLY AA 245 -74.60 -14.18 -7.49
N ASP AA 246 -75.44 -15.21 -7.61
CA ASP AA 246 -75.36 -16.35 -6.71
C ASP AA 246 -74.30 -17.36 -7.15
N GLY AA 247 -73.66 -17.14 -8.29
CA GLY AA 247 -72.68 -18.06 -8.83
C GLY AA 247 -73.22 -19.01 -9.87
N THR AA 248 -74.55 -19.17 -9.94
CA THR AA 248 -75.13 -20.12 -10.89
C THR AA 248 -74.85 -19.76 -12.33
N ASP AA 249 -74.55 -18.48 -12.61
CA ASP AA 249 -74.14 -18.10 -13.96
C ASP AA 249 -72.85 -18.80 -14.35
N TYR AA 250 -72.05 -19.20 -13.37
CA TYR AA 250 -70.81 -19.94 -13.63
C TYR AA 250 -70.63 -21.12 -12.68
N GLN AA 251 -71.68 -21.50 -11.95
CA GLN AA 251 -71.61 -22.71 -11.13
C GLN AA 251 -71.39 -23.95 -12.01
N TRP AA 252 -72.05 -23.99 -13.17
CA TRP AA 252 -71.83 -25.11 -14.08
C TRP AA 252 -70.42 -25.11 -14.64
N THR AA 253 -69.86 -23.93 -14.89
CA THR AA 253 -68.46 -23.85 -15.30
C THR AA 253 -67.54 -24.37 -14.22
N LEU AA 254 -67.80 -24.00 -12.97
CA LEU AA 254 -67.00 -24.52 -11.85
C LEU AA 254 -67.14 -26.03 -11.73
N ASP AA 255 -68.35 -26.56 -11.91
CA ASP AA 255 -68.56 -28.00 -11.86
C ASP AA 255 -67.79 -28.71 -12.96
N ALA AA 256 -67.80 -28.16 -14.18
CA ALA AA 256 -67.04 -28.75 -15.26
C ALA AA 256 -65.54 -28.69 -14.99
N GLU AA 257 -65.07 -27.58 -14.41
CA GLU AA 257 -63.66 -27.46 -14.06
C GLU AA 257 -63.25 -28.52 -13.04
N GLU AA 258 -64.08 -28.71 -12.01
CA GLU AA 258 -63.76 -29.71 -11.00
C GLU AA 258 -63.87 -31.13 -11.56
N GLU AA 259 -64.78 -31.35 -12.50
CA GLU AA 259 -64.88 -32.65 -13.17
C GLU AA 259 -63.62 -32.94 -13.97
N MET AA 260 -63.13 -31.95 -14.70
CA MET AA 260 -61.92 -32.14 -15.50
C MET AA 260 -60.67 -32.21 -14.64
N GLU AA 261 -60.70 -31.64 -13.44
CA GLU AA 261 -59.56 -31.73 -12.54
C GLU AA 261 -59.30 -33.17 -12.11
N GLN AA 262 -60.37 -33.89 -11.80
CA GLN AA 262 -60.22 -35.29 -11.42
C GLN AA 262 -59.93 -36.14 -12.67
N PRO AA 263 -59.16 -37.23 -12.52
CA PRO AA 263 -58.85 -38.15 -13.64
C PRO AA 263 -60.09 -38.72 -14.31
N THR AA 281 -52.74 -46.14 -12.86
CA THR AA 281 -52.96 -47.57 -12.64
C THR AA 281 -52.03 -48.40 -13.53
N SER AA 282 -51.84 -47.93 -14.76
CA SER AA 282 -50.94 -48.60 -15.69
C SER AA 282 -49.51 -48.51 -15.17
N LEU AA 283 -48.91 -49.66 -14.86
CA LEU AA 283 -47.58 -49.68 -14.29
C LEU AA 283 -46.52 -49.09 -15.22
N ALA AA 284 -46.82 -48.99 -16.52
CA ALA AA 284 -45.88 -48.39 -17.45
C ALA AA 284 -45.66 -46.91 -17.13
N ASP AA 285 -46.73 -46.19 -16.79
CA ASP AA 285 -46.58 -44.78 -16.42
C ASP AA 285 -46.02 -44.60 -15.02
N VAL AA 286 -46.18 -45.59 -14.14
CA VAL AA 286 -45.77 -45.42 -12.75
C VAL AA 286 -44.25 -45.36 -12.64
N PHE AA 287 -43.55 -46.29 -13.29
CA PHE AA 287 -42.10 -46.36 -13.20
C PHE AA 287 -41.50 -46.53 -14.58
N GLU AA 288 -40.20 -46.26 -14.67
CA GLU AA 288 -39.51 -46.31 -15.94
C GLU AA 288 -39.53 -47.73 -16.49
N PRO AA 289 -39.68 -47.89 -17.81
CA PRO AA 289 -39.73 -49.25 -18.38
C PRO AA 289 -38.50 -50.07 -18.10
N SER AA 290 -37.32 -49.45 -18.02
CA SER AA 290 -36.12 -50.18 -17.66
C SER AA 290 -36.23 -50.77 -16.25
N GLU AA 291 -36.71 -49.98 -15.30
CA GLU AA 291 -36.89 -50.48 -13.94
C GLU AA 291 -37.95 -51.58 -13.90
N LEU AA 292 -39.03 -51.42 -14.66
CA LEU AA 292 -40.06 -52.46 -14.69
C LEU AA 292 -39.51 -53.76 -15.26
N LYS AA 293 -38.72 -53.69 -16.33
CA LYS AA 293 -38.11 -54.89 -16.89
C LYS AA 293 -37.12 -55.51 -15.92
N GLU AA 294 -36.39 -54.67 -15.17
CA GLU AA 294 -35.47 -55.19 -14.16
C GLU AA 294 -36.23 -55.91 -13.06
N LYS AA 295 -37.36 -55.38 -12.64
CA LYS AA 295 -38.16 -55.96 -11.56
C LYS AA 295 -39.12 -57.03 -12.05
N MET AA 296 -39.14 -57.30 -13.36
CA MET AA 296 -39.99 -58.33 -13.95
C MET AA 296 -41.48 -58.06 -13.72
N LEU AA 297 -41.96 -56.96 -14.29
CA LEU AA 297 -43.37 -56.57 -14.19
C LEU AA 297 -43.92 -56.13 -15.53
N THR AA 298 -43.66 -56.89 -16.59
CA THR AA 298 -44.10 -56.54 -17.94
C THR AA 298 -44.96 -57.66 -18.53
N ASP AA 299 -45.46 -57.42 -19.74
CA ASP AA 299 -46.35 -58.38 -20.40
C ASP AA 299 -45.60 -59.65 -20.82
N GLU AA 300 -44.36 -59.49 -21.28
CA GLU AA 300 -43.52 -60.66 -21.56
C GLU AA 300 -43.36 -61.52 -20.32
N ASP AA 301 -43.27 -60.89 -19.15
CA ASP AA 301 -43.10 -61.62 -17.91
C ASP AA 301 -44.31 -62.49 -17.60
N ASN AA 302 -45.51 -61.91 -17.72
CA ASN AA 302 -46.73 -62.67 -17.48
C ASN AA 302 -46.91 -63.78 -18.50
N VAL AA 303 -46.57 -63.51 -19.76
CA VAL AA 303 -46.67 -64.56 -20.79
C VAL AA 303 -45.73 -65.71 -20.46
N ILE AA 304 -44.50 -65.40 -20.05
CA ILE AA 304 -43.53 -66.44 -19.72
C ILE AA 304 -44.02 -67.25 -18.51
N ARG AA 305 -44.50 -66.56 -17.47
CA ARG AA 305 -44.96 -67.26 -16.27
C ARG AA 305 -46.16 -68.15 -16.57
N VAL AA 306 -47.09 -67.67 -17.40
CA VAL AA 306 -48.26 -68.46 -17.75
C VAL AA 306 -47.89 -69.62 -18.66
N THR AA 307 -46.96 -69.40 -19.60
CA THR AA 307 -46.63 -70.40 -20.61
C THR AA 307 -46.11 -71.67 -19.95
N ASP AA 308 -46.56 -72.81 -20.48
CA ASP AA 308 -46.14 -74.13 -19.98
C ASP AA 308 -44.96 -74.63 -20.80
N LEU AA 309 -43.81 -74.01 -20.56
CA LEU AA 309 -42.57 -74.36 -21.26
C LEU AA 309 -41.40 -73.91 -20.40
N PRO AA 310 -40.28 -74.62 -20.44
CA PRO AA 310 -39.06 -74.12 -19.78
C PRO AA 310 -38.65 -72.78 -20.36
N GLU AA 311 -38.17 -71.89 -19.48
CA GLU AA 311 -37.81 -70.55 -19.93
C GLU AA 311 -36.64 -70.57 -20.91
N ARG AA 312 -35.72 -71.52 -20.75
CA ARG AA 312 -34.62 -71.65 -21.70
C ARG AA 312 -35.12 -71.98 -23.11
N PHE AA 313 -36.06 -72.91 -23.21
CA PHE AA 313 -36.63 -73.26 -24.51
C PHE AA 313 -37.39 -72.08 -25.10
N GLN AA 314 -38.12 -71.33 -24.25
CA GLN AA 314 -38.82 -70.15 -24.72
C GLN AA 314 -37.85 -69.12 -25.27
N ALA AA 315 -36.73 -68.90 -24.56
CA ALA AA 315 -35.72 -67.97 -25.04
C ALA AA 315 -35.12 -68.43 -26.36
N TYR AA 316 -34.86 -69.74 -26.49
CA TYR AA 316 -34.33 -70.27 -27.75
C TYR AA 316 -35.33 -70.07 -28.89
N ARG AA 317 -36.61 -70.26 -28.62
CA ARG AA 317 -37.65 -70.23 -29.65
C ARG AA 317 -38.30 -68.87 -29.80
N LYS AA 318 -37.81 -67.84 -29.11
CA LYS AA 318 -38.41 -66.52 -29.22
C LYS AA 318 -38.35 -65.99 -30.66
N SER AA 319 -37.20 -66.16 -31.31
CA SER AA 319 -37.07 -65.71 -32.69
C SER AA 319 -37.79 -66.63 -33.67
N ILE AA 320 -38.06 -67.86 -33.28
CA ILE AA 320 -38.70 -68.84 -34.16
C ILE AA 320 -40.20 -68.57 -34.14
N LYS AA 321 -40.71 -68.01 -35.24
CA LYS AA 321 -42.15 -67.72 -35.32
C LYS AA 321 -42.95 -69.00 -35.51
N ASN AA 322 -42.51 -69.87 -36.42
CA ASN AA 322 -43.20 -71.12 -36.71
C ASN AA 322 -42.33 -72.26 -36.21
N TYR AA 323 -42.82 -72.98 -35.20
CA TYR AA 323 -42.06 -74.07 -34.57
C TYR AA 323 -42.63 -75.45 -34.85
N LYS AA 324 -43.95 -75.64 -34.72
CA LYS AA 324 -44.55 -76.95 -34.88
C LYS AA 324 -44.50 -77.34 -36.35
N LEU AA 325 -43.53 -78.18 -36.70
CA LEU AA 325 -43.38 -78.63 -38.07
C LEU AA 325 -44.37 -79.77 -38.36
N SER AA 326 -44.51 -80.08 -39.65
CA SER AA 326 -45.33 -81.20 -40.05
C SER AA 326 -44.57 -82.51 -39.84
N ASP AA 327 -45.26 -83.64 -39.98
CA ASP AA 327 -44.62 -84.93 -39.78
C ASP AA 327 -43.54 -85.18 -40.80
N VAL AA 328 -43.77 -84.81 -42.06
CA VAL AA 328 -42.74 -84.93 -43.08
C VAL AA 328 -41.55 -84.03 -42.74
N ASP AA 329 -41.84 -82.79 -42.37
CA ASP AA 329 -40.77 -81.88 -41.95
C ASP AA 329 -40.09 -82.38 -40.69
N TYR AA 330 -40.85 -83.01 -39.79
CA TYR AA 330 -40.26 -83.57 -38.58
C TYR AA 330 -39.26 -84.68 -38.90
N SER AA 331 -39.65 -85.60 -39.78
CA SER AA 331 -38.75 -86.68 -40.17
C SER AA 331 -37.53 -86.13 -40.91
N ASN AA 332 -37.74 -85.11 -41.76
CA ASN AA 332 -36.61 -84.50 -42.45
C ASN AA 332 -35.65 -83.85 -41.46
N GLU AA 333 -36.20 -83.21 -40.42
CA GLU AA 333 -35.36 -82.62 -39.38
C GLU AA 333 -34.56 -83.70 -38.65
N ARG AA 334 -35.21 -84.82 -38.33
CA ARG AA 334 -34.50 -85.91 -37.67
C ARG AA 334 -33.37 -86.44 -38.53
N ASP AA 335 -33.64 -86.64 -39.82
CA ASP AA 335 -32.61 -87.13 -40.74
C ASP AA 335 -31.44 -86.15 -40.85
N TRP AA 336 -31.76 -84.86 -40.97
CA TRP AA 336 -30.72 -83.85 -41.08
C TRP AA 336 -29.89 -83.77 -39.81
N ILE AA 337 -30.53 -83.89 -38.65
CA ILE AA 337 -29.81 -83.87 -37.37
C ILE AA 337 -28.88 -85.08 -37.27
N VAL AA 338 -29.39 -86.26 -37.66
CA VAL AA 338 -28.56 -87.45 -37.63
C VAL AA 338 -27.35 -87.30 -38.54
N GLU AA 339 -27.57 -86.78 -39.75
CA GLU AA 339 -26.47 -86.58 -40.70
C GLU AA 339 -25.46 -85.57 -40.17
N GLN AA 340 -25.96 -84.49 -39.55
CA GLN AA 340 -25.06 -83.49 -38.98
C GLN AA 340 -24.20 -84.08 -37.88
N LEU AA 341 -24.80 -84.88 -36.99
CA LEU AA 341 -24.03 -85.51 -35.93
C LEU AA 341 -23.02 -86.49 -36.50
N LYS AA 342 -23.42 -87.27 -37.51
CA LYS AA 342 -22.50 -88.22 -38.13
C LYS AA 342 -21.31 -87.51 -38.74
N LEU AA 343 -21.56 -86.36 -39.39
CA LEU AA 343 -20.45 -85.56 -39.92
C LEU AA 343 -19.57 -85.03 -38.80
N GLU AA 344 -20.16 -84.53 -37.73
CA GLU AA 344 -19.39 -83.92 -36.65
C GLU AA 344 -18.69 -84.98 -35.79
N LYS AA 345 -19.43 -86.02 -35.38
CA LYS AA 345 -18.89 -87.07 -34.53
C LYS AA 345 -18.33 -88.24 -35.33
N ARG AA 346 -17.83 -87.99 -36.53
CA ARG AA 346 -17.29 -89.05 -37.36
C ARG AA 346 -16.12 -89.76 -36.67
N ASP AA 347 -15.25 -89.00 -36.00
CA ASP AA 347 -14.13 -89.62 -35.28
C ASP AA 347 -14.62 -90.50 -34.15
N PHE AA 348 -15.61 -90.02 -33.38
CA PHE AA 348 -16.14 -90.82 -32.28
C PHE AA 348 -16.81 -92.08 -32.78
N LEU AA 349 -17.63 -91.96 -33.83
CA LEU AA 349 -18.28 -93.14 -34.41
C LEU AA 349 -17.27 -94.12 -34.95
N GLN AA 350 -16.22 -93.62 -35.61
CA GLN AA 350 -15.19 -94.49 -36.16
C GLN AA 350 -14.45 -95.23 -35.06
N HIS AA 351 -14.09 -94.53 -33.98
CA HIS AA 351 -13.41 -95.19 -32.86
C HIS AA 351 -14.32 -96.23 -32.20
N LEU AA 352 -15.60 -95.89 -32.03
CA LEU AA 352 -16.53 -96.85 -31.43
C LEU AA 352 -16.69 -98.09 -32.30
N THR AA 353 -16.81 -97.90 -33.62
CA THR AA 353 -16.95 -99.03 -34.53
C THR AA 353 -15.69 -99.89 -34.55
N GLN AA 354 -14.52 -99.25 -34.56
CA GLN AA 354 -13.27 -100.01 -34.61
C GLN AA 354 -13.05 -100.80 -33.32
N ALA AA 355 -13.21 -100.16 -32.18
CA ALA AA 355 -13.01 -100.85 -30.91
C ALA AA 355 -14.08 -101.92 -30.68
N HIS AA 356 -15.35 -101.54 -30.83
CA HIS AA 356 -16.46 -102.48 -30.68
C HIS AA 356 -16.95 -102.96 -32.05
N SER AA 357 -16.06 -103.67 -32.74
CA SER AA 357 -16.39 -104.20 -34.06
C SER AA 357 -17.30 -105.41 -33.99
N SER AA 358 -17.36 -106.09 -32.85
CA SER AA 358 -18.17 -107.29 -32.73
C SER AA 358 -19.65 -106.99 -32.88
N VAL AA 359 -20.11 -105.87 -32.30
CA VAL AA 359 -21.52 -105.54 -32.32
C VAL AA 359 -21.89 -104.97 -33.69
N ALA AA 360 -22.93 -105.51 -34.30
CA ALA AA 360 -23.39 -105.06 -35.60
C ALA AA 360 -24.36 -103.89 -35.45
N HIS AA 361 -24.20 -102.90 -36.33
CA HIS AA 361 -25.11 -101.75 -36.41
C HIS AA 361 -25.18 -100.98 -35.09
N LEU AA 362 -24.01 -100.73 -34.49
CA LEU AA 362 -23.96 -99.81 -33.36
C LEU AA 362 -24.38 -98.41 -33.78
N GLU AA 363 -23.96 -97.97 -34.97
CA GLU AA 363 -24.35 -96.66 -35.47
C GLU AA 363 -25.84 -96.59 -35.79
N GLU AA 364 -26.45 -97.71 -36.17
CA GLU AA 364 -27.89 -97.71 -36.35
C GLU AA 364 -28.63 -97.45 -35.04
N LYS AA 365 -28.18 -98.10 -33.96
CA LYS AA 365 -28.73 -97.81 -32.64
C LYS AA 365 -28.44 -96.37 -32.23
N PHE AA 366 -27.28 -95.85 -32.63
CA PHE AA 366 -26.98 -94.44 -32.38
C PHE AA 366 -27.99 -93.53 -33.07
N GLU AA 367 -28.30 -93.83 -34.34
CA GLU AA 367 -29.29 -93.04 -35.06
C GLU AA 367 -30.66 -93.14 -34.41
N ALA AA 368 -31.03 -94.34 -33.96
CA ALA AA 368 -32.30 -94.52 -33.27
C ALA AA 368 -32.34 -93.70 -31.98
N SER AA 369 -31.25 -93.71 -31.22
CA SER AA 369 -31.18 -92.94 -29.98
C SER AA 369 -31.25 -91.44 -30.26
N VAL AA 370 -30.58 -90.99 -31.31
CA VAL AA 370 -30.63 -89.57 -31.68
C VAL AA 370 -32.05 -89.18 -32.07
N LYS AA 371 -32.72 -90.03 -32.85
CA LYS AA 371 -34.10 -89.77 -33.22
C LYS AA 371 -34.99 -89.70 -31.99
N LYS AA 372 -34.78 -90.62 -31.04
CA LYS AA 372 -35.59 -90.62 -29.82
C LYS AA 372 -35.34 -89.37 -28.99
N ILE AA 373 -34.09 -88.94 -28.90
CA ILE AA 373 -33.77 -87.73 -28.13
C ILE AA 373 -34.39 -86.50 -28.78
N VAL AA 374 -34.33 -86.42 -30.11
CA VAL AA 374 -34.98 -85.31 -30.81
C VAL AA 374 -36.48 -85.34 -30.58
N ASP AA 375 -37.08 -86.54 -30.62
CA ASP AA 375 -38.50 -86.67 -30.32
C ASP AA 375 -38.82 -86.13 -28.93
N PHE AA 376 -38.04 -86.55 -27.92
CA PHE AA 376 -38.24 -86.06 -26.56
C PHE AA 376 -38.19 -84.55 -26.51
N ILE AA 377 -37.10 -83.97 -27.01
CA ILE AA 377 -36.86 -82.54 -26.88
C ILE AA 377 -37.95 -81.74 -27.59
N ALA AA 378 -38.31 -82.16 -28.81
CA ALA AA 378 -39.28 -81.39 -29.58
C ALA AA 378 -40.70 -81.61 -29.09
N ILE AA 379 -41.18 -82.85 -29.15
CA ILE AA 379 -42.58 -83.11 -28.83
C ILE AA 379 -42.84 -82.94 -27.34
N GLU AA 380 -42.05 -83.59 -26.50
CA GLU AA 380 -42.34 -83.63 -25.07
C GLU AA 380 -41.67 -82.50 -24.29
N SER AA 381 -40.85 -81.69 -24.93
CA SER AA 381 -40.23 -80.50 -24.34
C SER AA 381 -39.53 -80.84 -23.03
N PHE AA 382 -38.54 -81.72 -23.13
CA PHE AA 382 -37.77 -82.18 -21.98
C PHE AA 382 -36.41 -81.51 -21.99
N GLU AA 383 -36.06 -80.90 -20.85
CA GLU AA 383 -34.76 -80.25 -20.71
C GLU AA 383 -33.66 -81.31 -20.61
N VAL AA 384 -32.44 -80.90 -20.94
CA VAL AA 384 -31.34 -81.86 -21.05
C VAL AA 384 -31.06 -82.59 -19.74
N PRO AA 385 -30.93 -81.92 -18.58
CA PRO AA 385 -30.64 -82.68 -17.35
C PRO AA 385 -31.71 -83.70 -16.99
N PHE AA 386 -32.98 -83.40 -17.24
CA PHE AA 386 -34.02 -84.38 -16.98
C PHE AA 386 -33.83 -85.62 -17.84
N ILE AA 387 -33.52 -85.44 -19.12
CA ILE AA 387 -33.27 -86.58 -20.00
C ILE AA 387 -32.06 -87.37 -19.53
N TRP AA 388 -31.01 -86.67 -19.11
CA TRP AA 388 -29.79 -87.36 -18.71
C TRP AA 388 -29.96 -88.11 -17.40
N ASN AA 389 -30.82 -87.62 -16.52
CA ASN AA 389 -31.04 -88.26 -15.21
C ASN AA 389 -32.15 -89.30 -15.23
N HIS AA 390 -33.04 -89.27 -16.21
CA HIS AA 390 -34.17 -90.20 -16.22
C HIS AA 390 -34.40 -90.88 -17.55
N ARG AA 391 -33.65 -90.54 -18.60
CA ARG AA 391 -33.81 -91.20 -19.90
C ARG AA 391 -32.47 -91.60 -20.50
N ARG AA 392 -31.42 -91.72 -19.68
CA ARG AA 392 -30.10 -92.10 -20.19
C ARG AA 392 -30.04 -93.56 -20.62
N ASP AA 393 -31.07 -94.36 -20.32
CA ASP AA 393 -31.13 -95.72 -20.85
C ASP AA 393 -31.15 -95.70 -22.38
N TYR AA 394 -31.85 -94.74 -22.97
CA TYR AA 394 -31.86 -94.62 -24.43
C TYR AA 394 -30.49 -94.20 -24.94
N ALA AA 395 -29.75 -93.39 -24.18
CA ALA AA 395 -28.48 -92.83 -24.61
C ALA AA 395 -27.33 -93.82 -24.50
N LEU AA 396 -27.53 -94.99 -23.92
CA LEU AA 396 -26.49 -95.99 -23.80
C LEU AA 396 -27.04 -97.36 -24.17
N HIS AA 397 -26.25 -98.13 -24.91
CA HIS AA 397 -26.66 -99.43 -25.41
C HIS AA 397 -25.89 -100.51 -24.68
N THR AA 398 -26.61 -101.33 -23.92
CA THR AA 398 -25.99 -102.39 -23.11
C THR AA 398 -25.94 -103.66 -23.93
N TYR AA 399 -24.76 -103.98 -24.44
CA TYR AA 399 -24.54 -105.22 -25.18
C TYR AA 399 -23.73 -106.20 -24.33
N ASN AA 400 -23.88 -107.48 -24.63
CA ASN AA 400 -23.14 -108.55 -23.97
C ASN AA 400 -22.08 -109.11 -24.92
N ASP AA 401 -20.89 -109.33 -24.39
CA ASP AA 401 -19.78 -109.84 -25.18
C ASP AA 401 -19.90 -111.35 -25.33
N ASP AA 402 -18.84 -111.98 -25.84
CA ASP AA 402 -18.83 -113.44 -26.00
C ASP AA 402 -18.94 -114.15 -24.65
N SER AA 403 -18.55 -113.48 -23.57
CA SER AA 403 -18.69 -114.03 -22.22
C SER AA 403 -20.03 -113.66 -21.59
N ASN AA 404 -20.91 -112.98 -22.32
CA ASN AA 404 -22.21 -112.52 -21.83
C ASN AA 404 -22.09 -111.52 -20.68
N ASN AA 405 -20.93 -110.86 -20.56
CA ASN AA 405 -20.79 -109.79 -19.58
C ASN AA 405 -21.49 -108.53 -20.08
N THR AA 406 -22.31 -107.92 -19.22
CA THR AA 406 -23.04 -106.72 -19.60
C THR AA 406 -22.07 -105.55 -19.74
N ILE AA 407 -21.93 -105.05 -20.96
CA ILE AA 407 -21.04 -103.95 -21.27
C ILE AA 407 -21.89 -102.74 -21.64
N ILE AA 408 -21.68 -101.63 -20.95
CA ILE AA 408 -22.36 -100.38 -21.26
C ILE AA 408 -21.57 -99.65 -22.33
N VAL AA 409 -22.30 -99.00 -23.24
CA VAL AA 409 -21.70 -98.23 -24.32
C VAL AA 409 -22.32 -96.84 -24.29
N LYS AA 410 -21.56 -95.86 -23.80
CA LYS AA 410 -22.04 -94.49 -23.72
C LYS AA 410 -22.10 -93.89 -25.12
N LEU AA 411 -23.26 -93.98 -25.76
CA LEU AA 411 -23.41 -93.47 -27.12
C LEU AA 411 -23.38 -91.94 -27.17
N LEU AA 412 -23.86 -91.27 -26.12
CA LEU AA 412 -23.95 -89.82 -26.13
C LEU AA 412 -23.59 -89.28 -24.76
N ASN AA 413 -23.32 -87.98 -24.70
CA ASN AA 413 -23.08 -87.26 -23.46
C ASN AA 413 -23.95 -86.01 -23.45
N GLU AA 414 -23.92 -85.28 -22.33
CA GLU AA 414 -24.73 -84.08 -22.20
C GLU AA 414 -24.38 -83.04 -23.26
N ASP AA 415 -23.10 -82.92 -23.58
CA ASP AA 415 -22.68 -81.99 -24.63
C ASP AA 415 -23.33 -82.35 -25.96
N ASP AA 416 -23.53 -83.65 -26.21
CA ASP AA 416 -24.24 -84.07 -27.42
C ASP AA 416 -25.71 -83.66 -27.37
N LEU AA 417 -26.31 -83.63 -26.17
CA LEU AA 417 -27.69 -83.15 -26.07
C LEU AA 417 -27.78 -81.66 -26.34
N TRP AA 418 -26.80 -80.89 -25.85
CA TRP AA 418 -26.75 -79.47 -26.22
C TRP AA 418 -26.57 -79.30 -27.72
N ARG AA 419 -25.74 -80.16 -28.33
CA ARG AA 419 -25.59 -80.14 -29.77
C ARG AA 419 -26.91 -80.47 -30.47
N ILE AA 420 -27.68 -81.39 -29.90
CA ILE AA 420 -29.00 -81.71 -30.43
C ILE AA 420 -29.89 -80.47 -30.41
N VAL AA 421 -29.89 -79.74 -29.30
CA VAL AA 421 -30.72 -78.55 -29.20
C VAL AA 421 -30.29 -77.51 -30.24
N GLN AA 422 -28.98 -77.28 -30.36
CA GLN AA 422 -28.49 -76.32 -31.33
C GLN AA 422 -28.85 -76.74 -32.76
N LEU AA 423 -28.71 -78.02 -33.07
CA LEU AA 423 -28.99 -78.51 -34.41
C LEU AA 423 -30.47 -78.42 -34.73
N ASP AA 424 -31.34 -78.71 -33.76
CA ASP AA 424 -32.77 -78.59 -34.02
C ASP AA 424 -33.15 -77.13 -34.24
N LEU AA 425 -32.54 -76.21 -33.48
CA LEU AA 425 -32.78 -74.79 -33.75
C LEU AA 425 -32.31 -74.42 -35.16
N ASP AA 426 -31.14 -74.91 -35.57
CA ASP AA 426 -30.62 -74.60 -36.89
C ASP AA 426 -31.54 -75.12 -37.99
N TYR AA 427 -32.05 -76.34 -37.84
CA TYR AA 427 -32.94 -76.87 -38.86
C TYR AA 427 -34.28 -76.17 -38.86
N HIS AA 428 -34.78 -75.78 -37.68
CA HIS AA 428 -36.00 -74.98 -37.64
C HIS AA 428 -35.80 -73.66 -38.36
N SER AA 429 -34.60 -73.08 -38.27
CA SER AA 429 -34.32 -71.86 -39.02
C SER AA 429 -34.31 -72.12 -40.52
N ILE AA 430 -33.59 -73.16 -40.97
CA ILE AA 430 -33.45 -73.41 -42.40
C ILE AA 430 -34.73 -73.95 -43.02
N HIS AA 431 -35.66 -74.45 -42.20
CA HIS AA 431 -36.92 -74.96 -42.73
C HIS AA 431 -37.73 -73.85 -43.39
N ASP AA 432 -37.74 -72.66 -42.79
CA ASP AA 432 -38.45 -71.54 -43.40
C ASP AA 432 -37.83 -71.16 -44.73
N LYS AA 433 -36.49 -71.18 -44.82
CA LYS AA 433 -35.84 -70.87 -46.08
C LYS AA 433 -36.16 -71.91 -47.15
N LYS AA 434 -36.13 -73.20 -46.79
CA LYS AA 434 -36.46 -74.22 -47.79
C LYS AA 434 -37.92 -74.12 -48.22
N ALA AA 435 -38.83 -73.78 -47.30
CA ALA AA 435 -40.22 -73.56 -47.68
C ALA AA 435 -40.35 -72.36 -48.61
N ALA AA 436 -39.58 -71.30 -48.37
CA ALA AA 436 -39.61 -70.14 -49.24
C ALA AA 436 -39.13 -70.49 -50.65
N LEU AA 437 -38.05 -71.28 -50.75
CA LEU AA 437 -37.59 -71.71 -52.07
C LEU AA 437 -38.62 -72.60 -52.75
N SER AA 438 -39.27 -73.49 -52.00
CA SER AA 438 -40.33 -74.32 -52.59
C SER AA 438 -41.48 -73.46 -53.11
N SER AA 439 -41.90 -72.46 -52.34
CA SER AA 439 -42.97 -71.58 -52.78
C SER AA 439 -42.57 -70.79 -54.02
N ILE AA 440 -41.32 -70.30 -54.05
CA ILE AA 440 -40.84 -69.58 -55.23
C ILE AA 440 -40.88 -70.47 -56.46
N TYR AA 441 -40.39 -71.71 -56.32
CA TYR AA 441 -40.41 -72.64 -57.45
C TYR AA 441 -41.83 -72.92 -57.91
N LYS AA 442 -42.75 -73.10 -56.95
CA LYS AA 442 -44.15 -73.34 -57.31
C LYS AA 442 -44.74 -72.15 -58.05
N GLN AA 443 -44.37 -70.93 -57.64
CA GLN AA 443 -44.83 -69.74 -58.36
C GLN AA 443 -44.25 -69.67 -59.76
N LEU AA 444 -43.01 -70.14 -59.94
CA LEU AA 444 -42.46 -70.21 -61.29
C LEU AA 444 -43.33 -71.10 -62.19
N ASP AA 445 -43.77 -72.25 -61.67
CA ASP AA 445 -44.69 -73.14 -62.37
C ASP AA 445 -44.15 -73.52 -63.75
N LEU AA 446 -43.01 -74.19 -63.73
CA LEU AA 446 -42.34 -74.57 -64.97
C LEU AA 446 -43.17 -75.63 -65.70
N ASP AA 447 -43.24 -75.50 -67.02
CA ASP AA 447 -43.95 -76.48 -67.84
C ASP AA 447 -43.30 -77.85 -67.72
N VAL AA 448 -41.97 -77.89 -67.75
CA VAL AA 448 -41.20 -79.12 -67.53
C VAL AA 448 -40.39 -78.93 -66.26
N VAL AA 449 -40.50 -79.89 -65.34
CA VAL AA 449 -39.77 -79.80 -64.08
C VAL AA 449 -38.28 -79.87 -64.38
N ASP AA 450 -37.53 -78.90 -63.87
CA ASP AA 450 -36.11 -78.84 -64.14
C ASP AA 450 -35.39 -79.97 -63.41
N PRO AA 451 -34.70 -80.87 -64.11
CA PRO AA 451 -34.02 -81.99 -63.41
C PRO AA 451 -32.95 -81.51 -62.45
N THR AA 452 -32.22 -80.44 -62.78
CA THR AA 452 -31.21 -79.92 -61.88
C THR AA 452 -31.84 -79.41 -60.59
N TYR AA 453 -32.99 -78.73 -60.70
CA TYR AA 453 -33.68 -78.24 -59.51
C TYR AA 453 -34.03 -79.39 -58.58
N GLU AA 454 -34.66 -80.43 -59.10
CA GLU AA 454 -35.03 -81.58 -58.27
C GLU AA 454 -33.81 -82.26 -57.68
N GLU AA 455 -32.79 -82.48 -58.50
CA GLU AA 455 -31.61 -83.22 -58.04
C GLU AA 455 -30.90 -82.48 -56.92
N PHE AA 456 -30.78 -81.16 -57.02
CA PHE AA 456 -30.08 -80.41 -55.99
C PHE AA 456 -30.97 -80.03 -54.81
N PHE AA 457 -32.29 -79.99 -55.00
CA PHE AA 457 -33.19 -79.73 -53.89
C PHE AA 457 -33.35 -80.97 -53.01
N GLY AA 458 -33.35 -82.16 -53.61
CA GLY AA 458 -33.43 -83.38 -52.83
C GLY AA 458 -32.22 -83.57 -51.92
N SER AA 459 -31.05 -83.15 -52.39
CA SER AA 459 -29.81 -83.29 -51.64
C SER AA 459 -29.41 -82.00 -50.94
N ALA AA 460 -30.32 -81.02 -50.87
CA ALA AA 460 -30.02 -79.75 -50.24
C ALA AA 460 -30.03 -79.91 -48.72
N ARG AA 461 -28.89 -79.63 -48.09
CA ARG AA 461 -28.76 -79.72 -46.63
C ARG AA 461 -28.37 -78.39 -45.99
N THR AA 462 -27.48 -77.62 -46.61
CA THR AA 462 -27.02 -76.36 -46.06
C THR AA 462 -27.75 -75.20 -46.71
N LEU AA 463 -27.81 -74.07 -45.99
CA LEU AA 463 -28.41 -72.87 -46.55
C LEU AA 463 -27.59 -72.32 -47.71
N SER AA 464 -26.30 -72.65 -47.78
CA SER AA 464 -25.50 -72.25 -48.94
C SER AA 464 -26.01 -72.92 -50.21
N GLU AA 465 -26.37 -74.20 -50.13
CA GLU AA 465 -26.95 -74.88 -51.28
C GLU AA 465 -28.31 -74.32 -51.65
N LEU AA 466 -29.11 -73.93 -50.65
CA LEU AA 466 -30.38 -73.27 -50.94
C LEU AA 466 -30.15 -71.93 -51.64
N GLN AA 467 -29.14 -71.18 -51.22
CA GLN AA 467 -28.81 -69.93 -51.89
C GLN AA 467 -28.34 -70.19 -53.32
N ASP AA 468 -27.59 -71.27 -53.53
CA ASP AA 468 -27.17 -71.64 -54.88
C ASP AA 468 -28.38 -71.98 -55.75
N ILE AA 469 -29.35 -72.71 -55.18
CA ILE AA 469 -30.58 -73.00 -55.90
C ILE AA 469 -31.31 -71.72 -56.27
N ASP AA 470 -31.41 -70.79 -55.32
CA ASP AA 470 -32.06 -69.52 -55.60
C ASP AA 470 -31.36 -68.75 -56.71
N ASP AA 471 -30.02 -68.71 -56.66
CA ASP AA 471 -29.28 -68.00 -57.70
C ASP AA 471 -29.48 -68.64 -59.06
N TYR AA 472 -29.45 -69.98 -59.13
CA TYR AA 472 -29.65 -70.67 -60.40
C TYR AA 472 -31.04 -70.39 -60.95
N LEU AA 473 -32.07 -70.49 -60.08
CA LEU AA 473 -33.44 -70.27 -60.52
C LEU AA 473 -33.64 -68.84 -61.00
N THR AA 474 -33.11 -67.85 -60.26
CA THR AA 474 -33.27 -66.46 -60.66
C THR AA 474 -32.52 -66.16 -61.95
N PHE AA 475 -31.33 -66.75 -62.13
CA PHE AA 475 -30.56 -66.46 -63.33
C PHE AA 475 -31.23 -67.06 -64.57
N ASN AA 476 -31.60 -68.34 -64.50
CA ASN AA 476 -32.16 -68.99 -65.68
C ASN AA 476 -33.63 -68.67 -65.92
N TYR AA 477 -34.28 -67.97 -64.99
CA TYR AA 477 -35.65 -67.50 -65.18
C TYR AA 477 -35.77 -66.04 -64.74
N SER AA 478 -34.81 -65.21 -65.18
CA SER AA 478 -34.80 -63.81 -64.75
C SER AA 478 -36.05 -63.08 -65.23
N SER AA 479 -36.44 -63.30 -66.49
CA SER AA 479 -37.67 -62.69 -66.98
C SER AA 479 -38.88 -63.21 -66.21
N GLN AA 480 -38.95 -64.52 -65.98
CA GLN AA 480 -40.08 -65.10 -65.26
C GLN AA 480 -40.12 -64.62 -63.82
N VAL AA 481 -38.96 -64.56 -63.16
CA VAL AA 481 -38.92 -64.08 -61.78
C VAL AA 481 -39.33 -62.62 -61.71
N LYS AA 482 -38.85 -61.80 -62.65
CA LYS AA 482 -39.23 -60.39 -62.67
C LYS AA 482 -40.73 -60.23 -62.90
N ASN AA 483 -41.30 -61.04 -63.81
CA ASN AA 483 -42.74 -60.98 -64.02
C ASN AA 483 -43.50 -61.40 -62.77
N LEU AA 484 -43.07 -62.46 -62.11
CA LEU AA 484 -43.73 -62.91 -60.89
C LEU AA 484 -43.66 -61.84 -59.80
N THR AA 485 -42.54 -61.13 -59.71
CA THR AA 485 -42.47 -59.97 -58.83
C THR AA 485 -43.48 -58.92 -59.25
N ALA AA 486 -43.62 -58.69 -60.56
CA ALA AA 486 -44.63 -57.76 -61.04
C ALA AA 486 -46.04 -58.30 -60.85
N VAL AA 487 -46.24 -59.60 -61.01
CA VAL AA 487 -47.55 -60.21 -60.81
C VAL AA 487 -47.96 -60.11 -59.35
N MET AA 514 -43.46 -47.84 -58.63
CA MET AA 514 -42.56 -48.97 -58.47
C MET AA 514 -41.12 -48.50 -58.36
N LYS AA 515 -40.46 -48.88 -57.26
CA LYS AA 515 -39.08 -48.48 -56.99
C LYS AA 515 -38.16 -48.96 -58.12
N ARG AA 516 -37.57 -48.01 -58.85
CA ARG AA 516 -36.77 -48.33 -60.04
C ARG AA 516 -35.41 -48.90 -59.66
N LYS AA 517 -35.45 -50.04 -58.97
CA LYS AA 517 -34.24 -50.80 -58.73
C LYS AA 517 -33.77 -51.43 -60.04
N TYR AA 518 -32.49 -51.29 -60.35
CA TYR AA 518 -31.95 -51.82 -61.59
C TYR AA 518 -31.70 -53.31 -61.44
N SER AA 519 -32.36 -54.11 -62.27
CA SER AA 519 -32.14 -55.55 -62.29
C SER AA 519 -30.74 -55.83 -62.82
N LYS AA 520 -29.93 -56.52 -62.02
CA LYS AA 520 -28.58 -56.87 -62.44
C LYS AA 520 -28.59 -57.83 -63.63
N TYR AA 521 -29.71 -58.49 -63.89
CA TYR AA 521 -29.85 -59.41 -65.01
C TYR AA 521 -30.52 -58.76 -66.22
N ALA AA 522 -30.67 -57.44 -66.24
CA ALA AA 522 -31.32 -56.78 -67.36
C ALA AA 522 -30.52 -56.95 -68.64
N ILE AA 523 -29.19 -56.87 -68.54
CA ILE AA 523 -28.34 -57.05 -69.71
C ILE AA 523 -28.51 -58.47 -70.27
N TYR AA 524 -28.56 -59.46 -69.38
CA TYR AA 524 -28.71 -60.84 -69.81
C TYR AA 524 -30.10 -61.07 -70.41
N ASP AA 525 -31.11 -60.39 -69.86
CA ASP AA 525 -32.45 -60.46 -70.47
C ASP AA 525 -32.45 -59.86 -71.87
N ARG AA 526 -31.74 -58.74 -72.05
CA ARG AA 526 -31.62 -58.16 -73.38
C ARG AA 526 -30.91 -59.11 -74.33
N ILE AA 527 -29.87 -59.79 -73.85
CA ILE AA 527 -29.19 -60.80 -74.66
C ILE AA 527 -30.16 -61.91 -75.05
N ARG AA 528 -30.99 -62.35 -74.11
CA ARG AA 528 -32.00 -63.37 -74.40
C ARG AA 528 -32.97 -62.87 -75.48
N GLN AA 529 -33.37 -61.60 -75.41
CA GLN AA 529 -34.27 -61.02 -76.40
C GLN AA 529 -33.57 -60.73 -77.72
N ASP AA 530 -32.26 -60.52 -77.71
CA ASP AA 530 -31.53 -60.15 -78.91
C ASP AA 530 -31.32 -61.36 -79.81
N ALA AA 531 -30.95 -61.09 -81.06
CA ALA AA 531 -30.75 -62.13 -82.06
C ALA AA 531 -29.48 -62.93 -81.83
N ILE AA 532 -28.61 -62.51 -80.90
CA ILE AA 532 -27.36 -63.23 -80.67
C ILE AA 532 -27.56 -64.40 -79.71
N TYR AA 533 -28.69 -64.46 -79.02
CA TYR AA 533 -28.98 -65.59 -78.12
C TYR AA 533 -28.94 -66.94 -78.82
N PRO AA 534 -29.43 -67.10 -80.06
CA PRO AA 534 -29.22 -68.37 -80.77
C PRO AA 534 -27.76 -68.78 -80.88
N VAL AA 535 -26.84 -67.83 -81.06
CA VAL AA 535 -25.42 -68.18 -81.08
C VAL AA 535 -24.99 -68.75 -79.73
N VAL AA 536 -25.46 -68.12 -78.64
CA VAL AA 536 -25.15 -68.62 -77.31
C VAL AA 536 -25.67 -70.03 -77.14
N GLN AA 537 -26.85 -70.33 -77.69
CA GLN AA 537 -27.33 -71.71 -77.69
C GLN AA 537 -26.39 -72.61 -78.47
N SER AA 538 -25.97 -72.14 -79.66
CA SER AA 538 -25.16 -72.96 -80.55
C SER AA 538 -23.76 -73.22 -80.01
N ILE AA 539 -23.32 -72.45 -79.03
CA ILE AA 539 -22.02 -72.74 -78.41
C ILE AA 539 -22.04 -74.12 -77.77
N ALA AA 540 -23.08 -74.41 -76.98
CA ALA AA 540 -23.25 -75.70 -76.33
C ALA AA 540 -24.65 -75.78 -75.77
N ASN AA 541 -25.23 -76.98 -75.80
CA ASN AA 541 -26.59 -77.20 -75.32
C ASN AA 541 -26.59 -77.23 -73.80
N ILE AA 542 -27.49 -76.46 -73.20
CA ILE AA 542 -27.53 -76.33 -71.74
C ILE AA 542 -27.86 -77.68 -71.10
N SER AA 543 -28.87 -78.36 -71.63
CA SER AA 543 -29.24 -79.66 -71.08
C SER AA 543 -28.13 -80.69 -71.26
N GLN AA 544 -27.50 -80.69 -72.44
CA GLN AA 544 -26.37 -81.59 -72.68
C GLN AA 544 -25.21 -81.26 -71.76
N MET AA 545 -24.93 -79.97 -71.56
CA MET AA 545 -23.86 -79.58 -70.64
C MET AA 545 -24.15 -80.07 -69.23
N ARG AA 546 -25.40 -79.90 -68.77
CA ARG AA 546 -25.75 -80.35 -67.43
C ARG AA 546 -25.64 -81.86 -67.30
N GLU AA 547 -26.09 -82.60 -68.32
CA GLU AA 547 -25.99 -84.05 -68.27
C GLU AA 547 -24.53 -84.50 -68.23
N ASN AA 548 -23.69 -83.89 -69.07
CA ASN AA 548 -22.27 -84.24 -69.09
C ASN AA 548 -21.60 -83.94 -67.76
N LEU AA 549 -21.91 -82.78 -67.17
CA LEU AA 549 -21.29 -82.39 -65.92
C LEU AA 549 -21.74 -83.29 -64.78
N ALA AA 550 -23.04 -83.61 -64.73
CA ALA AA 550 -23.55 -84.48 -63.67
C ALA AA 550 -22.98 -85.89 -63.80
N GLN AA 551 -22.88 -86.41 -65.02
CA GLN AA 551 -22.31 -87.73 -65.23
C GLN AA 551 -20.81 -87.76 -64.96
N SER AA 552 -20.14 -86.60 -65.03
CA SER AA 552 -18.69 -86.44 -64.89
C SER AA 552 -17.92 -87.10 -66.03
N LYS AA 553 -18.62 -87.62 -67.04
CA LYS AA 553 -17.98 -88.17 -68.22
C LYS AA 553 -18.81 -87.78 -69.44
N ARG AA 554 -18.19 -87.93 -70.61
CA ARG AA 554 -18.83 -87.49 -71.85
C ARG AA 554 -20.00 -88.40 -72.21
N LEU AA 555 -21.20 -87.85 -72.18
CA LEU AA 555 -22.39 -88.49 -72.72
C LEU AA 555 -22.75 -87.98 -74.12
N HIS AA 556 -22.45 -86.72 -74.40
CA HIS AA 556 -22.63 -86.13 -75.71
C HIS AA 556 -21.38 -85.33 -76.06
N GLN AA 557 -21.12 -85.18 -77.35
CA GLN AA 557 -20.00 -84.38 -77.83
C GLN AA 557 -20.48 -82.98 -78.16
N VAL AA 558 -19.76 -81.98 -77.65
CA VAL AA 558 -20.10 -80.59 -77.94
C VAL AA 558 -19.85 -80.34 -79.43
N GLU AA 559 -20.93 -80.18 -80.19
CA GLU AA 559 -20.83 -79.99 -81.63
C GLU AA 559 -20.41 -78.56 -81.93
N ASP AA 560 -19.33 -78.41 -82.70
CA ASP AA 560 -18.84 -77.10 -83.07
C ASP AA 560 -19.65 -76.56 -84.24
N PRO AA 561 -20.20 -75.36 -84.14
CA PRO AA 561 -20.96 -74.80 -85.27
C PRO AA 561 -20.10 -74.65 -86.52
N ILE AA 562 -20.75 -74.75 -87.67
CA ILE AA 562 -20.06 -74.77 -88.95
C ILE AA 562 -19.30 -73.49 -89.25
N GLU AA 563 -19.65 -72.38 -88.57
CA GLU AA 563 -18.97 -71.12 -88.78
C GLU AA 563 -18.39 -70.61 -87.47
N SER AA 564 -17.33 -69.80 -87.59
CA SER AA 564 -16.62 -69.30 -86.42
C SER AA 564 -17.50 -68.35 -85.63
N PRO AA 565 -17.22 -68.18 -84.34
CA PRO AA 565 -18.02 -67.23 -83.54
C PRO AA 565 -18.04 -65.84 -84.12
N MET AA 566 -16.90 -65.33 -84.59
CA MET AA 566 -16.87 -64.01 -85.21
C MET AA 566 -17.69 -64.02 -86.51
N ASP AA 567 -17.57 -65.08 -87.30
CA ASP AA 567 -18.32 -65.16 -88.55
C ASP AA 567 -19.82 -65.08 -88.29
N MET AA 568 -20.32 -65.94 -87.38
CA MET AA 568 -21.75 -65.95 -87.10
C MET AA 568 -22.21 -64.64 -86.48
N ILE AA 569 -21.42 -64.07 -85.56
CA ILE AA 569 -21.80 -62.83 -84.91
C ILE AA 569 -21.92 -61.71 -85.94
N ALA AA 570 -20.90 -61.57 -86.79
CA ALA AA 570 -20.91 -60.52 -87.81
C ALA AA 570 -22.04 -60.73 -88.81
N ASP AA 571 -22.28 -61.98 -89.22
CA ASP AA 571 -23.33 -62.26 -90.19
C ASP AA 571 -24.70 -61.90 -89.62
N ILE AA 572 -24.97 -62.28 -88.37
CA ILE AA 572 -26.25 -61.98 -87.76
C ILE AA 572 -26.39 -60.47 -87.53
N MET AA 573 -25.29 -59.81 -87.15
CA MET AA 573 -25.34 -58.37 -86.97
C MET AA 573 -25.66 -57.65 -88.27
N SER AA 574 -25.06 -58.09 -89.37
CA SER AA 574 -25.32 -57.47 -90.67
C SER AA 574 -26.74 -57.77 -91.14
N THR AA 575 -27.22 -58.99 -90.95
CA THR AA 575 -28.54 -59.36 -91.41
C THR AA 575 -29.65 -58.92 -90.45
N GLU AA 576 -29.31 -58.49 -89.24
CA GLU AA 576 -30.28 -58.04 -88.25
C GLU AA 576 -29.83 -56.74 -87.60
N LYS AA 577 -29.38 -55.79 -88.43
CA LYS AA 577 -28.97 -54.48 -87.91
C LYS AA 577 -30.11 -53.79 -87.18
N ASP AA 578 -31.35 -54.11 -87.54
CA ASP AA 578 -32.51 -53.49 -86.90
C ASP AA 578 -32.63 -53.94 -85.44
N LYS AA 579 -32.36 -55.20 -85.16
CA LYS AA 579 -32.57 -55.76 -83.82
C LYS AA 579 -31.29 -55.92 -83.02
N THR AA 580 -30.14 -56.09 -83.67
CA THR AA 580 -28.88 -56.26 -82.95
C THR AA 580 -28.52 -54.98 -82.23
N THR AA 581 -28.71 -54.96 -80.91
CA THR AA 581 -28.44 -53.77 -80.11
C THR AA 581 -26.95 -53.48 -79.96
N PHE AA 582 -26.09 -54.42 -80.34
CA PHE AA 582 -24.66 -54.19 -80.25
C PHE AA 582 -24.18 -53.23 -81.32
N ILE AA 583 -23.07 -52.55 -81.06
CA ILE AA 583 -22.50 -51.58 -81.99
C ILE AA 583 -21.50 -52.26 -82.89
N SER AA 584 -20.52 -52.94 -82.31
CA SER AA 584 -19.47 -53.63 -83.04
C SER AA 584 -19.57 -55.13 -82.79
N SER AA 585 -19.02 -55.91 -83.73
CA SER AA 585 -19.00 -57.36 -83.56
C SER AA 585 -18.18 -57.78 -82.35
N GLU AA 586 -17.12 -57.04 -82.03
CA GLU AA 586 -16.32 -57.35 -80.86
C GLU AA 586 -17.13 -57.16 -79.58
N LYS AA 587 -17.98 -56.14 -79.54
CA LYS AA 587 -18.84 -55.94 -78.38
C LYS AA 587 -19.82 -57.10 -78.20
N ALA AA 588 -20.42 -57.57 -79.30
CA ALA AA 588 -21.29 -58.73 -79.23
C ALA AA 588 -20.52 -59.97 -78.79
N TYR AA 589 -19.29 -60.13 -79.28
CA TYR AA 589 -18.46 -61.25 -78.87
C TYR AA 589 -18.20 -61.23 -77.36
N GLN AA 590 -17.87 -60.05 -76.83
CA GLN AA 590 -17.64 -59.92 -75.39
C GLN AA 590 -18.90 -60.19 -74.60
N ALA AA 591 -20.05 -59.70 -75.09
CA ALA AA 591 -21.31 -59.96 -74.40
C ALA AA 591 -21.64 -61.44 -74.39
N VAL AA 592 -21.41 -62.13 -75.50
CA VAL AA 592 -21.64 -63.57 -75.55
C VAL AA 592 -20.72 -64.30 -74.58
N LYS AA 593 -19.45 -63.90 -74.54
CA LYS AA 593 -18.51 -64.54 -73.62
C LYS AA 593 -18.91 -64.32 -72.18
N GLN AA 594 -19.33 -63.11 -71.82
CA GLN AA 594 -19.72 -62.84 -70.44
C GLN AA 594 -21.02 -63.56 -70.10
N PHE AA 595 -21.94 -63.68 -71.05
CA PHE AA 595 -23.17 -64.44 -70.80
C PHE AA 595 -22.86 -65.91 -70.58
N PHE AA 596 -21.95 -66.47 -71.37
CA PHE AA 596 -21.55 -67.87 -71.16
C PHE AA 596 -20.86 -68.03 -69.82
N SER AA 597 -20.03 -67.06 -69.43
CA SER AA 597 -19.38 -67.11 -68.12
C SER AA 597 -20.41 -67.07 -67.00
N GLU AA 598 -21.44 -66.22 -67.14
CA GLU AA 598 -22.49 -66.17 -66.12
C GLU AA 598 -23.27 -67.48 -66.07
N GLN AA 599 -23.55 -68.07 -67.24
CA GLN AA 599 -24.24 -69.36 -67.27
C GLN AA 599 -23.43 -70.43 -66.55
N LEU AA 600 -22.12 -70.48 -66.81
CA LEU AA 600 -21.27 -71.47 -66.15
C LEU AA 600 -21.18 -71.19 -64.65
N SER AA 601 -21.10 -69.92 -64.26
CA SER AA 601 -20.96 -69.58 -62.85
C SER AA 601 -22.19 -69.97 -62.05
N TYR AA 602 -23.38 -69.77 -62.61
CA TYR AA 602 -24.62 -70.04 -61.90
C TYR AA 602 -25.00 -71.52 -61.91
N GLU AA 603 -24.16 -72.39 -62.46
CA GLU AA 603 -24.44 -73.82 -62.44
C GLU AA 603 -24.23 -74.36 -61.03
N PRO AA 604 -25.25 -74.93 -60.39
CA PRO AA 604 -25.06 -75.42 -59.01
C PRO AA 604 -24.00 -76.50 -58.88
N PHE AA 605 -23.81 -77.35 -59.90
CA PHE AA 605 -22.89 -78.46 -59.77
C PHE AA 605 -21.44 -77.99 -59.66
N ILE AA 606 -21.07 -76.98 -60.45
CA ILE AA 606 -19.70 -76.46 -60.38
C ILE AA 606 -19.43 -75.89 -59.00
N ARG AA 607 -20.38 -75.10 -58.48
CA ARG AA 607 -20.22 -74.52 -57.15
C ARG AA 607 -20.12 -75.60 -56.09
N LYS AA 608 -20.96 -76.63 -56.18
CA LYS AA 608 -20.94 -77.70 -55.20
C LYS AA 608 -19.62 -78.47 -55.23
N THR AA 609 -19.12 -78.76 -56.44
CA THR AA 609 -17.86 -79.47 -56.56
C THR AA 609 -16.70 -78.63 -56.02
N ILE AA 610 -16.67 -77.34 -56.34
CA ILE AA 610 -15.61 -76.48 -55.85
C ILE AA 610 -15.67 -76.38 -54.33
N ARG AA 611 -16.88 -76.26 -53.78
CA ARG AA 611 -17.02 -76.17 -52.33
C ARG AA 611 -16.57 -77.45 -51.63
N THR AA 612 -16.94 -78.60 -52.19
CA THR AA 612 -16.49 -79.86 -51.62
C THR AA 612 -14.98 -80.00 -51.69
N ALA AA 613 -14.38 -79.62 -52.83
CA ALA AA 613 -12.93 -79.71 -52.97
C ALA AA 613 -12.22 -78.81 -51.99
N PHE AA 614 -12.71 -77.57 -51.82
CA PHE AA 614 -12.08 -76.65 -50.88
C PHE AA 614 -12.23 -77.13 -49.45
N GLN AA 615 -13.42 -77.65 -49.10
CA GLN AA 615 -13.65 -78.13 -47.74
C GLN AA 615 -12.84 -79.38 -47.44
N SER AA 616 -12.48 -80.14 -48.47
CA SER AA 616 -11.74 -81.38 -48.24
C SER AA 616 -10.23 -81.17 -48.26
N PHE AA 617 -9.70 -80.53 -49.30
CA PHE AA 617 -8.27 -80.48 -49.53
C PHE AA 617 -7.69 -79.07 -49.55
N GLY AA 618 -8.47 -78.05 -49.19
CA GLY AA 618 -7.95 -76.70 -49.19
C GLY AA 618 -6.96 -76.46 -48.07
N VAL AA 619 -6.17 -75.39 -48.24
CA VAL AA 619 -5.19 -74.98 -47.24
C VAL AA 619 -5.45 -73.52 -46.89
N ILE AA 620 -4.77 -73.06 -45.84
CA ILE AA 620 -4.93 -71.71 -45.31
C ILE AA 620 -3.62 -70.96 -45.47
N ASN AA 621 -3.69 -69.80 -46.13
CA ASN AA 621 -2.55 -68.92 -46.28
C ASN AA 621 -2.92 -67.53 -45.78
N ILE AA 622 -1.93 -66.85 -45.21
CA ILE AA 622 -2.14 -65.54 -44.58
C ILE AA 622 -1.24 -64.53 -45.25
N GLU AA 623 -1.82 -63.42 -45.69
CA GLU AA 623 -1.08 -62.28 -46.22
C GLU AA 623 -1.07 -61.14 -45.22
N LEU AA 624 -0.05 -60.29 -45.32
CA LEU AA 624 0.14 -59.18 -44.40
C LEU AA 624 -0.01 -57.85 -45.13
N THR AA 625 -0.85 -56.97 -44.58
CA THR AA 625 -0.89 -55.60 -45.04
C THR AA 625 0.25 -54.80 -44.43
N GLU AA 626 0.38 -53.54 -44.85
CA GLU AA 626 1.39 -52.66 -44.25
C GLU AA 626 1.16 -52.51 -42.76
N ARG AA 627 -0.11 -52.37 -42.36
CA ARG AA 627 -0.45 -52.40 -40.94
C ARG AA 627 -0.01 -53.72 -40.32
N GLY AA 628 -0.24 -54.84 -41.02
CA GLY AA 628 0.28 -56.11 -40.55
C GLY AA 628 1.79 -56.18 -40.61
N LYS AA 629 2.39 -55.56 -41.62
CA LYS AA 629 3.85 -55.56 -41.74
C LYS AA 629 4.52 -54.81 -40.59
N LEU AA 630 3.83 -53.84 -39.99
CA LEU AA 630 4.44 -53.03 -38.95
C LEU AA 630 3.98 -53.38 -37.54
N GLN AA 631 2.75 -53.87 -37.38
CA GLN AA 631 2.15 -54.01 -36.05
C GLN AA 631 2.33 -55.39 -35.45
N ILE AA 632 2.64 -56.41 -36.25
CA ILE AA 632 2.80 -57.77 -35.73
C ILE AA 632 4.22 -57.87 -35.16
N GLU AA 633 4.35 -57.69 -33.85
CA GLU AA 633 5.61 -57.68 -33.14
C GLU AA 633 5.90 -59.06 -32.55
N PRO AA 634 7.16 -59.36 -32.24
CA PRO AA 634 7.49 -60.68 -31.68
C PRO AA 634 6.79 -60.99 -30.37
N GLU AA 635 6.32 -59.97 -29.64
CA GLU AA 635 5.59 -60.20 -28.40
C GLU AA 635 4.08 -60.24 -28.57
N SER AA 636 3.56 -59.70 -29.68
CA SER AA 636 2.13 -59.68 -29.90
C SER AA 636 1.61 -61.11 -30.11
N PRO AA 637 0.39 -61.41 -29.65
CA PRO AA 637 -0.15 -62.76 -29.87
C PRO AA 637 -0.35 -63.10 -31.33
N TYR AA 638 -0.42 -62.10 -32.21
CA TYR AA 638 -0.59 -62.36 -33.65
C TYR AA 638 0.69 -62.83 -34.32
N PHE AA 639 1.82 -62.82 -33.60
CA PHE AA 639 3.10 -63.22 -34.18
C PHE AA 639 3.15 -64.71 -34.48
N ASP AA 640 2.24 -65.50 -33.92
CA ASP AA 640 2.26 -66.94 -34.13
C ASP AA 640 1.97 -67.32 -35.58
N PHE AA 641 1.26 -66.47 -36.32
CA PHE AA 641 0.90 -66.76 -37.71
C PHE AA 641 1.27 -65.61 -38.63
N LYS AA 642 2.38 -64.94 -38.34
CA LYS AA 642 2.78 -63.81 -39.18
C LYS AA 642 3.14 -64.26 -40.59
N TYR AA 643 3.61 -65.50 -40.74
CA TYR AA 643 4.04 -66.00 -42.04
C TYR AA 643 3.61 -67.45 -42.25
N ALA AA 644 2.45 -67.83 -41.71
CA ALA AA 644 1.94 -69.18 -41.90
C ALA AA 644 1.57 -69.41 -43.35
N LYS AA 645 1.64 -70.67 -43.78
CA LYS AA 645 1.44 -71.01 -45.18
C LYS AA 645 1.01 -72.46 -45.30
N ASN AA 646 0.03 -72.70 -46.17
CA ASN AA 646 -0.44 -74.06 -46.48
C ASN AA 646 -0.86 -74.83 -45.24
N ARG AA 647 -1.53 -74.13 -44.33
CA ARG AA 647 -2.03 -74.78 -43.12
C ARG AA 647 -3.25 -75.63 -43.45
N PRO AA 648 -3.25 -76.91 -43.10
CA PRO AA 648 -4.40 -77.77 -43.42
C PRO AA 648 -5.65 -77.30 -42.71
N ILE AA 649 -6.78 -77.36 -43.42
CA ILE AA 649 -8.06 -76.97 -42.84
C ILE AA 649 -8.52 -77.99 -41.80
N SER AA 650 -8.35 -79.28 -42.10
CA SER AA 650 -8.87 -80.32 -41.22
C SER AA 650 -8.25 -80.24 -39.82
N ALA AA 651 -7.00 -79.80 -39.74
CA ALA AA 651 -6.34 -79.67 -38.44
C ALA AA 651 -6.76 -78.42 -37.69
N LEU AA 652 -7.45 -77.47 -38.34
CA LEU AA 652 -7.83 -76.24 -37.67
C LEU AA 652 -8.84 -76.48 -36.56
N THR AA 653 -9.78 -77.39 -36.78
CA THR AA 653 -10.82 -77.64 -35.78
C THR AA 653 -10.25 -78.13 -34.45
N ALA AA 654 -9.09 -78.77 -34.47
CA ALA AA 654 -8.47 -79.21 -33.22
C ALA AA 654 -7.83 -78.04 -32.47
N THR AA 655 -7.57 -76.94 -33.16
CA THR AA 655 -6.94 -75.75 -32.57
C THR AA 655 -7.78 -74.55 -32.96
N PRO AA 656 -8.98 -74.40 -32.38
CA PRO AA 656 -9.87 -73.30 -32.79
C PRO AA 656 -9.31 -71.91 -32.51
N ASP AA 657 -8.54 -71.77 -31.43
CA ASP AA 657 -8.08 -70.45 -31.03
C ASP AA 657 -7.15 -69.83 -32.07
N LEU AA 658 -6.37 -70.66 -32.77
CA LEU AA 658 -5.48 -70.13 -33.80
C LEU AA 658 -6.30 -69.48 -34.93
N TYR AA 659 -7.33 -70.16 -35.40
CA TYR AA 659 -8.17 -69.60 -36.45
C TYR AA 659 -8.95 -68.39 -35.96
N LEU AA 660 -9.45 -68.43 -34.73
CA LEU AA 660 -10.14 -67.27 -34.17
C LEU AA 660 -9.22 -66.07 -34.10
N ARG AA 661 -7.97 -66.28 -33.67
CA ARG AA 661 -7.02 -65.17 -33.59
C ARG AA 661 -6.64 -64.66 -34.97
N MET AA 662 -6.53 -65.55 -35.96
CA MET AA 662 -6.30 -65.10 -37.33
C MET AA 662 -7.46 -64.23 -37.82
N ILE AA 663 -8.69 -64.64 -37.53
CA ILE AA 663 -9.85 -63.85 -37.93
C ILE AA 663 -9.85 -62.50 -37.23
N GLN AA 664 -9.51 -62.49 -35.94
CA GLN AA 664 -9.46 -61.26 -35.18
C GLN AA 664 -8.41 -60.31 -35.76
N ALA AA 665 -7.24 -60.84 -36.12
CA ALA AA 665 -6.21 -60.02 -36.74
C ALA AA 665 -6.67 -59.49 -38.10
N GLU AA 666 -7.39 -60.33 -38.86
CA GLU AA 666 -7.93 -59.89 -40.14
C GLU AA 666 -8.91 -58.73 -39.95
N ASN AA 667 -9.77 -58.82 -38.94
CA ASN AA 667 -10.75 -57.78 -38.68
C ASN AA 667 -10.09 -56.47 -38.27
N ASP AA 668 -8.86 -56.52 -37.77
CA ASP AA 668 -8.12 -55.33 -37.38
C ASP AA 668 -7.44 -54.64 -38.55
N GLY AA 669 -7.59 -55.16 -39.77
CA GLY AA 669 -6.93 -54.56 -40.92
C GLY AA 669 -5.46 -54.84 -41.01
N LEU AA 670 -4.98 -55.88 -40.34
CA LEU AA 670 -3.56 -56.23 -40.35
C LEU AA 670 -3.21 -57.33 -41.34
N VAL AA 671 -3.98 -58.41 -41.38
CA VAL AA 671 -3.64 -59.59 -42.16
C VAL AA 671 -4.81 -59.92 -43.09
N ASN AA 672 -4.53 -60.77 -44.07
CA ASN AA 672 -5.53 -61.25 -45.01
C ASN AA 672 -5.42 -62.76 -45.11
N ILE AA 673 -6.53 -63.45 -44.86
CA ILE AA 673 -6.57 -64.91 -44.89
C ILE AA 673 -6.98 -65.37 -46.28
N LYS AA 674 -6.20 -66.26 -46.87
CA LYS AA 674 -6.45 -66.77 -48.21
C LYS AA 674 -6.57 -68.29 -48.17
N VAL AA 675 -7.57 -68.83 -48.84
CA VAL AA 675 -7.79 -70.26 -48.96
C VAL AA 675 -7.54 -70.66 -50.40
N GLU AA 676 -6.62 -71.61 -50.62
CA GLU AA 676 -6.26 -72.03 -51.96
C GLU AA 676 -6.12 -73.55 -52.01
N LEU AA 677 -6.33 -74.10 -53.20
CA LEU AA 677 -6.24 -75.54 -53.44
C LEU AA 677 -5.02 -75.86 -54.26
N PRO AA 678 -4.18 -76.81 -53.83
CA PRO AA 678 -3.03 -77.20 -54.66
C PRO AA 678 -3.43 -77.73 -56.03
N MET AA 679 -4.56 -78.42 -56.14
CA MET AA 679 -5.01 -79.02 -57.38
C MET AA 679 -6.16 -78.25 -58.03
N LEU AA 680 -6.16 -76.92 -57.91
CA LEU AA 680 -7.18 -76.12 -58.57
C LEU AA 680 -7.07 -76.24 -60.08
N SER AA 681 -5.85 -76.25 -60.61
CA SER AA 681 -5.65 -76.43 -62.04
C SER AA 681 -6.20 -77.77 -62.51
N THR AA 682 -6.12 -78.81 -61.67
CA THR AA 682 -6.66 -80.11 -62.03
C THR AA 682 -8.17 -80.04 -62.24
N VAL AA 683 -8.88 -79.39 -61.31
CA VAL AA 683 -10.33 -79.25 -61.44
C VAL AA 683 -10.68 -78.40 -62.65
N VAL AA 684 -9.94 -77.30 -62.87
CA VAL AA 684 -10.21 -76.44 -64.02
C VAL AA 684 -10.04 -77.22 -65.32
N ASP AA 685 -8.95 -77.99 -65.43
CA ASP AA 685 -8.70 -78.77 -66.64
C ASP AA 685 -9.74 -79.85 -66.83
N HIS AA 686 -10.16 -80.52 -65.74
CA HIS AA 686 -11.16 -81.58 -65.86
C HIS AA 686 -12.49 -81.02 -66.33
N PHE AA 687 -12.92 -79.89 -65.74
CA PHE AA 687 -14.18 -79.29 -66.16
C PHE AA 687 -14.09 -78.75 -67.58
N TYR AA 688 -12.92 -78.24 -67.99
CA TYR AA 688 -12.74 -77.82 -69.37
C TYR AA 688 -12.85 -79.01 -70.31
N ASN AA 689 -12.19 -80.12 -69.97
CA ASN AA 689 -12.26 -81.32 -70.81
C ASN AA 689 -13.69 -81.81 -70.96
N ILE AA 690 -14.47 -81.75 -69.87
CA ILE AA 690 -15.88 -82.06 -69.97
C ILE AA 690 -16.59 -81.08 -70.89
N LEU AA 691 -16.28 -79.79 -70.77
CA LEU AA 691 -16.99 -78.76 -71.52
C LEU AA 691 -16.44 -78.59 -72.93
N LYS AA 692 -15.13 -78.76 -73.13
CA LYS AA 692 -14.53 -78.45 -74.43
C LYS AA 692 -15.06 -79.37 -75.52
N SER AA 693 -15.05 -78.86 -76.75
CA SER AA 693 -15.42 -79.65 -77.90
C SER AA 693 -14.21 -80.40 -78.43
N ASP AA 694 -14.49 -81.44 -79.22
CA ASP AA 694 -13.45 -82.30 -79.77
C ASP AA 694 -13.04 -81.91 -81.19
N GLY AA 695 -13.59 -80.83 -81.72
CA GLY AA 695 -13.24 -80.41 -83.06
C GLY AA 695 -11.81 -79.90 -83.14
N THR AA 696 -11.23 -80.03 -84.34
CA THR AA 696 -9.85 -79.62 -84.58
C THR AA 696 -9.74 -78.50 -85.60
N SER AA 697 -10.81 -78.13 -86.28
CA SER AA 697 -10.74 -77.05 -87.25
C SER AA 697 -10.54 -75.71 -86.55
N GLU AA 698 -10.04 -74.73 -87.31
CA GLU AA 698 -9.81 -73.40 -86.73
C GLU AA 698 -11.08 -72.80 -86.18
N ILE AA 699 -12.23 -73.08 -86.80
CA ILE AA 699 -13.52 -72.68 -86.24
C ILE AA 699 -13.73 -73.35 -84.89
N SER AA 700 -13.46 -74.66 -84.81
CA SER AA 700 -13.56 -75.37 -83.55
C SER AA 700 -12.56 -74.84 -82.54
N GLU AA 701 -11.36 -74.44 -83.02
CA GLU AA 701 -10.39 -73.83 -82.12
C GLU AA 701 -10.90 -72.53 -81.53
N LYS AA 702 -11.54 -71.70 -82.36
CA LYS AA 702 -12.11 -70.45 -81.86
C LYS AA 702 -13.24 -70.72 -80.87
N TRP AA 703 -14.10 -71.71 -81.17
CA TRP AA 703 -15.17 -72.05 -80.25
C TRP AA 703 -14.61 -72.53 -78.91
N ASN AA 704 -13.58 -73.38 -78.95
CA ASN AA 704 -12.97 -73.87 -77.72
C ASN AA 704 -12.31 -72.73 -76.94
N ALA AA 705 -11.67 -71.80 -77.66
CA ALA AA 705 -11.07 -70.65 -76.98
C ALA AA 705 -12.13 -69.79 -76.29
N LEU AA 706 -13.24 -69.54 -76.97
CA LEU AA 706 -14.32 -68.77 -76.36
C LEU AA 706 -14.87 -69.49 -75.13
N ARG AA 707 -15.08 -70.81 -75.24
CA ARG AA 707 -15.58 -71.57 -74.11
C ARG AA 707 -14.61 -71.53 -72.94
N ASN AA 708 -13.32 -71.69 -73.21
CA ASN AA 708 -12.32 -71.68 -72.15
C ASN AA 708 -12.22 -70.32 -71.48
N ASP AA 709 -12.29 -69.24 -72.26
CA ASP AA 709 -12.22 -67.90 -71.68
C ASP AA 709 -13.44 -67.62 -70.82
N ALA AA 710 -14.63 -67.99 -71.29
CA ALA AA 710 -15.82 -67.82 -70.48
C ALA AA 710 -15.74 -68.66 -69.20
N TRP AA 711 -15.17 -69.87 -69.32
CA TRP AA 711 -15.02 -70.73 -68.15
C TRP AA 711 -14.06 -70.12 -67.13
N LYS AA 712 -12.97 -69.51 -67.60
CA LYS AA 712 -12.05 -68.83 -66.70
C LYS AA 712 -12.72 -67.64 -66.03
N GLN AA 713 -13.52 -66.87 -66.76
CA GLN AA 713 -14.24 -65.76 -66.15
C GLN AA 713 -15.22 -66.27 -65.09
N SER AA 714 -15.90 -67.39 -65.39
CA SER AA 714 -16.83 -67.98 -64.42
C SER AA 714 -16.09 -68.42 -63.16
N LEU AA 715 -14.91 -69.02 -63.33
CA LEU AA 715 -14.09 -69.39 -62.16
C LEU AA 715 -13.69 -68.17 -61.36
N ASP AA 716 -13.29 -67.08 -62.05
CA ASP AA 716 -12.92 -65.86 -61.36
C ASP AA 716 -14.07 -65.33 -60.52
N LYS AA 717 -15.29 -65.36 -61.08
CA LYS AA 717 -16.45 -64.91 -60.31
C LYS AA 717 -16.77 -65.86 -59.16
N LEU AA 718 -16.59 -67.17 -59.38
CA LEU AA 718 -17.07 -68.15 -58.41
C LEU AA 718 -16.15 -68.29 -57.21
N ILE AA 719 -14.84 -68.09 -57.40
CA ILE AA 719 -13.88 -68.38 -56.32
C ILE AA 719 -14.17 -67.62 -55.03
N PRO AA 720 -14.39 -66.29 -55.04
CA PRO AA 720 -14.59 -65.59 -53.76
C PRO AA 720 -15.77 -66.10 -52.94
N LEU AA 721 -16.88 -66.45 -53.60
CA LEU AA 721 -18.05 -66.92 -52.87
C LEU AA 721 -17.76 -68.23 -52.16
N VAL AA 722 -17.09 -69.16 -52.85
CA VAL AA 722 -16.74 -70.44 -52.25
C VAL AA 722 -15.76 -70.24 -51.11
N GLN AA 723 -14.78 -69.34 -51.29
CA GLN AA 723 -13.85 -69.04 -50.21
C GLN AA 723 -14.58 -68.51 -48.99
N LEU AA 724 -15.53 -67.60 -49.19
CA LEU AA 724 -16.28 -67.04 -48.07
C LEU AA 724 -17.12 -68.12 -47.38
N ASN AA 725 -17.75 -69.00 -48.16
CA ASN AA 725 -18.55 -70.07 -47.57
C ASN AA 725 -17.68 -71.00 -46.73
N VAL AA 726 -16.52 -71.39 -47.25
CA VAL AA 726 -15.62 -72.26 -46.49
C VAL AA 726 -15.12 -71.56 -45.25
N LYS AA 727 -14.79 -70.27 -45.36
CA LYS AA 727 -14.35 -69.51 -44.20
C LYS AA 727 -15.42 -69.47 -43.12
N GLU AA 728 -16.67 -69.22 -43.51
CA GLU AA 728 -17.76 -69.20 -42.53
C GLU AA 728 -17.96 -70.56 -41.89
N SER AA 729 -17.86 -71.63 -42.68
CA SER AA 729 -18.01 -72.97 -42.12
C SER AA 729 -16.93 -73.26 -41.08
N ILE AA 730 -15.68 -72.95 -41.40
CA ILE AA 730 -14.60 -73.21 -40.45
C ILE AA 730 -14.76 -72.31 -39.23
N ARG AA 731 -15.22 -71.07 -39.42
CA ARG AA 731 -15.44 -70.18 -38.30
C ARG AA 731 -16.48 -70.76 -37.35
N ARG AA 732 -17.59 -71.26 -37.90
CA ARG AA 732 -18.63 -71.84 -37.06
C ARG AA 732 -18.12 -73.07 -36.33
N ASP AA 733 -17.36 -73.92 -37.03
CA ASP AA 733 -16.82 -75.13 -36.39
C ASP AA 733 -15.90 -74.77 -35.24
N CYS AA 734 -14.96 -73.85 -35.46
CA CYS AA 734 -14.02 -73.46 -34.42
C CYS AA 734 -14.74 -72.79 -33.26
N GLU AA 735 -15.73 -71.95 -33.56
CA GLU AA 735 -16.50 -71.29 -32.50
C GLU AA 735 -17.23 -72.32 -31.65
N ARG AA 736 -17.84 -73.32 -32.27
CA ARG AA 736 -18.53 -74.36 -31.51
C ARG AA 736 -17.56 -75.17 -30.66
N VAL AA 737 -16.39 -75.49 -31.21
CA VAL AA 737 -15.38 -76.23 -30.45
C VAL AA 737 -14.95 -75.43 -29.23
N LEU AA 738 -14.67 -74.15 -29.41
CA LEU AA 738 -14.22 -73.31 -28.30
C LEU AA 738 -15.34 -73.12 -27.29
N TYR AA 739 -16.59 -73.04 -27.76
CA TYR AA 739 -17.74 -72.95 -26.86
C TYR AA 739 -17.82 -74.18 -25.96
N PHE AA 740 -17.68 -75.37 -26.55
CA PHE AA 740 -17.71 -76.58 -25.75
C PHE AA 740 -16.52 -76.63 -24.79
N GLN AA 741 -15.35 -76.18 -25.24
CA GLN AA 741 -14.17 -76.16 -24.37
C GLN AA 741 -14.38 -75.24 -23.17
N VAL AA 742 -14.94 -74.06 -23.41
CA VAL AA 742 -15.21 -73.12 -22.32
C VAL AA 742 -16.26 -73.69 -21.38
N LYS AA 743 -17.27 -74.36 -21.93
CA LYS AA 743 -18.28 -75.02 -21.10
C LYS AA 743 -17.64 -76.04 -20.17
N ASN AA 744 -16.76 -76.88 -20.72
CA ASN AA 744 -16.10 -77.89 -19.89
C ASN AA 744 -15.21 -77.24 -18.84
N SER AA 745 -14.48 -76.19 -19.22
CA SER AA 745 -13.61 -75.51 -18.26
C SER AA 745 -14.42 -74.91 -17.11
N PHE AA 746 -15.55 -74.26 -17.42
CA PHE AA 746 -16.39 -73.69 -16.38
C PHE AA 746 -16.97 -74.78 -15.49
N THR AA 747 -17.42 -75.89 -16.09
CA THR AA 747 -17.95 -76.99 -15.30
C THR AA 747 -16.90 -77.54 -14.34
N LYS AA 748 -15.67 -77.71 -14.84
CA LYS AA 748 -14.57 -78.15 -13.98
C LYS AA 748 -14.32 -77.15 -12.87
N LYS AA 749 -14.42 -75.86 -13.19
CA LYS AA 749 -14.19 -74.82 -12.19
C LYS AA 749 -15.21 -74.88 -11.06
N ILE AA 750 -16.48 -75.10 -11.39
CA ILE AA 750 -17.55 -74.99 -10.40
C ILE AA 750 -17.96 -76.34 -9.84
N ASP AA 751 -17.24 -77.41 -10.16
CA ASP AA 751 -17.58 -78.75 -9.68
C ASP AA 751 -16.67 -79.09 -8.52
N GLN AA 752 -17.14 -78.80 -7.31
CA GLN AA 752 -16.40 -79.15 -6.10
C GLN AA 752 -17.35 -79.12 -4.92
N ALA AA 753 -17.48 -80.26 -4.24
CA ALA AA 753 -18.30 -80.33 -3.04
C ALA AA 753 -17.61 -79.60 -1.89
N PRO AA 754 -18.37 -79.17 -0.88
CA PRO AA 754 -17.76 -78.52 0.27
C PRO AA 754 -16.76 -79.43 0.97
N TYR AA 755 -15.80 -78.80 1.64
CA TYR AA 755 -14.77 -79.55 2.34
C TYR AA 755 -15.38 -80.48 3.37
N GLN AA 756 -14.94 -81.74 3.37
CA GLN AA 756 -15.48 -82.75 4.26
C GLN AA 756 -14.59 -82.90 5.47
N PRO AA 757 -15.03 -82.51 6.66
CA PRO AA 757 -14.22 -82.76 7.86
C PRO AA 757 -14.13 -84.25 8.14
N PRO AA 758 -13.05 -84.70 8.78
CA PRO AA 758 -12.91 -86.14 9.07
C PRO AA 758 -13.95 -86.61 10.06
N THR AA 759 -14.23 -87.91 10.00
CA THR AA 759 -15.27 -88.56 10.81
C THR AA 759 -16.64 -87.97 10.53
N TYR AA 760 -16.89 -87.55 9.29
CA TYR AA 760 -18.20 -87.07 8.88
C TYR AA 760 -18.47 -87.49 7.45
N ALA AA 761 -19.75 -87.64 7.12
CA ALA AA 761 -20.14 -88.02 5.77
C ALA AA 761 -19.97 -86.85 4.81
N LYS AA 762 -19.84 -87.19 3.53
CA LYS AA 762 -19.69 -86.17 2.50
C LYS AA 762 -20.95 -85.32 2.40
N GLY AA 763 -20.76 -84.03 2.16
CA GLY AA 763 -21.85 -83.09 2.07
C GLY AA 763 -22.16 -82.34 3.36
N THR AA 764 -21.50 -82.69 4.45
CA THR AA 764 -21.72 -82.00 5.71
C THR AA 764 -21.02 -80.64 5.70
N ILE AA 765 -21.75 -79.60 6.10
CA ILE AA 765 -21.21 -78.24 6.13
C ILE AA 765 -20.31 -78.09 7.35
N PRO AA 766 -19.03 -77.76 7.18
CA PRO AA 766 -18.14 -77.60 8.33
C PRO AA 766 -18.09 -76.18 8.86
N ARG AA 767 -17.82 -76.09 10.16
CA ARG AA 767 -17.56 -74.79 10.79
C ARG AA 767 -16.17 -74.32 10.40
N VAL AA 768 -16.06 -73.07 9.95
CA VAL AA 768 -14.85 -72.58 9.32
C VAL AA 768 -14.40 -71.29 10.00
N LEU AA 769 -13.09 -71.07 10.00
CA LEU AA 769 -12.47 -69.86 10.54
C LEU AA 769 -11.50 -69.32 9.50
N THR AA 770 -11.63 -68.04 9.17
CA THR AA 770 -10.78 -67.40 8.18
C THR AA 770 -9.92 -66.33 8.84
N LEU AA 771 -8.63 -66.36 8.55
CA LEU AA 771 -7.67 -65.39 9.06
C LEU AA 771 -6.94 -64.76 7.88
N SER AA 772 -6.87 -63.43 7.87
CA SER AA 772 -6.27 -62.71 6.76
C SER AA 772 -5.81 -61.34 7.23
N PHE AA 773 -4.79 -60.82 6.55
CA PHE AA 773 -4.29 -59.48 6.81
C PHE AA 773 -4.13 -58.66 5.53
N GLY AA 774 -4.29 -59.29 4.37
CA GLY AA 774 -4.24 -58.58 3.10
C GLY AA 774 -2.86 -58.45 2.48
N GLU AA 775 -2.02 -57.58 3.02
CA GLU AA 775 -0.80 -57.19 2.33
C GLU AA 775 0.48 -57.48 3.11
N GLY AA 776 0.51 -57.19 4.41
CA GLY AA 776 1.69 -57.46 5.21
C GLY AA 776 2.68 -56.32 5.34
N ASN AA 777 2.32 -55.13 4.90
CA ASN AA 777 3.17 -53.97 5.12
C ASN AA 777 3.19 -53.64 6.61
N ARG AA 778 4.18 -52.83 7.01
CA ARG AA 778 4.26 -52.40 8.40
C ARG AA 778 3.01 -51.59 8.75
N GLY AA 779 2.14 -52.19 9.56
CA GLY AA 779 0.84 -51.60 9.86
C GLY AA 779 -0.30 -52.42 9.31
N ASP AA 780 -0.10 -53.73 9.19
CA ASP AA 780 -1.11 -54.64 8.64
C ASP AA 780 -1.51 -55.64 9.72
N ALA AA 781 -2.61 -55.34 10.42
CA ALA AA 781 -3.13 -56.24 11.43
C ALA AA 781 -3.82 -57.43 10.77
N VAL AA 782 -3.90 -58.54 11.51
CA VAL AA 782 -4.50 -59.77 11.03
C VAL AA 782 -5.94 -59.82 11.52
N LEU AA 783 -6.88 -60.01 10.59
CA LEU AA 783 -8.30 -60.08 10.91
C LEU AA 783 -8.76 -61.53 10.92
N GLY AA 784 -9.61 -61.85 11.88
CA GLY AA 784 -10.16 -63.19 11.99
C GLY AA 784 -11.68 -63.17 12.02
N VAL AA 785 -12.27 -64.02 11.19
CA VAL AA 785 -13.73 -64.14 11.08
C VAL AA 785 -14.08 -65.62 11.17
N PHE AA 786 -15.01 -65.96 12.07
CA PHE AA 786 -15.44 -67.33 12.26
C PHE AA 786 -16.91 -67.45 11.88
N MET AA 787 -17.24 -68.50 11.13
CA MET AA 787 -18.61 -68.80 10.77
C MET AA 787 -18.90 -70.26 11.10
N ASP AA 788 -20.10 -70.51 11.60
CA ASP AA 788 -20.51 -71.85 11.98
C ASP AA 788 -21.06 -72.60 10.77
N ASP AA 789 -21.56 -73.81 10.99
CA ASP AA 789 -22.17 -74.57 9.89
C ASP AA 789 -23.47 -73.92 9.42
N SER AA 790 -24.10 -73.11 10.26
CA SER AA 790 -25.34 -72.45 9.88
C SER AA 790 -25.13 -71.38 8.81
N GLY AA 791 -23.89 -70.97 8.58
CA GLY AA 791 -23.63 -69.93 7.61
C GLY AA 791 -23.83 -68.52 8.12
N ASP AA 792 -23.97 -68.33 9.43
CA ASP AA 792 -24.13 -67.02 10.03
C ASP AA 792 -22.88 -66.66 10.82
N VAL AA 793 -22.46 -65.40 10.70
CA VAL AA 793 -21.25 -64.95 11.39
C VAL AA 793 -21.47 -65.03 12.89
N LYS AA 794 -20.49 -65.61 13.59
CA LYS AA 794 -20.58 -65.78 15.03
C LYS AA 794 -19.74 -64.77 15.80
N SER AA 795 -18.51 -64.51 15.38
CA SER AA 795 -17.64 -63.58 16.08
C SER AA 795 -16.49 -63.17 15.17
N GLN AA 796 -16.10 -61.91 15.24
CA GLN AA 796 -14.95 -61.38 14.52
C GLN AA 796 -13.98 -60.77 15.51
N ILE AA 797 -12.69 -61.02 15.31
CA ILE AA 797 -11.65 -60.60 16.25
C ILE AA 797 -10.54 -59.89 15.49
N LYS AA 798 -9.86 -58.97 16.18
CA LYS AA 798 -8.72 -58.27 15.65
C LYS AA 798 -7.47 -58.66 16.42
N PHE AA 799 -6.39 -58.92 15.69
CA PHE AA 799 -5.07 -59.15 16.28
C PHE AA 799 -4.20 -57.95 15.93
N ASP AA 800 -3.97 -57.08 16.89
CA ASP AA 800 -3.26 -55.82 16.66
C ASP AA 800 -1.78 -55.90 16.97
N GLU AA 801 -1.27 -57.03 17.43
CA GLU AA 801 0.15 -57.22 17.63
C GLU AA 801 0.80 -57.80 16.38
N ASP AA 802 2.13 -57.81 16.38
CA ASP AA 802 2.87 -58.40 15.27
C ASP AA 802 2.64 -59.91 15.22
N PHE AA 803 2.45 -60.43 14.00
CA PHE AA 803 2.15 -61.84 13.82
C PHE AA 803 3.31 -62.75 14.15
N GLN AA 804 4.53 -62.21 14.26
CA GLN AA 804 5.69 -63.01 14.64
C GLN AA 804 5.96 -63.00 16.14
N SER AA 805 5.20 -62.22 16.91
CA SER AA 805 5.39 -62.13 18.34
C SER AA 805 4.74 -63.32 19.05
N ARG AA 806 5.23 -63.60 20.26
CA ARG AA 806 4.60 -64.62 21.10
C ARG AA 806 3.18 -64.22 21.48
N ASP AA 807 2.94 -62.90 21.59
CA ASP AA 807 1.60 -62.42 21.97
C ASP AA 807 0.56 -62.81 20.93
N PHE AA 808 0.91 -62.71 19.65
CA PHE AA 808 0.00 -63.11 18.58
C PHE AA 808 -0.40 -64.57 18.70
N SER AA 809 0.59 -65.44 18.89
CA SER AA 809 0.32 -66.87 19.00
C SER AA 809 -0.53 -67.17 20.23
N ASP AA 810 -0.20 -66.53 21.35
CA ASP AA 810 -0.96 -66.77 22.59
C ASP AA 810 -2.40 -66.31 22.44
N SER AA 811 -2.61 -65.13 21.84
CA SER AA 811 -3.96 -64.63 21.65
C SER AA 811 -4.75 -65.52 20.70
N LEU AA 812 -4.11 -65.98 19.63
CA LEU AA 812 -4.79 -66.89 18.70
C LEU AA 812 -5.16 -68.20 19.37
N THR AA 813 -4.25 -68.74 20.19
CA THR AA 813 -4.56 -69.98 20.91
C THR AA 813 -5.71 -69.77 21.88
N ARG AA 814 -5.73 -68.64 22.59
CA ARG AA 814 -6.82 -68.36 23.50
C ARG AA 814 -8.14 -68.24 22.76
N TYR AA 815 -8.14 -67.53 21.63
CA TYR AA 815 -9.35 -67.40 20.83
C TYR AA 815 -9.83 -68.77 20.34
N ILE AA 816 -8.90 -69.62 19.91
CA ILE AA 816 -9.27 -70.92 19.37
C ILE AA 816 -9.86 -71.81 20.46
N LYS AA 817 -9.22 -71.85 21.63
CA LYS AA 817 -9.60 -72.84 22.64
C LYS AA 817 -10.66 -72.33 23.60
N SER AA 818 -10.40 -71.20 24.26
CA SER AA 818 -11.22 -70.78 25.39
C SER AA 818 -12.66 -70.52 24.99
N ASN AA 819 -12.87 -69.87 23.85
CA ASN AA 819 -14.21 -69.45 23.44
C ASN AA 819 -15.04 -70.58 22.84
N ASN AA 820 -14.57 -71.83 22.92
CA ASN AA 820 -15.29 -73.00 22.42
C ASN AA 820 -15.64 -72.87 20.94
N ILE AA 821 -14.85 -72.10 20.19
CA ILE AA 821 -15.15 -71.90 18.77
C ILE AA 821 -15.02 -73.21 18.00
N ASN AA 822 -13.90 -73.89 18.17
CA ASN AA 822 -13.65 -75.20 17.56
C ASN AA 822 -13.95 -75.23 16.06
N PRO AA 823 -13.23 -74.45 15.25
CA PRO AA 823 -13.47 -74.48 13.81
C PRO AA 823 -12.94 -75.76 13.18
N ASP AA 824 -13.68 -76.28 12.20
CA ASP AA 824 -13.29 -77.54 11.57
C ASP AA 824 -12.12 -77.38 10.60
N ILE AA 825 -12.03 -76.24 9.92
CA ILE AA 825 -10.93 -75.97 9.01
C ILE AA 825 -10.63 -74.48 9.04
N ILE AA 826 -9.36 -74.14 8.89
CA ILE AA 826 -8.89 -72.75 8.94
C ILE AA 826 -8.37 -72.39 7.56
N GLY AA 827 -8.86 -71.28 7.01
CA GLY AA 827 -8.48 -70.81 5.69
C GLY AA 827 -7.62 -69.57 5.79
N ILE AA 828 -6.58 -69.51 4.98
CA ILE AA 828 -5.65 -68.39 4.94
C ILE AA 828 -5.48 -67.95 3.50
N SER AA 829 -5.58 -66.64 3.26
CA SER AA 829 -5.43 -66.09 1.92
C SER AA 829 -4.98 -64.64 2.04
N GLY AA 830 -4.45 -64.13 0.93
CA GLY AA 830 -3.94 -62.77 0.90
C GLY AA 830 -3.76 -62.30 -0.52
N PHE AA 831 -3.04 -61.18 -0.66
CA PHE AA 831 -2.82 -60.58 -1.97
C PHE AA 831 -1.38 -60.72 -2.46
N ASN AA 832 -0.45 -61.14 -1.59
CA ASN AA 832 0.95 -61.22 -1.98
C ASN AA 832 1.61 -62.38 -1.23
N ILE AA 833 2.93 -62.48 -1.38
CA ILE AA 833 3.68 -63.59 -0.80
C ILE AA 833 3.83 -63.44 0.71
N HIS AA 834 3.54 -62.27 1.28
CA HIS AA 834 3.63 -62.10 2.73
C HIS AA 834 2.68 -63.05 3.46
N THR AA 835 1.59 -63.44 2.79
CA THR AA 835 0.63 -64.36 3.41
C THR AA 835 1.24 -65.74 3.63
N LYS AA 836 2.27 -66.08 2.85
CA LYS AA 836 2.91 -67.39 3.00
C LYS AA 836 3.52 -67.54 4.39
N LYS AA 837 4.17 -66.47 4.88
CA LYS AA 837 4.77 -66.52 6.20
C LYS AA 837 3.70 -66.69 7.28
N LEU AA 838 2.57 -66.01 7.11
CA LEU AA 838 1.46 -66.21 8.05
C LEU AA 838 0.98 -67.65 8.02
N PHE AA 839 0.86 -68.22 6.82
CA PHE AA 839 0.42 -69.60 6.70
C PHE AA 839 1.38 -70.55 7.40
N ASP AA 840 2.68 -70.33 7.20
CA ASP AA 840 3.69 -71.17 7.86
C ASP AA 840 3.63 -71.02 9.37
N LYS AA 841 3.47 -69.79 9.85
CA LYS AA 841 3.40 -69.54 11.29
C LYS AA 841 2.17 -70.22 11.90
N VAL AA 842 1.04 -70.13 11.20
CA VAL AA 842 -0.19 -70.76 11.67
C VAL AA 842 -0.04 -72.27 11.69
N ASN AA 843 0.57 -72.83 10.66
CA ASN AA 843 0.78 -74.28 10.62
C ASN AA 843 1.68 -74.74 11.75
N GLU AA 844 2.75 -73.98 12.01
CA GLU AA 844 3.62 -74.29 13.13
C GLU AA 844 2.87 -74.21 14.46
N LEU AA 845 2.02 -73.20 14.62
CA LEU AA 845 1.24 -73.06 15.84
C LEU AA 845 0.31 -74.26 16.03
N VAL AA 846 -0.34 -74.68 14.95
CA VAL AA 846 -1.24 -75.83 15.02
C VAL AA 846 -0.48 -77.09 15.38
N ASN AA 847 0.68 -77.29 14.74
CA ASN AA 847 1.51 -78.45 15.04
C ASN AA 847 2.06 -78.42 16.46
N GLU AA 848 2.22 -77.23 17.04
CA GLU AA 848 2.79 -77.10 18.37
C GLU AA 848 1.77 -77.27 19.48
N GLU AA 849 0.59 -76.64 19.34
CA GLU AA 849 -0.41 -76.67 20.41
C GLU AA 849 -1.39 -77.83 20.29
N ARG AA 850 -1.25 -78.67 19.25
CA ARG AA 850 -2.08 -79.87 19.10
C ARG AA 850 -3.57 -79.52 19.13
N LEU AA 851 -3.95 -78.47 18.40
CA LEU AA 851 -5.31 -77.97 18.40
C LEU AA 851 -6.20 -78.92 17.60
N THR AA 852 -6.56 -80.03 18.25
CA THR AA 852 -7.40 -81.03 17.61
C THR AA 852 -8.86 -80.56 17.57
N ILE AA 853 -9.58 -81.02 16.55
CA ILE AA 853 -10.99 -80.65 16.40
C ILE AA 853 -11.83 -81.32 17.48
N GLU AA 854 -12.78 -80.56 18.03
CA GLU AA 854 -13.72 -81.12 18.98
C GLU AA 854 -14.74 -81.99 18.25
N TYR AA 855 -14.89 -83.23 18.72
CA TYR AA 855 -15.81 -84.19 18.12
C TYR AA 855 -16.91 -84.51 19.12
N ASP AA 856 -18.16 -84.32 18.70
CA ASP AA 856 -19.30 -84.54 19.59
C ASP AA 856 -19.44 -86.01 19.94
N ASN AA 857 -19.73 -86.29 21.20
CA ASN AA 857 -19.86 -87.66 21.68
C ASN AA 857 -21.28 -88.18 21.47
N SER AA 869 -8.94 -93.20 20.62
CA SER AA 869 -9.50 -91.95 20.12
C SER AA 869 -8.39 -91.01 19.63
N ASP AA 870 -7.96 -91.20 18.39
CA ASP AA 870 -6.93 -90.36 17.78
C ASP AA 870 -7.60 -89.11 17.22
N LYS AA 871 -7.65 -88.06 18.04
CA LYS AA 871 -8.23 -86.80 17.61
C LYS AA 871 -7.38 -86.19 16.50
N HIS AA 872 -8.05 -85.70 15.45
CA HIS AA 872 -7.36 -85.17 14.28
C HIS AA 872 -7.18 -83.66 14.40
N LEU AA 873 -6.08 -83.18 13.81
CA LEU AA 873 -5.76 -81.75 13.87
C LEU AA 873 -6.65 -80.97 12.91
N ILE AA 874 -6.82 -79.68 13.22
CA ILE AA 874 -7.62 -78.80 12.38
C ILE AA 874 -6.79 -78.38 11.17
N ARG AA 875 -7.32 -78.61 9.98
CA ARG AA 875 -6.58 -78.39 8.74
C ARG AA 875 -6.44 -76.89 8.44
N VAL AA 876 -5.29 -76.52 7.88
CA VAL AA 876 -5.01 -75.15 7.46
C VAL AA 876 -4.56 -75.18 6.01
N ILE AA 877 -5.32 -74.53 5.14
CA ILE AA 877 -5.05 -74.54 3.70
C ILE AA 877 -5.23 -73.15 3.14
N TYR AA 878 -4.69 -72.95 1.93
CA TYR AA 878 -4.98 -71.75 1.16
C TYR AA 878 -6.36 -71.84 0.53
N VAL AA 879 -6.93 -70.68 0.21
CA VAL AA 879 -8.29 -70.59 -0.33
C VAL AA 879 -8.26 -69.73 -1.58
N ASN AA 880 -8.88 -70.22 -2.65
CA ASN AA 880 -9.06 -69.40 -3.83
C ASN AA 880 -10.06 -68.28 -3.54
N ASP AA 881 -9.78 -67.08 -4.07
CA ASP AA 881 -10.47 -65.90 -3.57
C ASP AA 881 -10.94 -64.96 -4.66
N GLU AA 882 -11.25 -65.46 -5.85
CA GLU AA 882 -11.89 -64.60 -6.85
C GLU AA 882 -13.24 -64.12 -6.36
N THR AA 883 -14.06 -65.06 -5.87
CA THR AA 883 -15.38 -64.70 -5.34
C THR AA 883 -15.24 -63.81 -4.11
N ALA AA 884 -14.24 -64.07 -3.27
CA ALA AA 884 -14.03 -63.21 -2.10
C ALA AA 884 -13.64 -61.80 -2.51
N ARG AA 885 -12.73 -61.68 -3.49
CA ARG AA 885 -12.33 -60.36 -3.96
C ARG AA 885 -13.51 -59.60 -4.54
N LEU AA 886 -14.35 -60.29 -5.31
CA LEU AA 886 -15.52 -59.63 -5.87
C LEU AA 886 -16.57 -59.31 -4.81
N TYR AA 887 -16.63 -60.12 -3.75
CA TYR AA 887 -17.62 -59.91 -2.69
C TYR AA 887 -17.23 -58.74 -1.80
N GLN AA 888 -15.93 -58.52 -1.60
CA GLN AA 888 -15.49 -57.41 -0.77
C GLN AA 888 -15.82 -56.06 -1.39
N HIS AA 889 -16.10 -56.03 -2.70
CA HIS AA 889 -16.48 -54.81 -3.39
C HIS AA 889 -17.96 -54.73 -3.70
N SER AA 890 -18.70 -55.84 -3.58
CA SER AA 890 -20.12 -55.83 -3.91
C SER AA 890 -20.93 -55.10 -2.85
N SER AA 891 -21.92 -54.34 -3.29
CA SER AA 891 -22.80 -53.64 -2.36
C SER AA 891 -23.71 -54.59 -1.60
N LYS AA 892 -23.83 -55.84 -2.07
CA LYS AA 892 -24.61 -56.84 -1.33
C LYS AA 892 -24.02 -57.07 0.06
N SER AA 893 -22.69 -57.17 0.15
CA SER AA 893 -22.05 -57.28 1.45
C SER AA 893 -22.27 -56.05 2.30
N SER AA 894 -22.20 -54.86 1.68
CA SER AA 894 -22.40 -53.62 2.42
C SER AA 894 -23.80 -53.55 3.03
N ALA AA 895 -24.81 -53.93 2.25
CA ALA AA 895 -26.17 -54.01 2.79
C ALA AA 895 -26.27 -55.08 3.87
N GLU AA 896 -25.63 -56.23 3.65
CA GLU AA 896 -25.65 -57.30 4.63
C GLU AA 896 -24.88 -56.91 5.89
N TYR AA 897 -23.73 -56.27 5.73
CA TYR AA 897 -22.87 -55.89 6.84
C TYR AA 897 -22.52 -54.41 6.72
N PRO AA 898 -23.38 -53.53 7.25
CA PRO AA 898 -23.12 -52.08 7.11
C PRO AA 898 -22.05 -51.55 8.04
N ASN AA 899 -21.70 -52.26 9.10
CA ASN AA 899 -20.74 -51.78 10.09
C ASN AA 899 -19.54 -52.71 10.18
N ARG AA 900 -19.03 -53.15 9.04
CA ARG AA 900 -17.90 -54.07 9.02
C ARG AA 900 -16.84 -53.61 8.03
N PRO AA 901 -15.57 -53.89 8.32
CA PRO AA 901 -14.50 -53.49 7.40
C PRO AA 901 -14.50 -54.34 6.14
N GLN AA 902 -13.76 -53.85 5.14
CA GLN AA 902 -13.66 -54.58 3.88
C GLN AA 902 -12.95 -55.91 4.05
N LEU AA 903 -11.92 -55.95 4.90
CA LEU AA 903 -11.23 -57.22 5.15
C LEU AA 903 -12.15 -58.23 5.84
N ALA AA 904 -13.06 -57.76 6.69
CA ALA AA 904 -14.05 -58.65 7.27
C ALA AA 904 -14.95 -59.23 6.19
N LYS AA 905 -15.36 -58.41 5.22
CA LYS AA 905 -16.17 -58.90 4.11
C LYS AA 905 -15.39 -59.92 3.28
N TYR AA 906 -14.09 -59.68 3.08
CA TYR AA 906 -13.26 -60.62 2.34
C TYR AA 906 -13.16 -61.96 3.06
N CYS AA 907 -12.95 -61.92 4.37
CA CYS AA 907 -12.89 -63.16 5.15
C CYS AA 907 -14.22 -63.88 5.14
N ILE AA 908 -15.33 -63.14 5.22
CA ILE AA 908 -16.66 -63.74 5.16
C ILE AA 908 -16.86 -64.41 3.81
N GLY AA 909 -16.42 -63.76 2.73
CA GLY AA 909 -16.51 -64.37 1.42
C GLY AA 909 -15.70 -65.65 1.31
N LEU AA 910 -14.49 -65.64 1.87
CA LEU AA 910 -13.67 -66.85 1.88
C LEU AA 910 -14.37 -67.98 2.64
N ALA AA 911 -14.92 -67.66 3.81
CA ALA AA 911 -15.59 -68.67 4.62
C ALA AA 911 -16.81 -69.23 3.90
N LYS AA 912 -17.59 -68.36 3.24
CA LYS AA 912 -18.76 -68.82 2.51
C LYS AA 912 -18.36 -69.66 1.30
N TYR AA 913 -17.26 -69.30 0.65
CA TYR AA 913 -16.75 -70.12 -0.46
C TYR AA 913 -16.36 -71.51 0.03
N ILE AA 914 -15.70 -71.58 1.18
CA ILE AA 914 -15.35 -72.89 1.73
C ILE AA 914 -16.61 -73.68 2.07
N GLN AA 915 -17.59 -73.01 2.68
CA GLN AA 915 -18.84 -73.68 3.05
C GLN AA 915 -19.59 -74.17 1.81
N SER AA 916 -19.67 -73.34 0.78
CA SER AA 916 -20.43 -73.70 -0.42
C SER AA 916 -19.92 -72.92 -1.62
N PRO AA 917 -19.00 -73.51 -2.40
CA PRO AA 917 -18.50 -72.79 -3.58
C PRO AA 917 -19.57 -72.47 -4.61
N LEU AA 918 -20.57 -73.36 -4.77
CA LEU AA 918 -21.59 -73.15 -5.79
C LEU AA 918 -22.40 -71.89 -5.52
N LEU AA 919 -22.84 -71.69 -4.28
CA LEU AA 919 -23.65 -70.53 -3.95
C LEU AA 919 -22.85 -69.24 -4.11
N GLU AA 920 -21.57 -69.27 -3.75
CA GLU AA 920 -20.72 -68.10 -3.94
C GLU AA 920 -20.56 -67.78 -5.42
N TYR AA 921 -20.34 -68.80 -6.24
CA TYR AA 921 -20.25 -68.57 -7.68
C TYR AA 921 -21.57 -68.03 -8.23
N LEU AA 922 -22.69 -68.45 -7.66
CA LEU AA 922 -23.99 -67.90 -8.05
C LEU AA 922 -24.12 -66.44 -7.64
N ALA AA 923 -23.56 -66.08 -6.48
CA ALA AA 923 -23.69 -64.71 -5.98
C ALA AA 923 -23.02 -63.69 -6.88
N LEU AA 924 -22.12 -64.13 -7.77
CA LEU AA 924 -21.45 -63.20 -8.68
C LEU AA 924 -22.43 -62.55 -9.65
N ASP AA 925 -23.56 -63.20 -9.94
CA ASP AA 925 -24.57 -62.68 -10.86
C ASP AA 925 -23.95 -62.39 -12.22
N GLU AA 926 -23.66 -61.12 -12.49
CA GLU AA 926 -23.09 -60.72 -13.78
C GLU AA 926 -21.56 -60.75 -13.77
N SER AA 927 -20.94 -60.51 -12.62
CA SER AA 927 -19.48 -60.48 -12.56
C SER AA 927 -18.85 -61.86 -12.73
N MET AA 928 -19.66 -62.93 -12.68
CA MET AA 928 -19.11 -64.25 -12.92
C MET AA 928 -18.58 -64.38 -14.35
N TYR AA 929 -19.16 -63.64 -15.29
CA TYR AA 929 -18.70 -63.68 -16.67
C TYR AA 929 -17.32 -63.08 -16.86
N SER AA 930 -16.85 -62.28 -15.91
CA SER AA 930 -15.52 -61.67 -15.98
C SER AA 930 -14.45 -62.53 -15.34
N LEU AA 931 -14.81 -63.67 -14.76
CA LEU AA 931 -13.82 -64.57 -14.20
C LEU AA 931 -12.96 -65.17 -15.31
N HIS AA 932 -11.71 -65.46 -14.97
CA HIS AA 932 -10.81 -66.11 -15.93
C HIS AA 932 -11.19 -67.59 -16.00
N ILE AA 933 -12.00 -67.93 -16.99
CA ILE AA 933 -12.50 -69.29 -17.16
C ILE AA 933 -11.62 -70.09 -18.13
N HIS AA 934 -11.35 -69.53 -19.30
CA HIS AA 934 -10.54 -70.19 -20.30
C HIS AA 934 -9.53 -69.20 -20.86
N LYS AA 935 -8.43 -69.75 -21.39
CA LYS AA 935 -7.36 -68.90 -21.91
C LYS AA 935 -7.85 -68.00 -23.02
N HIS AA 936 -8.68 -68.53 -23.92
CA HIS AA 936 -9.24 -67.78 -25.03
C HIS AA 936 -10.72 -67.51 -24.82
N GLN AA 937 -11.12 -67.26 -23.57
CA GLN AA 937 -12.52 -67.02 -23.25
C GLN AA 937 -13.05 -65.77 -23.96
N ASN AA 938 -12.18 -64.79 -24.23
CA ASN AA 938 -12.60 -63.55 -24.86
C ASN AA 938 -12.76 -63.68 -26.37
N LEU AA 939 -12.26 -64.76 -26.97
CA LEU AA 939 -12.42 -64.95 -28.41
C LEU AA 939 -13.87 -65.23 -28.78
N LEU AA 940 -14.59 -65.95 -27.93
CA LEU AA 940 -15.99 -66.22 -28.19
C LEU AA 940 -16.83 -64.95 -28.05
N PRO AA 941 -17.92 -64.85 -28.80
CA PRO AA 941 -18.85 -63.73 -28.59
C PRO AA 941 -19.46 -63.79 -27.21
N ARG AA 942 -19.88 -62.62 -26.72
CA ARG AA 942 -20.42 -62.52 -25.36
C ARG AA 942 -21.65 -63.40 -25.19
N GLU AA 943 -22.53 -63.44 -26.20
CA GLU AA 943 -23.73 -64.27 -26.10
C GLU AA 943 -23.38 -65.75 -25.99
N LYS AA 944 -22.39 -66.20 -26.77
CA LYS AA 944 -22.01 -67.61 -26.71
C LYS AA 944 -21.38 -67.97 -25.37
N LEU AA 945 -20.51 -67.10 -24.85
CA LEU AA 945 -19.90 -67.37 -23.54
C LEU AA 945 -20.97 -67.38 -22.44
N ILE AA 946 -21.91 -66.43 -22.51
CA ILE AA 946 -23.00 -66.38 -21.52
C ILE AA 946 -23.83 -67.66 -21.59
N ASP AA 947 -24.14 -68.11 -22.81
CA ASP AA 947 -24.91 -69.33 -22.96
C ASP AA 947 -24.16 -70.53 -22.42
N ALA AA 948 -22.85 -70.61 -22.67
CA ALA AA 948 -22.05 -71.70 -22.14
C ALA AA 948 -22.05 -71.71 -20.62
N VAL AA 949 -21.90 -70.54 -20.01
CA VAL AA 949 -21.93 -70.43 -18.56
C VAL AA 949 -23.29 -70.86 -18.02
N GLN AA 950 -24.36 -70.42 -18.68
CA GLN AA 950 -25.70 -70.79 -18.24
C GLN AA 950 -25.91 -72.30 -18.32
N THR AA 951 -25.46 -72.91 -19.42
CA THR AA 951 -25.61 -74.36 -19.55
C THR AA 951 -24.82 -75.11 -18.49
N SER AA 952 -23.57 -74.69 -18.24
CA SER AA 952 -22.75 -75.35 -17.23
C SER AA 952 -23.38 -75.25 -15.85
N ILE AA 953 -23.84 -74.04 -15.49
CA ILE AA 953 -24.38 -73.84 -14.14
C ILE AA 953 -25.72 -74.58 -13.98
N VAL AA 954 -26.53 -74.61 -15.04
CA VAL AA 954 -27.79 -75.37 -14.98
C VAL AA 954 -27.50 -76.84 -14.79
N ASP AA 955 -26.54 -77.38 -15.55
CA ASP AA 955 -26.17 -78.77 -15.42
C ASP AA 955 -25.71 -79.08 -13.99
N ILE AA 956 -24.84 -78.24 -13.45
CA ILE AA 956 -24.28 -78.50 -12.12
C ILE AA 956 -25.37 -78.43 -11.05
N VAL AA 957 -26.20 -77.37 -11.10
CA VAL AA 957 -27.23 -77.20 -10.08
C VAL AA 957 -28.28 -78.29 -10.16
N ASN AA 958 -28.57 -78.79 -11.37
CA ASN AA 958 -29.51 -79.89 -11.48
C ASN AA 958 -28.90 -81.19 -11.01
N LEU AA 959 -27.59 -81.37 -11.19
CA LEU AA 959 -26.90 -82.51 -10.60
C LEU AA 959 -26.91 -82.43 -9.08
N VAL AA 960 -26.96 -81.22 -8.54
CA VAL AA 960 -26.92 -81.05 -7.08
C VAL AA 960 -28.31 -81.20 -6.49
N GLY AA 961 -29.25 -80.37 -6.90
CA GLY AA 961 -30.57 -80.35 -6.33
C GLY AA 961 -30.76 -79.20 -5.35
N VAL AA 962 -31.98 -78.67 -5.31
CA VAL AA 962 -32.29 -77.47 -4.54
C VAL AA 962 -33.46 -77.76 -3.61
N ASP AA 963 -33.31 -77.36 -2.33
CA ASP AA 963 -34.37 -77.50 -1.36
C ASP AA 963 -35.31 -76.30 -1.47
N ILE AA 964 -36.59 -76.57 -1.73
CA ILE AA 964 -37.56 -75.49 -1.90
C ILE AA 964 -37.80 -74.77 -0.58
N ASN AA 965 -37.91 -75.53 0.53
CA ASN AA 965 -38.22 -74.92 1.81
C ASN AA 965 -37.09 -73.99 2.26
N GLU AA 966 -35.84 -74.44 2.13
CA GLU AA 966 -34.72 -73.59 2.50
C GLU AA 966 -34.60 -72.40 1.56
N ALA AA 967 -34.89 -72.59 0.28
CA ALA AA 967 -34.87 -71.48 -0.67
C ALA AA 967 -35.89 -70.41 -0.27
N VAL AA 968 -37.08 -70.82 0.14
CA VAL AA 968 -38.07 -69.87 0.64
C VAL AA 968 -37.58 -69.21 1.92
N ARG AA 969 -36.97 -70.00 2.81
CA ARG AA 969 -36.50 -69.47 4.08
C ARG AA 969 -35.41 -68.43 3.90
N ALA AA 970 -34.48 -68.67 2.97
CA ALA AA 970 -33.35 -67.78 2.76
C ALA AA 970 -33.14 -67.53 1.28
N PRO AA 971 -33.13 -66.27 0.85
CA PRO AA 971 -32.86 -65.98 -0.58
C PRO AA 971 -31.49 -66.45 -1.04
N TYR AA 972 -30.50 -66.47 -0.14
CA TYR AA 972 -29.16 -66.92 -0.50
C TYR AA 972 -29.18 -68.33 -1.06
N HIS AA 973 -29.93 -69.23 -0.41
CA HIS AA 973 -30.14 -70.55 -0.95
C HIS AA 973 -31.11 -70.55 -2.13
N ALA AA 974 -31.90 -69.47 -2.28
CA ALA AA 974 -32.83 -69.36 -3.39
C ALA AA 974 -32.18 -68.86 -4.67
N LEU AA 975 -30.92 -68.42 -4.62
CA LEU AA 975 -30.21 -68.06 -5.85
C LEU AA 975 -30.19 -69.20 -6.85
N ALA AA 976 -30.19 -70.45 -6.37
CA ALA AA 976 -30.10 -71.59 -7.26
C ALA AA 976 -31.43 -71.98 -7.89
N LEU AA 977 -32.54 -71.39 -7.42
CA LEU AA 977 -33.85 -71.76 -7.95
C LEU AA 977 -34.01 -71.49 -9.45
N PRO AA 978 -33.64 -70.32 -9.98
CA PRO AA 978 -33.87 -70.07 -11.42
C PRO AA 978 -33.11 -71.02 -12.35
N TYR AA 979 -32.02 -71.62 -11.91
CA TYR AA 979 -31.18 -72.43 -12.79
C TYR AA 979 -31.66 -73.88 -12.89
N VAL AA 980 -32.72 -74.25 -12.17
CA VAL AA 980 -33.26 -75.60 -12.29
C VAL AA 980 -33.91 -75.75 -13.67
N CYS AA 981 -33.87 -76.98 -14.20
CA CYS AA 981 -34.48 -77.24 -15.50
C CYS AA 981 -35.98 -77.00 -15.45
N GLY AA 982 -36.51 -76.49 -16.56
CA GLY AA 982 -37.93 -76.16 -16.62
C GLY AA 982 -38.23 -74.81 -16.01
N LEU AA 983 -37.52 -74.48 -14.93
CA LEU AA 983 -37.71 -73.21 -14.24
C LEU AA 983 -36.96 -72.10 -14.97
N GLY AA 984 -36.91 -70.94 -14.33
CA GLY AA 984 -36.22 -69.77 -14.85
C GLY AA 984 -36.38 -68.62 -13.89
N PRO AA 985 -35.67 -67.51 -14.13
CA PRO AA 985 -35.74 -66.37 -13.20
C PRO AA 985 -37.16 -65.92 -12.91
N ARG AA 986 -37.90 -65.61 -13.98
CA ARG AA 986 -39.29 -65.21 -13.81
C ARG AA 986 -40.11 -66.34 -13.18
N LYS AA 987 -39.92 -67.56 -13.70
CA LYS AA 987 -40.69 -68.70 -13.19
C LYS AA 987 -40.34 -69.00 -11.75
N ALA AA 988 -39.04 -68.96 -11.41
CA ALA AA 988 -38.65 -69.21 -10.02
C ALA AA 988 -39.20 -68.14 -9.08
N ALA AA 989 -39.17 -66.88 -9.51
CA ALA AA 989 -39.72 -65.81 -8.69
C ALA AA 989 -41.21 -66.02 -8.45
N GLY AA 990 -41.96 -66.32 -9.51
CA GLY AA 990 -43.38 -66.57 -9.33
C GLY AA 990 -43.66 -67.77 -8.46
N LEU AA 991 -42.87 -68.83 -8.63
CA LEU AA 991 -43.06 -70.04 -7.81
C LEU AA 991 -42.80 -69.75 -6.34
N ILE AA 992 -41.71 -69.04 -6.03
CA ILE AA 992 -41.40 -68.75 -4.64
C ILE AA 992 -42.43 -67.80 -4.04
N GLN AA 993 -42.92 -66.84 -4.84
CA GLN AA 993 -43.97 -65.95 -4.34
C GLN AA 993 -45.25 -66.72 -4.05
N SER AA 994 -45.63 -67.65 -4.93
CA SER AA 994 -46.82 -68.47 -4.68
C SER AA 994 -46.66 -69.34 -3.45
N ILE AA 995 -45.47 -69.94 -3.29
CA ILE AA 995 -45.22 -70.78 -2.11
C ILE AA 995 -45.32 -69.94 -0.84
N GLN AA 996 -44.72 -68.75 -0.85
CA GLN AA 996 -44.77 -67.88 0.32
C GLN AA 996 -46.21 -67.47 0.65
N ARG AA 997 -47.00 -67.15 -0.39
CA ARG AA 997 -48.39 -66.78 -0.16
C ARG AA 997 -49.19 -67.94 0.41
N ILE AA 998 -48.95 -69.16 -0.10
CA ILE AA 998 -49.71 -70.32 0.38
C ILE AA 998 -49.35 -70.63 1.83
N GLY AA 999 -48.07 -70.61 2.18
CA GLY AA 999 -47.68 -70.94 3.54
C GLY AA 999 -46.18 -70.85 3.71
N SER AA 1000 -45.72 -71.36 4.85
CA SER AA 1000 -44.30 -71.34 5.17
C SER AA 1000 -43.48 -72.37 4.41
N ASN AA 1001 -44.10 -73.49 4.01
CA ASN AA 1001 -43.36 -74.55 3.34
C ASN AA 1001 -44.31 -75.37 2.49
N LEU AA 1002 -43.73 -76.15 1.59
CA LEU AA 1002 -44.48 -77.08 0.75
C LEU AA 1002 -44.58 -78.43 1.43
N VAL AA 1003 -45.76 -79.05 1.35
CA VAL AA 1003 -45.99 -80.31 2.03
C VAL AA 1003 -45.37 -81.47 1.26
N ASN AA 1004 -45.72 -81.60 -0.03
CA ASN AA 1004 -45.20 -82.69 -0.84
C ASN AA 1004 -45.20 -82.26 -2.31
N ARG AA 1005 -44.51 -83.06 -3.12
CA ARG AA 1005 -44.31 -82.72 -4.53
C ARG AA 1005 -45.65 -82.66 -5.28
N ALA AA 1006 -46.60 -83.51 -4.91
CA ALA AA 1006 -47.90 -83.51 -5.58
C ALA AA 1006 -48.61 -82.18 -5.43
N HIS AA 1007 -48.35 -81.46 -4.33
CA HIS AA 1007 -48.98 -80.17 -4.11
C HIS AA 1007 -48.52 -79.13 -5.12
N LEU AA 1008 -47.36 -79.34 -5.76
CA LEU AA 1008 -46.95 -78.46 -6.84
C LEU AA 1008 -47.95 -78.48 -8.00
N ILE AA 1009 -48.68 -79.59 -8.14
CA ILE AA 1009 -49.73 -79.69 -9.14
C ILE AA 1009 -51.10 -79.37 -8.54
N THR AA 1010 -51.40 -79.94 -7.36
CA THR AA 1010 -52.72 -79.73 -6.77
C THR AA 1010 -52.98 -78.27 -6.41
N GLU AA 1011 -51.98 -77.59 -5.85
CA GLU AA 1011 -52.14 -76.20 -5.44
C GLU AA 1011 -52.02 -75.22 -6.60
N GLN AA 1012 -52.06 -75.70 -7.85
CA GLN AA 1012 -51.97 -74.85 -9.03
C GLN AA 1012 -50.67 -74.04 -9.06
N LEU AA 1013 -49.62 -74.63 -8.50
CA LEU AA 1013 -48.34 -73.92 -8.41
C LEU AA 1013 -47.58 -73.90 -9.73
N THR AA 1014 -47.90 -74.81 -10.65
CA THR AA 1014 -47.20 -74.89 -11.92
C THR AA 1014 -48.06 -75.63 -12.92
N SER AA 1015 -47.52 -75.78 -14.14
CA SER AA 1015 -48.17 -76.55 -15.18
C SER AA 1015 -47.65 -77.99 -15.17
N LYS AA 1016 -47.95 -78.76 -16.21
CA LYS AA 1016 -47.65 -80.19 -16.19
C LYS AA 1016 -46.22 -80.48 -16.66
N THR AA 1017 -45.84 -79.96 -17.83
CA THR AA 1017 -44.51 -80.26 -18.36
C THR AA 1017 -43.41 -79.68 -17.48
N VAL AA 1018 -43.62 -78.45 -16.97
CA VAL AA 1018 -42.65 -77.84 -16.08
C VAL AA 1018 -42.48 -78.68 -14.83
N PHE AA 1019 -43.60 -79.14 -14.25
CA PHE AA 1019 -43.53 -79.99 -13.07
C PHE AA 1019 -42.79 -81.29 -13.38
N LEU AA 1020 -43.09 -81.91 -14.52
CA LEU AA 1020 -42.43 -83.17 -14.87
C LEU AA 1020 -40.93 -82.98 -15.03
N ASN AA 1021 -40.51 -81.85 -15.62
CA ASN AA 1021 -39.09 -81.59 -15.78
C ASN AA 1021 -38.41 -81.33 -14.44
N MET AA 1022 -39.03 -80.51 -13.59
CA MET AA 1022 -38.41 -80.08 -12.34
C MET AA 1022 -38.74 -80.99 -11.15
N ALA AA 1023 -39.47 -82.09 -11.37
CA ALA AA 1023 -39.99 -82.86 -10.26
C ALA AA 1023 -38.88 -83.46 -9.40
N SER AA 1024 -37.94 -84.16 -10.03
CA SER AA 1024 -36.93 -84.89 -9.25
C SER AA 1024 -35.82 -83.98 -8.72
N PHE AA 1025 -35.66 -82.79 -9.29
CA PHE AA 1025 -34.58 -81.89 -8.90
C PHE AA 1025 -34.94 -80.99 -7.72
N VAL AA 1026 -36.19 -81.02 -7.26
CA VAL AA 1026 -36.62 -80.26 -6.10
C VAL AA 1026 -37.15 -81.25 -5.06
N TYR AA 1027 -36.85 -81.01 -3.79
CA TYR AA 1027 -37.13 -81.98 -2.75
C TYR AA 1027 -37.56 -81.28 -1.46
N ILE AA 1028 -38.15 -82.07 -0.57
CA ILE AA 1028 -38.50 -81.65 0.78
C ILE AA 1028 -37.81 -82.61 1.75
N VAL AA 1029 -37.16 -82.05 2.77
CA VAL AA 1029 -36.40 -82.85 3.72
C VAL AA 1029 -37.38 -83.64 4.60
N PHE AA 1030 -37.33 -84.97 4.49
CA PHE AA 1030 -38.16 -85.82 5.33
C PHE AA 1030 -37.60 -85.88 6.75
N ASP AA 1031 -38.51 -86.07 7.71
CA ASP AA 1031 -38.11 -86.13 9.11
C ASP AA 1031 -38.84 -87.28 9.79
N PRO AA 1032 -38.10 -88.26 10.36
CA PRO AA 1032 -38.76 -89.36 11.06
C PRO AA 1032 -39.57 -88.93 12.27
N ASP AA 1033 -39.31 -87.75 12.83
CA ASP AA 1033 -40.12 -87.28 13.95
C ASP AA 1033 -41.56 -87.03 13.52
N VAL AA 1034 -41.76 -86.48 12.32
CA VAL AA 1034 -43.10 -86.25 11.80
C VAL AA 1034 -43.67 -87.50 11.14
N GLU AA 1035 -42.85 -88.53 10.94
CA GLU AA 1035 -43.27 -89.77 10.29
C GLU AA 1035 -44.26 -90.57 11.13
N ARG AA 1036 -44.47 -90.21 12.39
CA ARG AA 1036 -45.23 -91.04 13.32
C ARG AA 1036 -46.61 -91.40 12.78
N ASN AA 1037 -47.29 -90.45 12.14
CA ASN AA 1037 -48.60 -90.72 11.57
C ASN AA 1037 -48.44 -91.34 10.19
N PRO AA 1038 -49.03 -92.51 9.93
CA PRO AA 1038 -48.98 -93.06 8.56
C PRO AA 1038 -49.62 -92.16 7.52
N GLN AA 1039 -50.65 -91.40 7.90
CA GLN AA 1039 -51.33 -90.50 6.97
C GLN AA 1039 -50.48 -89.32 6.54
N GLY AA 1040 -49.20 -89.28 6.90
CA GLY AA 1040 -48.33 -88.18 6.54
C GLY AA 1040 -48.26 -87.91 5.05
N GLU AA 1041 -48.74 -86.73 4.63
CA GLU AA 1041 -48.71 -86.36 3.23
C GLU AA 1041 -47.29 -86.19 2.72
N MET AA 1042 -46.35 -85.88 3.59
CA MET AA 1042 -44.96 -85.68 3.19
C MET AA 1042 -44.31 -87.02 2.83
N ASP AA 1043 -44.33 -87.37 1.55
CA ASP AA 1043 -43.80 -88.65 1.12
C ASP AA 1043 -42.29 -88.71 1.34
N LEU AA 1044 -41.83 -89.88 1.75
CA LEU AA 1044 -40.39 -90.07 1.95
C LEU AA 1044 -39.65 -90.03 0.62
N LEU AA 1045 -40.28 -90.54 -0.44
CA LEU AA 1045 -39.64 -90.52 -1.76
C LEU AA 1045 -39.45 -89.10 -2.30
N ASP AA 1046 -40.10 -88.11 -1.68
CA ASP AA 1046 -39.89 -86.72 -2.08
C ASP AA 1046 -38.52 -86.21 -1.70
N SER AA 1047 -37.76 -86.93 -0.88
CA SER AA 1047 -36.41 -86.55 -0.49
C SER AA 1047 -35.38 -87.39 -1.22
N THR AA 1048 -35.70 -87.83 -2.44
CA THR AA 1048 -34.82 -88.66 -3.24
C THR AA 1048 -34.83 -88.17 -4.68
N ARG AA 1049 -33.85 -88.64 -5.45
CA ARG AA 1049 -33.79 -88.34 -6.88
C ARG AA 1049 -34.82 -89.11 -7.68
N ILE AA 1050 -35.56 -90.02 -7.05
CA ILE AA 1050 -36.56 -90.81 -7.75
C ILE AA 1050 -37.67 -89.90 -8.24
N HIS AA 1051 -38.00 -90.00 -9.53
CA HIS AA 1051 -39.05 -89.17 -10.09
C HIS AA 1051 -40.40 -89.55 -9.50
N PRO AA 1052 -41.31 -88.58 -9.32
CA PRO AA 1052 -42.66 -88.92 -8.83
C PRO AA 1052 -43.38 -89.92 -9.73
N GLU AA 1053 -43.09 -89.92 -11.03
CA GLU AA 1053 -43.67 -90.90 -11.93
C GLU AA 1053 -43.19 -92.33 -11.66
N ASP AA 1054 -42.12 -92.49 -10.87
CA ASP AA 1054 -41.58 -93.80 -10.55
C ASP AA 1054 -41.74 -94.15 -9.07
N TYR AA 1055 -42.63 -93.45 -8.35
CA TYR AA 1055 -42.86 -93.75 -6.94
C TYR AA 1055 -43.47 -95.14 -6.77
N SER AA 1056 -44.38 -95.51 -7.68
CA SER AA 1056 -44.95 -96.86 -7.64
C SER AA 1056 -43.88 -97.92 -7.88
N LEU AA 1057 -42.98 -97.67 -8.83
CA LEU AA 1057 -41.89 -98.61 -9.09
C LEU AA 1057 -40.97 -98.75 -7.88
N ALA AA 1058 -40.67 -97.62 -7.23
CA ALA AA 1058 -39.85 -97.66 -6.02
C ALA AA 1058 -40.55 -98.45 -4.92
N ARG AA 1059 -41.85 -98.26 -4.77
CA ARG AA 1059 -42.62 -99.03 -3.79
C ARG AA 1059 -42.58 -100.52 -4.11
N LYS AA 1060 -42.70 -100.86 -5.39
CA LYS AA 1060 -42.64 -102.26 -5.80
C LYS AA 1060 -41.29 -102.87 -5.49
N MET AA 1061 -40.21 -102.13 -5.76
CA MET AA 1061 -38.88 -102.61 -5.43
C MET AA 1061 -38.70 -102.81 -3.93
N ALA AA 1062 -39.22 -101.86 -3.13
CA ALA AA 1062 -39.14 -101.99 -1.68
C ALA AA 1062 -39.90 -103.23 -1.21
N ALA AA 1063 -41.07 -103.48 -1.78
CA ALA AA 1063 -41.81 -104.70 -1.45
C ALA AA 1063 -41.05 -105.95 -1.87
N ASP AA 1064 -40.34 -105.89 -3.00
CA ASP AA 1064 -39.54 -107.02 -3.46
C ASP AA 1064 -38.42 -107.31 -2.48
N ALA AA 1065 -37.77 -106.27 -1.95
CA ALA AA 1065 -36.67 -106.48 -1.01
C ALA AA 1065 -37.16 -107.05 0.31
N LEU AA 1066 -38.34 -106.64 0.77
CA LEU AA 1066 -38.89 -107.16 2.02
C LEU AA 1066 -39.32 -108.61 1.91
N ASP AA 1067 -39.48 -109.13 0.69
CA ASP AA 1067 -39.89 -110.52 0.45
C ASP AA 1067 -41.24 -110.85 1.05
N ILE AA 1068 -42.12 -109.86 1.17
CA ILE AA 1068 -43.46 -110.06 1.73
C ILE AA 1068 -44.43 -110.19 0.55
N GLU AA 1069 -44.91 -111.41 0.32
CA GLU AA 1069 -45.80 -111.69 -0.80
C GLU AA 1069 -47.28 -111.45 -0.47
N ASP AA 1070 -47.61 -111.14 0.78
CA ASP AA 1070 -49.01 -110.87 1.12
C ASP AA 1070 -49.51 -109.62 0.40
N ILE AA 1071 -48.69 -108.60 0.28
CA ILE AA 1071 -49.07 -107.37 -0.38
C ILE AA 1071 -49.06 -107.58 -1.89
N ASP AA 1072 -50.16 -107.20 -2.55
CA ASP AA 1072 -50.24 -107.25 -4.01
C ASP AA 1072 -49.65 -105.98 -4.60
N ASP AA 1073 -49.79 -105.82 -5.91
CA ASP AA 1073 -49.17 -104.70 -6.61
C ASP AA 1073 -50.04 -103.45 -6.60
N ASP AA 1074 -51.22 -103.48 -5.98
CA ASP AA 1074 -52.12 -102.33 -6.00
C ASP AA 1074 -52.43 -101.77 -4.61
N ASP AA 1075 -51.91 -102.36 -3.54
CA ASP AA 1075 -52.18 -101.88 -2.19
C ASP AA 1075 -51.13 -100.82 -1.83
N GLU AA 1076 -51.41 -99.59 -2.28
CA GLU AA 1076 -50.43 -98.51 -2.13
C GLU AA 1076 -50.22 -98.12 -0.69
N SER AA 1077 -51.24 -98.26 0.17
CA SER AA 1077 -51.05 -98.00 1.59
C SER AA 1077 -50.08 -99.00 2.20
N ALA AA 1078 -50.19 -100.27 1.81
CA ALA AA 1078 -49.24 -101.27 2.26
C ALA AA 1078 -47.84 -100.98 1.74
N MET AA 1079 -47.72 -100.48 0.51
CA MET AA 1079 -46.41 -100.09 -0.02
C MET AA 1079 -45.82 -98.94 0.79
N ARG AA 1080 -46.65 -97.96 1.15
CA ARG AA 1080 -46.18 -96.85 1.97
C ARG AA 1080 -45.69 -97.34 3.34
N ASN AA 1081 -46.45 -98.26 3.95
CA ASN AA 1081 -46.02 -98.83 5.22
C ASN AA 1081 -44.75 -99.65 5.06
N ALA AA 1082 -44.61 -100.34 3.93
CA ALA AA 1082 -43.40 -101.11 3.66
C ALA AA 1082 -42.19 -100.20 3.56
N ILE AA 1083 -42.32 -99.06 2.88
CA ILE AA 1083 -41.22 -98.10 2.82
C ILE AA 1083 -40.94 -97.53 4.22
N TYR AA 1084 -42.00 -97.22 4.97
CA TYR AA 1084 -41.83 -96.77 6.36
C TYR AA 1084 -40.96 -97.74 7.14
N GLU AA 1085 -41.28 -99.03 7.05
CA GLU AA 1085 -40.51 -100.03 7.77
C GLU AA 1085 -39.09 -100.16 7.23
N MET AA 1086 -38.94 -100.12 5.89
CA MET AA 1086 -37.64 -100.35 5.29
C MET AA 1086 -36.64 -99.26 5.65
N VAL AA 1087 -37.04 -97.99 5.52
CA VAL AA 1087 -36.09 -96.90 5.70
C VAL AA 1087 -36.03 -96.46 7.16
N PHE AA 1088 -37.16 -96.41 7.86
CA PHE AA 1088 -37.22 -96.03 9.26
C PHE AA 1088 -37.99 -97.08 10.05
N PRO AA 1089 -37.39 -98.25 10.28
CA PRO AA 1089 -38.08 -99.28 11.07
C PRO AA 1089 -38.31 -98.83 12.50
N ARG AA 1090 -39.47 -99.23 13.04
CA ARG AA 1090 -39.76 -98.91 14.43
C ARG AA 1090 -38.79 -99.63 15.36
N SER AA 1091 -38.50 -100.90 15.09
CA SER AA 1091 -37.49 -101.64 15.81
C SER AA 1091 -36.19 -101.64 15.03
N PRO AA 1092 -35.10 -101.14 15.62
CA PRO AA 1092 -33.83 -101.14 14.90
C PRO AA 1092 -33.39 -102.56 14.59
N PRO AA 1093 -32.77 -102.79 13.44
CA PRO AA 1093 -32.35 -104.15 13.08
C PRO AA 1093 -31.35 -104.70 14.09
N LYS AA 1094 -31.47 -106.01 14.37
CA LYS AA 1094 -30.56 -106.65 15.31
C LYS AA 1094 -29.13 -106.61 14.80
N ASP AA 1095 -28.92 -106.89 13.52
CA ASP AA 1095 -27.61 -106.79 12.91
C ASP AA 1095 -27.41 -105.36 12.40
N GLU AA 1096 -26.25 -105.09 11.82
CA GLU AA 1096 -25.91 -103.75 11.33
C GLU AA 1096 -26.32 -103.55 9.88
N ASP AA 1097 -26.97 -104.54 9.27
CA ASP AA 1097 -27.43 -104.44 7.88
C ASP AA 1097 -28.87 -103.93 7.90
N ASP AA 1098 -29.06 -102.69 7.47
CA ASP AA 1098 -30.39 -102.10 7.43
C ASP AA 1098 -31.24 -102.77 6.36
N LEU AA 1099 -32.55 -102.55 6.45
CA LEU AA 1099 -33.47 -103.13 5.47
C LEU AA 1099 -33.21 -102.59 4.07
N THR AA 1100 -32.64 -101.38 3.97
CA THR AA 1100 -32.27 -100.85 2.67
C THR AA 1100 -31.12 -101.64 2.04
N PHE AA 1101 -30.29 -102.27 2.87
CA PHE AA 1101 -29.18 -103.06 2.34
C PHE AA 1101 -29.69 -104.28 1.58
N LYS AA 1102 -30.84 -104.83 2.00
CA LYS AA 1102 -31.38 -106.03 1.36
C LYS AA 1102 -31.77 -105.79 -0.09
N LEU AA 1103 -31.88 -104.52 -0.51
CA LEU AA 1103 -32.15 -104.23 -1.91
C LEU AA 1103 -31.05 -104.71 -2.83
N ASP AA 1104 -29.84 -104.92 -2.31
CA ASP AA 1104 -28.75 -105.42 -3.14
C ASP AA 1104 -28.99 -106.85 -3.60
N GLU AA 1105 -29.77 -107.63 -2.84
CA GLU AA 1105 -30.07 -109.00 -3.23
C GLU AA 1105 -31.03 -109.08 -4.40
N LEU AA 1106 -31.79 -108.01 -4.67
CA LEU AA 1106 -32.70 -108.01 -5.80
C LEU AA 1106 -31.92 -107.89 -7.11
N ILE AA 1107 -32.38 -108.65 -8.11
CA ILE AA 1107 -31.75 -108.64 -9.43
C ILE AA 1107 -32.43 -107.57 -10.28
N LEU AA 1108 -31.69 -106.52 -10.61
CA LEU AA 1108 -32.27 -105.42 -11.38
C LEU AA 1108 -32.55 -105.82 -12.82
N ASP AA 1109 -31.74 -106.72 -13.38
CA ASP AA 1109 -31.93 -107.10 -14.78
C ASP AA 1109 -33.27 -107.80 -14.98
N ASP AA 1110 -33.67 -108.67 -14.05
CA ASP AA 1110 -34.95 -109.34 -14.16
C ASP AA 1110 -36.10 -108.35 -14.12
N TYR AA 1111 -36.04 -107.40 -13.19
CA TYR AA 1111 -37.11 -106.40 -13.08
C TYR AA 1111 -37.15 -105.52 -14.32
N ALA AA 1112 -35.99 -105.15 -14.86
CA ALA AA 1112 -35.95 -104.35 -16.08
C ALA AA 1112 -36.56 -105.11 -17.26
N THR AA 1113 -36.22 -106.40 -17.39
CA THR AA 1113 -36.81 -107.20 -18.46
C THR AA 1113 -38.31 -107.33 -18.30
N GLU AA 1114 -38.78 -107.53 -17.07
CA GLU AA 1114 -40.22 -107.62 -16.83
C GLU AA 1114 -40.92 -106.32 -17.18
N LEU AA 1115 -40.33 -105.18 -16.79
CA LEU AA 1115 -40.93 -103.89 -17.12
C LEU AA 1115 -40.95 -103.67 -18.62
N GLU AA 1116 -39.87 -104.02 -19.32
CA GLU AA 1116 -39.81 -103.85 -20.76
C GLU AA 1116 -40.80 -104.75 -21.48
N ARG AA 1117 -41.09 -105.92 -20.92
CA ARG AA 1117 -42.10 -106.79 -21.51
C ARG AA 1117 -43.51 -106.28 -21.23
N LYS AA 1118 -43.76 -105.80 -20.01
CA LYS AA 1118 -45.10 -105.40 -19.63
C LYS AA 1118 -45.51 -104.09 -20.30
N HIS AA 1119 -44.62 -103.08 -20.28
CA HIS AA 1119 -44.98 -101.76 -20.76
C HIS AA 1119 -43.97 -101.13 -21.71
N GLN AA 1120 -42.97 -101.89 -22.17
CA GLN AA 1120 -41.99 -101.40 -23.16
C GLN AA 1120 -41.24 -100.17 -22.62
N LEU AA 1121 -40.57 -100.37 -21.49
CA LEU AA 1121 -39.83 -99.30 -20.84
C LEU AA 1121 -38.41 -99.76 -20.54
N LYS AA 1122 -37.44 -98.97 -21.00
CA LYS AA 1122 -36.02 -99.20 -20.66
C LYS AA 1122 -35.73 -98.40 -19.40
N LYS AA 1123 -35.76 -99.07 -18.25
CA LYS AA 1123 -35.65 -98.38 -16.97
C LYS AA 1123 -34.63 -99.03 -16.04
N ARG AA 1124 -33.70 -99.82 -16.58
CA ARG AA 1124 -32.70 -100.48 -15.74
C ARG AA 1124 -31.82 -99.47 -15.03
N SER AA 1125 -31.39 -98.42 -15.74
CA SER AA 1125 -30.64 -97.35 -15.10
C SER AA 1125 -31.48 -96.63 -14.06
N THR AA 1126 -32.77 -96.46 -14.35
CA THR AA 1126 -33.67 -95.87 -13.37
C THR AA 1126 -33.78 -96.73 -12.12
N LEU AA 1127 -33.88 -98.05 -12.29
CA LEU AA 1127 -33.91 -98.95 -11.14
C LEU AA 1127 -32.62 -98.88 -10.35
N GLN AA 1128 -31.48 -98.79 -11.03
CA GLN AA 1128 -30.21 -98.63 -10.33
C GLN AA 1128 -30.18 -97.34 -9.52
N ILE AA 1129 -30.66 -96.25 -10.12
CA ILE AA 1129 -30.71 -94.97 -9.42
C ILE AA 1129 -31.63 -95.05 -8.21
N ILE AA 1130 -32.77 -95.72 -8.36
CA ILE AA 1130 -33.70 -95.87 -7.24
C ILE AA 1130 -33.05 -96.65 -6.11
N LYS AA 1131 -32.37 -97.75 -6.44
CA LYS AA 1131 -31.69 -98.53 -5.42
C LYS AA 1131 -30.63 -97.68 -4.70
N GLU AA 1132 -29.88 -96.89 -5.47
CA GLU AA 1132 -28.87 -96.02 -4.88
C GLU AA 1132 -29.49 -94.99 -3.95
N GLU AA 1133 -30.62 -94.40 -4.36
CA GLU AA 1133 -31.28 -93.40 -3.53
C GLU AA 1133 -31.80 -94.02 -2.24
N LEU AA 1134 -32.36 -95.23 -2.30
CA LEU AA 1134 -32.77 -95.90 -1.08
C LEU AA 1134 -31.58 -96.22 -0.19
N GLN AA 1135 -30.45 -96.60 -0.79
CA GLN AA 1135 -29.28 -96.89 0.04
C GLN AA 1135 -28.71 -95.64 0.71
N SER AA 1136 -28.93 -94.46 0.12
CA SER AA 1136 -28.48 -93.20 0.73
C SER AA 1136 -29.25 -92.07 0.08
N ARG AA 1137 -29.95 -91.27 0.88
CA ARG AA 1137 -30.78 -90.19 0.38
C ARG AA 1137 -29.90 -88.98 0.05
N TYR AA 1138 -29.80 -88.67 -1.24
CA TYR AA 1138 -29.00 -87.54 -1.73
C TYR AA 1138 -27.54 -87.65 -1.30
N ARG AA 1139 -26.89 -88.69 -1.80
CA ARG AA 1139 -25.44 -88.79 -1.72
C ARG AA 1139 -24.81 -87.71 -2.60
N GLU AA 1140 -23.76 -87.06 -2.08
CA GLU AA 1140 -23.15 -85.95 -2.79
C GLU AA 1140 -22.46 -86.43 -4.05
N ILE AA 1141 -22.71 -85.74 -5.17
CA ILE AA 1141 -22.19 -86.16 -6.47
C ILE AA 1141 -20.93 -85.39 -6.82
N ARG AA 1142 -20.84 -84.14 -6.34
CA ARG AA 1142 -19.70 -83.31 -6.69
C ARG AA 1142 -18.42 -83.88 -6.12
N ARG AA 1143 -17.30 -83.59 -6.79
CA ARG AA 1143 -16.01 -84.00 -6.29
C ARG AA 1143 -15.66 -83.24 -5.02
N ASP AA 1144 -14.79 -83.83 -4.20
CA ASP AA 1144 -14.41 -83.23 -2.94
C ASP AA 1144 -13.72 -81.88 -3.17
N PHE AA 1145 -13.52 -81.16 -2.07
CA PHE AA 1145 -12.89 -79.84 -2.15
C PHE AA 1145 -11.52 -79.94 -2.79
N HIS AA 1146 -11.22 -78.99 -3.67
CA HIS AA 1146 -9.98 -79.00 -4.43
C HIS AA 1146 -8.91 -78.24 -3.67
N ILE AA 1147 -7.81 -78.91 -3.37
CA ILE AA 1147 -6.71 -78.31 -2.63
C ILE AA 1147 -5.68 -77.78 -3.62
N LEU AA 1148 -5.27 -76.52 -3.44
CA LEU AA 1148 -4.29 -75.92 -4.33
C LEU AA 1148 -2.93 -76.58 -4.17
N ASN AA 1149 -2.23 -76.74 -5.28
CA ASN AA 1149 -0.89 -77.31 -5.30
C ASN AA 1149 0.14 -76.20 -5.42
N GLU AA 1150 1.41 -76.59 -5.57
CA GLU AA 1150 2.50 -75.60 -5.58
C GLU AA 1150 2.34 -74.61 -6.71
N ALA AA 1151 2.03 -75.10 -7.91
CA ALA AA 1151 1.84 -74.20 -9.05
C ALA AA 1151 0.64 -73.28 -8.83
N GLU AA 1152 -0.46 -73.82 -8.34
CA GLU AA 1152 -1.65 -73.00 -8.11
C GLU AA 1152 -1.41 -71.97 -7.02
N ILE AA 1153 -0.72 -72.36 -5.95
CA ILE AA 1153 -0.41 -71.40 -4.87
C ILE AA 1153 0.51 -70.30 -5.39
N PHE AA 1154 1.52 -70.67 -6.18
CA PHE AA 1154 2.42 -69.68 -6.75
C PHE AA 1154 1.66 -68.70 -7.65
N GLN AA 1155 0.79 -69.22 -8.51
CA GLN AA 1155 0.02 -68.34 -9.40
C GLN AA 1155 -0.93 -67.46 -8.61
N LEU AA 1156 -1.53 -67.99 -7.55
CA LEU AA 1156 -2.45 -67.20 -6.74
C LEU AA 1156 -1.71 -66.07 -6.01
N LEU AA 1157 -0.53 -66.36 -5.47
CA LEU AA 1157 0.16 -65.36 -4.67
C LEU AA 1157 0.88 -64.33 -5.53
N THR AA 1158 1.72 -64.78 -6.46
CA THR AA 1158 2.52 -63.85 -7.24
C THR AA 1158 1.76 -63.27 -8.43
N ARG AA 1159 0.57 -63.80 -8.75
CA ARG AA 1159 -0.19 -63.41 -9.93
C ARG AA 1159 0.61 -63.57 -11.21
N GLU AA 1160 1.62 -64.43 -11.19
CA GLU AA 1160 2.47 -64.72 -12.33
C GLU AA 1160 2.35 -66.20 -12.68
N THR AA 1161 2.06 -66.48 -13.94
CA THR AA 1161 1.91 -67.87 -14.37
C THR AA 1161 3.26 -68.57 -14.40
N VAL AA 1162 3.22 -69.90 -14.31
CA VAL AA 1162 4.45 -70.68 -14.39
C VAL AA 1162 5.09 -70.56 -15.76
N ASP AA 1163 4.27 -70.39 -16.81
CA ASP AA 1163 4.81 -70.24 -18.16
C ASP AA 1163 5.55 -68.92 -18.31
N SER AA 1164 5.00 -67.84 -17.75
CA SER AA 1164 5.60 -66.53 -17.90
C SER AA 1164 6.78 -66.30 -16.96
N PHE AA 1165 7.04 -67.22 -16.04
CA PHE AA 1165 8.15 -67.11 -15.09
C PHE AA 1165 8.80 -68.49 -14.99
N ARG AA 1166 9.85 -68.70 -15.78
CA ARG AA 1166 10.53 -69.99 -15.80
C ARG AA 1166 11.95 -69.78 -16.31
N LYS AA 1167 12.63 -70.89 -16.59
CA LYS AA 1167 14.01 -70.83 -17.09
C LYS AA 1167 14.06 -70.14 -18.44
N GLY AA 1168 15.14 -69.41 -18.67
CA GLY AA 1168 15.34 -68.72 -19.92
C GLY AA 1168 14.42 -67.53 -20.14
N MET AA 1169 14.23 -66.71 -19.12
CA MET AA 1169 13.44 -65.49 -19.23
C MET AA 1169 14.22 -64.32 -18.63
N VAL AA 1170 14.04 -63.14 -19.20
CA VAL AA 1170 14.75 -61.93 -18.79
C VAL AA 1170 13.76 -60.99 -18.13
N ILE AA 1171 14.08 -60.57 -16.89
CA ILE AA 1171 13.20 -59.68 -16.15
C ILE AA 1171 14.03 -58.57 -15.53
N PRO AA 1172 13.44 -57.37 -15.43
CA PRO AA 1172 14.13 -56.23 -14.79
C PRO AA 1172 14.00 -56.24 -13.27
N VAL AA 1173 14.87 -57.04 -12.62
CA VAL AA 1173 14.83 -57.14 -11.16
C VAL AA 1173 15.46 -55.90 -10.53
N TYR AA 1174 15.17 -55.71 -9.25
CA TYR AA 1174 15.59 -54.53 -8.51
C TYR AA 1174 16.61 -54.95 -7.46
N VAL AA 1175 17.79 -54.30 -7.47
CA VAL AA 1175 18.84 -54.64 -6.52
C VAL AA 1175 18.44 -54.14 -5.14
N ARG AA 1176 18.52 -55.02 -4.15
CA ARG AA 1176 18.13 -54.68 -2.79
C ARG AA 1176 19.29 -54.73 -1.80
N LYS AA 1177 20.31 -55.54 -2.06
CA LYS AA 1177 21.47 -55.63 -1.18
C LYS AA 1177 22.65 -56.14 -2.00
N VAL AA 1178 23.79 -55.48 -1.85
CA VAL AA 1178 25.01 -55.81 -2.59
C VAL AA 1178 26.04 -56.33 -1.61
N GLU AA 1179 26.60 -57.51 -1.91
CA GLU AA 1179 27.65 -58.11 -1.11
C GLU AA 1179 28.77 -58.58 -2.02
N SER AA 1180 29.93 -58.82 -1.42
CA SER AA 1180 31.10 -59.21 -2.20
C SER AA 1180 30.91 -60.57 -2.87
N SER AA 1181 30.28 -61.51 -2.17
CA SER AA 1181 30.13 -62.88 -2.67
C SER AA 1181 28.78 -63.14 -3.31
N TYR AA 1182 27.81 -62.24 -3.16
CA TYR AA 1182 26.50 -62.41 -3.77
C TYR AA 1182 25.79 -61.06 -3.80
N MET AA 1183 24.73 -60.99 -4.61
CA MET AA 1183 23.86 -59.83 -4.62
C MET AA 1183 22.42 -60.28 -4.44
N SER AA 1184 21.70 -59.64 -3.52
CA SER AA 1184 20.31 -59.94 -3.25
C SER AA 1184 19.44 -58.92 -3.98
N VAL AA 1185 18.54 -59.42 -4.82
CA VAL AA 1185 17.69 -58.57 -5.65
C VAL AA 1185 16.25 -58.98 -5.48
N SER AA 1186 15.35 -58.07 -5.82
CA SER AA 1186 13.92 -58.30 -5.74
C SER AA 1186 13.28 -58.09 -7.11
N THR AA 1187 12.39 -59.00 -7.49
CA THR AA 1187 11.69 -58.89 -8.76
C THR AA 1187 10.51 -57.92 -8.62
N GLN AA 1188 9.74 -57.78 -9.71
CA GLN AA 1188 8.56 -56.93 -9.66
C GLN AA 1188 7.50 -57.53 -8.74
N SER AA 1189 7.40 -58.86 -8.72
CA SER AA 1189 6.35 -59.56 -7.96
C SER AA 1189 6.81 -59.99 -6.58
N LEU AA 1190 7.70 -59.22 -5.94
CA LEU AA 1190 8.18 -59.43 -4.58
C LEU AA 1190 8.97 -60.72 -4.41
N ILE AA 1191 9.30 -61.41 -5.50
CA ILE AA 1191 10.06 -62.65 -5.41
C ILE AA 1191 11.52 -62.30 -5.14
N ALA AA 1192 12.01 -62.69 -3.97
CA ALA AA 1192 13.39 -62.42 -3.59
C ALA AA 1192 14.32 -63.32 -4.38
N GLY AA 1193 15.41 -62.75 -4.90
CA GLY AA 1193 16.36 -63.50 -5.68
C GLY AA 1193 17.78 -63.24 -5.21
N ASN AA 1194 18.67 -64.14 -5.62
CA ASN AA 1194 20.09 -64.02 -5.28
C ASN AA 1194 20.92 -64.52 -6.46
N ILE AA 1195 22.11 -63.95 -6.60
CA ILE AA 1195 23.08 -64.37 -7.61
C ILE AA 1195 24.42 -64.59 -6.94
N GLN AA 1196 25.02 -65.75 -7.18
CA GLN AA 1196 26.35 -66.02 -6.68
C GLN AA 1196 27.37 -65.17 -7.45
N ARG AA 1197 28.52 -64.94 -6.81
CA ARG AA 1197 29.48 -63.94 -7.30
C ARG AA 1197 29.96 -64.25 -8.72
N GLN AA 1198 29.84 -65.49 -9.17
CA GLN AA 1198 30.33 -65.87 -10.50
C GLN AA 1198 29.57 -65.18 -11.62
N ASP AA 1199 28.41 -64.56 -11.36
CA ASP AA 1199 27.56 -64.06 -12.44
C ASP AA 1199 27.22 -62.57 -12.35
N ILE AA 1200 27.41 -61.91 -11.21
CA ILE AA 1200 27.15 -60.47 -11.16
C ILE AA 1200 28.08 -59.73 -12.12
N LEU AA 1201 29.35 -60.08 -12.11
CA LEU AA 1201 30.34 -59.46 -12.96
C LEU AA 1201 30.79 -60.44 -14.04
N GLU AA 1202 31.30 -59.88 -15.14
CA GLU AA 1202 31.73 -60.71 -16.25
C GLU AA 1202 32.94 -61.55 -15.82
N PRO AA 1203 33.08 -62.77 -16.36
CA PRO AA 1203 34.22 -63.62 -15.97
C PRO AA 1203 35.58 -62.99 -16.28
N ASN AA 1204 35.67 -62.14 -17.31
CA ASN AA 1204 36.95 -61.51 -17.63
C ASN AA 1204 37.27 -60.37 -16.67
N ASP AA 1205 36.25 -59.61 -16.25
CA ASP AA 1205 36.48 -58.48 -15.37
C ASP AA 1205 36.89 -58.95 -13.98
N ARG AA 1206 37.75 -58.15 -13.34
CA ARG AA 1206 38.23 -58.44 -12.00
C ARG AA 1206 37.82 -57.37 -10.98
N ARG AA 1207 36.82 -56.55 -11.31
CA ARG AA 1207 36.37 -55.52 -10.39
C ARG AA 1207 35.59 -56.14 -9.23
N ASP AA 1208 35.10 -55.28 -8.34
CA ASP AA 1208 34.32 -55.64 -7.16
C ASP AA 1208 32.82 -55.46 -7.46
N PRO AA 1209 31.97 -56.34 -6.92
CA PRO AA 1209 30.53 -56.17 -7.16
C PRO AA 1209 29.97 -54.86 -6.66
N ARG AA 1210 30.46 -54.36 -5.52
CA ARG AA 1210 29.94 -53.11 -4.96
C ARG AA 1210 30.28 -51.91 -5.83
N GLU AA 1211 31.48 -51.88 -6.42
CA GLU AA 1211 31.87 -50.73 -7.24
C GLU AA 1211 31.00 -50.60 -8.47
N VAL AA 1212 30.68 -51.72 -9.13
CA VAL AA 1212 29.93 -51.66 -10.37
C VAL AA 1212 28.45 -51.47 -10.13
N TYR AA 1213 27.88 -52.21 -9.19
CA TYR AA 1213 26.45 -52.17 -8.89
C TYR AA 1213 26.23 -51.73 -7.45
N SER AA 1214 25.20 -50.91 -7.25
CA SER AA 1214 24.89 -50.37 -5.94
C SER AA 1214 23.40 -50.56 -5.65
N VAL AA 1215 23.01 -50.28 -4.41
CA VAL AA 1215 21.62 -50.42 -4.02
C VAL AA 1215 20.76 -49.41 -4.79
N GLY AA 1216 19.59 -49.87 -5.23
CA GLY AA 1216 18.69 -49.04 -6.00
C GLY AA 1216 18.97 -49.00 -7.48
N GLN AA 1217 20.02 -49.67 -7.95
CA GLN AA 1217 20.36 -49.72 -9.37
C GLN AA 1217 19.82 -51.03 -9.93
N THR AA 1218 18.61 -50.97 -10.48
CA THR AA 1218 18.01 -52.15 -11.07
C THR AA 1218 18.72 -52.53 -12.37
N VAL AA 1219 18.83 -53.83 -12.62
CA VAL AA 1219 19.47 -54.35 -13.82
C VAL AA 1219 18.65 -55.51 -14.36
N ARG AA 1220 18.85 -55.81 -15.64
CA ARG AA 1220 18.23 -56.98 -16.24
C ARG AA 1220 18.89 -58.25 -15.74
N ALA AA 1221 18.10 -59.29 -15.54
CA ALA AA 1221 18.60 -60.58 -15.10
C ALA AA 1221 17.85 -61.70 -15.79
N CYS AA 1222 18.50 -62.85 -15.90
CA CYS AA 1222 17.92 -64.03 -16.54
C CYS AA 1222 17.68 -65.11 -15.49
N ILE AA 1223 16.49 -65.71 -15.53
CA ILE AA 1223 16.13 -66.71 -14.54
C ILE AA 1223 16.88 -68.00 -14.83
N LEU AA 1224 17.54 -68.54 -13.80
CA LEU AA 1224 18.24 -69.82 -13.88
C LEU AA 1224 17.48 -70.94 -13.20
N ASP AA 1225 17.02 -70.72 -11.97
CA ASP AA 1225 16.26 -71.72 -11.23
C ASP AA 1225 15.13 -71.03 -10.48
N VAL AA 1226 14.04 -71.76 -10.27
CA VAL AA 1226 12.88 -71.25 -9.57
C VAL AA 1226 12.48 -72.24 -8.47
N ASP AA 1227 12.40 -71.73 -7.24
CA ASP AA 1227 11.88 -72.51 -6.11
C ASP AA 1227 10.42 -72.08 -5.92
N TYR AA 1228 9.52 -72.78 -6.62
CA TYR AA 1228 8.12 -72.40 -6.62
C TYR AA 1228 7.52 -72.50 -5.22
N TYR AA 1229 7.88 -73.54 -4.47
CA TYR AA 1229 7.34 -73.70 -3.13
C TYR AA 1229 7.78 -72.57 -2.20
N ASN AA 1230 9.04 -72.15 -2.31
CA ASN AA 1230 9.60 -71.15 -1.41
C ASN AA 1230 9.72 -69.77 -2.04
N PHE AA 1231 9.24 -69.61 -3.28
CA PHE AA 1231 9.25 -68.31 -3.97
C PHE AA 1231 10.66 -67.72 -4.02
N LYS AA 1232 11.65 -68.59 -4.28
CA LYS AA 1232 13.04 -68.19 -4.40
C LYS AA 1232 13.54 -68.50 -5.81
N CYS AA 1233 14.34 -67.60 -6.37
CA CYS AA 1233 14.88 -67.78 -7.70
C CYS AA 1233 16.33 -67.34 -7.74
N GLN AA 1234 17.08 -67.95 -8.65
CA GLN AA 1234 18.47 -67.59 -8.90
C GLN AA 1234 18.58 -67.00 -10.30
N LEU AA 1235 19.42 -65.97 -10.43
CA LEU AA 1235 19.49 -65.18 -11.64
C LEU AA 1235 20.93 -65.14 -12.16
N SER AA 1236 21.08 -64.72 -13.41
CA SER AA 1236 22.38 -64.55 -14.01
C SER AA 1236 22.43 -63.21 -14.75
N LEU AA 1237 23.54 -62.49 -14.58
CA LEU AA 1237 23.75 -61.23 -15.26
C LEU AA 1237 24.67 -61.37 -16.47
N LEU AA 1238 25.02 -62.59 -16.85
CA LEU AA 1238 25.90 -62.80 -18.00
C LEU AA 1238 25.18 -62.41 -19.28
N ARG AA 1239 25.89 -61.69 -20.15
CA ARG AA 1239 25.27 -61.20 -21.38
C ARG AA 1239 24.92 -62.31 -22.35
N GLN AA 1240 25.42 -63.53 -22.15
CA GLN AA 1240 25.03 -64.63 -23.02
C GLN AA 1240 23.56 -64.99 -22.84
N PHE AA 1241 22.97 -64.62 -21.71
CA PHE AA 1241 21.55 -64.81 -21.47
C PHE AA 1241 20.75 -63.52 -21.64
N THR AA 1242 21.21 -62.43 -21.02
CA THR AA 1242 20.46 -61.18 -21.03
C THR AA 1242 20.37 -60.55 -22.42
N GLU AA 1243 21.26 -60.92 -23.34
CA GLU AA 1243 21.29 -60.31 -24.66
C GLU AA 1243 21.00 -61.28 -25.79
N ASN AA 1244 21.60 -62.48 -25.76
CA ASN AA 1244 21.44 -63.40 -26.87
C ASN AA 1244 20.02 -63.97 -26.95
N GLN AA 1245 19.34 -64.09 -25.82
CA GLN AA 1245 17.97 -64.60 -25.80
C GLN AA 1245 17.05 -63.55 -26.41
N VAL AA 1246 16.74 -63.71 -27.69
CA VAL AA 1246 15.89 -62.78 -28.43
C VAL AA 1246 14.65 -63.48 -28.97
N ALA AA 1247 14.84 -64.55 -29.75
CA ALA AA 1247 13.73 -65.34 -30.25
C ALA AA 1247 13.35 -66.40 -29.22
N GLY AA 1248 12.81 -65.92 -28.10
CA GLY AA 1248 12.43 -66.80 -27.00
C GLY AA 1248 11.17 -67.59 -27.27
N LEU AA 1249 10.40 -67.23 -28.30
CA LEU AA 1249 9.21 -67.99 -28.65
C LEU AA 1249 9.59 -69.33 -29.27
N ASN AA 1250 8.73 -70.32 -29.04
CA ASN AA 1250 8.94 -71.67 -29.58
C ASN AA 1250 8.08 -71.93 -30.81
N VAL AA 1251 7.84 -70.90 -31.62
CA VAL AA 1251 6.99 -71.03 -32.80
C VAL AA 1251 7.70 -71.90 -33.82
N ASN AA 1252 7.00 -72.90 -34.33
CA ASN AA 1252 7.59 -73.82 -35.30
C ASN AA 1252 7.82 -73.09 -36.62
N ARG AA 1253 9.09 -72.99 -37.03
CA ARG AA 1253 9.48 -72.26 -38.24
C ARG AA 1253 9.74 -73.21 -39.40
N ASN AA 1254 8.96 -74.28 -39.50
CA ASN AA 1254 9.14 -75.23 -40.60
C ASN AA 1254 8.85 -74.54 -41.93
N PRO AA 1255 9.77 -74.62 -42.90
CA PRO AA 1255 9.53 -73.93 -44.18
C PRO AA 1255 8.27 -74.37 -44.90
N LYS AA 1256 7.80 -75.60 -44.66
CA LYS AA 1256 6.57 -76.05 -45.30
C LYS AA 1256 5.38 -75.21 -44.87
N PHE AA 1257 5.32 -74.84 -43.58
CA PHE AA 1257 4.22 -74.06 -43.05
C PHE AA 1257 4.61 -72.66 -42.58
N TRP AA 1258 5.90 -72.32 -42.60
CA TRP AA 1258 6.37 -71.00 -42.21
C TRP AA 1258 7.16 -70.39 -43.36
N ASP AA 1259 6.84 -69.14 -43.70
CA ASP AA 1259 7.55 -68.43 -44.77
C ASP AA 1259 8.78 -67.76 -44.15
N ILE AA 1260 9.86 -68.53 -44.08
CA ILE AA 1260 11.10 -68.00 -43.51
C ILE AA 1260 11.67 -66.90 -44.40
N GLU AA 1261 11.53 -67.05 -45.72
CA GLU AA 1261 12.10 -66.08 -46.64
C GLU AA 1261 11.47 -64.71 -46.47
N SER AA 1262 10.15 -64.66 -46.29
CA SER AA 1262 9.46 -63.37 -46.12
C SER AA 1262 9.91 -62.68 -44.84
N GLU AA 1263 10.01 -63.43 -43.74
CA GLU AA 1263 10.45 -62.86 -42.47
C GLU AA 1263 11.89 -62.37 -42.56
N ASN AA 1264 12.76 -63.12 -43.24
CA ASN AA 1264 14.14 -62.69 -43.43
C ASN AA 1264 14.19 -61.40 -44.26
N ARG AA 1265 13.43 -61.36 -45.36
CA ARG AA 1265 13.44 -60.18 -46.22
C ARG AA 1265 12.96 -58.96 -45.47
N ASP AA 1266 11.87 -59.10 -44.72
CA ASP AA 1266 11.42 -58.01 -43.85
C ASP AA 1266 12.47 -57.62 -42.83
N ARG AA 1267 13.26 -58.60 -42.37
CA ARG AA 1267 14.31 -58.31 -41.40
C ARG AA 1267 15.41 -57.44 -42.01
N GLN AA 1268 15.91 -57.79 -43.20
CA GLN AA 1268 16.87 -56.86 -43.80
C GLN AA 1268 16.20 -55.53 -44.18
N GLU AA 1269 14.92 -55.52 -44.54
CA GLU AA 1269 14.25 -54.24 -44.78
C GLU AA 1269 14.30 -53.34 -43.56
N GLU AA 1270 13.93 -53.87 -42.39
CA GLU AA 1270 13.94 -53.06 -41.18
C GLU AA 1270 15.36 -52.73 -40.74
N ILE AA 1271 16.32 -53.62 -40.97
CA ILE AA 1271 17.70 -53.33 -40.61
C ILE AA 1271 18.26 -52.20 -41.48
N ASP AA 1272 17.96 -52.22 -42.79
CA ASP AA 1272 18.36 -51.12 -43.66
C ASP AA 1272 17.67 -49.83 -43.25
N LYS AA 1273 16.41 -49.92 -42.83
CA LYS AA 1273 15.73 -48.73 -42.29
C LYS AA 1273 16.47 -48.19 -41.08
N GLN AA 1274 16.95 -49.08 -40.21
CA GLN AA 1274 17.74 -48.65 -39.06
C GLN AA 1274 19.04 -47.98 -39.50
N ARG AA 1275 19.68 -48.54 -40.53
CA ARG AA 1275 20.92 -47.94 -41.04
C ARG AA 1275 20.68 -46.54 -41.58
N GLU AA 1276 19.47 -46.26 -42.06
CA GLU AA 1276 19.16 -44.96 -42.66
C GLU AA 1276 19.25 -43.86 -41.60
N GLU AA 1277 19.89 -42.75 -41.96
CA GLU AA 1277 20.07 -41.61 -41.07
C GLU AA 1277 19.83 -40.33 -41.85
N SER AA 1278 20.17 -39.20 -41.24
CA SER AA 1278 19.99 -37.90 -41.85
C SER AA 1278 21.28 -37.09 -41.77
N ARG AA 1279 21.47 -36.22 -42.75
CA ARG AA 1279 22.64 -35.35 -42.80
C ARG AA 1279 22.20 -33.96 -43.24
N GLU AA 1280 22.98 -32.96 -42.82
CA GLU AA 1280 22.69 -31.56 -43.13
C GLU AA 1280 23.96 -30.85 -43.55
N SER AA 1281 23.80 -29.62 -44.04
CA SER AA 1281 24.92 -28.83 -44.55
C SER AA 1281 25.71 -28.21 -43.41
N ARG AA 1282 26.91 -27.74 -43.74
CA ARG AA 1282 27.80 -27.09 -42.79
C ARG AA 1282 27.93 -25.61 -43.12
N VAL AA 1283 27.91 -24.78 -42.08
CA VAL AA 1283 28.01 -23.33 -42.22
C VAL AA 1283 29.28 -22.86 -41.51
N ILE AA 1284 30.13 -22.17 -42.24
CA ILE AA 1284 31.40 -21.65 -41.72
C ILE AA 1284 31.49 -20.17 -42.02
N LYS AA 1285 32.00 -19.40 -41.07
CA LYS AA 1285 32.16 -17.95 -41.22
C LYS AA 1285 33.64 -17.66 -41.48
N HIS AA 1286 33.96 -17.33 -42.74
CA HIS AA 1286 35.32 -16.99 -43.13
C HIS AA 1286 35.25 -16.14 -44.39
N PRO AA 1287 36.10 -15.13 -44.54
CA PRO AA 1287 36.02 -14.27 -45.74
C PRO AA 1287 36.20 -15.02 -47.05
N PHE AA 1288 37.04 -16.05 -47.07
CA PHE AA 1288 37.31 -16.80 -48.28
C PHE AA 1288 36.58 -18.15 -48.33
N PHE AA 1289 35.59 -18.33 -47.47
CA PHE AA 1289 34.78 -19.55 -47.46
C PHE AA 1289 33.50 -19.32 -48.26
N HIS AA 1290 33.19 -20.26 -49.15
CA HIS AA 1290 32.00 -20.16 -49.98
C HIS AA 1290 31.40 -21.54 -50.13
N ASN AA 1291 30.09 -21.66 -49.91
CA ASN AA 1291 29.39 -22.93 -49.99
C ASN AA 1291 29.10 -23.23 -51.45
N MET AA 1292 30.09 -23.80 -52.14
CA MET AA 1292 29.99 -24.11 -53.56
C MET AA 1292 30.44 -25.54 -53.82
N LYS AA 1293 30.00 -26.08 -54.94
CA LYS AA 1293 30.46 -27.38 -55.40
C LYS AA 1293 31.88 -27.27 -55.95
N SER AA 1294 32.44 -28.41 -56.33
CA SER AA 1294 33.75 -28.40 -56.99
C SER AA 1294 33.70 -27.62 -58.30
N LYS AA 1295 32.75 -27.96 -59.17
CA LYS AA 1295 32.58 -27.22 -60.41
C LYS AA 1295 32.15 -25.78 -60.14
N GLU AA 1296 31.30 -25.57 -59.13
CA GLU AA 1296 30.89 -24.22 -58.79
C GLU AA 1296 32.08 -23.38 -58.32
N ALA AA 1297 32.94 -23.97 -57.49
CA ALA AA 1297 34.13 -23.26 -57.04
C ALA AA 1297 35.06 -22.96 -58.20
N GLU AA 1298 35.24 -23.92 -59.12
CA GLU AA 1298 36.10 -23.69 -60.28
C GLU AA 1298 35.55 -22.58 -61.15
N ASP AA 1299 34.24 -22.55 -61.37
CA ASP AA 1299 33.63 -21.48 -62.17
C ASP AA 1299 33.75 -20.13 -61.47
N TYR AA 1300 33.57 -20.12 -60.14
CA TYR AA 1300 33.73 -18.87 -59.40
C TYR AA 1300 35.16 -18.34 -59.49
N LEU AA 1301 36.14 -19.24 -59.42
CA LEU AA 1301 37.53 -18.83 -59.58
C LEU AA 1301 37.90 -18.53 -61.03
N ALA AA 1302 37.08 -18.96 -61.98
CA ALA AA 1302 37.36 -18.69 -63.39
C ALA AA 1302 37.35 -17.20 -63.68
N ALA AA 1303 36.38 -16.46 -63.14
CA ALA AA 1303 36.30 -15.03 -63.34
C ALA AA 1303 37.40 -14.27 -62.61
N ARG AA 1304 38.12 -14.93 -61.71
CA ARG AA 1304 39.17 -14.33 -60.91
C ARG AA 1304 40.56 -14.65 -61.49
N PRO AA 1305 41.54 -13.79 -61.25
CA PRO AA 1305 42.90 -14.06 -61.75
C PRO AA 1305 43.57 -15.24 -61.05
N VAL AA 1306 44.77 -15.58 -61.49
CA VAL AA 1306 45.47 -16.74 -60.96
C VAL AA 1306 45.91 -16.47 -59.52
N GLY AA 1307 45.68 -17.45 -58.65
CA GLY AA 1307 46.11 -17.38 -57.27
C GLY AA 1307 45.01 -17.14 -56.26
N ASP AA 1308 43.83 -16.70 -56.69
CA ASP AA 1308 42.73 -16.49 -55.75
C ASP AA 1308 42.25 -17.82 -55.18
N VAL AA 1309 41.79 -17.76 -53.93
CA VAL AA 1309 41.53 -18.96 -53.14
C VAL AA 1309 40.10 -18.94 -52.63
N VAL AA 1310 39.43 -20.09 -52.73
CA VAL AA 1310 38.08 -20.27 -52.21
C VAL AA 1310 38.09 -21.51 -51.31
N ILE AA 1311 37.18 -21.52 -50.34
CA ILE AA 1311 37.07 -22.61 -49.36
C ILE AA 1311 35.65 -23.13 -49.37
N ARG AA 1312 35.50 -24.44 -49.47
CA ARG AA 1312 34.20 -25.09 -49.55
C ARG AA 1312 34.23 -26.36 -48.71
N PRO AA 1313 33.06 -26.85 -48.29
CA PRO AA 1313 33.04 -28.11 -47.52
C PRO AA 1313 33.52 -29.28 -48.35
N SER AA 1314 34.16 -30.24 -47.69
CA SER AA 1314 34.73 -31.40 -48.34
C SER AA 1314 33.72 -32.56 -48.35
N SER AA 1315 33.87 -33.44 -49.34
CA SER AA 1315 33.01 -34.61 -49.44
C SER AA 1315 33.43 -35.75 -48.51
N LYS AA 1316 34.60 -35.67 -47.89
CA LYS AA 1316 35.08 -36.72 -47.01
C LYS AA 1316 34.51 -36.62 -45.60
N GLY AA 1317 33.74 -35.57 -45.29
CA GLY AA 1317 33.15 -35.41 -43.98
C GLY AA 1317 33.27 -34.00 -43.43
N SER AA 1318 32.55 -33.72 -42.35
CA SER AA 1318 32.61 -32.40 -41.73
C SER AA 1318 33.98 -32.12 -41.12
N ASN AA 1319 34.76 -33.16 -40.83
CA ASN AA 1319 36.11 -33.01 -40.33
C ASN AA 1319 37.13 -32.73 -41.42
N HIS AA 1320 36.67 -32.58 -42.66
CA HIS AA 1320 37.54 -32.31 -43.79
C HIS AA 1320 37.08 -31.04 -44.49
N ILE AA 1321 38.04 -30.32 -45.07
CA ILE AA 1321 37.79 -29.07 -45.77
C ILE AA 1321 38.51 -29.11 -47.11
N THR AA 1322 37.81 -28.74 -48.18
CA THR AA 1322 38.39 -28.66 -49.52
C THR AA 1322 38.71 -27.21 -49.83
N ILE AA 1323 39.97 -26.95 -50.21
CA ILE AA 1323 40.42 -25.62 -50.59
C ILE AA 1323 40.74 -25.64 -52.08
N SER AA 1324 40.11 -24.75 -52.84
CA SER AA 1324 40.30 -24.66 -54.28
C SER AA 1324 41.00 -23.35 -54.61
N TRP AA 1325 42.12 -23.44 -55.34
CA TRP AA 1325 42.87 -22.28 -55.77
C TRP AA 1325 43.23 -22.43 -57.24
N LYS AA 1326 43.28 -21.30 -57.94
CA LYS AA 1326 43.47 -21.29 -59.39
C LYS AA 1326 44.95 -21.48 -59.71
N VAL AA 1327 45.29 -22.68 -60.20
CA VAL AA 1327 46.66 -22.94 -60.62
C VAL AA 1327 46.98 -22.18 -61.90
N ALA AA 1328 46.05 -22.19 -62.85
CA ALA AA 1328 46.27 -21.58 -64.16
C ALA AA 1328 44.91 -21.30 -64.78
N PRO AA 1329 44.85 -20.50 -65.86
CA PRO AA 1329 43.57 -20.30 -66.56
C PRO AA 1329 42.91 -21.62 -66.92
N GLN AA 1330 41.68 -21.82 -66.42
CA GLN AA 1330 40.96 -23.09 -66.55
C GLN AA 1330 41.76 -24.26 -65.96
N LEU AA 1331 42.43 -24.02 -64.84
CA LEU AA 1331 43.16 -25.07 -64.12
C LEU AA 1331 43.09 -24.76 -62.63
N TYR AA 1332 42.49 -25.66 -61.86
CA TYR AA 1332 42.25 -25.45 -60.44
C TYR AA 1332 42.65 -26.70 -59.66
N GLN AA 1333 43.11 -26.49 -58.44
CA GLN AA 1333 43.52 -27.57 -57.55
C GLN AA 1333 42.65 -27.58 -56.30
N HIS AA 1334 42.06 -28.73 -55.99
CA HIS AA 1334 41.29 -28.92 -54.77
C HIS AA 1334 42.15 -29.70 -53.78
N ILE AA 1335 42.36 -29.13 -52.60
CA ILE AA 1335 43.22 -29.72 -51.58
C ILE AA 1335 42.37 -29.99 -50.35
N ASP AA 1336 42.42 -31.24 -49.87
CA ASP AA 1336 41.67 -31.64 -48.69
C ASP AA 1336 42.48 -31.37 -47.43
N VAL AA 1337 41.82 -30.79 -46.44
CA VAL AA 1337 42.44 -30.46 -45.16
C VAL AA 1337 41.71 -31.21 -44.06
N LEU AA 1338 42.46 -31.98 -43.28
CA LEU AA 1338 41.89 -32.74 -42.18
C LEU AA 1338 41.89 -31.89 -40.91
N GLU AA 1339 40.73 -31.83 -40.26
CA GLU AA 1339 40.55 -31.03 -39.05
C GLU AA 1339 40.72 -31.91 -37.82
N GLU AA 1340 41.42 -31.37 -36.81
CA GLU AA 1340 41.62 -32.06 -35.55
C GLU AA 1340 41.17 -31.18 -34.40
N ASN AA 1341 40.74 -31.81 -33.31
CA ASN AA 1341 40.30 -31.12 -32.10
C ASN AA 1341 39.15 -30.15 -32.41
N LYS AA 1342 38.15 -30.65 -33.14
CA LYS AA 1342 37.03 -29.82 -33.54
C LYS AA 1342 36.10 -29.56 -32.36
N ASP AA 1343 35.75 -28.29 -32.16
CA ASP AA 1343 34.80 -27.93 -31.11
C ASP AA 1343 33.36 -28.25 -31.50
N ASP AA 1344 33.04 -28.16 -32.80
CA ASP AA 1344 31.69 -28.44 -33.29
C ASP AA 1344 31.79 -28.76 -34.77
N ALA AA 1345 30.72 -29.37 -35.29
CA ALA AA 1345 30.69 -29.70 -36.72
C ALA AA 1345 30.80 -28.46 -37.59
N ASN AA 1346 30.08 -27.40 -37.23
CA ASN AA 1346 30.17 -26.15 -37.98
C ASN AA 1346 31.39 -25.33 -37.59
N ALA AA 1347 32.01 -25.63 -36.46
CA ALA AA 1347 33.17 -24.89 -36.00
C ALA AA 1347 34.43 -25.33 -36.76
N ILE AA 1348 35.46 -24.50 -36.65
CA ILE AA 1348 36.74 -24.77 -37.31
C ILE AA 1348 37.64 -25.52 -36.35
N GLY AA 1349 38.26 -26.59 -36.83
CA GLY AA 1349 39.12 -27.39 -35.98
C GLY AA 1349 40.35 -26.62 -35.55
N ARG AA 1350 40.82 -26.91 -34.33
CA ARG AA 1350 41.96 -26.21 -33.78
C ARG AA 1350 43.27 -26.58 -34.47
N VAL AA 1351 43.35 -27.76 -35.07
CA VAL AA 1351 44.54 -28.23 -35.75
C VAL AA 1351 44.17 -28.63 -37.16
N LEU AA 1352 44.92 -28.13 -38.14
CA LEU AA 1352 44.70 -28.43 -39.54
C LEU AA 1352 45.91 -29.14 -40.12
N LEU AA 1353 45.67 -30.21 -40.88
CA LEU AA 1353 46.73 -31.02 -41.46
C LEU AA 1353 46.58 -31.04 -42.98
N VAL AA 1354 47.66 -30.75 -43.68
CA VAL AA 1354 47.74 -30.87 -45.13
C VAL AA 1354 48.91 -31.80 -45.42
N GLY AA 1355 48.64 -33.09 -45.54
CA GLY AA 1355 49.71 -34.06 -45.61
C GLY AA 1355 50.50 -34.04 -44.31
N LYS AA 1356 51.83 -33.98 -44.43
CA LYS AA 1356 52.67 -33.89 -43.24
C LYS AA 1356 52.63 -32.51 -42.60
N TYR AA 1357 52.23 -31.49 -43.35
CA TYR AA 1357 52.18 -30.14 -42.82
C TYR AA 1357 51.08 -30.01 -41.77
N ARG AA 1358 51.38 -29.28 -40.70
CA ARG AA 1358 50.45 -29.05 -39.61
C ARG AA 1358 50.29 -27.55 -39.38
N TYR AA 1359 49.05 -27.10 -39.25
CA TYR AA 1359 48.75 -25.69 -39.04
C TYR AA 1359 47.72 -25.57 -37.93
N HIS AA 1360 47.53 -24.34 -37.43
CA HIS AA 1360 46.65 -24.09 -36.31
C HIS AA 1360 45.43 -23.24 -36.65
N ASP AA 1361 45.41 -22.56 -37.80
CA ASP AA 1361 44.27 -21.74 -38.17
C ASP AA 1361 44.22 -21.61 -39.68
N LEU AA 1362 43.08 -21.13 -40.18
CA LEU AA 1362 42.89 -20.99 -41.62
C LEU AA 1362 43.88 -20.01 -42.22
N ASP AA 1363 44.10 -18.86 -41.56
CA ASP AA 1363 45.01 -17.86 -42.10
C ASP AA 1363 46.45 -18.36 -42.10
N GLU AA 1364 46.87 -19.05 -41.04
CA GLU AA 1364 48.22 -19.61 -41.01
C GLU AA 1364 48.41 -20.62 -42.14
N LEU AA 1365 47.45 -21.53 -42.28
CA LEU AA 1365 47.51 -22.51 -43.37
C LEU AA 1365 47.61 -21.82 -44.72
N LEU AA 1366 46.72 -20.85 -44.95
CA LEU AA 1366 46.70 -20.14 -46.23
C LEU AA 1366 48.06 -19.50 -46.51
N VAL AA 1367 48.52 -18.64 -45.61
CA VAL AA 1367 49.73 -17.88 -45.85
C VAL AA 1367 50.94 -18.80 -46.03
N GLU AA 1368 51.07 -19.82 -45.16
CA GLU AA 1368 52.27 -20.63 -45.20
C GLU AA 1368 52.28 -21.63 -46.35
N TYR AA 1369 51.11 -22.14 -46.77
CA TYR AA 1369 51.06 -23.18 -47.79
C TYR AA 1369 50.70 -22.62 -49.16
N VAL AA 1370 49.53 -21.97 -49.27
CA VAL AA 1370 49.00 -21.61 -50.59
C VAL AA 1370 49.84 -20.52 -51.23
N ASN AA 1371 50.22 -19.50 -50.45
CA ASN AA 1371 51.02 -18.41 -51.01
C ASN AA 1371 52.38 -18.92 -51.48
N ASN AA 1372 53.02 -19.78 -50.69
CA ASN AA 1372 54.32 -20.34 -51.09
C ASN AA 1372 54.19 -21.22 -52.33
N VAL AA 1373 53.12 -22.02 -52.40
CA VAL AA 1373 52.90 -22.85 -53.58
C VAL AA 1373 52.70 -21.99 -54.81
N ALA AA 1374 51.91 -20.91 -54.68
CA ALA AA 1374 51.68 -20.02 -55.81
C ALA AA 1374 52.96 -19.32 -56.23
N ASN AA 1375 53.79 -18.91 -55.27
CA ASN AA 1375 55.06 -18.28 -55.61
C ASN AA 1375 55.97 -19.25 -56.35
N LYS AA 1376 56.03 -20.52 -55.90
CA LYS AA 1376 56.85 -21.50 -56.60
C LYS AA 1376 56.30 -21.78 -57.99
N VAL AA 1377 54.97 -21.80 -58.14
CA VAL AA 1377 54.36 -22.00 -59.46
C VAL AA 1377 54.72 -20.86 -60.39
N GLU AA 1378 54.66 -19.62 -59.88
CA GLU AA 1378 55.05 -18.47 -60.69
C GLU AA 1378 56.53 -18.55 -61.07
N LEU AA 1379 57.38 -18.97 -60.13
CA LEU AA 1379 58.80 -19.11 -60.44
C LEU AA 1379 59.03 -20.15 -61.53
N MET AA 1380 58.28 -21.26 -61.46
CA MET AA 1380 58.36 -22.27 -62.51
C MET AA 1380 57.89 -21.71 -63.85
N VAL AA 1381 56.80 -20.94 -63.84
CA VAL AA 1381 56.30 -20.34 -65.08
C VAL AA 1381 57.28 -19.31 -65.61
N SER AA 1382 57.81 -18.46 -64.73
CA SER AA 1382 58.78 -17.44 -65.16
C SER AA 1382 60.12 -18.03 -65.53
N HIS AA 1383 60.36 -19.32 -65.24
CA HIS AA 1383 61.61 -19.96 -65.59
C HIS AA 1383 61.75 -20.07 -67.10
N ASP AA 1384 63.00 -20.06 -67.57
CA ASP AA 1384 63.26 -20.06 -69.01
C ASP AA 1384 62.87 -21.37 -69.68
N LYS AA 1385 62.84 -22.46 -68.91
CA LYS AA 1385 62.56 -23.79 -69.44
C LYS AA 1385 61.12 -24.24 -69.20
N PHE AA 1386 60.16 -23.32 -69.30
CA PHE AA 1386 58.77 -23.61 -69.03
C PHE AA 1386 57.92 -23.44 -70.28
N MET AA 1387 56.88 -24.25 -70.39
CA MET AA 1387 55.93 -24.18 -71.49
C MET AA 1387 54.57 -24.62 -70.97
N SER AA 1388 53.58 -23.72 -71.00
CA SER AA 1388 52.26 -24.02 -70.44
C SER AA 1388 51.32 -24.67 -71.44
N ASP AA 1389 51.75 -24.90 -72.68
CA ASP AA 1389 50.87 -25.43 -73.70
C ASP AA 1389 50.57 -26.91 -73.43
N SER AA 1390 49.82 -27.51 -74.34
CA SER AA 1390 49.38 -28.89 -74.18
C SER AA 1390 50.56 -29.86 -74.22
N LEU AA 1391 50.37 -31.02 -73.61
CA LEU AA 1391 51.44 -31.99 -73.49
C LEU AA 1391 51.91 -32.49 -74.86
N ASP AA 1392 50.97 -32.72 -75.78
CA ASP AA 1392 51.36 -33.17 -77.12
C ASP AA 1392 52.18 -32.12 -77.85
N TYR AA 1393 51.79 -30.85 -77.73
CA TYR AA 1393 52.56 -29.77 -78.34
C TYR AA 1393 53.94 -29.64 -77.71
N VAL AA 1394 54.01 -29.85 -76.39
CA VAL AA 1394 55.31 -29.83 -75.71
C VAL AA 1394 56.19 -30.95 -76.23
N LYS AA 1395 55.63 -32.15 -76.41
CA LYS AA 1395 56.39 -33.27 -76.95
C LYS AA 1395 56.88 -32.98 -78.36
N GLU AA 1396 56.01 -32.41 -79.20
CA GLU AA 1396 56.41 -32.08 -80.57
C GLU AA 1396 57.52 -31.04 -80.58
N TRP AA 1397 57.41 -30.00 -79.76
CA TRP AA 1397 58.44 -28.98 -79.70
C TRP AA 1397 59.75 -29.56 -79.20
N LEU AA 1398 59.71 -30.43 -78.20
CA LEU AA 1398 60.92 -31.06 -77.69
C LEU AA 1398 61.56 -31.93 -78.76
N GLU AA 1399 60.76 -32.69 -79.50
CA GLU AA 1399 61.29 -33.52 -80.58
C GLU AA 1399 61.97 -32.66 -81.64
N ARG AA 1400 61.31 -31.57 -82.04
CA ARG AA 1400 61.90 -30.69 -83.06
C ARG AA 1400 63.20 -30.06 -82.58
N TYR AA 1401 63.21 -29.57 -81.34
CA TYR AA 1401 64.40 -28.91 -80.81
C TYR AA 1401 65.55 -29.89 -80.64
N SER AA 1402 65.25 -31.12 -80.20
CA SER AA 1402 66.29 -32.14 -80.09
C SER AA 1402 66.84 -32.52 -81.45
N LYS AA 1403 65.96 -32.65 -82.46
CA LYS AA 1403 66.43 -32.98 -83.80
C LYS AA 1403 67.32 -31.86 -84.35
N ALA AA 1404 66.93 -30.60 -84.11
CA ALA AA 1404 67.74 -29.49 -84.60
C ALA AA 1404 69.04 -29.34 -83.81
N ASN AA 1405 69.02 -29.68 -82.53
CA ASN AA 1405 70.19 -29.47 -81.67
C ASN AA 1405 70.67 -30.78 -81.05
N GLY AA 1406 70.81 -31.82 -81.87
CA GLY AA 1406 71.16 -33.15 -81.39
C GLY AA 1406 72.47 -33.28 -80.65
N ASN AA 1407 73.21 -32.19 -80.50
CA ASN AA 1407 74.47 -32.19 -79.77
C ASN AA 1407 74.29 -32.01 -78.27
N ARG AA 1408 73.09 -31.73 -77.80
CA ARG AA 1408 72.84 -31.49 -76.39
C ARG AA 1408 71.52 -32.14 -75.98
N SER AA 1409 71.37 -32.36 -74.68
CA SER AA 1409 70.13 -32.87 -74.11
C SER AA 1409 69.26 -31.72 -73.65
N HIS AA 1410 67.97 -31.76 -74.00
CA HIS AA 1410 67.05 -30.67 -73.75
C HIS AA 1410 65.94 -31.13 -72.82
N TYR AA 1411 65.65 -30.32 -71.81
CA TYR AA 1411 64.59 -30.59 -70.85
C TYR AA 1411 63.69 -29.37 -70.71
N ILE AA 1412 62.38 -29.61 -70.61
CA ILE AA 1412 61.40 -28.54 -70.47
C ILE AA 1412 60.35 -28.97 -69.45
N PHE AA 1413 59.67 -27.96 -68.89
CA PHE AA 1413 58.63 -28.17 -67.89
C PHE AA 1413 57.28 -27.77 -68.45
N THR AA 1414 56.24 -28.45 -68.01
CA THR AA 1414 54.88 -28.16 -68.47
C THR AA 1414 53.89 -28.46 -67.36
N PHE AA 1415 52.68 -27.96 -67.54
CA PHE AA 1415 51.62 -28.17 -66.56
C PHE AA 1415 51.16 -29.62 -66.54
N ASN AA 1416 50.84 -30.12 -65.35
CA ASN AA 1416 50.25 -31.44 -65.18
C ASN AA 1416 48.74 -31.23 -65.11
N ARG AA 1417 48.09 -31.27 -66.28
CA ARG AA 1417 46.66 -30.98 -66.35
C ARG AA 1417 45.83 -32.06 -65.68
N LYS AA 1418 46.30 -33.31 -65.69
CA LYS AA 1418 45.56 -34.38 -65.01
C LYS AA 1418 45.68 -34.30 -63.49
N ALA AA 1419 46.87 -33.94 -62.98
CA ALA AA 1419 47.13 -33.85 -61.55
C ALA AA 1419 47.44 -32.40 -61.20
N PRO AA 1420 46.46 -31.64 -60.71
CA PRO AA 1420 46.72 -30.24 -60.36
C PRO AA 1420 47.75 -30.12 -59.25
N GLY AA 1421 48.53 -29.03 -59.31
CA GLY AA 1421 49.59 -28.81 -58.36
C GLY AA 1421 50.89 -29.53 -58.68
N TRP AA 1422 50.98 -30.18 -59.84
CA TRP AA 1422 52.17 -30.92 -60.25
C TRP AA 1422 52.69 -30.34 -61.56
N PHE AA 1423 53.85 -30.85 -61.97
CA PHE AA 1423 54.46 -30.45 -63.24
C PHE AA 1423 55.11 -31.67 -63.89
N PHE AA 1424 55.10 -31.69 -65.22
CA PHE AA 1424 55.73 -32.74 -65.99
C PHE AA 1424 57.07 -32.23 -66.52
N LEU AA 1425 58.15 -32.93 -66.16
CA LEU AA 1425 59.49 -32.61 -66.65
C LEU AA 1425 59.82 -33.57 -67.78
N LEU AA 1426 59.78 -33.07 -69.01
CA LEU AA 1426 60.09 -33.87 -70.19
C LEU AA 1426 61.50 -33.55 -70.66
N PHE AA 1427 62.35 -34.56 -70.73
CA PHE AA 1427 63.72 -34.40 -71.17
C PHE AA 1427 64.04 -35.45 -72.24
N LYS AA 1428 64.80 -35.04 -73.24
CA LYS AA 1428 65.21 -35.91 -74.34
C LYS AA 1428 66.72 -35.82 -74.50
N LEU AA 1429 67.42 -36.92 -74.22
CA LEU AA 1429 68.88 -36.91 -74.25
C LEU AA 1429 69.40 -36.62 -75.65
N ASN AA 1430 68.81 -37.24 -76.66
CA ASN AA 1430 69.23 -37.06 -78.04
C ASN AA 1430 68.05 -37.41 -78.94
N PRO AA 1431 68.12 -37.08 -80.23
CA PRO AA 1431 67.01 -37.42 -81.12
C PRO AA 1431 66.66 -38.91 -81.13
N THR AA 1432 67.64 -39.78 -80.89
CA THR AA 1432 67.37 -41.21 -80.86
C THR AA 1432 66.84 -41.68 -79.50
N SER AA 1433 66.92 -40.85 -78.47
CA SER AA 1433 66.44 -41.23 -77.14
C SER AA 1433 64.98 -40.86 -76.97
N GLU AA 1434 64.22 -41.75 -76.34
CA GLU AA 1434 62.80 -41.50 -76.11
C GLU AA 1434 62.60 -40.38 -75.08
N ILE AA 1435 61.51 -39.64 -75.25
CA ILE AA 1435 61.18 -38.57 -74.32
C ILE AA 1435 60.71 -39.19 -73.01
N LYS AA 1436 61.40 -38.85 -71.92
CA LYS AA 1436 61.07 -39.36 -70.59
C LYS AA 1436 60.46 -38.23 -69.77
N ILE AA 1437 59.34 -38.53 -69.11
CA ILE AA 1437 58.57 -37.54 -68.37
C ILE AA 1437 58.68 -37.86 -66.88
N TRP AA 1438 59.04 -36.86 -66.09
CA TRP AA 1438 59.16 -37.00 -64.65
C TRP AA 1438 58.17 -36.09 -63.95
N ASN AA 1439 57.75 -36.51 -62.75
CA ASN AA 1439 56.71 -35.81 -62.00
C ASN AA 1439 57.34 -34.90 -60.97
N VAL AA 1440 56.90 -33.63 -60.95
CA VAL AA 1440 57.39 -32.63 -60.01
C VAL AA 1440 56.19 -32.04 -59.28
N LYS AA 1441 56.27 -32.01 -57.96
CA LYS AA 1441 55.19 -31.50 -57.12
C LYS AA 1441 55.54 -30.11 -56.61
N ALA AA 1442 54.57 -29.20 -56.66
CA ALA AA 1442 54.77 -27.82 -56.21
C ALA AA 1442 54.49 -27.78 -54.71
N LEU AA 1443 55.56 -27.78 -53.92
CA LEU AA 1443 55.49 -27.71 -52.47
C LEU AA 1443 55.81 -26.33 -51.96
N PRO AA 1444 55.37 -25.98 -50.75
CA PRO AA 1444 55.70 -24.65 -50.20
C PRO AA 1444 57.20 -24.37 -50.11
N ASP AA 1445 57.99 -25.39 -49.79
CA ASP AA 1445 59.43 -25.21 -49.67
C ASP AA 1445 60.18 -25.38 -50.99
N GLY AA 1446 59.47 -25.73 -52.06
CA GLY AA 1446 60.12 -25.86 -53.36
C GLY AA 1446 59.45 -26.84 -54.28
N TYR AA 1447 60.26 -27.65 -54.98
CA TYR AA 1447 59.77 -28.60 -55.97
C TYR AA 1447 60.30 -29.97 -55.62
N LEU AA 1448 59.41 -30.96 -55.59
CA LEU AA 1448 59.77 -32.33 -55.23
C LEU AA 1448 59.94 -33.14 -56.51
N LEU AA 1449 61.18 -33.52 -56.82
CA LEU AA 1449 61.49 -34.38 -57.96
C LEU AA 1449 62.40 -35.50 -57.49
N ALA AA 1450 62.02 -36.74 -57.80
CA ALA AA 1450 62.77 -37.92 -57.40
C ALA AA 1450 62.98 -37.95 -55.89
N ASN AA 1451 61.92 -37.62 -55.15
CA ASN AA 1451 61.94 -37.57 -53.68
C ASN AA 1451 62.97 -36.59 -53.14
N ASN AA 1452 63.30 -35.56 -53.91
CA ASN AA 1452 64.26 -34.54 -53.50
C ASN AA 1452 63.62 -33.17 -53.61
N VAL AA 1453 63.81 -32.34 -52.58
CA VAL AA 1453 63.23 -31.01 -52.51
C VAL AA 1453 64.25 -30.00 -52.97
N TYR AA 1454 63.90 -29.23 -54.01
CA TYR AA 1454 64.78 -28.21 -54.56
C TYR AA 1454 64.19 -26.83 -54.30
N PRO AA 1455 64.91 -25.95 -53.61
CA PRO AA 1455 64.31 -24.66 -53.21
C PRO AA 1455 63.88 -23.79 -54.38
N ASP AA 1456 64.59 -23.82 -55.50
CA ASP AA 1456 64.31 -22.94 -56.63
C ASP AA 1456 64.39 -23.73 -57.93
N THR AA 1457 63.93 -23.08 -59.01
CA THR AA 1457 63.92 -23.73 -60.32
C THR AA 1457 65.33 -24.02 -60.80
N ASN AA 1458 66.27 -23.10 -60.59
CA ASN AA 1458 67.65 -23.33 -61.00
C ASN AA 1458 68.26 -24.48 -60.21
N SER AA 1459 67.98 -24.54 -58.91
CA SER AA 1459 68.44 -25.67 -58.11
C SER AA 1459 67.81 -26.98 -58.59
N LEU AA 1460 66.53 -26.93 -58.97
CA LEU AA 1460 65.88 -28.11 -59.53
C LEU AA 1460 66.56 -28.57 -60.82
N CYS AA 1461 66.91 -27.61 -61.68
CA CYS AA 1461 67.59 -27.95 -62.94
C CYS AA 1461 68.96 -28.56 -62.67
N ASN AA 1462 69.71 -27.96 -61.74
CA ASN AA 1462 71.02 -28.52 -61.40
C ASN AA 1462 70.90 -29.91 -60.82
N GLY AA 1463 69.91 -30.14 -59.96
CA GLY AA 1463 69.70 -31.46 -59.40
C GLY AA 1463 69.29 -32.47 -60.47
N PHE AA 1464 68.46 -32.06 -61.42
CA PHE AA 1464 68.08 -32.95 -62.51
C PHE AA 1464 69.29 -33.32 -63.36
N LYS AA 1465 70.15 -32.35 -63.66
CA LYS AA 1465 71.36 -32.64 -64.43
C LYS AA 1465 72.29 -33.57 -63.66
N THR AA 1466 72.44 -33.34 -62.35
CA THR AA 1466 73.29 -34.21 -61.54
C THR AA 1466 72.72 -35.62 -61.46
N LEU AA 1467 71.41 -35.75 -61.35
CA LEU AA 1467 70.77 -37.06 -61.34
C LEU AA 1467 70.98 -37.78 -62.66
N MET AA 1468 70.85 -37.06 -63.77
CA MET AA 1468 71.10 -37.67 -65.07
C MET AA 1468 72.55 -38.12 -65.21
N SER AA 1469 73.49 -37.30 -64.74
CA SER AA 1469 74.90 -37.67 -64.80
C SER AA 1469 75.19 -38.89 -63.95
N SER AA 1470 74.64 -38.95 -62.74
CA SER AA 1470 74.89 -40.08 -61.85
C SER AA 1470 74.26 -41.36 -62.40
N ARG AA 1471 73.05 -41.27 -62.95
CA ARG AA 1471 72.39 -42.45 -63.47
C ARG AA 1471 73.02 -42.90 -64.79
N ARG AA 1472 73.70 -42.00 -65.49
CA ARG AA 1472 74.39 -42.34 -66.73
C ARG AA 1472 75.66 -43.14 -66.45
N LEU BA 155 -64.17 17.74 -28.28
CA LEU BA 155 -63.43 16.79 -27.47
C LEU BA 155 -64.22 15.51 -27.11
N GLU BA 156 -65.07 15.47 -26.08
CA GLU BA 156 -65.47 14.20 -25.44
C GLU BA 156 -66.57 13.36 -26.13
N GLN BA 157 -67.44 13.94 -26.97
CA GLN BA 157 -68.38 13.16 -27.81
C GLN BA 157 -67.64 12.18 -28.75
N MET BA 158 -66.50 12.66 -29.25
CA MET BA 158 -65.60 11.92 -30.14
C MET BA 158 -64.99 10.73 -29.41
N GLN BA 159 -64.59 10.92 -28.15
CA GLN BA 159 -64.07 9.80 -27.37
C GLN BA 159 -65.13 8.73 -27.15
N ASP BA 160 -66.39 9.15 -26.92
CA ASP BA 160 -67.47 8.18 -26.77
C ASP BA 160 -67.68 7.39 -28.06
N GLU BA 161 -67.62 8.06 -29.21
CA GLU BA 161 -67.77 7.37 -30.49
C GLU BA 161 -66.62 6.38 -30.70
N LEU BA 162 -65.40 6.79 -30.40
CA LEU BA 162 -64.26 5.88 -30.56
C LEU BA 162 -64.37 4.68 -29.62
N ILE BA 163 -64.84 4.91 -28.39
CA ILE BA 163 -64.99 3.83 -27.44
C ILE BA 163 -66.10 2.88 -27.87
N GLN BA 164 -67.18 3.41 -28.45
CA GLN BA 164 -68.23 2.54 -28.98
C GLN BA 164 -67.70 1.71 -30.15
N GLN BA 165 -66.89 2.30 -31.01
CA GLN BA 165 -66.26 1.53 -32.09
C GLN BA 165 -65.37 0.44 -31.53
N LEU BA 166 -64.61 0.75 -30.48
CA LEU BA 166 -63.80 -0.27 -29.81
C LEU BA 166 -64.67 -1.37 -29.22
N LYS BA 167 -65.82 -1.00 -28.66
CA LYS BA 167 -66.75 -1.99 -28.11
C LYS BA 167 -67.24 -2.94 -29.20
N LEU BA 168 -67.62 -2.38 -30.35
CA LEU BA 168 -68.06 -3.21 -31.46
C LEU BA 168 -66.95 -4.13 -31.95
N GLN BA 169 -65.73 -3.59 -32.06
CA GLN BA 169 -64.60 -4.41 -32.48
C GLN BA 169 -64.32 -5.53 -31.48
N MET BA 170 -64.41 -5.24 -30.19
CA MET BA 170 -64.17 -6.26 -29.17
C MET BA 170 -65.23 -7.35 -29.23
N GLU BA 171 -66.50 -6.97 -29.37
CA GLU BA 171 -67.56 -7.98 -29.47
C GLU BA 171 -67.37 -8.84 -30.71
N GLU BA 172 -67.04 -8.20 -31.84
CA GLU BA 172 -66.82 -8.96 -33.08
C GLU BA 172 -65.64 -9.90 -32.95
N SER BA 173 -64.56 -9.45 -32.31
CA SER BA 173 -63.39 -10.30 -32.13
C SER BA 173 -63.71 -11.48 -31.21
N ALA BA 174 -64.49 -11.23 -30.15
CA ALA BA 174 -64.88 -12.31 -29.27
C ALA BA 174 -65.73 -13.35 -30.01
N ILE BA 175 -66.67 -12.87 -30.83
CA ILE BA 175 -67.51 -13.80 -31.60
C ILE BA 175 -66.65 -14.60 -32.58
N ARG BA 176 -65.72 -13.93 -33.26
CA ARG BA 176 -64.85 -14.62 -34.22
C ARG BA 176 -63.99 -15.66 -33.53
N ASP BA 177 -63.43 -15.33 -32.37
CA ASP BA 177 -62.59 -16.28 -31.64
C ASP BA 177 -63.41 -17.46 -31.14
N ALA BA 178 -64.62 -17.20 -30.66
CA ALA BA 178 -65.50 -18.30 -30.24
C ALA BA 178 -65.81 -19.22 -31.41
N ASN BA 179 -66.12 -18.66 -32.57
CA ASN BA 179 -66.37 -19.49 -33.75
C ASN BA 179 -65.14 -20.27 -34.14
N ASN BA 180 -63.97 -19.63 -34.12
CA ASN BA 180 -62.73 -20.31 -34.50
C ASN BA 180 -62.44 -21.49 -33.57
N ILE BA 181 -62.66 -21.29 -32.27
CA ILE BA 181 -62.51 -22.40 -31.33
C ILE BA 181 -63.54 -23.49 -31.64
N GLU BA 182 -64.77 -23.10 -31.94
CA GLU BA 182 -65.76 -24.07 -32.38
C GLU BA 182 -65.41 -24.70 -33.72
N GLN BA 183 -64.60 -24.02 -34.53
CA GLN BA 183 -64.13 -24.57 -35.80
C GLN BA 183 -62.79 -25.27 -35.69
N GLY BA 184 -62.29 -25.49 -34.48
CA GLY BA 184 -61.02 -26.16 -34.32
C GLY BA 184 -59.80 -25.29 -34.53
N LYS BA 185 -59.92 -23.98 -34.30
CA LYS BA 185 -58.81 -23.07 -34.48
C LYS BA 185 -58.59 -22.26 -33.21
N PRO BA 186 -57.35 -21.89 -32.92
CA PRO BA 186 -57.08 -21.14 -31.69
C PRO BA 186 -57.64 -19.73 -31.74
N ALA BA 187 -57.89 -19.17 -30.56
CA ALA BA 187 -58.40 -17.81 -30.44
C ALA BA 187 -57.24 -16.84 -30.61
N ILE BA 188 -57.25 -16.07 -31.71
CA ILE BA 188 -56.14 -15.21 -32.06
C ILE BA 188 -56.60 -13.76 -32.14
N PHE BA 189 -57.88 -13.57 -32.46
CA PHE BA 189 -58.40 -12.22 -32.66
C PHE BA 189 -58.34 -11.40 -31.37
N LYS BA 190 -58.64 -12.04 -30.23
CA LYS BA 190 -58.52 -11.33 -28.96
C LYS BA 190 -57.09 -10.88 -28.71
N LEU BA 191 -56.12 -11.75 -29.01
CA LEU BA 191 -54.72 -11.38 -28.85
C LEU BA 191 -54.35 -10.25 -29.80
N LYS BA 192 -54.88 -10.27 -31.03
CA LYS BA 192 -54.60 -9.20 -31.98
C LYS BA 192 -55.15 -7.87 -31.49
N LEU BA 193 -56.35 -7.87 -30.92
CA LEU BA 193 -56.96 -6.63 -30.44
C LEU BA 193 -56.42 -6.19 -29.09
N LEU BA 194 -55.77 -7.08 -28.36
CA LEU BA 194 -55.27 -6.75 -27.02
C LEU BA 194 -54.40 -5.49 -26.96
N PRO BA 195 -53.43 -5.26 -27.85
CA PRO BA 195 -52.62 -4.03 -27.71
C PRO BA 195 -53.42 -2.75 -27.75
N LYS BA 196 -54.36 -2.62 -28.69
CA LYS BA 196 -55.14 -1.39 -28.78
C LYS BA 196 -56.03 -1.20 -27.55
N VAL BA 197 -56.64 -2.29 -27.08
CA VAL BA 197 -57.48 -2.22 -25.88
C VAL BA 197 -56.64 -1.81 -24.67
N LYS BA 198 -55.44 -2.37 -24.56
CA LYS BA 198 -54.53 -2.01 -23.47
C LYS BA 198 -54.16 -0.53 -23.54
N ASP BA 199 -53.82 -0.04 -24.74
CA ASP BA 199 -53.46 1.37 -24.89
C ASP BA 199 -54.62 2.29 -24.53
N ILE BA 200 -55.83 1.92 -24.95
CA ILE BA 200 -57.00 2.74 -24.63
C ILE BA 200 -57.27 2.72 -23.13
N LEU BA 201 -57.20 1.55 -22.50
CA LEU BA 201 -57.54 1.44 -21.10
C LEU BA 201 -56.50 2.14 -20.22
N LEU BA 202 -55.23 2.08 -20.60
CA LEU BA 202 -54.19 2.73 -19.82
C LEU BA 202 -54.35 4.25 -19.78
N ARG BA 203 -55.06 4.83 -20.74
CA ARG BA 203 -55.28 6.28 -20.77
C ARG BA 203 -56.32 6.64 -19.72
N ALA BA 204 -55.91 7.41 -18.71
CA ALA BA 204 -56.77 7.66 -17.55
C ALA BA 204 -57.94 8.58 -17.91
N ASN BA 205 -57.68 9.62 -18.70
CA ASN BA 205 -58.72 10.62 -18.97
C ASN BA 205 -59.89 10.05 -19.76
N LEU BA 206 -59.73 8.88 -20.37
CA LEU BA 206 -60.82 8.25 -21.10
C LEU BA 206 -61.69 7.37 -20.22
N ALA BA 207 -61.38 7.27 -18.93
CA ALA BA 207 -62.16 6.40 -18.03
C ALA BA 207 -63.60 6.87 -17.94
N ASP BA 208 -63.81 8.18 -17.88
CA ASP BA 208 -65.17 8.72 -17.80
C ASP BA 208 -65.98 8.34 -19.03
N SER BA 209 -65.38 8.45 -20.21
CA SER BA 209 -66.08 8.06 -21.43
C SER BA 209 -66.31 6.56 -21.48
N ILE BA 210 -65.36 5.78 -20.98
CA ILE BA 210 -65.54 4.32 -20.90
C ILE BA 210 -66.75 3.99 -20.05
N LEU BA 211 -66.86 4.64 -18.89
CA LEU BA 211 -68.00 4.41 -18.00
C LEU BA 211 -69.29 4.94 -18.61
N ASP BA 212 -69.24 6.00 -19.40
CA ASP BA 212 -70.43 6.51 -20.09
C ASP BA 212 -70.86 5.59 -21.26
N ASN BA 213 -69.95 4.78 -21.84
CA ASN BA 213 -70.31 3.81 -22.86
C ASN BA 213 -70.44 2.39 -22.32
N ASN BA 214 -70.18 2.18 -21.04
CA ASN BA 214 -70.33 0.86 -20.40
C ASN BA 214 -69.52 -0.21 -21.12
N LEU BA 215 -68.24 0.10 -21.37
CA LEU BA 215 -67.35 -0.88 -22.00
C LEU BA 215 -67.09 -2.08 -21.11
N LEU BA 216 -67.40 -1.95 -19.81
CA LEU BA 216 -67.22 -3.06 -18.89
C LEU BA 216 -68.09 -4.25 -19.28
N ALA BA 217 -69.18 -4.01 -20.01
CA ALA BA 217 -69.98 -5.13 -20.52
C ALA BA 217 -69.16 -6.00 -21.46
N SER BA 218 -68.45 -5.37 -22.40
CA SER BA 218 -67.58 -6.13 -23.29
C SER BA 218 -66.39 -6.70 -22.55
N VAL BA 219 -65.90 -6.00 -21.52
CA VAL BA 219 -64.82 -6.55 -20.70
C VAL BA 219 -65.26 -7.85 -20.05
N ARG BA 220 -66.46 -7.86 -19.48
CA ARG BA 220 -67.02 -9.08 -18.90
C ARG BA 220 -67.25 -10.15 -19.95
N LEU BA 221 -67.71 -9.75 -21.14
CA LEU BA 221 -67.90 -10.71 -22.22
C LEU BA 221 -66.60 -11.41 -22.58
N TRP BA 222 -65.50 -10.65 -22.68
CA TRP BA 222 -64.19 -11.26 -22.89
C TRP BA 222 -63.79 -12.14 -21.71
N LEU BA 223 -64.05 -11.69 -20.47
CA LEU BA 223 -63.69 -12.47 -19.30
C LEU BA 223 -64.58 -13.70 -19.13
N GLU BA 224 -65.75 -13.72 -19.73
CA GLU BA 224 -66.64 -14.86 -19.59
C GLU BA 224 -66.02 -16.08 -20.26
N PRO BA 225 -65.84 -17.19 -19.54
CA PRO BA 225 -65.28 -18.39 -20.17
C PRO BA 225 -66.17 -18.90 -21.30
N LEU BA 226 -65.53 -19.40 -22.35
CA LEU BA 226 -66.24 -19.89 -23.50
C LEU BA 226 -66.93 -21.22 -23.17
N PRO BA 227 -67.93 -21.61 -23.94
CA PRO BA 227 -68.70 -22.83 -23.59
C PRO BA 227 -67.87 -24.10 -23.55
N ASP BA 228 -66.69 -24.11 -24.16
CA ASP BA 228 -65.82 -25.29 -24.12
C ASP BA 228 -65.11 -25.46 -22.79
N ALA BA 229 -65.49 -24.68 -21.77
CA ALA BA 229 -64.84 -24.69 -20.46
C ALA BA 229 -63.35 -24.39 -20.58
N SER BA 230 -62.99 -23.46 -21.44
CA SER BA 230 -61.60 -23.03 -21.62
C SER BA 230 -61.49 -21.58 -21.18
N LEU BA 231 -60.53 -21.30 -20.28
CA LEU BA 231 -60.36 -19.96 -19.78
C LEU BA 231 -59.66 -19.08 -20.83
N PRO BA 232 -59.86 -17.76 -20.76
CA PRO BA 232 -59.20 -16.86 -21.71
C PRO BA 232 -57.70 -16.84 -21.48
N ALA BA 233 -56.99 -16.26 -22.45
CA ALA BA 233 -55.54 -16.20 -22.40
C ALA BA 233 -55.09 -15.38 -21.20
N TYR BA 234 -53.98 -15.81 -20.59
CA TYR BA 234 -53.50 -15.17 -19.36
C TYR BA 234 -53.19 -13.70 -19.57
N GLN BA 235 -52.71 -13.34 -20.76
CA GLN BA 235 -52.45 -11.93 -21.05
C GLN BA 235 -53.73 -11.10 -20.98
N ILE BA 236 -54.82 -11.63 -21.54
CA ILE BA 236 -56.09 -10.90 -21.51
C ILE BA 236 -56.56 -10.73 -20.07
N GLN BA 237 -56.50 -11.79 -19.27
CA GLN BA 237 -56.94 -11.71 -17.89
C GLN BA 237 -56.10 -10.70 -17.11
N LYS BA 238 -54.78 -10.75 -17.29
CA LYS BA 238 -53.89 -9.82 -16.56
C LYS BA 238 -54.16 -8.38 -16.97
N VAL BA 239 -54.29 -8.12 -18.27
CA VAL BA 239 -54.53 -6.76 -18.74
C VAL BA 239 -55.87 -6.24 -18.24
N LEU BA 240 -56.91 -7.07 -18.30
CA LEU BA 240 -58.22 -6.64 -17.84
C LEU BA 240 -58.23 -6.40 -16.33
N PHE BA 241 -57.55 -7.25 -15.56
CA PHE BA 241 -57.46 -7.02 -14.12
C PHE BA 241 -56.74 -5.71 -13.82
N ASP BA 242 -55.64 -5.44 -14.53
CA ASP BA 242 -54.92 -4.19 -14.31
C ASP BA 242 -55.79 -3.00 -14.67
N ALA BA 243 -56.54 -3.08 -15.77
CA ALA BA 243 -57.43 -2.00 -16.16
C ALA BA 243 -58.53 -1.78 -15.12
N ILE BA 244 -59.08 -2.88 -14.60
CA ILE BA 244 -60.12 -2.77 -13.58
C ILE BA 244 -59.57 -2.09 -12.34
N LYS BA 245 -58.35 -2.46 -11.93
CA LYS BA 245 -57.72 -1.78 -10.81
C LYS BA 245 -57.50 -0.30 -11.12
N SER BA 246 -57.10 0.02 -12.35
CA SER BA 246 -56.74 1.38 -12.72
C SER BA 246 -57.95 2.31 -12.87
N LEU BA 247 -59.17 1.79 -12.87
CA LEU BA 247 -60.30 2.68 -13.05
C LEU BA 247 -61.16 2.73 -11.80
N PRO BA 248 -61.79 3.88 -11.51
CA PRO BA 248 -62.69 4.00 -10.34
C PRO BA 248 -64.07 3.42 -10.59
N ILE BA 249 -64.18 2.10 -10.38
CA ILE BA 249 -65.43 1.39 -10.60
C ILE BA 249 -66.36 1.64 -9.42
N LYS BA 250 -67.57 2.12 -9.68
CA LYS BA 250 -68.59 2.32 -8.63
C LYS BA 250 -69.73 1.34 -8.80
N THR BA 251 -70.63 1.34 -7.82
CA THR BA 251 -71.73 0.38 -7.77
C THR BA 251 -72.62 0.49 -9.00
N SER BA 252 -72.84 1.71 -9.49
CA SER BA 252 -73.66 1.89 -10.69
C SER BA 252 -73.03 1.22 -11.90
N HIS BA 253 -71.71 1.35 -12.05
CA HIS BA 253 -71.03 0.70 -13.17
C HIS BA 253 -71.11 -0.81 -13.07
N LEU BA 254 -70.96 -1.37 -11.86
CA LEU BA 254 -71.10 -2.80 -11.68
C LEU BA 254 -72.52 -3.25 -12.01
N ARG BA 255 -73.52 -2.46 -11.60
CA ARG BA 255 -74.90 -2.80 -11.94
C ARG BA 255 -75.13 -2.79 -13.44
N GLU BA 256 -74.56 -1.80 -14.13
CA GLU BA 256 -74.68 -1.76 -15.59
C GLU BA 256 -74.01 -2.96 -16.24
N SER BA 257 -72.83 -3.34 -15.75
CA SER BA 257 -72.05 -4.39 -16.40
C SER BA 257 -72.31 -5.77 -15.82
N GLY BA 258 -72.57 -5.87 -14.52
CA GLY BA 258 -72.71 -7.18 -13.89
C GLY BA 258 -71.42 -7.97 -13.87
N LEU BA 259 -70.29 -7.29 -13.64
CA LEU BA 259 -69.00 -7.96 -13.61
C LEU BA 259 -68.77 -8.74 -12.31
N GLY BA 260 -69.59 -8.49 -11.28
CA GLY BA 260 -69.40 -9.17 -10.01
C GLY BA 260 -69.53 -10.67 -10.12
N LYS BA 261 -70.42 -11.13 -11.01
CA LYS BA 261 -70.60 -12.57 -11.20
C LYS BA 261 -69.33 -13.22 -11.72
N VAL BA 262 -68.72 -12.61 -12.74
CA VAL BA 262 -67.48 -13.14 -13.29
C VAL BA 262 -66.36 -13.03 -12.28
N MET BA 263 -66.33 -11.94 -11.50
CA MET BA 263 -65.31 -11.80 -10.46
C MET BA 263 -65.43 -12.90 -9.42
N VAL BA 264 -66.65 -13.22 -9.01
CA VAL BA 264 -66.86 -14.30 -8.05
C VAL BA 264 -66.46 -15.64 -8.65
N PHE BA 265 -66.79 -15.86 -9.93
CA PHE BA 265 -66.37 -17.08 -10.60
C PHE BA 265 -64.84 -17.20 -10.62
N TYR BA 266 -64.15 -16.12 -10.94
CA TYR BA 266 -62.69 -16.13 -10.92
C TYR BA 266 -62.16 -16.42 -9.53
N GLN BA 267 -62.78 -15.81 -8.51
CA GLN BA 267 -62.34 -16.04 -7.14
C GLN BA 267 -62.51 -17.50 -6.73
N LYS BA 268 -63.64 -18.11 -7.10
CA LYS BA 268 -63.91 -19.49 -6.71
C LYS BA 268 -63.11 -20.49 -7.52
N SER BA 269 -62.78 -20.17 -8.77
CA SER BA 269 -62.09 -21.11 -9.63
C SER BA 269 -60.67 -21.37 -9.16
N LYS BA 270 -60.14 -22.52 -9.55
CA LYS BA 270 -58.80 -22.94 -9.15
C LYS BA 270 -57.79 -22.93 -10.28
N ARG BA 271 -58.21 -23.08 -11.53
CA ARG BA 271 -57.30 -22.91 -12.65
C ARG BA 271 -56.81 -21.47 -12.77
N VAL BA 272 -57.53 -20.52 -12.17
CA VAL BA 272 -57.09 -19.13 -12.17
C VAL BA 272 -55.81 -18.99 -11.36
N GLU BA 273 -54.95 -18.08 -11.79
CA GLU BA 273 -53.69 -17.86 -11.10
C GLU BA 273 -53.95 -17.39 -9.68
N PRO BA 274 -53.19 -17.87 -8.69
CA PRO BA 274 -53.43 -17.46 -7.30
C PRO BA 274 -53.30 -15.96 -7.09
N ASN BA 275 -52.39 -15.30 -7.82
CA ASN BA 275 -52.31 -13.84 -7.73
C ASN BA 275 -53.59 -13.19 -8.22
N LEU BA 276 -54.13 -13.69 -9.33
CA LEU BA 276 -55.42 -13.19 -9.81
C LEU BA 276 -56.52 -13.51 -8.81
N LYS BA 277 -56.42 -14.64 -8.12
CA LYS BA 277 -57.40 -14.97 -7.09
C LYS BA 277 -57.37 -13.94 -5.96
N ARG BA 278 -56.18 -13.59 -5.49
CA ARG BA 278 -56.06 -12.58 -4.44
C ARG BA 278 -56.56 -11.22 -4.90
N THR BA 279 -56.21 -10.84 -6.14
CA THR BA 279 -56.69 -9.56 -6.66
C THR BA 279 -58.20 -9.54 -6.79
N ALA BA 280 -58.80 -10.65 -7.20
CA ALA BA 280 -60.25 -10.74 -7.29
C ALA BA 280 -60.90 -10.61 -5.91
N GLU BA 281 -60.33 -11.27 -4.90
CA GLU BA 281 -60.85 -11.13 -3.55
C GLU BA 281 -60.76 -9.67 -3.09
N LYS BA 282 -59.62 -9.02 -3.35
CA LYS BA 282 -59.44 -7.64 -2.95
C LYS BA 282 -60.45 -6.73 -3.64
N LEU BA 283 -60.65 -6.92 -4.94
CA LEU BA 283 -61.58 -6.07 -5.68
C LEU BA 283 -63.03 -6.30 -5.25
N ILE BA 284 -63.39 -7.56 -4.98
CA ILE BA 284 -64.74 -7.84 -4.50
C ILE BA 284 -64.98 -7.20 -3.15
N SER BA 285 -63.99 -7.28 -2.25
CA SER BA 285 -64.13 -6.61 -0.95
C SER BA 285 -64.25 -5.10 -1.12
N ASP BA 286 -63.44 -4.51 -1.99
CA ASP BA 286 -63.51 -3.07 -2.21
C ASP BA 286 -64.87 -2.66 -2.77
N TRP BA 287 -65.45 -3.49 -3.64
CA TRP BA 287 -66.74 -3.16 -4.23
C TRP BA 287 -67.89 -3.38 -3.24
N THR BA 288 -67.72 -4.33 -2.31
CA THR BA 288 -68.72 -4.49 -1.25
C THR BA 288 -68.61 -3.40 -0.20
N ARG BA 289 -67.45 -2.75 -0.09
CA ARG BA 289 -67.27 -1.70 0.91
C ARG BA 289 -68.33 -0.59 0.85
N PRO BA 290 -68.62 0.02 -0.31
CA PRO BA 290 -69.59 1.13 -0.29
C PRO BA 290 -71.01 0.71 0.04
N ILE BA 291 -71.40 -0.53 -0.30
CA ILE BA 291 -72.77 -0.96 -0.06
C ILE BA 291 -73.07 -0.99 1.43
N MET BA 292 -72.14 -1.51 2.23
CA MET BA 292 -72.34 -1.64 3.67
C MET BA 292 -71.90 -0.42 4.45
N GLY BA 293 -71.45 0.64 3.78
CA GLY BA 293 -71.01 1.84 4.46
C GLY BA 293 -69.91 2.60 3.73
N MET CA 41 49.87 37.09 61.24
CA MET CA 41 49.64 35.66 61.00
C MET CA 41 50.17 34.82 62.15
N SER CA 42 49.99 33.51 62.05
CA SER CA 42 50.51 32.59 63.06
C SER CA 42 52.03 32.51 62.96
N LEU CA 43 52.70 32.61 64.10
CA LEU CA 43 54.15 32.59 64.12
C LEU CA 43 54.68 31.23 63.72
N LEU CA 44 55.68 31.23 62.84
CA LEU CA 44 56.31 30.00 62.36
C LEU CA 44 57.52 29.71 63.26
N ASP CA 45 57.32 28.80 64.21
CA ASP CA 45 58.38 28.41 65.14
C ASP CA 45 58.12 26.97 65.59
N GLN CA 46 58.96 26.50 66.51
CA GLN CA 46 58.71 25.20 67.13
C GLN CA 46 57.41 25.21 67.93
N ASP CA 47 57.11 26.33 68.60
CA ASP CA 47 55.89 26.42 69.39
C ASP CA 47 54.64 26.28 68.53
N TYR CA 48 54.72 26.63 67.24
CA TYR CA 48 53.57 26.48 66.37
C TYR CA 48 53.14 25.02 66.28
N TYR CA 49 54.08 24.14 65.95
CA TYR CA 49 53.77 22.72 65.86
C TYR CA 49 53.69 22.06 67.23
N LEU CA 50 54.21 22.70 68.27
CA LEU CA 50 53.91 22.26 69.63
C LEU CA 50 52.44 22.43 69.94
N SER CA 51 51.91 23.63 69.71
CA SER CA 51 50.49 23.89 69.95
C SER CA 51 49.60 23.12 68.97
N ALA CA 52 50.11 22.84 67.77
CA ALA CA 52 49.36 22.00 66.84
C ALA CA 52 49.15 20.60 67.41
N LEU CA 53 50.18 20.04 68.03
CA LEU CA 53 50.09 18.74 68.68
C LEU CA 53 49.36 18.87 70.02
N PRO CA 54 48.73 17.79 70.48
CA PRO CA 54 48.10 17.82 71.81
C PRO CA 54 49.15 17.96 72.91
N GLU CA 55 48.70 18.45 74.07
CA GLU CA 55 49.61 18.68 75.18
C GLU CA 55 50.27 17.41 75.68
N ASP CA 56 49.71 16.24 75.34
CA ASP CA 56 50.37 14.99 75.69
C ASP CA 56 51.72 14.87 74.98
N LYS CA 57 51.78 15.29 73.72
CA LYS CA 57 53.02 15.23 72.94
C LYS CA 57 53.89 16.46 73.13
N ARG CA 58 53.40 17.48 73.83
CA ARG CA 58 54.19 18.70 74.03
C ARG CA 58 55.18 18.57 75.18
N ALA CA 59 54.67 18.31 76.38
CA ALA CA 59 55.51 18.32 77.58
C ALA CA 59 56.13 16.97 77.88
N GLU CA 60 55.36 15.89 77.76
CA GLU CA 60 55.86 14.57 78.14
C GLU CA 60 57.04 14.15 77.26
N LEU CA 61 56.96 14.40 75.96
CA LEU CA 61 58.01 13.96 75.05
C LEU CA 61 59.34 14.66 75.28
N VAL CA 62 59.33 15.80 75.97
CA VAL CA 62 60.54 16.58 76.18
C VAL CA 62 60.92 16.65 77.66
N THR CA 63 60.37 15.77 78.49
CA THR CA 63 60.69 15.77 79.91
C THR CA 63 62.16 15.49 80.14
N LEU CA 64 62.78 16.31 80.98
CA LEU CA 64 64.16 16.10 81.40
C LEU CA 64 64.26 15.40 82.74
N GLN CA 65 63.13 15.01 83.33
CA GLN CA 65 63.09 14.28 84.58
C GLN CA 65 62.50 12.90 84.34
N LEU CA 66 63.17 11.88 84.86
CA LEU CA 66 62.76 10.50 84.70
C LEU CA 66 62.29 9.95 86.04
N THR CA 67 61.10 9.35 86.04
CA THR CA 67 60.53 8.77 87.25
C THR CA 67 60.79 7.26 87.24
N ILE CA 68 61.42 6.77 88.31
CA ILE CA 68 61.84 5.38 88.40
C ILE CA 68 61.23 4.77 89.66
N PRO CA 69 60.32 3.81 89.54
CA PRO CA 69 59.80 3.14 90.73
C PRO CA 69 60.89 2.34 91.42
N LEU CA 70 60.77 2.22 92.74
CA LEU CA 70 61.74 1.47 93.54
C LEU CA 70 61.25 0.06 93.77
N LYS CA 71 62.19 -0.83 94.07
CA LYS CA 71 61.85 -2.22 94.36
C LYS CA 71 61.10 -2.37 95.68
N SER CA 72 61.19 -1.37 96.57
CA SER CA 72 60.51 -1.45 97.85
C SER CA 72 59.00 -1.40 97.72
N GLY CA 73 58.47 -1.01 96.56
CA GLY CA 73 57.04 -0.96 96.35
C GLY CA 73 56.57 0.30 95.67
N ASP CA 74 55.69 1.05 96.33
CA ASP CA 74 55.14 2.27 95.75
C ASP CA 74 56.15 3.41 95.70
N GLU CA 75 57.30 3.27 96.35
CA GLU CA 75 58.30 4.34 96.33
C GLU CA 75 58.87 4.52 94.94
N VAL CA 76 59.03 5.79 94.55
CA VAL CA 76 59.61 6.14 93.26
C VAL CA 76 60.67 7.22 93.48
N VAL CA 77 61.57 7.34 92.50
CA VAL CA 77 62.62 8.35 92.52
C VAL CA 77 62.59 9.11 91.19
N THR CA 78 62.66 10.43 91.27
CA THR CA 78 62.69 11.30 90.10
C THR CA 78 64.06 11.94 90.01
N ILE CA 79 64.75 11.74 88.89
CA ILE CA 79 66.07 12.29 88.65
C ILE CA 79 65.99 13.18 87.42
N ASP CA 80 66.37 14.44 87.59
CA ASP CA 80 66.36 15.41 86.51
C ASP CA 80 67.64 15.28 85.70
N PHE CA 81 67.49 15.22 84.37
CA PHE CA 81 68.66 15.12 83.50
C PHE CA 81 69.36 16.47 83.31
N ASN CA 82 68.77 17.56 83.79
CA ASN CA 82 69.48 18.84 83.78
C ASN CA 82 70.71 18.77 84.65
N GLU CA 83 70.61 18.13 85.81
CA GLU CA 83 71.76 17.94 86.68
C GLU CA 83 72.71 16.92 86.08
N ASP CA 84 73.94 16.88 86.61
CA ASP CA 84 74.94 15.94 86.14
C ASP CA 84 74.60 14.53 86.62
N VAL CA 85 73.91 13.76 85.77
CA VAL CA 85 73.51 12.41 86.13
C VAL CA 85 74.68 11.46 85.86
N ASP CA 86 75.09 10.73 86.89
CA ASP CA 86 76.14 9.73 86.74
C ASP CA 86 75.58 8.47 86.10
N VAL CA 87 76.30 7.93 85.12
CA VAL CA 87 75.83 6.73 84.44
C VAL CA 87 75.88 5.52 85.38
N SER CA 88 77.01 5.36 86.08
CA SER CA 88 77.21 4.17 86.90
C SER CA 88 76.22 4.12 88.06
N GLN CA 89 76.06 5.23 88.78
CA GLN CA 89 75.15 5.25 89.93
C GLN CA 89 73.71 5.04 89.48
N LEU CA 90 73.31 5.69 88.39
CA LEU CA 90 71.94 5.53 87.89
C LEU CA 90 71.68 4.09 87.45
N CYS CA 91 72.66 3.49 86.76
CA CYS CA 91 72.50 2.10 86.33
C CYS CA 91 72.42 1.16 87.53
N VAL CA 92 73.24 1.40 88.56
CA VAL CA 92 73.20 0.56 89.75
C VAL CA 92 71.85 0.68 90.44
N LEU CA 93 71.34 1.91 90.57
CA LEU CA 93 70.03 2.11 91.19
C LEU CA 93 68.93 1.43 90.38
N LEU CA 94 68.97 1.57 89.05
CA LEU CA 94 67.96 0.93 88.22
C LEU CA 94 68.01 -0.58 88.35
N GLU CA 95 69.22 -1.15 88.38
CA GLU CA 95 69.34 -2.60 88.55
C GLU CA 95 68.82 -3.04 89.91
N SER CA 96 69.10 -2.27 90.96
CA SER CA 96 68.61 -2.62 92.29
C SER CA 96 67.08 -2.58 92.33
N GLU CA 97 66.48 -1.54 91.76
CA GLU CA 97 65.03 -1.43 91.76
C GLU CA 97 64.37 -2.25 90.66
N ASN CA 98 65.13 -2.70 89.67
CA ASN CA 98 64.62 -3.50 88.56
C ASN CA 98 63.45 -2.79 87.88
N ALA CA 99 63.73 -1.57 87.42
CA ALA CA 99 62.71 -0.76 86.76
C ALA CA 99 62.42 -1.29 85.36
N ARG CA 100 61.36 -0.77 84.77
CA ARG CA 100 60.96 -1.20 83.44
C ARG CA 100 62.02 -0.82 82.41
N PRO CA 101 62.21 -1.62 81.37
CA PRO CA 101 63.25 -1.31 80.36
C PRO CA 101 63.02 0.01 79.66
N ASP CA 102 61.78 0.51 79.64
CA ASP CA 102 61.51 1.81 79.03
C ASP CA 102 62.32 2.91 79.70
N LEU CA 103 62.44 2.86 81.03
CA LEU CA 103 63.21 3.87 81.74
C LEU CA 103 64.70 3.77 81.38
N TRP CA 104 65.23 2.54 81.30
CA TRP CA 104 66.62 2.35 80.92
C TRP CA 104 66.89 2.94 79.53
N LEU CA 105 66.04 2.61 78.56
CA LEU CA 105 66.27 3.09 77.21
C LEU CA 105 66.02 4.59 77.07
N SER CA 106 65.08 5.14 77.85
CA SER CA 106 64.89 6.59 77.84
C SER CA 106 66.10 7.31 78.42
N ALA CA 107 66.68 6.78 79.50
CA ALA CA 107 67.90 7.35 80.04
C ALA CA 107 69.04 7.24 79.03
N ALA CA 108 69.11 6.12 78.31
CA ALA CA 108 70.11 5.97 77.26
C ALA CA 108 69.92 7.02 76.18
N LYS CA 109 68.68 7.25 75.76
CA LYS CA 109 68.41 8.26 74.74
C LYS CA 109 68.82 9.66 75.23
N VAL CA 110 68.49 9.99 76.48
CA VAL CA 110 68.84 11.30 77.00
C VAL CA 110 70.36 11.46 77.05
N PHE CA 111 71.07 10.42 77.51
CA PHE CA 111 72.53 10.50 77.54
C PHE CA 111 73.11 10.57 76.14
N VAL CA 112 72.40 10.02 75.14
CA VAL CA 112 72.77 10.25 73.75
C VAL CA 112 72.64 11.73 73.40
N SER CA 113 71.53 12.34 73.83
CA SER CA 113 71.36 13.78 73.61
C SER CA 113 72.46 14.57 74.32
N LYS CA 114 72.92 14.08 75.46
CA LYS CA 114 74.05 14.69 76.17
C LYS CA 114 75.38 14.41 75.47
N GLY CA 115 75.40 13.54 74.47
CA GLY CA 115 76.62 13.16 73.80
C GLY CA 115 77.39 12.04 74.46
N ASN CA 116 76.88 11.49 75.57
CA ASN CA 116 77.56 10.42 76.31
C ASN CA 116 77.26 9.07 75.62
N ILE CA 117 77.88 8.89 74.46
CA ILE CA 117 77.72 7.65 73.71
C ILE CA 117 78.28 6.47 74.51
N ALA CA 118 79.44 6.66 75.14
CA ALA CA 118 79.98 5.63 76.01
C ALA CA 118 79.04 5.38 77.20
N GLY CA 119 78.49 6.45 77.77
CA GLY CA 119 77.55 6.28 78.85
C GLY CA 119 76.29 5.52 78.44
N SER CA 120 75.78 5.84 77.24
CA SER CA 120 74.61 5.12 76.75
C SER CA 120 74.92 3.66 76.49
N GLN CA 121 76.11 3.38 75.94
CA GLN CA 121 76.51 1.98 75.75
C GLN CA 121 76.62 1.25 77.09
N GLU CA 122 77.15 1.93 78.11
CA GLU CA 122 77.19 1.34 79.44
C GLU CA 122 75.79 1.06 79.97
N ILE CA 123 74.86 2.00 79.75
CA ILE CA 123 73.48 1.80 80.18
C ILE CA 123 72.90 0.56 79.50
N ILE CA 124 73.13 0.43 78.19
CA ILE CA 124 72.58 -0.70 77.45
C ILE CA 124 73.18 -2.01 77.97
N ARG CA 125 74.50 -2.03 78.19
CA ARG CA 125 75.15 -3.26 78.64
C ARG CA 125 74.68 -3.67 80.03
N LYS CA 126 74.60 -2.71 80.95
CA LYS CA 126 74.15 -3.04 82.30
C LYS CA 126 72.67 -3.37 82.34
N ALA CA 127 71.88 -2.82 81.41
CA ALA CA 127 70.50 -3.27 81.27
C ALA CA 127 70.44 -4.72 80.81
N LEU CA 128 71.29 -5.09 79.85
CA LEU CA 128 71.41 -6.50 79.48
C LEU CA 128 71.84 -7.35 80.67
N GLN CA 129 72.61 -6.76 81.59
CA GLN CA 129 72.97 -7.45 82.82
C GLN CA 129 71.87 -7.39 83.87
N SER CA 130 70.86 -6.55 83.68
CA SER CA 130 69.80 -6.40 84.67
C SER CA 130 68.89 -7.62 84.69
N ASN CA 131 68.20 -7.79 85.82
CA ASN CA 131 67.28 -8.93 85.98
C ASN CA 131 66.05 -8.79 85.11
N VAL CA 132 65.60 -7.55 84.85
CA VAL CA 132 64.36 -7.35 84.09
C VAL CA 132 64.51 -7.90 82.68
N ILE CA 133 65.58 -7.53 81.99
CA ILE CA 133 65.77 -7.97 80.61
C ILE CA 133 66.02 -9.47 80.55
N LEU CA 134 66.77 -10.01 81.51
CA LEU CA 134 66.99 -11.45 81.57
C LEU CA 134 65.68 -12.21 81.78
N ASP CA 135 64.76 -11.66 82.56
CA ASP CA 135 63.47 -12.29 82.80
C ASP CA 135 62.41 -11.88 81.80
N SER CA 136 62.66 -10.86 80.98
CA SER CA 136 61.72 -10.47 79.94
C SER CA 136 61.86 -11.38 78.72
N SER CA 137 61.03 -11.12 77.72
CA SER CA 137 61.10 -11.87 76.48
C SER CA 137 62.32 -11.44 75.67
N ALA CA 138 62.59 -12.17 74.59
CA ALA CA 138 63.70 -11.82 73.72
C ALA CA 138 63.46 -10.52 72.96
N SER CA 139 62.22 -10.04 72.94
CA SER CA 139 61.91 -8.79 72.25
C SER CA 139 62.62 -7.61 72.89
N VAL CA 140 62.64 -7.55 74.22
CA VAL CA 140 63.30 -6.46 74.92
C VAL CA 140 64.80 -6.51 74.65
N THR CA 141 65.40 -7.70 74.69
CA THR CA 141 66.82 -7.83 74.42
C THR CA 141 67.14 -7.42 72.98
N SER CA 142 66.25 -7.76 72.04
CA SER CA 142 66.44 -7.34 70.65
C SER CA 142 66.35 -5.83 70.52
N LEU CA 143 65.40 -5.21 71.23
CA LEU CA 143 65.28 -3.75 71.19
C LEU CA 143 66.54 -3.09 71.76
N PHE CA 144 67.10 -3.64 72.84
CA PHE CA 144 68.33 -3.07 73.38
C PHE CA 144 69.52 -3.32 72.47
N HIS CA 145 69.54 -4.46 71.76
CA HIS CA 145 70.57 -4.69 70.75
C HIS CA 145 70.48 -3.67 69.63
N ASN CA 146 69.26 -3.34 69.20
CA ASN CA 146 69.08 -2.31 68.18
C ASN CA 146 69.47 -0.94 68.71
N PHE CA 147 69.23 -0.68 69.99
CA PHE CA 147 69.70 0.56 70.60
C PHE CA 147 71.23 0.64 70.57
N SER CA 148 71.90 -0.48 70.88
CA SER CA 148 73.36 -0.51 70.77
C SER CA 148 73.82 -0.32 69.33
N PHE CA 149 73.05 -0.85 68.38
CA PHE CA 149 73.31 -0.61 66.96
C PHE CA 149 73.26 0.87 66.64
N TRP CA 150 72.22 1.56 67.13
CA TRP CA 150 72.12 3.00 66.93
C TRP CA 150 73.28 3.73 67.62
N LEU CA 151 73.72 3.20 68.77
CA LEU CA 151 74.86 3.80 69.47
C LEU CA 151 76.13 3.70 68.65
N SER CA 152 76.36 2.54 68.03
CA SER CA 152 77.51 2.38 67.14
C SER CA 152 77.41 3.32 65.95
N LEU CA 153 76.21 3.45 65.38
CA LEU CA 153 76.00 4.37 64.27
C LEU CA 153 76.34 5.80 64.67
N MET CA 154 75.88 6.23 65.85
CA MET CA 154 76.15 7.59 66.31
C MET CA 154 77.64 7.79 66.60
N GLU CA 155 78.29 6.75 67.16
CA GLU CA 155 79.72 6.84 67.42
C GLU CA 155 80.50 7.01 66.13
N TYR CA 156 80.12 6.27 65.08
CA TYR CA 156 80.76 6.46 63.79
C TYR CA 156 80.47 7.85 63.22
N VAL CA 157 79.21 8.29 63.33
CA VAL CA 157 78.81 9.56 62.74
C VAL CA 157 79.52 10.72 63.42
N SER CA 158 79.59 10.70 64.76
CA SER CA 158 80.18 11.83 65.49
C SER CA 158 81.69 11.95 65.26
N THR CA 159 82.33 10.92 64.71
CA THR CA 159 83.77 10.93 64.46
C THR CA 159 84.14 10.81 63.00
N ASN CA 160 83.30 10.18 62.18
CA ASN CA 160 83.60 9.93 60.76
C ASN CA 160 84.92 9.19 60.61
N SER CA 161 85.16 8.22 61.48
CA SER CA 161 86.39 7.44 61.47
C SER CA 161 86.10 6.08 62.10
N ARG CA 162 87.04 5.16 61.94
CA ARG CA 162 86.90 3.79 62.43
C ARG CA 162 85.62 3.16 61.89
N GLU CA 163 85.34 3.39 60.61
CA GLU CA 163 84.06 3.01 60.03
C GLU CA 163 83.86 1.50 60.07
N ASP CA 164 84.90 0.73 59.74
CA ASP CA 164 84.76 -0.72 59.68
C ASP CA 164 84.46 -1.31 61.06
N GLN CA 165 85.16 -0.85 62.09
CA GLN CA 165 84.97 -1.41 63.43
C GLN CA 165 83.56 -1.15 63.95
N PHE CA 166 83.12 0.11 63.89
CA PHE CA 166 81.78 0.44 64.36
C PHE CA 166 80.71 -0.21 63.50
N LEU CA 167 80.95 -0.34 62.20
CA LEU CA 167 80.00 -1.03 61.33
C LEU CA 167 79.88 -2.50 61.72
N GLU CA 168 81.00 -3.15 62.06
CA GLU CA 168 80.94 -4.53 62.50
C GLU CA 168 80.22 -4.67 63.84
N TYR CA 169 80.48 -3.74 64.78
CA TYR CA 169 79.78 -3.79 66.06
C TYR CA 169 78.28 -3.64 65.85
N ALA CA 170 77.88 -2.67 65.02
CA ALA CA 170 76.47 -2.45 64.75
C ALA CA 170 75.85 -3.65 64.04
N SER CA 171 76.59 -4.26 63.11
CA SER CA 171 76.07 -5.43 62.41
C SER CA 171 75.87 -6.60 63.35
N ASN CA 172 76.81 -6.82 64.27
CA ASN CA 172 76.65 -7.90 65.24
C ASN CA 172 75.45 -7.65 66.15
N SER CA 173 75.30 -6.41 66.64
CA SER CA 173 74.16 -6.10 67.49
C SER CA 173 72.85 -6.27 66.74
N LEU CA 174 72.79 -5.81 65.49
CA LEU CA 174 71.57 -5.92 64.69
C LEU CA 174 71.24 -7.38 64.37
N GLN CA 175 72.27 -8.19 64.08
CA GLN CA 175 72.04 -9.61 63.83
C GLN CA 175 71.53 -10.31 65.08
N ALA CA 176 72.08 -9.98 66.25
CA ALA CA 176 71.57 -10.53 67.49
C ALA CA 176 70.12 -10.12 67.72
N SER CA 177 69.80 -8.85 67.44
CA SER CA 177 68.42 -8.39 67.60
C SER CA 177 67.47 -9.13 66.66
N ASN CA 178 67.88 -9.30 65.40
CA ASN CA 178 67.02 -9.98 64.43
C ASN CA 178 66.82 -11.44 64.83
N SER CA 179 67.87 -12.10 65.31
CA SER CA 179 67.72 -13.48 65.78
C SER CA 179 66.78 -13.54 66.99
N LEU CA 180 66.90 -12.58 67.90
CA LEU CA 180 66.06 -12.60 69.09
C LEU CA 180 64.63 -12.20 68.76
N ASP CA 181 64.44 -11.22 67.87
CA ASP CA 181 63.09 -10.79 67.48
C ASP CA 181 63.18 -10.27 66.04
N SER CA 182 62.80 -11.11 65.09
CA SER CA 182 62.86 -10.75 63.67
C SER CA 182 61.63 -10.00 63.19
N GLY CA 183 60.56 -9.95 63.97
CA GLY CA 183 59.35 -9.27 63.55
C GLY CA 183 59.36 -7.76 63.72
N LEU CA 184 60.42 -7.20 64.30
CA LEU CA 184 60.51 -5.77 64.53
C LEU CA 184 60.94 -5.05 63.27
N ILE CA 185 60.14 -4.09 62.82
CA ILE CA 185 60.47 -3.32 61.62
C ILE CA 185 61.71 -2.46 61.83
N LEU CA 186 62.04 -2.14 63.08
CA LEU CA 186 63.26 -1.39 63.35
C LEU CA 186 64.50 -2.18 62.96
N ASN CA 187 64.45 -3.51 63.09
CA ASN CA 187 65.55 -4.33 62.59
C ASN CA 187 65.70 -4.20 61.08
N GLY CA 188 64.57 -4.15 60.35
CA GLY CA 188 64.63 -3.95 58.91
C GLY CA 188 65.19 -2.58 58.55
N ILE CA 189 64.80 -1.55 59.32
CA ILE CA 189 65.34 -0.21 59.08
C ILE CA 189 66.84 -0.19 59.34
N GLY CA 190 67.29 -0.85 60.41
CA GLY CA 190 68.71 -0.94 60.68
C GLY CA 190 69.46 -1.68 59.59
N ASN CA 191 68.86 -2.75 59.06
CA ASN CA 191 69.46 -3.48 57.95
C ASN CA 191 69.60 -2.58 56.72
N GLY CA 192 68.55 -1.81 56.41
CA GLY CA 192 68.63 -0.90 55.29
C GLY CA 192 69.68 0.18 55.47
N VAL CA 193 69.79 0.72 56.69
CA VAL CA 193 70.81 1.72 56.97
C VAL CA 193 72.21 1.11 56.84
N LEU CA 194 72.37 -0.13 57.32
CA LEU CA 194 73.65 -0.81 57.16
C LEU CA 194 74.00 -1.00 55.69
N TYR CA 195 73.00 -1.36 54.87
CA TYR CA 195 73.23 -1.49 53.43
C TYR CA 195 73.63 -0.15 52.82
N ALA CA 196 72.97 0.93 53.25
CA ALA CA 196 73.27 2.25 52.72
C ALA CA 196 74.68 2.69 53.08
N LYS CA 197 75.10 2.42 54.33
CA LYS CA 197 76.46 2.78 54.75
C LYS CA 197 77.51 2.01 53.97
N SER CA 198 77.24 0.74 53.67
CA SER CA 198 78.11 -0.06 52.82
C SER CA 198 77.79 0.10 51.35
N ARG CA 199 76.93 1.06 51.00
CA ARG CA 199 76.56 1.34 49.61
C ARG CA 199 75.90 0.15 48.94
N ARG CA 200 75.19 -0.66 49.72
CA ARG CA 200 74.35 -1.72 49.16
C ARG CA 200 72.92 -1.19 48.95
N TYR CA 201 72.83 -0.24 48.01
CA TYR CA 201 71.60 0.53 47.86
C TYR CA 201 70.42 -0.35 47.42
N ASP CA 202 70.67 -1.39 46.62
CA ASP CA 202 69.59 -2.24 46.15
C ASP CA 202 68.90 -2.96 47.31
N GLU CA 203 69.69 -3.51 48.23
CA GLU CA 203 69.10 -4.23 49.36
C GLU CA 203 68.34 -3.29 50.28
N ALA CA 204 68.88 -2.08 50.52
CA ALA CA 204 68.18 -1.11 51.34
C ALA CA 204 66.88 -0.68 50.68
N LEU CA 205 66.90 -0.50 49.36
CA LEU CA 205 65.68 -0.14 48.65
C LEU CA 205 64.64 -1.25 48.73
N LYS CA 206 65.10 -2.52 48.65
CA LYS CA 206 64.17 -3.64 48.83
C LYS CA 206 63.59 -3.66 50.24
N GLU CA 207 64.41 -3.36 51.25
CA GLU CA 207 63.93 -3.30 52.62
C GLU CA 207 62.88 -2.20 52.78
N PHE CA 208 63.11 -1.04 52.17
CA PHE CA 208 62.13 0.04 52.25
C PHE CA 208 60.87 -0.28 51.45
N ASP CA 209 60.99 -1.04 50.36
CA ASP CA 209 59.81 -1.52 49.67
C ASP CA 209 59.00 -2.45 50.57
N ASN CA 210 59.68 -3.34 51.30
CA ASN CA 210 58.97 -4.19 52.25
C ASN CA 210 58.29 -3.37 53.34
N LEU CA 211 58.98 -2.34 53.85
CA LEU CA 211 58.39 -1.48 54.87
C LEU CA 211 57.16 -0.74 54.32
N LEU CA 212 57.23 -0.27 53.07
CA LEU CA 212 56.07 0.35 52.44
C LEU CA 212 54.94 -0.64 52.29
N LYS CA 213 55.26 -1.90 52.00
CA LYS CA 213 54.22 -2.93 51.98
C LYS CA 213 53.58 -3.09 53.35
N LYS CA 214 54.40 -3.04 54.41
CA LYS CA 214 53.86 -3.15 55.76
C LYS CA 214 52.95 -1.97 56.09
N LYS CA 215 53.43 -0.75 55.87
CA LYS CA 215 52.65 0.45 56.13
C LYS CA 215 53.28 1.62 55.38
N SER CA 216 52.44 2.53 54.88
CA SER CA 216 52.89 3.70 54.15
C SER CA 216 53.11 4.92 55.04
N THR CA 217 52.82 4.80 56.34
CA THR CA 217 52.97 5.91 57.27
C THR CA 217 54.32 5.94 57.96
N ASN CA 218 55.24 5.05 57.59
CA ASN CA 218 56.55 4.99 58.23
C ASN CA 218 57.40 6.17 57.77
N ILE CA 219 57.63 7.13 58.66
CA ILE CA 219 58.40 8.31 58.30
C ILE CA 219 59.87 7.96 58.10
N LEU CA 220 60.42 7.08 58.96
CA LEU CA 220 61.82 6.70 58.83
C LEU CA 220 62.09 5.99 57.52
N ALA CA 221 61.15 5.15 57.07
CA ALA CA 221 61.31 4.51 55.77
C ALA CA 221 61.35 5.52 54.65
N ILE CA 222 60.48 6.54 54.72
CA ILE CA 222 60.47 7.60 53.71
C ILE CA 222 61.80 8.34 53.71
N LEU CA 223 62.31 8.67 54.91
CA LEU CA 223 63.58 9.39 55.01
C LEU CA 223 64.73 8.57 54.43
N GLY CA 224 64.78 7.27 54.76
CA GLY CA 224 65.83 6.43 54.22
C GLY CA 224 65.75 6.28 52.72
N LYS CA 225 64.54 6.10 52.19
CA LYS CA 225 64.36 5.99 50.74
C LYS CA 225 64.80 7.28 50.06
N ALA CA 226 64.41 8.43 50.61
CA ALA CA 226 64.80 9.71 50.02
C ALA CA 226 66.31 9.90 50.09
N GLN CA 227 66.94 9.49 51.19
CA GLN CA 227 68.39 9.58 51.30
C GLN CA 227 69.07 8.73 50.23
N ILE CA 228 68.57 7.52 50.01
CA ILE CA 228 69.16 6.65 48.99
C ILE CA 228 68.97 7.26 47.60
N LEU CA 229 67.77 7.79 47.33
CA LEU CA 229 67.50 8.38 46.02
C LEU CA 229 68.40 9.59 45.78
N TYR CA 230 68.61 10.41 46.80
CA TYR CA 230 69.55 11.52 46.68
C TYR CA 230 70.98 11.01 46.44
N LYS CA 231 71.36 9.94 47.14
CA LYS CA 231 72.66 9.32 46.90
C LYS CA 231 72.75 8.80 45.47
N ARG CA 232 71.63 8.31 44.92
CA ARG CA 232 71.55 7.90 43.53
C ARG CA 232 71.21 9.05 42.60
N GLN CA 233 71.29 10.29 43.09
CA GLN CA 233 71.07 11.52 42.31
C GLN CA 233 69.64 11.64 41.81
N LYS CA 234 68.70 10.91 42.40
CA LYS CA 234 67.28 11.05 42.06
C LYS CA 234 66.69 12.19 42.91
N TYR CA 235 67.03 13.41 42.51
CA TYR CA 235 66.70 14.58 43.32
C TYR CA 235 65.19 14.79 43.40
N SER CA 236 64.49 14.67 42.28
CA SER CA 236 63.04 14.87 42.28
C SER CA 236 62.33 13.75 43.02
N GLN CA 237 62.74 12.50 42.78
CA GLN CA 237 62.13 11.36 43.44
C GLN CA 237 62.32 11.43 44.94
N ALA CA 238 63.52 11.82 45.38
CA ALA CA 238 63.73 12.11 46.79
C ALA CA 238 62.94 13.33 47.25
N LEU CA 239 62.64 14.27 46.35
CA LEU CA 239 61.93 15.48 46.73
C LEU CA 239 60.46 15.18 47.08
N GLU CA 240 59.83 14.29 46.33
CA GLU CA 240 58.45 13.92 46.71
C GLU CA 240 58.43 13.26 48.07
N LEU CA 241 59.41 12.39 48.35
CA LEU CA 241 59.49 11.78 49.68
C LEU CA 241 59.77 12.82 50.75
N TYR CA 242 60.62 13.80 50.46
CA TYR CA 242 60.89 14.88 51.41
C TYR CA 242 59.61 15.64 51.72
N GLN CA 243 58.84 15.99 50.70
CA GLN CA 243 57.58 16.70 50.92
C GLN CA 243 56.59 15.87 51.71
N LYS CA 244 56.49 14.57 51.39
CA LYS CA 244 55.57 13.71 52.13
C LYS CA 244 55.97 13.60 53.60
N ALA CA 245 57.27 13.43 53.86
CA ALA CA 245 57.74 13.35 55.24
C ALA CA 245 57.50 14.66 55.99
N LEU CA 246 57.74 15.79 55.32
CA LEU CA 246 57.50 17.08 55.96
C LEU CA 246 56.03 17.28 56.30
N THR CA 247 55.14 16.88 55.37
CA THR CA 247 53.71 16.98 55.63
C THR CA 247 53.29 16.06 56.76
N ILE CA 248 53.83 14.84 56.78
CA ILE CA 248 53.49 13.90 57.85
C ILE CA 248 54.02 14.39 59.19
N ASN CA 249 55.27 14.83 59.24
CA ASN CA 249 55.92 15.26 60.48
C ASN CA 249 56.76 16.50 60.22
N PRO CA 250 56.27 17.69 60.58
CA PRO CA 250 57.11 18.89 60.50
C PRO CA 250 58.16 18.99 61.60
N LEU CA 251 58.11 18.12 62.61
CA LEU CA 251 59.05 18.14 63.72
C LEU CA 251 59.88 16.87 63.76
N ILE CA 252 60.23 16.34 62.59
CA ILE CA 252 60.98 15.09 62.49
C ILE CA 252 62.45 15.40 62.29
N VAL CA 253 63.30 14.65 62.98
CA VAL CA 253 64.75 14.76 62.87
C VAL CA 253 65.25 13.46 62.25
N PRO CA 254 66.03 13.50 61.16
CA PRO CA 254 66.60 14.67 60.50
C PRO CA 254 65.59 15.54 59.76
N ASP CA 255 65.98 16.78 59.48
CA ASP CA 255 65.08 17.74 58.87
C ASP CA 255 64.85 17.44 57.40
N PRO CA 256 63.61 17.19 56.97
CA PRO CA 256 63.35 17.08 55.53
C PRO CA 256 63.62 18.35 54.75
N ARG CA 257 63.47 19.52 55.40
CA ARG CA 257 63.65 20.78 54.69
C ARG CA 257 65.08 20.95 54.18
N LEU CA 258 66.05 20.32 54.82
CA LEU CA 258 67.40 20.34 54.27
C LEU CA 258 67.44 19.68 52.90
N GLY CA 259 66.84 18.49 52.78
CA GLY CA 259 66.75 17.86 51.48
C GLY CA 259 65.90 18.63 50.49
N ILE CA 260 64.83 19.27 50.97
CA ILE CA 260 64.00 20.08 50.09
C ILE CA 260 64.80 21.26 49.54
N GLY CA 261 65.62 21.89 50.38
CA GLY CA 261 66.48 22.96 49.91
C GLY CA 261 67.54 22.48 48.95
N LEU CA 262 68.09 21.28 49.20
CA LEU CA 262 69.03 20.70 48.24
C LEU CA 262 68.36 20.46 46.89
N CYS CA 263 67.13 19.95 46.90
CA CYS CA 263 66.40 19.74 45.66
C CYS CA 263 66.10 21.06 44.96
N PHE CA 264 65.71 22.08 45.71
CA PHE CA 264 65.48 23.39 45.11
C PHE CA 264 66.75 23.94 44.49
N TRP CA 265 67.89 23.72 45.13
CA TRP CA 265 69.17 24.06 44.52
C TRP CA 265 69.38 23.28 43.23
N HIS CA 266 69.02 21.99 43.22
CA HIS CA 266 69.11 21.21 42.01
C HIS CA 266 68.08 21.65 40.96
N LEU CA 267 66.97 22.23 41.40
CA LEU CA 267 65.94 22.73 40.50
C LEU CA 267 66.00 24.23 40.31
N ASN CA 268 67.09 24.88 40.72
CA ASN CA 268 67.39 26.30 40.54
C ASN CA 268 66.50 27.22 41.37
N ASN CA 269 65.53 26.68 42.11
CA ASN CA 269 64.67 27.51 42.96
C ASN CA 269 65.31 27.74 44.33
N LYS CA 270 66.52 28.32 44.31
CA LYS CA 270 67.29 28.50 45.54
C LYS CA 270 66.66 29.48 46.50
N GLN CA 271 65.79 30.38 46.02
CA GLN CA 271 65.09 31.28 46.94
C GLN CA 271 64.19 30.51 47.89
N LEU CA 272 63.41 29.56 47.35
CA LEU CA 272 62.60 28.70 48.20
C LEU CA 272 63.47 27.83 49.10
N ALA CA 273 64.64 27.42 48.60
CA ALA CA 273 65.57 26.66 49.44
C ALA CA 273 66.00 27.47 50.65
N GLU CA 274 66.37 28.74 50.44
CA GLU CA 274 66.77 29.59 51.54
C GLU CA 274 65.61 29.84 52.49
N GLN CA 275 64.40 30.04 51.96
CA GLN CA 275 63.24 30.25 52.83
C GLN CA 275 62.97 29.02 53.70
N ALA CA 276 63.02 27.84 53.11
CA ALA CA 276 62.80 26.62 53.87
C ALA CA 276 63.90 26.41 54.90
N TRP CA 277 65.14 26.78 54.55
CA TRP CA 277 66.23 26.67 55.52
C TRP CA 277 66.05 27.64 56.67
N HIS CA 278 65.55 28.85 56.40
CA HIS CA 278 65.23 29.77 57.48
C HIS CA 278 64.13 29.21 58.38
N ASN CA 279 63.11 28.61 57.78
CA ASN CA 279 62.05 27.99 58.58
C ASN CA 279 62.61 26.85 59.44
N SER CA 280 63.50 26.05 58.87
CA SER CA 280 64.12 24.97 59.63
C SER CA 280 64.95 25.52 60.79
N LEU CA 281 65.71 26.59 60.55
CA LEU CA 281 66.48 27.21 61.62
C LEU CA 281 65.57 27.74 62.73
N LYS CA 282 64.42 28.31 62.34
CA LYS CA 282 63.44 28.71 63.35
C LYS CA 282 62.97 27.50 64.14
N VAL CA 283 62.69 26.38 63.46
CA VAL CA 283 62.29 25.16 64.15
C VAL CA 283 63.46 24.54 64.90
N HIS CA 284 64.65 24.57 64.30
CA HIS CA 284 65.85 23.94 64.86
C HIS CA 284 66.96 24.98 64.99
N PRO CA 285 66.92 25.81 66.03
CA PRO CA 285 67.96 26.83 66.20
C PRO CA 285 69.26 26.30 66.79
N GLN CA 286 69.33 25.02 67.16
CA GLN CA 286 70.49 24.46 67.84
C GLN CA 286 70.98 23.23 67.09
N ASN CA 287 72.30 23.05 67.12
CA ASN CA 287 72.97 21.88 66.54
C ASN CA 287 72.71 21.74 65.04
N ASN CA 288 72.46 22.85 64.34
CA ASN CA 288 72.14 22.82 62.92
C ASN CA 288 72.91 23.92 62.18
N LEU CA 289 74.20 24.04 62.48
CA LEU CA 289 75.03 25.05 61.82
C LEU CA 289 75.17 24.80 60.33
N ASN CA 290 74.93 23.56 59.87
CA ASN CA 290 75.02 23.26 58.44
C ASN CA 290 74.01 24.07 57.65
N THR CA 291 72.82 24.29 58.22
CA THR CA 291 71.83 25.13 57.57
C THR CA 291 72.34 26.56 57.40
N LYS CA 292 73.00 27.09 58.43
CA LYS CA 292 73.57 28.44 58.32
C LYS CA 292 74.68 28.47 57.26
N ILE CA 293 75.47 27.39 57.17
CA ILE CA 293 76.51 27.33 56.14
C ILE CA 293 75.89 27.35 54.75
N LEU CA 294 74.81 26.58 54.56
CA LEU CA 294 74.12 26.58 53.27
C LEU CA 294 73.54 27.95 52.96
N ILE CA 295 72.99 28.62 53.97
CA ILE CA 295 72.44 29.96 53.78
C ILE CA 295 73.53 30.93 53.36
N CYS CA 296 74.70 30.84 53.99
CA CYS CA 296 75.82 31.70 53.62
C CYS CA 296 76.28 31.42 52.18
N LEU CA 297 76.34 30.15 51.80
CA LEU CA 297 76.72 29.81 50.44
C LEU CA 297 75.71 30.35 49.43
N ALA CA 298 74.42 30.24 49.75
CA ALA CA 298 73.39 30.79 48.86
C ALA CA 298 73.51 32.30 48.75
N LYS CA 299 73.78 32.99 49.86
CA LYS CA 299 73.97 34.43 49.82
C LYS CA 299 75.17 34.81 48.97
N PHE CA 300 76.28 34.06 49.11
CA PHE CA 300 77.46 34.33 48.29
C PHE CA 300 77.16 34.12 46.80
N ASP CA 301 76.43 33.05 46.47
CA ASP CA 301 76.07 32.81 45.07
C ASP CA 301 75.20 33.93 44.53
N TYR CA 302 74.22 34.38 45.33
CA TYR CA 302 73.35 35.47 44.90
C TYR CA 302 74.16 36.75 44.69
N CYS CA 303 75.11 37.04 45.60
CA CYS CA 303 75.96 38.21 45.42
C CYS CA 303 76.79 38.10 44.15
N PHE CA 304 77.33 36.91 43.87
CA PHE CA 304 78.14 36.74 42.67
C PHE CA 304 77.32 36.93 41.40
N ASN CA 305 76.12 36.37 41.36
CA ASN CA 305 75.38 36.25 40.10
C ASN CA 305 74.25 37.25 39.93
N GLU CA 306 73.98 38.12 40.92
CA GLU CA 306 72.84 39.02 40.85
C GLU CA 306 73.15 40.48 41.14
N SER CA 307 74.34 40.80 41.64
CA SER CA 307 74.65 42.17 42.04
C SER CA 307 74.65 43.08 40.82
N LYS CA 308 73.73 44.05 40.81
CA LYS CA 308 73.56 44.93 39.66
C LYS CA 308 74.61 46.03 39.59
N ASP CA 309 75.39 46.24 40.65
CA ASP CA 309 76.40 47.30 40.65
C ASP CA 309 77.51 46.92 41.61
N ASP CA 310 78.63 47.64 41.50
CA ASP CA 310 79.79 47.34 42.33
C ASP CA 310 79.50 47.60 43.81
N ASP CA 311 78.80 48.69 44.12
CA ASP CA 311 78.48 49.00 45.51
C ASP CA 311 77.57 47.95 46.11
N GLU CA 312 76.55 47.51 45.36
CA GLU CA 312 75.68 46.44 45.83
C GLU CA 312 76.46 45.15 46.02
N PHE CA 313 77.38 44.85 45.11
CA PHE CA 313 78.24 43.68 45.25
C PHE CA 313 79.04 43.75 46.54
N THR CA 314 79.64 44.92 46.81
CA THR CA 314 80.43 45.08 48.02
C THR CA 314 79.56 44.91 49.28
N ALA CA 315 78.37 45.52 49.28
CA ALA CA 315 77.50 45.41 50.44
C ALA CA 315 77.10 43.95 50.69
N LEU CA 316 76.66 43.25 49.63
CA LEU CA 316 76.25 41.86 49.79
C LEU CA 316 77.42 40.97 50.21
N TYR CA 317 78.60 41.19 49.61
CA TYR CA 317 79.76 40.38 49.94
C TYR CA 317 80.19 40.59 51.38
N ARG CA 318 80.17 41.84 51.86
CA ARG CA 318 80.55 42.10 53.24
C ARG CA 318 79.50 41.56 54.22
N GLU CA 319 78.22 41.63 53.85
CA GLU CA 319 77.19 41.04 54.69
C GLU CA 319 77.36 39.53 54.80
N SER CA 320 77.67 38.87 53.67
CA SER CA 320 77.92 37.43 53.69
C SER CA 320 79.15 37.11 54.53
N LEU CA 321 80.21 37.92 54.42
CA LEU CA 321 81.39 37.70 55.25
C LEU CA 321 81.07 37.85 56.73
N GLU CA 322 80.28 38.86 57.09
CA GLU CA 322 79.91 39.05 58.50
C GLU CA 322 79.07 37.89 59.02
N PHE CA 323 78.12 37.41 58.21
CA PHE CA 323 77.32 36.27 58.63
C PHE CA 323 78.18 35.02 58.78
N LEU CA 324 79.12 34.81 57.86
CA LEU CA 324 80.02 33.66 57.95
C LEU CA 324 80.90 33.75 59.19
N HIS CA 325 81.39 34.96 59.51
CA HIS CA 325 82.19 35.14 60.72
C HIS CA 325 81.35 34.91 61.98
N SER CA 326 80.10 35.38 61.98
CA SER CA 326 79.23 35.15 63.13
C SER CA 326 79.00 33.66 63.33
N CYS CA 327 78.79 32.92 62.25
CA CYS CA 327 78.73 31.46 62.36
C CYS CA 327 80.07 30.88 62.81
N LEU CA 328 81.18 31.51 62.43
CA LEU CA 328 82.50 31.02 62.80
C LEU CA 328 82.79 31.24 64.28
N LYS CA 329 82.14 32.21 64.91
CA LYS CA 329 82.33 32.44 66.34
C LYS CA 329 81.82 31.27 67.17
N GLU CA 330 81.01 30.39 66.59
CA GLU CA 330 80.58 29.16 67.25
C GLU CA 330 81.57 28.03 66.98
N ASP CA 331 81.92 27.82 65.71
CA ASP CA 331 82.91 26.82 65.31
C ASP CA 331 83.97 27.50 64.45
N ALA CA 332 85.22 27.45 64.92
CA ALA CA 332 86.33 28.09 64.23
C ALA CA 332 87.24 27.10 63.52
N LYS CA 333 86.92 25.81 63.55
CA LYS CA 333 87.75 24.79 62.93
C LYS CA 333 87.00 23.97 61.87
N HIS CA 334 85.85 24.46 61.40
CA HIS CA 334 85.10 23.73 60.41
C HIS CA 334 85.82 23.78 59.07
N PRO CA 335 86.18 22.64 58.48
CA PRO CA 335 87.02 22.68 57.26
C PRO CA 335 86.38 23.40 56.09
N LEU CA 336 85.07 23.27 55.91
CA LEU CA 336 84.41 23.94 54.79
C LEU CA 336 84.45 25.45 54.95
N LEU CA 337 84.29 25.96 56.18
CA LEU CA 337 84.38 27.39 56.41
C LEU CA 337 85.78 27.91 56.10
N LEU CA 338 86.82 27.15 56.50
CA LEU CA 338 88.18 27.54 56.16
C LEU CA 338 88.40 27.53 54.65
N MET CA 339 87.86 26.53 53.96
CA MET CA 339 88.00 26.48 52.51
C MET CA 339 87.31 27.67 51.85
N VAL CA 340 86.14 28.04 52.34
CA VAL CA 340 85.42 29.20 51.79
C VAL CA 340 86.21 30.48 52.05
N LEU CA 341 86.72 30.65 53.27
CA LEU CA 341 87.50 31.83 53.59
C LEU CA 341 88.80 31.89 52.81
N ALA CA 342 89.30 30.73 52.36
CA ALA CA 342 90.50 30.69 51.55
C ALA CA 342 90.32 31.45 50.25
N SER CA 343 89.12 31.38 49.65
CA SER CA 343 88.87 32.13 48.43
C SER CA 343 88.99 33.63 48.68
N TYR CA 344 88.38 34.12 49.75
CA TYR CA 344 88.43 35.54 50.06
C TYR CA 344 89.86 35.98 50.34
N TYR CA 345 90.62 35.18 51.10
CA TYR CA 345 91.98 35.59 51.43
C TYR CA 345 92.94 35.45 50.26
N PHE CA 346 92.66 34.53 49.34
CA PHE CA 346 93.39 34.51 48.07
C PHE CA 346 93.09 35.76 47.25
N SER CA 347 91.83 36.18 47.22
CA SER CA 347 91.48 37.44 46.57
C SER CA 347 92.07 38.64 47.31
N LYS CA 348 92.44 38.48 48.58
CA LYS CA 348 93.07 39.52 49.37
C LYS CA 348 94.59 39.44 49.35
N GLU CA 349 95.16 38.63 48.45
CA GLU CA 349 96.59 38.42 48.32
C GLU CA 349 97.22 37.87 49.60
N ASP CA 350 96.42 37.22 50.44
CA ASP CA 350 96.92 36.58 51.66
C ASP CA 350 97.20 35.10 51.39
N TYR CA 351 98.14 34.85 50.47
CA TYR CA 351 98.42 33.50 50.03
C TYR CA 351 99.00 32.64 51.14
N GLU CA 352 99.77 33.24 52.04
CA GLU CA 352 100.38 32.47 53.12
C GLU CA 352 99.31 31.87 54.03
N LYS CA 353 98.33 32.67 54.44
CA LYS CA 353 97.25 32.15 55.27
C LYS CA 353 96.38 31.16 54.49
N VAL CA 354 96.23 31.37 53.19
CA VAL CA 354 95.53 30.38 52.37
C VAL CA 354 96.24 29.04 52.43
N GLU CA 355 97.57 29.06 52.32
CA GLU CA 355 98.34 27.82 52.43
C GLU CA 355 98.18 27.19 53.81
N LYS CA 356 98.22 28.01 54.87
CA LYS CA 356 98.05 27.48 56.22
C LYS CA 356 96.70 26.78 56.37
N LEU CA 357 95.62 27.44 55.94
CA LEU CA 357 94.30 26.85 56.06
C LEU CA 357 94.17 25.59 55.21
N CYS CA 358 94.73 25.61 53.99
CA CYS CA 358 94.66 24.45 53.12
C CYS CA 358 95.40 23.26 53.74
N ASN CA 359 96.59 23.49 54.29
CA ASN CA 359 97.33 22.41 54.92
C ASN CA 359 96.61 21.88 56.15
N LEU CA 360 96.02 22.77 56.95
CA LEU CA 360 95.28 22.32 58.12
C LEU CA 360 94.09 21.46 57.72
N VAL CA 361 93.34 21.90 56.69
CA VAL CA 361 92.19 21.12 56.23
C VAL CA 361 92.64 19.77 55.69
N LEU CA 362 93.75 19.76 54.95
CA LEU CA 362 94.28 18.49 54.44
C LEU CA 362 94.64 17.55 55.58
N LYS CA 363 95.23 18.09 56.65
CA LYS CA 363 95.58 17.24 57.78
C LYS CA 363 94.34 16.72 58.50
N GLU CA 364 93.31 17.54 58.66
CA GLU CA 364 92.11 17.11 59.37
C GLU CA 364 91.25 16.19 58.51
N ASN CA 365 90.86 16.66 57.32
CA ASN CA 365 89.82 16.01 56.52
C ASN CA 365 90.40 15.34 55.28
N SER CA 366 91.54 14.66 55.42
CA SER CA 366 92.10 13.90 54.31
C SER CA 366 91.16 12.79 53.86
N ARG CA 367 90.23 12.36 54.71
CA ARG CA 367 89.24 11.36 54.31
C ARG CA 367 88.35 11.89 53.18
N ASN CA 368 87.92 13.15 53.29
CA ASN CA 368 87.09 13.77 52.26
C ASN CA 368 87.99 14.18 51.10
N ALA CA 369 87.74 13.60 49.91
CA ALA CA 369 88.58 13.90 48.76
C ALA CA 369 88.26 15.27 48.17
N ALA CA 370 87.04 15.77 48.35
CA ALA CA 370 86.68 17.08 47.81
C ALA CA 370 87.48 18.20 48.47
N PHE CA 371 87.70 18.10 49.78
CA PHE CA 371 88.52 19.09 50.47
C PHE CA 371 89.97 19.02 50.00
N VAL CA 372 90.47 17.80 49.76
CA VAL CA 372 91.81 17.65 49.21
C VAL CA 372 91.90 18.32 47.84
N SER CA 373 90.90 18.12 47.00
CA SER CA 373 90.88 18.75 45.68
C SER CA 373 90.86 20.27 45.79
N ALA CA 374 90.02 20.80 46.69
CA ALA CA 374 89.92 22.25 46.85
C ALA CA 374 91.24 22.83 47.36
N SER CA 375 91.87 22.17 48.33
CA SER CA 375 93.15 22.64 48.85
C SER CA 375 94.23 22.60 47.78
N HIS CA 376 94.26 21.52 46.98
CA HIS CA 376 95.24 21.43 45.90
C HIS CA 376 95.00 22.52 44.87
N PHE CA 377 93.73 22.79 44.54
CA PHE CA 377 93.41 23.86 43.61
C PHE CA 377 93.88 25.21 44.12
N TRP CA 378 93.67 25.47 45.42
CA TRP CA 378 94.06 26.76 45.96
C TRP CA 378 95.58 26.89 46.06
N LEU CA 379 96.26 25.79 46.36
CA LEU CA 379 97.74 25.81 46.35
C LEU CA 379 98.26 26.07 44.94
N ALA CA 380 97.64 25.45 43.93
CA ALA CA 380 98.04 25.72 42.55
C ALA CA 380 97.76 27.17 42.17
N ARG CA 381 96.62 27.72 42.60
CA ARG CA 381 96.31 29.12 42.33
C ARG CA 381 97.33 30.04 42.97
N VAL CA 382 97.76 29.73 44.21
CA VAL CA 382 98.77 30.53 44.87
C VAL CA 382 100.09 30.44 44.13
N ALA CA 383 100.50 29.22 43.76
CA ALA CA 383 101.75 29.02 43.05
C ALA CA 383 101.73 29.63 41.65
N TYR CA 384 100.54 29.89 41.10
CA TYR CA 384 100.46 30.53 39.80
C TYR CA 384 101.07 31.93 39.83
N HIS CA 385 100.84 32.67 40.91
CA HIS CA 385 101.53 33.95 41.08
C HIS CA 385 103.03 33.75 41.13
N LYS CA 386 103.48 32.71 41.84
CA LYS CA 386 104.88 32.31 41.81
C LYS CA 386 105.27 31.67 40.49
N GLU CA 387 104.30 31.35 39.63
CA GLU CA 387 104.54 30.77 38.31
C GLU CA 387 105.28 29.44 38.38
N ASP CA 388 105.05 28.67 39.44
CA ASP CA 388 105.58 27.31 39.55
C ASP CA 388 104.73 26.41 38.63
N TYR CA 389 104.99 26.56 37.33
CA TYR CA 389 104.14 25.91 36.33
C TYR CA 389 104.13 24.40 36.48
N VAL CA 390 105.29 23.80 36.71
CA VAL CA 390 105.34 22.35 36.95
C VAL CA 390 104.61 22.01 38.25
N GLN CA 391 104.90 22.77 39.32
CA GLN CA 391 104.27 22.50 40.61
C GLN CA 391 102.77 22.78 40.56
N ALA CA 392 102.37 23.87 39.92
CA ALA CA 392 100.95 24.19 39.81
C ALA CA 392 100.23 23.14 38.97
N GLN CA 393 100.84 22.67 37.89
CA GLN CA 393 100.22 21.63 37.08
C GLN CA 393 100.08 20.34 37.86
N LYS CA 394 101.11 19.97 38.64
CA LYS CA 394 101.02 18.79 39.49
C LYS CA 394 99.90 18.94 40.52
N GLN CA 395 99.78 20.12 41.13
CA GLN CA 395 98.73 20.35 42.10
C GLN CA 395 97.36 20.26 41.46
N PHE CA 396 97.21 20.80 40.25
CA PHE CA 396 95.94 20.72 39.53
C PHE CA 396 95.60 19.26 39.21
N LYS CA 397 96.59 18.48 38.79
CA LYS CA 397 96.35 17.07 38.52
C LYS CA 397 95.94 16.32 39.79
N GLN CA 398 96.59 16.62 40.92
CA GLN CA 398 96.22 16.01 42.18
C GLN CA 398 94.80 16.40 42.60
N ALA CA 399 94.43 17.66 42.36
CA ALA CA 399 93.07 18.10 42.66
C ALA CA 399 92.06 17.34 41.80
N GLU CA 400 92.37 17.17 40.51
CA GLU CA 400 91.47 16.41 39.64
C GLU CA 400 91.35 14.96 40.11
N ASP CA 401 92.47 14.35 40.49
CA ASP CA 401 92.44 12.96 40.93
C ASP CA 401 91.67 12.80 42.24
N SER CA 402 91.76 13.78 43.14
CA SER CA 402 91.01 13.71 44.39
C SER CA 402 89.52 13.76 44.13
N GLN CA 403 89.07 14.76 43.38
CA GLN CA 403 87.64 14.92 43.05
C GLN CA 403 87.53 15.29 41.58
N ASN CA 404 87.03 14.37 40.77
CA ASN CA 404 86.91 14.59 39.33
C ASN CA 404 85.86 15.62 38.96
N SER CA 405 84.96 15.97 39.90
CA SER CA 405 83.92 16.95 39.59
C SER CA 405 84.46 18.38 39.58
N ASN CA 406 85.70 18.59 40.00
CA ASN CA 406 86.29 19.92 40.02
C ASN CA 406 86.72 20.34 38.63
N THR CA 407 85.82 20.95 37.87
CA THR CA 407 86.17 21.42 36.53
C THR CA 407 87.22 22.52 36.58
N LEU CA 408 87.16 23.36 37.61
CA LEU CA 408 88.12 24.47 37.73
C LEU CA 408 89.54 23.95 37.83
N ALA CA 409 89.75 22.83 38.52
CA ALA CA 409 91.09 22.24 38.61
C ALA CA 409 91.59 21.81 37.23
N LYS CA 410 90.73 21.19 36.43
CA LYS CA 410 91.13 20.77 35.10
C LYS CA 410 91.42 21.97 34.21
N LEU CA 411 90.62 23.02 34.33
CA LEU CA 411 90.86 24.24 33.56
C LEU CA 411 92.19 24.88 33.94
N GLY CA 412 92.50 24.91 35.25
CA GLY CA 412 93.80 25.38 35.67
C GLY CA 412 94.94 24.50 35.18
N TYR CA 413 94.70 23.19 35.10
CA TYR CA 413 95.67 22.27 34.54
C TYR CA 413 95.96 22.61 33.08
N ALA CA 414 94.90 22.87 32.30
CA ALA CA 414 95.08 23.25 30.91
C ALA CA 414 95.79 24.59 30.79
N GLN CA 415 95.46 25.53 31.67
CA GLN CA 415 96.13 26.83 31.67
C GLN CA 415 97.62 26.68 31.99
N CYS CA 416 97.96 25.79 32.92
CA CYS CA 416 99.36 25.52 33.22
C CYS CA 416 100.06 24.86 32.05
N LEU CA 417 99.36 23.97 31.34
CA LEU CA 417 99.93 23.40 30.11
C LEU CA 417 100.23 24.49 29.10
N ILE CA 418 99.32 25.45 28.97
CA ILE CA 418 99.57 26.60 28.10
C ILE CA 418 100.77 27.39 28.59
N ALA CA 419 100.91 27.53 29.91
CA ALA CA 419 102.04 28.27 30.48
C ALA CA 419 103.37 27.61 30.14
N ARG CA 420 103.42 26.28 30.16
CA ARG CA 420 104.62 25.54 29.80
C ARG CA 420 104.79 25.39 28.29
N ASN CA 421 104.07 26.19 27.50
CA ASN CA 421 104.14 26.18 26.04
C ASN CA 421 103.74 24.84 25.44
N GLU CA 422 102.98 24.04 26.19
CA GLU CA 422 102.53 22.73 25.71
C GLU CA 422 101.23 22.91 24.94
N VAL CA 423 101.37 23.47 23.73
CA VAL CA 423 100.20 23.74 22.90
C VAL CA 423 99.50 22.45 22.51
N GLY CA 424 100.27 21.48 22.00
CA GLY CA 424 99.68 20.21 21.60
C GLY CA 424 99.13 19.43 22.79
N ASP CA 425 99.88 19.41 23.89
CA ASP CA 425 99.42 18.68 25.07
C ASP CA 425 98.15 19.29 25.64
N ALA CA 426 98.09 20.62 25.71
CA ALA CA 426 96.88 21.29 26.17
C ALA CA 426 95.72 21.02 25.22
N THR CA 427 95.98 21.01 23.91
CA THR CA 427 94.93 20.73 22.95
C THR CA 427 94.38 19.32 23.13
N ILE CA 428 95.26 18.34 23.32
CA ILE CA 428 94.82 16.96 23.52
C ILE CA 428 94.01 16.83 24.80
N TYR CA 429 94.49 17.44 25.89
CA TYR CA 429 93.74 17.39 27.15
C TYR CA 429 92.37 18.03 27.00
N LEU CA 430 92.31 19.18 26.33
CA LEU CA 430 91.06 19.89 26.15
C LEU CA 430 90.09 19.08 25.29
N GLU CA 431 90.60 18.45 24.22
CA GLU CA 431 89.74 17.61 23.40
C GLU CA 431 89.20 16.42 24.19
N LYS CA 432 90.06 15.80 25.01
CA LYS CA 432 89.60 14.69 25.84
C LYS CA 432 88.49 15.15 26.78
N PHE CA 433 88.70 16.28 27.45
CA PHE CA 433 87.70 16.77 28.40
C PHE CA 433 86.40 17.15 27.70
N PHE CA 434 86.49 17.80 26.54
CA PHE CA 434 85.29 18.19 25.82
C PHE CA 434 84.52 16.98 25.32
N LYS CA 435 85.23 15.99 24.75
CA LYS CA 435 84.55 14.81 24.24
C LYS CA 435 83.94 13.98 25.36
N GLU CA 436 84.56 13.98 26.55
CA GLU CA 436 83.95 13.31 27.68
C GLU CA 436 82.81 14.13 28.29
N ASN CA 437 82.85 15.45 28.14
CA ASN CA 437 81.90 16.36 28.77
C ASN CA 437 81.30 17.32 27.76
N GLN CA 438 80.80 16.78 26.65
CA GLN CA 438 80.21 17.61 25.60
C GLN CA 438 79.02 18.42 26.11
N ASP CA 439 78.35 17.98 27.16
CA ASP CA 439 77.21 18.69 27.71
C ASP CA 439 77.59 19.72 28.76
N SER CA 440 78.86 19.77 29.17
CA SER CA 440 79.28 20.72 30.19
C SER CA 440 79.29 22.13 29.64
N LYS CA 441 78.78 23.07 30.41
CA LYS CA 441 78.74 24.48 30.00
C LYS CA 441 79.94 25.24 30.56
N SER CA 442 81.11 24.86 30.06
CA SER CA 442 82.37 25.55 30.38
C SER CA 442 82.64 26.51 29.24
N SER CA 443 82.11 27.73 29.36
CA SER CA 443 82.22 28.71 28.28
C SER CA 443 83.67 29.08 28.01
N GLU CA 444 84.47 29.25 29.07
CA GLU CA 444 85.86 29.62 28.89
C GLU CA 444 86.66 28.50 28.23
N MET CA 445 86.31 27.24 28.54
CA MET CA 445 86.95 26.12 27.88
C MET CA 445 86.69 26.16 26.38
N MET CA 446 85.45 26.44 25.99
CA MET CA 446 85.11 26.51 24.58
C MET CA 446 85.79 27.70 23.90
N LEU CA 447 85.88 28.83 24.59
CA LEU CA 447 86.61 29.98 24.06
C LEU CA 447 88.08 29.63 23.81
N LEU CA 448 88.70 28.95 24.77
CA LEU CA 448 90.09 28.55 24.62
C LEU CA 448 90.26 27.55 23.49
N LEU CA 449 89.30 26.62 23.34
CA LEU CA 449 89.33 25.69 22.22
C LEU CA 449 89.24 26.42 20.89
N GLY CA 450 88.35 27.42 20.79
CA GLY CA 450 88.25 28.19 19.57
C GLY CA 450 89.52 28.96 19.25
N ILE CA 451 90.13 29.54 20.28
CA ILE CA 451 91.39 30.28 20.07
C ILE CA 451 92.49 29.33 19.60
N ILE CA 452 92.59 28.17 20.24
CA ILE CA 452 93.61 27.20 19.86
C ILE CA 452 93.42 26.73 18.43
N TYR CA 453 92.17 26.44 18.05
CA TYR CA 453 91.89 25.98 16.70
C TYR CA 453 92.13 27.08 15.66
N SER CA 454 91.82 28.33 16.02
CA SER CA 454 92.13 29.44 15.12
C SER CA 454 93.63 29.58 14.92
N GLN CA 455 94.41 29.41 15.99
CA GLN CA 455 95.87 29.39 15.85
C GLN CA 455 96.31 28.23 14.97
N SER CA 456 95.67 27.07 15.12
CA SER CA 456 95.95 25.94 14.25
C SER CA 456 95.53 26.24 12.81
N GLY CA 457 94.39 26.87 12.62
CA GLY CA 457 93.91 27.24 11.30
C GLY CA 457 93.09 26.20 10.56
N LYS CA 458 93.60 24.96 10.49
CA LYS CA 458 92.90 23.90 9.78
C LYS CA 458 91.59 23.50 10.46
N SER CA 459 91.47 23.74 11.77
CA SER CA 459 90.30 23.35 12.54
C SER CA 459 89.35 24.52 12.75
N TYR CA 460 89.19 25.35 11.72
CA TYR CA 460 88.39 26.56 11.83
C TYR CA 460 86.94 26.25 12.16
N TYR CA 461 86.44 25.10 11.70
CA TYR CA 461 85.03 24.76 11.92
C TYR CA 461 84.74 24.50 13.40
N LYS CA 462 85.62 23.75 14.08
CA LYS CA 462 85.47 23.60 15.52
C LYS CA 462 85.63 24.94 16.24
N ALA CA 463 86.52 25.79 15.74
CA ALA CA 463 86.68 27.13 16.33
C ALA CA 463 85.38 27.93 16.23
N ILE CA 464 84.73 27.88 15.06
CA ILE CA 464 83.46 28.57 14.89
C ILE CA 464 82.41 28.00 15.84
N ILE CA 465 82.33 26.68 15.92
CA ILE CA 465 81.32 26.05 16.79
C ILE CA 465 81.53 26.46 18.24
N PHE CA 466 82.79 26.39 18.71
CA PHE CA 466 83.08 26.71 20.11
C PHE CA 466 82.85 28.18 20.41
N LEU CA 467 83.23 29.07 19.49
CA LEU CA 467 83.01 30.49 19.72
C LEU CA 467 81.53 30.84 19.73
N GLU CA 468 80.75 30.22 18.83
CA GLU CA 468 79.30 30.44 18.86
C GLU CA 468 78.69 29.91 20.15
N LYS CA 469 79.15 28.76 20.62
CA LYS CA 469 78.65 28.23 21.89
C LYS CA 469 79.00 29.15 23.05
N TYR CA 470 80.22 29.70 23.05
CA TYR CA 470 80.61 30.64 24.09
C TYR CA 470 79.74 31.90 24.05
N VAL CA 471 79.47 32.39 22.84
CA VAL CA 471 78.62 33.58 22.69
C VAL CA 471 77.22 33.30 23.23
N ALA CA 472 76.67 32.14 22.87
CA ALA CA 472 75.32 31.79 23.33
C ALA CA 472 75.28 31.65 24.85
N VAL CA 473 76.29 31.00 25.43
CA VAL CA 473 76.31 30.80 26.87
C VAL CA 473 76.42 32.14 27.59
N CYS CA 474 77.28 33.04 27.08
CA CYS CA 474 77.40 34.36 27.70
C CYS CA 474 76.11 35.15 27.59
N GLN CA 475 75.44 35.07 26.44
CA GLN CA 475 74.16 35.77 26.27
C GLN CA 475 73.11 35.23 27.23
N GLU CA 476 73.07 33.91 27.41
CA GLU CA 476 72.14 33.32 28.38
C GLU CA 476 72.48 33.71 29.81
N GLU CA 477 73.77 33.87 30.11
CA GLU CA 477 74.21 34.23 31.46
C GLU CA 477 74.25 35.73 31.69
N ASN CA 478 74.00 36.55 30.67
CA ASN CA 478 74.08 38.01 30.77
C ASN CA 478 75.47 38.44 31.23
N TYR CA 479 76.49 37.83 30.62
CA TYR CA 479 77.88 38.18 30.89
C TYR CA 479 78.51 38.87 29.68
N PRO CA 480 79.46 39.77 29.90
CA PRO CA 480 80.04 40.53 28.78
C PRO CA 480 80.78 39.62 27.82
N ILE CA 481 80.29 39.57 26.58
CA ILE CA 481 80.93 38.77 25.55
C ILE CA 481 82.27 39.39 25.20
N LEU CA 482 83.32 38.57 25.20
CA LEU CA 482 84.65 39.06 24.88
C LEU CA 482 84.72 39.43 23.41
N PRO CA 483 85.10 40.67 23.06
CA PRO CA 483 85.24 41.01 21.63
C PRO CA 483 86.34 40.24 20.92
N GLU CA 484 87.29 39.65 21.66
CA GLU CA 484 88.32 38.85 21.04
C GLU CA 484 87.75 37.64 20.33
N ALA CA 485 86.71 37.03 20.89
CA ALA CA 485 86.03 35.95 20.19
C ALA CA 485 85.42 36.44 18.89
N TYR CA 486 84.87 37.65 18.89
CA TYR CA 486 84.33 38.23 17.67
C TYR CA 486 85.43 38.46 16.63
N LEU CA 487 86.58 38.96 17.07
CA LEU CA 487 87.69 39.16 16.13
C LEU CA 487 88.18 37.83 15.55
N VAL CA 488 88.26 36.80 16.39
CA VAL CA 488 88.66 35.49 15.89
C VAL CA 488 87.64 34.95 14.88
N LEU CA 489 86.35 35.11 15.19
CA LEU CA 489 85.31 34.67 14.26
C LEU CA 489 85.39 35.41 12.94
N SER CA 490 85.63 36.72 12.99
CA SER CA 490 85.77 37.49 11.76
C SER CA 490 86.99 37.05 10.96
N ARG CA 491 88.10 36.79 11.66
CA ARG CA 491 89.29 36.31 10.98
C ARG CA 491 89.03 34.97 10.29
N VAL CA 492 88.29 34.08 10.95
CA VAL CA 492 87.98 32.78 10.34
C VAL CA 492 87.05 32.97 9.15
N TYR CA 493 86.02 33.81 9.30
CA TYR CA 493 85.05 34.03 8.23
C TYR CA 493 85.60 34.84 7.07
N GLU CA 494 86.77 35.46 7.23
CA GLU CA 494 87.40 36.16 6.12
C GLU CA 494 87.50 35.27 4.88
N ASN CA 495 87.84 33.99 5.09
CA ASN CA 495 87.96 33.06 3.98
C ASN CA 495 86.66 32.32 3.67
N LYS CA 496 85.61 32.51 4.47
CA LYS CA 496 84.32 31.88 4.23
C LYS CA 496 83.22 32.86 3.88
N ASP CA 497 82.96 33.84 4.73
CA ASP CA 497 81.86 34.77 4.52
C ASP CA 497 82.30 36.15 4.98
N LEU CA 498 82.47 37.07 4.03
CA LEU CA 498 82.81 38.44 4.40
C LEU CA 498 81.68 39.12 5.13
N ASN CA 499 80.43 38.74 4.84
CA ASN CA 499 79.28 39.37 5.49
C ASN CA 499 79.25 39.06 6.98
N VAL CA 500 79.42 37.78 7.34
CA VAL CA 500 79.39 37.38 8.74
C VAL CA 500 80.59 37.97 9.48
N ALA CA 501 81.75 37.98 8.83
CA ALA CA 501 82.93 38.56 9.45
C ALA CA 501 82.73 40.05 9.72
N LEU CA 502 82.16 40.78 8.75
CA LEU CA 502 81.90 42.20 8.95
C LEU CA 502 80.88 42.43 10.05
N ASP CA 503 79.85 41.58 10.11
CA ASP CA 503 78.84 41.71 11.17
C ASP CA 503 79.46 41.48 12.55
N TYR CA 504 80.32 40.46 12.66
CA TYR CA 504 80.98 40.19 13.94
C TYR CA 504 81.94 41.33 14.31
N LEU CA 505 82.63 41.89 13.32
CA LEU CA 505 83.50 43.03 13.60
C LEU CA 505 82.69 44.24 14.07
N MET CA 506 81.52 44.46 13.48
CA MET CA 506 80.65 45.54 13.92
C MET CA 506 80.18 45.30 15.36
N LYS CA 507 79.83 44.05 15.68
CA LYS CA 507 79.41 43.74 17.05
C LYS CA 507 80.56 43.98 18.04
N ALA CA 508 81.77 43.58 17.67
CA ALA CA 508 82.92 43.80 18.54
C ALA CA 508 83.17 45.30 18.73
N ASN CA 509 83.04 46.08 17.65
CA ASN CA 509 83.23 47.53 17.77
C ASN CA 509 82.16 48.14 18.67
N ASP CA 510 80.91 47.67 18.56
CA ASP CA 510 79.85 48.18 19.42
C ASP CA 510 80.12 47.84 20.88
N ILE CA 511 80.63 46.63 21.15
CA ILE CA 511 81.00 46.28 22.51
C ILE CA 511 82.12 47.18 23.02
N LEU CA 512 83.13 47.40 22.19
CA LEU CA 512 84.27 48.24 22.59
C LEU CA 512 83.85 49.68 22.87
N GLY CA 513 82.99 50.24 22.01
CA GLY CA 513 82.62 51.63 22.14
C GLY CA 513 83.79 52.56 21.88
N ASP CA 514 84.27 53.24 22.92
CA ASP CA 514 85.45 54.08 22.78
C ASP CA 514 86.73 53.27 22.73
N LYS CA 515 86.68 51.97 23.05
CA LYS CA 515 87.84 51.10 23.02
C LYS CA 515 88.19 50.60 21.61
N ALA CA 516 87.61 51.19 20.58
CA ALA CA 516 87.92 50.79 19.21
C ALA CA 516 89.38 51.09 18.90
N ASN CA 517 90.03 50.14 18.22
CA ASN CA 517 91.44 50.26 17.89
C ASN CA 517 91.62 50.54 16.40
N VAL CA 518 92.87 50.80 16.01
CA VAL CA 518 93.18 51.15 14.63
C VAL CA 518 92.95 49.96 13.70
N TYR CA 519 93.29 48.75 14.17
CA TYR CA 519 93.12 47.56 13.33
C TYR CA 519 91.66 47.29 13.04
N VAL CA 520 90.80 47.45 14.04
CA VAL CA 520 89.37 47.20 13.85
C VAL CA 520 88.79 48.16 12.82
N LEU CA 521 89.13 49.45 12.94
CA LEU CA 521 88.64 50.44 11.98
C LEU CA 521 89.19 50.17 10.58
N ASN CA 522 90.47 49.80 10.48
CA ASN CA 522 91.05 49.51 9.18
C ASN CA 522 90.35 48.32 8.53
N ASN CA 523 90.08 47.26 9.31
CA ASN CA 523 89.44 46.09 8.75
C ASN CA 523 87.99 46.38 8.38
N LEU CA 524 87.30 47.22 9.16
CA LEU CA 524 85.94 47.63 8.78
C LEU CA 524 85.96 48.42 7.47
N GLY CA 525 86.93 49.33 7.33
CA GLY CA 525 87.05 50.08 6.08
C GLY CA 525 87.35 49.18 4.89
N ILE CA 526 88.22 48.20 5.09
CA ILE CA 526 88.53 47.26 4.00
C ILE CA 526 87.32 46.41 3.66
N TYR CA 527 86.55 46.00 4.67
CA TYR CA 527 85.32 45.25 4.42
C TYR CA 527 84.34 46.07 3.59
N HIS CA 528 84.15 47.34 3.94
CA HIS CA 528 83.23 48.18 3.18
C HIS CA 528 83.77 48.49 1.80
N PHE CA 529 85.10 48.59 1.65
CA PHE CA 529 85.69 48.76 0.34
C PHE CA 529 85.45 47.55 -0.55
N PHE CA 530 85.58 46.34 0.02
CA PHE CA 530 85.25 45.13 -0.72
C PHE CA 530 83.75 45.04 -0.98
N ARG CA 531 82.94 45.59 -0.09
CA ARG CA 531 81.50 45.70 -0.30
C ARG CA 531 81.11 46.88 -1.18
N ASN CA 532 82.11 47.63 -1.68
CA ASN CA 532 81.88 48.82 -2.51
C ASN CA 532 81.13 49.92 -1.75
N ASN CA 533 81.14 49.87 -0.42
CA ASN CA 533 80.56 50.92 0.40
C ASN CA 533 81.60 52.03 0.53
N VAL CA 534 81.67 52.86 -0.52
CA VAL CA 534 82.73 53.87 -0.59
C VAL CA 534 82.60 54.85 0.57
N SER CA 535 81.38 55.31 0.85
CA SER CA 535 81.18 56.27 1.94
C SER CA 535 81.57 55.67 3.28
N GLN CA 536 81.07 54.48 3.59
CA GLN CA 536 81.35 53.87 4.89
C GLN CA 536 82.83 53.49 5.00
N SER CA 537 83.42 52.99 3.91
CA SER CA 537 84.85 52.69 3.93
C SER CA 537 85.68 53.95 4.19
N SER CA 538 85.31 55.05 3.53
CA SER CA 538 86.04 56.30 3.74
C SER CA 538 85.88 56.80 5.17
N ASP CA 539 84.67 56.69 5.73
CA ASP CA 539 84.46 57.10 7.12
C ASP CA 539 85.29 56.26 8.08
N PHE CA 540 85.32 54.94 7.86
CA PHE CA 540 86.12 54.07 8.72
C PHE CA 540 87.61 54.38 8.59
N PHE CA 541 88.07 54.65 7.38
CA PHE CA 541 89.49 55.01 7.20
C PHE CA 541 89.81 56.33 7.88
N ALA CA 542 88.88 57.30 7.81
CA ALA CA 542 89.08 58.57 8.51
C ALA CA 542 89.13 58.37 10.02
N GLN CA 543 88.26 57.52 10.55
CA GLN CA 543 88.30 57.21 11.98
C GLN CA 543 89.61 56.53 12.35
N SER CA 544 90.10 55.64 11.49
CA SER CA 544 91.38 54.99 11.75
C SER CA 544 92.52 56.00 11.76
N LEU CA 545 92.52 56.94 10.81
CA LEU CA 545 93.55 57.98 10.80
C LEU CA 545 93.46 58.87 12.03
N GLU CA 546 92.23 59.16 12.48
CA GLU CA 546 92.06 59.95 13.69
C GLU CA 546 92.60 59.21 14.91
N ALA CA 547 92.33 57.90 14.99
CA ALA CA 547 92.82 57.10 16.10
C ALA CA 547 94.32 56.84 16.01
N LEU CA 548 94.92 57.05 14.84
CA LEU CA 548 96.36 56.87 14.70
C LEU CA 548 97.15 57.75 15.66
N ASN CA 549 96.58 58.88 16.09
CA ASN CA 549 97.26 59.74 17.04
C ASN CA 549 97.48 59.05 18.38
N ASN CA 550 96.69 58.03 18.69
CA ASN CA 550 96.79 57.30 19.95
C ASN CA 550 97.68 56.06 19.85
N VAL CA 551 98.30 55.82 18.70
CA VAL CA 551 99.10 54.62 18.51
C VAL CA 551 100.42 54.75 19.25
N SER CA 552 100.93 53.63 19.74
CA SER CA 552 102.23 53.61 20.39
C SER CA 552 103.32 54.04 19.40
N PRO CA 553 104.33 54.78 19.85
CA PRO CA 553 105.34 55.31 18.91
C PRO CA 553 106.09 54.23 18.14
N GLN CA 554 106.28 53.05 18.73
CA GLN CA 554 107.07 52.00 18.07
C GLN CA 554 106.39 51.55 16.78
N ASN CA 555 105.10 51.24 16.84
CA ASN CA 555 104.36 50.82 15.66
C ASN CA 555 103.71 51.98 14.92
N LYS CA 556 103.89 53.21 15.40
CA LYS CA 556 103.21 54.36 14.81
C LYS CA 556 103.63 54.57 13.37
N GLU CA 557 104.93 54.47 13.08
CA GLU CA 557 105.41 54.69 11.71
C GLU CA 557 104.84 53.64 10.76
N ALA CA 558 104.89 52.37 11.15
CA ALA CA 558 104.39 51.29 10.29
C ALA CA 558 102.89 51.44 10.06
N LEU CA 559 102.12 51.73 11.12
CA LEU CA 559 100.68 51.85 10.96
C LEU CA 559 100.32 53.10 10.15
N SER CA 560 101.09 54.18 10.31
CA SER CA 560 100.85 55.37 9.49
C SER CA 560 101.12 55.09 8.02
N ILE CA 561 102.19 54.34 7.73
CA ILE CA 561 102.48 53.97 6.34
C ILE CA 561 101.35 53.12 5.78
N THR CA 562 100.87 52.15 6.55
CA THR CA 562 99.79 51.29 6.09
C THR CA 562 98.51 52.09 5.85
N LEU CA 563 98.15 52.98 6.77
CA LEU CA 563 96.93 53.76 6.63
C LEU CA 563 97.03 54.73 5.45
N HIS CA 564 98.21 55.34 5.25
CA HIS CA 564 98.40 56.22 4.11
C HIS CA 564 98.32 55.44 2.80
N TYR CA 565 98.85 54.22 2.77
CA TYR CA 565 98.71 53.38 1.58
C TYR CA 565 97.25 53.05 1.30
N ASN CA 566 96.49 52.73 2.35
CA ASN CA 566 95.07 52.44 2.17
C ASN CA 566 94.31 53.67 1.67
N LYS CA 567 94.61 54.84 2.24
CA LYS CA 567 93.97 56.07 1.79
C LYS CA 567 94.34 56.38 0.34
N ALA CA 568 95.60 56.11 -0.04
CA ALA CA 568 96.01 56.30 -1.43
C ALA CA 568 95.28 55.34 -2.35
N ARG CA 569 95.04 54.11 -1.91
CA ARG CA 569 94.22 53.18 -2.70
C ARG CA 569 92.80 53.70 -2.89
N VAL CA 570 92.19 54.20 -1.81
CA VAL CA 570 90.85 54.76 -1.90
C VAL CA 570 90.83 55.96 -2.85
N GLU CA 571 91.87 56.79 -2.79
CA GLU CA 571 91.96 57.91 -3.73
C GLU CA 571 92.10 57.42 -5.17
N GLU CA 572 92.96 56.42 -5.39
CA GLU CA 572 93.12 55.86 -6.72
C GLU CA 572 91.80 55.36 -7.27
N VAL CA 573 90.95 54.83 -6.39
CA VAL CA 573 89.58 54.53 -6.78
C VAL CA 573 88.83 55.81 -7.13
N SER CA 574 88.98 56.84 -6.29
CA SER CA 574 88.25 58.09 -6.50
C SER CA 574 88.96 59.01 -7.48
N ASN CA 575 90.17 59.46 -7.13
CA ASN CA 575 90.92 60.44 -7.94
C ASN CA 575 92.38 60.05 -7.92
N GLN CA 576 92.95 59.81 -9.11
CA GLN CA 576 94.31 59.31 -9.21
C GLN CA 576 95.36 60.33 -8.79
N SER CA 577 95.05 61.63 -8.83
CA SER CA 577 96.05 62.65 -8.52
C SER CA 577 96.48 62.59 -7.06
N GLU CA 578 95.51 62.56 -6.14
CA GLU CA 578 95.82 62.45 -4.72
C GLU CA 578 96.49 61.12 -4.42
N ALA CA 579 96.08 60.06 -5.13
CA ALA CA 579 96.73 58.77 -4.96
C ALA CA 579 98.20 58.86 -5.31
N GLU CA 580 98.53 59.51 -6.43
CA GLU CA 580 99.93 59.65 -6.83
C GLU CA 580 100.69 60.54 -5.84
N LYS CA 581 100.04 61.59 -5.34
CA LYS CA 581 100.68 62.45 -4.34
C LYS CA 581 101.04 61.65 -3.09
N LEU CA 582 100.08 60.90 -2.54
CA LEU CA 582 100.36 60.09 -1.37
C LEU CA 582 101.36 58.98 -1.69
N TYR CA 583 101.37 58.48 -2.92
CA TYR CA 583 102.36 57.49 -3.33
C TYR CA 583 103.77 58.08 -3.25
N SER CA 584 103.93 59.31 -3.75
CA SER CA 584 105.23 59.98 -3.63
C SER CA 584 105.58 60.23 -2.17
N LYS CA 585 104.60 60.63 -1.36
CA LYS CA 585 104.85 60.88 0.05
C LYS CA 585 105.36 59.63 0.75
N LEU CA 586 104.71 58.49 0.50
CA LEU CA 586 105.13 57.24 1.14
C LEU CA 586 106.46 56.74 0.58
N MET CA 587 106.68 56.92 -0.73
CA MET CA 587 107.94 56.50 -1.32
C MET CA 587 109.11 57.28 -0.73
N GLU CA 588 108.93 58.58 -0.52
CA GLU CA 588 109.94 59.34 0.22
C GLU CA 588 110.04 58.85 1.65
N LYS CA 589 108.89 58.54 2.26
CA LYS CA 589 108.90 58.03 3.64
C LYS CA 589 109.55 56.66 3.72
N CYS CA 590 109.25 55.77 2.77
CA CYS CA 590 109.77 54.41 2.80
C CYS CA 590 110.00 53.94 1.37
N PRO CA 591 111.18 54.18 0.82
CA PRO CA 591 111.46 53.73 -0.56
C PRO CA 591 111.46 52.22 -0.72
N GLY CA 592 111.64 51.45 0.36
CA GLY CA 592 111.75 50.01 0.24
C GLY CA 592 110.45 49.31 -0.08
N TYR CA 593 109.32 49.95 0.17
CA TYR CA 593 108.02 49.33 -0.09
C TYR CA 593 107.82 49.13 -1.59
N THR CA 594 107.24 47.99 -1.96
CA THR CA 594 107.10 47.59 -3.35
C THR CA 594 105.73 47.93 -3.92
N SER CA 595 104.67 47.66 -3.17
CA SER CA 595 103.31 47.88 -3.68
C SER CA 595 103.08 49.35 -4.02
N ASN CA 596 103.59 50.26 -3.19
CA ASN CA 596 103.49 51.68 -3.48
C ASN CA 596 104.18 52.02 -4.81
N LYS CA 597 105.41 51.55 -4.99
CA LYS CA 597 106.13 51.81 -6.23
C LYS CA 597 105.43 51.15 -7.41
N ILE CA 598 104.93 49.93 -7.23
CA ILE CA 598 104.24 49.24 -8.32
C ILE CA 598 103.01 50.04 -8.77
N ARG CA 599 102.19 50.48 -7.81
CA ARG CA 599 101.00 51.24 -8.16
C ARG CA 599 101.35 52.58 -8.77
N TYR CA 600 102.37 53.26 -8.25
CA TYR CA 600 102.75 54.55 -8.78
C TYR CA 600 103.25 54.43 -10.22
N ILE CA 601 104.11 53.45 -10.48
CA ILE CA 601 104.62 53.24 -11.84
C ILE CA 601 103.50 52.78 -12.77
N TYR CA 602 102.55 52.00 -12.25
CA TYR CA 602 101.41 51.57 -13.06
C TYR CA 602 100.54 52.76 -13.45
N LEU CA 603 100.28 53.67 -12.51
CA LEU CA 603 99.52 54.88 -12.85
C LEU CA 603 100.28 55.75 -13.83
N LEU CA 604 101.60 55.87 -13.67
CA LEU CA 604 102.40 56.63 -14.62
C LEU CA 604 102.33 56.01 -16.02
N ALA CA 605 102.41 54.68 -16.10
CA ALA CA 605 102.32 54.01 -17.39
C ALA CA 605 100.95 54.21 -18.02
N LEU CA 606 99.89 54.19 -17.21
CA LEU CA 606 98.57 54.52 -17.72
C LEU CA 606 98.53 55.94 -18.27
N LYS CA 607 99.14 56.88 -17.55
CA LYS CA 607 99.14 58.27 -18.00
C LYS CA 607 100.10 58.48 -19.18
N SER CA 608 101.23 57.77 -19.19
CA SER CA 608 102.24 57.93 -20.21
C SER CA 608 102.12 56.92 -21.35
N ASN CA 609 101.09 56.08 -21.34
CA ASN CA 609 100.87 55.07 -22.37
C ASN CA 609 102.09 54.15 -22.52
N GLY CA 610 102.64 53.73 -21.38
CA GLY CA 610 103.78 52.83 -21.38
C GLY CA 610 105.04 53.43 -21.98
N ASN CA 611 105.32 54.69 -21.65
CA ASN CA 611 106.54 55.36 -22.07
C ASN CA 611 107.60 55.40 -20.98
N ASN CA 612 107.40 54.66 -19.89
CA ASN CA 612 108.34 54.60 -18.78
C ASN CA 612 108.89 53.18 -18.60
N TYR CA 613 109.25 52.54 -19.72
CA TYR CA 613 109.79 51.19 -19.67
C TYR CA 613 111.07 51.14 -18.83
N ALA CA 614 111.85 52.22 -18.83
CA ALA CA 614 113.05 52.27 -18.00
C ALA CA 614 112.70 52.15 -16.52
N ASP CA 615 111.63 52.82 -16.10
CA ASP CA 615 111.20 52.71 -14.70
C ASP CA 615 110.78 51.29 -14.35
N VAL CA 616 110.06 50.62 -15.25
CA VAL CA 616 109.64 49.25 -15.00
C VAL CA 616 110.85 48.32 -14.91
N GLN CA 617 111.82 48.50 -15.81
CA GLN CA 617 113.03 47.68 -15.76
C GLN CA 617 113.80 47.93 -14.48
N GLN CA 618 113.91 49.19 -14.05
CA GLN CA 618 114.60 49.50 -12.81
C GLN CA 618 113.89 48.87 -11.61
N LEU CA 619 112.56 48.93 -11.59
CA LEU CA 619 111.80 48.31 -10.50
C LEU CA 619 112.00 46.80 -10.50
N LEU CA 620 112.03 46.19 -11.68
CA LEU CA 620 112.31 44.76 -11.77
C LEU CA 620 113.69 44.43 -11.21
N ASP CA 621 114.68 45.27 -11.53
CA ASP CA 621 116.02 45.07 -10.98
C ASP CA 621 116.04 45.23 -9.47
N ASP CA 622 115.23 46.14 -8.93
CA ASP CA 622 115.21 46.37 -7.48
C ASP CA 622 114.75 45.13 -6.72
N PHE CA 623 113.70 44.47 -7.21
CA PHE CA 623 113.12 43.30 -6.54
C PHE CA 623 112.94 42.17 -7.55
N PRO CA 624 114.04 41.53 -7.96
CA PRO CA 624 113.92 40.38 -8.88
C PRO CA 624 113.20 39.20 -8.27
N SER CA 625 113.17 39.08 -6.95
CA SER CA 625 112.51 37.96 -6.28
C SER CA 625 111.05 38.26 -5.92
N ASP CA 626 110.60 39.50 -6.08
CA ASP CA 626 109.21 39.84 -5.78
C ASP CA 626 108.30 39.31 -6.88
N LEU CA 627 107.32 38.49 -6.49
CA LEU CA 627 106.37 37.97 -7.47
C LEU CA 627 105.49 39.09 -8.03
N GLU CA 628 105.11 40.04 -7.20
CA GLU CA 628 104.27 41.15 -7.67
C GLU CA 628 105.02 42.02 -8.67
N VAL CA 629 106.28 42.33 -8.38
CA VAL CA 629 107.08 43.15 -9.30
C VAL CA 629 107.25 42.44 -10.63
N ARG CA 630 107.58 41.14 -10.58
CA ARG CA 630 107.77 40.38 -11.81
C ARG CA 630 106.47 40.28 -12.61
N SER CA 631 105.34 40.07 -11.93
CA SER CA 631 104.06 39.98 -12.62
C SER CA 631 103.70 41.31 -13.27
N PHE CA 632 103.91 42.43 -12.58
CA PHE CA 632 103.65 43.74 -13.16
C PHE CA 632 104.56 44.00 -14.36
N TYR CA 633 105.84 43.63 -14.25
CA TYR CA 633 106.75 43.82 -15.36
C TYR CA 633 106.33 42.97 -16.56
N GLY CA 634 105.90 41.74 -16.31
CA GLY CA 634 105.42 40.91 -17.40
C GLY CA 634 104.15 41.43 -18.04
N TRP CA 635 103.25 41.99 -17.22
CA TRP CA 635 102.05 42.61 -17.76
C TRP CA 635 102.39 43.80 -18.64
N PHE CA 636 103.34 44.63 -18.19
CA PHE CA 636 103.78 45.76 -19.00
C PHE CA 636 104.43 45.30 -20.29
N LEU CA 637 105.20 44.21 -20.23
CA LEU CA 637 105.78 43.65 -21.45
C LEU CA 637 104.69 43.17 -22.40
N LYS CA 638 103.73 42.40 -21.90
CA LYS CA 638 102.64 41.93 -22.75
C LYS CA 638 101.88 43.09 -23.35
N ARG CA 639 101.79 44.21 -22.63
CA ARG CA 639 101.07 45.37 -23.14
C ARG CA 639 101.84 46.10 -24.24
N TYR CA 640 103.16 46.31 -24.05
CA TYR CA 640 103.87 47.22 -24.95
C TYR CA 640 105.18 46.63 -25.48
N GLY CA 641 105.24 45.31 -25.70
CA GLY CA 641 106.44 44.73 -26.27
C GLY CA 641 106.68 45.18 -27.70
N ARG CA 642 105.62 45.19 -28.52
CA ARG CA 642 105.75 45.64 -29.90
C ARG CA 642 106.01 47.14 -29.97
N LYS CA 643 105.43 47.90 -29.04
CA LYS CA 643 105.74 49.34 -28.98
C LYS CA 643 107.20 49.57 -28.64
N ASN CA 644 107.73 48.80 -27.68
CA ASN CA 644 109.12 48.95 -27.28
C ASN CA 644 110.08 48.14 -28.14
N GLY CA 645 109.57 47.32 -29.05
CA GLY CA 645 110.43 46.56 -29.94
C GLY CA 645 111.27 45.49 -29.26
N LEU CA 646 110.85 45.03 -28.09
CA LEU CA 646 111.62 44.04 -27.37
C LEU CA 646 111.43 42.66 -27.99
N LYS CA 647 112.25 41.71 -27.52
CA LYS CA 647 112.19 40.35 -28.04
C LYS CA 647 110.85 39.71 -27.68
N GLN CA 648 110.31 38.94 -28.63
CA GLN CA 648 109.05 38.24 -28.39
C GLN CA 648 109.20 37.21 -27.28
N ASP CA 649 110.32 36.49 -27.26
CA ASP CA 649 110.55 35.45 -26.26
C ASP CA 649 111.18 35.98 -24.98
N LEU CA 650 111.48 37.28 -24.90
CA LEU CA 650 112.12 37.83 -23.71
C LEU CA 650 111.23 37.65 -22.48
N GLU CA 651 109.95 37.97 -22.61
CA GLU CA 651 109.02 37.74 -21.51
C GLU CA 651 108.89 36.26 -21.22
N SER CA 652 108.97 35.42 -22.25
CA SER CA 652 108.93 33.97 -22.05
C SER CA 652 110.10 33.51 -21.21
N GLN CA 653 111.31 34.01 -21.50
CA GLN CA 653 112.48 33.65 -20.70
C GLN CA 653 112.36 34.18 -19.28
N HIS CA 654 111.82 35.40 -19.13
CA HIS CA 654 111.64 35.96 -17.79
C HIS CA 654 110.70 35.10 -16.96
N HIS CA 655 109.57 34.68 -17.54
CA HIS CA 655 108.62 33.84 -16.81
C HIS CA 655 109.19 32.45 -16.56
N LYS CA 656 109.97 31.93 -17.50
CA LYS CA 656 110.61 30.63 -17.28
C LYS CA 656 111.58 30.69 -16.11
N ASP CA 657 112.37 31.77 -16.04
CA ASP CA 657 113.28 31.94 -14.90
C ASP CA 657 112.50 32.10 -13.60
N THR CA 658 111.39 32.85 -13.64
CA THR CA 658 110.56 33.00 -12.46
C THR CA 658 110.04 31.65 -11.98
N LEU CA 659 109.58 30.80 -12.92
CA LEU CA 659 109.02 29.52 -12.53
C LEU CA 659 110.10 28.56 -12.02
N ILE CA 660 111.23 28.49 -12.72
CA ILE CA 660 112.26 27.51 -12.36
C ILE CA 660 112.96 27.90 -11.06
N ASN CA 661 113.32 29.18 -10.92
CA ASN CA 661 114.18 29.60 -9.83
C ASN CA 661 113.46 30.22 -8.64
N TYR CA 662 112.21 30.67 -8.82
CA TYR CA 662 111.49 31.33 -7.74
C TYR CA 662 110.26 30.57 -7.29
N ASP CA 663 109.35 30.24 -8.21
CA ASP CA 663 108.13 29.53 -7.84
C ASP CA 663 107.55 28.89 -9.08
N LYS CA 664 107.51 27.56 -9.13
CA LYS CA 664 106.94 26.83 -10.25
C LYS CA 664 105.43 26.65 -10.13
N HIS CA 665 104.83 27.15 -9.04
CA HIS CA 665 103.39 27.04 -8.82
C HIS CA 665 102.68 28.38 -8.96
N ASP CA 666 103.33 29.37 -9.56
CA ASP CA 666 102.73 30.68 -9.77
C ASP CA 666 101.87 30.62 -11.03
N CYS CA 667 100.55 30.81 -10.86
CA CYS CA 667 99.64 30.71 -11.99
C CYS CA 667 99.78 31.88 -12.95
N TYR CA 668 100.26 33.04 -12.49
CA TYR CA 668 100.37 34.20 -13.36
C TYR CA 668 101.39 33.95 -14.49
N ALA CA 669 102.60 33.51 -14.12
CA ALA CA 669 103.61 33.23 -15.13
C ALA CA 669 103.23 32.05 -16.01
N LEU CA 670 102.57 31.05 -15.43
CA LEU CA 670 102.12 29.91 -16.23
C LEU CA 670 101.09 30.34 -17.27
N LEU CA 671 100.15 31.20 -16.89
CA LEU CA 671 99.16 31.70 -17.84
C LEU CA 671 99.80 32.57 -18.90
N SER CA 672 100.78 33.40 -18.51
CA SER CA 672 101.48 34.22 -19.49
C SER CA 672 102.21 33.35 -20.50
N LEU CA 673 102.90 32.31 -20.01
CA LEU CA 673 103.61 31.40 -20.91
C LEU CA 673 102.63 30.66 -21.82
N GLY CA 674 101.49 30.23 -21.28
CA GLY CA 674 100.50 29.57 -22.10
C GLY CA 674 99.96 30.47 -23.19
N ASN CA 675 99.69 31.74 -22.85
CA ASN CA 675 99.23 32.69 -23.86
C ASN CA 675 100.29 32.91 -24.93
N ILE CA 676 101.56 33.03 -24.52
CA ILE CA 676 102.64 33.22 -25.49
C ILE CA 676 102.73 32.02 -26.42
N TYR CA 677 102.67 30.81 -25.86
CA TYR CA 677 102.78 29.61 -26.68
C TYR CA 677 101.59 29.48 -27.62
N ALA CA 678 100.39 29.82 -27.15
CA ALA CA 678 99.21 29.78 -28.01
C ALA CA 678 99.32 30.79 -29.14
N THR CA 679 99.84 31.98 -28.84
CA THR CA 679 100.05 32.98 -29.89
C THR CA 679 101.06 32.48 -30.92
N ILE CA 680 102.15 31.87 -30.45
CA ILE CA 680 103.17 31.35 -31.37
C ILE CA 680 102.57 30.27 -32.26
N ALA CA 681 101.78 29.36 -31.67
CA ALA CA 681 101.16 28.30 -32.45
C ALA CA 681 100.17 28.86 -33.46
N ARG CA 682 99.37 29.86 -33.06
CA ARG CA 682 98.39 30.44 -33.95
C ARG CA 682 99.05 31.15 -35.12
N GLU CA 683 100.12 31.91 -34.85
CA GLU CA 683 100.83 32.60 -35.92
C GLU CA 683 101.65 31.66 -36.80
N MET CA 684 101.87 30.42 -36.35
CA MET CA 684 102.67 29.48 -37.14
C MET CA 684 101.91 29.06 -38.39
N LYS CA 685 102.60 29.10 -39.53
CA LYS CA 685 101.99 28.70 -40.78
C LYS CA 685 101.84 27.19 -40.85
N VAL CA 686 100.72 26.74 -41.42
CA VAL CA 686 100.42 25.31 -41.56
C VAL CA 686 100.64 24.94 -43.03
N THR CA 687 101.51 23.95 -43.26
CA THR CA 687 101.84 23.53 -44.61
C THR CA 687 101.63 22.03 -44.80
N ASP CA 688 101.86 21.26 -43.74
CA ASP CA 688 101.76 19.81 -43.82
C ASP CA 688 101.42 19.27 -42.44
N GLN CA 689 101.51 17.94 -42.29
CA GLN CA 689 101.18 17.31 -41.01
C GLN CA 689 102.20 17.67 -39.94
N LYS CA 690 103.47 17.83 -40.31
CA LYS CA 690 104.50 18.12 -39.32
C LYS CA 690 104.28 19.48 -38.67
N GLN CA 691 103.96 20.50 -39.47
CA GLN CA 691 103.76 21.83 -38.91
C GLN CA 691 102.50 21.87 -38.04
N ASN CA 692 101.44 21.18 -38.47
CA ASN CA 692 100.24 21.10 -37.64
C ASN CA 692 100.52 20.36 -36.33
N GLU CA 693 101.38 19.33 -36.38
CA GLU CA 693 101.74 18.63 -35.15
C GLU CA 693 102.58 19.52 -34.24
N ILE CA 694 103.46 20.34 -34.79
CA ILE CA 694 104.23 21.28 -33.97
C ILE CA 694 103.30 22.31 -33.33
N LYS CA 695 102.34 22.82 -34.11
CA LYS CA 695 101.34 23.73 -33.56
C LYS CA 695 100.55 23.06 -32.43
N ARG CA 696 100.16 21.80 -32.64
CA ARG CA 696 99.44 21.06 -31.61
C ARG CA 696 100.31 20.83 -30.38
N GLN CA 697 101.62 20.65 -30.57
CA GLN CA 697 102.52 20.49 -29.44
C GLN CA 697 102.66 21.79 -28.64
N GLN CA 698 102.72 22.93 -29.33
CA GLN CA 698 102.72 24.21 -28.62
C GLN CA 698 101.43 24.42 -27.86
N TYR CA 699 100.30 24.09 -28.49
CA TYR CA 699 99.01 24.16 -27.79
C TYR CA 699 98.98 23.20 -26.61
N LEU CA 700 99.63 22.05 -26.74
CA LEU CA 700 99.71 21.09 -25.65
C LEU CA 700 100.54 21.64 -24.50
N ARG CA 701 101.62 22.36 -24.81
CA ARG CA 701 102.41 23.02 -23.77
C ARG CA 701 101.56 24.06 -23.03
N ALA CA 702 100.82 24.87 -23.78
CA ALA CA 702 99.94 25.85 -23.16
C ALA CA 702 98.87 25.18 -22.31
N ALA CA 703 98.31 24.08 -22.80
CA ALA CA 703 97.31 23.32 -22.06
C ALA CA 703 97.90 22.70 -20.80
N GLN CA 704 99.16 22.28 -20.85
CA GLN CA 704 99.80 21.77 -19.64
C GLN CA 704 100.03 22.88 -18.63
N PHE CA 705 100.38 24.08 -19.11
CA PHE CA 705 100.45 25.23 -18.20
C PHE CA 705 99.11 25.45 -17.52
N TYR CA 706 98.03 25.46 -18.31
CA TYR CA 706 96.70 25.68 -17.76
C TYR CA 706 96.29 24.55 -16.81
N HIS CA 707 96.66 23.32 -17.13
CA HIS CA 707 96.32 22.18 -16.28
C HIS CA 707 97.07 22.24 -14.95
N LYS CA 708 98.34 22.67 -14.99
CA LYS CA 708 99.06 22.90 -13.74
C LYS CA 708 98.42 24.01 -12.93
N VAL CA 709 97.96 25.07 -13.60
CA VAL CA 709 97.25 26.14 -12.90
C VAL CA 709 96.00 25.61 -12.22
N LEU CA 710 95.24 24.79 -12.95
CA LEU CA 710 94.02 24.21 -12.39
C LEU CA 710 94.32 23.26 -11.24
N SER CA 711 95.42 22.51 -11.34
CA SER CA 711 95.85 21.67 -10.22
C SER CA 711 96.18 22.53 -9.00
N ILE CA 712 96.82 23.68 -9.23
CA ILE CA 712 97.05 24.64 -8.15
C ILE CA 712 95.71 25.19 -7.65
N ASP CA 713 94.82 25.55 -8.57
CA ASP CA 713 93.53 26.10 -8.22
C ASP CA 713 92.50 25.79 -9.29
N PRO CA 714 91.54 24.89 -9.02
CA PRO CA 714 90.52 24.57 -10.03
C PRO CA 714 89.51 25.68 -10.27
N LYS CA 715 89.58 26.79 -9.53
CA LYS CA 715 88.65 27.90 -9.69
C LYS CA 715 89.22 29.03 -10.54
N ASN CA 716 90.08 28.69 -11.51
CA ASN CA 716 90.73 29.68 -12.35
C ASN CA 716 89.92 29.86 -13.63
N ILE CA 717 89.33 31.05 -13.78
CA ILE CA 717 88.53 31.33 -14.98
C ILE CA 717 89.43 31.47 -16.20
N TYR CA 718 90.61 32.07 -16.03
CA TYR CA 718 91.47 32.34 -17.19
C TYR CA 718 92.04 31.06 -17.78
N ALA CA 719 92.33 30.06 -16.94
CA ALA CA 719 92.78 28.77 -17.46
C ALA CA 719 91.71 28.12 -18.32
N ALA CA 720 90.46 28.15 -17.85
CA ALA CA 720 89.37 27.61 -18.65
C ALA CA 720 89.16 28.42 -19.93
N GLN CA 721 89.35 29.74 -19.86
CA GLN CA 721 89.21 30.58 -21.04
C GLN CA 721 90.28 30.23 -22.08
N GLY CA 722 91.52 30.02 -21.64
CA GLY CA 722 92.56 29.56 -22.55
C GLY CA 722 92.26 28.19 -23.12
N ILE CA 723 91.71 27.30 -22.30
CA ILE CA 723 91.32 25.99 -22.79
C ILE CA 723 90.26 26.11 -23.88
N ALA CA 724 89.28 26.99 -23.65
CA ALA CA 724 88.22 27.21 -24.64
C ALA CA 724 88.79 27.80 -25.93
N ILE CA 725 89.76 28.72 -25.81
CA ILE CA 725 90.38 29.30 -27.00
C ILE CA 725 91.12 28.22 -27.78
N ILE CA 726 91.84 27.35 -27.08
CA ILE CA 726 92.53 26.24 -27.75
C ILE CA 726 91.52 25.33 -28.45
N PHE CA 727 90.41 25.04 -27.79
CA PHE CA 727 89.37 24.22 -28.40
C PHE CA 727 88.80 24.90 -29.65
N SER CA 728 88.65 26.22 -29.58
CA SER CA 728 88.20 26.98 -30.75
C SER CA 728 89.20 26.84 -31.90
N ASP CA 729 90.49 26.89 -31.60
CA ASP CA 729 91.49 26.61 -32.61
C ASP CA 729 91.43 25.16 -33.07
N LYS CA 730 91.03 24.25 -32.18
CA LYS CA 730 90.87 22.84 -32.50
C LYS CA 730 89.45 22.48 -32.93
N GLU CA 731 88.57 23.48 -33.06
CA GLU CA 731 87.18 23.32 -33.50
C GLU CA 731 86.35 22.45 -32.56
N ARG CA 732 86.69 22.42 -31.27
CA ARG CA 732 85.84 21.78 -30.26
C ARG CA 732 84.88 22.85 -29.73
N THR CA 733 83.83 23.09 -30.52
CA THR CA 733 82.96 24.24 -30.25
C THR CA 733 82.10 24.04 -29.02
N GLY CA 734 81.64 22.81 -28.77
CA GLY CA 734 80.75 22.58 -27.65
C GLY CA 734 81.42 22.82 -26.31
N LEU CA 735 82.64 22.30 -26.14
CA LEU CA 735 83.37 22.50 -24.89
C LEU CA 735 83.66 23.97 -24.66
N ALA CA 736 84.07 24.68 -25.71
CA ALA CA 736 84.33 26.12 -25.60
C ALA CA 736 83.06 26.86 -25.22
N LEU CA 737 81.92 26.48 -25.81
CA LEU CA 737 80.66 27.13 -25.49
C LEU CA 737 80.28 26.91 -24.04
N GLU CA 738 80.42 25.68 -23.55
CA GLU CA 738 80.12 25.39 -22.15
C GLU CA 738 81.04 26.18 -21.22
N ILE CA 739 82.33 26.23 -21.54
CA ILE CA 739 83.29 26.95 -20.71
C ILE CA 739 82.96 28.44 -20.69
N PHE CA 740 82.64 29.01 -21.85
CA PHE CA 740 82.32 30.43 -21.92
C PHE CA 740 81.03 30.75 -21.17
N LYS CA 741 80.04 29.87 -21.25
CA LYS CA 741 78.81 30.08 -20.47
C LYS CA 741 79.10 30.06 -18.98
N LYS CA 742 79.91 29.10 -18.53
CA LYS CA 742 80.27 29.05 -17.12
C LYS CA 742 81.05 30.29 -16.71
N VAL CA 743 81.95 30.76 -17.57
CA VAL CA 743 82.73 31.96 -17.27
C VAL CA 743 81.83 33.17 -17.14
N ARG CA 744 80.88 33.32 -18.08
CA ARG CA 744 79.93 34.43 -18.01
C ARG CA 744 79.11 34.36 -16.74
N ASP CA 745 78.68 33.16 -16.36
CA ASP CA 745 78.00 32.99 -15.08
C ASP CA 745 78.90 33.41 -13.92
N THR CA 746 80.20 33.19 -14.05
CA THR CA 746 81.14 33.55 -13.00
C THR CA 746 81.44 35.05 -13.02
N VAL CA 747 81.99 35.55 -14.11
CA VAL CA 747 82.42 36.93 -14.23
C VAL CA 747 81.86 37.52 -15.52
N GLN CA 748 81.65 38.84 -15.52
CA GLN CA 748 81.08 39.55 -16.66
C GLN CA 748 82.02 40.68 -17.04
N ASP CA 749 82.79 40.48 -18.12
CA ASP CA 749 83.59 41.52 -18.72
C ASP CA 749 83.31 41.56 -20.22
N LEU CA 750 83.92 42.53 -20.90
CA LEU CA 750 83.73 42.67 -22.33
C LEU CA 750 84.26 41.45 -23.09
N GLY CA 751 85.41 40.93 -22.66
CA GLY CA 751 86.00 39.80 -23.36
C GLY CA 751 85.13 38.57 -23.32
N THR CA 752 84.48 38.30 -22.19
CA THR CA 752 83.61 37.14 -22.09
C THR CA 752 82.45 37.24 -23.07
N PHE CA 753 81.82 38.41 -23.15
CA PHE CA 753 80.70 38.59 -24.08
C PHE CA 753 81.18 38.47 -25.54
N ILE CA 754 82.34 39.03 -25.85
CA ILE CA 754 82.87 38.94 -27.21
C ILE CA 754 83.15 37.48 -27.56
N ASN CA 755 83.75 36.73 -26.64
CA ASN CA 755 84.03 35.33 -26.90
C ASN CA 755 82.75 34.52 -27.03
N LEU CA 756 81.72 34.85 -26.24
CA LEU CA 756 80.44 34.18 -26.38
C LEU CA 756 79.83 34.45 -27.75
N GLY CA 757 79.90 35.69 -28.21
CA GLY CA 757 79.41 36.01 -29.55
C GLY CA 757 80.17 35.26 -30.62
N HIS CA 758 81.50 35.19 -30.49
CA HIS CA 758 82.31 34.44 -31.45
C HIS CA 758 81.92 32.97 -31.46
N CYS CA 759 81.73 32.38 -30.28
CA CYS CA 759 81.35 30.97 -30.22
C CYS CA 759 79.98 30.74 -30.83
N PHE CA 760 79.03 31.64 -30.57
CA PHE CA 760 77.70 31.52 -31.16
C PHE CA 760 77.78 31.61 -32.68
N MET CA 761 78.64 32.50 -33.18
CA MET CA 761 78.87 32.56 -34.63
C MET CA 761 79.45 31.26 -35.14
N GLU CA 762 80.40 30.67 -34.41
CA GLU CA 762 80.90 29.34 -34.75
C GLU CA 762 79.86 28.26 -34.53
N ALA CA 763 78.93 28.47 -33.60
CA ALA CA 763 77.87 27.51 -33.34
C ALA CA 763 76.63 27.76 -34.18
N LYS CA 764 76.69 28.72 -35.11
CA LYS CA 764 75.61 29.06 -36.03
C LYS CA 764 74.36 29.59 -35.31
N GLN CA 765 74.47 29.91 -34.03
CA GLN CA 765 73.38 30.60 -33.31
C GLN CA 765 73.58 32.10 -33.43
N PHE CA 766 73.15 32.62 -34.58
CA PHE CA 766 73.45 34.01 -34.93
C PHE CA 766 72.63 34.99 -34.08
N GLY CA 767 71.40 34.61 -33.72
CA GLY CA 767 70.62 35.50 -32.87
C GLY CA 767 71.22 35.69 -31.50
N LYS CA 768 71.67 34.59 -30.88
CA LYS CA 768 72.34 34.70 -29.59
C LYS CA 768 73.66 35.46 -29.71
N ALA CA 769 74.36 35.30 -30.84
CA ALA CA 769 75.56 36.09 -31.08
C ALA CA 769 75.23 37.56 -31.14
N ILE CA 770 74.14 37.92 -31.82
CA ILE CA 770 73.72 39.31 -31.89
C ILE CA 770 73.41 39.85 -30.50
N GLU CA 771 72.69 39.06 -29.69
CA GLU CA 771 72.39 39.50 -28.32
C GLU CA 771 73.66 39.69 -27.51
N SER CA 772 74.60 38.75 -27.60
CA SER CA 772 75.84 38.85 -26.83
C SER CA 772 76.65 40.07 -27.25
N TYR CA 773 76.75 40.30 -28.56
CA TYR CA 773 77.49 41.48 -29.04
C TYR CA 773 76.81 42.77 -28.62
N THR CA 774 75.47 42.81 -28.66
CA THR CA 774 74.75 43.99 -28.21
C THR CA 774 74.99 44.27 -26.73
N ILE CA 775 74.96 43.23 -25.91
CA ILE CA 775 75.21 43.40 -24.48
C ILE CA 775 76.63 43.86 -24.24
N ALA CA 776 77.59 43.29 -24.98
CA ALA CA 776 78.97 43.73 -24.87
C ALA CA 776 79.12 45.19 -25.24
N LEU CA 777 78.46 45.62 -26.32
CA LEU CA 777 78.55 47.00 -26.75
C LEU CA 777 77.95 47.94 -25.71
N GLU CA 778 76.79 47.58 -25.14
CA GLU CA 778 76.11 48.49 -24.23
C GLU CA 778 76.80 48.55 -22.87
N LYS CA 779 77.22 47.41 -22.33
CA LYS CA 779 77.70 47.37 -20.95
C LYS CA 779 79.06 48.04 -20.79
N PHE CA 780 79.99 47.74 -21.70
CA PHE CA 780 81.38 48.15 -21.54
C PHE CA 780 81.83 49.16 -22.58
N SER CA 781 81.74 48.81 -23.87
CA SER CA 781 82.20 49.72 -24.92
C SER CA 781 81.32 50.94 -25.07
N ASN CA 782 80.07 50.87 -24.58
CA ASN CA 782 79.14 52.01 -24.61
C ASN CA 782 78.93 52.53 -26.03
N GLY CA 783 78.95 51.63 -27.02
CA GLY CA 783 78.66 52.02 -28.38
C GLY CA 783 79.74 52.81 -29.09
N MET CA 784 80.99 52.70 -28.64
CA MET CA 784 82.08 53.47 -29.22
C MET CA 784 83.04 52.65 -30.07
N ASP CA 785 83.27 51.38 -29.73
CA ASP CA 785 84.22 50.57 -30.46
C ASP CA 785 83.67 50.19 -31.82
N SER CA 786 84.51 50.30 -32.85
CA SER CA 786 84.08 49.91 -34.20
C SER CA 786 84.06 48.41 -34.39
N LYS CA 787 84.92 47.68 -33.67
CA LYS CA 787 85.01 46.24 -33.86
C LYS CA 787 83.73 45.52 -33.46
N LEU CA 788 83.11 45.96 -32.36
CA LEU CA 788 81.85 45.34 -31.95
C LEU CA 788 80.75 45.63 -32.97
N LEU CA 789 80.73 46.83 -33.53
CA LEU CA 789 79.77 47.15 -34.59
C LEU CA 789 80.01 46.27 -35.81
N VAL CA 790 81.29 46.04 -36.15
CA VAL CA 790 81.62 45.15 -37.26
C VAL CA 790 81.09 43.75 -36.99
N LEU CA 791 81.29 43.26 -35.77
CA LEU CA 791 80.80 41.94 -35.40
C LEU CA 791 79.28 41.86 -35.48
N ILE CA 792 78.59 42.91 -35.02
CA ILE CA 792 77.14 42.94 -35.10
C ILE CA 792 76.68 42.91 -36.55
N GLY CA 793 77.33 43.69 -37.40
CA GLY CA 793 76.98 43.68 -38.81
C GLY CA 793 77.21 42.33 -39.46
N ARG CA 794 78.33 41.68 -39.13
CA ARG CA 794 78.60 40.35 -39.66
C ARG CA 794 77.55 39.34 -39.20
N ALA CA 795 77.17 39.40 -37.93
CA ALA CA 795 76.15 38.48 -37.43
C ALA CA 795 74.81 38.73 -38.11
N TRP CA 796 74.44 40.00 -38.29
CA TRP CA 796 73.19 40.31 -38.99
C TRP CA 796 73.22 39.82 -40.42
N TYR CA 797 74.36 39.97 -41.10
CA TYR CA 797 74.48 39.48 -42.47
C TYR CA 797 74.37 37.97 -42.52
N HIS CA 798 74.98 37.27 -41.55
CA HIS CA 798 74.85 35.82 -41.49
C HIS CA 798 73.40 35.41 -41.27
N ARG CA 799 72.69 36.10 -40.38
CA ARG CA 799 71.29 35.79 -40.15
C ARG CA 799 70.47 36.01 -41.41
N GLY CA 800 70.69 37.13 -42.11
CA GLY CA 800 69.94 37.41 -43.31
C GLY CA 800 70.24 36.42 -44.43
N PHE CA 801 71.49 36.00 -44.55
CA PHE CA 801 71.86 35.06 -45.60
C PHE CA 801 71.29 33.67 -45.34
N TYR CA 802 71.46 33.17 -44.11
CA TYR CA 802 71.03 31.80 -43.82
C TYR CA 802 69.52 31.71 -43.63
N GLU CA 803 68.86 32.81 -43.28
CA GLU CA 803 67.42 32.78 -43.04
C GLU CA 803 66.61 33.53 -44.08
N LYS CA 804 67.26 34.14 -45.08
CA LYS CA 804 66.59 34.85 -46.17
C LYS CA 804 65.69 35.95 -45.62
N SER CA 805 66.26 36.77 -44.73
CA SER CA 805 65.53 37.85 -44.08
C SER CA 805 66.09 39.19 -44.56
N MET CA 806 65.19 40.04 -45.07
CA MET CA 806 65.61 41.35 -45.57
C MET CA 806 65.87 42.34 -44.44
N ASP CA 807 65.08 42.26 -43.36
CA ASP CA 807 65.26 43.18 -42.25
C ASP CA 807 66.63 43.01 -41.60
N ALA CA 808 67.14 41.78 -41.56
CA ALA CA 808 68.51 41.57 -41.08
C ALA CA 808 69.50 42.31 -41.96
N TYR CA 809 69.31 42.27 -43.29
CA TYR CA 809 70.19 43.02 -44.18
C TYR CA 809 70.09 44.51 -43.94
N LYS CA 810 68.87 45.02 -43.71
CA LYS CA 810 68.70 46.44 -43.45
C LYS CA 810 69.42 46.86 -42.17
N LYS CA 811 69.27 46.06 -41.11
CA LYS CA 811 69.94 46.38 -39.86
C LYS CA 811 71.45 46.30 -39.99
N ALA CA 812 71.95 45.29 -40.72
CA ALA CA 812 73.39 45.19 -40.96
C ALA CA 812 73.90 46.40 -41.73
N LEU CA 813 73.15 46.83 -42.74
CA LEU CA 813 73.55 48.00 -43.52
C LEU CA 813 73.59 49.24 -42.66
N GLU CA 814 72.58 49.43 -41.80
CA GLU CA 814 72.57 50.61 -40.93
C GLU CA 814 73.72 50.58 -39.94
N VAL CA 815 74.02 49.40 -39.37
CA VAL CA 815 75.12 49.29 -38.43
C VAL CA 815 76.45 49.58 -39.12
N SER CA 816 76.64 49.05 -40.33
CA SER CA 816 77.86 49.31 -41.07
C SER CA 816 77.99 50.79 -41.42
N GLU CA 817 76.87 51.43 -41.77
CA GLU CA 817 76.90 52.86 -42.08
C GLU CA 817 77.30 53.68 -40.85
N GLN CA 818 76.74 53.33 -39.68
CA GLN CA 818 77.11 54.03 -38.46
C GLN CA 818 78.59 53.83 -38.14
N ALA CA 819 79.09 52.60 -38.27
CA ALA CA 819 80.49 52.33 -38.00
C ALA CA 819 81.40 53.11 -38.95
N TYR CA 820 81.03 53.15 -40.23
CA TYR CA 820 81.83 53.90 -41.21
C TYR CA 820 81.82 55.39 -40.88
N GLN CA 821 80.64 55.94 -40.58
CA GLN CA 821 80.58 57.35 -40.21
C GLN CA 821 81.39 57.63 -38.95
N LEU CA 822 81.54 56.64 -38.09
CA LEU CA 822 82.44 56.80 -36.95
C LEU CA 822 83.91 56.71 -37.36
N SER CA 823 84.22 55.95 -38.41
CA SER CA 823 85.62 55.72 -38.77
C SER CA 823 85.98 56.20 -40.17
N LYS CA 824 85.16 55.90 -41.18
CA LYS CA 824 85.46 56.21 -42.58
C LYS CA 824 86.75 55.52 -43.04
N LEU CA 825 86.76 54.19 -42.95
CA LEU CA 825 87.90 53.39 -43.35
C LEU CA 825 87.57 52.58 -44.60
N PRO CA 826 88.59 52.23 -45.41
CA PRO CA 826 88.31 51.43 -46.62
C PRO CA 826 87.67 50.08 -46.31
N ALA CA 827 88.00 49.47 -45.17
CA ALA CA 827 87.41 48.18 -44.83
C ALA CA 827 85.90 48.29 -44.68
N LEU CA 828 85.44 49.32 -43.97
CA LEU CA 828 84.00 49.49 -43.78
C LEU CA 828 83.33 49.96 -45.07
N ARG CA 829 84.06 50.69 -45.92
CA ARG CA 829 83.52 51.02 -47.24
C ARG CA 829 83.27 49.75 -48.04
N PHE CA 830 84.23 48.82 -48.04
CA PHE CA 830 84.03 47.55 -48.74
C PHE CA 830 82.91 46.74 -48.09
N ASN CA 831 82.79 46.80 -46.76
CA ASN CA 831 81.71 46.10 -46.10
C ASN CA 831 80.35 46.63 -46.53
N ILE CA 832 80.22 47.96 -46.62
CA ILE CA 832 78.98 48.57 -47.09
C ILE CA 832 78.69 48.15 -48.53
N VAL CA 833 79.72 48.15 -49.37
CA VAL CA 833 79.53 47.75 -50.78
C VAL CA 833 79.07 46.30 -50.86
N PHE CA 834 79.70 45.42 -50.09
CA PHE CA 834 79.31 44.01 -50.10
C PHE CA 834 77.88 43.83 -49.61
N ILE CA 835 77.50 44.55 -48.55
CA ILE CA 835 76.14 44.46 -48.05
C ILE CA 835 75.14 44.92 -49.09
N GLN CA 836 75.44 46.03 -49.77
CA GLN CA 836 74.53 46.54 -50.79
C GLN CA 836 74.42 45.59 -51.98
N PHE CA 837 75.54 44.98 -52.40
CA PHE CA 837 75.50 44.01 -53.48
C PHE CA 837 74.66 42.79 -53.10
N GLN CA 838 74.86 42.28 -51.87
CA GLN CA 838 74.07 41.14 -51.42
C GLN CA 838 72.60 41.52 -51.33
N ILE CA 839 72.30 42.75 -50.89
CA ILE CA 839 70.92 43.22 -50.80
C ILE CA 839 70.28 43.23 -52.18
N ALA CA 840 70.99 43.78 -53.17
CA ALA CA 840 70.45 43.83 -54.52
C ALA CA 840 70.23 42.43 -55.07
N ASP CA 841 71.19 41.52 -54.86
CA ASP CA 841 71.04 40.16 -55.34
C ASP CA 841 69.85 39.46 -54.70
N PHE CA 842 69.70 39.61 -53.38
CA PHE CA 842 68.59 38.98 -52.68
C PHE CA 842 67.25 39.55 -53.12
N VAL CA 843 67.18 40.87 -53.29
CA VAL CA 843 65.92 41.50 -53.72
C VAL CA 843 65.56 41.05 -55.12
N LYS CA 844 66.53 40.96 -56.02
CA LYS CA 844 66.26 40.44 -57.36
C LYS CA 844 65.78 38.99 -57.29
N SER CA 845 66.39 38.20 -56.41
CA SER CA 845 65.97 36.81 -56.26
C SER CA 845 64.57 36.68 -55.66
N LEU CA 846 64.12 37.70 -54.92
CA LEU CA 846 62.80 37.63 -54.29
C LEU CA 846 61.69 37.68 -55.35
N PRO CA 847 60.57 37.01 -55.09
CA PRO CA 847 59.42 37.14 -55.99
C PRO CA 847 58.75 38.49 -55.84
N ASN CA 848 57.86 38.79 -56.79
CA ASN CA 848 57.14 40.06 -56.77
C ASN CA 848 56.26 40.16 -55.53
N THR CA 849 55.59 39.07 -55.16
CA THR CA 849 54.67 39.10 -54.03
C THR CA 849 55.40 39.31 -52.70
N GLN CA 850 56.70 39.05 -52.65
CA GLN CA 850 57.47 39.17 -51.42
C GLN CA 850 58.27 40.46 -51.33
N ARG CA 851 58.05 41.41 -52.25
CA ARG CA 851 58.79 42.65 -52.26
C ARG CA 851 57.86 43.77 -52.72
N ASP CA 852 58.40 44.99 -52.72
CA ASP CA 852 57.65 46.16 -53.18
C ASP CA 852 58.58 47.07 -53.97
N LEU CA 853 58.00 48.12 -54.55
CA LEU CA 853 58.77 49.04 -55.38
C LEU CA 853 59.80 49.80 -54.57
N THR CA 854 59.46 50.16 -53.32
CA THR CA 854 60.39 50.93 -52.50
C THR CA 854 61.68 50.18 -52.24
N THR CA 855 61.58 48.88 -51.91
CA THR CA 855 62.77 48.08 -51.70
C THR CA 855 63.59 47.96 -52.98
N LEU CA 856 62.93 47.82 -54.12
CA LEU CA 856 63.63 47.76 -55.40
C LEU CA 856 64.41 49.05 -55.65
N GLU CA 857 63.78 50.19 -55.43
CA GLU CA 857 64.45 51.47 -55.66
C GLU CA 857 65.63 51.64 -54.70
N ASN CA 858 65.44 51.27 -53.43
CA ASN CA 858 66.53 51.37 -52.46
C ASN CA 858 67.68 50.46 -52.86
N ALA CA 859 67.38 49.25 -53.31
CA ALA CA 859 68.42 48.33 -53.74
C ALA CA 859 69.16 48.87 -54.95
N LEU CA 860 68.45 49.46 -55.91
CA LEU CA 860 69.11 50.02 -57.09
C LEU CA 860 70.02 51.18 -56.71
N SER CA 861 69.54 52.08 -55.85
CA SER CA 861 70.38 53.19 -55.40
C SER CA 861 71.61 52.70 -54.65
N GLY CA 862 71.43 51.70 -53.78
CA GLY CA 862 72.56 51.11 -53.09
C GLY CA 862 73.53 50.43 -54.04
N LEU CA 863 73.02 49.82 -55.10
CA LEU CA 863 73.90 49.22 -56.10
C LEU CA 863 74.74 50.26 -56.82
N ASN CA 864 74.12 51.39 -57.19
CA ASN CA 864 74.87 52.47 -57.83
C ASN CA 864 75.95 53.01 -56.91
N ASP CA 865 75.59 53.28 -55.65
CA ASP CA 865 76.56 53.80 -54.70
C ASP CA 865 77.66 52.78 -54.42
N ALA CA 866 77.30 51.49 -54.41
CA ALA CA 866 78.29 50.44 -54.17
C ALA CA 866 79.27 50.33 -55.33
N ILE CA 867 78.78 50.49 -56.56
CA ILE CA 867 79.69 50.49 -57.71
C ILE CA 867 80.63 51.69 -57.65
N LYS CA 868 80.10 52.86 -57.31
CA LYS CA 868 80.96 54.03 -57.19
C LYS CA 868 82.01 53.84 -56.10
N SER CA 869 81.62 53.29 -54.96
CA SER CA 869 82.57 53.06 -53.89
C SER CA 869 83.56 51.96 -54.23
N LEU CA 870 83.15 50.97 -55.04
CA LEU CA 870 84.09 49.96 -55.51
C LEU CA 870 85.16 50.59 -56.39
N LEU CA 871 84.75 51.49 -57.28
CA LEU CA 871 85.74 52.23 -58.07
C LEU CA 871 86.66 53.06 -57.18
N LYS CA 872 86.08 53.71 -56.16
CA LYS CA 872 86.89 54.49 -55.23
C LYS CA 872 87.92 53.62 -54.53
N LEU CA 873 87.50 52.43 -54.06
CA LEU CA 873 88.43 51.51 -53.41
C LEU CA 873 89.50 51.03 -54.38
N ALA CA 874 89.12 50.73 -55.62
CA ALA CA 874 90.10 50.33 -56.63
C ALA CA 874 91.10 51.44 -56.92
N GLU CA 875 90.72 52.70 -56.70
CA GLU CA 875 91.65 53.81 -56.87
C GLU CA 875 92.51 54.06 -55.65
N LEU CA 876 92.36 53.29 -54.58
CA LEU CA 876 93.16 53.49 -53.38
C LEU CA 876 94.54 52.87 -53.53
N GLU CA 877 95.42 53.17 -52.56
CA GLU CA 877 96.78 52.65 -52.59
C GLU CA 877 96.80 51.17 -52.22
N GLN CA 878 96.32 50.84 -51.03
CA GLN CA 878 96.28 49.46 -50.53
C GLN CA 878 94.85 49.15 -50.09
N PRO CA 879 93.96 48.85 -51.04
CA PRO CA 879 92.59 48.49 -50.69
C PRO CA 879 92.55 47.16 -49.97
N PRO CA 880 91.48 46.88 -49.21
CA PRO CA 880 91.40 45.60 -48.50
C PRO CA 880 91.46 44.39 -49.43
N TYR CA 881 90.99 44.53 -50.65
CA TYR CA 881 91.05 43.50 -51.68
C TYR CA 881 91.70 44.09 -52.92
N PRO CA 882 92.33 43.26 -53.76
CA PRO CA 882 93.03 43.80 -54.93
C PRO CA 882 92.11 44.62 -55.82
N SER CA 883 92.65 45.73 -56.34
CA SER CA 883 91.85 46.65 -57.13
C SER CA 883 91.26 46.01 -58.37
N GLU CA 884 91.97 45.02 -58.95
CA GLU CA 884 91.42 44.30 -60.08
C GLU CA 884 90.14 43.57 -59.69
N ASP CA 885 90.13 42.93 -58.52
CA ASP CA 885 88.93 42.25 -58.06
C ASP CA 885 87.79 43.23 -57.83
N LEU CA 886 88.09 44.40 -57.25
CA LEU CA 886 87.07 45.41 -57.02
C LEU CA 886 86.45 45.88 -58.33
N LYS CA 887 87.30 46.19 -59.32
CA LYS CA 887 86.80 46.65 -60.61
C LYS CA 887 86.00 45.56 -61.31
N ALA CA 888 86.48 44.31 -61.24
CA ALA CA 888 85.75 43.21 -61.85
C ALA CA 888 84.38 43.02 -61.21
N ARG CA 889 84.30 43.12 -59.88
CA ARG CA 889 83.02 42.97 -59.21
C ARG CA 889 82.08 44.12 -59.54
N ALA CA 890 82.60 45.34 -59.61
CA ALA CA 890 81.76 46.48 -59.99
C ALA CA 890 81.23 46.31 -61.40
N THR CA 891 82.09 45.88 -62.33
CA THR CA 891 81.64 45.65 -63.71
C THR CA 891 80.60 44.55 -63.77
N MET CA 892 80.80 43.45 -63.04
CA MET CA 892 79.84 42.35 -63.05
C MET CA 892 78.50 42.80 -62.49
N GLY CA 893 78.52 43.59 -61.42
CA GLY CA 893 77.28 44.09 -60.86
C GLY CA 893 76.55 45.05 -61.80
N SER CA 894 77.30 45.91 -62.49
CA SER CA 894 76.67 46.89 -63.37
C SER CA 894 76.13 46.25 -64.65
N ASN CA 895 76.83 45.23 -65.16
CA ASN CA 895 76.47 44.67 -66.46
C ASN CA 895 75.13 43.93 -66.41
N THR CA 896 74.95 43.06 -65.43
CA THR CA 896 73.80 42.16 -65.39
C THR CA 896 72.83 42.47 -64.27
N LEU CA 897 73.33 42.64 -63.03
CA LEU CA 897 72.45 42.83 -61.89
C LEU CA 897 71.65 44.13 -62.02
N ARG CA 898 72.27 45.18 -62.58
CA ARG CA 898 71.59 46.46 -62.72
C ARG CA 898 70.39 46.34 -63.65
N ASN CA 899 70.53 45.63 -64.76
CA ASN CA 899 69.41 45.46 -65.69
C ASN CA 899 68.34 44.55 -65.11
N GLN CA 900 68.75 43.48 -64.41
CA GLN CA 900 67.78 42.60 -63.77
C GLN CA 900 66.96 43.34 -62.72
N LEU CA 901 67.58 44.30 -62.02
CA LEU CA 901 66.84 45.12 -61.07
C LEU CA 901 65.75 45.92 -61.76
N GLU CA 902 66.08 46.51 -62.91
CA GLU CA 902 65.08 47.29 -63.65
C GLU CA 902 63.97 46.39 -64.18
N ARG CA 903 64.31 45.18 -64.62
CA ARG CA 903 63.28 44.23 -65.06
C ARG CA 903 62.36 43.87 -63.90
N ALA CA 904 62.93 43.63 -62.72
CA ALA CA 904 62.12 43.35 -61.54
C ALA CA 904 61.22 44.54 -61.19
N ILE CA 905 61.75 45.76 -61.33
CA ILE CA 905 60.96 46.96 -61.07
C ILE CA 905 59.77 47.03 -62.02
N GLN CA 906 60.02 46.76 -63.31
CA GLN CA 906 58.93 46.78 -64.27
C GLN CA 906 57.88 45.72 -63.98
N ASP CA 907 58.32 44.51 -63.60
CA ASP CA 907 57.38 43.46 -63.26
C ASP CA 907 56.56 43.83 -62.03
N GLN CA 908 57.20 44.43 -61.02
CA GLN CA 908 56.49 44.88 -59.83
C GLN CA 908 55.46 45.94 -60.16
N GLN CA 909 55.83 46.89 -61.04
CA GLN CA 909 54.89 47.92 -61.45
C GLN CA 909 53.69 47.32 -62.17
N ASP CA 910 53.95 46.34 -63.05
CA ASP CA 910 52.86 45.66 -63.74
C ASP CA 910 51.93 44.95 -62.75
N TYR CA 911 52.52 44.30 -61.74
CA TYR CA 911 51.72 43.60 -60.73
C TYR CA 911 50.85 44.58 -59.94
N GLU CA 912 51.43 45.71 -59.54
CA GLU CA 912 50.65 46.72 -58.83
C GLU CA 912 49.54 47.29 -59.71
N MET CA 913 49.82 47.52 -60.99
CA MET CA 913 48.80 48.02 -61.90
C MET CA 913 47.67 47.02 -62.06
N SER CA 914 47.98 45.73 -62.16
CA SER CA 914 46.93 44.72 -62.25
C SER CA 914 46.08 44.70 -60.99
N ILE CA 915 46.72 44.81 -59.82
CA ILE CA 915 45.97 44.85 -58.56
C ILE CA 915 45.00 46.03 -58.57
N GLN CA 916 45.50 47.20 -58.95
CA GLN CA 916 44.65 48.39 -58.93
C GLN CA 916 43.53 48.29 -59.96
N GLU CA 917 43.81 47.68 -61.11
CA GLU CA 917 42.76 47.47 -62.11
C GLU CA 917 41.65 46.59 -61.56
N LYS CA 918 42.01 45.49 -60.90
CA LYS CA 918 40.98 44.62 -60.30
C LYS CA 918 40.18 45.38 -59.24
N LEU CA 919 40.88 46.13 -58.40
CA LEU CA 919 40.19 46.85 -57.31
C LEU CA 919 39.23 47.89 -57.87
N ARG CA 920 39.62 48.59 -58.93
CA ARG CA 920 38.74 49.60 -59.51
C ARG CA 920 37.60 48.97 -60.31
N THR CA 921 37.81 47.79 -60.89
CA THR CA 921 36.75 47.15 -61.66
C THR CA 921 35.70 46.53 -60.76
N ALA CA 922 36.07 46.03 -59.58
CA ALA CA 922 35.10 45.36 -58.71
C ALA CA 922 34.03 46.33 -58.23
N ARG CA 923 34.42 47.54 -57.83
CA ARG CA 923 33.49 48.47 -57.20
C ARG CA 923 32.41 48.94 -58.19
N ARG CA 924 32.78 49.12 -59.46
CA ARG CA 924 31.80 49.54 -60.45
C ARG CA 924 30.71 48.49 -60.63
N LYS CA 925 31.10 47.22 -60.71
CA LYS CA 925 30.11 46.16 -60.84
C LYS CA 925 29.25 46.05 -59.59
N GLN CA 926 29.85 46.25 -58.41
CA GLN CA 926 29.05 46.23 -57.19
C GLN CA 926 28.00 47.34 -57.20
N GLN CA 927 28.40 48.55 -57.63
CA GLN CA 927 27.44 49.65 -57.70
C GLN CA 927 26.35 49.37 -58.72
N LEU CA 928 26.71 48.76 -59.85
CA LEU CA 928 25.69 48.40 -60.84
C LEU CA 928 24.69 47.41 -60.26
N ASP CA 929 25.17 46.41 -59.53
CA ASP CA 929 24.25 45.46 -58.90
C ASP CA 929 23.34 46.14 -57.89
N GLU CA 930 23.89 47.05 -57.08
CA GLU CA 930 23.05 47.76 -56.11
C GLU CA 930 21.99 48.60 -56.82
N GLU CA 931 22.35 49.24 -57.93
CA GLU CA 931 21.37 49.99 -58.69
C GLU CA 931 20.28 49.08 -59.26
N LYS CA 932 20.66 47.86 -59.68
CA LYS CA 932 19.66 46.91 -60.15
C LYS CA 932 18.67 46.55 -59.04
N ARG CA 933 19.18 46.30 -57.83
CA ARG CA 933 18.30 46.02 -56.70
C ARG CA 933 17.38 47.20 -56.43
N LEU CA 934 17.91 48.42 -56.50
CA LEU CA 934 17.07 49.60 -56.26
C LEU CA 934 15.96 49.70 -57.31
N GLU CA 935 16.28 49.42 -58.57
CA GLU CA 935 15.26 49.47 -59.62
C GLU CA 935 14.16 48.44 -59.37
N GLN CA 936 14.54 47.22 -58.99
CA GLN CA 936 13.53 46.21 -58.70
C GLN CA 936 12.66 46.62 -57.53
N GLU CA 937 13.28 47.20 -56.49
CA GLU CA 937 12.52 47.67 -55.34
C GLU CA 937 11.51 48.74 -55.75
N GLN CA 938 11.94 49.67 -56.61
CA GLN CA 938 11.04 50.72 -57.07
C GLN CA 938 9.87 50.14 -57.87
N ARG CA 939 10.15 49.14 -58.71
CA ARG CA 939 9.08 48.48 -59.46
C ARG CA 939 8.05 47.86 -58.53
N ARG CA 940 8.51 47.13 -57.51
CA ARG CA 940 7.58 46.50 -56.58
C ARG CA 940 6.78 47.55 -55.80
N LEU CA 941 7.44 48.64 -55.41
CA LEU CA 941 6.73 49.70 -54.71
C LEU CA 941 5.64 50.30 -55.57
N GLU CA 942 5.93 50.53 -56.85
CA GLU CA 942 4.91 51.09 -57.75
C GLU CA 942 3.75 50.12 -57.92
N GLU CA 943 4.05 48.81 -58.04
CA GLU CA 943 2.98 47.83 -58.14
C GLU CA 943 2.08 47.85 -56.91
N ALA CA 944 2.69 47.91 -55.72
CA ALA CA 944 1.91 47.96 -54.49
C ALA CA 944 1.06 49.23 -54.42
N ARG CA 945 1.62 50.36 -54.86
CA ARG CA 945 0.87 51.60 -54.89
C ARG CA 945 -0.34 51.49 -55.80
N LYS CA 946 -0.17 50.89 -56.98
CA LYS CA 946 -1.30 50.72 -57.89
C LYS CA 946 -2.37 49.84 -57.29
N ARG CA 947 -1.97 48.75 -56.63
CA ARG CA 947 -2.95 47.87 -55.99
C ARG CA 947 -3.71 48.61 -54.89
N GLN CA 948 -3.00 49.39 -54.08
CA GLN CA 948 -3.67 50.15 -53.03
C GLN CA 948 -4.66 51.16 -53.60
N GLU CA 949 -4.28 51.83 -54.69
CA GLU CA 949 -5.19 52.78 -55.32
C GLU CA 949 -6.46 52.08 -55.82
N ALA CA 950 -6.29 50.93 -56.47
CA ALA CA 950 -7.46 50.21 -56.97
C ALA CA 950 -8.37 49.77 -55.82
N GLU CA 951 -7.78 49.27 -54.74
CA GLU CA 951 -8.60 48.83 -53.60
C GLU CA 951 -9.31 50.01 -52.94
N LEU CA 952 -8.65 51.17 -52.86
CA LEU CA 952 -9.32 52.36 -52.34
C LEU CA 952 -10.48 52.77 -53.23
N ILE CA 953 -10.30 52.69 -54.55
CA ILE CA 953 -11.39 53.01 -55.47
C ILE CA 953 -12.57 52.09 -55.23
N LYS CA 954 -12.31 50.80 -55.03
CA LYS CA 954 -13.39 49.88 -54.70
C LYS CA 954 -14.02 50.22 -53.35
N ARG CA 955 -13.21 50.63 -52.38
CA ARG CA 955 -13.69 50.88 -51.02
C ARG CA 955 -14.62 52.08 -50.97
N GLN CA 956 -14.37 53.10 -51.79
CA GLN CA 956 -15.18 54.31 -51.73
C GLN CA 956 -16.64 54.03 -52.08
N GLU CA 957 -16.90 53.10 -53.00
CA GLU CA 957 -18.29 52.74 -53.32
C GLU CA 957 -19.01 52.18 -52.11
N LEU CA 958 -18.35 51.27 -51.38
CA LEU CA 958 -18.94 50.71 -50.16
C LEU CA 958 -19.16 51.80 -49.12
N ILE CA 959 -18.22 52.74 -49.01
CA ILE CA 959 -18.39 53.83 -48.06
C ILE CA 959 -19.62 54.65 -48.41
N LYS CA 960 -19.81 54.96 -49.70
CA LYS CA 960 -20.96 55.72 -50.13
C LYS CA 960 -22.26 54.97 -49.85
N GLN CA 961 -22.29 53.66 -50.15
CA GLN CA 961 -23.49 52.88 -49.88
C GLN CA 961 -23.80 52.85 -48.39
N ALA CA 962 -22.78 52.68 -47.55
CA ALA CA 962 -22.99 52.66 -46.11
C ALA CA 962 -23.52 53.99 -45.61
N GLU CA 963 -22.97 55.10 -46.11
CA GLU CA 963 -23.45 56.41 -45.69
C GLU CA 963 -24.91 56.62 -46.10
N GLU CA 964 -25.26 56.20 -47.33
CA GLU CA 964 -26.64 56.34 -47.78
C GLU CA 964 -27.59 55.51 -46.92
N TRP CA 965 -27.19 54.28 -46.59
CA TRP CA 965 -28.06 53.44 -45.78
C TRP CA 965 -28.19 53.97 -44.35
N ASN CA 966 -27.11 54.52 -43.80
CA ASN CA 966 -27.20 55.12 -42.47
C ASN CA 966 -28.09 56.35 -42.47
N LYS CA 967 -28.05 57.13 -43.56
CA LYS CA 967 -28.99 58.23 -43.70
C LYS CA 967 -30.42 57.73 -43.79
N MET CA 968 -30.63 56.61 -44.51
CA MET CA 968 -31.96 56.02 -44.59
C MET CA 968 -32.47 55.60 -43.22
N ASP CA 969 -31.60 55.00 -42.41
CA ASP CA 969 -32.01 54.57 -41.08
C ASP CA 969 -32.40 55.77 -40.22
N ILE CA 970 -31.70 56.89 -40.35
CA ILE CA 970 -32.05 58.10 -39.64
C ILE CA 970 -33.32 58.71 -40.24
N SER DA 223 1.78 -70.23 51.34
CA SER DA 223 1.94 -70.75 52.69
C SER DA 223 3.38 -71.17 52.96
N LYS DA 224 4.18 -71.17 51.90
CA LYS DA 224 5.58 -71.58 52.03
C LYS DA 224 6.37 -70.51 52.78
N PRO DA 225 7.41 -70.92 53.51
CA PRO DA 225 8.25 -69.93 54.20
C PRO DA 225 8.99 -69.03 53.21
N ALA DA 226 9.18 -67.79 53.62
CA ALA DA 226 9.85 -66.80 52.77
C ALA DA 226 11.37 -66.96 52.84
N THR DA 227 12.01 -66.92 51.67
CA THR DA 227 13.46 -66.99 51.59
C THR DA 227 14.05 -65.58 51.71
N LEU DA 228 15.38 -65.50 51.56
CA LEU DA 228 16.05 -64.21 51.66
C LEU DA 228 15.66 -63.29 50.52
N SER DA 229 15.55 -63.84 49.31
CA SER DA 229 15.22 -63.01 48.14
C SER DA 229 13.81 -62.45 48.22
N ASP DA 230 12.86 -63.22 48.76
CA ASP DA 230 11.50 -62.71 48.89
C ASP DA 230 11.45 -61.51 49.82
N ILE DA 231 12.17 -61.56 50.94
CA ILE DA 231 12.23 -60.42 51.84
C ILE DA 231 13.00 -59.27 51.20
N ASN DA 232 14.05 -59.57 50.44
CA ASN DA 232 14.81 -58.52 49.77
C ASN DA 232 13.98 -57.80 48.72
N LYS DA 233 12.99 -58.49 48.13
CA LYS DA 233 12.12 -57.85 47.16
C LYS DA 233 11.32 -56.71 47.78
N ILE DA 234 11.02 -56.76 49.07
CA ILE DA 234 10.22 -55.75 49.73
C ILE DA 234 11.08 -54.82 50.59
N ILE DA 235 12.37 -54.69 50.25
CA ILE DA 235 13.24 -53.74 50.93
C ILE DA 235 12.68 -52.33 50.74
N PHE DA 236 12.54 -51.61 51.84
CA PHE DA 236 12.03 -50.23 51.83
C PHE DA 236 13.07 -49.37 52.53
N GLY DA 237 13.90 -48.69 51.75
CA GLY DA 237 15.01 -47.95 52.31
C GLY DA 237 14.56 -46.71 53.08
N ARG DA 238 15.51 -46.16 53.84
CA ARG DA 238 15.24 -44.94 54.59
C ARG DA 238 14.92 -43.78 53.66
N THR DA 239 15.61 -43.72 52.51
CA THR DA 239 15.25 -42.74 51.49
C THR DA 239 13.83 -42.97 51.00
N ALA DA 240 13.46 -44.23 50.76
CA ALA DA 240 12.08 -44.55 50.38
C ALA DA 240 11.12 -44.20 51.50
N MET DA 241 11.53 -44.40 52.76
CA MET DA 241 10.69 -44.02 53.89
C MET DA 241 10.40 -42.53 53.87
N SER DA 242 11.45 -41.71 53.70
CA SER DA 242 11.25 -40.27 53.58
C SER DA 242 10.39 -39.93 52.36
N LYS DA 243 10.52 -40.71 51.28
CA LYS DA 243 9.74 -40.47 50.09
C LYS DA 243 8.26 -40.82 50.26
N TYR DA 244 7.93 -41.71 51.20
CA TYR DA 244 6.56 -42.21 51.28
C TYR DA 244 5.96 -42.20 52.68
N TRP DA 245 6.62 -41.64 53.69
CA TRP DA 245 6.11 -41.76 55.05
C TRP DA 245 4.85 -40.95 55.29
N TYR DA 246 4.62 -39.90 54.51
CA TYR DA 246 3.45 -39.04 54.72
C TYR DA 246 2.20 -39.55 54.01
N TYR DA 247 2.30 -40.67 53.29
CA TYR DA 247 1.12 -41.25 52.65
C TYR DA 247 0.15 -41.76 53.72
N PRO DA 248 -1.16 -41.54 53.54
CA PRO DA 248 -2.12 -42.12 54.49
C PRO DA 248 -2.09 -43.63 54.55
N GLU DA 249 -1.81 -44.30 53.43
CA GLU DA 249 -1.74 -45.75 53.42
C GLU DA 249 -0.41 -46.28 53.92
N PHE DA 250 0.60 -45.41 54.09
CA PHE DA 250 1.91 -45.85 54.52
C PHE DA 250 1.87 -46.51 55.88
N ASP DA 251 0.91 -46.14 56.72
CA ASP DA 251 0.79 -46.76 58.04
C ASP DA 251 0.53 -48.25 57.92
N ASP DA 252 -0.40 -48.66 57.06
CA ASP DA 252 -0.65 -50.07 56.84
C ASP DA 252 0.41 -50.71 55.95
N VAL DA 253 1.05 -49.93 55.08
CA VAL DA 253 2.11 -50.47 54.23
C VAL DA 253 3.28 -50.93 55.07
N VAL DA 254 3.70 -50.09 56.03
CA VAL DA 254 4.87 -50.42 56.85
C VAL DA 254 4.55 -51.51 57.86
N LYS DA 255 3.28 -51.78 58.12
CA LYS DA 255 2.89 -52.80 59.08
C LYS DA 255 3.38 -54.18 58.63
N GLY DA 256 4.02 -54.90 59.54
CA GLY DA 256 4.47 -56.25 59.28
C GLY DA 256 5.75 -56.36 58.47
N MET DA 257 6.36 -55.25 58.09
CA MET DA 257 7.54 -55.31 57.26
C MET DA 257 8.79 -55.63 58.09
N TYR DA 258 9.79 -56.18 57.40
CA TYR DA 258 11.07 -56.54 58.01
C TYR DA 258 12.15 -55.66 57.41
N LEU DA 259 12.91 -54.97 58.26
CA LEU DA 259 13.93 -54.05 57.78
C LEU DA 259 15.12 -54.08 58.72
N ARG DA 260 16.28 -53.70 58.19
CA ARG DA 260 17.50 -53.63 58.97
C ARG DA 260 17.44 -52.44 59.92
N LEU DA 261 17.80 -52.67 61.18
CA LEU DA 261 17.72 -51.65 62.21
C LEU DA 261 19.05 -51.54 62.94
N ASN DA 262 19.44 -50.31 63.24
CA ASN DA 262 20.65 -50.03 64.02
C ASN DA 262 20.30 -50.13 65.50
N THR DA 263 20.81 -51.17 66.16
CA THR DA 263 20.52 -51.35 67.58
C THR DA 263 21.07 -50.19 68.40
N GLY DA 264 22.30 -49.76 68.11
CA GLY DA 264 22.89 -48.64 68.82
C GLY DA 264 23.56 -49.03 70.12
N SER DA 265 22.94 -49.93 70.87
CA SER DA 265 23.50 -50.36 72.15
C SER DA 265 24.45 -51.54 71.98
N SER DA 271 27.96 -51.48 66.28
CA SER DA 271 26.57 -51.82 66.59
C SER DA 271 26.04 -52.88 65.64
N PRO DA 272 25.61 -54.03 66.19
CA PRO DA 272 25.09 -55.10 65.34
C PRO DA 272 23.71 -54.78 64.78
N TYR DA 273 23.62 -54.64 63.46
CA TYR DA 273 22.33 -54.44 62.82
C TYR DA 273 21.47 -55.69 62.96
N LYS DA 274 20.18 -55.49 63.23
CA LYS DA 274 19.26 -56.60 63.41
C LYS DA 274 17.92 -56.25 62.75
N VAL DA 275 17.04 -57.24 62.69
CA VAL DA 275 15.74 -57.11 62.05
C VAL DA 275 14.67 -56.99 63.13
N VAL DA 276 13.71 -56.10 62.90
CA VAL DA 276 12.60 -55.88 63.81
C VAL DA 276 11.29 -55.99 63.03
N GLU DA 277 10.24 -56.35 63.76
CA GLU DA 277 8.91 -56.51 63.20
C GLU DA 277 8.04 -55.33 63.60
N VAL DA 278 7.40 -54.70 62.63
CA VAL DA 278 6.63 -53.48 62.85
C VAL DA 278 5.28 -53.87 63.44
N LEU DA 279 5.07 -53.54 64.72
CA LEU DA 279 3.76 -53.74 65.34
C LEU DA 279 2.81 -52.61 65.07
N GLY DA 280 3.28 -51.52 64.49
CA GLY DA 280 2.44 -50.39 64.16
C GLY DA 280 3.23 -49.10 64.13
N SER DA 281 2.51 -48.01 63.91
CA SER DA 281 3.10 -46.69 63.87
C SER DA 281 2.26 -45.74 64.73
N GLN DA 282 2.91 -44.70 65.24
CA GLN DA 282 2.23 -43.73 66.10
C GLN DA 282 2.85 -42.36 65.84
N ARG DA 283 2.05 -41.42 65.36
CA ARG DA 283 2.51 -40.06 65.20
C ARG DA 283 2.73 -39.42 66.56
N ILE DA 284 3.86 -38.73 66.70
CA ILE DA 284 4.24 -38.09 67.96
C ILE DA 284 4.47 -36.61 67.68
N LYS DA 285 3.53 -35.77 68.12
CA LYS DA 285 3.70 -34.33 67.97
C LYS DA 285 4.78 -33.82 68.93
N GLY DA 286 5.52 -32.81 68.46
CA GLY DA 286 6.59 -32.24 69.24
C GLY DA 286 7.89 -33.02 69.23
N SER DA 287 7.93 -34.15 68.54
CA SER DA 287 9.13 -34.97 68.42
C SER DA 287 9.68 -34.93 67.00
N ALA DA 288 9.60 -33.77 66.36
CA ALA DA 288 10.16 -33.61 65.03
C ALA DA 288 11.67 -33.82 65.06
N TYR DA 289 12.16 -34.62 64.12
CA TYR DA 289 13.57 -34.99 64.08
C TYR DA 289 14.07 -34.94 62.65
N GLY DA 290 15.37 -34.67 62.52
CA GLY DA 290 16.00 -34.76 61.21
C GLY DA 290 16.00 -36.19 60.71
N LEU DA 291 15.40 -36.40 59.53
CA LEU DA 291 15.31 -37.75 58.97
C LEU DA 291 16.54 -38.10 58.16
N ASN DA 292 16.84 -37.30 57.14
CA ASN DA 292 18.04 -37.48 56.33
C ASN DA 292 18.94 -36.27 56.37
N SER DA 293 18.39 -35.07 56.21
CA SER DA 293 19.12 -33.82 56.33
C SER DA 293 18.47 -32.96 57.41
N LYS DA 294 18.96 -31.71 57.51
CA LYS DA 294 18.40 -30.79 58.49
C LYS DA 294 16.96 -30.46 58.17
N GLU DA 295 16.63 -30.29 56.89
CA GLU DA 295 15.27 -29.94 56.50
C GLU DA 295 14.30 -31.10 56.61
N ASN DA 296 14.80 -32.34 56.67
CA ASN DA 296 13.94 -33.52 56.71
C ASN DA 296 13.37 -33.73 58.12
N ASN DA 297 12.44 -32.87 58.48
CA ASN DA 297 11.71 -33.00 59.74
C ASN DA 297 10.62 -34.05 59.60
N CYS DA 298 10.50 -34.91 60.61
CA CYS DA 298 9.53 -36.00 60.56
C CYS DA 298 8.89 -36.17 61.93
N ASP DA 299 7.58 -36.44 61.91
CA ASP DA 299 6.83 -36.73 63.13
C ASP DA 299 6.36 -38.18 63.21
N MET DA 300 6.45 -38.93 62.12
CA MET DA 300 6.06 -40.34 62.13
C MET DA 300 7.04 -41.15 62.96
N TYR DA 301 6.50 -42.08 63.74
CA TYR DA 301 7.30 -43.00 64.54
C TYR DA 301 6.82 -44.42 64.29
N LEU DA 302 7.76 -45.37 64.33
CA LEU DA 302 7.47 -46.77 64.05
C LEU DA 302 7.60 -47.58 65.34
N LYS DA 303 6.53 -48.27 65.71
CA LYS DA 303 6.55 -49.16 66.86
C LYS DA 303 6.95 -50.54 66.39
N VAL DA 304 8.19 -50.93 66.68
CA VAL DA 304 8.75 -52.20 66.26
C VAL DA 304 9.13 -53.00 67.51
N ALA DA 305 9.60 -54.23 67.30
CA ALA DA 305 9.97 -55.08 68.41
C ALA DA 305 10.88 -56.19 67.91
N PHE DA 306 11.98 -56.41 68.63
CA PHE DA 306 12.76 -57.61 68.43
C PHE DA 306 11.98 -58.81 68.95
N PRO DA 307 12.18 -60.00 68.36
CA PRO DA 307 11.52 -61.19 68.91
C PRO DA 307 11.97 -61.48 70.33
N ASN DA 308 13.29 -61.59 70.52
CA ASN DA 308 13.83 -61.84 71.85
C ASN DA 308 13.56 -60.68 72.79
N GLN DA 309 13.74 -59.45 72.31
CA GLN DA 309 13.54 -58.27 73.14
C GLN DA 309 12.07 -57.86 73.13
N LYS DA 310 11.77 -56.68 73.64
CA LYS DA 310 10.39 -56.24 73.83
C LYS DA 310 10.03 -55.14 72.83
N GLU DA 311 8.82 -54.60 72.97
CA GLU DA 311 8.32 -53.59 72.04
C GLU DA 311 9.11 -52.29 72.17
N MET DA 312 9.32 -51.63 71.04
CA MET DA 312 10.10 -50.41 70.99
C MET DA 312 9.46 -49.42 70.02
N VAL DA 313 9.44 -48.15 70.40
CA VAL DA 313 9.03 -47.08 69.50
C VAL DA 313 10.28 -46.38 69.00
N ARG DA 314 10.49 -46.42 67.68
CA ARG DA 314 11.72 -45.90 67.11
C ARG DA 314 11.42 -44.89 65.99
N PRO DA 315 12.28 -43.90 65.80
CA PRO DA 315 12.14 -43.01 64.64
C PRO DA 315 12.57 -43.71 63.35
N LEU DA 316 12.28 -43.04 62.23
CA LEU DA 316 12.48 -43.66 60.92
C LEU DA 316 13.95 -43.75 60.56
N PHE DA 317 14.76 -42.75 60.93
CA PHE DA 317 16.14 -42.70 60.48
C PHE DA 317 17.01 -43.79 61.10
N VAL DA 318 16.52 -44.51 62.12
CA VAL DA 318 17.33 -45.53 62.75
C VAL DA 318 17.63 -46.67 61.79
N PHE DA 319 16.66 -46.99 60.92
CA PHE DA 319 16.88 -48.04 59.92
C PHE DA 319 17.96 -47.61 58.94
N SER DA 320 18.69 -48.61 58.44
CA SER DA 320 19.80 -48.39 57.52
C SER DA 320 19.43 -48.87 56.12
N ASP DA 321 19.88 -48.13 55.10
CA ASP DA 321 19.59 -48.49 53.73
C ASP DA 321 20.29 -49.78 53.30
N SER DA 322 21.30 -50.22 54.05
CA SER DA 322 22.05 -51.42 53.69
C SER DA 322 21.17 -52.66 53.81
N SER DA 323 21.44 -53.63 52.94
CA SER DA 323 20.63 -54.84 52.89
C SER DA 323 20.87 -55.73 54.10
N ILE DA 324 19.86 -56.51 54.46
CA ILE DA 324 19.95 -57.44 55.58
C ILE DA 324 20.87 -58.59 55.20
N THR DA 325 21.86 -58.87 56.04
CA THR DA 325 22.83 -59.91 55.75
C THR DA 325 22.32 -61.28 56.20
N HIS DA 326 22.98 -62.33 55.72
CA HIS DA 326 22.62 -63.69 56.10
C HIS DA 326 22.67 -63.93 57.59
N PRO DA 327 23.74 -63.56 58.32
CA PRO DA 327 23.70 -63.75 59.79
C PRO DA 327 22.59 -62.98 60.46
N GLU DA 328 22.23 -61.81 59.96
CA GLU DA 328 21.15 -61.03 60.55
C GLU DA 328 19.82 -61.76 60.43
N PHE DA 329 19.50 -62.26 59.23
CA PHE DA 329 18.26 -63.00 59.05
C PHE DA 329 18.28 -64.30 59.83
N ASP DA 330 19.45 -64.95 59.92
CA ASP DA 330 19.56 -66.18 60.71
C ASP DA 330 19.29 -65.90 62.19
N LEU DA 331 19.84 -64.81 62.72
CA LEU DA 331 19.58 -64.44 64.11
C LEU DA 331 18.12 -64.10 64.34
N PHE DA 332 17.50 -63.41 63.37
CA PHE DA 332 16.07 -63.12 63.49
C PHE DA 332 15.25 -64.40 63.52
N LEU DA 333 15.59 -65.36 62.67
CA LEU DA 333 14.91 -66.65 62.68
C LEU DA 333 15.11 -67.39 63.99
N ARG DA 334 16.33 -67.35 64.53
CA ARG DA 334 16.58 -68.02 65.80
C ARG DA 334 15.80 -67.38 66.93
N GLU DA 335 15.71 -66.04 66.95
CA GLU DA 335 14.91 -65.36 67.96
C GLU DA 335 13.44 -65.71 67.82
N LEU DA 336 12.94 -65.78 66.59
CA LEU DA 336 11.55 -66.17 66.38
C LEU DA 336 11.29 -67.60 66.88
N ASP DA 337 12.22 -68.51 66.61
CA ASP DA 337 12.07 -69.89 67.08
C ASP DA 337 12.12 -69.94 68.60
N ALA DA 338 13.00 -69.15 69.21
CA ALA DA 338 13.05 -69.09 70.68
C ALA DA 338 11.74 -68.60 71.26
N GLU DA 339 11.14 -67.56 70.65
CA GLU DA 339 9.86 -67.08 71.11
C GLU DA 339 8.71 -68.01 70.71
N GLY DA 340 8.88 -68.76 69.63
CA GLY DA 340 7.83 -69.63 69.14
C GLY DA 340 6.94 -68.94 68.13
N LEU DA 341 7.56 -68.21 67.21
CA LEU DA 341 6.85 -67.50 66.15
C LEU DA 341 7.27 -68.05 64.80
N SER DA 342 6.55 -67.64 63.75
CA SER DA 342 6.83 -68.13 62.41
C SER DA 342 7.22 -66.99 61.47
N VAL DA 343 7.50 -67.32 60.22
CA VAL DA 343 7.90 -66.33 59.23
C VAL DA 343 6.68 -66.00 58.37
N MET DA 344 6.71 -64.81 57.76
CA MET DA 344 5.62 -64.39 56.90
C MET DA 344 5.46 -65.34 55.72
N ASP DA 345 4.21 -65.67 55.40
CA ASP DA 345 3.92 -66.58 54.30
C ASP DA 345 4.32 -65.96 52.97
N LEU DA 346 4.64 -66.81 52.01
CA LEU DA 346 5.00 -66.33 50.68
C LEU DA 346 3.84 -65.61 50.01
N ARG DA 347 2.61 -66.08 50.25
CA ARG DA 347 1.43 -65.35 49.79
C ARG DA 347 1.37 -63.96 50.44
N ASP DA 348 1.63 -63.90 51.74
CA ASP DA 348 1.66 -62.62 52.43
C ASP DA 348 2.85 -61.76 51.96
N VAL DA 349 3.97 -62.40 51.63
CA VAL DA 349 5.12 -61.66 51.09
C VAL DA 349 4.73 -61.02 49.76
N ASP DA 350 4.05 -61.77 48.90
CA ASP DA 350 3.59 -61.22 47.62
C ASP DA 350 2.57 -60.11 47.85
N TYR DA 351 1.69 -60.26 48.84
CA TYR DA 351 0.72 -59.21 49.13
C TYR DA 351 1.41 -57.92 49.58
N LYS DA 352 2.43 -58.05 50.44
CA LYS DA 352 3.23 -56.89 50.82
C LYS DA 352 3.93 -56.27 49.62
N TYR DA 353 4.51 -57.10 48.75
CA TYR DA 353 5.21 -56.57 47.58
C TYR DA 353 4.26 -55.80 46.69
N HIS DA 354 3.06 -56.34 46.46
CA HIS DA 354 2.07 -55.66 45.64
C HIS DA 354 1.61 -54.36 46.30
N GLN DA 355 1.46 -54.38 47.63
CA GLN DA 355 1.06 -53.16 48.34
C GLN DA 355 2.10 -52.07 48.16
N LEU DA 356 3.39 -52.41 48.35
CA LEU DA 356 4.45 -51.43 48.16
C LEU DA 356 4.51 -50.93 46.72
N LYS DA 357 4.36 -51.83 45.74
CA LYS DA 357 4.40 -51.41 44.35
C LYS DA 357 3.25 -50.48 44.00
N GLU DA 358 2.05 -50.78 44.52
CA GLU DA 358 0.91 -49.90 44.29
C GLU DA 358 1.13 -48.54 44.95
N MET DA 359 1.65 -48.54 46.18
CA MET DA 359 1.84 -47.28 46.90
C MET DA 359 2.92 -46.41 46.26
N SER DA 360 4.00 -47.02 45.78
CA SER DA 360 5.10 -46.24 45.22
C SER DA 360 4.74 -45.64 43.86
N SER DA 361 3.96 -46.35 43.06
CA SER DA 361 3.57 -45.91 41.73
C SER DA 361 2.23 -45.19 41.71
N ARG DA 362 1.62 -44.98 42.87
CA ARG DA 362 0.34 -44.29 42.92
C ARG DA 362 0.50 -42.82 42.54
N SER DA 363 -0.57 -42.25 42.00
CA SER DA 363 -0.63 -40.84 41.65
C SER DA 363 -1.49 -40.11 42.68
N LEU DA 364 -0.90 -39.14 43.36
CA LEU DA 364 -1.61 -38.44 44.42
C LEU DA 364 -2.68 -37.52 43.85
N SER DA 365 -3.71 -37.29 44.64
CA SER DA 365 -4.78 -36.37 44.27
C SER DA 365 -4.49 -34.97 44.81
N ASN DA 366 -5.30 -34.01 44.35
CA ASN DA 366 -5.14 -32.64 44.82
C ASN DA 366 -5.42 -32.53 46.32
N ASP DA 367 -6.48 -33.19 46.79
CA ASP DA 367 -6.81 -33.15 48.21
C ASP DA 367 -5.70 -33.78 49.05
N GLU DA 368 -5.14 -34.89 48.57
CA GLU DA 368 -4.04 -35.51 49.30
C GLU DA 368 -2.82 -34.60 49.34
N VAL DA 369 -2.55 -33.90 48.25
CA VAL DA 369 -1.43 -32.95 48.23
C VAL DA 369 -1.67 -31.83 49.24
N ASN DA 370 -2.89 -31.30 49.29
CA ASN DA 370 -3.21 -30.26 50.26
C ASN DA 370 -3.04 -30.77 51.69
N SER DA 371 -3.48 -32.00 51.95
CA SER DA 371 -3.35 -32.57 53.29
C SER DA 371 -1.88 -32.73 53.68
N ILE DA 372 -1.05 -33.22 52.75
CA ILE DA 372 0.37 -33.39 53.03
C ILE DA 372 1.04 -32.04 53.25
N VAL DA 373 0.65 -31.03 52.47
CA VAL DA 373 1.23 -29.71 52.62
C VAL DA 373 0.86 -29.12 53.98
N LYS DA 374 -0.40 -29.28 54.40
CA LYS DA 374 -0.81 -28.80 55.72
C LYS DA 374 -0.07 -29.55 56.83
N MET DA 375 0.11 -30.86 56.67
CA MET DA 375 0.84 -31.64 57.66
C MET DA 375 2.28 -31.15 57.79
N LYS DA 376 2.94 -30.91 56.66
CA LYS DA 376 4.31 -30.43 56.71
C LYS DA 376 4.39 -29.00 57.21
N GLN DA 377 3.36 -28.18 56.95
CA GLN DA 377 3.31 -26.85 57.52
C GLN DA 377 3.20 -26.90 59.03
N SER DA 378 2.41 -27.84 59.55
CA SER DA 378 2.39 -28.08 60.98
C SER DA 378 3.77 -28.51 61.47
N LEU DA 379 4.45 -29.36 60.69
CA LEU DA 379 5.82 -29.72 61.02
C LEU DA 379 6.81 -28.62 60.69
N SER DA 380 6.42 -27.63 59.87
CA SER DA 380 7.34 -26.60 59.42
C SER DA 380 7.78 -25.70 60.57
N SER DA 381 9.05 -25.79 60.95
CA SER DA 381 9.58 -24.91 61.98
C SER DA 381 9.72 -23.48 61.47
N ASN DA 382 10.32 -23.31 60.29
CA ASN DA 382 10.56 -22.00 59.72
C ASN DA 382 11.00 -22.15 58.27
N THR DA 383 10.60 -21.19 57.44
CA THR DA 383 11.03 -21.12 56.04
C THR DA 383 10.88 -19.67 55.59
N GLY DA 384 11.93 -19.13 54.95
CA GLY DA 384 11.94 -17.71 54.65
C GLY DA 384 10.74 -17.28 53.80
N PHE DA 385 10.41 -18.06 52.78
CA PHE DA 385 9.24 -17.76 51.97
C PHE DA 385 7.97 -17.79 52.82
N ASN DA 386 7.84 -18.82 53.66
CA ASN DA 386 6.67 -18.93 54.51
C ASN DA 386 6.64 -17.84 55.57
N THR DA 387 7.80 -17.46 56.11
CA THR DA 387 7.84 -16.36 57.06
C THR DA 387 7.39 -15.05 56.43
N VAL DA 388 7.84 -14.79 55.19
CA VAL DA 388 7.42 -13.58 54.50
C VAL DA 388 5.92 -13.60 54.24
N LEU DA 389 5.39 -14.77 53.83
CA LEU DA 389 3.96 -14.88 53.60
C LEU DA 389 3.17 -14.66 54.89
N LYS DA 390 3.64 -15.23 56.00
CA LYS DA 390 2.97 -15.03 57.28
C LYS DA 390 2.99 -13.58 57.70
N LYS DA 391 4.13 -12.90 57.51
CA LYS DA 391 4.22 -11.49 57.87
C LYS DA 391 3.29 -10.64 57.01
N ALA DA 392 3.19 -10.96 55.72
CA ALA DA 392 2.26 -10.23 54.85
C ALA DA 392 0.82 -10.45 55.29
N GLN DA 393 0.45 -11.68 55.62
CA GLN DA 393 -0.90 -11.96 56.09
C GLN DA 393 -1.18 -11.24 57.40
N LEU DA 394 -0.19 -11.18 58.30
CA LEU DA 394 -0.35 -10.45 59.54
C LEU DA 394 -0.54 -8.96 59.29
N GLN DA 395 0.21 -8.39 58.35
CA GLN DA 395 0.03 -6.98 58.01
C GLN DA 395 -1.37 -6.72 57.46
N GLU DA 396 -1.87 -7.61 56.60
CA GLU DA 396 -3.23 -7.46 56.08
C GLU DA 396 -4.26 -7.53 57.20
N GLU DA 397 -4.10 -8.50 58.11
CA GLU DA 397 -5.01 -8.59 59.24
C GLU DA 397 -4.93 -7.35 60.11
N LEU DA 398 -3.73 -6.79 60.27
CA LEU DA 398 -3.56 -5.59 61.07
C LEU DA 398 -4.27 -4.40 60.45
N GLU DA 399 -4.18 -4.24 59.13
CA GLU DA 399 -4.89 -3.12 58.51
C GLU DA 399 -6.39 -3.33 58.60
N GLU DA 400 -6.85 -4.59 58.50
CA GLU DA 400 -8.28 -4.85 58.67
C GLU DA 400 -8.75 -4.48 60.07
N ALA DA 401 -7.94 -4.81 61.09
CA ALA DA 401 -8.29 -4.44 62.45
C ALA DA 401 -8.24 -2.92 62.64
N ARG DA 402 -7.27 -2.26 62.00
CA ARG DA 402 -7.18 -0.80 62.09
C ARG DA 402 -8.43 -0.14 61.51
N ASP DA 403 -8.89 -0.63 60.35
CA ASP DA 403 -10.08 -0.06 59.73
C ASP DA 403 -11.34 -0.31 60.56
N ALA DA 404 -11.32 -1.31 61.44
CA ALA DA 404 -12.46 -1.59 62.31
C ALA DA 404 -12.35 -0.91 63.67
N HIS DA 405 -11.30 -0.09 63.88
CA HIS DA 405 -11.09 0.64 65.13
C HIS DA 405 -11.06 -0.29 66.33
N ASP DA 406 -10.42 -1.45 66.17
CA ASP DA 406 -10.25 -2.42 67.26
C ASP DA 406 -8.88 -2.19 67.87
N HIS DA 407 -8.84 -1.44 68.98
CA HIS DA 407 -7.58 -1.08 69.61
C HIS DA 407 -6.98 -2.22 70.41
N GLU DA 408 -7.70 -3.32 70.60
CA GLU DA 408 -7.21 -4.44 71.40
C GLU DA 408 -6.53 -5.50 70.54
N ARG DA 409 -7.14 -5.85 69.40
CA ARG DA 409 -6.54 -6.81 68.49
C ARG DA 409 -5.26 -6.25 67.88
N VAL DA 410 -5.25 -4.96 67.54
CA VAL DA 410 -4.11 -4.37 66.85
C VAL DA 410 -2.86 -4.43 67.70
N ALA DA 411 -3.01 -4.29 69.02
CA ALA DA 411 -1.84 -4.41 69.91
C ALA DA 411 -1.24 -5.80 69.85
N ARG DA 412 -2.08 -6.84 69.88
CA ARG DA 412 -1.59 -8.20 69.79
C ARG DA 412 -0.91 -8.46 68.45
N ILE DA 413 -1.51 -7.95 67.37
CA ILE DA 413 -0.92 -8.15 66.05
C ILE DA 413 0.42 -7.44 65.94
N GLU DA 414 0.52 -6.23 66.51
CA GLU DA 414 1.78 -5.50 66.50
C GLU DA 414 2.84 -6.24 67.30
N ALA DA 415 2.47 -6.80 68.46
CA ALA DA 415 3.43 -7.56 69.24
C ALA DA 415 3.91 -8.80 68.48
N GLU DA 416 2.98 -9.50 67.82
CA GLU DA 416 3.36 -10.67 67.04
C GLU DA 416 4.27 -10.30 65.88
N LEU DA 417 3.98 -9.18 65.19
CA LEU DA 417 4.82 -8.74 64.10
C LEU DA 417 6.21 -8.36 64.59
N LYS DA 418 6.30 -7.69 65.75
CA LYS DA 418 7.60 -7.36 66.31
C LYS DA 418 8.38 -8.62 66.66
N SER DA 419 7.71 -9.62 67.23
CA SER DA 419 8.40 -10.85 67.58
C SER DA 419 8.91 -11.58 66.34
N ILE DA 420 8.09 -11.66 65.29
CA ILE DA 420 8.47 -12.40 64.09
C ILE DA 420 9.58 -11.69 63.33
N GLY DA 421 9.58 -10.36 63.32
CA GLY DA 421 10.49 -9.60 62.48
C GLY DA 421 11.94 -9.58 62.93
N ALA DA 422 12.61 -8.46 62.70
CA ALA DA 422 14.03 -8.27 63.02
C ALA DA 422 14.91 -9.25 62.24
N GLU DA 423 14.87 -9.12 60.92
CA GLU DA 423 15.67 -9.94 60.04
C GLU DA 423 17.08 -9.37 59.89
N SER DA 424 17.93 -10.10 59.16
CA SER DA 424 19.32 -9.73 58.97
C SER DA 424 19.69 -9.80 57.49
N VAL DA 425 20.65 -8.97 57.10
CA VAL DA 425 21.14 -8.94 55.73
C VAL DA 425 22.48 -9.65 55.58
N VAL DA 426 23.41 -9.43 56.51
CA VAL DA 426 24.77 -9.96 56.45
C VAL DA 426 25.37 -9.59 55.10
N ALA DA 427 25.68 -8.30 54.93
CA ALA DA 427 26.24 -7.82 53.68
C ALA DA 427 27.68 -8.31 53.51
N SER DA 428 28.08 -8.49 52.26
CA SER DA 428 29.42 -8.95 51.97
C SER DA 428 30.44 -7.85 52.28
N LYS DA 429 31.71 -8.26 52.35
CA LYS DA 429 32.78 -7.32 52.69
C LYS DA 429 32.91 -6.24 51.63
N ALA DA 430 32.83 -6.62 50.35
CA ALA DA 430 32.97 -5.64 49.27
C ALA DA 430 31.86 -4.59 49.34
N SER DA 431 30.63 -5.02 49.61
CA SER DA 431 29.52 -4.07 49.71
C SER DA 431 29.71 -3.11 50.87
N SER DA 432 30.16 -3.61 52.02
CA SER DA 432 30.39 -2.73 53.16
C SER DA 432 31.51 -1.73 52.85
N SER DA 433 32.58 -2.18 52.22
CA SER DA 433 33.65 -1.27 51.84
C SER DA 433 33.13 -0.21 50.87
N MET DA 434 32.31 -0.62 49.90
CA MET DA 434 31.75 0.33 48.95
C MET DA 434 30.86 1.36 49.66
N LEU DA 435 30.08 0.91 50.64
CA LEU DA 435 29.25 1.85 51.38
C LEU DA 435 30.10 2.87 52.14
N LYS DA 436 31.18 2.41 52.78
CA LYS DA 436 32.05 3.35 53.49
C LYS DA 436 32.68 4.34 52.52
N ILE DA 437 33.14 3.87 51.37
CA ILE DA 437 33.73 4.75 50.37
C ILE DA 437 32.71 5.77 49.90
N ASP DA 438 31.46 5.32 49.68
CA ASP DA 438 30.42 6.23 49.23
C ASP DA 438 30.14 7.32 50.25
N GLN DA 439 30.07 6.95 51.53
CA GLN DA 439 29.83 7.95 52.56
C GLN DA 439 30.96 8.98 52.60
N ARG DA 440 32.21 8.50 52.58
CA ARG DA 440 33.34 9.42 52.60
C ARG DA 440 33.34 10.33 51.38
N ASN DA 441 33.08 9.77 50.20
CA ASN DA 441 33.10 10.57 48.98
C ASN DA 441 31.96 11.59 48.98
N LYS DA 442 30.79 11.21 49.48
CA LYS DA 442 29.69 12.16 49.57
C LYS DA 442 30.05 13.33 50.46
N LYS DA 443 30.63 13.05 51.63
CA LYS DA 443 31.02 14.15 52.52
C LYS DA 443 32.07 15.04 51.86
N LEU DA 444 33.09 14.43 51.25
CA LEU DA 444 34.16 15.21 50.64
C LEU DA 444 33.64 16.06 49.49
N ASN DA 445 32.74 15.50 48.67
CA ASN DA 445 32.15 16.28 47.58
C ASN DA 445 31.34 17.44 48.12
N ASN DA 446 30.45 17.17 49.09
CA ASN DA 446 29.62 18.22 49.66
C ASN DA 446 30.47 19.34 50.23
N ARG DA 447 31.65 19.03 50.75
CA ARG DA 447 32.52 20.10 51.25
C ARG DA 447 33.22 20.84 50.13
N PHE DA 448 33.94 20.10 49.27
CA PHE DA 448 34.84 20.73 48.31
C PHE DA 448 34.09 21.47 47.21
N ILE DA 449 33.01 20.87 46.68
CA ILE DA 449 32.27 21.54 45.62
C ILE DA 449 31.66 22.84 46.13
N ARG DA 450 31.10 22.82 47.34
CA ARG DA 450 30.54 24.02 47.92
C ARG DA 450 31.61 25.08 48.14
N LYS DA 451 32.79 24.67 48.62
CA LYS DA 451 33.87 25.63 48.82
C LYS DA 451 34.31 26.25 47.51
N ALA DA 452 34.44 25.44 46.45
CA ALA DA 452 34.85 25.96 45.15
C ALA DA 452 33.81 26.91 44.58
N GLU DA 453 32.52 26.57 44.72
CA GLU DA 453 31.47 27.45 44.25
C GLU DA 453 31.48 28.79 45.00
N MET DA 454 31.68 28.74 46.31
CA MET DA 454 31.76 29.97 47.09
C MET DA 454 32.98 30.81 46.66
N ALA DA 455 34.09 30.15 46.36
CA ALA DA 455 35.26 30.88 45.89
C ALA DA 455 35.01 31.53 44.54
N ALA DA 456 34.27 30.85 43.66
CA ALA DA 456 34.05 31.37 42.31
C ALA DA 456 33.02 32.51 42.31
N VAL DA 457 31.98 32.41 43.13
CA VAL DA 457 30.90 33.39 43.07
C VAL DA 457 31.37 34.76 43.52
N GLU DA 458 32.23 34.81 44.55
CA GLU DA 458 32.73 36.11 45.02
C GLU DA 458 33.61 36.77 43.97
N LYS DA 459 34.44 35.98 43.28
CA LYS DA 459 35.25 36.52 42.19
C LYS DA 459 34.37 37.03 41.06
N ARG DA 460 33.32 36.29 40.71
CA ARG DA 460 32.41 36.76 39.67
C ARG DA 460 31.67 38.01 40.11
N LYS DA 461 31.42 38.16 41.42
CA LYS DA 461 30.75 39.35 41.93
C LYS DA 461 31.66 40.57 41.85
N LEU DA 462 32.93 40.44 42.27
CA LEU DA 462 33.80 41.61 42.31
C LEU DA 462 34.24 42.05 40.91
N ARG DA 463 34.12 41.18 39.91
CA ARG DA 463 34.36 41.59 38.52
C ARG DA 463 33.18 42.40 37.99
N LYS DA 515 67.19 48.32 31.32
CA LYS DA 515 68.58 48.75 31.39
C LYS DA 515 69.33 47.96 32.45
N LEU DA 516 68.61 47.14 33.21
CA LEU DA 516 69.24 46.34 34.25
C LEU DA 516 70.16 45.28 33.65
N GLU DA 517 69.89 44.84 32.42
CA GLU DA 517 70.77 43.88 31.76
C GLU DA 517 72.14 44.49 31.49
N SER DA 518 72.18 45.76 31.10
CA SER DA 518 73.44 46.46 30.89
C SER DA 518 74.03 47.01 32.18
N MET DA 519 73.18 47.36 33.15
CA MET DA 519 73.68 47.90 34.40
C MET DA 519 74.45 46.86 35.20
N VAL DA 520 74.00 45.61 35.17
CA VAL DA 520 74.66 44.55 35.92
C VAL DA 520 76.06 44.29 35.41
N LYS DA 521 76.35 44.61 34.15
CA LYS DA 521 77.67 44.45 33.58
C LYS DA 521 78.62 45.47 34.21
N SER DA 522 79.56 44.99 35.01
CA SER DA 522 80.48 45.88 35.72
C SER DA 522 81.82 45.15 35.89
N ASN DA 523 82.64 45.65 36.81
CA ASN DA 523 84.03 45.19 36.91
C ASN DA 523 84.13 43.72 37.22
N TYR DA 524 83.32 43.21 38.17
CA TYR DA 524 83.44 41.81 38.55
C TYR DA 524 83.08 40.89 37.39
N ARG DA 525 82.04 41.26 36.62
CA ARG DA 525 81.74 40.51 35.41
C ARG DA 525 82.84 40.68 34.37
N ASN DA 526 83.42 41.88 34.27
CA ASN DA 526 84.52 42.12 33.35
C ASN DA 526 85.81 41.44 33.82
N GLY DA 527 85.89 41.03 35.08
CA GLY DA 527 87.07 40.37 35.61
C GLY DA 527 87.75 41.11 36.75
N GLY DA 528 87.27 42.28 37.15
CA GLY DA 528 87.88 43.01 38.25
C GLY DA 528 87.32 42.65 39.60
N LEU DA 529 86.80 41.43 39.74
CA LEU DA 529 86.23 40.99 40.99
C LEU DA 529 87.27 40.94 42.10
N ASP DA 530 88.47 40.46 41.80
CA ASP DA 530 89.51 40.35 42.82
C ASP DA 530 89.89 41.71 43.37
N ARG DA 531 89.97 42.73 42.51
CA ARG DA 531 90.24 44.08 42.98
C ARG DA 531 89.11 44.59 43.88
N ILE DA 532 87.87 44.25 43.54
CA ILE DA 532 86.73 44.65 44.37
C ILE DA 532 86.84 44.03 45.75
N ILE DA 533 87.15 42.73 45.81
CA ILE DA 533 87.33 42.07 47.10
C ILE DA 533 88.49 42.70 47.87
N SER DA 534 89.55 43.09 47.16
CA SER DA 534 90.67 43.76 47.81
C SER DA 534 90.24 45.11 48.39
N LYS DA 535 89.28 45.78 47.74
CA LYS DA 535 88.74 47.02 48.27
C LYS DA 535 87.79 46.82 49.44
N ILE DA 536 87.42 45.58 49.75
CA ILE DA 536 86.57 45.26 50.89
C ILE DA 536 87.47 44.67 51.98
N ASP DA 537 87.62 45.40 53.07
CA ASP DA 537 88.50 45.01 54.16
C ASP DA 537 87.67 44.55 55.36
N PHE DA 538 88.10 43.43 55.95
CA PHE DA 538 87.42 42.89 57.11
C PHE DA 538 88.45 42.12 57.94
N ASP DA 539 88.27 42.16 59.26
CA ASP DA 539 89.17 41.50 60.19
C ASP DA 539 88.50 40.27 60.77
N PHE DA 540 89.17 39.13 60.66
CA PHE DA 540 88.68 37.86 61.18
C PHE DA 540 89.45 37.48 62.43
N ASP DA 541 88.87 36.55 63.20
CA ASP DA 541 89.54 35.99 64.37
C ASP DA 541 90.23 34.68 63.99
N LEU DA 542 91.17 34.80 63.05
CA LEU DA 542 91.81 33.63 62.46
C LEU DA 542 92.70 32.91 63.47
N GLU DA 543 92.63 31.58 63.46
CA GLU DA 543 93.54 30.78 64.26
C GLU DA 543 94.93 30.69 63.61
N LEU DA 544 94.98 30.78 62.29
CA LEU DA 544 96.24 30.64 61.57
C LEU DA 544 96.70 31.98 60.99
N HIS EA 105 -49.98 59.34 31.97
CA HIS EA 105 -50.79 59.24 33.16
C HIS EA 105 -51.35 57.84 33.36
N THR EA 106 -50.67 57.03 34.15
CA THR EA 106 -51.15 55.70 34.51
C THR EA 106 -52.22 55.87 35.58
N LYS EA 107 -53.49 55.76 35.18
CA LYS EA 107 -54.59 55.98 36.10
C LYS EA 107 -54.59 54.94 37.21
N SER EA 108 -54.98 55.36 38.41
CA SER EA 108 -55.01 54.45 39.55
C SER EA 108 -56.03 53.36 39.32
N VAL EA 109 -55.60 52.11 39.52
CA VAL EA 109 -56.48 50.97 39.26
C VAL EA 109 -57.57 50.89 40.31
N TYR EA 110 -57.22 51.14 41.57
CA TYR EA 110 -58.14 50.94 42.69
C TYR EA 110 -58.88 52.24 42.98
N ASP EA 111 -60.21 52.21 42.83
CA ASP EA 111 -61.04 53.36 43.17
C ASP EA 111 -62.31 52.97 43.90
N ASN EA 112 -62.42 51.73 44.38
CA ASN EA 112 -63.61 51.31 45.11
C ASN EA 112 -63.73 52.04 46.44
N GLY EA 113 -62.61 52.31 47.09
CA GLY EA 113 -62.61 53.00 48.37
C GLY EA 113 -62.90 52.12 49.57
N GLU EA 114 -63.02 50.80 49.38
CA GLU EA 114 -63.30 49.91 50.50
C GLU EA 114 -62.19 50.00 51.54
N THR EA 115 -62.58 50.02 52.81
CA THR EA 115 -61.66 50.27 53.90
C THR EA 115 -61.89 49.26 55.02
N LEU EA 116 -60.79 48.82 55.64
CA LEU EA 116 -60.84 47.85 56.74
C LEU EA 116 -60.63 48.58 58.05
N ASP EA 117 -61.51 48.31 59.02
CA ASP EA 117 -61.39 48.87 60.36
C ASP EA 117 -60.68 47.87 61.28
N ILE EA 118 -59.39 47.69 61.01
CA ILE EA 118 -58.54 46.78 61.76
C ILE EA 118 -57.71 47.59 62.75
N SER EA 119 -57.71 47.16 64.01
CA SER EA 119 -56.95 47.82 65.06
C SER EA 119 -55.88 46.85 65.55
N LEU EA 120 -54.63 47.32 65.58
CA LEU EA 120 -53.49 46.48 65.92
C LEU EA 120 -53.04 46.75 67.35
N PRO EA 121 -52.78 45.71 68.14
CA PRO EA 121 -52.25 45.90 69.49
C PRO EA 121 -50.73 46.11 69.45
N ILE EA 122 -50.27 47.19 70.07
CA ILE EA 122 -48.87 47.55 70.10
C ILE EA 122 -48.42 47.65 71.55
N HIS EA 123 -47.20 47.13 71.83
CA HIS EA 123 -46.62 47.13 73.17
C HIS EA 123 -45.56 48.22 73.31
N PRO EA 124 -45.43 48.79 74.51
CA PRO EA 124 -44.36 49.77 74.74
C PRO EA 124 -42.97 49.16 74.56
N LYS EA 125 -42.04 49.99 74.11
CA LYS EA 125 -40.68 49.57 73.83
C LYS EA 125 -39.78 49.88 75.02
N SER EA 126 -38.90 48.94 75.35
CA SER EA 126 -37.95 49.14 76.43
C SER EA 126 -36.95 50.24 76.11
N HIS EA 127 -36.72 50.53 74.84
CA HIS EA 127 -35.79 51.57 74.43
C HIS EA 127 -36.33 52.24 73.17
N ILE EA 128 -35.86 53.46 72.93
CA ILE EA 128 -36.29 54.22 71.76
C ILE EA 128 -35.07 54.83 71.07
N PRO EA 129 -34.89 54.60 69.76
CA PRO EA 129 -33.77 55.23 69.06
C PRO EA 129 -33.90 56.75 69.05
N GLN EA 130 -32.75 57.41 69.08
CA GLN EA 130 -32.68 58.87 69.12
C GLN EA 130 -32.08 59.39 67.82
N GLY EA 131 -32.72 60.39 67.24
CA GLY EA 131 -32.19 61.09 66.08
C GLY EA 131 -32.31 60.38 64.76
N LYS EA 132 -32.37 59.04 64.76
CA LYS EA 132 -32.42 58.29 63.51
C LYS EA 132 -32.90 56.88 63.80
N GLN EA 133 -33.88 56.42 63.02
CA GLN EA 133 -34.36 55.04 63.11
C GLN EA 133 -33.54 54.13 62.21
N ASP EA 134 -32.24 54.08 62.48
CA ASP EA 134 -31.29 53.34 61.67
C ASP EA 134 -30.78 52.13 62.45
N ARG EA 135 -30.65 51.01 61.74
CA ARG EA 135 -30.12 49.78 62.30
C ARG EA 135 -29.15 49.18 61.29
N TRP EA 136 -28.21 48.40 61.81
CA TRP EA 136 -27.18 47.74 61.01
C TRP EA 136 -27.44 46.24 61.02
N VAL EA 137 -27.61 45.66 59.83
CA VAL EA 137 -27.75 44.21 59.72
C VAL EA 137 -26.36 43.60 59.66
N VAL EA 138 -26.12 42.59 60.50
CA VAL EA 138 -24.82 41.97 60.63
C VAL EA 138 -24.97 40.47 60.40
N LYS EA 139 -24.20 39.93 59.47
CA LYS EA 139 -24.18 38.50 59.25
C LYS EA 139 -23.40 37.82 60.37
N LEU EA 140 -23.91 36.68 60.83
CA LEU EA 140 -23.28 35.97 61.93
C LEU EA 140 -22.26 34.98 61.39
N PRO EA 141 -20.98 35.12 61.74
CA PRO EA 141 -19.98 34.14 61.27
C PRO EA 141 -20.15 32.80 61.98
N ASP EA 142 -19.48 31.79 61.42
CA ASP EA 142 -19.56 30.46 62.02
C ASP EA 142 -18.83 30.40 63.36
N PHE EA 143 -17.75 31.16 63.52
CA PHE EA 143 -16.97 31.15 64.74
C PHE EA 143 -17.56 32.02 65.84
N LEU EA 144 -18.64 32.74 65.55
CA LEU EA 144 -19.31 33.59 66.53
C LEU EA 144 -20.76 33.14 66.66
N ASP EA 145 -21.24 33.08 67.90
CA ASP EA 145 -22.61 32.64 68.17
C ASP EA 145 -23.25 33.59 69.17
N ILE EA 146 -24.58 33.59 69.17
CA ILE EA 146 -25.38 34.42 70.06
C ILE EA 146 -26.16 33.50 70.99
N ASN EA 147 -26.04 33.74 72.29
CA ASN EA 147 -26.78 33.00 73.32
C ASN EA 147 -27.68 34.00 74.04
N ALA EA 148 -28.90 34.17 73.53
CA ALA EA 148 -29.83 35.12 74.14
C ALA EA 148 -30.23 34.68 75.54
N GLU EA 149 -30.20 33.38 75.82
CA GLU EA 149 -30.59 32.89 77.13
C GLU EA 149 -29.63 33.41 78.19
N PRO EA 150 -30.12 33.70 79.40
CA PRO EA 150 -29.21 34.09 80.48
C PRO EA 150 -28.24 32.97 80.80
N PHE EA 151 -27.01 33.34 81.13
CA PHE EA 151 -25.97 32.35 81.36
C PHE EA 151 -26.24 31.60 82.65
N ASP EA 152 -26.31 30.27 82.55
CA ASP EA 152 -26.53 29.39 83.69
C ASP EA 152 -25.31 28.50 83.85
N PRO EA 153 -24.38 28.84 84.75
CA PRO EA 153 -23.11 28.09 84.80
C PRO EA 153 -23.25 26.60 85.05
N ARG EA 154 -24.19 26.19 85.92
CA ARG EA 154 -24.29 24.78 86.27
C ARG EA 154 -24.78 23.93 85.10
N PRO EA 155 -25.88 24.27 84.41
CA PRO EA 155 -26.23 23.48 83.22
C PRO EA 155 -25.16 23.52 82.15
N PHE EA 156 -24.46 24.63 82.00
CA PHE EA 156 -23.40 24.71 81.00
C PHE EA 156 -22.27 23.74 81.32
N GLU EA 157 -21.85 23.69 82.59
CA GLU EA 157 -20.80 22.76 82.99
C GLU EA 157 -21.27 21.32 82.87
N MET EA 158 -22.52 21.05 83.23
CA MET EA 158 -23.05 19.69 83.19
C MET EA 158 -23.39 19.21 81.78
N ASN EA 159 -23.44 20.12 80.79
CA ASN EA 159 -23.82 19.76 79.44
C ASN EA 159 -22.69 19.88 78.44
N VAL EA 160 -21.44 19.99 78.92
CA VAL EA 160 -20.30 20.02 78.00
C VAL EA 160 -20.10 18.65 77.41
N LYS EA 161 -19.99 18.59 76.08
CA LYS EA 161 -19.93 17.33 75.35
C LYS EA 161 -18.52 17.06 74.86
N THR EA 162 -18.07 15.82 75.00
CA THR EA 162 -16.74 15.38 74.57
C THR EA 162 -16.89 14.39 73.43
N HIS EA 163 -16.23 14.67 72.31
CA HIS EA 163 -16.32 13.84 71.12
C HIS EA 163 -14.94 13.32 70.73
N GLU EA 164 -14.94 12.16 70.06
CA GLU EA 164 -13.68 11.60 69.56
C GLU EA 164 -13.08 12.48 68.47
N ASP EA 165 -13.92 13.03 67.60
CA ASP EA 165 -13.45 13.87 66.50
C ASP EA 165 -12.83 15.15 67.03
N LYS EA 166 -11.51 15.28 66.91
CA LYS EA 166 -10.81 16.43 67.48
C LYS EA 166 -11.25 17.72 66.82
N ASN EA 167 -11.47 17.70 65.51
CA ASN EA 167 -11.86 18.92 64.79
C ASN EA 167 -13.21 19.43 65.28
N GLN EA 168 -14.19 18.54 65.41
CA GLN EA 168 -15.51 18.95 65.88
C GLN EA 168 -15.45 19.47 67.31
N GLU EA 169 -14.68 18.79 68.18
CA GLU EA 169 -14.57 19.23 69.57
C GLU EA 169 -13.91 20.61 69.65
N LEU EA 170 -12.85 20.83 68.86
CA LEU EA 170 -12.19 22.14 68.86
C LEU EA 170 -13.11 23.22 68.32
N LEU EA 171 -13.87 22.93 67.27
CA LEU EA 171 -14.82 23.91 66.74
C LEU EA 171 -15.89 24.25 67.78
N ASP EA 172 -16.40 23.23 68.47
CA ASP EA 172 -17.41 23.48 69.50
C ASP EA 172 -16.83 24.30 70.65
N LYS EA 173 -15.60 24.00 71.05
CA LYS EA 173 -14.96 24.78 72.11
C LYS EA 173 -14.79 26.24 71.69
N LEU EA 174 -14.36 26.46 70.44
CA LEU EA 174 -14.15 27.83 69.97
C LEU EA 174 -15.47 28.59 69.91
N ILE EA 175 -16.51 27.96 69.37
CA ILE EA 175 -17.79 28.65 69.27
C ILE EA 175 -18.39 28.90 70.65
N ALA EA 176 -18.18 27.98 71.60
CA ALA EA 176 -18.69 28.17 72.95
C ALA EA 176 -17.97 29.30 73.66
N VAL EA 177 -16.64 29.35 73.57
CA VAL EA 177 -15.90 30.40 74.26
C VAL EA 177 -16.13 31.75 73.58
N ASN EA 178 -16.44 31.75 72.28
CA ASN EA 178 -16.69 32.98 71.56
C ASN EA 178 -18.16 33.39 71.54
N THR EA 179 -19.06 32.56 72.08
CA THR EA 179 -20.48 32.86 72.05
C THR EA 179 -20.80 34.08 72.90
N VAL EA 180 -21.61 34.99 72.36
CA VAL EA 180 -22.08 36.14 73.10
C VAL EA 180 -23.12 35.69 74.11
N ARG EA 181 -22.91 36.05 75.37
CA ARG EA 181 -23.79 35.63 76.45
C ARG EA 181 -24.10 36.81 77.37
N TRP EA 182 -24.98 36.56 78.34
CA TRP EA 182 -25.33 37.55 79.33
C TRP EA 182 -25.83 36.83 80.57
N ARG EA 183 -25.80 37.53 81.70
CA ARG EA 183 -26.25 36.95 82.95
C ARG EA 183 -26.65 38.07 83.90
N TYR EA 184 -27.43 37.70 84.92
CA TYR EA 184 -27.85 38.65 85.94
C TYR EA 184 -26.75 38.84 86.97
N ALA EA 185 -26.37 40.09 87.21
CA ALA EA 185 -25.33 40.43 88.15
C ALA EA 185 -25.94 41.10 89.37
N LYS EA 186 -25.72 40.51 90.55
CA LYS EA 186 -26.23 41.08 91.78
C LYS EA 186 -25.38 42.29 92.16
N SER EA 187 -26.01 43.46 92.21
CA SER EA 187 -25.30 44.68 92.55
C SER EA 187 -24.90 44.67 94.02
N GLU EA 188 -23.86 45.44 94.34
CA GLU EA 188 -23.41 45.54 95.71
C GLU EA 188 -24.44 46.20 96.62
N THR EA 189 -25.41 46.90 96.05
CA THR EA 189 -26.48 47.53 96.81
C THR EA 189 -27.70 46.63 96.98
N GLY EA 190 -27.61 45.38 96.53
CA GLY EA 190 -28.71 44.44 96.65
C GLY EA 190 -29.61 44.34 95.43
N GLY EA 191 -29.48 45.24 94.47
CA GLY EA 191 -30.29 45.17 93.27
C GLY EA 191 -29.75 44.17 92.26
N ILE EA 192 -30.54 43.95 91.21
CA ILE EA 192 -30.19 43.04 90.13
C ILE EA 192 -30.00 43.86 88.85
N PHE EA 193 -28.94 43.56 88.10
CA PHE EA 193 -28.62 44.26 86.88
C PHE EA 193 -28.29 43.25 85.79
N LYS EA 194 -28.56 43.64 84.54
CA LYS EA 194 -28.19 42.84 83.39
C LYS EA 194 -26.73 43.08 83.06
N GLU EA 195 -25.94 42.01 83.04
CA GLU EA 195 -24.51 42.09 82.76
C GLU EA 195 -24.20 41.23 81.54
N THR EA 196 -23.39 41.79 80.64
CA THR EA 196 -23.04 41.14 79.39
C THR EA 196 -21.53 41.03 79.27
N ASN EA 197 -21.09 40.07 78.45
CA ASN EA 197 -19.68 39.85 78.20
C ASN EA 197 -19.22 40.41 76.85
N SER EA 198 -20.07 41.17 76.18
CA SER EA 198 -19.78 41.67 74.83
C SER EA 198 -19.92 43.17 74.78
N GLN EA 199 -19.02 43.81 74.03
CA GLN EA 199 -18.98 45.26 73.90
C GLN EA 199 -18.66 45.63 72.46
N ILE EA 200 -18.96 46.88 72.13
CA ILE EA 200 -18.66 47.45 70.81
C ILE EA 200 -17.66 48.57 71.01
N ILE EA 201 -16.57 48.53 70.24
CA ILE EA 201 -15.48 49.49 70.37
C ILE EA 201 -15.35 50.26 69.06
N GLN EA 202 -15.32 51.59 69.17
CA GLN EA 202 -15.09 52.46 68.03
C GLN EA 202 -13.71 53.07 68.16
N TRP EA 203 -12.90 52.93 67.11
CA TRP EA 203 -11.53 53.42 67.13
C TRP EA 203 -11.48 54.87 66.66
N GLU EA 204 -10.26 55.43 66.61
CA GLU EA 204 -10.11 56.82 66.21
C GLU EA 204 -10.41 57.03 64.73
N ASP EA 205 -10.19 56.00 63.91
CA ASP EA 205 -10.50 56.11 62.49
C ASP EA 205 -11.99 56.09 62.20
N GLY EA 206 -12.82 55.78 63.20
CA GLY EA 206 -14.26 55.68 63.02
C GLY EA 206 -14.78 54.28 62.79
N THR EA 207 -13.90 53.31 62.59
CA THR EA 207 -14.33 51.93 62.38
C THR EA 207 -14.87 51.35 63.68
N TYR EA 208 -15.71 50.34 63.54
CA TYR EA 208 -16.34 49.67 64.67
C TYR EA 208 -15.86 48.23 64.76
N SER EA 209 -15.80 47.70 65.98
CA SER EA 209 -15.35 46.34 66.21
C SER EA 209 -16.21 45.69 67.27
N LEU EA 210 -16.54 44.43 67.06
CA LEU EA 210 -17.29 43.63 68.03
C LEU EA 210 -16.30 42.90 68.93
N ARG EA 211 -16.46 43.06 70.24
CA ARG EA 211 -15.53 42.51 71.21
C ARG EA 211 -16.25 41.50 72.10
N VAL EA 212 -15.71 40.30 72.19
CA VAL EA 212 -16.14 39.29 73.13
C VAL EA 212 -14.91 38.87 73.94
N GLY EA 213 -14.92 39.17 75.23
CA GLY EA 213 -13.74 38.92 76.04
C GLY EA 213 -12.55 39.70 75.51
N SER EA 214 -11.44 38.99 75.30
CA SER EA 214 -10.26 39.60 74.72
C SER EA 214 -10.23 39.54 73.19
N GLU EA 215 -11.19 38.85 72.59
CA GLU EA 215 -11.25 38.74 71.14
C GLU EA 215 -11.88 39.98 70.52
N ILE EA 216 -11.30 40.43 69.41
CA ILE EA 216 -11.79 41.61 68.69
C ILE EA 216 -12.00 41.22 67.24
N PHE EA 217 -13.20 41.50 66.73
CA PHE EA 217 -13.53 41.24 65.33
C PHE EA 217 -13.92 42.55 64.66
N ASP EA 218 -13.26 42.88 63.56
CA ASP EA 218 -13.52 44.12 62.87
C ASP EA 218 -14.86 44.06 62.13
N MET EA 219 -15.42 45.24 61.86
CA MET EA 219 -16.68 45.37 61.16
C MET EA 219 -16.45 46.07 59.82
N PHE EA 220 -16.93 45.47 58.74
CA PHE EA 220 -16.86 46.06 57.42
C PHE EA 220 -18.26 46.44 56.99
N THR EA 221 -18.49 47.74 56.76
CA THR EA 221 -19.82 48.26 56.51
C THR EA 221 -19.97 48.63 55.04
N THR EA 222 -21.04 48.14 54.42
CA THR EA 222 -21.40 48.50 53.06
C THR EA 222 -22.79 49.12 53.07
N ASN EA 223 -22.91 50.32 52.50
CA ASN EA 223 -24.18 51.03 52.51
C ASN EA 223 -25.18 50.34 51.59
N THR EA 224 -26.40 50.16 52.09
CA THR EA 224 -27.47 49.50 51.33
C THR EA 224 -28.69 50.42 51.33
N ASP EA 225 -29.26 50.63 50.15
CA ASP EA 225 -30.43 51.48 49.99
C ASP EA 225 -31.68 50.64 49.75
N ASP EA 226 -32.81 51.21 50.14
CA ASP EA 226 -34.12 50.55 50.03
C ASP EA 226 -34.13 49.20 50.75
N ASN EA 227 -33.54 49.16 51.94
CA ASN EA 227 -33.54 47.99 52.80
C ASN EA 227 -34.09 48.40 54.16
N TYR EA 228 -35.18 47.76 54.57
CA TYR EA 228 -35.87 48.12 55.80
C TYR EA 228 -36.16 46.89 56.64
N LEU EA 229 -36.46 47.12 57.91
CA LEU EA 229 -36.85 46.09 58.86
C LEU EA 229 -38.33 46.22 59.16
N VAL EA 230 -39.03 45.08 59.17
CA VAL EA 230 -40.46 45.04 59.43
C VAL EA 230 -40.75 44.05 60.54
N SER EA 231 -41.92 44.21 61.14
CA SER EA 231 -42.43 43.30 62.17
C SER EA 231 -43.60 42.51 61.61
N GLU EA 232 -43.53 41.19 61.74
CA GLU EA 232 -44.55 40.31 61.16
C GLU EA 232 -45.70 40.12 62.14
N HIS EA 233 -46.92 40.28 61.65
CA HIS EA 233 -48.15 40.04 62.40
C HIS EA 233 -48.89 38.91 61.69
N ASN EA 234 -48.55 37.67 62.04
CA ASN EA 234 -49.08 36.52 61.33
C ASN EA 234 -50.59 36.36 61.54
N GLU EA 235 -51.07 36.64 62.75
CA GLU EA 235 -52.48 36.43 63.05
C GLU EA 235 -53.38 37.33 62.20
N GLU EA 236 -52.88 38.50 61.79
CA GLU EA 236 -53.61 39.39 60.91
C GLU EA 236 -53.13 39.35 59.47
N GLY EA 237 -52.00 38.68 59.21
CA GLY EA 237 -51.49 38.57 57.86
C GLY EA 237 -51.05 39.87 57.23
N ILE EA 238 -50.48 40.78 58.02
CA ILE EA 238 -49.94 42.03 57.52
C ILE EA 238 -48.56 42.25 58.13
N LEU EA 239 -47.75 43.05 57.45
CA LEU EA 239 -46.39 43.34 57.87
C LEU EA 239 -46.29 44.81 58.28
N MET EA 240 -45.83 45.05 59.50
CA MET EA 240 -45.65 46.39 60.03
C MET EA 240 -44.16 46.73 60.03
N THR EA 241 -43.81 47.85 59.40
CA THR EA 241 -42.42 48.27 59.34
C THR EA 241 -41.91 48.66 60.73
N GLU EA 242 -40.61 48.49 60.92
CA GLU EA 242 -39.95 48.85 62.18
C GLU EA 242 -38.95 49.98 62.01
N SER EA 243 -37.97 49.82 61.12
CA SER EA 243 -36.94 50.83 60.90
C SER EA 243 -36.24 50.51 59.58
N THR EA 244 -35.15 51.22 59.32
CA THR EA 244 -34.41 51.09 58.07
C THR EA 244 -33.07 50.43 58.33
N LEU EA 245 -32.72 49.47 57.49
CA LEU EA 245 -31.41 48.81 57.55
C LEU EA 245 -30.49 49.51 56.55
N SER EA 246 -29.78 50.54 57.02
CA SER EA 246 -28.97 51.35 56.11
C SER EA 246 -27.70 50.64 55.68
N LYS EA 247 -27.02 49.96 56.60
CA LYS EA 247 -25.72 49.37 56.31
C LYS EA 247 -25.71 47.88 56.61
N SER EA 248 -25.05 47.12 55.75
CA SER EA 248 -24.77 45.71 55.99
C SER EA 248 -23.35 45.59 56.52
N VAL EA 249 -23.19 44.85 57.62
CA VAL EA 249 -21.93 44.78 58.34
C VAL EA 249 -21.43 43.35 58.34
N LYS EA 250 -20.17 43.15 57.95
CA LYS EA 250 -19.51 41.87 57.99
C LYS EA 250 -18.50 41.85 59.14
N LEU EA 251 -18.39 40.71 59.81
CA LEU EA 251 -17.47 40.54 60.93
C LEU EA 251 -16.25 39.77 60.47
N VAL EA 252 -15.06 40.34 60.69
CA VAL EA 252 -13.81 39.78 60.21
C VAL EA 252 -12.82 39.69 61.38
N PRO EA 253 -12.07 38.60 61.51
CA PRO EA 253 -11.03 38.54 62.54
C PRO EA 253 -10.00 39.65 62.36
N ALA EA 254 -9.50 40.15 63.48
CA ALA EA 254 -8.63 41.31 63.45
C ALA EA 254 -7.29 41.00 62.78
N SER EA 255 -6.70 39.85 63.10
CA SER EA 255 -5.36 39.55 62.62
C SER EA 255 -5.15 38.04 62.60
N PHE EA 256 -4.06 37.62 61.96
CA PHE EA 256 -3.70 36.20 61.93
C PHE EA 256 -3.42 35.68 63.33
N GLN EA 257 -2.73 36.47 64.15
CA GLN EA 257 -2.30 36.02 65.46
C GLN EA 257 -3.45 35.87 66.44
N SER EA 258 -4.64 36.34 66.10
CA SER EA 258 -5.82 36.12 66.94
C SER EA 258 -6.05 34.63 67.15
N THR EA 259 -6.36 34.26 68.40
CA THR EA 259 -6.55 32.85 68.73
C THR EA 259 -7.72 32.25 67.98
N THR EA 260 -8.78 33.02 67.74
CA THR EA 260 -9.93 32.51 66.99
C THR EA 260 -9.53 32.12 65.58
N HIS EA 261 -8.76 32.97 64.91
CA HIS EA 261 -8.33 32.67 63.55
C HIS EA 261 -7.43 31.44 63.52
N GLN EA 262 -6.52 31.32 64.48
CA GLN EA 262 -5.63 30.16 64.51
C GLN EA 262 -6.41 28.88 64.77
N LYS EA 263 -7.38 28.92 65.68
CA LYS EA 263 -8.20 27.74 65.93
C LYS EA 263 -9.02 27.36 64.70
N LEU EA 264 -9.58 28.36 64.01
CA LEU EA 264 -10.32 28.07 62.78
C LEU EA 264 -9.41 27.45 61.73
N ALA EA 265 -8.19 27.99 61.58
CA ALA EA 265 -7.25 27.45 60.60
C ALA EA 265 -6.88 26.02 60.94
N LYS EA 266 -6.61 25.74 62.22
CA LYS EA 266 -6.28 24.38 62.64
C LYS EA 266 -7.43 23.43 62.36
N ALA EA 267 -8.65 23.84 62.71
CA ALA EA 267 -9.81 22.97 62.51
C ALA EA 267 -10.03 22.68 61.03
N LEU EA 268 -9.95 23.70 60.18
CA LEU EA 268 -10.20 23.50 58.76
C LEU EA 268 -9.06 22.75 58.07
N SER EA 269 -7.82 22.94 58.54
CA SER EA 269 -6.69 22.23 57.96
C SER EA 269 -6.73 20.75 58.31
N ALA EA 270 -7.05 20.42 59.57
CA ALA EA 270 -7.12 19.02 59.95
C ALA EA 270 -8.44 18.36 59.57
N LYS EA 271 -9.46 19.16 59.21
CA LYS EA 271 -10.73 18.58 58.78
C LYS EA 271 -10.58 17.87 57.43
N GLN EA 272 -9.86 18.49 56.50
CA GLN EA 272 -9.69 17.91 55.17
C GLN EA 272 -8.55 16.90 55.10
N LYS EA 273 -7.83 16.68 56.20
CA LYS EA 273 -6.78 15.65 56.20
C LYS EA 273 -7.36 14.25 56.33
N LYS EA 274 -8.45 14.10 57.07
CA LYS EA 274 -9.04 12.79 57.32
C LYS EA 274 -9.96 12.43 56.16
N GLU EA 275 -9.57 11.42 55.36
CA GLU EA 275 -10.37 10.98 54.23
C GLU EA 275 -10.00 9.53 53.93
N SER EA 276 -10.82 8.59 54.40
CA SER EA 276 -10.63 7.18 54.13
C SER EA 276 -11.98 6.49 54.29
N TYR EA 277 -12.63 6.20 53.16
CA TYR EA 277 -13.98 5.64 53.17
C TYR EA 277 -14.00 4.12 53.08
N ALA EA 278 -13.25 3.55 52.15
CA ALA EA 278 -13.23 2.10 51.99
C ALA EA 278 -12.59 1.45 53.21
N ARG EA 279 -13.21 0.37 53.68
CA ARG EA 279 -12.73 -0.35 54.86
C ARG EA 279 -12.18 -1.70 54.41
N SER EA 280 -10.96 -2.02 54.85
CA SER EA 280 -10.31 -3.23 54.42
C SER EA 280 -10.91 -4.46 55.11
N VAL EA 281 -10.73 -5.62 54.48
CA VAL EA 281 -11.25 -6.87 55.00
C VAL EA 281 -10.39 -8.00 54.42
N VAL EA 282 -10.44 -9.16 55.04
CA VAL EA 282 -9.64 -10.31 54.63
C VAL EA 282 -10.55 -11.38 54.06
N THR EA 283 -10.26 -11.82 52.85
CA THR EA 283 -11.02 -12.88 52.20
C THR EA 283 -10.42 -14.23 52.56
N LYS EA 284 -11.26 -15.12 53.11
CA LYS EA 284 -10.81 -16.45 53.49
C LYS EA 284 -11.18 -17.53 52.49
N GLU EA 285 -12.18 -17.27 51.63
CA GLU EA 285 -12.65 -18.27 50.68
C GLU EA 285 -12.87 -17.60 49.33
N ASP EA 286 -13.33 -18.39 48.37
CA ASP EA 286 -13.59 -17.87 47.04
C ASP EA 286 -14.79 -16.93 47.09
N PRO EA 287 -14.65 -15.69 46.60
CA PRO EA 287 -15.82 -14.78 46.59
C PRO EA 287 -16.94 -15.25 45.70
N GLU EA 288 -16.69 -16.15 44.75
CA GLU EA 288 -17.72 -16.65 43.85
C GLU EA 288 -18.44 -17.89 44.39
N GLU EA 289 -18.06 -18.38 45.57
CA GLU EA 289 -18.63 -19.63 46.06
C GLU EA 289 -20.12 -19.48 46.36
N ARG EA 290 -20.52 -18.35 46.95
CA ARG EA 290 -21.92 -18.14 47.28
C ARG EA 290 -22.79 -18.19 46.04
N GLN EA 291 -22.36 -17.51 44.97
CA GLN EA 291 -23.15 -17.48 43.75
C GLN EA 291 -23.34 -18.88 43.17
N ARG EA 292 -22.26 -19.66 43.09
CA ARG EA 292 -22.38 -20.98 42.48
C ARG EA 292 -23.21 -21.94 43.34
N ARG EA 293 -23.02 -21.90 44.67
CA ARG EA 293 -23.82 -22.79 45.50
C ARG EA 293 -25.30 -22.41 45.47
N LEU EA 294 -25.60 -21.11 45.46
CA LEU EA 294 -27.00 -20.69 45.39
C LEU EA 294 -27.60 -20.98 44.02
N GLU EA 295 -26.81 -20.89 42.95
CA GLU EA 295 -27.29 -21.28 41.64
C GLU EA 295 -27.59 -22.77 41.59
N SER EA 296 -26.74 -23.59 42.20
CA SER EA 296 -27.02 -25.02 42.27
C SER EA 296 -28.32 -25.31 43.01
N GLN EA 297 -28.51 -24.65 44.17
CA GLN EA 297 -29.76 -24.86 44.91
C GLN EA 297 -30.96 -24.38 44.11
N GLU EA 298 -30.84 -23.24 43.43
CA GLU EA 298 -31.94 -22.73 42.62
C GLU EA 298 -32.28 -23.68 41.47
N ASN EA 299 -31.27 -24.25 40.82
CA ASN EA 299 -31.54 -25.21 39.76
C ASN EA 299 -32.19 -26.47 40.32
N GLU EA 300 -31.76 -26.92 41.50
CA GLU EA 300 -32.38 -28.07 42.12
C GLU EA 300 -33.85 -27.82 42.41
N ARG EA 301 -34.17 -26.66 42.98
CA ARG EA 301 -35.57 -26.39 43.28
C ARG EA 301 -36.37 -26.09 42.00
N TYR EA 302 -35.70 -25.60 40.96
CA TYR EA 302 -36.36 -25.51 39.65
C TYR EA 302 -36.77 -26.88 39.14
N ARG EA 303 -35.88 -27.86 39.22
CA ARG EA 303 -36.20 -29.21 38.78
C ARG EA 303 -37.35 -29.79 39.62
N LEU EA 304 -37.28 -29.60 40.94
CA LEU EA 304 -38.34 -30.11 41.80
C LEU EA 304 -39.68 -29.44 41.50
N GLU EA 305 -39.66 -28.12 41.29
CA GLU EA 305 -40.89 -27.38 40.98
C GLU EA 305 -41.46 -27.80 39.64
N ARG EA 306 -40.61 -28.01 38.64
CA ARG EA 306 -41.08 -28.47 37.34
C ARG EA 306 -41.73 -29.83 37.45
N ARG EA 307 -41.10 -30.75 38.21
CA ARG EA 307 -41.70 -32.06 38.42
C ARG EA 307 -43.04 -31.95 39.12
N ARG EA 308 -43.11 -31.11 40.17
CA ARG EA 308 -44.37 -30.95 40.90
C ARG EA 308 -45.47 -30.39 40.00
N LYS EA 309 -45.13 -29.38 39.19
CA LYS EA 309 -46.12 -28.77 38.32
C LYS EA 309 -46.59 -29.76 37.25
N GLN EA 310 -45.67 -30.56 36.70
CA GLN EA 310 -46.09 -31.59 35.76
C GLN EA 310 -46.92 -32.67 36.43
N ALA EA 311 -46.70 -32.91 37.72
CA ALA EA 311 -47.52 -33.86 38.47
C ALA EA 311 -48.78 -33.23 39.06
N GLU EA 312 -48.89 -31.90 39.02
CA GLU EA 312 -50.06 -31.21 39.54
C GLU EA 312 -51.11 -31.01 38.46
N ARG FA 10 88.30 35.28 -52.07
CA ARG FA 10 86.99 35.32 -51.46
C ARG FA 10 86.66 36.74 -51.00
N GLN FA 11 86.03 37.51 -51.89
CA GLN FA 11 85.70 38.91 -51.62
C GLN FA 11 84.36 38.95 -50.89
N ASP FA 12 84.44 39.01 -49.56
CA ASP FA 12 83.25 39.07 -48.72
C ASP FA 12 83.49 40.03 -47.56
N TYR FA 13 82.62 39.95 -46.56
CA TYR FA 13 82.65 40.86 -45.43
C TYR FA 13 83.99 40.77 -44.70
N ILE FA 14 84.54 41.94 -44.36
CA ILE FA 14 85.82 42.00 -43.66
C ILE FA 14 85.57 42.04 -42.16
N ALA FA 15 86.15 41.09 -41.44
CA ALA FA 15 86.04 41.04 -39.99
C ALA FA 15 87.21 40.24 -39.43
N LYS FA 16 87.74 40.71 -38.30
CA LYS FA 16 88.87 40.08 -37.64
C LYS FA 16 88.42 39.50 -36.30
N VAL FA 17 88.86 38.29 -36.00
CA VAL FA 17 88.49 37.58 -34.79
C VAL FA 17 89.73 37.44 -33.93
N ARG FA 18 89.68 37.98 -32.71
CA ARG FA 18 90.79 37.87 -31.76
C ARG FA 18 90.20 37.68 -30.37
N TYR FA 19 90.35 36.47 -29.82
CA TYR FA 19 89.86 36.19 -28.48
C TYR FA 19 90.61 37.02 -27.45
N GLN FA 20 89.87 37.53 -26.46
CA GLN FA 20 90.44 38.37 -25.41
C GLN FA 20 90.51 37.55 -24.12
N ASN FA 21 91.73 37.19 -23.72
CA ASN FA 21 92.00 36.49 -22.47
C ASN FA 21 93.15 37.16 -21.74
N ASP FA 22 93.24 38.48 -21.84
CA ASP FA 22 94.36 39.21 -21.28
C ASP FA 22 94.24 39.31 -19.77
N LEU FA 23 95.32 38.99 -19.08
CA LEU FA 23 95.31 39.04 -17.61
C LEU FA 23 95.29 40.49 -17.14
N PRO FA 24 94.50 40.82 -16.14
CA PRO FA 24 94.49 42.20 -15.61
C PRO FA 24 95.75 42.49 -14.82
N ALA FA 25 96.00 43.78 -14.63
CA ALA FA 25 97.14 44.20 -13.83
C ALA FA 25 96.91 43.84 -12.36
N PRO FA 26 97.98 43.62 -11.60
CA PRO FA 26 97.84 43.29 -10.18
C PRO FA 26 97.06 44.36 -9.45
N PRO FA 27 96.16 43.98 -8.53
CA PRO FA 27 95.29 44.96 -7.88
C PRO FA 27 95.97 45.72 -6.75
N CYS FA 28 96.86 45.05 -6.02
CA CYS FA 28 97.50 45.61 -4.84
C CYS FA 28 96.47 46.20 -3.87
N PRO FA 29 95.56 45.39 -3.35
CA PRO FA 29 94.49 45.92 -2.50
C PRO FA 29 95.01 46.33 -1.14
N PRO FA 30 94.25 47.12 -0.39
CA PRO FA 30 94.70 47.48 0.96
C PRO FA 30 94.88 46.25 1.83
N LYS FA 31 95.91 46.28 2.67
CA LYS FA 31 96.27 45.14 3.49
C LYS FA 31 95.57 45.20 4.84
N LEU FA 32 95.03 44.06 5.26
CA LEU FA 32 94.45 43.94 6.59
C LEU FA 32 95.55 44.05 7.64
N LEU FA 33 95.18 44.53 8.82
CA LEU FA 33 96.10 44.63 9.94
C LEU FA 33 95.77 43.55 10.96
N LYS FA 34 96.78 42.77 11.33
CA LYS FA 34 96.58 41.68 12.28
C LYS FA 34 96.19 42.23 13.64
N TYR FA 35 95.27 41.53 14.31
CA TYR FA 35 94.86 41.93 15.64
C TYR FA 35 96.00 41.71 16.64
N GLU FA 36 95.88 42.35 17.80
CA GLU FA 36 96.84 42.11 18.87
C GLU FA 36 96.81 40.65 19.30
N ILE FA 37 95.62 40.03 19.28
CA ILE FA 37 95.49 38.61 19.64
C ILE FA 37 95.92 37.68 18.51
N GLU FA 38 96.39 38.23 17.39
CA GLU FA 38 96.96 37.40 16.32
C GLU FA 38 98.44 37.14 16.52
N LYS FA 39 99.05 37.70 17.56
CA LYS FA 39 100.47 37.51 17.85
C LYS FA 39 100.62 36.53 19.02
N GLU FA 40 101.68 35.72 18.97
CA GLU FA 40 101.81 34.61 19.92
C GLU FA 40 101.95 35.12 21.36
N ALA FA 41 102.76 36.15 21.57
CA ALA FA 41 102.97 36.64 22.93
C ALA FA 41 101.71 37.22 23.56
N PRO FA 42 100.93 38.09 22.90
CA PRO FA 42 99.65 38.51 23.49
C PRO FA 42 98.69 37.36 23.71
N GLN FA 43 98.69 36.35 22.84
CA GLN FA 43 97.87 35.17 23.06
C GLN FA 43 98.27 34.47 24.35
N LYS FA 44 99.57 34.31 24.57
CA LYS FA 44 100.06 33.68 25.78
C LYS FA 44 99.67 34.48 27.01
N GLU FA 45 99.81 35.81 26.93
CA GLU FA 45 99.45 36.65 28.06
C GLU FA 45 97.96 36.58 28.37
N PHE FA 46 97.12 36.57 27.33
CA PHE FA 46 95.67 36.55 27.55
C PHE FA 46 95.21 35.21 28.09
N LEU FA 47 95.72 34.10 27.53
CA LEU FA 47 95.27 32.79 27.97
C LEU FA 47 95.73 32.48 29.39
N LYS FA 48 96.94 32.91 29.75
CA LYS FA 48 97.50 32.65 31.07
C LYS FA 48 96.97 33.58 32.14
N ASP FA 49 95.87 34.28 31.87
CA ASP FA 49 95.29 35.20 32.85
C ASP FA 49 94.74 34.43 34.04
N SER FA 50 94.89 35.00 35.23
CA SER FA 50 94.32 34.42 36.45
C SER FA 50 92.91 34.89 36.70
N ARG FA 51 92.51 36.07 36.20
CA ARG FA 51 91.15 36.53 36.36
C ARG FA 51 90.16 35.64 35.63
N LEU FA 52 90.62 34.92 34.59
CA LEU FA 52 89.76 33.97 33.91
C LEU FA 52 89.35 32.85 34.85
N LEU FA 53 90.31 32.33 35.63
CA LEU FA 53 89.97 31.31 36.62
C LEU FA 53 89.13 31.88 37.75
N SER FA 54 89.31 33.16 38.08
CA SER FA 54 88.43 33.78 39.08
C SER FA 54 87.00 33.87 38.59
N ALA FA 55 86.80 34.24 37.32
CA ALA FA 55 85.47 34.25 36.75
C ALA FA 55 84.88 32.84 36.69
N LEU FA 56 85.72 31.85 36.36
CA LEU FA 56 85.25 30.47 36.36
C LEU FA 56 84.82 30.02 37.74
N PHE FA 57 85.57 30.41 38.77
CA PHE FA 57 85.19 30.11 40.14
C PHE FA 57 83.87 30.79 40.49
N SER FA 58 83.70 32.05 40.10
CA SER FA 58 82.46 32.76 40.39
C SER FA 58 81.28 32.08 39.72
N LYS FA 59 81.47 31.61 38.48
CA LYS FA 59 80.43 30.84 37.81
C LYS FA 59 80.12 29.55 38.57
N ASP FA 60 81.17 28.83 38.96
CA ASP FA 60 80.99 27.57 39.69
C ASP FA 60 80.62 27.81 41.15
N ASN FA 61 81.18 28.85 41.76
CA ASN FA 61 80.99 29.15 43.17
C ASN FA 61 81.36 27.95 44.04
N PHE FA 62 80.34 27.33 44.65
CA PHE FA 62 80.51 26.19 45.54
C PHE FA 62 79.54 25.09 45.17
N ARG FA 63 79.47 24.77 43.88
CA ARG FA 63 78.56 23.74 43.39
C ARG FA 63 78.90 22.37 43.98
N TYR FA 64 80.11 21.89 43.69
CA TYR FA 64 80.52 20.55 44.08
C TYR FA 64 80.98 20.46 45.54
N LEU FA 65 80.88 21.54 46.30
CA LEU FA 65 81.20 21.50 47.73
C LEU FA 65 79.99 21.20 48.60
N MET FA 66 78.80 21.06 48.01
CA MET FA 66 77.61 20.70 48.78
C MET FA 66 77.49 19.21 49.03
N ASN FA 67 78.38 18.39 48.45
CA ASN FA 67 78.31 16.94 48.64
C ASN FA 67 78.54 16.57 50.10
N GLU FA 68 79.49 17.22 50.76
CA GLU FA 68 79.73 16.94 52.18
C GLU FA 68 78.57 17.43 53.05
N THR FA 69 77.88 18.48 52.63
CA THR FA 69 76.80 19.08 53.42
C THR FA 69 75.58 18.18 53.54
N SER FA 70 75.66 16.94 53.02
CA SER FA 70 74.58 15.97 53.14
C SER FA 70 74.50 15.34 54.54
N ASP FA 71 75.14 15.94 55.53
CA ASP FA 71 75.08 15.41 56.90
C ASP FA 71 73.64 15.34 57.41
N GLY FA 72 72.76 16.17 56.87
CA GLY FA 72 71.36 16.13 57.26
C GLY FA 72 70.59 14.94 56.71
N LEU FA 73 71.16 14.23 55.74
CA LEU FA 73 70.49 13.06 55.19
C LEU FA 73 70.51 11.88 56.15
N ASP FA 74 71.53 11.79 57.01
CA ASP FA 74 71.64 10.67 57.93
C ASP FA 74 70.45 10.63 58.87
N VAL FA 75 69.91 9.44 59.09
CA VAL FA 75 68.72 9.23 59.90
C VAL FA 75 69.08 8.33 61.07
N ASN FA 76 68.74 8.77 62.28
CA ASN FA 76 68.98 7.98 63.48
C ASN FA 76 67.73 8.01 64.34
N TYR FA 77 67.40 6.86 64.94
CA TYR FA 77 66.16 6.71 65.69
C TYR FA 77 66.18 7.56 66.96
N LEU FA 78 67.33 7.62 67.65
CA LEU FA 78 67.41 8.30 68.94
C LEU FA 78 67.26 9.81 68.84
N ARG FA 79 67.32 10.39 67.63
CA ARG FA 79 67.27 11.84 67.50
C ARG FA 79 65.93 12.39 67.98
N ILE FA 80 64.84 11.74 67.65
CA ILE FA 80 63.51 12.25 68.04
C ILE FA 80 63.35 12.10 69.55
N PRO FA 81 62.94 13.16 70.26
CA PRO FA 81 62.83 13.04 71.73
C PRO FA 81 61.77 12.07 72.19
N GLY FA 82 60.56 12.15 71.64
CA GLY FA 82 59.43 11.39 72.11
C GLY FA 82 59.11 10.10 71.39
N ILE FA 83 59.93 9.68 70.42
CA ILE FA 83 59.64 8.46 69.69
C ILE FA 83 60.02 7.21 70.46
N ILE FA 84 60.80 7.36 71.54
CA ILE FA 84 61.36 6.21 72.23
C ILE FA 84 60.87 6.06 73.67
N GLU FA 85 60.28 7.11 74.26
CA GLU FA 85 59.97 7.09 75.69
C GLU FA 85 59.11 5.89 76.07
N ASN FA 86 58.28 5.40 75.15
CA ASN FA 86 57.58 4.13 75.28
C ASN FA 86 57.93 3.26 74.09
N GLU FA 87 57.86 1.95 74.28
CA GLU FA 87 58.16 1.02 73.18
C GLU FA 87 57.28 1.31 71.97
N LYS FA 88 56.01 1.64 72.21
CA LYS FA 88 55.07 1.96 71.15
C LYS FA 88 54.91 3.46 70.92
N SER FA 89 55.86 4.27 71.43
CA SER FA 89 55.82 5.70 71.13
C SER FA 89 56.00 5.96 69.64
N LEU FA 90 56.69 5.08 68.92
CA LEU FA 90 56.78 5.22 67.47
C LEU FA 90 55.39 5.17 66.84
N GLY FA 91 54.59 4.18 67.21
CA GLY FA 91 53.23 4.10 66.70
C GLY FA 91 52.36 5.24 67.18
N LYS FA 92 52.55 5.67 68.43
CA LYS FA 92 51.77 6.79 68.95
C LYS FA 92 52.06 8.08 68.18
N LEU FA 93 53.33 8.36 67.91
CA LEU FA 93 53.69 9.55 67.16
C LEU FA 93 53.28 9.45 65.70
N PHE FA 94 53.39 8.25 65.11
CA PHE FA 94 52.88 8.05 63.76
C PHE FA 94 51.37 8.25 63.72
N SER FA 95 50.67 7.90 64.80
CA SER FA 95 49.24 8.13 64.94
C SER FA 95 48.93 9.43 65.66
N SER FA 96 49.94 10.16 66.13
CA SER FA 96 49.70 11.48 66.71
C SER FA 96 49.48 12.53 65.63
N TYR FA 97 50.05 12.34 64.44
CA TYR FA 97 49.90 13.28 63.34
C TYR FA 97 48.70 12.97 62.45
N LYS FA 98 47.98 11.88 62.72
CA LYS FA 98 46.74 11.62 61.99
C LYS FA 98 45.67 12.65 62.36
N ASN FA 99 45.75 13.21 63.57
CA ASN FA 99 44.90 14.34 63.92
C ASN FA 99 45.24 15.57 63.10
N LEU FA 100 46.49 15.71 62.70
CA LEU FA 100 46.93 16.82 61.87
C LEU FA 100 46.79 16.47 60.39
N ALA FA 101 46.91 17.50 59.55
CA ALA FA 101 46.78 17.35 58.11
C ALA FA 101 47.51 18.50 57.45
N ILE FA 102 47.26 18.71 56.15
CA ILE FA 102 47.86 19.82 55.43
C ILE FA 102 47.36 21.15 55.99
N GLU FA 103 46.10 21.19 56.43
CA GLU FA 103 45.55 22.43 56.96
C GLU FA 103 46.30 22.90 58.21
N ASN FA 104 46.64 21.96 59.09
CA ASN FA 104 47.36 22.29 60.32
C ASN FA 104 48.79 22.75 60.06
N LEU FA 105 49.32 22.53 58.87
CA LEU FA 105 50.65 23.02 58.53
C LEU FA 105 50.67 24.54 58.49
N HIS FA 106 51.82 25.11 58.82
CA HIS FA 106 51.97 26.56 58.79
C HIS FA 106 51.81 27.06 57.37
N PRO FA 107 51.17 28.23 57.17
CA PRO FA 107 51.00 28.74 55.80
C PRO FA 107 52.30 28.90 55.04
N ASP FA 108 53.37 29.34 55.71
CA ASP FA 108 54.66 29.44 55.05
C ASP FA 108 55.20 28.06 54.68
N ASP FA 109 55.02 27.09 55.57
CA ASP FA 109 55.41 25.71 55.25
C ASP FA 109 54.54 25.12 54.16
N ARG FA 110 53.26 25.51 54.11
CA ARG FA 110 52.42 25.13 52.97
C ARG FA 110 52.96 25.72 51.68
N LEU FA 111 53.49 26.95 51.74
CA LEU FA 111 54.11 27.54 50.57
C LEU FA 111 55.34 26.76 50.12
N LEU FA 112 55.99 26.05 51.03
CA LEU FA 112 57.12 25.20 50.66
C LEU FA 112 56.67 23.96 49.89
N LEU FA 113 55.39 23.62 49.91
CA LEU FA 113 54.86 22.49 49.15
C LEU FA 113 54.52 22.98 47.75
N VAL FA 114 55.52 22.95 46.87
CA VAL FA 114 55.38 23.42 45.49
C VAL FA 114 55.44 22.22 44.56
N ASP FA 115 54.48 22.13 43.66
CA ASP FA 115 54.41 21.00 42.73
C ASP FA 115 55.59 21.06 41.77
N PRO FA 116 56.43 20.01 41.70
CA PRO FA 116 57.57 19.95 40.77
C PRO FA 116 57.13 20.01 39.31
N SER FA 126 44.27 23.30 43.54
CA SER FA 126 42.95 23.76 43.95
C SER FA 126 41.85 22.95 43.29
N PRO FA 127 40.81 22.61 44.04
CA PRO FA 127 39.70 21.86 43.47
C PRO FA 127 38.90 22.70 42.49
N VAL FA 128 38.27 22.00 41.54
CA VAL FA 128 37.38 22.61 40.57
C VAL FA 128 35.99 22.03 40.77
N PHE FA 129 34.98 22.88 40.58
CA PHE FA 129 33.61 22.52 40.93
C PHE FA 129 33.02 21.42 40.07
N PHE FA 130 33.62 21.12 38.91
CA PHE FA 130 33.03 20.18 37.97
C PHE FA 130 33.72 18.83 37.93
N LEU FA 131 34.54 18.52 38.92
CA LEU FA 131 35.18 17.22 39.04
C LEU FA 131 34.71 16.59 40.35
N ARG FA 132 33.65 15.78 40.27
CA ARG FA 132 33.12 15.11 41.44
C ARG FA 132 33.96 13.88 41.78
N ARG FA 133 33.85 13.43 43.01
CA ARG FA 133 34.47 12.17 43.40
C ARG FA 133 33.47 11.04 43.19
N PRO FA 134 33.86 9.95 42.54
CA PRO FA 134 32.87 8.94 42.14
C PRO FA 134 32.20 8.28 43.33
N GLN FA 135 30.95 7.89 43.12
CA GLN FA 135 30.14 7.21 44.13
C GLN FA 135 29.62 5.90 43.55
N TYR FA 136 28.97 5.11 44.40
CA TYR FA 136 28.41 3.83 43.99
C TYR FA 136 26.94 3.64 44.35
N VAL FA 137 26.41 4.34 45.36
CA VAL FA 137 25.02 4.17 45.75
C VAL FA 137 24.14 5.30 45.24
N SER FA 138 24.71 6.45 44.89
CA SER FA 138 23.95 7.62 44.40
C SER FA 138 22.94 7.99 45.51
N ASP FA 139 21.76 8.47 45.15
CA ASP FA 139 20.78 8.87 46.15
C ASP FA 139 19.40 8.93 45.49
N GLY FA 140 18.37 9.01 46.33
CA GLY FA 140 17.00 9.05 45.88
C GLY FA 140 16.08 8.16 46.70
N ASP FA 159 -7.68 22.33 76.84
CA ASP FA 159 -8.70 22.96 77.67
C ASP FA 159 -10.09 22.42 77.34
N THR FA 160 -10.14 21.12 76.98
CA THR FA 160 -11.42 20.47 76.71
C THR FA 160 -12.18 20.14 77.98
N ASN FA 161 -11.57 20.32 79.14
CA ASN FA 161 -12.22 20.05 80.41
C ASN FA 161 -13.40 21.01 80.59
N PRO FA 162 -14.58 20.51 80.95
CA PRO FA 162 -15.73 21.41 81.20
C PRO FA 162 -15.44 22.47 82.24
N ARG FA 163 -14.65 22.13 83.26
CA ARG FA 163 -14.25 23.12 84.24
C ARG FA 163 -13.44 24.24 83.60
N SER FA 164 -12.53 23.88 82.68
CA SER FA 164 -11.75 24.89 81.98
C SER FA 164 -12.65 25.78 81.12
N GLN FA 165 -13.61 25.20 80.43
CA GLN FA 165 -14.52 26.00 79.61
C GLN FA 165 -15.34 26.96 80.47
N LEU FA 166 -15.85 26.47 81.60
CA LEU FA 166 -16.60 27.35 82.50
C LEU FA 166 -15.71 28.47 83.02
N HIS FA 167 -14.48 28.14 83.40
CA HIS FA 167 -13.56 29.15 83.91
C HIS FA 167 -13.26 30.20 82.85
N SER FA 168 -13.10 29.77 81.59
CA SER FA 168 -12.94 30.71 80.50
C SER FA 168 -14.17 31.61 80.36
N VAL FA 169 -15.36 31.04 80.56
CA VAL FA 169 -16.59 31.82 80.45
C VAL FA 169 -16.62 32.92 81.52
N GLU FA 170 -16.35 32.56 82.78
CA GLU FA 170 -16.36 33.60 83.81
C GLU FA 170 -15.21 34.58 83.64
N ARG FA 171 -14.05 34.13 83.13
CA ARG FA 171 -12.98 35.07 82.86
C ARG FA 171 -13.38 36.09 81.80
N THR FA 172 -14.04 35.63 80.73
CA THR FA 172 -14.53 36.56 79.72
C THR FA 172 -15.57 37.50 80.30
N PHE FA 173 -16.45 36.98 81.16
CA PHE FA 173 -17.46 37.84 81.78
C PHE FA 173 -16.82 38.91 82.64
N ASP FA 174 -15.76 38.56 83.38
CA ASP FA 174 -15.17 39.49 84.35
C ASP FA 174 -14.34 40.58 83.70
N GLU FA 175 -13.82 40.35 82.49
CA GLU FA 175 -12.90 41.28 81.85
C GLU FA 175 -13.63 42.31 80.97
N VAL FA 176 -14.90 42.57 81.23
CA VAL FA 176 -15.65 43.57 80.47
C VAL FA 176 -15.21 44.95 80.91
N ILE FA 177 -14.92 45.82 79.94
CA ILE FA 177 -14.40 47.16 80.20
C ILE FA 177 -15.58 48.09 80.47
N ASP FA 178 -15.49 48.86 81.54
CA ASP FA 178 -16.52 49.83 81.87
C ASP FA 178 -16.51 50.96 80.84
N PRO FA 179 -17.62 51.22 80.15
CA PRO FA 179 -17.63 52.31 79.16
C PRO FA 179 -17.31 53.67 79.75
N ARG FA 180 -17.67 53.92 81.00
CA ARG FA 180 -17.35 55.20 81.63
C ARG FA 180 -15.87 55.33 81.96
N ASN FA 181 -15.15 54.22 82.09
CA ASN FA 181 -13.74 54.27 82.43
C ASN FA 181 -12.92 54.74 81.22
N LYS FA 182 -12.65 56.04 81.15
CA LYS FA 182 -11.90 56.58 80.01
C LYS FA 182 -10.48 56.04 79.99
N ASN FA 183 -9.85 55.93 81.17
CA ASN FA 183 -8.45 55.48 81.21
C ASN FA 183 -8.32 54.04 80.73
N ARG FA 184 -9.18 53.15 81.21
CA ARG FA 184 -9.13 51.77 80.78
C ARG FA 184 -9.51 51.62 79.32
N LEU FA 185 -10.43 52.46 78.84
CA LEU FA 185 -10.77 52.46 77.41
C LEU FA 185 -9.58 52.86 76.56
N GLN FA 186 -8.84 53.89 76.98
CA GLN FA 186 -7.64 54.30 76.25
C GLN FA 186 -6.54 53.25 76.38
N SER FA 187 -6.56 52.46 77.45
CA SER FA 187 -5.57 51.39 77.59
C SER FA 187 -5.72 50.36 76.47
N LEU FA 188 -6.95 50.02 76.11
CA LEU FA 188 -7.19 49.08 75.02
C LEU FA 188 -6.71 49.65 73.70
N ILE FA 189 -6.01 48.83 72.93
CA ILE FA 189 -5.41 49.22 71.66
C ILE FA 189 -5.73 48.16 70.63
N HIS FA 190 -6.02 48.59 69.40
CA HIS FA 190 -6.30 47.65 68.32
C HIS FA 190 -5.08 46.77 68.06
N PRO FA 191 -5.26 45.45 67.97
CA PRO FA 191 -4.09 44.56 67.77
C PRO FA 191 -3.30 44.86 66.49
N ARG FA 192 -3.98 45.24 65.41
CA ARG FA 192 -3.32 45.51 64.14
C ARG FA 192 -3.18 47.00 63.85
N LYS FA 193 -4.28 47.76 64.02
CA LYS FA 193 -4.23 49.18 63.75
C LYS FA 193 -3.36 49.94 64.75
N LYS FA 194 -3.17 49.40 65.95
CA LYS FA 194 -2.41 50.07 67.02
C LYS FA 194 -3.02 51.44 67.33
N ILE FA 195 -4.34 51.49 67.39
CA ILE FA 195 -5.09 52.74 67.55
C ILE FA 195 -5.92 52.65 68.83
N LYS FA 196 -5.92 53.73 69.60
CA LYS FA 196 -6.65 53.77 70.86
C LYS FA 196 -8.16 53.74 70.63
N ALA FA 197 -8.87 53.31 71.66
CA ALA FA 197 -10.32 53.27 71.64
C ALA FA 197 -10.90 54.63 72.01
N VAL FA 198 -12.02 54.97 71.37
CA VAL FA 198 -12.66 56.26 71.60
C VAL FA 198 -13.92 56.08 72.44
N LYS FA 199 -14.87 55.30 71.93
CA LYS FA 199 -16.15 55.10 72.60
C LYS FA 199 -16.49 53.62 72.64
N ALA FA 200 -17.32 53.26 73.61
CA ALA FA 200 -17.72 51.88 73.83
C ALA FA 200 -19.22 51.79 74.06
N TRP FA 201 -19.79 50.61 73.78
CA TRP FA 201 -21.20 50.36 73.98
C TRP FA 201 -21.38 48.92 74.48
N HIS FA 202 -22.25 48.74 75.47
CA HIS FA 202 -22.62 47.41 75.89
C HIS FA 202 -23.47 46.72 74.82
N PHE FA 203 -23.31 45.41 74.71
CA PHE FA 203 -24.03 44.60 73.74
C PHE FA 203 -25.05 43.76 74.49
N PHE FA 204 -26.33 44.09 74.32
CA PHE FA 204 -27.41 43.43 75.03
C PHE FA 204 -28.51 43.01 74.07
N PRO FA 205 -29.22 41.93 74.38
CA PRO FA 205 -30.42 41.59 73.61
C PRO FA 205 -31.60 42.46 74.05
N ASP FA 206 -32.65 42.41 73.24
CA ASP FA 206 -33.86 43.21 73.46
C ASP FA 206 -34.96 42.33 74.00
N THR FA 207 -35.59 42.77 75.10
CA THR FA 207 -36.57 41.92 75.79
C THR FA 207 -37.97 42.12 75.23
N SER FA 208 -38.34 43.37 74.93
CA SER FA 208 -39.70 43.69 74.51
C SER FA 208 -39.99 43.29 73.06
N THR FA 209 -38.99 42.88 72.29
CA THR FA 209 -39.16 42.63 70.87
C THR FA 209 -38.97 41.18 70.46
N PHE FA 210 -38.60 40.29 71.38
CA PHE FA 210 -38.42 38.88 71.00
C PHE FA 210 -39.73 38.21 70.65
N ASP FA 211 -40.85 38.67 71.22
CA ASP FA 211 -42.14 38.07 70.89
C ASP FA 211 -42.49 38.30 69.43
N GLN FA 212 -42.19 39.49 68.91
CA GLN FA 212 -42.49 39.81 67.52
C GLN FA 212 -41.56 39.06 66.58
N VAL FA 213 -41.91 39.06 65.30
CA VAL FA 213 -41.14 38.40 64.25
C VAL FA 213 -40.63 39.47 63.30
N PHE FA 214 -39.32 39.47 63.05
CA PHE FA 214 -38.68 40.48 62.23
C PHE FA 214 -38.19 39.86 60.93
N HIS FA 215 -38.43 40.57 59.82
CA HIS FA 215 -38.01 40.14 58.51
C HIS FA 215 -37.30 41.29 57.81
N SER FA 216 -36.17 40.99 57.16
CA SER FA 216 -35.44 41.98 56.38
C SER FA 216 -36.07 42.08 55.01
N LEU FA 217 -36.63 43.24 54.69
CA LEU FA 217 -37.35 43.45 53.44
C LEU FA 217 -36.51 44.33 52.53
N LYS FA 218 -36.32 43.88 51.30
CA LYS FA 218 -35.45 44.57 50.34
C LYS FA 218 -36.14 44.64 48.98
N PHE FA 219 -35.83 45.69 48.24
CA PHE FA 219 -36.34 45.87 46.87
C PHE FA 219 -35.23 45.53 45.89
N VAL FA 220 -35.56 44.73 44.88
CA VAL FA 220 -34.57 44.16 43.95
C VAL FA 220 -34.72 44.85 42.61
N GLY FA 221 -33.61 45.41 42.11
CA GLY FA 221 -33.59 45.95 40.76
C GLY FA 221 -34.37 47.24 40.65
N SER FA 222 -35.20 47.32 39.61
CA SER FA 222 -35.94 48.55 39.32
C SER FA 222 -36.99 48.86 40.38
N ALA FA 223 -37.32 47.90 41.25
CA ALA FA 223 -38.27 48.14 42.33
C ALA FA 223 -37.75 49.12 43.38
N SER FA 224 -36.55 49.65 43.21
CA SER FA 224 -36.00 50.60 44.17
C SER FA 224 -36.88 51.85 44.24
N LEU FA 225 -37.20 52.26 45.47
CA LEU FA 225 -38.02 53.45 45.67
C LEU FA 225 -37.30 54.70 45.23
N SER FA 226 -35.98 54.75 45.40
CA SER FA 226 -35.21 55.90 44.91
C SER FA 226 -35.25 55.97 43.39
N LYS FA 227 -35.20 54.83 42.72
CA LYS FA 227 -35.26 54.82 41.26
C LYS FA 227 -36.62 55.32 40.76
N ASP FA 228 -37.69 54.95 41.46
CA ASP FA 228 -39.02 55.40 41.09
C ASP FA 228 -39.22 56.86 41.48
N ARG FA 229 -38.85 57.77 40.58
CA ARG FA 229 -38.92 59.20 40.89
C ARG FA 229 -40.33 59.69 41.17
N PRO FA 230 -41.36 59.40 40.36
CA PRO FA 230 -42.70 59.86 40.72
C PRO FA 230 -43.20 59.32 42.04
N LEU FA 231 -42.88 58.06 42.36
CA LEU FA 231 -43.26 57.50 43.65
C LEU FA 231 -42.61 58.24 44.80
N ASN FA 232 -41.31 58.53 44.67
CA ASN FA 232 -40.60 59.27 45.72
C ASN FA 232 -41.16 60.67 45.87
N GLU FA 233 -41.47 61.34 44.75
CA GLU FA 233 -42.02 62.68 44.81
C GLU FA 233 -43.39 62.68 45.48
N GLN FA 234 -44.23 61.69 45.15
CA GLN FA 234 -45.55 61.61 45.78
C GLN FA 234 -45.43 61.33 47.28
N LEU FA 235 -44.53 60.43 47.66
CA LEU FA 235 -44.38 60.03 49.05
C LEU FA 235 -43.40 60.89 49.83
N GLY FA 236 -42.80 61.89 49.20
CA GLY FA 236 -41.85 62.74 49.89
C GLY FA 236 -40.41 62.41 49.56
N GLN FA 237 -39.60 63.42 49.29
CA GLN FA 237 -38.20 63.20 48.93
C GLN FA 237 -37.39 62.70 50.11
N VAL FA 246 -35.18 61.44 56.65
CA VAL FA 246 -35.96 60.26 56.28
C VAL FA 246 -37.44 60.58 56.31
N ASN FA 247 -38.16 60.15 55.28
CA ASN FA 247 -39.59 60.40 55.20
C ASN FA 247 -40.33 59.56 56.21
N ALA FA 248 -41.23 60.18 56.97
CA ALA FA 248 -42.03 59.43 57.93
C ALA FA 248 -43.04 58.52 57.24
N SER FA 249 -43.45 58.88 56.01
CA SER FA 249 -44.39 58.04 55.28
C SER FA 249 -43.79 56.67 54.99
N ILE FA 250 -42.52 56.63 54.59
CA ILE FA 250 -41.84 55.35 54.39
C ILE FA 250 -41.70 54.63 55.72
N LEU FA 251 -41.38 55.36 56.78
CA LEU FA 251 -41.17 54.76 58.09
C LEU FA 251 -42.45 54.25 58.74
N THR FA 252 -43.61 54.51 58.15
CA THR FA 252 -44.89 54.07 58.69
C THR FA 252 -45.70 53.27 57.68
N SER FA 253 -45.07 52.76 56.63
CA SER FA 253 -45.78 52.04 55.59
C SER FA 253 -46.27 50.69 56.09
N LEU FA 254 -47.31 50.18 55.44
CA LEU FA 254 -47.90 48.88 55.76
C LEU FA 254 -47.81 47.96 54.55
N PHE FA 255 -47.62 46.67 54.83
CA PHE FA 255 -47.53 45.66 53.79
C PHE FA 255 -48.57 44.58 54.05
N LYS FA 256 -49.25 44.16 52.98
CA LYS FA 256 -50.36 43.20 53.08
C LYS FA 256 -50.15 42.05 52.11
N PRO FA 257 -49.58 40.93 52.56
CA PRO FA 257 -49.41 39.78 51.67
C PRO FA 257 -50.73 39.07 51.41
N ILE FA 258 -51.11 38.97 50.13
CA ILE FA 258 -52.32 38.30 49.71
C ILE FA 258 -51.97 37.28 48.63
N GLU FA 259 -52.50 36.07 48.77
CA GLU FA 259 -52.22 34.96 47.85
C GLU FA 259 -53.53 34.37 47.38
N ILE FA 260 -53.88 34.58 46.10
CA ILE FA 260 -55.06 33.95 45.53
C ILE FA 260 -54.89 32.44 45.47
N ASN FA 261 -53.74 31.98 45.00
CA ASN FA 261 -53.46 30.56 44.84
C ASN FA 261 -51.96 30.36 45.05
N PRO FA 262 -51.51 29.11 45.13
CA PRO FA 262 -50.06 28.89 45.23
C PRO FA 262 -49.26 29.50 44.08
N HIS FA 263 -49.83 29.53 42.87
CA HIS FA 263 -49.09 30.07 41.72
C HIS FA 263 -49.06 31.60 41.73
N ASN FA 264 -50.15 32.24 42.15
CA ASN FA 264 -50.30 33.70 42.05
C ASN FA 264 -50.12 34.31 43.44
N LYS FA 265 -49.17 35.24 43.56
CA LYS FA 265 -48.88 35.86 44.85
C LYS FA 265 -48.28 37.25 44.60
N TRP FA 266 -48.54 38.16 45.53
CA TRP FA 266 -48.03 39.53 45.44
C TRP FA 266 -48.08 40.16 46.83
N ILE FA 267 -47.58 41.38 46.92
CA ILE FA 267 -47.57 42.16 48.16
C ILE FA 267 -48.21 43.50 47.89
N SER FA 268 -49.01 43.98 48.84
CA SER FA 268 -49.69 45.26 48.75
C SER FA 268 -49.02 46.26 49.70
N LEU FA 269 -48.73 47.45 49.18
CA LEU FA 269 -48.06 48.50 49.93
C LEU FA 269 -49.02 49.64 50.21
N TYR FA 270 -49.03 50.12 51.45
CA TYR FA 270 -49.87 51.22 51.86
C TYR FA 270 -49.02 52.24 52.62
N ALA FA 271 -49.42 53.51 52.56
CA ALA FA 271 -48.68 54.57 53.20
C ALA FA 271 -49.62 55.73 53.49
N VAL FA 272 -49.15 56.67 54.30
CA VAL FA 272 -49.90 57.87 54.65
C VAL FA 272 -49.42 59.00 53.75
N THR FA 273 -50.32 59.47 52.88
CA THR FA 273 -49.94 60.54 51.95
C THR FA 273 -49.68 61.85 52.67
N ASP FA 274 -50.50 62.18 53.67
CA ASP FA 274 -50.31 63.42 54.41
C ASP FA 274 -49.06 63.35 55.27
N LYS FA 275 -48.28 64.43 55.27
CA LYS FA 275 -47.06 64.44 56.08
C LYS FA 275 -47.40 64.67 57.56
N LEU FA 276 -48.40 65.49 57.85
CA LEU FA 276 -48.75 65.79 59.23
C LEU FA 276 -49.27 64.55 59.95
N SER FA 277 -50.19 63.81 59.30
CA SER FA 277 -50.73 62.60 59.90
C SER FA 277 -49.64 61.55 60.11
N ALA FA 278 -48.78 61.37 59.11
CA ALA FA 278 -47.69 60.41 59.23
C ALA FA 278 -46.73 60.80 60.34
N GLU FA 279 -46.41 62.10 60.45
CA GLU FA 279 -45.53 62.55 61.51
C GLU FA 279 -46.13 62.33 62.88
N SER FA 280 -47.42 62.65 63.04
CA SER FA 280 -48.08 62.43 64.33
C SER FA 280 -48.11 60.95 64.67
N PHE FA 281 -48.42 60.10 63.70
CA PHE FA 281 -48.44 58.66 63.96
C PHE FA 281 -47.06 58.13 64.33
N ARG FA 282 -46.01 58.61 63.64
CA ARG FA 282 -44.66 58.17 63.94
C ARG FA 282 -44.24 58.61 65.34
N LYS FA 283 -44.56 59.86 65.70
CA LYS FA 283 -44.23 60.33 67.04
C LYS FA 283 -44.96 59.54 68.10
N SER FA 284 -46.25 59.25 67.88
CA SER FA 284 -47.00 58.45 68.85
C SER FA 284 -46.42 57.05 68.97
N PHE FA 285 -46.06 56.44 67.84
CA PHE FA 285 -45.54 55.08 67.86
C PHE FA 285 -44.18 55.00 68.53
N ASN FA 286 -43.30 55.95 68.25
CA ASN FA 286 -41.95 55.94 68.82
C ASN FA 286 -41.90 56.42 70.26
N SER FA 287 -43.00 56.93 70.80
CA SER FA 287 -43.05 57.42 72.17
C SER FA 287 -43.94 56.55 73.06
N ILE FA 288 -44.14 55.29 72.68
CA ILE FA 288 -44.97 54.41 73.49
C ILE FA 288 -44.15 53.89 74.67
N LYS FA 289 -44.21 54.60 75.79
CA LYS FA 289 -43.62 54.15 77.03
C LYS FA 289 -44.61 54.21 78.19
N ASP FA 290 -45.83 54.67 77.95
CA ASP FA 290 -46.89 54.75 78.96
C ASP FA 290 -48.04 53.85 78.53
N ASP FA 291 -49.14 53.92 79.27
CA ASP FA 291 -50.31 53.08 79.04
C ASP FA 291 -51.52 53.89 78.54
N ASN FA 292 -51.26 54.98 77.81
CA ASN FA 292 -52.32 55.81 77.26
C ASN FA 292 -52.02 56.05 75.79
N ILE FA 293 -52.87 55.52 74.91
CA ILE FA 293 -52.69 55.65 73.47
C ILE FA 293 -53.96 56.29 72.91
N VAL FA 294 -53.78 57.35 72.12
CA VAL FA 294 -54.90 58.06 71.51
C VAL FA 294 -55.40 57.27 70.31
N ASN FA 295 -56.71 57.32 70.08
CA ASN FA 295 -57.31 56.62 68.95
C ASN FA 295 -56.99 57.33 67.65
N ARG FA 296 -55.86 57.00 67.03
CA ARG FA 296 -55.44 57.66 65.80
C ARG FA 296 -55.98 56.86 64.62
N HIS FA 297 -57.18 57.21 64.15
CA HIS FA 297 -57.79 56.56 63.00
C HIS FA 297 -57.11 57.08 61.74
N VAL FA 298 -55.98 56.47 61.42
CA VAL FA 298 -55.16 56.86 60.27
C VAL FA 298 -55.55 56.00 59.08
N ILE FA 299 -55.77 56.66 57.94
CA ILE FA 299 -56.20 55.99 56.71
C ILE FA 299 -54.99 55.82 55.81
N TYR FA 300 -54.75 54.59 55.37
CA TYR FA 300 -53.62 54.27 54.52
C TYR FA 300 -54.07 54.08 53.07
N ASP FA 301 -53.32 54.67 52.14
CA ASP FA 301 -53.65 54.64 50.73
C ASP FA 301 -52.72 53.68 50.00
N HIS FA 302 -53.29 52.86 49.12
CA HIS FA 302 -52.50 51.94 48.32
C HIS FA 302 -51.57 52.70 47.37
N ILE FA 303 -50.37 52.17 47.18
CA ILE FA 303 -49.37 52.84 46.34
C ILE FA 303 -48.96 51.94 45.19
N LYS FA 304 -48.43 50.77 45.49
CA LYS FA 304 -47.93 49.88 44.45
C LYS FA 304 -47.94 48.44 44.96
N ASP FA 305 -47.87 47.51 44.02
CA ASP FA 305 -47.79 46.09 44.30
C ASP FA 305 -46.52 45.51 43.68
N PHE FA 306 -45.94 44.53 44.35
CA PHE FA 306 -44.70 43.91 43.91
C PHE FA 306 -44.79 42.41 44.03
N ASP FA 307 -44.04 41.71 43.19
CA ASP FA 307 -43.89 40.27 43.31
C ASP FA 307 -42.89 39.96 44.41
N GLN FA 308 -43.13 38.86 45.14
CA GLN FA 308 -42.36 38.55 46.33
C GLN FA 308 -41.77 37.15 46.26
N MET FA 309 -40.59 37.01 46.84
CA MET FA 309 -39.97 35.72 47.11
C MET FA 309 -39.35 35.78 48.50
N PHE FA 310 -39.27 34.62 49.15
CA PHE FA 310 -38.82 34.55 50.54
C PHE FA 310 -37.75 33.48 50.68
N ARG FA 311 -36.73 33.79 51.47
CA ARG FA 311 -35.69 32.84 51.85
C ARG FA 311 -35.61 32.80 53.37
N GLY FA 312 -35.68 31.60 53.93
CA GLY FA 312 -35.70 31.42 55.37
C GLY FA 312 -34.33 31.07 55.91
N HIS FA 313 -34.10 31.45 57.16
CA HIS FA 313 -32.83 31.17 57.84
C HIS FA 313 -32.95 29.85 58.59
N LYS FA 314 -32.01 28.94 58.33
CA LYS FA 314 -32.01 27.65 59.00
C LYS FA 314 -31.81 27.82 60.50
N LYS FA 315 -30.88 28.67 60.89
CA LYS FA 315 -30.62 28.97 62.29
C LYS FA 315 -31.45 30.17 62.73
N LEU FA 316 -31.72 30.23 64.04
CA LEU FA 316 -32.54 31.30 64.58
C LEU FA 316 -31.87 32.66 64.39
N PHE FA 317 -30.71 32.84 65.00
CA PHE FA 317 -30.00 34.12 64.92
C PHE FA 317 -28.96 34.14 63.80
N GLU FA 318 -29.38 33.78 62.59
CA GLU FA 318 -28.47 33.90 61.44
C GLU FA 318 -28.14 35.35 61.17
N ASP FA 319 -29.14 36.23 61.25
CA ASP FA 319 -28.96 37.66 61.06
C ASP FA 319 -29.49 38.39 62.28
N PHE FA 320 -28.87 39.51 62.61
CA PHE FA 320 -29.33 40.34 63.72
C PHE FA 320 -29.05 41.80 63.41
N ALA FA 321 -30.04 42.64 63.68
CA ALA FA 321 -29.92 44.08 63.48
C ALA FA 321 -29.55 44.74 64.80
N ILE FA 322 -28.65 45.71 64.74
CA ILE FA 322 -28.10 46.36 65.92
C ILE FA 322 -28.65 47.78 66.01
N SER FA 323 -29.25 48.10 67.16
CA SER FA 323 -29.70 49.45 67.45
C SER FA 323 -28.92 49.98 68.64
N PHE FA 324 -28.70 51.29 68.65
CA PHE FA 324 -27.84 51.91 69.64
C PHE FA 324 -28.65 52.79 70.60
N ASP FA 325 -28.04 53.07 71.75
CA ASP FA 325 -28.65 53.94 72.76
C ASP FA 325 -27.50 54.62 73.50
N ASP FA 326 -27.22 55.87 73.12
CA ASP FA 326 -26.03 56.56 73.63
C ASP FA 326 -26.18 56.91 75.10
N ILE FA 327 -27.38 57.25 75.55
CA ILE FA 327 -27.57 57.69 76.93
C ILE FA 327 -27.27 56.55 77.90
N SER FA 328 -27.64 55.32 77.53
CA SER FA 328 -27.37 54.16 78.36
C SER FA 328 -26.08 53.44 77.99
N ASP FA 329 -25.40 53.88 76.92
CA ASP FA 329 -24.17 53.24 76.44
C ASP FA 329 -24.40 51.75 76.18
N ARG FA 330 -25.51 51.42 75.54
CA ARG FA 330 -25.86 50.04 75.23
C ARG FA 330 -26.08 49.89 73.72
N ALA FA 331 -26.19 48.64 73.29
CA ALA FA 331 -26.52 48.32 71.91
C ALA FA 331 -27.43 47.10 71.91
N PHE FA 332 -28.67 47.29 71.45
CA PHE FA 332 -29.68 46.24 71.47
C PHE FA 332 -29.77 45.59 70.09
N PHE FA 333 -29.71 44.27 70.06
CA PHE FA 333 -29.80 43.50 68.82
C PHE FA 333 -31.05 42.65 68.82
N VAL FA 334 -31.65 42.48 67.65
CA VAL FA 334 -32.88 41.71 67.50
C VAL FA 334 -32.67 40.64 66.43
N PRO FA 335 -33.28 39.47 66.56
CA PRO FA 335 -33.11 38.43 65.55
C PRO FA 335 -33.84 38.75 64.26
N ILE FA 336 -33.35 38.17 63.18
CA ILE FA 336 -33.96 38.29 61.86
C ILE FA 336 -34.34 36.89 61.40
N VAL FA 337 -35.63 36.71 61.10
CA VAL FA 337 -36.13 35.37 60.76
C VAL FA 337 -35.86 35.04 59.30
N GLY FA 338 -36.20 35.95 58.39
CA GLY FA 338 -36.02 35.68 56.98
C GLY FA 338 -35.86 36.97 56.20
N ARG FA 339 -35.60 36.81 54.90
CA ARG FA 339 -35.41 37.94 53.99
C ARG FA 339 -36.48 37.88 52.91
N LEU FA 340 -37.16 39.02 52.70
CA LEU FA 340 -38.20 39.14 51.69
C LEU FA 340 -37.74 40.10 50.61
N GLU FA 341 -37.81 39.66 49.35
CA GLU FA 341 -37.39 40.44 48.21
C GLU FA 341 -38.59 40.80 47.36
N LEU FA 342 -38.64 42.05 46.90
CA LEU FA 342 -39.75 42.56 46.10
C LEU FA 342 -39.24 43.07 44.76
N LYS FA 343 -39.95 42.73 43.70
CA LYS FA 343 -39.63 43.18 42.35
C LYS FA 343 -40.87 43.76 41.71
N LYS FA 344 -40.64 44.70 40.78
CA LYS FA 344 -41.74 45.35 40.09
C LYS FA 344 -42.53 44.33 39.26
N LYS FA 345 -43.85 44.36 39.41
CA LYS FA 345 -44.74 43.42 38.73
C LYS FA 345 -45.69 44.19 37.83
N ARG FA 346 -45.72 43.82 36.55
CA ARG FA 346 -46.64 44.41 35.58
C ARG FA 346 -47.92 43.58 35.54
N ILE FA 347 -49.04 44.18 35.94
CA ILE FA 347 -50.29 43.45 36.01
C ILE FA 347 -50.77 43.13 34.60
N VAL FA 348 -51.17 41.88 34.38
CA VAL FA 348 -51.68 41.46 33.08
C VAL FA 348 -53.01 42.15 32.82
N PRO FA 349 -53.23 42.71 31.62
CA PRO FA 349 -54.51 43.40 31.36
C PRO FA 349 -55.73 42.51 31.49
N GLY FA 350 -55.58 41.20 31.31
CA GLY FA 350 -56.70 40.29 31.40
C GLY FA 350 -57.12 39.90 32.80
N LEU FA 351 -56.41 40.36 33.83
CA LEU FA 351 -56.72 40.01 35.20
C LEU FA 351 -57.06 41.21 36.08
N VAL FA 352 -57.15 42.42 35.50
CA VAL FA 352 -57.47 43.60 36.28
C VAL FA 352 -58.85 43.49 36.91
N ASP FA 353 -59.76 42.74 36.27
CA ASP FA 353 -61.09 42.56 36.83
C ASP FA 353 -61.04 41.87 38.19
N MET FA 354 -60.21 40.83 38.32
CA MET FA 354 -60.02 40.20 39.62
C MET FA 354 -59.10 41.03 40.51
N VAL FA 355 -58.18 41.79 39.92
CA VAL FA 355 -57.29 42.64 40.71
C VAL FA 355 -58.08 43.66 41.51
N ASN FA 356 -59.06 44.30 40.87
CA ASN FA 356 -59.90 45.28 41.55
C ASN FA 356 -60.67 44.67 42.71
N ARG FA 357 -60.86 43.35 42.71
CA ARG FA 357 -61.56 42.66 43.79
C ARG FA 357 -60.63 42.11 44.86
N THR FA 358 -59.31 42.30 44.72
CA THR FA 358 -58.36 41.75 45.67
C THR FA 358 -57.99 42.77 46.76
N ASN FA 359 -57.39 43.89 46.35
CA ASN FA 359 -56.91 44.87 47.30
C ASN FA 359 -57.96 45.96 47.51
N TYR FA 360 -57.59 47.02 48.22
CA TYR FA 360 -58.52 48.09 48.55
C TYR FA 360 -57.85 49.43 48.33
N ALA FA 361 -58.68 50.46 48.12
CA ALA FA 361 -58.14 51.80 47.92
C ALA FA 361 -57.66 52.42 49.22
N HIS FA 362 -58.28 52.07 50.34
CA HIS FA 362 -57.92 52.64 51.63
C HIS FA 362 -57.94 51.56 52.69
N ILE FA 363 -57.15 51.77 53.75
CA ILE FA 363 -57.15 50.93 54.95
C ILE FA 363 -57.07 51.85 56.15
N ARG FA 364 -57.95 51.63 57.13
CA ARG FA 364 -58.02 52.47 58.33
C ARG FA 364 -57.37 51.72 59.49
N MET FA 365 -56.40 52.37 60.13
CA MET FA 365 -55.73 51.82 61.30
C MET FA 365 -56.21 52.56 62.55
N ASP FA 366 -56.69 51.80 63.53
CA ASP FA 366 -57.13 52.35 64.81
C ASP FA 366 -56.17 51.89 65.89
N LEU FA 367 -55.72 52.82 66.71
CA LEU FA 367 -54.77 52.50 67.78
C LEU FA 367 -55.53 52.23 69.06
N ARG FA 368 -55.35 51.03 69.61
CA ARG FA 368 -55.98 50.63 70.86
C ARG FA 368 -54.95 49.94 71.73
N ASN FA 369 -55.17 50.02 73.04
CA ASN FA 369 -54.27 49.35 73.96
C ASN FA 369 -54.41 47.83 73.81
N PRO FA 370 -53.30 47.09 73.85
CA PRO FA 370 -53.39 45.63 73.68
C PRO FA 370 -54.23 45.00 74.78
N SER FA 371 -54.96 43.95 74.41
CA SER FA 371 -55.81 43.24 75.36
C SER FA 371 -54.96 42.53 76.41
N THR FA 372 -55.56 42.29 77.57
CA THR FA 372 -54.85 41.64 78.66
C THR FA 372 -54.43 40.23 78.28
N GLN FA 373 -55.30 39.49 77.61
CA GLN FA 373 -54.98 38.11 77.23
C GLN FA 373 -53.85 38.07 76.20
N GLU FA 374 -53.88 38.94 75.20
CA GLU FA 374 -52.80 38.97 74.22
C GLU FA 374 -51.48 39.41 74.85
N THR FA 375 -51.54 40.37 75.77
CA THR FA 375 -50.32 40.78 76.48
C THR FA 375 -49.77 39.63 77.31
N ALA FA 376 -50.65 38.86 77.95
CA ALA FA 376 -50.20 37.70 78.72
C ALA FA 376 -49.59 36.64 77.80
N ILE FA 377 -50.17 36.44 76.62
CA ILE FA 377 -49.61 35.50 75.65
C ILE FA 377 -48.21 35.94 75.22
N ARG FA 378 -48.06 37.24 74.93
CA ARG FA 378 -46.75 37.76 74.54
C ARG FA 378 -45.74 37.63 75.68
N ASP FA 379 -46.18 37.86 76.92
CA ASP FA 379 -45.30 37.69 78.06
C ASP FA 379 -44.88 36.23 78.22
N SER FA 380 -45.81 35.30 77.99
CA SER FA 380 -45.47 33.88 78.05
C SER FA 380 -44.45 33.53 76.97
N ARG FA 381 -44.62 34.11 75.78
CA ARG FA 381 -43.63 33.89 74.71
C ARG FA 381 -42.27 34.44 75.11
N ARG FA 382 -42.23 35.63 75.71
CA ARG FA 382 -40.99 36.25 76.13
C ARG FA 382 -40.36 35.55 77.33
N GLU FA 383 -41.14 34.76 78.08
CA GLU FA 383 -40.61 34.09 79.27
C GLU FA 383 -39.45 33.17 78.96
N GLN FA 384 -39.32 32.72 77.71
CA GLN FA 384 -38.17 31.89 77.34
C GLN FA 384 -36.86 32.65 77.52
N TYR FA 385 -36.84 33.93 77.14
CA TYR FA 385 -35.62 34.73 77.23
C TYR FA 385 -35.41 35.26 78.65
N ASP FA 386 -36.34 36.06 79.15
CA ASP FA 386 -36.18 36.72 80.45
C ASP FA 386 -37.26 36.23 81.42
N PRO FA 387 -36.94 35.30 82.32
CA PRO FA 387 -37.94 34.84 83.31
C PRO FA 387 -37.95 35.62 84.61
N VAL FA 388 -36.93 36.42 84.90
CA VAL FA 388 -36.89 37.15 86.16
C VAL FA 388 -37.98 38.21 86.22
N ASN FA 389 -38.20 38.92 85.11
CA ASN FA 389 -39.13 40.03 85.08
C ASN FA 389 -40.45 39.72 84.38
N TYR FA 390 -40.63 38.49 83.88
CA TYR FA 390 -41.83 38.17 83.13
C TYR FA 390 -42.46 36.82 83.45
N SER FA 391 -41.89 36.05 84.38
CA SER FA 391 -42.46 34.75 84.70
C SER FA 391 -43.83 34.88 85.34
N SER FA 392 -44.75 34.02 84.94
CA SER FA 392 -46.08 34.01 85.52
C SER FA 392 -46.04 33.53 86.96
N ILE FA 393 -46.90 34.11 87.80
CA ILE FA 393 -46.99 33.73 89.20
C ILE FA 393 -48.36 33.14 89.50
N ASP GA 165 116.47 44.51 5.21
CA ASP GA 165 117.28 44.64 6.41
C ASP GA 165 116.63 45.60 7.40
N ASP GA 166 115.63 46.33 6.94
CA ASP GA 166 114.95 47.30 7.78
C ASP GA 166 113.99 46.59 8.73
N PRO GA 167 114.13 46.77 10.05
CA PRO GA 167 113.12 46.21 10.97
C PRO GA 167 111.74 46.78 10.74
N LEU GA 168 111.64 48.01 10.24
CA LEU GA 168 110.33 48.58 9.91
C LEU GA 168 109.63 47.76 8.83
N LEU GA 169 110.37 47.38 7.78
CA LEU GA 169 109.78 46.58 6.72
C LEU GA 169 109.35 45.21 7.23
N LYS GA 170 110.18 44.60 8.09
CA LYS GA 170 109.82 43.31 8.67
C LYS GA 170 108.55 43.42 9.52
N GLU GA 171 108.44 44.49 10.31
CA GLU GA 171 107.25 44.69 11.13
C GLU GA 171 106.02 44.92 10.26
N ILE GA 172 106.18 45.68 9.17
CA ILE GA 172 105.08 45.90 8.23
C ILE GA 172 104.61 44.57 7.64
N ALA GA 173 105.57 43.75 7.19
CA ALA GA 173 105.22 42.46 6.61
C ALA GA 173 104.54 41.56 7.62
N SER GA 174 105.02 41.57 8.87
CA SER GA 174 104.38 40.76 9.91
C SER GA 174 102.96 41.23 10.19
N ASN GA 175 102.74 42.54 10.27
CA ASN GA 175 101.42 43.06 10.54
C ASN GA 175 100.51 43.02 9.33
N GLU GA 176 101.06 43.07 8.12
CA GLU GA 176 100.26 43.05 6.91
C GLU GA 176 99.53 41.72 6.75
N ARG GA 177 98.26 41.79 6.40
CA ARG GA 177 97.47 40.63 6.02
C ARG GA 177 96.68 40.98 4.76
N VAL GA 178 96.59 40.03 3.83
CA VAL GA 178 95.88 40.23 2.58
C VAL GA 178 94.61 39.38 2.63
N LEU GA 179 93.47 40.00 2.30
CA LEU GA 179 92.19 39.32 2.46
C LEU GA 179 92.08 38.08 1.57
N ILE GA 180 92.55 38.19 0.33
CA ILE GA 180 92.42 37.09 -0.63
C ILE GA 180 93.82 36.71 -1.13
N ASP GA 181 93.98 35.43 -1.42
CA ASP GA 181 95.28 34.90 -1.83
C ASP GA 181 95.53 35.14 -3.31
N HIS GA 182 96.78 34.90 -3.73
CA HIS GA 182 97.15 35.10 -5.13
C HIS GA 182 96.38 34.16 -6.04
N ASN GA 183 96.26 32.89 -5.65
CA ASN GA 183 95.48 31.95 -6.45
C ASN GA 183 93.99 32.14 -6.24
N LYS GA 184 93.58 32.55 -5.05
CA LYS GA 184 92.16 32.71 -4.72
C LYS GA 184 91.57 34.02 -5.17
N VAL GA 185 92.36 34.91 -5.79
CA VAL GA 185 91.86 36.23 -6.17
C VAL GA 185 90.73 36.10 -7.19
N LEU GA 186 90.74 35.04 -8.00
CA LEU GA 186 89.66 34.82 -8.95
C LEU GA 186 88.39 34.32 -8.29
N ARG GA 187 88.47 33.85 -7.05
CA ARG GA 187 87.28 33.43 -6.32
C ARG GA 187 86.53 34.62 -5.75
N GLY GA 188 87.22 35.46 -4.96
CA GLY GA 188 86.59 36.62 -4.38
C GLY GA 188 85.45 36.23 -3.45
N LEU GA 189 84.32 36.91 -3.60
CA LEU GA 189 83.15 36.63 -2.78
C LEU GA 189 82.33 35.47 -3.29
N LYS GA 190 82.55 35.01 -4.52
CA LYS GA 190 81.76 33.94 -5.12
C LYS GA 190 82.69 33.02 -5.90
N PRO GA 191 83.11 31.91 -5.30
CA PRO GA 191 83.95 30.95 -6.02
C PRO GA 191 83.12 29.90 -6.74
N LYS GA 192 83.68 29.41 -7.84
CA LYS GA 192 83.06 28.38 -8.65
C LYS GA 192 84.10 27.33 -9.01
N ASP GA 193 83.62 26.10 -9.23
CA ASP GA 193 84.49 24.96 -9.43
C ASP GA 193 84.49 24.53 -10.89
N PHE GA 194 85.68 24.29 -11.43
CA PHE GA 194 85.86 23.74 -12.77
C PHE GA 194 86.59 22.41 -12.72
N SER GA 195 86.36 21.63 -11.68
CA SER GA 195 87.00 20.32 -11.57
C SER GA 195 86.56 19.40 -12.70
N SER GA 196 85.28 19.44 -13.05
CA SER GA 196 84.80 18.68 -14.20
C SER GA 196 85.46 19.18 -15.48
N VAL GA 197 85.65 20.50 -15.59
CA VAL GA 197 86.34 21.05 -16.75
C VAL GA 197 87.78 20.55 -16.81
N ALA GA 198 88.45 20.52 -15.65
CA ALA GA 198 89.83 20.02 -15.61
C ALA GA 198 89.89 18.54 -16.00
N LYS GA 199 88.95 17.73 -15.52
CA LYS GA 199 88.91 16.32 -15.87
C LYS GA 199 88.68 16.13 -17.37
N ASP GA 200 87.75 16.90 -17.94
CA ASP GA 200 87.50 16.83 -19.37
C ASP GA 200 88.72 17.25 -20.17
N CYS GA 201 89.42 18.30 -19.71
CA CYS GA 201 90.63 18.74 -20.40
C CYS GA 201 91.70 17.65 -20.35
N GLU GA 202 91.86 17.00 -19.19
CA GLU GA 202 92.84 15.92 -19.09
C GLU GA 202 92.49 14.75 -20.01
N LEU GA 203 91.20 14.39 -20.05
CA LEU GA 203 90.77 13.27 -20.88
C LEU GA 203 90.73 13.59 -22.36
N ARG GA 204 90.71 14.87 -22.74
CA ARG GA 204 90.51 15.25 -24.13
C ARG GA 204 91.61 16.12 -24.71
N ILE GA 205 92.62 16.49 -23.93
CA ILE GA 205 93.75 17.25 -24.46
C ILE GA 205 95.05 16.51 -24.17
N LEU GA 206 95.31 16.25 -22.89
CA LEU GA 206 96.50 15.48 -22.53
C LEU GA 206 96.38 14.04 -22.98
N LYS GA 207 95.18 13.47 -22.90
CA LYS GA 207 94.90 12.13 -23.39
C LYS GA 207 94.30 12.12 -24.78
N GLU GA 208 94.35 13.24 -25.48
CA GLU GA 208 93.77 13.32 -26.82
C GLU GA 208 94.54 12.43 -27.79
N LYS GA 209 93.81 11.73 -28.64
CA LYS GA 209 94.41 10.85 -29.64
C LYS GA 209 94.15 11.38 -31.05
N LYS GA 236 68.11 6.03 -46.38
CA LYS GA 236 67.43 4.78 -46.09
C LYS GA 236 66.03 5.02 -45.54
N GLU GA 237 65.03 4.60 -46.30
CA GLU GA 237 63.65 4.84 -45.92
C GLU GA 237 63.23 3.89 -44.80
N PRO GA 238 62.41 4.34 -43.85
CA PRO GA 238 61.93 3.44 -42.79
C PRO GA 238 60.95 2.42 -43.33
N ILE GA 239 60.71 1.39 -42.53
CA ILE GA 239 59.89 0.24 -42.93
C ILE GA 239 58.69 0.16 -42.00
N ILE GA 240 57.52 -0.09 -42.59
CA ILE GA 240 56.29 -0.37 -41.84
C ILE GA 240 55.86 -1.79 -42.19
N VAL GA 241 55.64 -2.61 -41.17
CA VAL GA 241 55.37 -4.03 -41.36
C VAL GA 241 53.89 -4.28 -41.16
N LEU GA 242 53.27 -4.97 -42.10
CA LEU GA 242 51.86 -5.34 -42.05
C LEU GA 242 51.71 -6.83 -41.88
N SER GA 243 50.60 -7.24 -41.27
CA SER GA 243 50.31 -8.65 -41.08
C SER GA 243 49.78 -9.24 -42.39
N PRO GA 244 50.37 -10.34 -42.89
CA PRO GA 244 49.82 -10.99 -44.09
C PRO GA 244 48.51 -11.73 -43.86
N ALA GA 245 47.96 -11.68 -42.65
CA ALA GA 245 46.72 -12.38 -42.37
C ALA GA 245 45.58 -11.81 -43.19
N ALA GA 246 44.65 -12.68 -43.59
CA ALA GA 246 43.52 -12.24 -44.40
C ALA GA 246 42.47 -11.48 -43.59
N SER GA 247 42.46 -11.65 -42.27
CA SER GA 247 41.50 -10.96 -41.42
C SER GA 247 41.95 -9.54 -41.06
N SER GA 248 43.15 -9.13 -41.48
CA SER GA 248 43.65 -7.80 -41.15
C SER GA 248 42.80 -6.73 -41.82
N LEU GA 249 42.49 -5.68 -41.07
CA LEU GA 249 41.74 -4.56 -41.63
C LEU GA 249 42.60 -3.69 -42.53
N VAL GA 250 43.93 -3.74 -42.39
CA VAL GA 250 44.84 -3.00 -43.23
C VAL GA 250 45.73 -4.00 -43.95
N ARG GA 251 45.63 -4.04 -45.27
CA ARG GA 251 46.43 -4.91 -46.11
C ARG GA 251 47.10 -4.08 -47.19
N MET GA 252 47.97 -4.73 -47.97
CA MET GA 252 48.70 -4.02 -49.01
C MET GA 252 47.77 -3.42 -50.06
N SER GA 253 46.59 -4.03 -50.25
CA SER GA 253 45.66 -3.52 -51.25
C SER GA 253 45.14 -2.13 -50.90
N ASN GA 254 44.82 -1.89 -49.63
CA ASN GA 254 44.19 -0.65 -49.22
C ASN GA 254 45.04 0.17 -48.25
N VAL GA 255 46.32 -0.19 -48.07
CA VAL GA 255 47.15 0.54 -47.13
C VAL GA 255 47.44 1.95 -47.64
N LYS GA 256 47.64 2.09 -48.96
CA LYS GA 256 48.00 3.39 -49.52
C LYS GA 256 46.87 4.40 -49.36
N GLU GA 257 45.63 4.00 -49.66
CA GLU GA 257 44.51 4.91 -49.55
C GLU GA 257 44.20 5.23 -48.10
N PHE GA 258 44.53 4.32 -47.17
CA PHE GA 258 44.21 4.53 -45.77
C PHE GA 258 45.25 5.42 -45.09
N LEU GA 259 46.51 4.96 -45.08
CA LEU GA 259 47.54 5.69 -44.34
C LEU GA 259 47.86 7.03 -44.99
N GLN GA 260 47.88 7.07 -46.32
CA GLN GA 260 48.28 8.29 -47.03
C GLN GA 260 47.08 9.19 -47.33
N GLU GA 261 46.10 8.69 -48.07
CA GLU GA 261 44.97 9.50 -48.47
C GLU GA 261 43.97 9.73 -47.34
N GLY GA 262 43.99 8.89 -46.31
CA GLY GA 262 43.07 9.06 -45.19
C GLY GA 262 41.70 8.48 -45.38
N LYS GA 263 41.46 7.73 -46.45
CA LYS GA 263 40.17 7.12 -46.72
C LYS GA 263 40.26 5.61 -46.51
N PHE GA 264 39.35 5.07 -45.73
CA PHE GA 264 39.35 3.65 -45.38
C PHE GA 264 38.38 2.90 -46.29
N LEU GA 265 38.88 1.84 -46.92
CA LEU GA 265 38.08 0.95 -47.75
C LEU GA 265 38.15 -0.45 -47.18
N ASP GA 266 37.08 -1.21 -47.35
CA ASP GA 266 37.04 -2.56 -46.82
C ASP GA 266 37.99 -3.45 -47.61
N PRO GA 267 39.01 -4.04 -46.98
CA PRO GA 267 39.99 -4.82 -47.75
C PRO GA 267 39.44 -6.13 -48.29
N SER GA 268 38.35 -6.64 -47.72
CA SER GA 268 37.78 -7.88 -48.23
C SER GA 268 37.26 -7.72 -49.65
N LYS GA 269 36.67 -6.56 -49.95
CA LYS GA 269 36.14 -6.30 -51.29
C LYS GA 269 37.24 -5.89 -52.27
N GLU GA 270 38.32 -5.31 -51.78
CA GLU GA 270 39.42 -4.91 -52.65
C GLU GA 270 40.13 -6.14 -53.21
N PRO GA 271 40.57 -6.09 -54.47
CA PRO GA 271 41.35 -7.22 -55.01
C PRO GA 271 42.70 -7.34 -54.33
N ALA GA 272 43.19 -8.58 -54.26
CA ALA GA 272 44.48 -8.84 -53.64
C ALA GA 272 45.60 -8.22 -54.45
N SER GA 273 46.62 -7.70 -53.75
CA SER GA 273 47.75 -7.05 -54.39
C SER GA 273 48.90 -8.04 -54.54
N SER GA 274 49.45 -8.12 -55.75
CA SER GA 274 50.54 -9.05 -56.03
C SER GA 274 51.87 -8.59 -55.46
N SER GA 275 52.08 -7.29 -55.32
CA SER GA 275 53.35 -6.75 -54.85
C SER GA 275 53.34 -6.65 -53.33
N ASN GA 276 54.40 -7.16 -52.70
CA ASN GA 276 54.54 -7.13 -51.25
C ASN GA 276 55.30 -5.90 -50.77
N LEU GA 277 55.70 -5.00 -51.66
CA LEU GA 277 56.40 -3.77 -51.31
C LEU GA 277 55.65 -2.58 -51.88
N LEU GA 278 55.46 -1.55 -51.05
CA LEU GA 278 54.77 -0.34 -51.46
C LEU GA 278 55.45 0.85 -50.80
N ALA GA 279 55.31 2.01 -51.44
CA ALA GA 279 55.89 3.25 -50.93
C ALA GA 279 54.78 4.28 -50.76
N ILE GA 280 54.80 5.00 -49.64
CA ILE GA 280 53.80 6.00 -49.33
C ILE GA 280 54.50 7.30 -48.93
N GLN GA 281 53.75 8.40 -49.01
CA GLN GA 281 54.24 9.72 -48.68
C GLN GA 281 53.43 10.29 -47.53
N ARG GA 282 54.12 10.83 -46.53
CA ARG GA 282 53.48 11.39 -45.34
C ARG GA 282 53.80 12.88 -45.25
N LYS GA 283 52.76 13.70 -45.14
CA LYS GA 283 52.90 15.14 -44.97
C LYS GA 283 52.59 15.48 -43.52
N SER GA 284 53.53 16.14 -42.85
CA SER GA 284 53.40 16.45 -41.44
C SER GA 284 53.83 17.88 -41.18
N SER GA 285 53.25 18.49 -40.14
CA SER GA 285 53.68 19.81 -39.71
C SER GA 285 55.02 19.76 -38.99
N ARG GA 286 55.40 18.59 -38.47
CA ARG GA 286 56.69 18.44 -37.80
C ARG GA 286 57.86 18.50 -38.76
N PHE GA 287 57.63 18.22 -40.05
CA PHE GA 287 58.69 18.14 -41.03
C PHE GA 287 58.41 19.09 -42.19
N LYS GA 288 59.45 19.74 -42.69
CA LYS GA 288 59.29 20.65 -43.81
C LYS GA 288 58.89 19.90 -45.07
N THR GA 289 59.47 18.73 -45.31
CA THR GA 289 59.25 17.98 -46.53
C THR GA 289 58.50 16.67 -46.25
N PRO GA 290 57.72 16.19 -47.22
CA PRO GA 290 57.07 14.88 -47.04
C PRO GA 290 58.08 13.76 -46.91
N ILE GA 291 57.74 12.77 -46.10
CA ILE GA 291 58.61 11.63 -45.81
C ILE GA 291 58.16 10.44 -46.64
N LYS GA 292 59.12 9.78 -47.28
CA LYS GA 292 58.86 8.57 -48.06
C LYS GA 292 59.12 7.36 -47.18
N LEU GA 293 58.15 6.46 -47.11
CA LEU GA 293 58.24 5.26 -46.29
C LEU GA 293 57.94 4.03 -47.13
N LEU GA 294 58.53 2.91 -46.75
CA LEU GA 294 58.33 1.64 -47.44
C LEU GA 294 57.45 0.74 -46.58
N VAL GA 295 56.42 0.16 -47.20
CA VAL GA 295 55.49 -0.73 -46.52
C VAL GA 295 55.77 -2.14 -47.01
N VAL GA 296 56.03 -3.06 -46.08
CA VAL GA 296 56.39 -4.42 -46.40
C VAL GA 296 55.43 -5.36 -45.68
N ASP GA 297 54.87 -6.31 -46.43
CA ASP GA 297 53.95 -7.29 -45.84
C ASP GA 297 54.67 -8.50 -45.28
N ASN GA 298 55.63 -9.06 -46.03
CA ASN GA 298 56.37 -10.23 -45.60
C ASN GA 298 57.85 -9.90 -45.49
N VAL GA 299 58.44 -10.18 -44.32
CA VAL GA 299 59.84 -9.86 -44.07
C VAL GA 299 60.78 -11.01 -44.41
N GLU GA 300 60.24 -12.17 -44.81
CA GLU GA 300 61.10 -13.31 -45.10
C GLU GA 300 62.03 -13.01 -46.28
N LYS GA 301 61.51 -12.38 -47.33
CA LYS GA 301 62.28 -12.13 -48.53
C LYS GA 301 62.89 -10.73 -48.58
N LEU GA 302 62.59 -9.88 -47.59
CA LEU GA 302 63.11 -8.51 -47.59
C LEU GA 302 63.93 -8.17 -46.36
N PHE GA 303 64.09 -9.07 -45.40
CA PHE GA 303 64.86 -8.80 -44.19
C PHE GA 303 66.01 -9.79 -44.05
N THR GA 304 66.76 -9.98 -45.14
CA THR GA 304 67.95 -10.82 -45.08
C THR GA 304 69.02 -10.21 -44.20
N LYS GA 305 69.10 -8.88 -44.14
CA LYS GA 305 70.08 -8.18 -43.34
C LYS GA 305 69.47 -7.72 -42.03
N SER GA 306 70.29 -7.71 -40.98
CA SER GA 306 69.81 -7.28 -39.67
C SER GA 306 69.65 -5.76 -39.61
N GLU GA 307 70.40 -5.03 -40.42
CA GLU GA 307 70.32 -3.57 -40.40
C GLU GA 307 68.98 -3.05 -40.87
N TYR GA 308 68.20 -3.86 -41.60
CA TYR GA 308 66.86 -3.45 -41.99
C TYR GA 308 65.97 -3.26 -40.78
N TRP GA 309 66.14 -4.09 -39.75
CA TRP GA 309 65.35 -3.98 -38.53
C TRP GA 309 65.53 -2.64 -37.83
N ASP GA 310 66.66 -1.97 -38.08
CA ASP GA 310 66.85 -0.63 -37.52
C ASP GA 310 65.92 0.39 -38.14
N ARG GA 311 65.38 0.10 -39.33
CA ARG GA 311 64.50 1.02 -40.04
C ARG GA 311 63.02 0.81 -39.70
N VAL GA 312 62.68 -0.23 -38.94
CA VAL GA 312 61.29 -0.52 -38.65
C VAL GA 312 60.74 0.52 -37.68
N VAL GA 313 59.64 1.15 -38.04
CA VAL GA 313 59.02 2.18 -37.20
C VAL GA 313 57.62 1.81 -36.75
N ALA GA 314 56.99 0.79 -37.31
CA ALA GA 314 55.65 0.39 -36.89
C ALA GA 314 55.41 -1.06 -37.30
N ILE GA 315 54.66 -1.77 -36.47
CA ILE GA 315 54.30 -3.16 -36.74
C ILE GA 315 52.79 -3.30 -36.54
N VAL GA 316 52.11 -3.86 -37.54
CA VAL GA 316 50.68 -4.10 -37.48
C VAL GA 316 50.45 -5.60 -37.35
N THR GA 317 49.71 -6.00 -36.31
CA THR GA 317 49.47 -7.39 -36.02
C THR GA 317 47.98 -7.64 -35.87
N THR GA 318 47.59 -8.89 -36.10
CA THR GA 318 46.20 -9.32 -35.96
C THR GA 318 45.96 -10.10 -34.67
N GLY GA 319 46.90 -10.05 -33.72
CA GLY GA 319 46.77 -10.82 -32.51
C GLY GA 319 47.12 -12.28 -32.65
N LYS GA 320 47.85 -12.65 -33.70
CA LYS GA 320 48.20 -14.03 -33.98
C LYS GA 320 49.68 -14.25 -33.66
N ASP GA 321 49.96 -15.37 -32.97
CA ASP GA 321 51.33 -15.67 -32.57
C ASP GA 321 52.19 -16.04 -33.78
N TRP GA 322 51.60 -16.70 -34.77
CA TRP GA 322 52.40 -17.26 -35.87
C TRP GA 322 52.99 -16.20 -36.79
N GLN GA 323 52.62 -14.93 -36.62
CA GLN GA 323 53.25 -13.88 -37.41
C GLN GA 323 54.73 -13.76 -37.11
N PHE GA 324 55.17 -14.21 -35.93
CA PHE GA 324 56.48 -13.88 -35.41
C PHE GA 324 57.45 -15.06 -35.44
N LYS GA 325 57.19 -16.05 -36.30
CA LYS GA 325 58.09 -17.21 -36.37
C LYS GA 325 59.46 -16.81 -36.89
N ASN GA 326 59.52 -15.95 -37.90
CA ASN GA 326 60.77 -15.56 -38.55
C ASN GA 326 61.23 -14.17 -38.16
N TYR GA 327 60.59 -13.54 -37.18
CA TYR GA 327 60.91 -12.17 -36.82
C TYR GA 327 62.20 -12.10 -36.01
N LYS GA 328 62.68 -10.87 -35.79
CA LYS GA 328 63.91 -10.69 -35.02
C LYS GA 328 63.76 -11.21 -33.61
N TYR GA 329 62.65 -10.90 -32.95
CA TYR GA 329 62.34 -11.40 -31.61
C TYR GA 329 61.10 -12.28 -31.74
N LYS GA 330 61.32 -13.60 -31.75
CA LYS GA 330 60.22 -14.54 -31.96
C LYS GA 330 59.19 -14.49 -30.85
N ASP GA 331 59.53 -13.92 -29.69
CA ASP GA 331 58.54 -13.69 -28.65
C ASP GA 331 57.84 -12.36 -28.88
N PRO GA 332 56.50 -12.32 -28.86
CA PRO GA 332 55.81 -11.06 -29.14
C PRO GA 332 56.13 -9.93 -28.17
N GLN GA 333 56.33 -10.26 -26.89
CA GLN GA 333 56.49 -9.24 -25.85
C GLN GA 333 57.69 -8.35 -26.16
N ILE GA 334 58.87 -8.95 -26.27
CA ILE GA 334 60.11 -8.19 -26.50
C ILE GA 334 60.02 -7.39 -27.79
N LEU GA 335 59.42 -7.97 -28.83
CA LEU GA 335 59.22 -7.25 -30.07
C LEU GA 335 58.38 -6.00 -29.82
N PHE GA 336 57.34 -6.12 -29.00
CA PHE GA 336 56.47 -4.99 -28.78
C PHE GA 336 57.02 -3.96 -27.78
N GLN GA 337 57.96 -4.31 -26.92
CA GLN GA 337 58.66 -3.21 -26.23
C GLN GA 337 59.73 -2.56 -27.12
N LYS GA 338 60.31 -3.31 -28.05
CA LYS GA 338 61.35 -2.74 -28.91
C LYS GA 338 60.80 -2.15 -30.20
N PHE GA 339 59.51 -2.30 -30.49
CA PHE GA 339 58.92 -1.73 -31.69
C PHE GA 339 57.50 -1.28 -31.39
N ASN GA 340 57.00 -0.37 -32.21
CA ASN GA 340 55.64 0.15 -32.07
C ASN GA 340 54.67 -0.84 -32.70
N GLY GA 341 53.74 -1.34 -31.91
CA GLY GA 341 52.72 -2.28 -32.37
C GLY GA 341 51.37 -1.62 -32.43
N PHE GA 342 50.67 -1.80 -33.54
CA PHE GA 342 49.34 -1.25 -33.74
C PHE GA 342 48.37 -2.36 -34.12
N TYR GA 343 47.17 -2.30 -33.54
CA TYR GA 343 46.11 -3.25 -33.85
C TYR GA 343 44.87 -2.46 -34.26
N PHE GA 344 44.34 -2.75 -35.44
CA PHE GA 344 43.18 -2.06 -35.98
C PHE GA 344 41.95 -2.92 -35.81
N LYS GA 345 40.92 -2.36 -35.18
CA LYS GA 345 39.66 -3.06 -34.97
C LYS GA 345 38.51 -2.11 -35.27
N TYR GA 346 37.38 -2.69 -35.67
CA TYR GA 346 36.17 -1.90 -35.85
C TYR GA 346 35.65 -1.43 -34.51
N LYS GA 347 35.03 -0.26 -34.50
CA LYS GA 347 34.51 0.30 -33.26
C LYS GA 347 33.39 -0.57 -32.73
N GLY GA 348 33.48 -0.94 -31.45
CA GLY GA 348 32.50 -1.78 -30.80
C GLY GA 348 32.90 -3.24 -30.70
N ASP GA 349 33.87 -3.68 -31.50
CA ASP GA 349 34.31 -5.07 -31.44
C ASP GA 349 35.20 -5.30 -30.23
N ALA GA 350 35.19 -6.53 -29.73
CA ALA GA 350 35.98 -6.90 -28.57
C ALA GA 350 37.42 -7.19 -28.97
N VAL GA 351 38.35 -6.75 -28.13
CA VAL GA 351 39.78 -6.93 -28.40
C VAL GA 351 40.15 -8.39 -28.14
N PRO GA 352 40.99 -9.00 -28.97
CA PRO GA 352 41.47 -10.36 -28.67
C PRO GA 352 42.30 -10.38 -27.39
N ALA GA 353 42.31 -11.55 -26.75
CA ALA GA 353 42.99 -11.68 -25.46
C ALA GA 353 44.48 -11.44 -25.57
N SER GA 354 45.11 -11.99 -26.61
CA SER GA 354 46.56 -11.81 -26.77
C SER GA 354 46.93 -10.35 -26.98
N VAL GA 355 46.07 -9.60 -27.68
CA VAL GA 355 46.33 -8.18 -27.90
C VAL GA 355 46.33 -7.43 -26.59
N LYS GA 356 45.38 -7.73 -25.71
CA LYS GA 356 45.32 -7.05 -24.41
C LYS GA 356 46.53 -7.39 -23.55
N SER GA 357 47.15 -8.54 -23.78
CA SER GA 357 48.33 -8.96 -23.04
C SER GA 357 49.62 -8.44 -23.65
N TRP GA 358 49.55 -7.64 -24.70
CA TRP GA 358 50.72 -7.08 -25.36
C TRP GA 358 50.71 -5.56 -25.23
N ASN GA 359 51.88 -4.96 -25.45
CA ASN GA 359 52.04 -3.51 -25.41
C ASN GA 359 51.87 -2.97 -26.83
N VAL GA 360 50.61 -2.84 -27.24
CA VAL GA 360 50.27 -2.31 -28.55
C VAL GA 360 49.16 -1.29 -28.41
N LYS GA 361 49.11 -0.35 -29.35
CA LYS GA 361 48.04 0.63 -29.38
C LYS GA 361 46.82 0.04 -30.07
N VAL GA 362 45.64 0.53 -29.67
CA VAL GA 362 44.37 0.10 -30.23
C VAL GA 362 43.75 1.27 -30.99
N LEU GA 363 43.48 1.06 -32.27
CA LEU GA 363 42.91 2.08 -33.14
C LEU GA 363 41.57 1.58 -33.68
N ASP GA 364 40.53 2.39 -33.52
CA ASP GA 364 39.17 1.99 -33.85
C ASP GA 364 38.72 2.69 -35.12
N ILE GA 365 38.17 1.94 -36.06
CA ILE GA 365 37.61 2.47 -37.29
C ILE GA 365 36.11 2.22 -37.29
N ASP GA 366 35.34 3.27 -37.48
CA ASP GA 366 33.88 3.13 -37.49
C ASP GA 366 33.43 2.42 -38.76
N ARG GA 367 32.38 1.62 -38.63
CA ARG GA 367 31.87 0.86 -39.77
C ARG GA 367 31.08 1.73 -40.74
N VAL GA 368 30.44 2.79 -40.26
CA VAL GA 368 29.54 3.61 -41.07
C VAL GA 368 30.15 4.98 -41.37
N GLU GA 369 30.41 5.77 -40.34
CA GLU GA 369 30.91 7.13 -40.54
C GLU GA 369 32.37 7.08 -41.02
N ARG GA 370 32.67 7.85 -42.06
CA ARG GA 370 33.98 7.80 -42.70
C ARG GA 370 34.82 9.05 -42.45
N PHE GA 371 34.31 10.02 -41.69
CA PHE GA 371 35.09 11.22 -41.40
C PHE GA 371 36.15 10.98 -40.34
N SER GA 372 36.01 9.94 -39.50
CA SER GA 372 36.95 9.67 -38.43
C SER GA 372 38.19 8.92 -38.91
N ASP GA 373 38.21 8.49 -40.17
CA ASP GA 373 39.37 7.80 -40.70
C ASP GA 373 40.60 8.70 -40.67
N ARG GA 374 40.43 9.97 -41.02
CA ARG GA 374 41.54 10.91 -40.96
C ARG GA 374 42.04 11.07 -39.53
N GLN GA 375 41.13 11.11 -38.56
CA GLN GA 375 41.54 11.24 -37.17
C GLN GA 375 42.35 10.03 -36.72
N VAL GA 376 41.90 8.83 -37.07
CA VAL GA 376 42.64 7.62 -36.68
C VAL GA 376 44.01 7.60 -37.34
N VAL GA 377 44.06 7.96 -38.62
CA VAL GA 377 45.33 8.02 -39.34
C VAL GA 377 46.25 9.04 -38.70
N GLU GA 378 45.67 10.16 -38.22
CA GLU GA 378 46.47 11.19 -37.57
C GLU GA 378 47.06 10.68 -36.26
N GLN GA 379 46.30 9.90 -35.50
CA GLN GA 379 46.84 9.30 -34.27
C GLN GA 379 48.00 8.36 -34.59
N PHE GA 380 47.80 7.49 -35.58
CA PHE GA 380 48.84 6.57 -35.98
C PHE GA 380 50.11 7.32 -36.39
N TRP GA 381 49.94 8.36 -37.21
CA TRP GA 381 51.10 9.12 -37.67
C TRP GA 381 51.72 9.94 -36.55
N ASP GA 382 50.93 10.34 -35.55
CA ASP GA 382 51.50 11.02 -34.40
C ASP GA 382 52.48 10.09 -33.67
N THR GA 383 52.06 8.85 -33.44
CA THR GA 383 52.97 7.90 -32.80
C THR GA 383 54.19 7.64 -33.67
N VAL GA 384 53.99 7.46 -34.98
CA VAL GA 384 55.09 7.15 -35.87
C VAL GA 384 56.06 8.31 -35.95
N GLU GA 385 55.55 9.54 -36.00
CA GLU GA 385 56.40 10.72 -36.08
C GLU GA 385 57.16 10.94 -34.79
N ASN GA 386 56.52 10.64 -33.64
CA ASN GA 386 57.25 10.69 -32.38
C ASN GA 386 58.44 9.74 -32.40
N THR GA 387 58.22 8.51 -32.90
CA THR GA 387 59.32 7.57 -33.00
C THR GA 387 60.40 8.06 -33.97
N LEU GA 388 59.98 8.63 -35.10
CA LEU GA 388 60.95 9.11 -36.08
C LEU GA 388 61.79 10.26 -35.54
N VAL GA 389 61.17 11.19 -34.82
CA VAL GA 389 61.92 12.29 -34.22
C VAL GA 389 62.85 11.79 -33.13
N ALA GA 390 62.38 10.83 -32.33
CA ALA GA 390 63.24 10.26 -31.29
C ALA GA 390 64.45 9.55 -31.89
N LYS GA 391 64.33 9.01 -33.10
CA LYS GA 391 65.43 8.34 -33.78
C LYS GA 391 66.37 9.32 -34.48
N ARG GA 392 66.04 10.61 -34.51
CA ARG GA 392 66.85 11.63 -35.18
C ARG GA 392 67.07 11.28 -36.65
N TYR GA 393 66.01 10.81 -37.30
CA TYR GA 393 66.09 10.48 -38.72
C TYR GA 393 66.29 11.73 -39.56
N LYS GA 394 67.06 11.60 -40.63
CA LYS GA 394 67.37 12.70 -41.53
C LYS GA 394 66.55 12.57 -42.81
N SER GA 395 65.92 13.66 -43.21
CA SER GA 395 65.11 13.66 -44.42
C SER GA 395 65.39 14.89 -45.27
ZN ZN HA . -14.02 -26.44 -10.56
ZN ZN IA . -47.32 8.22 -20.64
MG MG JA . 19.80 7.45 7.49
ZN ZN KA . -19.75 -18.17 -23.58
ZN ZN LA . 47.53 -34.35 19.49
ZN ZN MA . 2.87 60.44 42.55
ZN ZN NA . -43.02 50.44 29.71
ZN ZN OA . 44.38 -0.38 28.44
ZN ZN PA . 8.66 -26.49 47.14
ZN ZN QA . -59.40 15.56 11.28
ZN ZN RA . -67.42 -25.03 24.89
#